data_9J3D
#
_entry.id   9J3D
#
_cell.length_a   1.00
_cell.length_b   1.00
_cell.length_c   1.00
_cell.angle_alpha   90.00
_cell.angle_beta   90.00
_cell.angle_gamma   90.00
#
_symmetry.space_group_name_H-M   'P 1'
#
loop_
_entity.id
_entity.type
_entity.pdbx_description
1 polymer 'RND efflux system, OprJ-like protein'
2 polymer 'RND efflux system, MexC-like protein'
3 polymer 'Efflux pump membrane transporter'
#
loop_
_entity_poly.entity_id
_entity_poly.type
_entity_poly.pdbx_seq_one_letter_code
_entity_poly.pdbx_strand_id
1 'polypeptide(L)'
;MTSHFMLRRALLPLAIAALAGCSLAPTYERPQAPVASHWQAADAEGARAQALDWQTFIVDADLRRAVDTALSNNRSLRQA
LLDIEAARAQYRIQRADRLPSINANASGNRQRLPADLSQTGRSEVTSNYQVGLGLAEYEVDLFGRVRNLSEAALETYLAT
EEATRATQISLVAEVIQAYLTRDGALRRMALVEQTLDSRMASLELVSQRRAAGAATALDYQEAVGLAEQARAERESTERQ
LRQADNALVLLLGTPDAARLLPATPRDDLMVLQDIAPGTSSELIERRPDILASEHRLKARNADIGAARAAFFPRISLTGS
VGSSSAELSGLFDGGSRAWSFAPTLSLPIFAGGRNRANLDLAEVRQDAAVADYEGTIQTAFREVADALAATDTLRREEAA
RQALAGSSEAAMALAKARYEGGVDDYLRYLDAQRSTFSNQTTLIQISTERQIALVDLFRSLGGGWGQTEPMAGIGAEHHH
HHH
;
A,B,C
2 'polypeptide(L)'
;MNKFREWITFSVISCLVAVTLVGCDKPEEQREEAPAREVDVLSVKTEPFTVFAELPGRIEPVRVAEVRARVAGIVLKRTF
EEGADVKAGDVLFQIDPAPFKAALSRAQGELARAEAQLFQAQAMVRRYEPLVKIDAVSQQDFDNAMAALQSAQADKRSAQ
ANVETARLDLGYAEVRAPIAGRIGRAQVTEGALVGQGEATLLARIQQLDPVYADFTQPAADALRLRAAIAEGKVAGASDQ
PLSLRVDGTDIERKGTLLFTDISVDRSTGQIALRGQFDNPEGVLLPGMYVRVRTPQGLNQNAILVPQRAVQRSADGQASV
MLLGEGDTVEVRQVTTGAMQGSRWQISEGLQAGDKVITSSLAAIRPGAKVIPREQGAAEKAPQSQAQWSHPQFEK
;
D,E,F,G,H,I
3 'polypeptide(L)'
;MPLFFIRRPNFAWVVALFISLGGLLVIPFLPVAQYPNVAPPQITVTATYPGASAQVLTDSVTSVIEEELNGAKNLLYFES
TSNANGIAEITVTFQPGTDPELAQVDVQNRLKKAEARMPQAVLTLGIQTEQATAGFLLIYSLRYKDGDKNANTTALADYA
VRNVNNEIRRLPGVGKLQFFDSEAAMRVWIDPQKLVGYGLSIDDVNNAIRTQNVQVPAGAFGSTPGSSEQELTATLTVKG
TLDNPEEFAAIVLRANQDGSRLTLGDVARIEVGSQDYNFGSRQDGKPAVAAAVQLSPGANAIQTAEAVKQRLTELSANFP
DNVEFSVPYDTSRFVDVAIDKVIMTLIEAMVLVFLVMFLFLQNVRYTLIPSIVVPVCLLGTLTFMYLLGFSVNMMTMFGM
VLAIGILVDDAIVVVENVERIMAEEGLAPVPATIKAMGQVSGAIIGITLVLSAVFLPLAFMAGSVGVIYQQFSLSLAVSI
LFSGFLALTFTPALCATLLKPIPVGHHEKTGFFGWFNRKFTSLTSRYTKLNDKLVPRAGRVMFIYLGVVVLMGFLYMRLP
ESFVPVEDQGYMIVDIQLPPGATRERTSAAGGELESFLMAREAVQTTFLVLGFSFSGMGENAAIAFPLLKDWSERDSSQS
PEAESAAVNQHFANLDDGAIMAVPPPPVEGLGNSGGFALRLQDRAGLGRDALLAARDEVLGKVNGNPKFLYAMMEGLAEA
PQLRLVIDREQARTLGVSFEAISSALSTAFGSSVINDFANAGRQQRVVVQAEQAERMTPESVLRLHVPNDSGSLVPLSAF
VTTSWEEGPVQVARYNGYPSIRIAGDAAPGVSTGEAMLELERIAAELPEGIGYEWTGLSYQERVASGQATMLFALAITVV
FLLLVALYESWAIPLTVMLIVPVGALGAVLAVTAIGLPNDVYFKVGLITVIGLAAKNAILIVEFAKDLWEDGYSLRDAAV
EAARLRFRPIIMTSMAFMLGVVPLAIATGAGAASQRALGTGVLGGMLSATMLGVIFVPIFFVWVLSLLRTKPQQTDNHPL
HKAE
;
J,K,L
#
# COMPACT_ATOMS: atom_id res chain seq x y z
N ALA A 61 -12.53 -86.40 98.48
CA ALA A 61 -11.91 -86.82 99.74
C ALA A 61 -12.71 -86.29 100.92
N ASP A 62 -13.25 -85.08 100.79
CA ASP A 62 -14.05 -84.50 101.84
C ASP A 62 -15.38 -85.23 102.00
N LEU A 63 -15.83 -85.90 100.94
CA LEU A 63 -17.11 -86.61 101.00
C LEU A 63 -17.08 -87.73 102.03
N ARG A 64 -15.95 -88.43 102.15
CA ARG A 64 -15.85 -89.52 103.11
C ARG A 64 -15.91 -88.99 104.54
N ARG A 65 -15.25 -87.87 104.79
CA ARG A 65 -15.33 -87.24 106.11
C ARG A 65 -16.74 -86.77 106.41
N ALA A 66 -17.43 -86.19 105.42
CA ALA A 66 -18.81 -85.76 105.62
C ALA A 66 -19.71 -86.95 105.91
N VAL A 67 -19.50 -88.07 105.20
CA VAL A 67 -20.30 -89.27 105.43
C VAL A 67 -20.06 -89.80 106.84
N ASP A 68 -18.79 -89.82 107.27
CA ASP A 68 -18.48 -90.28 108.62
C ASP A 68 -19.14 -89.39 109.67
N THR A 69 -19.08 -88.07 109.46
CA THR A 69 -19.72 -87.15 110.40
C THR A 69 -21.22 -87.35 110.44
N ALA A 70 -21.85 -87.56 109.28
CA ALA A 70 -23.28 -87.81 109.24
C ALA A 70 -23.63 -89.10 109.97
N LEU A 71 -22.84 -90.16 109.75
CA LEU A 71 -23.06 -91.40 110.46
C LEU A 71 -22.95 -91.20 111.97
N SER A 72 -22.02 -90.35 112.39
CA SER A 72 -21.81 -90.12 113.82
C SER A 72 -22.92 -89.27 114.43
N ASN A 73 -23.47 -88.30 113.70
CA ASN A 73 -24.28 -87.26 114.31
C ASN A 73 -25.69 -87.07 113.74
N ASN A 74 -26.01 -87.66 112.59
CA ASN A 74 -27.31 -87.41 111.98
C ASN A 74 -28.44 -87.91 112.86
N ARG A 75 -29.54 -87.15 112.88
CA ARG A 75 -30.65 -87.43 113.78
C ARG A 75 -31.64 -88.43 113.23
N SER A 76 -32.00 -88.34 111.95
CA SER A 76 -32.86 -89.35 111.36
C SER A 76 -32.16 -90.70 111.30
N LEU A 77 -30.84 -90.69 111.09
CA LEU A 77 -30.08 -91.93 111.15
C LEU A 77 -30.10 -92.52 112.55
N ARG A 78 -30.02 -91.68 113.57
CA ARG A 78 -30.18 -92.17 114.94
C ARG A 78 -31.57 -92.74 115.14
N GLN A 79 -32.59 -92.11 114.55
CA GLN A 79 -33.95 -92.65 114.63
C GLN A 79 -34.03 -94.04 114.01
N ALA A 80 -33.41 -94.22 112.85
CA ALA A 80 -33.45 -95.53 112.20
C ALA A 80 -32.68 -96.56 113.01
N LEU A 81 -31.51 -96.20 113.52
CA LEU A 81 -30.72 -97.13 114.32
C LEU A 81 -31.46 -97.52 115.59
N LEU A 82 -32.18 -96.56 116.19
CA LEU A 82 -32.99 -96.89 117.35
C LEU A 82 -34.20 -97.74 116.97
N ASP A 83 -34.79 -97.51 115.79
CA ASP A 83 -35.86 -98.38 115.33
C ASP A 83 -35.37 -99.81 115.16
N ILE A 84 -34.10 -99.98 114.80
CA ILE A 84 -33.50 -101.31 114.79
C ILE A 84 -33.60 -101.94 116.17
N GLU A 85 -33.23 -101.18 117.20
CA GLU A 85 -33.29 -101.70 118.58
C GLU A 85 -34.73 -101.95 118.99
N ALA A 86 -35.65 -101.10 118.55
CA ALA A 86 -37.07 -101.30 118.87
C ALA A 86 -37.57 -102.59 118.27
N ALA A 87 -37.23 -102.84 117.00
CA ALA A 87 -37.62 -104.09 116.34
C ALA A 87 -36.99 -105.29 117.03
N ARG A 88 -35.73 -105.14 117.46
CA ARG A 88 -35.08 -106.21 118.19
C ARG A 88 -35.78 -106.50 119.51
N ALA A 89 -36.18 -105.45 120.22
CA ALA A 89 -36.90 -105.63 121.49
C ALA A 89 -38.25 -106.29 121.27
N GLN A 90 -38.95 -105.90 120.21
CA GLN A 90 -40.23 -106.54 119.90
C GLN A 90 -40.04 -108.01 119.54
N TYR A 91 -38.97 -108.31 118.79
CA TYR A 91 -38.66 -109.70 118.48
C TYR A 91 -38.34 -110.49 119.74
N ARG A 92 -37.62 -109.89 120.68
CA ARG A 92 -37.37 -110.54 121.96
C ARG A 92 -38.66 -110.75 122.73
N ILE A 93 -39.57 -109.78 122.68
CA ILE A 93 -40.88 -109.91 123.32
C ILE A 93 -41.60 -111.14 122.76
N GLN A 94 -41.63 -111.27 121.44
CA GLN A 94 -42.36 -112.37 120.83
C GLN A 94 -41.66 -113.71 121.08
N ARG A 95 -40.33 -113.71 121.08
CA ARG A 95 -39.57 -114.94 121.31
C ARG A 95 -39.71 -115.41 122.74
N ALA A 96 -39.83 -114.49 123.69
CA ALA A 96 -40.01 -114.86 125.09
C ALA A 96 -41.33 -115.60 125.31
N ASP A 97 -42.31 -115.37 124.44
CA ASP A 97 -43.59 -116.06 124.55
C ASP A 97 -43.45 -117.56 124.37
N ARG A 98 -42.36 -118.02 123.74
CA ARG A 98 -42.19 -119.45 123.48
C ARG A 98 -41.88 -120.24 124.74
N LEU A 99 -41.50 -119.58 125.83
CA LEU A 99 -41.14 -120.26 127.07
C LEU A 99 -42.29 -120.16 128.05
N PRO A 100 -42.45 -121.13 128.96
CA PRO A 100 -43.56 -121.05 129.93
C PRO A 100 -43.46 -119.85 130.85
N SER A 101 -44.61 -119.30 131.22
CA SER A 101 -44.66 -118.18 132.16
C SER A 101 -45.00 -118.71 133.55
N ILE A 102 -44.17 -118.35 134.53
CA ILE A 102 -44.38 -118.71 135.92
C ILE A 102 -44.66 -117.42 136.68
N ASN A 103 -45.66 -117.45 137.56
CA ASN A 103 -46.10 -116.25 138.27
C ASN A 103 -46.38 -116.57 139.73
N ALA A 104 -45.94 -115.69 140.62
CA ALA A 104 -46.24 -115.82 142.03
C ALA A 104 -47.59 -115.16 142.30
N ASN A 105 -48.54 -115.95 142.81
CA ASN A 105 -49.90 -115.48 143.03
C ASN A 105 -50.27 -115.58 144.50
N ALA A 106 -50.83 -114.49 145.03
CA ALA A 106 -51.35 -114.44 146.39
C ALA A 106 -52.77 -113.91 146.33
N SER A 107 -53.74 -114.74 146.67
CA SER A 107 -55.15 -114.40 146.58
C SER A 107 -55.86 -114.80 147.85
N GLY A 108 -56.88 -114.02 148.23
CA GLY A 108 -57.73 -114.39 149.34
C GLY A 108 -59.19 -114.03 149.12
N ASN A 109 -60.07 -115.03 149.17
CA ASN A 109 -61.50 -114.82 148.94
C ASN A 109 -62.27 -115.04 150.24
N ARG A 110 -63.17 -114.10 150.54
CA ARG A 110 -64.00 -114.15 151.74
C ARG A 110 -65.45 -113.91 151.34
N GLN A 111 -66.30 -114.92 151.53
CA GLN A 111 -67.68 -114.93 151.03
C GLN A 111 -68.59 -115.58 152.06
N ARG A 112 -69.85 -115.12 152.08
CA ARG A 112 -70.89 -115.76 152.88
C ARG A 112 -72.28 -115.21 152.53
N LEU A 113 -73.28 -116.08 152.51
CA LEU A 113 -74.60 -115.68 152.04
C LEU A 113 -75.36 -114.75 152.99
N PRO A 114 -75.30 -114.90 154.31
CA PRO A 114 -75.88 -113.87 155.18
C PRO A 114 -75.03 -112.61 155.21
N ALA A 115 -75.56 -111.59 155.88
CA ALA A 115 -74.98 -110.26 155.87
C ALA A 115 -74.28 -109.95 157.20
N ASP A 116 -73.63 -108.78 157.25
CA ASP A 116 -72.75 -108.38 158.35
C ASP A 116 -71.57 -109.34 158.43
N LEU A 117 -71.33 -109.91 159.62
CA LEU A 117 -70.38 -110.99 159.83
C LEU A 117 -69.00 -110.70 159.22
N SER A 118 -68.42 -109.57 159.63
CA SER A 118 -67.08 -109.21 159.20
C SER A 118 -66.10 -109.36 160.37
N GLN A 119 -64.84 -109.66 160.03
CA GLN A 119 -63.77 -109.82 161.02
C GLN A 119 -64.12 -110.92 162.02
N THR A 120 -64.16 -112.15 161.50
CA THR A 120 -64.60 -113.33 162.25
C THR A 120 -66.03 -113.17 162.73
N GLY A 121 -66.91 -112.72 161.83
CA GLY A 121 -68.31 -112.54 162.19
C GLY A 121 -69.01 -113.87 162.40
N ARG A 122 -70.19 -113.80 162.98
CA ARG A 122 -70.89 -114.99 163.45
C ARG A 122 -71.72 -115.59 162.33
N SER A 123 -71.11 -116.44 161.51
CA SER A 123 -71.81 -117.19 160.48
C SER A 123 -70.93 -118.28 159.88
N GLU A 124 -71.40 -118.89 158.80
CA GLU A 124 -70.66 -119.93 158.08
C GLU A 124 -69.61 -119.35 157.13
N VAL A 125 -69.17 -118.11 157.37
CA VAL A 125 -68.31 -117.36 156.46
C VAL A 125 -67.13 -118.20 156.00
N THR A 126 -66.96 -118.32 154.68
CA THR A 126 -65.85 -119.06 154.12
C THR A 126 -64.76 -118.11 153.65
N SER A 127 -63.51 -118.49 153.92
CA SER A 127 -62.35 -117.73 153.48
C SER A 127 -61.28 -118.71 153.03
N ASN A 128 -60.78 -118.51 151.82
CA ASN A 128 -59.67 -119.30 151.30
C ASN A 128 -58.53 -118.36 150.92
N TYR A 129 -57.30 -118.83 151.12
CA TYR A 129 -56.12 -118.03 150.88
C TYR A 129 -55.07 -118.89 150.18
N GLN A 130 -54.73 -118.51 148.95
CA GLN A 130 -53.83 -119.28 148.10
C GLN A 130 -52.62 -118.45 147.77
N VAL A 131 -51.44 -118.90 148.20
CA VAL A 131 -50.18 -118.21 147.95
C VAL A 131 -49.19 -119.21 147.40
N GLY A 132 -48.62 -118.93 146.24
CA GLY A 132 -47.59 -119.80 145.71
C GLY A 132 -47.33 -119.56 144.25
N LEU A 133 -46.46 -120.40 143.69
CA LEU A 133 -46.05 -120.32 142.30
C LEU A 133 -47.12 -120.96 141.42
N GLY A 134 -47.28 -120.44 140.22
CA GLY A 134 -48.28 -120.97 139.29
C GLY A 134 -47.81 -120.87 137.86
N LEU A 135 -47.97 -121.98 137.13
CA LEU A 135 -47.78 -122.02 135.70
C LEU A 135 -49.09 -121.58 135.05
N ALA A 136 -49.08 -120.40 134.43
CA ALA A 136 -50.29 -119.76 133.95
C ALA A 136 -50.47 -120.04 132.47
N GLU A 137 -51.26 -121.06 132.14
CA GLU A 137 -51.69 -121.34 130.77
C GLU A 137 -50.51 -121.51 129.82
N TYR A 138 -49.56 -122.35 130.21
CA TYR A 138 -48.50 -122.75 129.30
C TYR A 138 -49.16 -123.41 128.08
N GLU A 139 -49.07 -122.77 126.92
CA GLU A 139 -49.58 -123.42 125.72
C GLU A 139 -48.55 -124.43 125.23
N VAL A 140 -48.75 -125.69 125.58
CA VAL A 140 -48.11 -126.79 124.90
C VAL A 140 -48.77 -126.92 123.53
N ASP A 141 -47.92 -126.99 122.50
CA ASP A 141 -48.25 -126.51 121.17
C ASP A 141 -47.86 -127.57 120.15
N LEU A 142 -48.84 -128.01 119.36
CA LEU A 142 -48.58 -129.05 118.37
C LEU A 142 -47.96 -128.47 117.11
N PHE A 143 -48.14 -127.17 116.87
CA PHE A 143 -47.66 -126.52 115.65
C PHE A 143 -46.68 -125.39 115.91
N GLY A 144 -46.70 -124.80 117.10
CA GLY A 144 -45.82 -123.67 117.34
C GLY A 144 -46.29 -122.39 116.70
N ARG A 145 -47.52 -121.97 116.98
CA ARG A 145 -48.02 -120.70 116.50
C ARG A 145 -47.17 -119.58 117.10
N VAL A 146 -46.78 -119.75 118.37
CA VAL A 146 -45.87 -118.80 119.01
C VAL A 146 -44.56 -118.75 118.25
N ARG A 147 -44.09 -119.90 117.76
CA ARG A 147 -42.88 -119.93 116.95
C ARG A 147 -43.07 -119.14 115.65
N ASN A 148 -44.24 -119.28 115.03
CA ASN A 148 -44.52 -118.52 113.81
C ASN A 148 -44.57 -117.02 114.09
N LEU A 149 -45.16 -116.63 115.21
CA LEU A 149 -45.15 -115.22 115.59
C LEU A 149 -43.73 -114.71 115.82
N SER A 150 -42.90 -115.53 116.46
CA SER A 150 -41.50 -115.15 116.66
C SER A 150 -40.78 -115.00 115.33
N GLU A 151 -41.07 -115.90 114.38
CA GLU A 151 -40.49 -115.78 113.04
C GLU A 151 -40.94 -114.50 112.36
N ALA A 152 -42.22 -114.15 112.49
CA ALA A 152 -42.71 -112.90 111.91
C ALA A 152 -42.02 -111.69 112.53
N ALA A 153 -41.85 -111.70 113.85
CA ALA A 153 -41.15 -110.61 114.52
C ALA A 153 -39.70 -110.52 114.08
N LEU A 154 -39.03 -111.66 113.92
CA LEU A 154 -37.64 -111.65 113.46
C LEU A 154 -37.54 -111.10 112.05
N GLU A 155 -38.48 -111.48 111.17
CA GLU A 155 -38.48 -110.94 109.81
C GLU A 155 -38.74 -109.44 109.83
N THR A 156 -39.63 -108.98 110.72
CA THR A 156 -39.86 -107.55 110.86
C THR A 156 -38.60 -106.83 111.31
N TYR A 157 -37.87 -107.42 112.24
CA TYR A 157 -36.62 -106.81 112.71
C TYR A 157 -35.59 -106.74 111.59
N LEU A 158 -35.48 -107.81 110.79
CA LEU A 158 -34.56 -107.79 109.66
C LEU A 158 -34.95 -106.72 108.65
N ALA A 159 -36.25 -106.59 108.38
CA ALA A 159 -36.73 -105.55 107.48
C ALA A 159 -36.42 -104.17 108.02
N THR A 160 -36.55 -103.99 109.34
CA THR A 160 -36.20 -102.71 109.95
C THR A 160 -34.72 -102.41 109.79
N GLU A 161 -33.85 -103.42 109.96
CA GLU A 161 -32.42 -103.21 109.76
C GLU A 161 -32.12 -102.80 108.32
N GLU A 162 -32.75 -103.48 107.36
CA GLU A 162 -32.53 -103.13 105.97
C GLU A 162 -33.05 -101.73 105.65
N ALA A 163 -34.19 -101.35 106.25
CA ALA A 163 -34.71 -100.01 106.06
C ALA A 163 -33.78 -98.96 106.66
N THR A 164 -33.17 -99.27 107.80
CA THR A 164 -32.18 -98.37 108.37
C THR A 164 -30.98 -98.20 107.44
N ARG A 165 -30.52 -99.30 106.83
CA ARG A 165 -29.44 -99.20 105.85
C ARG A 165 -29.84 -98.32 104.67
N ALA A 166 -31.08 -98.48 104.19
CA ALA A 166 -31.57 -97.66 103.09
C ALA A 166 -31.62 -96.19 103.48
N THR A 167 -32.07 -95.90 104.70
CA THR A 167 -32.09 -94.53 105.18
C THR A 167 -30.68 -93.95 105.26
N GLN A 168 -29.72 -94.76 105.70
CA GLN A 168 -28.33 -94.34 105.72
C GLN A 168 -27.84 -93.95 104.34
N ILE A 169 -28.10 -94.79 103.35
CA ILE A 169 -27.65 -94.50 101.99
C ILE A 169 -28.35 -93.27 101.44
N SER A 170 -29.64 -93.11 101.75
CA SER A 170 -30.38 -91.94 101.31
C SER A 170 -29.81 -90.66 101.91
N LEU A 171 -29.47 -90.69 103.19
CA LEU A 171 -28.87 -89.53 103.83
C LEU A 171 -27.53 -89.19 103.19
N VAL A 172 -26.73 -90.20 102.91
CA VAL A 172 -25.44 -89.97 102.23
C VAL A 172 -25.66 -89.30 100.89
N ALA A 173 -26.62 -89.81 100.11
CA ALA A 173 -26.89 -89.26 98.78
C ALA A 173 -27.36 -87.82 98.88
N GLU A 174 -28.24 -87.52 99.84
CA GLU A 174 -28.71 -86.15 100.02
C GLU A 174 -27.55 -85.23 100.37
N VAL A 175 -26.66 -85.68 101.24
CA VAL A 175 -25.53 -84.83 101.66
C VAL A 175 -24.64 -84.51 100.47
N ILE A 176 -24.29 -85.52 99.68
CA ILE A 176 -23.38 -85.28 98.56
C ILE A 176 -24.05 -84.42 97.49
N GLN A 177 -25.35 -84.61 97.28
CA GLN A 177 -26.07 -83.76 96.35
C GLN A 177 -26.04 -82.30 96.80
N ALA A 178 -26.27 -82.06 98.10
CA ALA A 178 -26.21 -80.70 98.61
C ALA A 178 -24.82 -80.10 98.44
N TYR A 179 -23.78 -80.89 98.69
CA TYR A 179 -22.42 -80.40 98.53
C TYR A 179 -22.14 -80.01 97.09
N LEU A 180 -22.55 -80.86 96.14
CA LEU A 180 -22.34 -80.55 94.73
C LEU A 180 -23.10 -79.31 94.31
N THR A 181 -24.33 -79.16 94.79
CA THR A 181 -25.11 -77.96 94.49
C THR A 181 -24.41 -76.72 95.04
N ARG A 182 -23.85 -76.83 96.24
CA ARG A 182 -23.14 -75.69 96.83
C ARG A 182 -21.92 -75.31 96.00
N ASP A 183 -21.16 -76.30 95.52
CA ASP A 183 -20.00 -76.02 94.68
C ASP A 183 -20.41 -75.32 93.39
N GLY A 184 -21.44 -75.85 92.73
CA GLY A 184 -21.93 -75.20 91.53
C GLY A 184 -22.40 -73.77 91.79
N ALA A 185 -23.07 -73.56 92.93
CA ALA A 185 -23.54 -72.23 93.27
C ALA A 185 -22.37 -71.27 93.50
N LEU A 186 -21.30 -71.74 94.13
CA LEU A 186 -20.13 -70.89 94.32
C LEU A 186 -19.52 -70.48 92.99
N ARG A 187 -19.39 -71.44 92.07
CA ARG A 187 -18.89 -71.09 90.74
C ARG A 187 -19.80 -70.07 90.06
N ARG A 188 -21.11 -70.30 90.11
CA ARG A 188 -22.07 -69.37 89.54
C ARG A 188 -21.94 -67.99 90.18
N MET A 189 -21.65 -67.98 91.48
CA MET A 189 -21.53 -66.68 92.22
C MET A 189 -20.36 -65.89 91.65
N ALA A 190 -19.16 -66.49 91.59
CA ALA A 190 -18.02 -65.78 91.01
C ALA A 190 -18.36 -65.32 89.60
N LEU A 191 -19.05 -66.18 88.84
CA LEU A 191 -19.39 -65.88 87.45
C LEU A 191 -20.26 -64.63 87.36
N VAL A 192 -21.36 -64.60 88.10
CA VAL A 192 -22.29 -63.48 88.00
C VAL A 192 -21.69 -62.22 88.60
N GLU A 193 -20.81 -62.37 89.60
CA GLU A 193 -20.14 -61.20 90.14
C GLU A 193 -19.31 -60.49 89.07
N GLN A 194 -18.48 -61.25 88.35
CA GLN A 194 -17.67 -60.59 87.33
C GLN A 194 -18.54 -60.12 86.16
N THR A 195 -19.65 -60.81 85.90
CA THR A 195 -20.58 -60.35 84.87
C THR A 195 -21.17 -59.00 85.23
N LEU A 196 -21.56 -58.81 86.49
CA LEU A 196 -22.08 -57.54 86.96
C LEU A 196 -21.02 -56.46 86.89
N ASP A 197 -19.77 -56.82 87.19
CA ASP A 197 -18.68 -55.86 87.03
C ASP A 197 -18.59 -55.40 85.58
N SER A 198 -18.71 -56.34 84.64
CA SER A 198 -18.70 -55.98 83.21
C SER A 198 -19.86 -55.05 82.87
N ARG A 199 -21.04 -55.35 83.39
CA ARG A 199 -22.21 -54.51 83.13
C ARG A 199 -22.01 -53.09 83.66
N MET A 200 -21.46 -52.96 84.87
CA MET A 200 -21.21 -51.64 85.42
C MET A 200 -20.17 -50.88 84.62
N ALA A 201 -19.14 -51.59 84.13
CA ALA A 201 -18.15 -50.94 83.28
C ALA A 201 -18.80 -50.40 82.01
N SER A 202 -19.65 -51.20 81.37
CA SER A 202 -20.35 -50.73 80.18
C SER A 202 -21.25 -49.54 80.49
N LEU A 203 -21.95 -49.58 81.62
CA LEU A 203 -22.81 -48.47 82.01
C LEU A 203 -22.02 -47.19 82.22
N GLU A 204 -20.87 -47.30 82.90
CA GLU A 204 -20.02 -46.13 83.12
C GLU A 204 -19.54 -45.56 81.79
N LEU A 205 -19.11 -46.43 80.88
CA LEU A 205 -18.61 -45.97 79.59
C LEU A 205 -19.71 -45.28 78.79
N VAL A 206 -20.93 -45.84 78.82
CA VAL A 206 -22.03 -45.24 78.09
C VAL A 206 -22.43 -43.90 78.71
N SER A 207 -22.41 -43.81 80.05
CA SER A 207 -22.72 -42.54 80.71
C SER A 207 -21.70 -41.47 80.33
N GLN A 208 -20.42 -41.83 80.33
CA GLN A 208 -19.39 -40.88 79.95
C GLN A 208 -19.53 -40.45 78.49
N ARG A 209 -19.89 -41.40 77.62
CA ARG A 209 -20.11 -41.06 76.21
C ARG A 209 -21.30 -40.12 76.04
N ARG A 210 -22.44 -40.35 76.68
CA ARG A 210 -23.56 -39.37 76.58
C ARG A 210 -23.16 -38.03 77.20
N ALA A 211 -22.38 -38.01 78.28
CA ALA A 211 -21.98 -36.70 78.80
C ALA A 211 -21.25 -35.87 77.75
N ALA A 212 -20.58 -36.53 76.81
CA ALA A 212 -19.91 -35.83 75.71
C ALA A 212 -20.83 -35.59 74.52
N GLY A 213 -22.07 -36.06 74.57
CA GLY A 213 -23.01 -35.83 73.49
C GLY A 213 -22.92 -36.81 72.33
N ALA A 214 -22.10 -37.84 72.44
CA ALA A 214 -21.95 -38.82 71.36
C ALA A 214 -22.97 -39.94 71.43
N ALA A 215 -23.82 -39.96 72.46
CA ALA A 215 -24.85 -40.99 72.60
C ALA A 215 -26.18 -40.35 72.95
N THR A 216 -27.25 -41.00 72.51
CA THR A 216 -28.59 -40.57 72.85
C THR A 216 -28.93 -41.03 74.27
N ALA A 217 -29.96 -40.42 74.85
CA ALA A 217 -30.44 -40.88 76.15
C ALA A 217 -31.03 -42.28 76.06
N LEU A 218 -31.47 -42.69 74.87
CA LEU A 218 -31.97 -44.05 74.68
C LEU A 218 -30.87 -45.08 74.95
N ASP A 219 -29.64 -44.81 74.49
CA ASP A 219 -28.54 -45.73 74.74
C ASP A 219 -28.21 -45.80 76.22
N TYR A 220 -28.22 -44.66 76.90
CA TYR A 220 -27.99 -44.66 78.35
C TYR A 220 -29.07 -45.47 79.07
N GLN A 221 -30.32 -45.30 78.65
CA GLN A 221 -31.42 -46.05 79.26
C GLN A 221 -31.27 -47.55 79.02
N GLU A 222 -30.88 -47.96 77.82
CA GLU A 222 -30.72 -49.39 77.56
C GLU A 222 -29.54 -49.97 78.35
N ALA A 223 -28.47 -49.19 78.50
CA ALA A 223 -27.36 -49.64 79.34
C ALA A 223 -27.80 -49.79 80.80
N VAL A 224 -28.58 -48.83 81.30
CA VAL A 224 -29.09 -48.93 82.66
C VAL A 224 -29.97 -50.16 82.80
N GLY A 225 -30.82 -50.41 81.81
CA GLY A 225 -31.68 -51.58 81.86
C GLY A 225 -30.90 -52.87 81.89
N LEU A 226 -29.85 -52.97 81.09
CA LEU A 226 -29.01 -54.17 81.11
C LEU A 226 -28.34 -54.35 82.45
N ALA A 227 -27.82 -53.26 83.04
CA ALA A 227 -27.20 -53.36 84.36
C ALA A 227 -28.19 -53.84 85.41
N GLU A 228 -29.40 -53.26 85.40
CA GLU A 228 -30.42 -53.70 86.35
C GLU A 228 -30.80 -55.15 86.13
N GLN A 229 -30.89 -55.59 84.87
CA GLN A 229 -31.22 -56.98 84.58
C GLN A 229 -30.16 -57.91 85.14
N ALA A 230 -28.89 -57.55 85.00
CA ALA A 230 -27.81 -58.37 85.55
C ALA A 230 -27.85 -58.39 87.07
N ARG A 231 -28.23 -57.26 87.68
CA ARG A 231 -28.32 -57.20 89.14
C ARG A 231 -29.36 -58.17 89.67
N ALA A 232 -30.50 -58.30 88.97
CA ALA A 232 -31.52 -59.25 89.39
C ALA A 232 -31.00 -60.68 89.31
N GLU A 233 -30.24 -61.00 88.27
CA GLU A 233 -29.62 -62.32 88.17
C GLU A 233 -28.66 -62.57 89.34
N ARG A 234 -27.89 -61.55 89.71
CA ARG A 234 -26.98 -61.69 90.85
C ARG A 234 -27.76 -61.97 92.13
N GLU A 235 -28.86 -61.25 92.34
CA GLU A 235 -29.69 -61.48 93.52
C GLU A 235 -30.26 -62.90 93.53
N SER A 236 -30.72 -63.38 92.38
CA SER A 236 -31.25 -64.73 92.31
C SER A 236 -30.18 -65.76 92.64
N THR A 237 -28.96 -65.56 92.13
CA THR A 237 -27.88 -66.48 92.42
C THR A 237 -27.52 -66.44 93.91
N GLU A 238 -27.59 -65.26 94.53
CA GLU A 238 -27.32 -65.16 95.97
C GLU A 238 -28.35 -65.94 96.76
N ARG A 239 -29.61 -65.81 96.38
CA ARG A 239 -30.66 -66.56 97.05
C ARG A 239 -30.43 -68.06 96.90
N GLN A 240 -30.04 -68.49 95.69
CA GLN A 240 -29.78 -69.92 95.47
C GLN A 240 -28.63 -70.40 96.34
N LEU A 241 -27.53 -69.64 96.40
CA LEU A 241 -26.38 -70.06 97.19
C LEU A 241 -26.72 -70.13 98.67
N ARG A 242 -27.43 -69.12 99.19
CA ARG A 242 -27.81 -69.16 100.59
C ARG A 242 -28.73 -70.32 100.91
N GLN A 243 -29.69 -70.60 100.01
CA GLN A 243 -30.57 -71.75 100.23
C GLN A 243 -29.79 -73.05 100.22
N ALA A 244 -28.81 -73.18 99.33
CA ALA A 244 -27.98 -74.38 99.32
C ALA A 244 -27.19 -74.53 100.62
N ASP A 245 -26.63 -73.43 101.12
CA ASP A 245 -25.90 -73.48 102.38
C ASP A 245 -26.81 -73.90 103.53
N ASN A 246 -28.03 -73.36 103.56
CA ASN A 246 -28.98 -73.74 104.61
C ASN A 246 -29.35 -75.21 104.50
N ALA A 247 -29.54 -75.71 103.28
CA ALA A 247 -29.84 -77.13 103.10
C ALA A 247 -28.70 -78.00 103.60
N LEU A 248 -27.46 -77.60 103.31
CA LEU A 248 -26.32 -78.36 103.81
C LEU A 248 -26.26 -78.35 105.34
N VAL A 249 -26.51 -77.19 105.95
CA VAL A 249 -26.45 -77.11 107.41
C VAL A 249 -27.57 -77.93 108.03
N LEU A 250 -28.70 -78.05 107.33
CA LEU A 250 -29.77 -78.92 107.81
C LEU A 250 -29.35 -80.38 107.71
N LEU A 251 -28.73 -80.77 106.60
CA LEU A 251 -28.38 -82.17 106.39
C LEU A 251 -27.30 -82.62 107.36
N LEU A 252 -26.30 -81.79 107.61
CA LEU A 252 -25.20 -82.21 108.47
C LEU A 252 -25.61 -82.40 109.92
N GLY A 253 -26.58 -81.62 110.40
CA GLY A 253 -27.12 -81.86 111.73
C GLY A 253 -26.31 -81.35 112.88
N THR A 254 -25.44 -80.35 112.66
CA THR A 254 -24.69 -79.75 113.75
C THR A 254 -24.69 -78.23 113.60
N PRO A 255 -24.76 -77.49 114.71
CA PRO A 255 -24.71 -76.02 114.61
C PRO A 255 -23.40 -75.50 114.05
N ASP A 256 -22.32 -76.28 114.12
CA ASP A 256 -21.03 -75.89 113.57
C ASP A 256 -20.78 -76.47 112.20
N ALA A 257 -21.83 -76.84 111.47
CA ALA A 257 -21.66 -77.43 110.15
C ALA A 257 -21.01 -76.46 109.18
N ALA A 258 -21.35 -75.16 109.28
CA ALA A 258 -20.78 -74.17 108.38
C ALA A 258 -19.28 -74.05 108.51
N ARG A 259 -18.72 -74.47 109.66
CA ARG A 259 -17.27 -74.49 109.81
C ARG A 259 -16.63 -75.67 109.09
N LEU A 260 -17.37 -76.78 108.91
CA LEU A 260 -16.82 -77.97 108.28
C LEU A 260 -16.86 -77.92 106.76
N LEU A 261 -17.39 -76.85 106.17
CA LEU A 261 -17.38 -76.94 104.71
C LEU A 261 -16.39 -75.94 104.11
N PRO A 262 -15.75 -76.28 103.00
CA PRO A 262 -14.83 -75.33 102.35
C PRO A 262 -15.60 -74.16 101.75
N ALA A 263 -14.96 -72.99 101.77
CA ALA A 263 -15.64 -71.76 101.39
C ALA A 263 -15.54 -71.43 99.91
N THR A 264 -14.67 -72.10 99.16
CA THR A 264 -14.42 -71.74 97.78
C THR A 264 -14.63 -72.96 96.88
N PRO A 265 -15.02 -72.77 95.62
CA PRO A 265 -15.20 -73.92 94.74
C PRO A 265 -13.88 -74.47 94.24
N ARG A 266 -13.91 -75.73 93.83
CA ARG A 266 -12.72 -76.45 93.39
C ARG A 266 -13.05 -77.25 92.14
N ASP A 267 -12.04 -77.42 91.29
CA ASP A 267 -12.23 -78.12 90.02
C ASP A 267 -11.91 -79.60 90.10
N ASP A 268 -11.58 -80.13 91.28
CA ASP A 268 -11.21 -81.53 91.38
C ASP A 268 -12.43 -82.43 91.22
N LEU A 269 -12.17 -83.70 90.95
CA LEU A 269 -13.22 -84.70 90.88
C LEU A 269 -13.77 -84.94 92.28
N MET A 270 -15.11 -84.98 92.39
CA MET A 270 -15.76 -85.29 93.66
C MET A 270 -16.26 -86.73 93.72
N VAL A 271 -17.02 -87.18 92.72
CA VAL A 271 -17.54 -88.55 92.68
C VAL A 271 -17.18 -89.19 91.36
N LEU A 272 -17.05 -90.51 91.37
CA LEU A 272 -16.60 -91.24 90.19
C LEU A 272 -17.50 -90.94 88.99
N GLN A 273 -16.88 -90.68 87.86
CA GLN A 273 -17.59 -90.20 86.68
C GLN A 273 -18.25 -91.30 85.87
N ASP A 274 -17.69 -92.51 85.86
CA ASP A 274 -18.22 -93.61 85.08
C ASP A 274 -18.54 -94.76 86.01
N ILE A 275 -19.79 -95.20 86.01
CA ILE A 275 -20.25 -96.29 86.86
C ILE A 275 -20.91 -97.34 85.98
N ALA A 276 -20.50 -98.60 86.15
CA ALA A 276 -21.09 -99.70 85.41
C ALA A 276 -22.31 -100.22 86.16
N PRO A 277 -23.50 -100.19 85.56
CA PRO A 277 -24.69 -100.67 86.28
C PRO A 277 -24.75 -102.18 86.42
N GLY A 278 -24.07 -102.93 85.55
CA GLY A 278 -24.20 -104.38 85.62
C GLY A 278 -25.56 -104.83 85.14
N THR A 279 -25.98 -105.99 85.63
CA THR A 279 -27.26 -106.58 85.27
C THR A 279 -28.34 -106.19 86.26
N SER A 280 -29.60 -106.33 85.83
CA SER A 280 -30.73 -106.00 86.68
C SER A 280 -30.77 -106.90 87.92
N SER A 281 -30.34 -108.15 87.79
CA SER A 281 -30.32 -109.05 88.93
C SER A 281 -29.37 -108.54 90.01
N GLU A 282 -28.24 -107.96 89.60
CA GLU A 282 -27.31 -107.38 90.57
C GLU A 282 -27.91 -106.19 91.30
N LEU A 283 -28.71 -105.38 90.60
CA LEU A 283 -29.44 -104.30 91.28
C LEU A 283 -30.45 -104.88 92.26
N ILE A 284 -31.10 -105.98 91.87
CA ILE A 284 -32.08 -106.62 92.75
C ILE A 284 -31.41 -107.15 94.01
N GLU A 285 -30.18 -107.66 93.89
CA GLU A 285 -29.54 -108.32 95.01
C GLU A 285 -28.82 -107.38 95.97
N ARG A 286 -28.78 -106.08 95.67
CA ARG A 286 -27.98 -105.16 96.48
C ARG A 286 -28.74 -103.96 97.01
N ARG A 287 -29.91 -103.64 96.46
CA ARG A 287 -30.63 -102.44 96.89
C ARG A 287 -31.38 -102.70 98.19
N PRO A 288 -31.12 -101.93 99.25
CA PRO A 288 -31.77 -102.23 100.55
C PRO A 288 -33.28 -102.11 100.55
N ASP A 289 -33.86 -101.24 99.71
CA ASP A 289 -35.32 -101.11 99.71
C ASP A 289 -35.98 -102.40 99.24
N ILE A 290 -35.45 -103.02 98.19
CA ILE A 290 -35.99 -104.29 97.72
C ILE A 290 -35.80 -105.38 98.77
N LEU A 291 -34.69 -105.32 99.52
CA LEU A 291 -34.47 -106.29 100.59
C LEU A 291 -35.49 -106.11 101.70
N ALA A 292 -35.80 -104.85 102.05
CA ALA A 292 -36.82 -104.60 103.05
C ALA A 292 -38.18 -105.09 102.59
N SER A 293 -38.51 -104.87 101.31
CA SER A 293 -39.76 -105.38 100.78
C SER A 293 -39.81 -106.91 100.84
N GLU A 294 -38.71 -107.58 100.49
CA GLU A 294 -38.68 -109.04 100.56
C GLU A 294 -38.84 -109.54 101.98
N HIS A 295 -38.19 -108.86 102.94
CA HIS A 295 -38.31 -109.26 104.34
C HIS A 295 -39.73 -109.05 104.84
N ARG A 296 -40.37 -107.96 104.42
CA ARG A 296 -41.77 -107.75 104.79
C ARG A 296 -42.67 -108.84 104.19
N LEU A 297 -42.38 -109.24 102.95
CA LEU A 297 -43.11 -110.35 102.34
C LEU A 297 -42.92 -111.63 103.14
N LYS A 298 -41.70 -111.88 103.63
CA LYS A 298 -41.44 -113.07 104.44
C LYS A 298 -42.20 -113.00 105.76
N ALA A 299 -42.28 -111.81 106.36
CA ALA A 299 -43.05 -111.65 107.58
C ALA A 299 -44.53 -111.96 107.34
N ARG A 300 -45.05 -111.50 106.20
CA ARG A 300 -46.42 -111.85 105.84
C ARG A 300 -46.58 -113.36 105.62
N ASN A 301 -45.57 -114.00 105.05
CA ASN A 301 -45.59 -115.46 104.89
C ASN A 301 -45.50 -116.17 106.23
N ALA A 302 -45.00 -115.48 107.26
CA ALA A 302 -45.10 -116.01 108.61
C ALA A 302 -46.50 -115.82 109.19
N ASP A 303 -47.12 -114.68 108.87
CA ASP A 303 -48.47 -114.41 109.35
C ASP A 303 -49.47 -115.42 108.79
N ILE A 304 -49.28 -115.84 107.54
CA ILE A 304 -50.16 -116.87 106.99
C ILE A 304 -50.04 -118.16 107.79
N GLY A 305 -48.82 -118.52 108.19
CA GLY A 305 -48.65 -119.70 109.03
C GLY A 305 -49.31 -119.54 110.39
N ALA A 306 -49.26 -118.33 110.95
CA ALA A 306 -49.95 -118.07 112.21
C ALA A 306 -51.46 -118.30 112.07
N ALA A 307 -52.06 -117.73 111.02
CA ALA A 307 -53.49 -117.89 110.81
C ALA A 307 -53.84 -119.34 110.52
N ARG A 308 -52.93 -120.08 109.86
CA ARG A 308 -53.16 -121.50 109.64
C ARG A 308 -53.15 -122.28 110.96
N ALA A 309 -52.18 -121.97 111.82
CA ALA A 309 -52.12 -122.61 113.13
C ALA A 309 -53.33 -122.25 113.99
N ALA A 310 -53.99 -121.14 113.68
CA ALA A 310 -55.20 -120.77 114.43
C ALA A 310 -56.30 -121.83 114.35
N PHE A 311 -56.26 -122.72 113.36
CA PHE A 311 -57.25 -123.77 113.21
C PHE A 311 -57.09 -124.94 114.19
N PHE A 312 -55.87 -125.29 114.54
CA PHE A 312 -55.66 -126.56 115.20
C PHE A 312 -55.82 -126.45 116.71
N PRO A 313 -56.11 -127.55 117.39
CA PRO A 313 -56.30 -127.50 118.85
C PRO A 313 -55.03 -127.08 119.57
N ARG A 314 -55.19 -126.34 120.66
CA ARG A 314 -54.08 -125.94 121.51
C ARG A 314 -54.23 -126.65 122.85
N ILE A 315 -53.11 -127.11 123.43
CA ILE A 315 -53.18 -127.72 124.75
C ILE A 315 -52.60 -126.69 125.71
N SER A 316 -53.30 -126.42 126.80
CA SER A 316 -52.89 -125.43 127.77
C SER A 316 -52.71 -126.11 129.12
N LEU A 317 -51.66 -125.74 129.83
CA LEU A 317 -51.30 -126.34 131.10
C LEU A 317 -51.34 -125.28 132.17
N THR A 318 -52.28 -125.43 133.11
CA THR A 318 -52.37 -124.52 134.26
C THR A 318 -52.05 -125.30 135.53
N GLY A 319 -51.08 -124.79 136.29
CA GLY A 319 -50.65 -125.48 137.49
C GLY A 319 -50.31 -124.50 138.58
N SER A 320 -50.14 -125.04 139.78
CA SER A 320 -49.83 -124.20 140.93
C SER A 320 -49.13 -125.05 141.99
N VAL A 321 -48.44 -124.36 142.90
CA VAL A 321 -47.86 -124.98 144.09
C VAL A 321 -47.71 -123.90 145.16
N GLY A 322 -48.17 -124.20 146.37
CA GLY A 322 -48.16 -123.24 147.45
C GLY A 322 -48.83 -123.73 148.72
N SER A 323 -49.69 -122.91 149.31
CA SER A 323 -50.37 -123.26 150.55
C SER A 323 -51.86 -122.95 150.45
N SER A 324 -52.65 -123.68 151.24
CA SER A 324 -54.09 -123.51 151.28
C SER A 324 -54.59 -123.72 152.70
N SER A 325 -55.50 -122.85 153.14
CA SER A 325 -56.09 -122.96 154.47
C SER A 325 -57.40 -122.19 154.52
N ALA A 326 -58.29 -122.61 155.40
CA ALA A 326 -59.55 -121.89 155.60
C ALA A 326 -59.35 -120.66 156.48
N GLU A 327 -58.25 -120.61 157.22
CA GLU A 327 -57.93 -119.48 158.08
C GLU A 327 -56.48 -119.04 157.84
N LEU A 328 -56.21 -117.77 158.11
CA LEU A 328 -54.90 -117.21 157.85
C LEU A 328 -53.83 -117.82 158.74
N SER A 329 -54.17 -118.12 160.00
CA SER A 329 -53.17 -118.58 160.97
C SER A 329 -52.48 -119.85 160.49
N GLY A 330 -53.21 -120.73 159.82
CA GLY A 330 -52.64 -121.97 159.32
C GLY A 330 -52.00 -121.88 157.96
N LEU A 331 -51.72 -120.67 157.46
CA LEU A 331 -51.16 -120.51 156.14
C LEU A 331 -49.77 -121.12 156.01
N PHE A 332 -48.97 -121.10 157.09
CA PHE A 332 -47.60 -121.61 157.03
C PHE A 332 -47.36 -122.75 158.00
N ASP A 333 -48.42 -123.42 158.46
CA ASP A 333 -48.25 -124.55 159.35
C ASP A 333 -47.94 -125.81 158.58
N GLY A 334 -47.44 -126.81 159.29
CA GLY A 334 -47.08 -128.09 158.69
C GLY A 334 -48.22 -128.80 158.03
N GLY A 335 -47.98 -129.34 156.83
CA GLY A 335 -49.00 -130.07 156.09
C GLY A 335 -49.83 -129.23 155.15
N SER A 336 -49.43 -128.00 154.85
CA SER A 336 -50.19 -127.12 153.99
C SER A 336 -49.68 -127.07 152.55
N ARG A 337 -48.61 -127.81 152.24
CA ARG A 337 -48.01 -127.74 150.91
C ARG A 337 -48.91 -128.41 149.88
N ALA A 338 -49.45 -127.60 148.96
CA ALA A 338 -50.41 -128.05 147.97
C ALA A 338 -49.89 -127.75 146.57
N TRP A 339 -50.53 -128.36 145.58
CA TRP A 339 -50.21 -128.11 144.18
C TRP A 339 -51.41 -128.51 143.33
N SER A 340 -51.33 -128.19 142.04
CA SER A 340 -52.38 -128.53 141.09
C SER A 340 -51.80 -128.54 139.69
N PHE A 341 -52.45 -129.32 138.80
CA PHE A 341 -52.02 -129.44 137.38
C PHE A 341 -53.25 -129.61 136.49
N ALA A 342 -53.36 -128.91 135.34
CA ALA A 342 -54.48 -129.11 134.39
C ALA A 342 -54.07 -128.98 132.91
N PRO A 343 -54.40 -129.92 132.00
CA PRO A 343 -54.15 -129.78 130.56
C PRO A 343 -55.43 -129.71 129.73
N THR A 344 -55.89 -128.50 129.38
CA THR A 344 -57.11 -128.32 128.66
C THR A 344 -56.82 -128.33 127.18
N LEU A 345 -57.77 -128.82 126.37
CA LEU A 345 -57.59 -128.93 124.92
C LEU A 345 -58.67 -128.12 124.23
N SER A 346 -58.27 -127.09 123.49
CA SER A 346 -59.19 -126.15 122.88
C SER A 346 -59.19 -126.35 121.37
N LEU A 347 -60.37 -126.58 120.81
CA LEU A 347 -60.57 -126.69 119.38
C LEU A 347 -62.01 -126.34 119.05
N PRO A 348 -62.33 -125.09 118.66
CA PRO A 348 -63.60 -124.84 117.98
C PRO A 348 -63.91 -125.84 116.88
N ILE A 349 -64.97 -126.62 117.06
CA ILE A 349 -65.33 -127.62 116.04
C ILE A 349 -65.76 -126.93 114.75
N PHE A 350 -66.62 -125.92 114.87
CA PHE A 350 -67.17 -125.22 113.71
C PHE A 350 -66.73 -123.77 113.80
N ALA A 351 -65.90 -123.34 112.84
CA ALA A 351 -65.49 -121.95 112.79
C ALA A 351 -66.67 -121.05 112.46
N GLY A 352 -67.56 -121.50 111.58
CA GLY A 352 -68.59 -120.63 111.06
C GLY A 352 -68.04 -119.48 110.25
N GLY A 353 -66.84 -119.64 109.69
CA GLY A 353 -66.13 -118.57 109.05
C GLY A 353 -65.19 -117.81 109.96
N ARG A 354 -65.27 -118.01 111.28
CA ARG A 354 -64.42 -117.27 112.20
C ARG A 354 -62.94 -117.57 112.01
N ASN A 355 -62.58 -118.83 111.84
CA ASN A 355 -61.20 -119.20 111.56
C ASN A 355 -60.92 -119.31 110.07
N ARG A 356 -61.92 -119.68 109.26
CA ARG A 356 -61.73 -119.76 107.82
C ARG A 356 -61.46 -118.39 107.21
N ALA A 357 -62.30 -117.41 107.54
CA ALA A 357 -62.08 -116.07 106.99
C ALA A 357 -60.79 -115.47 107.52
N ASN A 358 -60.32 -115.92 108.68
CA ASN A 358 -58.96 -115.59 109.10
C ASN A 358 -57.95 -116.14 108.11
N LEU A 359 -58.15 -117.38 107.63
CA LEU A 359 -57.26 -117.93 106.64
C LEU A 359 -57.29 -117.13 105.34
N ASP A 360 -58.49 -116.73 104.89
CA ASP A 360 -58.56 -115.94 103.67
C ASP A 360 -57.91 -114.57 103.87
N LEU A 361 -58.07 -113.98 105.05
CA LEU A 361 -57.39 -112.72 105.34
C LEU A 361 -55.87 -112.90 105.24
N ALA A 362 -55.35 -113.97 105.81
CA ALA A 362 -53.90 -114.22 105.73
C ALA A 362 -53.45 -114.44 104.29
N GLU A 363 -54.19 -115.24 103.53
CA GLU A 363 -53.82 -115.53 102.16
C GLU A 363 -53.82 -114.26 101.31
N VAL A 364 -54.86 -113.45 101.47
CA VAL A 364 -54.97 -112.23 100.69
C VAL A 364 -53.90 -111.22 101.09
N ARG A 365 -53.59 -111.16 102.39
CA ARG A 365 -52.52 -110.28 102.84
C ARG A 365 -51.17 -110.70 102.26
N GLN A 366 -50.91 -112.02 102.21
CA GLN A 366 -49.68 -112.49 101.59
C GLN A 366 -49.65 -112.18 100.10
N ASP A 367 -50.81 -112.30 99.43
CA ASP A 367 -50.88 -111.94 98.01
C ASP A 367 -50.57 -110.45 97.80
N ALA A 368 -51.12 -109.60 98.67
CA ALA A 368 -50.85 -108.18 98.59
C ALA A 368 -49.37 -107.90 98.83
N ALA A 369 -48.75 -108.62 99.75
CA ALA A 369 -47.31 -108.48 99.97
C ALA A 369 -46.52 -108.88 98.73
N VAL A 370 -46.92 -109.96 98.06
CA VAL A 370 -46.25 -110.37 96.83
C VAL A 370 -46.36 -109.27 95.77
N ALA A 371 -47.55 -108.71 95.62
CA ALA A 371 -47.75 -107.63 94.66
C ALA A 371 -46.93 -106.41 95.01
N ASP A 372 -46.81 -106.11 96.30
CA ASP A 372 -45.97 -105.00 96.75
C ASP A 372 -44.51 -105.25 96.39
N TYR A 373 -44.04 -106.48 96.58
CA TYR A 373 -42.68 -106.83 96.21
C TYR A 373 -42.44 -106.61 94.72
N GLU A 374 -43.39 -107.05 93.90
CA GLU A 374 -43.25 -106.87 92.45
C GLU A 374 -43.27 -105.39 92.07
N GLY A 375 -44.15 -104.61 92.71
CA GLY A 375 -44.21 -103.18 92.43
C GLY A 375 -42.93 -102.46 92.82
N THR A 376 -42.35 -102.84 93.95
CA THR A 376 -41.08 -102.24 94.36
C THR A 376 -39.97 -102.62 93.38
N ILE A 377 -39.99 -103.86 92.87
CA ILE A 377 -39.03 -104.24 91.84
C ILE A 377 -39.17 -103.34 90.62
N GLN A 378 -40.41 -103.12 90.19
CA GLN A 378 -40.65 -102.27 89.02
C GLN A 378 -40.19 -100.84 89.27
N THR A 379 -40.44 -100.32 90.46
CA THR A 379 -39.99 -98.97 90.79
C THR A 379 -38.47 -98.86 90.76
N ALA A 380 -37.78 -99.87 91.30
CA ALA A 380 -36.32 -99.87 91.25
C ALA A 380 -35.82 -99.91 89.81
N PHE A 381 -36.45 -100.73 88.97
CA PHE A 381 -36.06 -100.79 87.56
C PHE A 381 -36.24 -99.43 86.89
N ARG A 382 -37.37 -98.77 87.16
CA ARG A 382 -37.62 -97.46 86.59
C ARG A 382 -36.55 -96.46 87.04
N GLU A 383 -36.22 -96.50 88.33
CA GLU A 383 -35.22 -95.56 88.85
C GLU A 383 -33.87 -95.77 88.20
N VAL A 384 -33.43 -97.02 88.07
CA VAL A 384 -32.10 -97.25 87.50
C VAL A 384 -32.07 -96.90 86.03
N ALA A 385 -33.16 -97.18 85.30
CA ALA A 385 -33.22 -96.79 83.89
C ALA A 385 -33.15 -95.28 83.73
N ASP A 386 -33.92 -94.55 84.55
CA ASP A 386 -33.88 -93.09 84.50
C ASP A 386 -32.48 -92.57 84.81
N ALA A 387 -31.84 -93.14 85.83
CA ALA A 387 -30.52 -92.67 86.22
C ALA A 387 -29.49 -92.91 85.13
N LEU A 388 -29.53 -94.08 84.48
CA LEU A 388 -28.59 -94.35 83.40
C LEU A 388 -28.81 -93.40 82.23
N ALA A 389 -30.07 -93.20 81.85
CA ALA A 389 -30.37 -92.28 80.75
C ALA A 389 -29.90 -90.87 81.08
N ALA A 390 -30.14 -90.42 82.31
CA ALA A 390 -29.71 -89.09 82.72
C ALA A 390 -28.19 -88.97 82.69
N THR A 391 -27.49 -90.01 83.19
CA THR A 391 -26.04 -89.97 83.18
C THR A 391 -25.50 -89.79 81.76
N ASP A 392 -25.96 -90.63 80.83
CA ASP A 392 -25.44 -90.54 79.46
C ASP A 392 -25.80 -89.22 78.81
N THR A 393 -27.07 -88.82 78.90
CA THR A 393 -27.52 -87.60 78.24
C THR A 393 -26.83 -86.37 78.81
N LEU A 394 -26.67 -86.30 80.13
CA LEU A 394 -26.01 -85.15 80.73
C LEU A 394 -24.52 -85.15 80.44
N ARG A 395 -23.89 -86.32 80.30
CA ARG A 395 -22.50 -86.33 79.86
C ARG A 395 -22.36 -85.69 78.48
N ARG A 396 -23.21 -86.11 77.54
CA ARG A 396 -23.11 -85.55 76.19
C ARG A 396 -23.48 -84.06 76.17
N GLU A 397 -24.48 -83.67 76.98
CA GLU A 397 -24.86 -82.27 77.04
C GLU A 397 -23.74 -81.42 77.62
N GLU A 398 -23.05 -81.93 78.65
CA GLU A 398 -21.91 -81.23 79.21
C GLU A 398 -20.80 -81.08 78.18
N ALA A 399 -20.60 -82.11 77.36
CA ALA A 399 -19.63 -81.97 76.27
C ALA A 399 -20.04 -80.84 75.33
N ALA A 400 -21.32 -80.77 74.97
CA ALA A 400 -21.80 -79.71 74.09
C ALA A 400 -21.60 -78.33 74.70
N ARG A 401 -21.92 -78.17 75.98
CA ARG A 401 -21.78 -76.88 76.65
C ARG A 401 -20.31 -76.52 76.81
N GLN A 402 -19.45 -77.51 76.98
CA GLN A 402 -18.01 -77.26 77.02
C GLN A 402 -17.53 -76.72 75.67
N ALA A 403 -18.03 -77.31 74.58
CA ALA A 403 -17.69 -76.79 73.26
C ALA A 403 -18.17 -75.36 73.09
N LEU A 404 -19.38 -75.07 73.57
CA LEU A 404 -19.89 -73.70 73.50
C LEU A 404 -19.00 -72.74 74.28
N ALA A 405 -18.58 -73.15 75.48
CA ALA A 405 -17.72 -72.29 76.30
C ALA A 405 -16.38 -72.05 75.61
N GLY A 406 -15.82 -73.09 75.00
CA GLY A 406 -14.58 -72.91 74.27
C GLY A 406 -14.72 -71.96 73.10
N SER A 407 -15.82 -72.06 72.36
CA SER A 407 -16.06 -71.15 71.26
C SER A 407 -16.19 -69.71 71.76
N SER A 408 -16.91 -69.51 72.86
CA SER A 408 -17.04 -68.16 73.41
C SER A 408 -15.69 -67.63 73.88
N GLU A 409 -14.85 -68.49 74.45
CA GLU A 409 -13.52 -68.06 74.88
C GLU A 409 -12.66 -67.65 73.68
N ALA A 410 -12.76 -68.40 72.58
CA ALA A 410 -12.04 -68.01 71.37
C ALA A 410 -12.54 -66.67 70.84
N ALA A 411 -13.86 -66.46 70.89
CA ALA A 411 -14.41 -65.17 70.47
C ALA A 411 -13.90 -64.05 71.35
N MET A 412 -13.81 -64.29 72.66
CA MET A 412 -13.16 -63.33 73.57
C MET A 412 -11.73 -63.04 73.14
N ALA A 413 -10.95 -64.07 72.84
CA ALA A 413 -9.56 -63.84 72.46
C ALA A 413 -9.47 -62.96 71.23
N LEU A 414 -10.31 -63.26 70.22
CA LEU A 414 -10.30 -62.46 69.00
C LEU A 414 -10.74 -61.02 69.26
N ALA A 415 -11.78 -60.82 70.07
CA ALA A 415 -12.25 -59.47 70.35
C ALA A 415 -11.20 -58.67 71.12
N LYS A 416 -10.53 -59.32 72.08
CA LYS A 416 -9.46 -58.66 72.83
C LYS A 416 -8.33 -58.27 71.90
N ALA A 417 -7.95 -59.16 70.97
CA ALA A 417 -6.90 -58.83 70.03
C ALA A 417 -7.29 -57.67 69.14
N ARG A 418 -8.55 -57.63 68.69
CA ARG A 418 -9.02 -56.53 67.87
C ARG A 418 -9.01 -55.21 68.65
N TYR A 419 -9.48 -55.24 69.90
CA TYR A 419 -9.58 -54.00 70.67
C TYR A 419 -8.20 -53.45 71.01
N GLU A 420 -7.27 -54.31 71.42
CA GLU A 420 -5.93 -53.84 71.74
C GLU A 420 -5.26 -53.20 70.54
N GLY A 421 -5.65 -53.59 69.33
CA GLY A 421 -5.16 -52.97 68.12
C GLY A 421 -5.84 -51.68 67.73
N GLY A 422 -6.80 -51.22 68.53
CA GLY A 422 -7.48 -49.97 68.23
C GLY A 422 -8.49 -50.04 67.11
N VAL A 423 -8.97 -51.24 66.77
CA VAL A 423 -9.93 -51.37 65.68
C VAL A 423 -11.36 -51.41 66.22
N ASP A 424 -11.57 -52.10 67.33
CA ASP A 424 -12.88 -52.21 67.95
C ASP A 424 -12.91 -51.45 69.26
N ASP A 425 -14.09 -50.97 69.62
CA ASP A 425 -14.25 -50.16 70.83
C ASP A 425 -14.25 -51.07 72.07
N TYR A 426 -14.27 -50.41 73.24
CA TYR A 426 -14.32 -51.14 74.50
C TYR A 426 -15.63 -51.89 74.66
N LEU A 427 -16.70 -51.40 74.03
CA LEU A 427 -18.00 -52.05 74.16
C LEU A 427 -17.97 -53.46 73.60
N ARG A 428 -17.30 -53.66 72.46
CA ARG A 428 -17.24 -55.00 71.87
C ARG A 428 -16.51 -55.98 72.78
N TYR A 429 -15.39 -55.57 73.35
CA TYR A 429 -14.66 -56.44 74.26
C TYR A 429 -15.47 -56.73 75.51
N LEU A 430 -16.16 -55.72 76.05
CA LEU A 430 -16.97 -55.93 77.24
C LEU A 430 -18.14 -56.87 76.95
N ASP A 431 -18.75 -56.73 75.77
CA ASP A 431 -19.85 -57.62 75.41
C ASP A 431 -19.37 -59.04 75.19
N ALA A 432 -18.18 -59.21 74.60
CA ALA A 432 -17.60 -60.54 74.50
C ALA A 432 -17.37 -61.13 75.89
N GLN A 433 -16.95 -60.29 76.84
CA GLN A 433 -16.79 -60.73 78.22
C GLN A 433 -18.09 -61.25 78.78
N ARG A 434 -19.15 -60.46 78.61
CA ARG A 434 -20.45 -60.85 79.13
C ARG A 434 -20.93 -62.15 78.50
N SER A 435 -20.76 -62.29 77.19
CA SER A 435 -21.25 -63.47 76.49
C SER A 435 -20.50 -64.72 76.93
N THR A 436 -19.16 -64.66 76.93
CA THR A 436 -18.39 -65.85 77.28
C THR A 436 -18.62 -66.22 78.74
N PHE A 437 -18.82 -65.22 79.60
CA PHE A 437 -19.02 -65.49 81.01
C PHE A 437 -20.40 -66.10 81.25
N SER A 438 -21.42 -65.62 80.53
CA SER A 438 -22.75 -66.23 80.61
C SER A 438 -22.73 -67.68 80.12
N ASN A 439 -22.01 -67.95 79.03
CA ASN A 439 -21.93 -69.32 78.54
C ASN A 439 -21.18 -70.21 79.54
N GLN A 440 -20.11 -69.69 80.14
CA GLN A 440 -19.34 -70.48 81.09
C GLN A 440 -20.17 -70.81 82.34
N THR A 441 -21.01 -69.88 82.80
CA THR A 441 -21.85 -70.22 83.95
C THR A 441 -23.01 -71.12 83.52
N THR A 442 -23.44 -71.03 82.27
CA THR A 442 -24.48 -71.94 81.81
C THR A 442 -23.97 -73.37 81.74
N LEU A 443 -22.67 -73.53 81.50
CA LEU A 443 -22.05 -74.86 81.55
C LEU A 443 -22.14 -75.46 82.95
N ILE A 444 -22.06 -74.60 83.97
CA ILE A 444 -21.98 -75.03 85.35
C ILE A 444 -23.27 -75.70 85.82
N GLN A 445 -24.42 -75.19 85.39
CA GLN A 445 -25.68 -75.84 85.74
C GLN A 445 -25.73 -77.26 85.20
N ILE A 446 -25.31 -77.44 83.96
CA ILE A 446 -25.30 -78.78 83.37
C ILE A 446 -24.33 -79.69 84.12
N SER A 447 -23.15 -79.17 84.48
CA SER A 447 -22.19 -80.00 85.20
C SER A 447 -22.74 -80.41 86.57
N THR A 448 -23.35 -79.47 87.30
CA THR A 448 -23.92 -79.80 88.60
C THR A 448 -25.06 -80.80 88.47
N GLU A 449 -25.89 -80.63 87.45
CA GLU A 449 -26.99 -81.57 87.23
C GLU A 449 -26.46 -82.96 86.89
N ARG A 450 -25.36 -83.03 86.13
CA ARG A 450 -24.76 -84.32 85.82
C ARG A 450 -24.23 -84.98 87.09
N GLN A 451 -23.59 -84.20 87.96
CA GLN A 451 -23.10 -84.76 89.22
C GLN A 451 -24.25 -85.26 90.08
N ILE A 452 -25.34 -84.49 90.15
CA ILE A 452 -26.50 -84.90 90.94
C ILE A 452 -27.12 -86.15 90.33
N ALA A 453 -27.12 -86.26 89.00
CA ALA A 453 -27.63 -87.46 88.35
C ALA A 453 -26.75 -88.67 88.68
N LEU A 454 -25.44 -88.46 88.74
CA LEU A 454 -24.55 -89.54 89.15
C LEU A 454 -24.84 -89.99 90.58
N VAL A 455 -25.10 -89.04 91.47
CA VAL A 455 -25.46 -89.38 92.84
C VAL A 455 -26.77 -90.15 92.87
N ASP A 456 -27.75 -89.71 92.08
CA ASP A 456 -29.03 -90.42 92.01
C ASP A 456 -28.84 -91.83 91.48
N LEU A 457 -27.93 -92.01 90.52
CA LEU A 457 -27.61 -93.35 90.04
C LEU A 457 -27.02 -94.19 91.17
N PHE A 458 -26.09 -93.62 91.92
CA PHE A 458 -25.47 -94.37 93.03
C PHE A 458 -26.51 -94.79 94.05
N ARG A 459 -27.43 -93.87 94.38
CA ARG A 459 -28.50 -94.20 95.32
C ARG A 459 -29.42 -95.28 94.76
N SER A 460 -29.86 -95.10 93.52
CA SER A 460 -30.81 -96.05 92.93
C SER A 460 -30.16 -97.40 92.65
N LEU A 461 -28.83 -97.46 92.64
CA LEU A 461 -28.15 -98.74 92.53
C LEU A 461 -27.92 -99.41 93.88
N GLY A 462 -28.31 -98.75 94.97
CA GLY A 462 -28.11 -99.31 96.29
C GLY A 462 -26.78 -98.93 96.90
N ALA B 61 -56.52 -54.98 105.48
CA ALA B 61 -57.76 -54.85 106.23
C ALA B 61 -58.72 -55.99 105.89
N ASP B 62 -58.88 -56.27 104.59
CA ASP B 62 -59.70 -57.39 104.16
C ASP B 62 -59.12 -58.70 104.65
N LEU B 63 -57.81 -58.73 104.92
CA LEU B 63 -57.12 -59.96 105.24
C LEU B 63 -57.58 -60.51 106.58
N ARG B 64 -57.78 -59.63 107.57
CA ARG B 64 -58.29 -60.07 108.87
C ARG B 64 -59.69 -60.63 108.75
N ARG B 65 -60.51 -60.01 107.89
CA ARG B 65 -61.86 -60.53 107.65
C ARG B 65 -61.80 -61.91 107.02
N ALA B 66 -60.88 -62.12 106.06
CA ALA B 66 -60.72 -63.43 105.44
C ALA B 66 -60.28 -64.46 106.47
N VAL B 67 -59.36 -64.07 107.36
CA VAL B 67 -58.92 -64.98 108.42
C VAL B 67 -60.08 -65.35 109.33
N ASP B 68 -60.89 -64.36 109.71
CA ASP B 68 -62.04 -64.63 110.57
C ASP B 68 -63.04 -65.57 109.88
N THR B 69 -63.30 -65.34 108.60
CA THR B 69 -64.21 -66.20 107.86
C THR B 69 -63.68 -67.63 107.78
N ALA B 70 -62.37 -67.77 107.54
CA ALA B 70 -61.77 -69.10 107.51
C ALA B 70 -61.90 -69.79 108.86
N LEU B 71 -61.65 -69.05 109.95
CA LEU B 71 -61.83 -69.63 111.28
C LEU B 71 -63.26 -70.06 111.50
N SER B 72 -64.22 -69.30 110.97
CA SER B 72 -65.62 -69.62 111.18
C SER B 72 -66.09 -70.83 110.36
N ASN B 73 -65.57 -70.99 109.13
CA ASN B 73 -66.20 -71.89 108.17
C ASN B 73 -65.29 -72.97 107.59
N ASN B 74 -63.98 -72.90 107.79
CA ASN B 74 -63.10 -73.87 107.13
C ASN B 74 -63.37 -75.28 107.65
N ARG B 75 -63.24 -76.25 106.75
CA ARG B 75 -63.59 -77.63 107.05
C ARG B 75 -62.45 -78.41 107.69
N SER B 76 -61.22 -78.26 107.20
CA SER B 76 -60.09 -78.92 107.85
C SER B 76 -59.86 -78.35 109.25
N LEU B 77 -60.13 -77.05 109.42
CA LEU B 77 -60.04 -76.46 110.75
C LEU B 77 -61.09 -77.05 111.68
N ARG B 78 -62.30 -77.30 111.16
CA ARG B 78 -63.30 -78.00 111.94
C ARG B 78 -62.83 -79.41 112.28
N GLN B 79 -62.17 -80.07 111.34
CA GLN B 79 -61.61 -81.40 111.61
C GLN B 79 -60.62 -81.35 112.76
N ALA B 80 -59.73 -80.36 112.75
CA ALA B 80 -58.74 -80.24 113.83
C ALA B 80 -59.40 -79.91 115.16
N LEU B 81 -60.37 -78.99 115.16
CA LEU B 81 -61.05 -78.63 116.39
C LEU B 81 -61.81 -79.82 116.95
N LEU B 82 -62.40 -80.64 116.08
CA LEU B 82 -63.06 -81.86 116.54
C LEU B 82 -62.06 -82.89 117.02
N ASP B 83 -60.90 -82.98 116.38
CA ASP B 83 -59.86 -83.87 116.89
C ASP B 83 -59.42 -83.47 118.28
N ILE B 84 -59.47 -82.17 118.59
CA ILE B 84 -59.24 -81.73 119.97
C ILE B 84 -60.25 -82.38 120.91
N GLU B 85 -61.54 -82.36 120.53
CA GLU B 85 -62.56 -82.98 121.36
C GLU B 85 -62.37 -84.49 121.45
N ALA B 86 -61.94 -85.12 120.36
CA ALA B 86 -61.69 -86.55 120.38
C ALA B 86 -60.56 -86.91 121.34
N ALA B 87 -59.48 -86.14 121.29
CA ALA B 87 -58.37 -86.36 122.21
C ALA B 87 -58.81 -86.11 123.65
N ARG B 88 -59.66 -85.10 123.86
CA ARG B 88 -60.21 -84.87 125.20
C ARG B 88 -61.04 -86.06 125.66
N ALA B 89 -61.84 -86.63 124.76
CA ALA B 89 -62.65 -87.80 125.12
C ALA B 89 -61.78 -89.00 125.45
N GLN B 90 -60.71 -89.22 124.69
CA GLN B 90 -59.80 -90.32 125.00
C GLN B 90 -59.09 -90.08 126.33
N TYR B 91 -58.73 -88.83 126.61
CA TYR B 91 -58.13 -88.51 127.90
C TYR B 91 -59.10 -88.79 129.04
N ARG B 92 -60.37 -88.45 128.84
CA ARG B 92 -61.39 -88.77 129.85
C ARG B 92 -61.54 -90.28 130.00
N ILE B 93 -61.46 -91.02 128.89
CA ILE B 93 -61.49 -92.48 128.95
C ILE B 93 -60.38 -92.98 129.87
N GLN B 94 -59.15 -92.54 129.62
CA GLN B 94 -58.01 -93.09 130.32
C GLN B 94 -57.99 -92.61 131.78
N ARG B 95 -58.57 -91.42 132.03
CA ARG B 95 -58.63 -90.89 133.38
C ARG B 95 -59.70 -91.57 134.22
N ALA B 96 -60.82 -91.96 133.60
CA ALA B 96 -61.89 -92.62 134.34
C ALA B 96 -61.44 -93.98 134.87
N ASP B 97 -60.41 -94.56 134.25
CA ASP B 97 -59.87 -95.82 134.74
C ASP B 97 -59.30 -95.71 136.14
N ARG B 98 -58.99 -94.50 136.59
CA ARG B 98 -58.36 -94.33 137.90
C ARG B 98 -59.32 -94.57 139.06
N LEU B 99 -60.62 -94.64 138.79
CA LEU B 99 -61.61 -94.79 139.86
C LEU B 99 -62.17 -96.20 139.85
N PRO B 100 -62.61 -96.74 140.98
CA PRO B 100 -63.17 -98.09 140.99
C PRO B 100 -64.41 -98.22 140.13
N SER B 101 -64.57 -99.37 139.48
CA SER B 101 -65.72 -99.63 138.63
C SER B 101 -66.65 -100.62 139.32
N ILE B 102 -67.91 -100.24 139.47
CA ILE B 102 -68.94 -101.09 140.06
C ILE B 102 -69.96 -101.40 138.98
N ASN B 103 -70.44 -102.63 138.93
CA ASN B 103 -71.34 -103.09 137.89
C ASN B 103 -72.43 -103.98 138.49
N ALA B 104 -73.65 -103.81 138.00
CA ALA B 104 -74.75 -104.66 138.44
C ALA B 104 -74.67 -105.99 137.70
N ASN B 105 -74.54 -107.09 138.46
CA ASN B 105 -74.39 -108.41 137.89
C ASN B 105 -75.51 -109.33 138.36
N ALA B 106 -76.15 -109.98 137.39
CA ALA B 106 -77.17 -110.99 137.65
C ALA B 106 -76.85 -112.21 136.82
N SER B 107 -76.68 -113.35 137.48
CA SER B 107 -76.30 -114.60 136.83
C SER B 107 -77.12 -115.74 137.41
N GLY B 108 -77.31 -116.77 136.60
CA GLY B 108 -77.92 -118.00 137.08
C GLY B 108 -77.27 -119.21 136.47
N ASN B 109 -76.72 -120.09 137.31
CA ASN B 109 -76.03 -121.29 136.86
C ASN B 109 -76.85 -122.51 137.23
N ARG B 110 -77.20 -123.30 136.22
CA ARG B 110 -77.96 -124.54 136.41
C ARG B 110 -77.16 -125.68 135.80
N GLN B 111 -76.75 -126.63 136.64
CA GLN B 111 -75.84 -127.70 136.23
C GLN B 111 -76.17 -128.96 137.01
N ARG B 112 -75.92 -130.11 136.36
CA ARG B 112 -76.03 -131.40 137.02
C ARG B 112 -75.45 -132.52 136.16
N LEU B 113 -75.02 -133.60 136.81
CA LEU B 113 -74.23 -134.62 136.12
C LEU B 113 -75.04 -135.55 135.23
N PRO B 114 -76.26 -135.99 135.57
CA PRO B 114 -77.04 -136.77 134.61
C PRO B 114 -77.75 -135.89 133.59
N ALA B 115 -78.51 -136.54 132.71
CA ALA B 115 -79.12 -135.88 131.56
C ALA B 115 -80.62 -135.68 131.79
N ASP B 116 -81.25 -134.98 130.84
CA ASP B 116 -82.63 -134.50 130.93
C ASP B 116 -82.78 -133.45 132.03
N LEU B 117 -83.69 -133.70 132.96
CA LEU B 117 -83.90 -132.87 134.15
C LEU B 117 -83.97 -131.38 133.82
N SER B 118 -84.97 -131.00 133.04
CA SER B 118 -85.24 -129.59 132.78
C SER B 118 -86.52 -129.18 133.48
N GLN B 119 -86.53 -127.95 134.00
CA GLN B 119 -87.69 -127.37 134.69
C GLN B 119 -88.09 -128.23 135.90
N THR B 120 -87.17 -128.24 136.88
CA THR B 120 -87.31 -129.02 138.11
C THR B 120 -87.34 -130.52 137.81
N GLY B 121 -86.33 -130.99 137.08
CA GLY B 121 -86.27 -132.40 136.75
C GLY B 121 -85.91 -133.25 137.94
N ARG B 122 -86.10 -134.56 137.78
CA ARG B 122 -85.94 -135.50 138.89
C ARG B 122 -84.49 -135.97 138.98
N SER B 123 -83.67 -135.19 139.70
CA SER B 123 -82.28 -135.53 139.94
C SER B 123 -81.68 -134.62 141.00
N GLU B 124 -80.36 -134.66 141.13
CA GLU B 124 -79.62 -133.80 142.05
C GLU B 124 -79.33 -132.42 141.45
N VAL B 125 -80.17 -131.97 140.51
CA VAL B 125 -79.98 -130.71 139.78
C VAL B 125 -79.58 -129.59 140.72
N THR B 126 -78.46 -128.94 140.42
CA THR B 126 -78.03 -127.81 141.22
C THR B 126 -78.27 -126.51 140.46
N SER B 127 -79.01 -125.61 141.10
CA SER B 127 -79.29 -124.30 140.55
C SER B 127 -78.88 -123.24 141.56
N ASN B 128 -78.17 -122.22 141.09
CA ASN B 128 -77.88 -121.05 141.91
C ASN B 128 -78.19 -119.81 141.09
N TYR B 129 -78.68 -118.78 141.77
CA TYR B 129 -79.08 -117.54 141.12
C TYR B 129 -78.63 -116.38 141.98
N GLN B 130 -77.73 -115.56 141.44
CA GLN B 130 -77.10 -114.48 142.18
C GLN B 130 -77.37 -113.16 141.48
N VAL B 131 -77.99 -112.23 142.20
CA VAL B 131 -78.28 -110.90 141.67
C VAL B 131 -77.77 -109.87 142.66
N GLY B 132 -77.00 -108.91 142.18
CA GLY B 132 -76.49 -107.89 143.09
C GLY B 132 -75.52 -106.96 142.40
N LEU B 133 -74.70 -106.30 143.22
CA LEU B 133 -73.69 -105.37 142.75
C LEU B 133 -72.32 -106.02 142.92
N GLY B 134 -71.41 -105.73 141.99
CA GLY B 134 -70.09 -106.32 142.02
C GLY B 134 -69.01 -105.34 141.60
N LEU B 135 -67.95 -105.28 142.41
CA LEU B 135 -66.74 -104.56 142.07
C LEU B 135 -65.86 -105.51 141.29
N ALA B 136 -65.76 -105.27 139.98
CA ALA B 136 -65.16 -106.21 139.06
C ALA B 136 -63.69 -105.85 138.83
N GLU B 137 -62.81 -106.55 139.56
CA GLU B 137 -61.36 -106.48 139.34
C GLU B 137 -60.84 -105.04 139.40
N TYR B 138 -61.29 -104.29 140.41
CA TYR B 138 -60.78 -102.94 140.62
C TYR B 138 -59.31 -103.04 140.99
N GLU B 139 -58.44 -102.50 140.15
CA GLU B 139 -57.01 -102.59 140.43
C GLU B 139 -56.61 -101.56 141.48
N VAL B 140 -56.23 -102.04 142.65
CA VAL B 140 -55.47 -101.26 143.61
C VAL B 140 -54.04 -101.18 143.10
N ASP B 141 -53.57 -99.96 142.86
CA ASP B 141 -52.39 -99.72 142.06
C ASP B 141 -51.27 -99.18 142.94
N LEU B 142 -50.22 -99.97 143.10
CA LEU B 142 -49.05 -99.53 143.85
C LEU B 142 -48.34 -98.38 143.15
N PHE B 143 -48.23 -98.46 141.81
CA PHE B 143 -47.48 -97.48 141.04
C PHE B 143 -48.35 -96.54 140.22
N GLY B 144 -49.63 -96.84 140.06
CA GLY B 144 -50.46 -95.97 139.24
C GLY B 144 -50.12 -96.00 137.76
N ARG B 145 -50.00 -97.20 137.20
CA ARG B 145 -49.85 -97.33 135.75
C ARG B 145 -51.08 -96.72 135.08
N VAL B 146 -52.23 -96.83 135.75
CA VAL B 146 -53.43 -96.15 135.29
C VAL B 146 -53.21 -94.64 135.28
N ARG B 147 -52.55 -94.12 136.32
CA ARG B 147 -52.22 -92.70 136.34
C ARG B 147 -51.28 -92.35 135.20
N ASN B 148 -50.31 -93.21 134.91
CA ASN B 148 -49.36 -92.93 133.84
C ASN B 148 -50.05 -92.92 132.47
N LEU B 149 -50.97 -93.87 132.23
CA LEU B 149 -51.71 -93.87 130.98
C LEU B 149 -52.65 -92.67 130.88
N SER B 150 -53.23 -92.26 132.00
CA SER B 150 -54.04 -91.04 131.98
C SER B 150 -53.19 -89.82 131.63
N GLU B 151 -51.99 -89.75 132.19
CA GLU B 151 -51.08 -88.66 131.87
C GLU B 151 -50.65 -88.70 130.41
N ALA B 152 -50.41 -89.89 129.87
CA ALA B 152 -50.08 -90.02 128.46
C ALA B 152 -51.21 -89.55 127.57
N ALA B 153 -52.45 -89.90 127.93
CA ALA B 153 -53.60 -89.41 127.19
C ALA B 153 -53.74 -87.90 127.28
N LEU B 154 -53.47 -87.33 128.46
CA LEU B 154 -53.52 -85.88 128.62
C LEU B 154 -52.48 -85.19 127.75
N GLU B 155 -51.27 -85.74 127.71
CA GLU B 155 -50.22 -85.18 126.85
C GLU B 155 -50.60 -85.31 125.39
N THR B 156 -51.22 -86.42 125.01
CA THR B 156 -51.70 -86.57 123.64
C THR B 156 -52.74 -85.52 123.30
N TYR B 157 -53.65 -85.24 124.25
CA TYR B 157 -54.66 -84.21 124.02
C TYR B 157 -54.03 -82.83 123.86
N LEU B 158 -53.02 -82.52 124.70
CA LEU B 158 -52.33 -81.25 124.57
C LEU B 158 -51.61 -81.15 123.22
N ALA B 159 -50.99 -82.24 122.78
CA ALA B 159 -50.35 -82.26 121.48
C ALA B 159 -51.37 -82.06 120.36
N THR B 160 -52.55 -82.65 120.51
CA THR B 160 -53.61 -82.46 119.53
C THR B 160 -54.05 -81.00 119.48
N GLU B 161 -54.17 -80.35 120.63
CA GLU B 161 -54.53 -78.93 120.65
C GLU B 161 -53.47 -78.09 119.95
N GLU B 162 -52.19 -78.37 120.23
CA GLU B 162 -51.13 -77.61 119.57
C GLU B 162 -51.11 -77.87 118.06
N ALA B 163 -51.37 -79.11 117.65
CA ALA B 163 -51.43 -79.43 116.22
C ALA B 163 -52.61 -78.72 115.56
N THR B 164 -53.73 -78.60 116.27
CA THR B 164 -54.86 -77.83 115.75
C THR B 164 -54.49 -76.36 115.56
N ARG B 165 -53.75 -75.79 116.53
CA ARG B 165 -53.27 -74.42 116.36
C ARG B 165 -52.37 -74.29 115.14
N ALA B 166 -51.47 -75.27 114.96
CA ALA B 166 -50.59 -75.24 113.79
C ALA B 166 -51.37 -75.34 112.49
N THR B 167 -52.39 -76.20 112.45
CA THR B 167 -53.24 -76.30 111.27
C THR B 167 -53.97 -74.99 111.00
N GLN B 168 -54.43 -74.34 112.06
CA GLN B 168 -55.05 -73.02 111.93
C GLN B 168 -54.09 -72.04 111.27
N ILE B 169 -52.85 -71.98 111.75
CA ILE B 169 -51.88 -71.05 111.19
C ILE B 169 -51.60 -71.39 109.73
N SER B 170 -51.48 -72.69 109.42
CA SER B 170 -51.20 -73.11 108.06
C SER B 170 -52.31 -72.72 107.11
N LEU B 171 -53.57 -72.93 107.52
CA LEU B 171 -54.69 -72.55 106.68
C LEU B 171 -54.72 -71.04 106.46
N VAL B 172 -54.45 -70.28 107.53
CA VAL B 172 -54.40 -68.82 107.39
C VAL B 172 -53.36 -68.42 106.35
N ALA B 173 -52.14 -68.95 106.49
CA ALA B 173 -51.07 -68.56 105.58
C ALA B 173 -51.39 -68.95 104.14
N GLU B 174 -52.03 -70.11 103.96
CA GLU B 174 -52.43 -70.52 102.62
C GLU B 174 -53.44 -69.52 102.03
N VAL B 175 -54.39 -69.08 102.85
CA VAL B 175 -55.38 -68.11 102.37
C VAL B 175 -54.69 -66.82 101.94
N ILE B 176 -53.77 -66.34 102.77
CA ILE B 176 -53.07 -65.09 102.45
C ILE B 176 -52.29 -65.23 101.14
N GLN B 177 -51.59 -66.35 100.98
CA GLN B 177 -50.81 -66.57 99.77
C GLN B 177 -51.69 -66.62 98.53
N ALA B 178 -52.83 -67.30 98.62
CA ALA B 178 -53.73 -67.36 97.48
C ALA B 178 -54.27 -65.97 97.13
N TYR B 179 -54.61 -65.18 98.15
CA TYR B 179 -55.11 -63.83 97.89
C TYR B 179 -54.06 -62.98 97.19
N LEU B 180 -52.81 -63.05 97.66
CA LEU B 180 -51.75 -62.27 97.04
C LEU B 180 -51.48 -62.72 95.62
N THR B 181 -51.53 -64.02 95.37
CA THR B 181 -51.38 -64.54 94.01
C THR B 181 -52.49 -64.01 93.11
N ARG B 182 -53.73 -63.96 93.63
CA ARG B 182 -54.83 -63.43 92.83
C ARG B 182 -54.60 -61.96 92.49
N ASP B 183 -54.12 -61.17 93.45
CA ASP B 183 -53.85 -59.76 93.18
C ASP B 183 -52.80 -59.61 92.09
N GLY B 184 -51.69 -60.34 92.20
CA GLY B 184 -50.66 -60.28 91.17
C GLY B 184 -51.18 -60.72 89.82
N ALA B 185 -52.03 -61.74 89.80
CA ALA B 185 -52.60 -62.21 88.54
C ALA B 185 -53.50 -61.15 87.90
N LEU B 186 -54.26 -60.42 88.72
CA LEU B 186 -55.09 -59.34 88.18
C LEU B 186 -54.23 -58.26 87.54
N ARG B 187 -53.14 -57.87 88.21
CA ARG B 187 -52.23 -56.89 87.62
C ARG B 187 -51.66 -57.40 86.30
N ARG B 188 -51.21 -58.66 86.29
CA ARG B 188 -50.68 -59.24 85.06
C ARG B 188 -51.74 -59.28 83.97
N MET B 189 -53.00 -59.48 84.33
CA MET B 189 -54.06 -59.48 83.33
C MET B 189 -54.23 -58.13 82.68
N ALA B 190 -54.35 -57.07 83.47
CA ALA B 190 -54.43 -55.74 82.86
C ALA B 190 -53.23 -55.49 81.96
N LEU B 191 -52.05 -55.91 82.44
CA LEU B 191 -50.82 -55.73 81.69
C LEU B 191 -50.88 -56.40 80.32
N VAL B 192 -51.12 -57.71 80.31
CA VAL B 192 -51.07 -58.46 79.05
C VAL B 192 -52.22 -58.02 78.13
N GLU B 193 -53.34 -57.59 78.70
CA GLU B 193 -54.41 -57.08 77.84
C GLU B 193 -53.95 -55.87 77.05
N GLN B 194 -53.36 -54.89 77.73
CA GLN B 194 -52.91 -53.71 76.99
C GLN B 194 -51.72 -54.03 76.08
N THR B 195 -50.90 -55.01 76.47
CA THR B 195 -49.80 -55.45 75.61
C THR B 195 -50.32 -56.04 74.30
N LEU B 196 -51.36 -56.86 74.40
CA LEU B 196 -51.99 -57.40 73.21
C LEU B 196 -52.57 -56.28 72.37
N ASP B 197 -53.17 -55.27 73.02
CA ASP B 197 -53.67 -54.11 72.29
C ASP B 197 -52.55 -53.46 71.48
N SER B 198 -51.38 -53.29 72.08
CA SER B 198 -50.24 -52.74 71.38
C SER B 198 -49.84 -53.60 70.20
N ARG B 199 -49.84 -54.93 70.40
CA ARG B 199 -49.50 -55.84 69.31
C ARG B 199 -50.46 -55.71 68.14
N MET B 200 -51.76 -55.63 68.42
CA MET B 200 -52.72 -55.50 67.33
C MET B 200 -52.61 -54.16 66.64
N ALA B 201 -52.28 -53.10 67.39
CA ALA B 201 -52.04 -51.81 66.75
C ALA B 201 -50.88 -51.90 65.78
N SER B 202 -49.78 -52.53 66.21
CA SER B 202 -48.64 -52.69 65.31
C SER B 202 -49.00 -53.55 64.10
N LEU B 203 -49.77 -54.62 64.31
CA LEU B 203 -50.17 -55.48 63.20
C LEU B 203 -51.03 -54.72 62.19
N GLU B 204 -51.98 -53.93 62.68
CA GLU B 204 -52.82 -53.13 61.78
C GLU B 204 -51.97 -52.15 60.99
N LEU B 205 -51.02 -51.48 61.66
CA LEU B 205 -50.18 -50.52 60.97
C LEU B 205 -49.33 -51.20 59.91
N VAL B 206 -48.78 -52.37 60.22
CA VAL B 206 -47.93 -53.08 59.26
C VAL B 206 -48.76 -53.58 58.09
N SER B 207 -49.98 -54.04 58.35
CA SER B 207 -50.85 -54.47 57.26
C SER B 207 -51.19 -53.30 56.34
N GLN B 208 -51.45 -52.13 56.92
CA GLN B 208 -51.74 -50.95 56.11
C GLN B 208 -50.52 -50.54 55.30
N ARG B 209 -49.32 -50.66 55.87
CA ARG B 209 -48.10 -50.37 55.12
C ARG B 209 -47.91 -51.34 53.97
N ARG B 210 -48.01 -52.65 54.16
CA ARG B 210 -47.92 -53.58 53.01
C ARG B 210 -49.01 -53.27 51.98
N ALA B 211 -50.25 -52.97 52.38
CA ALA B 211 -51.24 -52.66 51.36
C ALA B 211 -50.78 -51.55 50.43
N ALA B 212 -49.98 -50.61 50.94
CA ALA B 212 -49.45 -49.52 50.13
C ALA B 212 -48.15 -49.89 49.44
N GLY B 213 -47.61 -51.09 49.68
CA GLY B 213 -46.39 -51.53 49.03
C GLY B 213 -45.11 -51.05 49.66
N ALA B 214 -45.17 -50.36 50.79
CA ALA B 214 -43.97 -49.88 51.46
C ALA B 214 -43.34 -50.92 52.37
N ALA B 215 -43.98 -52.06 52.56
CA ALA B 215 -43.46 -53.12 53.42
C ALA B 215 -43.56 -54.46 52.69
N THR B 216 -42.60 -55.33 52.99
CA THR B 216 -42.59 -56.67 52.40
C THR B 216 -43.56 -57.59 53.14
N ALA B 217 -43.88 -58.71 52.51
CA ALA B 217 -44.73 -59.70 53.17
C ALA B 217 -44.03 -60.34 54.36
N LEU B 218 -42.70 -60.33 54.37
CA LEU B 218 -41.97 -60.87 55.51
C LEU B 218 -42.25 -60.04 56.77
N ASP B 219 -42.32 -58.72 56.63
CA ASP B 219 -42.63 -57.87 57.77
C ASP B 219 -44.04 -58.11 58.27
N TYR B 220 -45.00 -58.30 57.36
CA TYR B 220 -46.35 -58.62 57.77
C TYR B 220 -46.39 -59.95 58.50
N GLN B 221 -45.63 -60.93 58.02
CA GLN B 221 -45.59 -62.23 58.68
C GLN B 221 -44.98 -62.13 60.07
N GLU B 222 -43.91 -61.36 60.25
CA GLU B 222 -43.32 -61.22 61.58
C GLU B 222 -44.26 -60.49 62.52
N ALA B 223 -44.99 -59.49 62.02
CA ALA B 223 -45.99 -58.83 62.85
C ALA B 223 -47.08 -59.80 63.27
N VAL B 224 -47.54 -60.63 62.34
CA VAL B 224 -48.57 -61.62 62.67
C VAL B 224 -48.04 -62.59 63.72
N GLY B 225 -46.80 -63.03 63.56
CA GLY B 225 -46.21 -63.94 64.52
C GLY B 225 -46.12 -63.33 65.91
N LEU B 226 -45.71 -62.07 65.99
CA LEU B 226 -45.63 -61.41 67.29
C LEU B 226 -47.01 -61.28 67.93
N ALA B 227 -48.02 -60.92 67.14
CA ALA B 227 -49.37 -60.82 67.70
C ALA B 227 -49.87 -62.17 68.20
N GLU B 228 -49.63 -63.23 67.43
CA GLU B 228 -50.03 -64.57 67.88
C GLU B 228 -49.29 -64.98 69.13
N GLN B 229 -48.01 -64.61 69.25
CA GLN B 229 -47.24 -64.91 70.45
C GLN B 229 -47.84 -64.21 71.66
N ALA B 230 -48.23 -62.94 71.50
CA ALA B 230 -48.83 -62.19 72.59
C ALA B 230 -50.16 -62.80 73.02
N ARG B 231 -50.94 -63.29 72.04
CA ARG B 231 -52.20 -63.93 72.34
C ARG B 231 -52.00 -65.15 73.25
N ALA B 232 -50.95 -65.93 72.97
CA ALA B 232 -50.66 -67.09 73.79
C ALA B 232 -50.33 -66.69 75.23
N GLU B 233 -49.56 -65.61 75.40
CA GLU B 233 -49.30 -65.11 76.73
C GLU B 233 -50.57 -64.69 77.45
N ARG B 234 -51.48 -64.04 76.72
CA ARG B 234 -52.76 -63.65 77.32
C ARG B 234 -53.53 -64.88 77.79
N GLU B 235 -53.58 -65.92 76.96
CA GLU B 235 -54.27 -67.15 77.34
C GLU B 235 -53.64 -67.79 78.57
N SER B 236 -52.30 -67.83 78.62
CA SER B 236 -51.62 -68.43 79.77
C SER B 236 -51.93 -67.65 81.04
N THR B 237 -51.94 -66.32 80.95
CA THR B 237 -52.23 -65.52 82.15
C THR B 237 -53.68 -65.70 82.57
N GLU B 238 -54.58 -65.93 81.60
CA GLU B 238 -55.97 -66.20 81.94
C GLU B 238 -56.11 -67.50 82.70
N ARG B 239 -55.39 -68.51 82.24
CA ARG B 239 -55.38 -69.78 82.95
C ARG B 239 -54.85 -69.60 84.36
N GLN B 240 -53.76 -68.82 84.51
CA GLN B 240 -53.20 -68.60 85.84
C GLN B 240 -54.20 -67.89 86.76
N LEU B 241 -54.86 -66.85 86.25
CA LEU B 241 -55.81 -66.10 87.07
C LEU B 241 -56.99 -66.97 87.48
N ARG B 242 -57.52 -67.76 86.54
CA ARG B 242 -58.63 -68.65 86.89
C ARG B 242 -58.21 -69.69 87.92
N GLN B 243 -57.00 -70.24 87.79
CA GLN B 243 -56.52 -71.21 88.77
C GLN B 243 -56.35 -70.56 90.15
N ALA B 244 -55.88 -69.31 90.18
CA ALA B 244 -55.78 -68.61 91.46
C ALA B 244 -57.15 -68.41 92.10
N ASP B 245 -58.14 -68.02 91.30
CA ASP B 245 -59.49 -67.86 91.82
C ASP B 245 -60.02 -69.18 92.35
N ASN B 246 -59.74 -70.27 91.63
CA ASN B 246 -60.16 -71.60 92.08
C ASN B 246 -59.50 -71.96 93.41
N ALA B 247 -58.22 -71.64 93.56
CA ALA B 247 -57.52 -71.92 94.82
C ALA B 247 -58.15 -71.13 95.96
N LEU B 248 -58.48 -69.86 95.71
CA LEU B 248 -59.11 -69.05 96.76
C LEU B 248 -60.48 -69.62 97.14
N VAL B 249 -61.27 -70.03 96.14
CA VAL B 249 -62.60 -70.56 96.45
C VAL B 249 -62.49 -71.89 97.19
N LEU B 250 -61.43 -72.65 96.93
CA LEU B 250 -61.22 -73.88 97.68
C LEU B 250 -60.82 -73.58 99.12
N LEU B 251 -59.94 -72.61 99.31
CA LEU B 251 -59.45 -72.32 100.65
C LEU B 251 -60.53 -71.71 101.54
N LEU B 252 -61.31 -70.78 101.00
CA LEU B 252 -62.31 -70.09 101.82
C LEU B 252 -63.44 -71.02 102.26
N GLY B 253 -63.72 -72.08 101.50
CA GLY B 253 -64.70 -73.05 101.92
C GLY B 253 -66.14 -72.62 101.84
N THR B 254 -66.46 -71.64 101.00
CA THR B 254 -67.84 -71.22 100.80
C THR B 254 -68.11 -71.02 99.32
N PRO B 255 -69.30 -71.41 98.84
CA PRO B 255 -69.63 -71.17 97.42
C PRO B 255 -69.69 -69.70 97.05
N ASP B 256 -69.90 -68.81 98.01
CA ASP B 256 -69.96 -67.38 97.77
C ASP B 256 -68.62 -66.69 98.02
N ALA B 257 -67.51 -67.42 97.96
CA ALA B 257 -66.20 -66.83 98.18
C ALA B 257 -65.88 -65.78 97.13
N ALA B 258 -66.31 -66.02 95.89
CA ALA B 258 -65.99 -65.10 94.80
C ALA B 258 -66.68 -63.76 94.97
N ARG B 259 -67.63 -63.65 95.89
CA ARG B 259 -68.24 -62.36 96.18
C ARG B 259 -67.51 -61.61 97.28
N LEU B 260 -66.64 -62.28 98.04
CA LEU B 260 -65.92 -61.64 99.13
C LEU B 260 -64.57 -61.08 98.72
N LEU B 261 -64.22 -61.17 97.44
CA LEU B 261 -62.91 -60.66 97.04
C LEU B 261 -63.04 -59.45 96.14
N PRO B 262 -62.06 -58.53 96.15
CA PRO B 262 -62.13 -57.38 95.24
C PRO B 262 -61.80 -57.79 93.82
N ALA B 263 -62.59 -57.29 92.88
CA ALA B 263 -62.43 -57.66 91.48
C ALA B 263 -61.24 -56.99 90.81
N THR B 264 -60.67 -55.95 91.43
CA THR B 264 -59.60 -55.15 90.85
C THR B 264 -58.42 -55.09 91.82
N PRO B 265 -57.18 -55.21 91.32
CA PRO B 265 -56.03 -55.19 92.23
C PRO B 265 -55.81 -53.81 92.85
N ARG B 266 -55.16 -53.83 94.01
CA ARG B 266 -54.88 -52.62 94.78
C ARG B 266 -53.39 -52.50 95.04
N ASP B 267 -52.91 -51.27 95.12
CA ASP B 267 -51.51 -51.00 95.41
C ASP B 267 -51.24 -50.89 96.90
N ASP B 268 -52.25 -51.09 97.75
CA ASP B 268 -52.06 -50.91 99.19
C ASP B 268 -51.26 -52.06 99.79
N LEU B 269 -50.74 -51.77 101.00
CA LEU B 269 -49.95 -52.80 101.73
C LEU B 269 -50.92 -53.84 102.29
N MET B 270 -50.56 -55.12 102.17
CA MET B 270 -51.40 -56.21 102.66
C MET B 270 -50.84 -56.85 103.92
N VAL B 271 -49.53 -57.12 103.98
CA VAL B 271 -48.91 -57.72 105.15
C VAL B 271 -47.65 -56.95 105.50
N LEU B 272 -47.29 -56.99 106.79
CA LEU B 272 -46.15 -56.23 107.28
C LEU B 272 -44.88 -56.64 106.54
N GLN B 273 -44.04 -55.65 106.22
CA GLN B 273 -42.92 -55.86 105.32
C GLN B 273 -41.63 -56.27 106.02
N ASP B 274 -41.44 -55.87 107.28
CA ASP B 274 -40.21 -56.18 108.00
C ASP B 274 -40.56 -56.91 109.29
N ILE B 275 -39.95 -58.09 109.49
CA ILE B 275 -40.18 -58.92 110.65
C ILE B 275 -38.83 -59.31 111.23
N ALA B 276 -38.69 -59.16 112.55
CA ALA B 276 -37.46 -59.55 113.24
C ALA B 276 -37.58 -61.00 113.69
N PRO B 277 -36.67 -61.89 113.28
CA PRO B 277 -36.79 -63.30 113.69
C PRO B 277 -36.46 -63.57 115.14
N GLY B 278 -35.74 -62.67 115.80
CA GLY B 278 -35.34 -62.94 117.18
C GLY B 278 -34.27 -64.03 117.24
N THR B 279 -34.24 -64.71 118.37
CA THR B 279 -33.28 -65.78 118.61
C THR B 279 -33.91 -67.15 118.36
N SER B 280 -33.04 -68.13 118.13
CA SER B 280 -33.51 -69.49 117.88
C SER B 280 -34.26 -70.06 119.07
N SER B 281 -33.84 -69.73 120.29
CA SER B 281 -34.54 -70.19 121.47
C SER B 281 -35.96 -69.68 121.50
N GLU B 282 -36.19 -68.45 121.03
CA GLU B 282 -37.54 -67.91 120.94
C GLU B 282 -38.38 -68.66 119.92
N LEU B 283 -37.78 -69.06 118.79
CA LEU B 283 -38.48 -69.90 117.82
C LEU B 283 -38.85 -71.25 118.43
N ILE B 284 -37.96 -71.79 119.26
CA ILE B 284 -38.23 -73.07 119.91
C ILE B 284 -39.42 -72.96 120.85
N GLU B 285 -39.63 -71.78 121.43
CA GLU B 285 -40.65 -71.61 122.45
C GLU B 285 -42.01 -71.16 121.91
N ARG B 286 -42.14 -70.91 120.61
CA ARG B 286 -43.38 -70.32 120.10
C ARG B 286 -43.99 -71.07 118.92
N ARG B 287 -43.21 -71.78 118.13
CA ARG B 287 -43.75 -72.43 116.94
C ARG B 287 -44.62 -73.62 117.32
N PRO B 288 -45.88 -73.67 116.87
CA PRO B 288 -46.79 -74.72 117.37
C PRO B 288 -46.36 -76.15 117.04
N ASP B 289 -45.73 -76.39 115.89
CA ASP B 289 -45.36 -77.76 115.56
C ASP B 289 -44.27 -78.29 116.49
N ILE B 290 -43.33 -77.42 116.88
CA ILE B 290 -42.33 -77.79 117.86
C ILE B 290 -42.99 -78.11 119.20
N LEU B 291 -44.02 -77.34 119.56
CA LEU B 291 -44.75 -77.62 120.79
C LEU B 291 -45.45 -78.98 120.72
N ALA B 292 -46.03 -79.30 119.55
CA ALA B 292 -46.66 -80.60 119.38
C ALA B 292 -45.65 -81.72 119.49
N SER B 293 -44.46 -81.52 118.91
CA SER B 293 -43.40 -82.52 119.04
C SER B 293 -42.98 -82.70 120.49
N GLU B 294 -42.84 -81.60 121.23
CA GLU B 294 -42.46 -81.70 122.64
C GLU B 294 -43.53 -82.43 123.45
N HIS B 295 -44.80 -82.14 123.16
CA HIS B 295 -45.89 -82.82 123.87
C HIS B 295 -45.92 -84.31 123.55
N ARG B 296 -45.67 -84.67 122.28
CA ARG B 296 -45.58 -86.07 121.93
C ARG B 296 -44.41 -86.75 122.62
N LEU B 297 -43.28 -86.04 122.75
CA LEU B 297 -42.16 -86.57 123.52
C LEU B 297 -42.54 -86.81 124.97
N LYS B 298 -43.31 -85.89 125.55
CA LYS B 298 -43.76 -86.06 126.93
C LYS B 298 -44.70 -87.26 127.06
N ALA B 299 -45.58 -87.45 126.08
CA ALA B 299 -46.45 -88.64 126.09
C ALA B 299 -45.64 -89.92 126.01
N ARG B 300 -44.59 -89.92 125.19
CA ARG B 300 -43.68 -91.05 125.16
C ARG B 300 -43.01 -91.27 126.52
N ASN B 301 -42.59 -90.19 127.18
CA ASN B 301 -42.01 -90.30 128.50
C ASN B 301 -43.00 -90.88 129.50
N ALA B 302 -44.29 -90.62 129.29
CA ALA B 302 -45.32 -91.20 130.17
C ALA B 302 -45.51 -92.68 129.89
N ASP B 303 -45.49 -93.07 128.62
CA ASP B 303 -45.57 -94.50 128.30
C ASP B 303 -44.34 -95.24 128.84
N ILE B 304 -43.21 -94.53 128.97
CA ILE B 304 -42.06 -95.08 129.70
C ILE B 304 -42.48 -95.48 131.11
N GLY B 305 -43.18 -94.58 131.81
CA GLY B 305 -43.61 -94.90 133.16
C GLY B 305 -44.61 -96.05 133.19
N ALA B 306 -45.48 -96.12 132.19
CA ALA B 306 -46.43 -97.23 132.12
C ALA B 306 -45.70 -98.57 131.97
N ALA B 307 -44.76 -98.64 131.03
CA ALA B 307 -44.02 -99.88 130.83
C ALA B 307 -43.17 -100.22 132.04
N ARG B 308 -42.68 -99.19 132.76
CA ARG B 308 -41.92 -99.45 133.97
C ARG B 308 -42.81 -100.01 135.07
N ALA B 309 -43.99 -99.43 135.25
CA ALA B 309 -44.94 -99.94 136.24
C ALA B 309 -45.43 -101.33 135.88
N ALA B 310 -45.32 -101.73 134.62
CA ALA B 310 -45.66 -103.11 134.24
C ALA B 310 -44.84 -104.15 135.00
N PHE B 311 -43.67 -103.78 135.54
CA PHE B 311 -42.85 -104.70 136.32
C PHE B 311 -43.40 -105.00 137.71
N PHE B 312 -44.01 -104.01 138.38
CA PHE B 312 -44.27 -104.14 139.80
C PHE B 312 -45.59 -104.86 140.07
N PRO B 313 -45.76 -105.43 141.27
CA PRO B 313 -46.99 -106.16 141.57
C PRO B 313 -48.22 -105.26 141.52
N ARG B 314 -49.34 -105.85 141.12
CA ARG B 314 -50.62 -105.16 141.09
C ARG B 314 -51.57 -105.80 142.09
N ILE B 315 -52.22 -104.99 142.92
CA ILE B 315 -53.26 -105.49 143.81
C ILE B 315 -54.56 -105.40 143.02
N SER B 316 -55.42 -106.39 143.15
CA SER B 316 -56.71 -106.38 142.48
C SER B 316 -57.79 -106.78 143.47
N LEU B 317 -58.68 -105.83 143.77
CA LEU B 317 -59.78 -106.04 144.69
C LEU B 317 -61.03 -106.36 143.88
N THR B 318 -61.60 -107.54 144.14
CA THR B 318 -62.89 -107.93 143.60
C THR B 318 -63.87 -108.04 144.75
N GLY B 319 -65.10 -107.59 144.52
CA GLY B 319 -66.09 -107.62 145.59
C GLY B 319 -67.47 -107.83 145.03
N SER B 320 -68.40 -108.13 145.93
CA SER B 320 -69.78 -108.32 145.53
C SER B 320 -70.70 -108.12 146.73
N VAL B 321 -71.94 -107.76 146.44
CA VAL B 321 -73.02 -107.72 147.41
C VAL B 321 -74.34 -107.89 146.67
N GLY B 322 -75.20 -108.78 147.17
CA GLY B 322 -76.45 -109.08 146.53
C GLY B 322 -77.21 -110.23 147.17
N SER B 323 -77.84 -111.08 146.36
CA SER B 323 -78.64 -112.19 146.87
C SER B 323 -78.18 -113.49 146.25
N SER B 324 -78.45 -114.59 146.95
CA SER B 324 -78.09 -115.92 146.48
C SER B 324 -79.04 -116.95 147.08
N SER B 325 -79.49 -117.89 146.25
CA SER B 325 -80.40 -118.94 146.69
C SER B 325 -80.26 -120.15 145.78
N ALA B 326 -80.66 -121.31 146.30
CA ALA B 326 -80.64 -122.53 145.50
C ALA B 326 -81.81 -122.59 144.53
N GLU B 327 -82.86 -121.81 144.78
CA GLU B 327 -84.02 -121.78 143.92
C GLU B 327 -84.42 -120.33 143.64
N LEU B 328 -85.10 -120.13 142.52
CA LEU B 328 -85.46 -118.78 142.09
C LEU B 328 -86.44 -118.13 143.06
N SER B 329 -87.40 -118.90 143.59
CA SER B 329 -88.45 -118.31 144.41
C SER B 329 -87.89 -117.59 145.63
N GLY B 330 -86.77 -118.06 146.17
CA GLY B 330 -86.14 -117.44 147.30
C GLY B 330 -85.14 -116.35 146.98
N LEU B 331 -85.17 -115.82 145.76
CA LEU B 331 -84.19 -114.81 145.36
C LEU B 331 -84.29 -113.53 146.17
N PHE B 332 -85.49 -113.14 146.59
CA PHE B 332 -85.68 -111.89 147.31
C PHE B 332 -86.21 -112.11 148.73
N ASP B 333 -86.01 -113.29 149.30
CA ASP B 333 -86.42 -113.54 150.67
C ASP B 333 -85.34 -113.10 151.65
N GLY B 334 -85.75 -112.92 152.90
CA GLY B 334 -84.85 -112.47 153.94
C GLY B 334 -83.73 -113.45 154.25
N GLY B 335 -82.55 -112.92 154.58
CA GLY B 335 -81.42 -113.74 154.94
C GLY B 335 -80.51 -114.15 153.80
N SER B 336 -80.64 -113.52 152.63
CA SER B 336 -79.84 -113.91 151.47
C SER B 336 -78.81 -112.85 151.07
N ARG B 337 -78.65 -111.78 151.85
CA ARG B 337 -77.74 -110.71 151.46
C ARG B 337 -76.29 -111.13 151.63
N ALA B 338 -75.65 -111.47 150.51
CA ALA B 338 -74.29 -111.98 150.49
C ALA B 338 -73.32 -110.90 150.06
N TRP B 339 -72.05 -111.09 150.43
CA TRP B 339 -70.98 -110.18 150.02
C TRP B 339 -69.70 -110.99 149.85
N SER B 340 -68.76 -110.41 149.10
CA SER B 340 -67.47 -111.02 148.82
C SER B 340 -66.41 -109.94 148.69
N PHE B 341 -65.18 -110.28 149.11
CA PHE B 341 -64.04 -109.34 149.05
C PHE B 341 -62.77 -110.15 148.72
N ALA B 342 -62.01 -109.79 147.67
CA ALA B 342 -60.74 -110.50 147.36
C ALA B 342 -59.61 -109.55 146.94
N PRO B 343 -58.43 -109.53 147.63
CA PRO B 343 -57.27 -108.74 147.20
C PRO B 343 -56.14 -109.63 146.67
N THR B 344 -55.95 -109.71 145.36
CA THR B 344 -54.94 -110.54 144.74
C THR B 344 -53.71 -109.69 144.44
N LEU B 345 -52.54 -110.32 144.50
CA LEU B 345 -51.27 -109.67 144.24
C LEU B 345 -50.60 -110.39 143.08
N SER B 346 -50.43 -109.67 141.97
CA SER B 346 -49.89 -110.24 140.76
C SER B 346 -48.49 -109.68 140.53
N LEU B 347 -47.49 -110.58 140.50
CA LEU B 347 -46.08 -110.19 140.22
C LEU B 347 -45.40 -111.35 139.52
N PRO B 348 -45.10 -111.29 138.20
CA PRO B 348 -44.35 -112.36 137.56
C PRO B 348 -42.98 -112.33 138.24
N ILE B 349 -42.51 -113.48 138.74
CA ILE B 349 -41.20 -113.48 139.46
C ILE B 349 -40.11 -113.46 138.39
N PHE B 350 -40.36 -114.10 137.26
CA PHE B 350 -39.35 -114.12 136.20
C PHE B 350 -40.01 -113.67 134.91
N ALA B 351 -39.62 -112.48 134.43
CA ALA B 351 -40.20 -111.98 133.18
C ALA B 351 -39.82 -112.86 132.01
N GLY B 352 -38.58 -113.34 131.97
CA GLY B 352 -38.12 -114.07 130.81
C GLY B 352 -37.98 -113.20 129.58
N GLY B 353 -37.84 -111.89 129.76
CA GLY B 353 -37.91 -110.95 128.66
C GLY B 353 -39.29 -110.41 128.39
N ARG B 354 -40.34 -111.03 128.94
CA ARG B 354 -41.70 -110.57 128.70
C ARG B 354 -41.94 -109.15 129.21
N ASN B 355 -41.43 -108.83 130.39
CA ASN B 355 -41.51 -107.47 130.92
C ASN B 355 -40.24 -106.67 130.67
N ARG B 356 -39.09 -107.35 130.58
CA ARG B 356 -37.84 -106.64 130.32
C ARG B 356 -37.79 -106.07 128.92
N ALA B 357 -38.17 -106.86 127.92
CA ALA B 357 -38.12 -106.36 126.54
C ALA B 357 -39.19 -105.30 126.30
N ASN B 358 -40.28 -105.34 127.07
CA ASN B 358 -41.22 -104.22 127.06
C ASN B 358 -40.53 -102.94 127.56
N LEU B 359 -39.71 -103.07 128.60
CA LEU B 359 -38.96 -101.92 129.10
C LEU B 359 -37.99 -101.42 128.04
N ASP B 360 -37.31 -102.33 127.35
CA ASP B 360 -36.42 -101.92 126.27
C ASP B 360 -37.18 -101.24 125.15
N LEU B 361 -38.36 -101.75 124.80
CA LEU B 361 -39.20 -101.12 123.80
C LEU B 361 -39.54 -99.69 124.21
N ALA B 362 -39.94 -99.50 125.45
CA ALA B 362 -40.29 -98.16 125.92
C ALA B 362 -39.08 -97.22 125.89
N GLU B 363 -37.93 -97.68 126.36
CA GLU B 363 -36.74 -96.84 126.37
C GLU B 363 -36.34 -96.45 124.96
N VAL B 364 -36.36 -97.41 124.04
CA VAL B 364 -35.97 -97.13 122.66
C VAL B 364 -36.96 -96.19 122.00
N ARG B 365 -38.25 -96.37 122.30
CA ARG B 365 -39.25 -95.44 121.78
C ARG B 365 -39.03 -94.03 122.31
N GLN B 366 -38.65 -93.89 123.58
CA GLN B 366 -38.36 -92.56 124.12
C GLN B 366 -37.15 -91.95 123.44
N ASP B 367 -36.12 -92.76 123.17
CA ASP B 367 -34.96 -92.25 122.43
C ASP B 367 -35.37 -91.79 121.03
N ALA B 368 -36.22 -92.55 120.36
CA ALA B 368 -36.71 -92.17 119.04
C ALA B 368 -37.50 -90.87 119.12
N ALA B 369 -38.31 -90.69 120.17
CA ALA B 369 -39.05 -89.45 120.34
C ALA B 369 -38.11 -88.26 120.55
N VAL B 370 -37.05 -88.44 121.32
CA VAL B 370 -36.07 -87.37 121.51
C VAL B 370 -35.44 -87.01 120.17
N ALA B 371 -35.08 -88.02 119.39
CA ALA B 371 -34.50 -87.76 118.07
C ALA B 371 -35.48 -87.04 117.16
N ASP B 372 -36.77 -87.40 117.25
CA ASP B 372 -37.80 -86.71 116.48
C ASP B 372 -37.89 -85.24 116.89
N TYR B 373 -37.83 -84.98 118.19
CA TYR B 373 -37.85 -83.60 118.67
C TYR B 373 -36.69 -82.80 118.10
N GLU B 374 -35.49 -83.39 118.11
CA GLU B 374 -34.32 -82.70 117.57
C GLU B 374 -34.46 -82.47 116.07
N GLY B 375 -34.97 -83.47 115.35
CA GLY B 375 -35.15 -83.32 113.91
C GLY B 375 -36.17 -82.25 113.55
N THR B 376 -37.25 -82.16 114.32
CA THR B 376 -38.24 -81.11 114.09
C THR B 376 -37.64 -79.74 114.38
N ILE B 377 -36.80 -79.64 115.41
CA ILE B 377 -36.10 -78.38 115.68
C ILE B 377 -35.24 -77.99 114.48
N GLN B 378 -34.51 -78.97 113.94
CA GLN B 378 -33.65 -78.68 112.79
C GLN B 378 -34.48 -78.24 111.58
N THR B 379 -35.63 -78.88 111.36
CA THR B 379 -36.49 -78.51 110.24
C THR B 379 -37.00 -77.08 110.40
N ALA B 380 -37.42 -76.71 111.62
CA ALA B 380 -37.88 -75.36 111.86
C ALA B 380 -36.76 -74.35 111.63
N PHE B 381 -35.55 -74.68 112.07
CA PHE B 381 -34.40 -73.80 111.85
C PHE B 381 -34.15 -73.60 110.35
N ARG B 382 -34.21 -74.69 109.59
CA ARG B 382 -34.03 -74.59 108.14
C ARG B 382 -35.09 -73.72 107.52
N GLU B 383 -36.35 -73.89 107.95
CA GLU B 383 -37.43 -73.10 107.38
C GLU B 383 -37.25 -71.62 107.65
N VAL B 384 -36.90 -71.25 108.89
CA VAL B 384 -36.77 -69.83 109.20
C VAL B 384 -35.57 -69.23 108.49
N ALA B 385 -34.48 -69.99 108.37
CA ALA B 385 -33.33 -69.48 107.62
C ALA B 385 -33.68 -69.24 106.16
N ASP B 386 -34.38 -70.20 105.54
CA ASP B 386 -34.80 -70.02 104.15
C ASP B 386 -35.71 -68.82 104.01
N ALA B 387 -36.65 -68.64 104.94
CA ALA B 387 -37.58 -67.52 104.85
C ALA B 387 -36.85 -66.18 104.97
N LEU B 388 -35.90 -66.08 105.90
CA LEU B 388 -35.14 -64.83 106.04
C LEU B 388 -34.34 -64.53 104.77
N ALA B 389 -33.65 -65.55 104.25
CA ALA B 389 -32.85 -65.35 103.04
C ALA B 389 -33.74 -64.92 101.88
N ALA B 390 -34.90 -65.56 101.73
CA ALA B 390 -35.83 -65.17 100.68
C ALA B 390 -36.32 -63.75 100.88
N THR B 391 -36.70 -63.38 102.10
CA THR B 391 -37.19 -62.03 102.32
C THR B 391 -36.16 -61.00 101.85
N ASP B 392 -34.91 -61.15 102.30
CA ASP B 392 -33.89 -60.16 101.95
C ASP B 392 -33.61 -60.17 100.44
N THR B 393 -33.41 -61.36 99.86
CA THR B 393 -33.04 -61.44 98.46
C THR B 393 -34.13 -60.93 97.55
N LEU B 394 -35.39 -61.30 97.81
CA LEU B 394 -36.48 -60.78 96.99
C LEU B 394 -36.74 -59.31 97.23
N ARG B 395 -36.44 -58.78 98.42
CA ARG B 395 -36.51 -57.33 98.58
C ARG B 395 -35.53 -56.63 97.65
N ARG B 396 -34.28 -57.08 97.64
CA ARG B 396 -33.29 -56.45 96.76
C ARG B 396 -33.61 -56.66 95.29
N GLU B 397 -34.12 -57.85 94.95
CA GLU B 397 -34.49 -58.12 93.56
C GLU B 397 -35.65 -57.23 93.13
N GLU B 398 -36.62 -57.01 94.02
CA GLU B 398 -37.72 -56.11 93.71
C GLU B 398 -37.22 -54.69 93.50
N ALA B 399 -36.23 -54.28 94.29
CA ALA B 399 -35.61 -52.97 94.05
C ALA B 399 -35.00 -52.91 92.65
N ALA B 400 -34.29 -53.95 92.25
CA ALA B 400 -33.67 -54.00 90.93
C ALA B 400 -34.72 -53.94 89.82
N ARG B 401 -35.79 -54.71 89.96
CA ARG B 401 -36.83 -54.75 88.94
C ARG B 401 -37.58 -53.42 88.89
N GLN B 402 -37.72 -52.75 90.03
CA GLN B 402 -38.32 -51.43 90.07
C GLN B 402 -37.45 -50.43 89.30
N ALA B 403 -36.13 -50.52 89.48
CA ALA B 403 -35.23 -49.66 88.71
C ALA B 403 -35.37 -49.93 87.22
N LEU B 404 -35.48 -51.22 86.84
CA LEU B 404 -35.67 -51.57 85.43
C LEU B 404 -36.97 -50.98 84.89
N ALA B 405 -38.05 -51.07 85.67
CA ALA B 405 -39.33 -50.53 85.24
C ALA B 405 -39.26 -49.01 85.07
N GLY B 406 -38.58 -48.34 86.00
CA GLY B 406 -38.42 -46.89 85.86
C GLY B 406 -37.62 -46.50 84.64
N SER B 407 -36.55 -47.25 84.34
CA SER B 407 -35.78 -46.98 83.14
C SER B 407 -36.63 -47.18 81.88
N SER B 408 -37.43 -48.25 81.86
CA SER B 408 -38.29 -48.49 80.71
C SER B 408 -39.34 -47.38 80.56
N GLU B 409 -39.86 -46.88 81.69
CA GLU B 409 -40.83 -45.80 81.63
C GLU B 409 -40.19 -44.52 81.09
N ALA B 410 -38.95 -44.24 81.49
CA ALA B 410 -38.25 -43.08 80.95
C ALA B 410 -38.01 -43.24 79.44
N ALA B 411 -37.66 -44.44 79.01
CA ALA B 411 -37.50 -44.69 77.58
C ALA B 411 -38.81 -44.48 76.84
N MET B 412 -39.93 -44.94 77.43
CA MET B 412 -41.24 -44.63 76.90
C MET B 412 -41.46 -43.12 76.74
N ALA B 413 -41.15 -42.36 77.79
CA ALA B 413 -41.38 -40.92 77.71
C ALA B 413 -40.58 -40.29 76.58
N LEU B 414 -39.31 -40.69 76.46
CA LEU B 414 -38.47 -40.15 75.39
C LEU B 414 -38.99 -40.56 74.01
N ALA B 415 -39.41 -41.82 73.86
CA ALA B 415 -39.92 -42.28 72.57
C ALA B 415 -41.20 -41.54 72.19
N LYS B 416 -42.09 -41.32 73.16
CA LYS B 416 -43.31 -40.57 72.90
C LYS B 416 -42.98 -39.14 72.48
N ALA B 417 -42.02 -38.52 73.18
CA ALA B 417 -41.63 -37.16 72.82
C ALA B 417 -41.07 -37.10 71.41
N ARG B 418 -40.26 -38.09 71.03
CA ARG B 418 -39.74 -38.14 69.66
C ARG B 418 -40.85 -38.33 68.64
N TYR B 419 -41.77 -39.26 68.91
CA TYR B 419 -42.82 -39.58 67.94
C TYR B 419 -43.76 -38.39 67.75
N GLU B 420 -44.16 -37.74 68.84
CA GLU B 420 -45.05 -36.58 68.71
C GLU B 420 -44.39 -35.46 67.89
N GLY B 421 -43.07 -35.41 67.88
CA GLY B 421 -42.35 -34.46 67.06
C GLY B 421 -42.17 -34.85 65.62
N GLY B 422 -42.67 -36.02 65.22
CA GLY B 422 -42.56 -36.45 63.85
C GLY B 422 -41.20 -36.94 63.42
N VAL B 423 -40.35 -37.32 64.36
CA VAL B 423 -39.02 -37.79 64.01
C VAL B 423 -38.99 -39.31 63.89
N ASP B 424 -39.64 -40.01 64.82
CA ASP B 424 -39.69 -41.46 64.82
C ASP B 424 -41.08 -41.94 64.43
N ASP B 425 -41.13 -43.11 63.81
CA ASP B 425 -42.40 -43.67 63.34
C ASP B 425 -43.22 -44.20 64.51
N TYR B 426 -44.45 -44.63 64.19
CA TYR B 426 -45.32 -45.21 65.20
C TYR B 426 -44.81 -46.55 65.71
N LEU B 427 -44.05 -47.27 64.88
CA LEU B 427 -43.54 -48.58 65.29
C LEU B 427 -42.61 -48.47 66.49
N ARG B 428 -41.75 -47.46 66.50
CA ARG B 428 -40.82 -47.29 67.62
C ARG B 428 -41.57 -47.00 68.92
N TYR B 429 -42.57 -46.13 68.85
CA TYR B 429 -43.38 -45.81 70.03
C TYR B 429 -44.13 -47.04 70.53
N LEU B 430 -44.71 -47.81 69.61
CA LEU B 430 -45.44 -49.01 70.01
C LEU B 430 -44.50 -50.04 70.63
N ASP B 431 -43.31 -50.19 70.07
CA ASP B 431 -42.32 -51.12 70.63
C ASP B 431 -41.88 -50.67 72.01
N ALA B 432 -41.71 -49.37 72.21
CA ALA B 432 -41.41 -48.86 73.55
C ALA B 432 -42.52 -49.22 74.52
N GLN B 433 -43.77 -49.08 74.07
CA GLN B 433 -44.91 -49.49 74.90
C GLN B 433 -44.81 -50.95 75.30
N ARG B 434 -44.57 -51.81 74.32
CA ARG B 434 -44.49 -53.25 74.59
C ARG B 434 -43.37 -53.55 75.59
N SER B 435 -42.20 -52.93 75.38
CA SER B 435 -41.06 -53.22 76.24
C SER B 435 -41.32 -52.74 77.67
N THR B 436 -41.75 -51.49 77.84
CA THR B 436 -41.94 -50.97 79.19
C THR B 436 -43.04 -51.73 79.91
N PHE B 437 -44.06 -52.18 79.17
CA PHE B 437 -45.16 -52.89 79.79
C PHE B 437 -44.72 -54.30 80.22
N SER B 438 -43.95 -54.97 79.37
CA SER B 438 -43.44 -56.28 79.75
C SER B 438 -42.54 -56.18 80.98
N ASN B 439 -41.69 -55.16 81.05
CA ASN B 439 -40.86 -54.98 82.24
C ASN B 439 -41.70 -54.67 83.48
N GLN B 440 -42.73 -53.84 83.32
CA GLN B 440 -43.59 -53.49 84.44
C GLN B 440 -44.27 -54.73 85.02
N THR B 441 -44.70 -55.66 84.15
CA THR B 441 -45.30 -56.88 84.67
C THR B 441 -44.24 -57.85 85.20
N THR B 442 -43.04 -57.82 84.63
CA THR B 442 -41.98 -58.68 85.13
C THR B 442 -41.60 -58.30 86.55
N LEU B 443 -41.82 -57.03 86.91
CA LEU B 443 -41.69 -56.61 88.30
C LEU B 443 -42.74 -57.27 89.19
N ILE B 444 -43.93 -57.49 88.66
CA ILE B 444 -45.08 -57.94 89.42
C ILE B 444 -44.90 -59.36 89.93
N GLN B 445 -44.32 -60.25 89.12
CA GLN B 445 -44.04 -61.61 89.60
C GLN B 445 -43.13 -61.57 90.82
N ILE B 446 -42.08 -60.74 90.76
CA ILE B 446 -41.15 -60.63 91.88
C ILE B 446 -41.86 -60.07 93.10
N SER B 447 -42.72 -59.06 92.92
CA SER B 447 -43.44 -58.50 94.06
C SER B 447 -44.35 -59.53 94.70
N THR B 448 -45.09 -60.29 93.89
CA THR B 448 -45.98 -61.31 94.44
C THR B 448 -45.19 -62.40 95.14
N GLU B 449 -44.04 -62.79 94.58
CA GLU B 449 -43.21 -63.80 95.23
C GLU B 449 -42.65 -63.28 96.54
N ARG B 450 -42.30 -61.99 96.61
CA ARG B 450 -41.84 -61.41 97.87
C ARG B 450 -42.94 -61.44 98.92
N GLN B 451 -44.17 -61.09 98.52
CA GLN B 451 -45.28 -61.16 99.46
C GLN B 451 -45.50 -62.58 99.95
N ILE B 452 -45.46 -63.56 99.04
CA ILE B 452 -45.65 -64.96 99.42
C ILE B 452 -44.52 -65.42 100.34
N ALA B 453 -43.30 -64.93 100.11
CA ALA B 453 -42.18 -65.26 100.99
C ALA B 453 -42.40 -64.66 102.37
N LEU B 454 -42.95 -63.45 102.44
CA LEU B 454 -43.28 -62.88 103.74
C LEU B 454 -44.31 -63.74 104.47
N VAL B 455 -45.30 -64.24 103.74
CA VAL B 455 -46.31 -65.11 104.35
C VAL B 455 -45.67 -66.41 104.84
N ASP B 456 -44.75 -66.97 104.05
CA ASP B 456 -44.05 -68.17 104.47
C ASP B 456 -43.23 -67.92 105.73
N LEU B 457 -42.60 -66.74 105.81
CA LEU B 457 -41.87 -66.37 107.02
C LEU B 457 -42.82 -66.29 108.22
N PHE B 458 -43.99 -65.71 108.02
CA PHE B 458 -44.96 -65.63 109.10
C PHE B 458 -45.38 -67.01 109.57
N ARG B 459 -45.63 -67.93 108.63
CA ARG B 459 -46.01 -69.29 109.00
C ARG B 459 -44.89 -70.01 109.72
N SER B 460 -43.67 -69.90 109.21
CA SER B 460 -42.55 -70.64 109.79
C SER B 460 -42.14 -70.08 111.14
N LEU B 461 -42.53 -68.85 111.45
CA LEU B 461 -42.27 -68.28 112.76
C LEU B 461 -43.36 -68.60 113.78
N GLY B 462 -44.40 -69.31 113.37
CA GLY B 462 -45.49 -69.64 114.27
C GLY B 462 -46.55 -68.56 114.32
N ALA C 61 -57.51 -96.28 69.43
CA ALA C 61 -57.86 -97.68 69.30
C ALA C 61 -56.91 -98.55 70.11
N ASP C 62 -55.62 -98.22 70.05
CA ASP C 62 -54.64 -98.94 70.86
C ASP C 62 -54.87 -98.70 72.34
N LEU C 63 -55.52 -97.59 72.68
CA LEU C 63 -55.71 -97.22 74.08
C LEU C 63 -56.58 -98.24 74.82
N ARG C 64 -57.64 -98.72 74.16
CA ARG C 64 -58.51 -99.71 74.78
C ARG C 64 -57.76 -101.02 75.03
N ARG C 65 -56.92 -101.42 74.09
CA ARG C 65 -56.09 -102.62 74.27
C ARG C 65 -55.12 -102.43 75.44
N ALA C 66 -54.53 -101.23 75.54
CA ALA C 66 -53.63 -100.94 76.65
C ALA C 66 -54.37 -101.01 77.98
N VAL C 67 -55.60 -100.48 78.01
CA VAL C 67 -56.41 -100.53 79.24
C VAL C 67 -56.71 -101.97 79.61
N ASP C 68 -57.07 -102.80 78.62
CA ASP C 68 -57.35 -104.21 78.91
C ASP C 68 -56.10 -104.91 79.43
N THR C 69 -54.94 -104.65 78.82
CA THR C 69 -53.70 -105.26 79.27
C THR C 69 -53.37 -104.82 80.69
N ALA C 70 -53.56 -103.55 81.01
CA ALA C 70 -53.31 -103.07 82.36
C ALA C 70 -54.24 -103.74 83.36
N LEU C 71 -55.52 -103.84 83.02
CA LEU C 71 -56.47 -104.54 83.89
C LEU C 71 -56.05 -105.98 84.11
N SER C 72 -55.47 -106.61 83.09
CA SER C 72 -55.05 -108.00 83.21
C SER C 72 -53.77 -108.16 84.01
N ASN C 73 -52.85 -107.19 83.96
CA ASN C 73 -51.49 -107.41 84.42
C ASN C 73 -50.95 -106.40 85.42
N ASN C 74 -51.59 -105.25 85.59
CA ASN C 74 -51.02 -104.22 86.47
C ASN C 74 -50.94 -104.71 87.90
N ARG C 75 -49.88 -104.31 88.59
CA ARG C 75 -49.58 -104.82 89.93
C ARG C 75 -50.29 -104.06 91.04
N SER C 76 -50.30 -102.73 90.99
CA SER C 76 -51.06 -101.98 91.98
C SER C 76 -52.54 -102.24 91.84
N LEU C 77 -53.02 -102.47 90.61
CA LEU C 77 -54.41 -102.84 90.43
C LEU C 77 -54.70 -104.21 91.03
N ARG C 78 -53.75 -105.15 90.92
CA ARG C 78 -53.91 -106.42 91.60
C ARG C 78 -53.93 -106.23 93.11
N GLN C 79 -53.12 -105.30 93.61
CA GLN C 79 -53.14 -104.99 95.05
C GLN C 79 -54.51 -104.49 95.48
N ALA C 80 -55.10 -103.59 94.70
CA ALA C 80 -56.42 -103.06 95.05
C ALA C 80 -57.48 -104.15 94.96
N LEU C 81 -57.43 -104.98 93.92
CA LEU C 81 -58.42 -106.04 93.78
C LEU C 81 -58.29 -107.06 94.91
N LEU C 82 -57.06 -107.34 95.34
CA LEU C 82 -56.87 -108.21 96.49
C LEU C 82 -57.32 -107.54 97.78
N ASP C 83 -57.13 -106.23 97.91
CA ASP C 83 -57.65 -105.52 99.08
C ASP C 83 -59.18 -105.62 99.13
N ILE C 84 -59.82 -105.68 97.96
CA ILE C 84 -61.26 -105.95 97.94
C ILE C 84 -61.55 -107.29 98.61
N GLU C 85 -60.78 -108.32 98.27
CA GLU C 85 -60.98 -109.64 98.88
C GLU C 85 -60.66 -109.61 100.36
N ALA C 86 -59.66 -108.83 100.76
CA ALA C 86 -59.31 -108.72 102.17
C ALA C 86 -60.43 -108.08 102.96
N ALA C 87 -61.01 -107.01 102.43
CA ALA C 87 -62.15 -106.38 103.08
C ALA C 87 -63.35 -107.32 103.13
N ARG C 88 -63.55 -108.09 102.07
CA ARG C 88 -64.63 -109.08 102.06
C ARG C 88 -64.41 -110.13 103.14
N ALA C 89 -63.16 -110.61 103.29
CA ALA C 89 -62.85 -111.61 104.30
C ALA C 89 -63.03 -111.04 105.71
N GLN C 90 -62.64 -109.78 105.92
CA GLN C 90 -62.85 -109.15 107.22
C GLN C 90 -64.33 -108.98 107.51
N TYR C 91 -65.12 -108.64 106.48
CA TYR C 91 -66.56 -108.55 106.65
C TYR C 91 -67.14 -109.92 107.02
N ARG C 92 -66.65 -110.99 106.38
CA ARG C 92 -67.10 -112.32 106.75
C ARG C 92 -66.70 -112.66 108.18
N ILE C 93 -65.49 -112.24 108.60
CA ILE C 93 -65.06 -112.43 109.98
C ILE C 93 -66.06 -111.80 110.93
N GLN C 94 -66.40 -110.54 110.68
CA GLN C 94 -67.25 -109.81 111.62
C GLN C 94 -68.70 -110.31 111.56
N ARG C 95 -69.12 -110.79 110.39
CA ARG C 95 -70.47 -111.31 110.26
C ARG C 95 -70.61 -112.67 110.92
N ALA C 96 -69.54 -113.47 110.95
CA ALA C 96 -69.58 -114.75 111.63
C ALA C 96 -69.82 -114.59 113.12
N ASP C 97 -69.44 -113.45 113.69
CA ASP C 97 -69.66 -113.19 115.11
C ASP C 97 -71.14 -113.15 115.46
N ARG C 98 -72.02 -112.90 114.49
CA ARG C 98 -73.44 -112.79 114.78
C ARG C 98 -74.08 -114.13 115.12
N LEU C 99 -73.41 -115.24 114.83
CA LEU C 99 -73.97 -116.57 115.04
C LEU C 99 -73.34 -117.20 116.27
N PRO C 100 -74.03 -118.14 116.94
CA PRO C 100 -73.45 -118.76 118.14
C PRO C 100 -72.16 -119.51 117.87
N SER C 101 -71.22 -119.42 118.81
CA SER C 101 -69.97 -120.17 118.72
C SER C 101 -70.04 -121.37 119.65
N ILE C 102 -69.91 -122.56 119.08
CA ILE C 102 -69.94 -123.81 119.82
C ILE C 102 -68.59 -124.49 119.63
N ASN C 103 -67.92 -124.81 120.73
CA ASN C 103 -66.59 -125.36 120.70
C ASN C 103 -66.52 -126.64 121.53
N ALA C 104 -65.71 -127.59 121.07
CA ALA C 104 -65.48 -128.82 121.81
C ALA C 104 -64.43 -128.57 122.88
N ASN C 105 -64.77 -128.83 124.14
CA ASN C 105 -63.89 -128.58 125.26
C ASN C 105 -63.63 -129.86 126.03
N ALA C 106 -62.35 -130.13 126.28
CA ALA C 106 -61.90 -131.23 127.11
C ALA C 106 -60.92 -130.69 128.14
N SER C 107 -61.22 -130.90 129.42
CA SER C 107 -60.42 -130.37 130.51
C SER C 107 -60.28 -131.40 131.61
N GLY C 108 -59.16 -131.36 132.32
CA GLY C 108 -58.96 -132.20 133.47
C GLY C 108 -58.23 -131.48 134.59
N ASN C 109 -58.84 -131.40 135.77
CA ASN C 109 -58.27 -130.71 136.91
C ASN C 109 -57.98 -131.70 138.02
N ARG C 110 -56.74 -131.67 138.52
CA ARG C 110 -56.31 -132.52 139.63
C ARG C 110 -55.69 -131.63 140.70
N GLN C 111 -56.28 -131.64 141.89
CA GLN C 111 -55.92 -130.71 142.95
C GLN C 111 -56.08 -131.38 144.30
N ARG C 112 -55.19 -131.00 145.24
CA ARG C 112 -55.26 -131.50 146.61
C ARG C 112 -54.35 -130.70 147.54
N LEU C 113 -54.73 -130.59 148.80
CA LEU C 113 -54.00 -129.73 149.74
C LEU C 113 -52.68 -130.31 150.23
N PRO C 114 -52.55 -131.61 150.51
CA PRO C 114 -51.23 -132.15 150.83
C PRO C 114 -50.36 -132.33 149.59
N ALA C 115 -49.12 -132.76 149.83
CA ALA C 115 -48.12 -132.88 148.78
C ALA C 115 -47.77 -134.36 148.53
N ASP C 116 -46.97 -134.58 147.48
CA ASP C 116 -46.67 -135.88 146.86
C ASP C 116 -47.85 -136.40 146.04
N LEU C 117 -48.42 -137.54 146.43
CA LEU C 117 -49.66 -138.10 145.86
C LEU C 117 -49.83 -137.86 144.35
N SER C 118 -48.92 -138.41 143.55
CA SER C 118 -49.11 -138.38 142.10
C SER C 118 -49.41 -139.78 141.59
N GLN C 119 -50.23 -139.83 140.53
CA GLN C 119 -50.62 -141.09 139.90
C GLN C 119 -51.33 -142.02 140.88
N THR C 120 -52.53 -141.56 141.29
CA THR C 120 -53.33 -142.23 142.31
C THR C 120 -52.60 -142.28 143.65
N GLY C 121 -52.06 -141.13 144.06
CA GLY C 121 -51.35 -141.07 145.32
C GLY C 121 -52.28 -141.17 146.51
N ARG C 122 -51.70 -141.47 147.67
CA ARG C 122 -52.47 -141.82 148.86
C ARG C 122 -52.92 -140.57 149.60
N SER C 123 -54.03 -139.98 149.15
CA SER C 123 -54.70 -138.90 149.86
C SER C 123 -56.06 -138.60 149.26
N GLU C 124 -56.65 -137.46 149.63
CA GLU C 124 -57.96 -137.03 149.16
C GLU C 124 -57.89 -136.31 147.82
N VAL C 125 -56.87 -136.62 146.99
CA VAL C 125 -56.68 -135.97 145.69
C VAL C 125 -57.98 -135.97 144.90
N THR C 126 -58.40 -134.77 144.47
CA THR C 126 -59.60 -134.67 143.65
C THR C 126 -59.23 -134.46 142.19
N SER C 127 -59.76 -135.33 141.34
CA SER C 127 -59.58 -135.25 139.91
C SER C 127 -60.95 -135.22 139.24
N ASN C 128 -61.13 -134.26 138.34
CA ASN C 128 -62.33 -134.18 137.51
C ASN C 128 -61.93 -134.07 136.06
N TYR C 129 -62.71 -134.69 135.19
CA TYR C 129 -62.42 -134.72 133.76
C TYR C 129 -63.71 -134.51 133.00
N GLN C 130 -63.77 -133.44 132.22
CA GLN C 130 -64.97 -133.04 131.51
C GLN C 130 -64.67 -132.92 130.02
N VAL C 131 -65.35 -133.72 129.20
CA VAL C 131 -65.19 -133.70 127.76
C VAL C 131 -66.57 -133.56 127.14
N GLY C 132 -66.72 -132.59 126.24
CA GLY C 132 -68.02 -132.43 125.60
C GLY C 132 -68.05 -131.21 124.71
N LEU C 133 -69.27 -130.80 124.36
CA LEU C 133 -69.51 -129.63 123.54
C LEU C 133 -69.97 -128.49 124.45
N GLY C 134 -69.58 -127.27 124.11
CA GLY C 134 -69.94 -126.11 124.92
C GLY C 134 -70.21 -124.89 124.06
N LEU C 135 -71.35 -124.27 124.31
CA LEU C 135 -71.67 -122.96 123.74
C LEU C 135 -70.91 -121.92 124.55
N ALA C 136 -69.86 -121.36 123.96
CA ALA C 136 -68.91 -120.52 124.68
C ALA C 136 -69.33 -119.06 124.60
N GLU C 137 -70.03 -118.60 125.64
CA GLU C 137 -70.36 -117.19 125.82
C GLU C 137 -71.11 -116.62 124.61
N TYR C 138 -72.20 -117.29 124.23
CA TYR C 138 -73.09 -116.74 123.22
C TYR C 138 -73.66 -115.43 123.75
N GLU C 139 -73.26 -114.31 123.17
CA GLU C 139 -73.89 -113.05 123.53
C GLU C 139 -75.21 -112.92 122.79
N VAL C 140 -76.31 -113.23 123.47
CA VAL C 140 -77.63 -112.82 123.02
C VAL C 140 -77.77 -111.33 123.32
N ASP C 141 -78.24 -110.59 122.32
CA ASP C 141 -77.98 -109.17 122.18
C ASP C 141 -79.31 -108.45 122.02
N LEU C 142 -79.59 -107.51 122.93
CA LEU C 142 -80.84 -106.76 122.84
C LEU C 142 -80.75 -105.67 121.77
N PHE C 143 -79.54 -105.25 121.41
CA PHE C 143 -79.34 -104.19 120.43
C PHE C 143 -78.59 -104.66 119.20
N GLY C 144 -77.95 -105.83 119.25
CA GLY C 144 -77.18 -106.26 118.09
C GLY C 144 -75.95 -105.42 117.83
N ARG C 145 -75.12 -105.21 118.85
CA ARG C 145 -73.85 -104.53 118.65
C ARG C 145 -73.01 -105.28 117.63
N VAL C 146 -73.07 -106.61 117.69
CA VAL C 146 -72.40 -107.43 116.69
C VAL C 146 -72.94 -107.12 115.29
N ARG C 147 -74.25 -106.90 115.19
CA ARG C 147 -74.83 -106.52 113.90
C ARG C 147 -74.30 -105.16 113.45
N ASN C 148 -74.14 -104.23 114.38
CA ASN C 148 -73.58 -102.92 114.01
C ASN C 148 -72.14 -103.05 113.55
N LEU C 149 -71.35 -103.90 114.21
CA LEU C 149 -69.99 -104.14 113.76
C LEU C 149 -69.97 -104.77 112.38
N SER C 150 -70.89 -105.70 112.11
CA SER C 150 -70.98 -106.31 110.80
C SER C 150 -71.34 -105.28 109.74
N GLU C 151 -72.25 -104.37 110.06
CA GLU C 151 -72.60 -103.30 109.13
C GLU C 151 -71.41 -102.39 108.88
N ALA C 152 -70.64 -102.07 109.93
CA ALA C 152 -69.44 -101.25 109.74
C ALA C 152 -68.43 -101.95 108.84
N ALA C 153 -68.23 -103.25 109.05
CA ALA C 153 -67.32 -104.00 108.19
C ALA C 153 -67.81 -104.05 106.75
N LEU C 154 -69.12 -104.21 106.55
CA LEU C 154 -69.67 -104.20 105.20
C LEU C 154 -69.46 -102.85 104.52
N GLU C 155 -69.65 -101.76 105.26
CA GLU C 155 -69.40 -100.44 104.71
C GLU C 155 -67.93 -100.25 104.38
N THR C 156 -67.04 -100.78 105.24
CA THR C 156 -65.62 -100.73 104.94
C THR C 156 -65.29 -101.48 103.67
N TYR C 157 -65.91 -102.65 103.48
CA TYR C 157 -65.67 -103.42 102.26
C TYR C 157 -66.17 -102.68 101.02
N LEU C 158 -67.33 -102.03 101.12
CA LEU C 158 -67.84 -101.24 100.00
C LEU C 158 -66.89 -100.08 99.69
N ALA C 159 -66.39 -99.42 100.73
CA ALA C 159 -65.44 -98.34 100.53
C ALA C 159 -64.16 -98.85 99.88
N THR C 160 -63.71 -100.04 100.27
CA THR C 160 -62.54 -100.64 99.64
C THR C 160 -62.78 -100.92 98.16
N GLU C 161 -63.98 -101.42 97.82
CA GLU C 161 -64.30 -101.65 96.42
C GLU C 161 -64.28 -100.34 95.62
N GLU C 162 -64.87 -99.29 96.19
CA GLU C 162 -64.87 -98.00 95.51
C GLU C 162 -63.44 -97.45 95.37
N ALA C 163 -62.61 -97.64 96.39
CA ALA C 163 -61.23 -97.20 96.30
C ALA C 163 -60.47 -97.97 95.24
N THR C 164 -60.76 -99.26 95.09
CA THR C 164 -60.16 -100.05 94.02
C THR C 164 -60.58 -99.51 92.66
N ARG C 165 -61.85 -99.15 92.51
CA ARG C 165 -62.30 -98.55 91.25
C ARG C 165 -61.55 -97.25 90.98
N ALA C 166 -61.38 -96.42 92.01
CA ALA C 166 -60.65 -95.17 91.85
C ALA C 166 -59.20 -95.42 91.45
N THR C 167 -58.57 -96.43 92.06
CA THR C 167 -57.20 -96.78 91.69
C THR C 167 -57.13 -97.25 90.25
N GLN C 168 -58.12 -98.01 89.81
CA GLN C 168 -58.21 -98.42 88.40
C GLN C 168 -58.25 -97.22 87.48
N ILE C 169 -59.11 -96.25 87.79
CA ILE C 169 -59.24 -95.06 86.96
C ILE C 169 -57.92 -94.29 86.93
N SER C 170 -57.29 -94.16 88.11
CA SER C 170 -56.04 -93.40 88.19
C SER C 170 -54.95 -94.07 87.36
N LEU C 171 -54.82 -95.40 87.45
CA LEU C 171 -53.82 -96.10 86.67
C LEU C 171 -54.08 -95.92 85.17
N VAL C 172 -55.34 -96.03 84.76
CA VAL C 172 -55.68 -95.85 83.36
C VAL C 172 -55.25 -94.45 82.89
N ALA C 173 -55.66 -93.43 83.64
CA ALA C 173 -55.37 -92.04 83.23
C ALA C 173 -53.86 -91.79 83.17
N GLU C 174 -53.12 -92.34 84.13
CA GLU C 174 -51.66 -92.25 84.05
C GLU C 174 -51.14 -92.87 82.77
N VAL C 175 -51.73 -94.00 82.36
CA VAL C 175 -51.30 -94.66 81.13
C VAL C 175 -51.52 -93.75 79.93
N ILE C 176 -52.71 -93.15 79.81
CA ILE C 176 -52.94 -92.28 78.65
C ILE C 176 -52.00 -91.09 78.67
N GLN C 177 -51.79 -90.50 79.85
CA GLN C 177 -50.92 -89.33 79.93
C GLN C 177 -49.50 -89.67 79.49
N ALA C 178 -48.98 -90.81 79.95
CA ALA C 178 -47.63 -91.21 79.54
C ALA C 178 -47.56 -91.49 78.05
N TYR C 179 -48.60 -92.13 77.50
CA TYR C 179 -48.60 -92.42 76.06
C TYR C 179 -48.59 -91.13 75.24
N LEU C 180 -49.40 -90.15 75.64
CA LEU C 180 -49.44 -88.88 74.93
C LEU C 180 -48.11 -88.14 75.05
N THR C 181 -47.48 -88.22 76.23
CA THR C 181 -46.16 -87.63 76.39
C THR C 181 -45.16 -88.27 75.45
N ARG C 182 -45.23 -89.59 75.30
CA ARG C 182 -44.32 -90.29 74.38
C ARG C 182 -44.55 -89.84 72.94
N ASP C 183 -45.80 -89.70 72.54
CA ASP C 183 -46.10 -89.26 71.18
C ASP C 183 -45.55 -87.85 70.92
N GLY C 184 -45.80 -86.93 71.84
CA GLY C 184 -45.26 -85.59 71.70
C GLY C 184 -43.73 -85.60 71.65
N ALA C 185 -43.11 -86.46 72.46
CA ALA C 185 -41.66 -86.54 72.47
C ALA C 185 -41.13 -87.05 71.13
N LEU C 186 -41.82 -88.02 70.52
CA LEU C 186 -41.39 -88.49 69.20
C LEU C 186 -41.46 -87.39 68.16
N ARG C 187 -42.56 -86.62 68.17
CA ARG C 187 -42.67 -85.50 67.24
C ARG C 187 -41.55 -84.49 67.47
N ARG C 188 -41.31 -84.13 68.73
CA ARG C 188 -40.24 -83.21 69.06
C ARG C 188 -38.88 -83.75 68.61
N MET C 189 -38.70 -85.07 68.69
CA MET C 189 -37.43 -85.65 68.27
C MET C 189 -37.21 -85.48 66.78
N ALA C 190 -38.19 -85.86 65.97
CA ALA C 190 -38.03 -85.66 64.53
C ALA C 190 -37.73 -84.19 64.25
N LEU C 191 -38.47 -83.28 64.90
CA LEU C 191 -38.25 -81.86 64.72
C LEU C 191 -36.82 -81.47 65.01
N VAL C 192 -36.36 -81.70 66.24
CA VAL C 192 -35.04 -81.21 66.64
C VAL C 192 -33.94 -81.89 65.83
N GLU C 193 -34.18 -83.11 65.37
CA GLU C 193 -33.20 -83.75 64.48
C GLU C 193 -33.02 -82.94 63.20
N GLN C 194 -34.12 -82.60 62.53
CA GLN C 194 -33.96 -81.83 61.31
C GLN C 194 -33.49 -80.40 61.57
N THR C 195 -33.84 -79.85 62.74
CA THR C 195 -33.33 -78.54 63.13
C THR C 195 -31.80 -78.57 63.27
N LEU C 196 -31.30 -79.65 63.88
CA LEU C 196 -29.86 -79.81 64.06
C LEU C 196 -29.19 -79.98 62.72
N ASP C 197 -29.86 -80.68 61.79
CA ASP C 197 -29.36 -80.77 60.42
C ASP C 197 -29.23 -79.39 59.80
N SER C 198 -30.23 -78.53 60.00
CA SER C 198 -30.17 -77.16 59.52
C SER C 198 -28.97 -76.42 60.11
N ARG C 199 -28.74 -76.61 61.41
CA ARG C 199 -27.62 -75.94 62.06
C ARG C 199 -26.28 -76.39 61.48
N MET C 200 -26.11 -77.69 61.24
CA MET C 200 -24.88 -78.16 60.58
C MET C 200 -24.77 -77.59 59.16
N ALA C 201 -25.87 -77.49 58.42
CA ALA C 201 -25.78 -76.92 57.09
C ALA C 201 -25.26 -75.49 57.15
N SER C 202 -25.80 -74.70 58.08
CA SER C 202 -25.33 -73.33 58.25
C SER C 202 -23.87 -73.29 58.67
N LEU C 203 -23.46 -74.16 59.59
CA LEU C 203 -22.07 -74.17 60.04
C LEU C 203 -21.12 -74.52 58.90
N GLU C 204 -21.47 -75.52 58.09
CA GLU C 204 -20.65 -75.90 56.95
C GLU C 204 -20.53 -74.75 55.97
N LEU C 205 -21.65 -74.08 55.68
CA LEU C 205 -21.62 -72.97 54.73
C LEU C 205 -20.76 -71.84 55.25
N VAL C 206 -20.85 -71.52 56.55
CA VAL C 206 -20.06 -70.45 57.12
C VAL C 206 -18.58 -70.81 57.12
N SER C 207 -18.26 -72.08 57.40
CA SER C 207 -16.87 -72.52 57.36
C SER C 207 -16.31 -72.39 55.95
N GLN C 208 -17.10 -72.77 54.95
CA GLN C 208 -16.65 -72.64 53.56
C GLN C 208 -16.47 -71.18 53.18
N ARG C 209 -17.35 -70.30 53.66
CA ARG C 209 -17.19 -68.87 53.40
C ARG C 209 -15.92 -68.33 54.05
N ARG C 210 -15.64 -68.60 55.32
CA ARG C 210 -14.35 -68.16 55.91
C ARG C 210 -13.17 -68.76 55.14
N ALA C 211 -13.21 -70.03 54.72
CA ALA C 211 -12.07 -70.56 53.99
C ALA C 211 -11.74 -69.71 52.77
N ALA C 212 -12.76 -69.11 52.15
CA ALA C 212 -12.55 -68.25 51.00
C ALA C 212 -12.26 -66.80 51.40
N GLY C 213 -12.29 -66.48 52.69
CA GLY C 213 -11.98 -65.13 53.14
C GLY C 213 -13.13 -64.15 53.09
N ALA C 214 -14.33 -64.60 52.74
CA ALA C 214 -15.50 -63.74 52.68
C ALA C 214 -16.18 -63.57 54.03
N ALA C 215 -15.77 -64.32 55.05
CA ALA C 215 -16.36 -64.25 56.37
C ALA C 215 -15.27 -64.17 57.42
N THR C 216 -15.57 -63.45 58.51
CA THR C 216 -14.63 -63.32 59.60
C THR C 216 -14.67 -64.57 60.50
N ALA C 217 -13.64 -64.73 61.33
CA ALA C 217 -13.64 -65.82 62.29
C ALA C 217 -14.74 -65.65 63.33
N LEU C 218 -15.19 -64.42 63.56
CA LEU C 218 -16.30 -64.18 64.47
C LEU C 218 -17.58 -64.86 63.98
N ASP C 219 -17.84 -64.79 62.67
CA ASP C 219 -19.01 -65.45 62.11
C ASP C 219 -18.90 -66.97 62.24
N TYR C 220 -17.72 -67.51 62.02
CA TYR C 220 -17.52 -68.95 62.20
C TYR C 220 -17.76 -69.35 63.64
N GLN C 221 -17.28 -68.54 64.59
CA GLN C 221 -17.49 -68.83 66.00
C GLN C 221 -18.97 -68.76 66.37
N GLU C 222 -19.71 -67.78 65.85
CA GLU C 222 -21.14 -67.70 66.17
C GLU C 222 -21.90 -68.88 65.56
N ALA C 223 -21.51 -69.31 64.36
CA ALA C 223 -22.12 -70.49 63.77
C ALA C 223 -21.85 -71.73 64.62
N VAL C 224 -20.60 -71.88 65.10
CA VAL C 224 -20.26 -73.00 65.96
C VAL C 224 -21.09 -72.96 67.24
N GLY C 225 -21.22 -71.78 67.83
CA GLY C 225 -22.00 -71.65 69.05
C GLY C 225 -23.46 -72.02 68.85
N LEU C 226 -24.05 -71.58 67.73
CA LEU C 226 -25.44 -71.92 67.46
C LEU C 226 -25.60 -73.43 67.27
N ALA C 227 -24.67 -74.06 66.54
CA ALA C 227 -24.75 -75.51 66.35
C ALA C 227 -24.64 -76.24 67.69
N GLU C 228 -23.72 -75.81 68.55
CA GLU C 228 -23.58 -76.42 69.86
C GLU C 228 -24.84 -76.23 70.69
N GLN C 229 -25.46 -75.06 70.61
CA GLN C 229 -26.69 -74.82 71.36
C GLN C 229 -27.79 -75.75 70.89
N ALA C 230 -27.89 -75.96 69.58
CA ALA C 230 -28.90 -76.87 69.04
C ALA C 230 -28.64 -78.31 69.48
N ARG C 231 -27.36 -78.69 69.56
CA ARG C 231 -27.02 -80.03 70.02
C ARG C 231 -27.51 -80.26 71.44
N ALA C 232 -27.37 -79.25 72.30
CA ALA C 232 -27.86 -79.37 73.68
C ALA C 232 -29.36 -79.57 73.72
N GLU C 233 -30.11 -78.85 72.88
CA GLU C 233 -31.55 -79.06 72.81
C GLU C 233 -31.89 -80.46 72.35
N ARG C 234 -31.15 -80.99 71.36
CA ARG C 234 -31.39 -82.36 70.92
C ARG C 234 -31.14 -83.36 72.05
N GLU C 235 -30.06 -83.15 72.80
CA GLU C 235 -29.77 -84.04 73.93
C GLU C 235 -30.88 -83.98 74.99
N SER C 236 -31.37 -82.77 75.28
CA SER C 236 -32.44 -82.63 76.25
C SER C 236 -33.70 -83.36 75.78
N THR C 237 -34.01 -83.24 74.49
CA THR C 237 -35.20 -83.92 73.97
C THR C 237 -35.01 -85.44 74.00
N GLU C 238 -33.78 -85.92 73.77
CA GLU C 238 -33.51 -87.35 73.87
C GLU C 238 -33.73 -87.84 75.29
N ARG C 239 -33.25 -87.08 76.26
CA ARG C 239 -33.46 -87.44 77.64
C ARG C 239 -34.95 -87.48 77.97
N GLN C 240 -35.71 -86.50 77.48
CA GLN C 240 -37.15 -86.49 77.72
C GLN C 240 -37.82 -87.70 77.11
N LEU C 241 -37.45 -88.05 75.87
CA LEU C 241 -38.08 -89.18 75.20
C LEU C 241 -37.76 -90.49 75.93
N ARG C 242 -36.51 -90.67 76.32
CA ARG C 242 -36.14 -91.90 77.04
C ARG C 242 -36.84 -91.98 78.38
N GLN C 243 -36.95 -90.86 79.11
CA GLN C 243 -37.66 -90.88 80.37
C GLN C 243 -39.13 -91.19 80.18
N ALA C 244 -39.75 -90.67 79.11
CA ALA C 244 -41.13 -91.01 78.82
C ALA C 244 -41.29 -92.49 78.51
N ASP C 245 -40.36 -93.07 77.76
CA ASP C 245 -40.42 -94.50 77.47
C ASP C 245 -40.30 -95.32 78.74
N ASN C 246 -39.40 -94.92 79.64
CA ASN C 246 -39.26 -95.63 80.91
C ASN C 246 -40.53 -95.51 81.74
N ALA C 247 -41.14 -94.32 81.75
CA ALA C 247 -42.40 -94.16 82.48
C ALA C 247 -43.48 -95.07 81.91
N LEU C 248 -43.56 -95.18 80.58
CA LEU C 248 -44.56 -96.05 79.98
C LEU C 248 -44.32 -97.51 80.33
N VAL C 249 -43.06 -97.96 80.28
CA VAL C 249 -42.77 -99.36 80.57
C VAL C 249 -43.03 -99.65 82.05
N LEU C 250 -42.83 -98.65 82.92
CA LEU C 250 -43.18 -98.82 84.32
C LEU C 250 -44.70 -98.95 84.49
N LEU C 251 -45.45 -98.08 83.82
CA LEU C 251 -46.90 -98.06 84.00
C LEU C 251 -47.56 -99.32 83.45
N LEU C 252 -47.12 -99.77 82.27
CA LEU C 252 -47.77 -100.94 81.66
C LEU C 252 -47.50 -102.22 82.42
N GLY C 253 -46.43 -102.28 83.22
CA GLY C 253 -46.19 -103.43 84.06
C GLY C 253 -45.70 -104.67 83.35
N THR C 254 -45.13 -104.53 82.16
CA THR C 254 -44.58 -105.68 81.45
C THR C 254 -43.23 -105.33 80.86
N PRO C 255 -42.27 -106.26 80.89
CA PRO C 255 -40.97 -106.01 80.25
C PRO C 255 -41.06 -105.81 78.76
N ASP C 256 -42.11 -106.30 78.11
CA ASP C 256 -42.31 -106.14 76.68
C ASP C 256 -43.21 -104.96 76.33
N ALA C 257 -43.30 -103.96 77.21
CA ALA C 257 -44.11 -102.79 76.91
C ALA C 257 -43.57 -102.04 75.70
N ALA C 258 -42.24 -102.02 75.54
CA ALA C 258 -41.64 -101.32 74.41
C ALA C 258 -42.00 -101.98 73.08
N ARG C 259 -42.49 -103.22 73.11
CA ARG C 259 -42.99 -103.85 71.90
C ARG C 259 -44.47 -103.57 71.67
N LEU C 260 -45.23 -103.26 72.72
CA LEU C 260 -46.64 -102.94 72.57
C LEU C 260 -46.88 -101.49 72.20
N LEU C 261 -45.84 -100.66 72.17
CA LEU C 261 -46.02 -99.28 71.75
C LEU C 261 -45.60 -99.10 70.30
N PRO C 262 -46.36 -98.33 69.52
CA PRO C 262 -45.92 -98.01 68.16
C PRO C 262 -44.71 -97.08 68.18
N ALA C 263 -43.78 -97.32 67.27
CA ALA C 263 -42.48 -96.64 67.33
C ALA C 263 -42.51 -95.24 66.72
N THR C 264 -43.58 -94.87 66.01
CA THR C 264 -43.60 -93.57 65.35
C THR C 264 -44.85 -92.80 65.75
N PRO C 265 -44.77 -91.47 65.78
CA PRO C 265 -45.95 -90.67 66.15
C PRO C 265 -46.99 -90.66 65.06
N ARG C 266 -48.23 -90.35 65.46
CA ARG C 266 -49.36 -90.32 64.55
C ARG C 266 -50.18 -89.07 64.83
N ASP C 267 -50.86 -88.57 63.79
CA ASP C 267 -51.70 -87.39 63.92
C ASP C 267 -53.16 -87.75 64.23
N ASP C 268 -53.47 -89.03 64.43
CA ASP C 268 -54.84 -89.43 64.70
C ASP C 268 -55.28 -89.00 66.09
N LEU C 269 -56.59 -88.75 66.20
CA LEU C 269 -57.19 -88.38 67.50
C LEU C 269 -57.09 -89.57 68.44
N MET C 270 -56.76 -89.33 69.71
CA MET C 270 -56.63 -90.39 70.69
C MET C 270 -57.76 -90.38 71.72
N VAL C 271 -58.11 -89.21 72.26
CA VAL C 271 -59.20 -89.10 73.22
C VAL C 271 -60.14 -87.98 72.79
N LEU C 272 -61.40 -88.11 73.21
CA LEU C 272 -62.43 -87.18 72.77
C LEU C 272 -62.05 -85.74 73.12
N GLN C 273 -62.17 -84.84 72.14
CA GLN C 273 -61.70 -83.48 72.28
C GLN C 273 -62.67 -82.58 73.03
N ASP C 274 -63.97 -82.83 72.95
CA ASP C 274 -64.97 -82.01 73.62
C ASP C 274 -65.79 -82.90 74.55
N ILE C 275 -65.69 -82.64 75.85
CA ILE C 275 -66.40 -83.41 76.87
C ILE C 275 -67.29 -82.47 77.66
N ALA C 276 -68.56 -82.81 77.78
CA ALA C 276 -69.50 -82.02 78.56
C ALA C 276 -69.34 -82.37 80.04
N PRO C 277 -69.00 -81.41 80.90
CA PRO C 277 -68.84 -81.74 82.33
C PRO C 277 -70.15 -81.99 83.06
N GLY C 278 -71.28 -81.58 82.50
CA GLY C 278 -72.53 -81.74 83.20
C GLY C 278 -72.59 -80.84 84.43
N THR C 279 -73.34 -81.30 85.42
CA THR C 279 -73.48 -80.58 86.68
C THR C 279 -72.56 -81.18 87.74
N SER C 280 -72.27 -80.38 88.77
CA SER C 280 -71.45 -80.86 89.86
C SER C 280 -72.13 -81.99 90.62
N SER C 281 -73.47 -82.01 90.64
CA SER C 281 -74.18 -83.10 91.28
C SER C 281 -73.88 -84.43 90.59
N GLU C 282 -73.81 -84.43 89.25
CA GLU C 282 -73.44 -85.63 88.53
C GLU C 282 -72.01 -86.04 88.84
N LEU C 283 -71.11 -85.08 89.01
CA LEU C 283 -69.74 -85.39 89.40
C LEU C 283 -69.70 -86.05 90.78
N ILE C 284 -70.53 -85.55 91.70
CA ILE C 284 -70.56 -86.12 93.05
C ILE C 284 -71.00 -87.57 93.03
N GLU C 285 -72.02 -87.88 92.23
CA GLU C 285 -72.60 -89.21 92.21
C GLU C 285 -71.78 -90.23 91.42
N ARG C 286 -70.78 -89.79 90.67
CA ARG C 286 -70.05 -90.69 89.77
C ARG C 286 -68.57 -90.82 90.10
N ARG C 287 -67.96 -89.83 90.73
CA ARG C 287 -66.53 -89.90 91.00
C ARG C 287 -66.26 -90.85 92.16
N PRO C 288 -65.44 -91.89 91.97
CA PRO C 288 -65.35 -92.95 92.99
C PRO C 288 -64.75 -92.51 94.31
N ASP C 289 -63.90 -91.48 94.35
CA ASP C 289 -63.29 -91.10 95.62
C ASP C 289 -64.33 -90.48 96.56
N ILE C 290 -65.27 -89.71 96.01
CA ILE C 290 -66.38 -89.19 96.81
C ILE C 290 -67.22 -90.34 97.34
N LEU C 291 -67.46 -91.36 96.52
CA LEU C 291 -68.21 -92.52 96.97
C LEU C 291 -67.49 -93.24 98.09
N ALA C 292 -66.17 -93.38 97.97
CA ALA C 292 -65.39 -94.02 99.03
C ALA C 292 -65.47 -93.21 100.33
N SER C 293 -65.38 -91.88 100.22
CA SER C 293 -65.52 -91.05 101.41
C SER C 293 -66.90 -91.20 102.04
N GLU C 294 -67.95 -91.26 101.22
CA GLU C 294 -69.30 -91.44 101.75
C GLU C 294 -69.44 -92.79 102.44
N HIS C 295 -68.86 -93.84 101.86
CA HIS C 295 -68.92 -95.15 102.49
C HIS C 295 -68.15 -95.17 103.80
N ARG C 296 -67.01 -94.48 103.86
CA ARG C 296 -66.27 -94.36 105.11
C ARG C 296 -67.10 -93.61 106.15
N LEU C 297 -67.81 -92.57 105.73
CA LEU C 297 -68.71 -91.85 106.63
C LEU C 297 -69.81 -92.78 107.16
N LYS C 298 -70.34 -93.65 106.30
CA LYS C 298 -71.36 -94.59 106.73
C LYS C 298 -70.79 -95.60 107.73
N ALA C 299 -69.55 -96.05 107.50
CA ALA C 299 -68.90 -96.95 108.46
C ALA C 299 -68.71 -96.26 109.81
N ARG C 300 -68.35 -94.98 109.78
CA ARG C 300 -68.30 -94.20 111.01
C ARG C 300 -69.67 -94.14 111.69
N ASN C 301 -70.73 -93.94 110.90
CA ASN C 301 -72.08 -93.92 111.45
C ASN C 301 -72.44 -95.24 112.11
N ALA C 302 -71.93 -96.35 111.55
CA ALA C 302 -72.16 -97.66 112.17
C ALA C 302 -71.38 -97.80 113.48
N ASP C 303 -70.14 -97.32 113.50
CA ASP C 303 -69.37 -97.37 114.74
C ASP C 303 -70.03 -96.52 115.82
N ILE C 304 -70.78 -95.48 115.41
CA ILE C 304 -71.61 -94.76 116.38
C ILE C 304 -72.57 -95.71 117.08
N GLY C 305 -73.29 -96.51 116.30
CA GLY C 305 -74.23 -97.44 116.90
C GLY C 305 -73.54 -98.48 117.75
N ALA C 306 -72.33 -98.88 117.35
CA ALA C 306 -71.55 -99.79 118.19
C ALA C 306 -71.27 -99.18 119.57
N ALA C 307 -70.73 -97.96 119.59
CA ALA C 307 -70.42 -97.32 120.87
C ALA C 307 -71.69 -97.03 121.66
N ARG C 308 -72.81 -96.80 120.97
CA ARG C 308 -74.06 -96.57 121.67
C ARG C 308 -74.58 -97.84 122.33
N ALA C 309 -74.54 -98.95 121.59
CA ALA C 309 -74.93 -100.24 122.16
C ALA C 309 -73.99 -100.67 123.27
N ALA C 310 -72.77 -100.12 123.32
CA ALA C 310 -71.87 -100.42 124.43
C ALA C 310 -72.47 -100.05 125.79
N PHE C 311 -73.46 -99.17 125.84
CA PHE C 311 -74.12 -98.78 127.08
C PHE C 311 -75.06 -99.85 127.63
N PHE C 312 -75.73 -100.61 126.77
CA PHE C 312 -76.88 -101.38 127.23
C PHE C 312 -76.45 -102.76 127.74
N PRO C 313 -77.26 -103.38 128.60
CA PRO C 313 -76.92 -104.71 129.12
C PRO C 313 -76.80 -105.75 128.02
N ARG C 314 -75.84 -106.66 128.18
CA ARG C 314 -75.68 -107.78 127.27
C ARG C 314 -76.03 -109.05 128.00
N ILE C 315 -76.71 -109.99 127.33
CA ILE C 315 -77.02 -111.25 127.97
C ILE C 315 -76.10 -112.29 127.37
N SER C 316 -75.39 -113.02 128.22
CA SER C 316 -74.41 -114.00 127.78
C SER C 316 -74.83 -115.38 128.26
N LEU C 317 -75.10 -116.26 127.31
CA LEU C 317 -75.48 -117.64 127.57
C LEU C 317 -74.26 -118.53 127.40
N THR C 318 -73.76 -119.08 128.49
CA THR C 318 -72.74 -120.11 128.47
C THR C 318 -73.42 -121.46 128.67
N GLY C 319 -73.04 -122.45 127.88
CA GLY C 319 -73.68 -123.74 127.99
C GLY C 319 -72.71 -124.86 127.72
N SER C 320 -73.08 -126.05 128.17
CA SER C 320 -72.23 -127.21 127.94
C SER C 320 -73.08 -128.47 128.00
N VAL C 321 -72.66 -129.47 127.21
CA VAL C 321 -73.18 -130.83 127.30
C VAL C 321 -72.04 -131.79 127.02
N GLY C 322 -71.91 -132.82 127.84
CA GLY C 322 -70.81 -133.75 127.71
C GLY C 322 -70.74 -134.76 128.83
N SER C 323 -69.54 -135.10 129.29
CA SER C 323 -69.37 -136.07 130.35
C SER C 323 -68.51 -135.50 131.46
N SER C 324 -68.69 -136.03 132.67
CA SER C 324 -67.91 -135.63 133.83
C SER C 324 -67.90 -136.78 134.83
N SER C 325 -66.77 -136.96 135.51
CA SER C 325 -66.63 -138.03 136.50
C SER C 325 -65.48 -137.70 137.44
N ALA C 326 -65.50 -138.35 138.60
CA ALA C 326 -64.40 -138.18 139.55
C ALA C 326 -63.18 -139.00 139.15
N GLU C 327 -63.36 -139.99 138.27
CA GLU C 327 -62.27 -140.82 137.80
C GLU C 327 -62.36 -140.96 136.28
N LEU C 328 -61.19 -141.19 135.66
CA LEU C 328 -61.13 -141.26 134.21
C LEU C 328 -61.88 -142.48 133.66
N SER C 329 -61.81 -143.61 134.38
CA SER C 329 -62.39 -144.85 133.87
C SER C 329 -63.87 -144.71 133.59
N GLY C 330 -64.57 -143.89 134.38
CA GLY C 330 -65.98 -143.66 134.18
C GLY C 330 -66.35 -142.54 133.25
N LEU C 331 -65.39 -142.05 132.45
CA LEU C 331 -65.68 -140.93 131.55
C LEU C 331 -66.73 -141.27 130.51
N PHE C 332 -66.72 -142.48 129.97
CA PHE C 332 -67.70 -142.88 128.95
C PHE C 332 -68.68 -143.91 129.46
N ASP C 333 -68.81 -144.06 130.78
CA ASP C 333 -69.80 -144.97 131.34
C ASP C 333 -71.16 -144.27 131.43
N GLY C 334 -72.21 -145.10 131.54
CA GLY C 334 -73.56 -144.59 131.61
C GLY C 334 -73.85 -143.73 132.83
N GLY C 335 -74.61 -142.66 132.64
CA GLY C 335 -75.02 -141.81 133.73
C GLY C 335 -74.14 -140.59 133.96
N SER C 336 -73.25 -140.25 133.04
CA SER C 336 -72.35 -139.12 133.21
C SER C 336 -72.68 -137.95 132.29
N ARG C 337 -73.71 -138.05 131.46
CA ARG C 337 -74.01 -137.00 130.50
C ARG C 337 -74.53 -135.77 131.22
N ALA C 338 -73.67 -134.77 131.38
CA ALA C 338 -73.97 -133.56 132.13
C ALA C 338 -74.22 -132.39 131.20
N TRP C 339 -74.91 -131.39 131.72
CA TRP C 339 -75.20 -130.17 130.96
C TRP C 339 -75.19 -128.97 131.91
N SER C 340 -75.03 -127.79 131.31
CA SER C 340 -74.95 -126.54 132.04
C SER C 340 -75.49 -125.41 131.19
N PHE C 341 -76.22 -124.49 131.83
CA PHE C 341 -76.73 -123.28 131.19
C PHE C 341 -76.60 -122.14 132.18
N ALA C 342 -76.01 -121.02 131.74
CA ALA C 342 -75.76 -119.86 132.60
C ALA C 342 -75.95 -118.59 131.79
N PRO C 343 -77.05 -117.88 132.00
CA PRO C 343 -77.18 -116.53 131.45
C PRO C 343 -76.72 -115.48 132.44
N THR C 344 -75.95 -114.52 131.95
CA THR C 344 -75.51 -113.38 132.73
C THR C 344 -75.96 -112.10 132.04
N LEU C 345 -76.36 -111.11 132.84
CA LEU C 345 -76.79 -109.82 132.33
C LEU C 345 -75.80 -108.76 132.79
N SER C 346 -75.11 -108.13 131.85
CA SER C 346 -74.03 -107.19 132.16
C SER C 346 -74.51 -105.78 131.86
N LEU C 347 -74.41 -104.90 132.87
CA LEU C 347 -74.76 -103.50 132.74
C LEU C 347 -74.02 -102.72 133.83
N PRO C 348 -72.86 -102.14 133.54
CA PRO C 348 -72.30 -101.12 134.43
C PRO C 348 -73.31 -100.06 134.83
N ILE C 349 -73.65 -100.00 136.12
CA ILE C 349 -74.65 -99.03 136.58
C ILE C 349 -74.12 -97.61 136.42
N PHE C 350 -72.88 -97.37 136.84
CA PHE C 350 -72.26 -96.06 136.75
C PHE C 350 -70.99 -96.19 135.90
N ALA C 351 -71.04 -95.64 134.69
CA ALA C 351 -69.87 -95.69 133.82
C ALA C 351 -68.71 -94.90 134.41
N GLY C 352 -69.01 -93.75 135.03
CA GLY C 352 -67.94 -92.87 135.48
C GLY C 352 -67.17 -92.25 134.34
N GLY C 353 -67.78 -92.18 133.16
CA GLY C 353 -67.08 -91.78 131.95
C GLY C 353 -66.54 -92.91 131.12
N ARG C 354 -66.46 -94.13 131.68
CA ARG C 354 -65.90 -95.25 130.93
C ARG C 354 -66.71 -95.58 129.69
N ASN C 355 -68.03 -95.65 129.80
CA ASN C 355 -68.89 -95.85 128.65
C ASN C 355 -69.34 -94.54 128.03
N ARG C 356 -69.42 -93.47 128.83
CA ARG C 356 -69.81 -92.18 128.28
C ARG C 356 -68.74 -91.62 127.34
N ALA C 357 -67.49 -91.58 127.78
CA ALA C 357 -66.45 -90.97 126.95
C ALA C 357 -66.24 -91.77 125.67
N ASN C 358 -66.56 -93.06 125.68
CA ASN C 358 -66.65 -93.80 124.43
C ASN C 358 -67.73 -93.20 123.51
N LEU C 359 -68.85 -92.81 124.09
CA LEU C 359 -69.92 -92.20 123.31
C LEU C 359 -69.49 -90.86 122.72
N ASP C 360 -68.80 -90.04 123.53
CA ASP C 360 -68.28 -88.78 123.00
C ASP C 360 -67.24 -89.04 121.91
N LEU C 361 -66.41 -90.06 122.09
CA LEU C 361 -65.43 -90.41 121.06
C LEU C 361 -66.13 -90.75 119.75
N ALA C 362 -67.19 -91.56 119.82
CA ALA C 362 -67.93 -91.91 118.62
C ALA C 362 -68.58 -90.70 117.96
N GLU C 363 -69.21 -89.84 118.76
CA GLU C 363 -69.88 -88.67 118.19
C GLU C 363 -68.87 -87.74 117.53
N VAL C 364 -67.74 -87.52 118.19
CA VAL C 364 -66.72 -86.62 117.64
C VAL C 364 -66.10 -87.21 116.39
N ARG C 365 -65.89 -88.52 116.37
CA ARG C 365 -65.40 -89.18 115.18
C ARG C 365 -66.40 -89.03 114.03
N GLN C 366 -67.69 -89.09 114.32
CA GLN C 366 -68.70 -88.87 113.28
C GLN C 366 -68.63 -87.44 112.75
N ASP C 367 -68.46 -86.47 113.64
CA ASP C 367 -68.34 -85.09 113.20
C ASP C 367 -67.13 -84.91 112.29
N ALA C 368 -66.00 -85.53 112.66
CA ALA C 368 -64.82 -85.49 111.82
C ALA C 368 -65.06 -86.17 110.48
N ALA C 369 -65.85 -87.26 110.49
CA ALA C 369 -66.18 -87.94 109.24
C ALA C 369 -67.00 -87.05 108.31
N VAL C 370 -67.99 -86.36 108.86
CA VAL C 370 -68.77 -85.41 108.06
C VAL C 370 -67.87 -84.33 107.50
N ALA C 371 -66.94 -83.85 108.32
CA ALA C 371 -66.01 -82.82 107.86
C ALA C 371 -65.13 -83.33 106.71
N ASP C 372 -64.67 -84.57 106.80
CA ASP C 372 -63.83 -85.10 105.72
C ASP C 372 -64.65 -85.30 104.45
N TYR C 373 -65.92 -85.70 104.60
CA TYR C 373 -66.80 -85.80 103.45
C TYR C 373 -66.93 -84.46 102.73
N GLU C 374 -67.16 -83.39 103.50
CA GLU C 374 -67.26 -82.06 102.92
C GLU C 374 -65.94 -81.64 102.27
N GLY C 375 -64.82 -81.95 102.92
CA GLY C 375 -63.53 -81.60 102.35
C GLY C 375 -63.24 -82.32 101.05
N THR C 376 -63.59 -83.60 100.97
CA THR C 376 -63.43 -84.36 99.73
C THR C 376 -64.30 -83.77 98.63
N ILE C 377 -65.53 -83.38 98.97
CA ILE C 377 -66.39 -82.74 97.97
C ILE C 377 -65.73 -81.46 97.45
N GLN C 378 -65.19 -80.65 98.35
CA GLN C 378 -64.54 -79.41 97.95
C GLN C 378 -63.33 -79.69 97.06
N THR C 379 -62.53 -80.69 97.41
CA THR C 379 -61.36 -81.03 96.61
C THR C 379 -61.75 -81.46 95.21
N ALA C 380 -62.79 -82.30 95.10
CA ALA C 380 -63.25 -82.72 93.78
C ALA C 380 -63.76 -81.54 92.96
N PHE C 381 -64.49 -80.62 93.60
CA PHE C 381 -64.96 -79.42 92.92
C PHE C 381 -63.78 -78.60 92.39
N ARG C 382 -62.76 -78.41 93.22
CA ARG C 382 -61.57 -77.69 92.80
C ARG C 382 -60.92 -78.36 91.60
N GLU C 383 -60.79 -79.69 91.68
CA GLU C 383 -60.13 -80.46 90.59
C GLU C 383 -60.89 -80.29 89.27
N VAL C 384 -62.22 -80.42 89.29
CA VAL C 384 -62.97 -80.36 88.04
C VAL C 384 -62.97 -78.95 87.48
N ALA C 385 -63.06 -77.93 88.35
CA ALA C 385 -63.00 -76.55 87.87
C ALA C 385 -61.66 -76.25 87.23
N ASP C 386 -60.57 -76.69 87.88
CA ASP C 386 -59.24 -76.51 87.29
C ASP C 386 -59.13 -77.20 85.94
N ALA C 387 -59.65 -78.42 85.85
CA ALA C 387 -59.56 -79.16 84.59
C ALA C 387 -60.33 -78.45 83.48
N LEU C 388 -61.52 -77.92 83.78
CA LEU C 388 -62.28 -77.19 82.77
C LEU C 388 -61.53 -75.95 82.31
N ALA C 389 -61.00 -75.18 83.26
CA ALA C 389 -60.27 -73.97 82.90
C ALA C 389 -59.06 -74.31 82.04
N ALA C 390 -58.33 -75.36 82.41
CA ALA C 390 -57.17 -75.77 81.64
C ALA C 390 -57.57 -76.21 80.24
N THR C 391 -58.65 -76.99 80.12
CA THR C 391 -59.09 -77.43 78.81
C THR C 391 -59.36 -76.25 77.89
N ASP C 392 -60.16 -75.28 78.37
CA ASP C 392 -60.49 -74.14 77.52
C ASP C 392 -59.25 -73.31 77.18
N THR C 393 -58.44 -73.00 78.18
CA THR C 393 -57.28 -72.13 77.95
C THR C 393 -56.27 -72.77 77.02
N LEU C 394 -55.97 -74.06 77.22
CA LEU C 394 -55.03 -74.72 76.33
C LEU C 394 -55.60 -74.93 74.95
N ARG C 395 -56.93 -75.07 74.80
CA ARG C 395 -57.51 -75.10 73.46
C ARG C 395 -57.21 -73.79 72.73
N ARG C 396 -57.48 -72.66 73.38
CA ARG C 396 -57.24 -71.38 72.72
C ARG C 396 -55.75 -71.15 72.48
N GLU C 397 -54.91 -71.57 73.42
CA GLU C 397 -53.47 -71.42 73.25
C GLU C 397 -52.96 -72.26 72.08
N GLU C 398 -53.49 -73.48 71.93
CA GLU C 398 -53.11 -74.32 70.80
C GLU C 398 -53.54 -73.69 69.49
N ALA C 399 -54.71 -73.04 69.49
CA ALA C 399 -55.11 -72.29 68.29
C ALA C 399 -54.10 -71.20 67.97
N ALA C 400 -53.63 -70.48 68.99
CA ALA C 400 -52.63 -69.44 68.79
C ALA C 400 -51.33 -70.00 68.21
N ARG C 401 -50.88 -71.14 68.74
CA ARG C 401 -49.65 -71.75 68.26
C ARG C 401 -49.81 -72.28 66.84
N GLN C 402 -51.02 -72.76 66.52
CA GLN C 402 -51.31 -73.15 65.14
C GLN C 402 -51.18 -71.96 64.19
N ALA C 403 -51.71 -70.82 64.61
CA ALA C 403 -51.56 -69.61 63.79
C ALA C 403 -50.10 -69.24 63.62
N LEU C 404 -49.32 -69.34 64.70
CA LEU C 404 -47.89 -69.02 64.61
C LEU C 404 -47.18 -69.97 63.65
N ALA C 405 -47.49 -71.26 63.72
CA ALA C 405 -46.86 -72.24 62.83
C ALA C 405 -47.24 -71.96 61.38
N GLY C 406 -48.50 -71.61 61.13
CA GLY C 406 -48.90 -71.27 59.78
C GLY C 406 -48.17 -70.05 59.24
N SER C 407 -48.01 -69.03 60.09
CA SER C 407 -47.26 -67.84 59.67
C SER C 407 -45.81 -68.18 59.36
N SER C 408 -45.20 -69.04 60.19
CA SER C 408 -43.82 -69.45 59.92
C SER C 408 -43.72 -70.24 58.61
N GLU C 409 -44.73 -71.05 58.30
CA GLU C 409 -44.70 -71.81 57.06
C GLU C 409 -44.89 -70.88 55.85
N ALA C 410 -45.71 -69.84 56.00
CA ALA C 410 -45.83 -68.85 54.92
C ALA C 410 -44.49 -68.15 54.69
N ALA C 411 -43.81 -67.79 55.79
CA ALA C 411 -42.47 -67.22 55.66
C ALA C 411 -41.52 -68.21 54.99
N MET C 412 -41.67 -69.51 55.28
CA MET C 412 -40.94 -70.54 54.57
C MET C 412 -41.15 -70.44 53.06
N ALA C 413 -42.41 -70.40 52.63
CA ALA C 413 -42.69 -70.36 51.19
C ALA C 413 -42.05 -69.13 50.56
N LEU C 414 -42.19 -67.97 51.21
CA LEU C 414 -41.63 -66.75 50.66
C LEU C 414 -40.10 -66.79 50.59
N ALA C 415 -39.45 -67.27 51.66
CA ALA C 415 -38.00 -67.31 51.68
C ALA C 415 -37.47 -68.30 50.66
N LYS C 416 -38.12 -69.46 50.52
CA LYS C 416 -37.70 -70.44 49.53
C LYS C 416 -37.85 -69.88 48.12
N ALA C 417 -38.95 -69.18 47.87
CA ALA C 417 -39.15 -68.58 46.56
C ALA C 417 -38.09 -67.53 46.27
N ARG C 418 -37.74 -66.72 47.27
CA ARG C 418 -36.70 -65.73 47.07
C ARG C 418 -35.34 -66.38 46.80
N TYR C 419 -34.99 -67.41 47.57
CA TYR C 419 -33.69 -68.03 47.39
C TYR C 419 -33.58 -68.74 46.04
N GLU C 420 -34.63 -69.47 45.65
CA GLU C 420 -34.60 -70.16 44.36
C GLU C 420 -34.43 -69.19 43.21
N GLY C 421 -34.87 -67.94 43.39
CA GLY C 421 -34.67 -66.91 42.40
C GLY C 421 -33.31 -66.25 42.42
N GLY C 422 -32.43 -66.66 43.33
CA GLY C 422 -31.10 -66.10 43.40
C GLY C 422 -31.02 -64.71 44.01
N VAL C 423 -32.02 -64.33 44.80
CA VAL C 423 -31.99 -63.00 45.41
C VAL C 423 -31.45 -63.06 46.83
N ASP C 424 -31.81 -64.08 47.58
CA ASP C 424 -31.35 -64.25 48.95
C ASP C 424 -30.39 -65.43 49.05
N ASP C 425 -29.47 -65.35 50.00
CA ASP C 425 -28.46 -66.38 50.16
C ASP C 425 -29.06 -67.62 50.83
N TYR C 426 -28.24 -68.65 50.94
CA TYR C 426 -28.65 -69.89 51.59
C TYR C 426 -28.85 -69.69 53.09
N LEU C 427 -28.15 -68.71 53.68
CA LEU C 427 -28.27 -68.45 55.11
C LEU C 427 -29.68 -68.03 55.48
N ARG C 428 -30.30 -67.17 54.66
CA ARG C 428 -31.66 -66.74 54.95
C ARG C 428 -32.63 -67.91 54.92
N TYR C 429 -32.52 -68.76 53.91
CA TYR C 429 -33.40 -69.93 53.82
C TYR C 429 -33.19 -70.87 55.00
N LEU C 430 -31.93 -71.08 55.39
CA LEU C 430 -31.65 -72.00 56.49
C LEU C 430 -32.12 -71.44 57.82
N ASP C 431 -31.92 -70.14 58.04
CA ASP C 431 -32.43 -69.50 59.26
C ASP C 431 -33.94 -69.57 59.32
N ALA C 432 -34.61 -69.34 58.19
CA ALA C 432 -36.06 -69.46 58.18
C ALA C 432 -36.49 -70.88 58.50
N GLN C 433 -35.77 -71.87 57.96
CA GLN C 433 -36.01 -73.28 58.31
C GLN C 433 -35.93 -73.47 59.81
N ARG C 434 -34.86 -72.98 60.43
CA ARG C 434 -34.69 -73.11 61.87
C ARG C 434 -35.85 -72.47 62.62
N SER C 435 -36.25 -71.28 62.19
CA SER C 435 -37.31 -70.55 62.88
C SER C 435 -38.64 -71.28 62.79
N THR C 436 -39.03 -71.70 61.58
CA THR C 436 -40.32 -72.36 61.42
C THR C 436 -40.34 -73.69 62.16
N PHE C 437 -39.20 -74.38 62.23
CA PHE C 437 -39.20 -75.66 62.91
C PHE C 437 -39.25 -75.47 64.42
N SER C 438 -38.55 -74.46 64.94
CA SER C 438 -38.64 -74.16 66.37
C SER C 438 -40.07 -73.81 66.75
N ASN C 439 -40.76 -73.04 65.91
CA ASN C 439 -42.17 -72.75 66.18
C ASN C 439 -43.02 -74.02 66.13
N GLN C 440 -42.74 -74.89 65.16
CA GLN C 440 -43.54 -76.11 65.03
C GLN C 440 -43.38 -77.02 66.25
N THR C 441 -42.17 -77.11 66.80
CA THR C 441 -42.02 -77.92 68.02
C THR C 441 -42.59 -77.21 69.23
N THR C 442 -42.52 -75.87 69.27
CA THR C 442 -43.09 -75.15 70.39
C THR C 442 -44.60 -75.33 70.43
N LEU C 443 -45.22 -75.58 69.28
CA LEU C 443 -46.65 -75.92 69.25
C LEU C 443 -46.91 -77.27 69.90
N ILE C 444 -45.98 -78.20 69.76
CA ILE C 444 -46.15 -79.57 70.19
C ILE C 444 -46.28 -79.68 71.70
N GLN C 445 -45.51 -78.90 72.45
CA GLN C 445 -45.63 -78.91 73.91
C GLN C 445 -47.04 -78.49 74.33
N ILE C 446 -47.57 -77.45 73.70
CA ILE C 446 -48.92 -76.99 74.03
C ILE C 446 -49.95 -78.05 73.68
N SER C 447 -49.80 -78.68 72.51
CA SER C 447 -50.75 -79.71 72.12
C SER C 447 -50.73 -80.90 73.09
N THR C 448 -49.53 -81.33 73.48
CA THR C 448 -49.42 -82.44 74.42
C THR C 448 -50.00 -82.05 75.78
N GLU C 449 -49.77 -80.82 76.21
CA GLU C 449 -50.35 -80.36 77.46
C GLU C 449 -51.87 -80.34 77.40
N ARG C 450 -52.43 -79.94 76.26
CA ARG C 450 -53.88 -79.95 76.11
C ARG C 450 -54.42 -81.38 76.18
N GLN C 451 -53.75 -82.32 75.52
CA GLN C 451 -54.19 -83.70 75.58
C GLN C 451 -54.11 -84.26 76.99
N ILE C 452 -53.02 -83.95 77.71
CA ILE C 452 -52.87 -84.40 79.09
C ILE C 452 -53.94 -83.77 79.97
N ALA C 453 -54.30 -82.52 79.70
CA ALA C 453 -55.38 -81.87 80.44
C ALA C 453 -56.71 -82.56 80.17
N LEU C 454 -56.95 -82.98 78.93
CA LEU C 454 -58.16 -83.75 78.64
C LEU C 454 -58.19 -85.05 79.43
N VAL C 455 -57.05 -85.74 79.49
CA VAL C 455 -56.99 -86.98 80.25
C VAL C 455 -57.24 -86.73 81.74
N ASP C 456 -56.65 -85.64 82.26
CA ASP C 456 -56.88 -85.28 83.66
C ASP C 456 -58.34 -84.96 83.93
N LEU C 457 -58.99 -84.28 82.98
CA LEU C 457 -60.42 -84.02 83.09
C LEU C 457 -61.21 -85.33 83.13
N PHE C 458 -60.83 -86.29 82.28
CA PHE C 458 -61.50 -87.59 82.30
C PHE C 458 -61.33 -88.27 83.65
N ARG C 459 -60.11 -88.23 84.21
CA ARG C 459 -59.87 -88.87 85.49
C ARG C 459 -60.68 -88.19 86.60
N SER C 460 -60.69 -86.86 86.58
CA SER C 460 -61.38 -86.10 87.60
C SER C 460 -62.87 -86.25 87.57
N LEU C 461 -63.41 -86.58 86.42
CA LEU C 461 -64.83 -86.76 86.28
C LEU C 461 -65.26 -88.17 86.62
N GLY C 462 -64.34 -89.05 87.00
CA GLY C 462 -64.69 -90.41 87.34
C GLY C 462 -64.72 -91.34 86.14
N ALA D 36 64.92 36.74 -0.35
CA ALA D 36 64.16 35.92 0.59
C ALA D 36 62.86 36.61 0.99
N ARG D 37 61.74 35.91 0.80
CA ARG D 37 60.43 36.49 1.05
C ARG D 37 60.00 36.25 2.50
N GLU D 38 59.50 37.30 3.14
CA GLU D 38 59.07 37.19 4.53
C GLU D 38 57.78 36.38 4.63
N VAL D 39 57.73 35.46 5.58
CA VAL D 39 56.60 34.56 5.76
C VAL D 39 56.19 34.56 7.22
N ASP D 40 54.91 34.31 7.48
CA ASP D 40 54.42 34.16 8.84
C ASP D 40 54.61 32.72 9.28
N VAL D 41 55.15 32.54 10.48
CA VAL D 41 55.50 31.22 11.00
C VAL D 41 54.70 30.98 12.27
N LEU D 42 54.09 29.79 12.36
CA LEU D 42 53.36 29.37 13.55
C LEU D 42 54.11 28.23 14.22
N SER D 43 54.38 28.38 15.51
CA SER D 43 55.00 27.33 16.29
C SER D 43 53.94 26.33 16.71
N VAL D 44 54.07 25.09 16.26
CA VAL D 44 53.06 24.07 16.52
C VAL D 44 53.07 23.71 18.00
N LYS D 45 51.89 23.71 18.62
CA LYS D 45 51.73 23.34 20.01
C LYS D 45 50.60 22.32 20.13
N THR D 46 50.66 21.51 21.19
CA THR D 46 49.65 20.50 21.44
C THR D 46 48.73 20.96 22.57
N GLU D 47 47.43 20.79 22.38
CA GLU D 47 46.45 21.13 23.39
C GLU D 47 45.33 20.09 23.34
N PRO D 48 44.73 19.78 24.49
CA PRO D 48 43.62 18.82 24.50
C PRO D 48 42.43 19.35 23.71
N PHE D 49 41.78 18.45 22.98
CA PHE D 49 40.61 18.82 22.17
C PHE D 49 39.65 17.63 22.14
N THR D 50 38.40 17.90 22.48
CA THR D 50 37.36 16.86 22.47
C THR D 50 36.45 17.07 21.27
N VAL D 51 36.29 16.04 20.46
CA VAL D 51 35.40 16.09 19.31
C VAL D 51 33.99 15.79 19.77
N PHE D 52 33.05 16.67 19.42
CA PHE D 52 31.66 16.52 19.82
C PHE D 52 30.79 16.28 18.60
N ALA D 53 29.87 15.31 18.71
CA ALA D 53 28.93 15.00 17.65
C ALA D 53 27.53 15.41 18.07
N GLU D 54 26.84 16.13 17.19
CA GLU D 54 25.46 16.54 17.43
C GLU D 54 24.55 15.52 16.76
N LEU D 55 23.97 14.64 17.56
CA LEU D 55 23.15 13.55 17.06
C LEU D 55 21.68 13.86 17.25
N PRO D 56 20.81 13.34 16.39
CA PRO D 56 19.37 13.53 16.59
C PRO D 56 18.80 12.52 17.57
N GLY D 57 17.90 13.00 18.43
CA GLY D 57 17.24 12.14 19.38
C GLY D 57 15.86 12.67 19.71
N ARG D 58 15.13 11.88 20.50
CA ARG D 58 13.80 12.24 20.95
C ARG D 58 13.68 12.00 22.44
N ILE D 59 12.83 12.80 23.08
CA ILE D 59 12.62 12.69 24.51
C ILE D 59 11.56 11.64 24.79
N GLU D 60 11.84 10.75 25.74
CA GLU D 60 10.97 9.68 26.16
C GLU D 60 10.80 9.73 27.68
N PRO D 61 9.68 9.26 28.20
CA PRO D 61 9.54 9.15 29.66
C PRO D 61 10.15 7.86 30.16
N VAL D 62 10.67 7.91 31.39
CA VAL D 62 11.32 6.74 31.97
C VAL D 62 10.32 5.60 32.14
N ARG D 63 9.11 5.91 32.62
CA ARG D 63 8.08 4.90 32.82
C ARG D 63 6.81 5.29 32.10
N VAL D 64 6.29 4.35 31.31
CA VAL D 64 5.01 4.52 30.62
C VAL D 64 4.08 3.41 31.06
N ALA D 65 2.88 3.78 31.52
CA ALA D 65 1.87 2.83 31.93
C ALA D 65 0.64 3.03 31.08
N GLU D 66 0.33 2.06 30.22
CA GLU D 66 -0.85 2.10 29.39
C GLU D 66 -2.01 1.49 30.17
N VAL D 67 -2.81 2.33 30.81
CA VAL D 67 -3.96 1.89 31.59
C VAL D 67 -4.98 1.29 30.62
N ARG D 68 -5.17 -0.02 30.69
CA ARG D 68 -6.05 -0.76 29.79
C ARG D 68 -7.06 -1.56 30.59
N ALA D 69 -8.24 -1.76 30.00
CA ALA D 69 -9.29 -2.52 30.65
C ALA D 69 -9.02 -4.01 30.50
N ARG D 70 -9.15 -4.75 31.61
CA ARG D 70 -8.96 -6.19 31.58
C ARG D 70 -10.26 -6.98 31.52
N VAL D 71 -11.37 -6.39 31.92
CA VAL D 71 -12.65 -7.09 31.98
C VAL D 71 -13.68 -6.33 31.16
N ALA D 72 -14.52 -7.09 30.45
CA ALA D 72 -15.52 -6.51 29.59
C ALA D 72 -16.66 -5.90 30.40
N GLY D 73 -17.11 -4.73 30.00
CA GLY D 73 -18.19 -4.06 30.68
C GLY D 73 -18.36 -2.65 30.18
N ILE D 74 -19.35 -1.97 30.76
CA ILE D 74 -19.66 -0.59 30.40
C ILE D 74 -18.98 0.35 31.39
N VAL D 75 -18.27 1.34 30.87
CA VAL D 75 -17.58 2.31 31.72
C VAL D 75 -18.64 3.25 32.31
N LEU D 76 -18.93 3.09 33.60
CA LEU D 76 -19.94 3.93 34.24
C LEU D 76 -19.44 5.34 34.47
N LYS D 77 -18.32 5.49 35.18
CA LYS D 77 -17.87 6.80 35.62
C LYS D 77 -16.38 6.95 35.35
N ARG D 78 -15.95 8.18 35.11
CA ARG D 78 -14.55 8.54 35.07
C ARG D 78 -14.24 9.36 36.32
N THR D 79 -13.21 8.93 37.07
CA THR D 79 -12.94 9.48 38.38
C THR D 79 -11.87 10.56 38.36
N PHE D 80 -11.04 10.60 37.32
CA PHE D 80 -9.92 11.52 37.27
C PHE D 80 -10.21 12.64 36.26
N GLU D 81 -9.55 13.77 36.47
CA GLU D 81 -9.56 14.87 35.51
C GLU D 81 -8.31 14.78 34.66
N GLU D 82 -8.49 14.95 33.34
CA GLU D 82 -7.38 14.77 32.41
C GLU D 82 -6.28 15.78 32.66
N GLY D 83 -5.04 15.31 32.71
CA GLY D 83 -3.89 16.15 32.91
C GLY D 83 -3.40 16.27 34.34
N ALA D 84 -4.18 15.82 35.31
CA ALA D 84 -3.77 15.92 36.69
C ALA D 84 -2.71 14.87 37.01
N ASP D 85 -1.95 15.14 38.06
CA ASP D 85 -0.98 14.18 38.57
C ASP D 85 -1.71 13.15 39.44
N VAL D 86 -1.43 11.87 39.20
CA VAL D 86 -2.12 10.79 39.89
C VAL D 86 -1.12 9.98 40.69
N LYS D 87 -1.57 9.46 41.82
CA LYS D 87 -0.76 8.61 42.67
C LYS D 87 -1.08 7.13 42.42
N ALA D 88 -0.13 6.28 42.76
CA ALA D 88 -0.33 4.84 42.60
C ALA D 88 -1.51 4.37 43.44
N GLY D 89 -2.40 3.60 42.83
CA GLY D 89 -3.58 3.11 43.51
C GLY D 89 -4.80 4.01 43.38
N ASP D 90 -4.66 5.19 42.79
CA ASP D 90 -5.81 6.08 42.61
C ASP D 90 -6.75 5.51 41.55
N VAL D 91 -8.04 5.50 41.87
CA VAL D 91 -9.05 4.95 40.97
C VAL D 91 -9.26 5.93 39.82
N LEU D 92 -9.12 5.45 38.59
CA LEU D 92 -9.30 6.27 37.40
C LEU D 92 -10.63 6.01 36.71
N PHE D 93 -10.94 4.75 36.44
CA PHE D 93 -12.19 4.38 35.78
C PHE D 93 -12.95 3.39 36.64
N GLN D 94 -14.28 3.42 36.50
CA GLN D 94 -15.15 2.45 37.15
C GLN D 94 -15.96 1.74 36.08
N ILE D 95 -15.78 0.44 35.98
CA ILE D 95 -16.56 -0.40 35.08
C ILE D 95 -17.60 -1.16 35.90
N ASP D 96 -18.82 -1.24 35.39
CA ASP D 96 -19.91 -1.82 36.18
C ASP D 96 -19.66 -3.31 36.39
N PRO D 97 -19.52 -3.76 37.64
CA PRO D 97 -19.47 -5.20 37.88
C PRO D 97 -20.86 -5.80 37.95
N ALA D 98 -21.35 -6.37 36.85
CA ALA D 98 -22.52 -7.23 36.92
C ALA D 98 -22.10 -8.68 37.19
N PRO D 99 -21.19 -9.26 36.40
CA PRO D 99 -20.87 -10.68 36.60
C PRO D 99 -19.87 -10.93 37.70
N PHE D 100 -18.91 -10.03 37.89
CA PHE D 100 -17.84 -10.27 38.86
C PHE D 100 -18.38 -10.23 40.29
N LYS D 101 -19.35 -9.36 40.55
CA LYS D 101 -20.00 -9.35 41.85
C LYS D 101 -20.69 -10.68 42.12
N ALA D 102 -21.38 -11.22 41.12
CA ALA D 102 -22.05 -12.51 41.28
C ALA D 102 -21.04 -13.64 41.50
N ALA D 103 -19.92 -13.60 40.77
CA ALA D 103 -18.89 -14.62 40.96
C ALA D 103 -18.31 -14.54 42.37
N LEU D 104 -18.08 -13.33 42.87
CA LEU D 104 -17.61 -13.17 44.24
C LEU D 104 -18.63 -13.71 45.24
N SER D 105 -19.92 -13.46 44.99
CA SER D 105 -20.96 -13.98 45.87
C SER D 105 -20.96 -15.51 45.87
N ARG D 106 -20.82 -16.12 44.69
CA ARG D 106 -20.79 -17.58 44.61
C ARG D 106 -19.58 -18.14 45.36
N ALA D 107 -18.42 -17.51 45.19
CA ALA D 107 -17.23 -17.97 45.90
C ALA D 107 -17.41 -17.82 47.40
N GLN D 108 -18.02 -16.72 47.85
CA GLN D 108 -18.27 -16.55 49.28
C GLN D 108 -19.22 -17.60 49.81
N GLY D 109 -20.23 -17.97 49.02
CA GLY D 109 -21.13 -19.04 49.45
C GLY D 109 -20.41 -20.37 49.58
N GLU D 110 -19.55 -20.69 48.61
CA GLU D 110 -18.78 -21.92 48.72
C GLU D 110 -17.85 -21.90 49.93
N LEU D 111 -17.24 -20.75 50.21
CA LEU D 111 -16.40 -20.62 51.39
C LEU D 111 -17.21 -20.82 52.66
N ALA D 112 -18.43 -20.29 52.70
CA ALA D 112 -19.29 -20.49 53.86
C ALA D 112 -19.63 -21.97 54.06
N ARG D 113 -19.90 -22.67 52.96
CA ARG D 113 -20.16 -24.12 53.06
C ARG D 113 -18.94 -24.85 53.61
N ALA D 114 -17.76 -24.50 53.11
CA ALA D 114 -16.53 -25.13 53.61
C ALA D 114 -16.32 -24.84 55.08
N GLU D 115 -16.60 -23.60 55.51
CA GLU D 115 -16.44 -23.25 56.91
C GLU D 115 -17.44 -24.02 57.79
N ALA D 116 -18.66 -24.23 57.30
CA ALA D 116 -19.62 -25.02 58.04
C ALA D 116 -19.14 -26.45 58.22
N GLN D 117 -18.63 -27.06 57.15
CA GLN D 117 -18.11 -28.42 57.26
C GLN D 117 -16.92 -28.47 58.22
N LEU D 118 -16.04 -27.46 58.17
CA LEU D 118 -14.91 -27.41 59.09
C LEU D 118 -15.38 -27.30 60.54
N PHE D 119 -16.42 -26.50 60.78
CA PHE D 119 -16.96 -26.38 62.13
C PHE D 119 -17.49 -27.71 62.63
N GLN D 120 -18.21 -28.44 61.76
CA GLN D 120 -18.70 -29.76 62.14
C GLN D 120 -17.54 -30.69 62.48
N ALA D 121 -16.50 -30.70 61.64
CA ALA D 121 -15.36 -31.57 61.91
C ALA D 121 -14.66 -31.19 63.21
N GLN D 122 -14.51 -29.89 63.46
CA GLN D 122 -13.87 -29.45 64.70
C GLN D 122 -14.66 -29.89 65.91
N ALA D 123 -15.99 -29.76 65.86
CA ALA D 123 -16.81 -30.22 66.98
C ALA D 123 -16.67 -31.72 67.18
N MET D 124 -16.68 -32.50 66.10
CA MET D 124 -16.53 -33.95 66.22
C MET D 124 -15.20 -34.31 66.85
N VAL D 125 -14.12 -33.67 66.41
CA VAL D 125 -12.79 -33.98 66.95
C VAL D 125 -12.71 -33.57 68.42
N ARG D 126 -13.27 -32.42 68.76
CA ARG D 126 -13.25 -31.97 70.14
C ARG D 126 -14.01 -32.92 71.05
N ARG D 127 -15.13 -33.46 70.59
CA ARG D 127 -15.86 -34.43 71.39
C ARG D 127 -15.12 -35.76 71.48
N TYR D 128 -14.50 -36.20 70.39
CA TYR D 128 -13.86 -37.51 70.37
C TYR D 128 -12.53 -37.53 71.13
N GLU D 129 -11.89 -36.37 71.28
CA GLU D 129 -10.56 -36.35 71.91
C GLU D 129 -10.57 -36.90 73.34
N PRO D 130 -11.49 -36.50 74.23
CA PRO D 130 -11.48 -37.11 75.57
C PRO D 130 -12.00 -38.54 75.59
N LEU D 131 -12.87 -38.90 74.64
CA LEU D 131 -13.47 -40.23 74.66
C LEU D 131 -12.47 -41.31 74.27
N VAL D 132 -11.55 -41.00 73.35
CA VAL D 132 -10.58 -42.01 72.93
C VAL D 132 -9.60 -42.33 74.05
N LYS D 133 -9.31 -41.37 74.93
CA LYS D 133 -8.42 -41.63 76.05
C LYS D 133 -9.04 -42.59 77.05
N ILE D 134 -10.36 -42.61 77.18
CA ILE D 134 -11.06 -43.54 78.04
C ILE D 134 -11.62 -44.71 77.24
N ASP D 135 -11.20 -44.84 75.99
CA ASP D 135 -11.56 -45.95 75.11
C ASP D 135 -13.07 -46.04 74.86
N ALA D 136 -13.77 -44.89 74.91
CA ALA D 136 -15.19 -44.88 74.60
C ALA D 136 -15.47 -45.05 73.11
N VAL D 137 -14.51 -44.72 72.24
CA VAL D 137 -14.64 -44.93 70.81
C VAL D 137 -13.37 -45.61 70.32
N SER D 138 -13.49 -46.30 69.20
CA SER D 138 -12.34 -47.00 68.63
C SER D 138 -11.31 -46.01 68.10
N GLN D 139 -10.05 -46.43 68.11
CA GLN D 139 -8.98 -45.59 67.57
C GLN D 139 -9.21 -45.31 66.08
N GLN D 140 -9.81 -46.26 65.37
CA GLN D 140 -10.11 -46.06 63.96
C GLN D 140 -11.08 -44.89 63.76
N ASP D 141 -12.11 -44.81 64.61
CA ASP D 141 -13.05 -43.70 64.51
C ASP D 141 -12.38 -42.37 64.79
N PHE D 142 -11.48 -42.33 65.78
CA PHE D 142 -10.78 -41.08 66.09
C PHE D 142 -9.88 -40.67 64.93
N ASP D 143 -9.20 -41.62 64.32
CA ASP D 143 -8.35 -41.29 63.17
C ASP D 143 -9.20 -40.84 61.98
N ASN D 144 -10.37 -41.44 61.78
CA ASN D 144 -11.27 -40.98 60.73
C ASN D 144 -11.71 -39.55 60.99
N ALA D 145 -12.05 -39.23 62.24
CA ALA D 145 -12.45 -37.87 62.58
C ALA D 145 -11.31 -36.89 62.35
N MET D 146 -10.08 -37.26 62.72
CA MET D 146 -8.94 -36.39 62.49
C MET D 146 -8.69 -36.17 61.00
N ALA D 147 -8.81 -37.23 60.20
CA ALA D 147 -8.66 -37.08 58.75
C ALA D 147 -9.74 -36.19 58.18
N ALA D 148 -10.98 -36.32 58.66
CA ALA D 148 -12.04 -35.44 58.21
C ALA D 148 -11.76 -33.99 58.57
N LEU D 149 -11.22 -33.76 59.78
CA LEU D 149 -10.89 -32.41 60.19
C LEU D 149 -9.81 -31.81 59.28
N GLN D 150 -8.77 -32.59 58.99
CA GLN D 150 -7.71 -32.09 58.11
C GLN D 150 -8.24 -31.83 56.71
N SER D 151 -9.10 -32.71 56.20
CA SER D 151 -9.71 -32.51 54.89
C SER D 151 -10.55 -31.25 54.87
N ALA D 152 -11.30 -31.00 55.94
CA ALA D 152 -12.11 -29.79 56.03
C ALA D 152 -11.25 -28.54 56.07
N GLN D 153 -10.13 -28.58 56.80
CA GLN D 153 -9.21 -27.45 56.80
C GLN D 153 -8.66 -27.19 55.40
N ALA D 154 -8.28 -28.25 54.69
CA ALA D 154 -7.78 -28.09 53.33
C ALA D 154 -8.85 -27.52 52.41
N ASP D 155 -10.09 -27.99 52.55
CA ASP D 155 -11.18 -27.47 51.73
C ASP D 155 -11.46 -26.00 52.02
N LYS D 156 -11.38 -25.61 53.29
CA LYS D 156 -11.56 -24.19 53.63
C LYS D 156 -10.46 -23.35 53.01
N ARG D 157 -9.22 -23.84 53.04
CA ARG D 157 -8.13 -23.10 52.42
C ARG D 157 -8.33 -22.97 50.91
N SER D 158 -8.79 -24.04 50.26
CA SER D 158 -9.05 -23.98 48.83
C SER D 158 -10.18 -23.00 48.51
N ALA D 159 -11.22 -23.00 49.33
CA ALA D 159 -12.32 -22.05 49.13
C ALA D 159 -11.85 -20.62 49.33
N GLN D 160 -10.97 -20.39 50.31
CA GLN D 160 -10.41 -19.06 50.50
C GLN D 160 -9.60 -18.64 49.29
N ALA D 161 -8.85 -19.57 48.70
CA ALA D 161 -8.10 -19.26 47.49
C ALA D 161 -9.03 -18.88 46.35
N ASN D 162 -10.13 -19.62 46.19
CA ASN D 162 -11.10 -19.28 45.15
C ASN D 162 -11.72 -17.90 45.39
N VAL D 163 -12.05 -17.61 46.65
CA VAL D 163 -12.61 -16.29 46.98
C VAL D 163 -11.60 -15.19 46.65
N GLU D 164 -10.33 -15.41 46.97
CA GLU D 164 -9.31 -14.41 46.65
C GLU D 164 -9.17 -14.23 45.13
N THR D 165 -9.24 -15.32 44.38
CA THR D 165 -9.19 -15.21 42.92
C THR D 165 -10.35 -14.38 42.38
N ALA D 166 -11.56 -14.67 42.86
CA ALA D 166 -12.72 -13.90 42.43
C ALA D 166 -12.61 -12.44 42.86
N ARG D 167 -12.06 -12.19 44.04
CA ARG D 167 -11.88 -10.82 44.51
C ARG D 167 -10.91 -10.06 43.63
N LEU D 168 -9.82 -10.71 43.21
CA LEU D 168 -8.88 -10.07 42.30
C LEU D 168 -9.53 -9.78 40.95
N ASP D 169 -10.32 -10.74 40.44
CA ASP D 169 -11.02 -10.52 39.19
C ASP D 169 -11.97 -9.33 39.29
N LEU D 170 -12.68 -9.21 40.41
CA LEU D 170 -13.55 -8.06 40.63
C LEU D 170 -12.76 -6.77 40.76
N GLY D 171 -11.62 -6.82 41.47
CA GLY D 171 -10.82 -5.62 41.63
C GLY D 171 -10.20 -5.16 40.33
N TYR D 172 -10.15 -6.05 39.34
CA TYR D 172 -9.74 -5.66 38.00
C TYR D 172 -10.82 -4.85 37.30
N ALA D 173 -11.88 -4.48 38.02
CA ALA D 173 -12.90 -3.58 37.50
C ALA D 173 -12.79 -2.17 38.03
N GLU D 174 -12.24 -1.99 39.23
CA GLU D 174 -11.85 -0.67 39.71
C GLU D 174 -10.45 -0.39 39.20
N VAL D 175 -10.37 0.19 38.00
CA VAL D 175 -9.08 0.40 37.35
C VAL D 175 -8.32 1.46 38.15
N ARG D 176 -7.12 1.11 38.59
CA ARG D 176 -6.30 1.99 39.42
C ARG D 176 -4.99 2.29 38.70
N ALA D 177 -4.40 3.42 39.05
CA ALA D 177 -3.14 3.82 38.43
C ALA D 177 -2.01 2.93 38.93
N PRO D 178 -1.30 2.21 38.05
CA PRO D 178 -0.20 1.37 38.52
C PRO D 178 1.04 2.15 38.93
N ILE D 179 1.28 3.31 38.32
CA ILE D 179 2.44 4.13 38.65
C ILE D 179 1.97 5.57 38.85
N ALA D 180 2.81 6.34 39.55
CA ALA D 180 2.54 7.76 39.75
C ALA D 180 3.11 8.57 38.59
N GLY D 181 2.40 9.63 38.24
CA GLY D 181 2.83 10.49 37.15
C GLY D 181 1.66 11.31 36.63
N ARG D 182 1.87 11.89 35.45
CA ARG D 182 0.86 12.71 34.82
C ARG D 182 0.05 11.88 33.83
N ILE D 183 -1.26 11.89 33.99
CA ILE D 183 -2.16 11.12 33.14
C ILE D 183 -2.58 11.99 31.96
N GLY D 184 -2.71 11.38 30.80
CA GLY D 184 -3.11 12.09 29.60
C GLY D 184 -4.61 12.06 29.39
N ARG D 185 -5.00 12.27 28.13
CA ARG D 185 -6.41 12.24 27.78
C ARG D 185 -6.96 10.83 27.93
N ALA D 186 -8.24 10.75 28.33
CA ALA D 186 -8.92 9.47 28.37
C ALA D 186 -9.31 9.04 26.96
N GLN D 187 -8.95 7.81 26.60
CA GLN D 187 -9.23 7.31 25.26
C GLN D 187 -10.68 6.88 25.10
N VAL D 188 -11.43 6.71 26.18
CA VAL D 188 -12.85 6.36 26.13
C VAL D 188 -13.61 7.29 27.06
N THR D 189 -14.89 7.44 26.79
CA THR D 189 -15.78 8.26 27.59
C THR D 189 -16.75 7.37 28.36
N GLU D 190 -17.44 7.97 29.32
CA GLU D 190 -18.40 7.24 30.14
C GLU D 190 -19.53 6.69 29.25
N GLY D 191 -19.87 5.43 29.47
CA GLY D 191 -20.87 4.76 28.69
C GLY D 191 -20.36 3.94 27.53
N ALA D 192 -19.07 4.01 27.23
CA ALA D 192 -18.52 3.22 26.13
C ALA D 192 -18.21 1.80 26.58
N LEU D 193 -18.36 0.85 25.67
CA LEU D 193 -18.08 -0.55 25.96
C LEU D 193 -16.59 -0.83 25.77
N VAL D 194 -15.96 -1.42 26.78
CA VAL D 194 -14.55 -1.73 26.75
C VAL D 194 -14.36 -3.17 27.20
N GLY D 195 -13.18 -3.73 26.89
CA GLY D 195 -12.80 -5.03 27.39
C GLY D 195 -13.32 -6.22 26.61
N GLN D 196 -14.00 -6.00 25.49
CA GLN D 196 -14.50 -7.09 24.67
C GLN D 196 -13.50 -7.39 23.56
N GLY D 197 -13.02 -8.63 23.50
CA GLY D 197 -12.05 -9.01 22.49
C GLY D 197 -10.63 -8.66 22.87
N GLU D 198 -10.30 -7.38 22.82
CA GLU D 198 -8.96 -6.90 23.12
C GLU D 198 -8.97 -6.04 24.38
N ALA D 199 -7.81 -5.90 25.00
CA ALA D 199 -7.68 -5.02 26.15
C ALA D 199 -7.73 -3.56 25.69
N THR D 200 -8.91 -2.94 25.83
CA THR D 200 -9.10 -1.59 25.34
C THR D 200 -8.21 -0.61 26.10
N LEU D 201 -7.53 0.26 25.37
CA LEU D 201 -6.69 1.29 25.98
C LEU D 201 -7.58 2.36 26.60
N LEU D 202 -7.45 2.56 27.90
CA LEU D 202 -8.24 3.55 28.62
C LEU D 202 -7.51 4.87 28.80
N ALA D 203 -6.24 4.83 29.20
CA ALA D 203 -5.48 6.06 29.43
C ALA D 203 -3.99 5.74 29.38
N ARG D 204 -3.18 6.78 29.52
CA ARG D 204 -1.73 6.66 29.55
C ARG D 204 -1.18 7.51 30.68
N ILE D 205 -0.22 6.95 31.43
CA ILE D 205 0.44 7.64 32.52
C ILE D 205 1.93 7.66 32.24
N GLN D 206 2.55 8.83 32.39
CA GLN D 206 3.96 9.01 32.08
C GLN D 206 4.66 9.67 33.26
N GLN D 207 5.93 9.30 33.45
CA GLN D 207 6.79 9.93 34.44
C GLN D 207 7.70 10.92 33.73
N LEU D 208 7.64 12.18 34.15
CA LEU D 208 8.34 13.25 33.46
C LEU D 208 9.67 13.63 34.11
N ASP D 209 10.08 12.95 35.17
CA ASP D 209 11.36 13.28 35.79
C ASP D 209 11.98 12.06 36.46
N PRO D 210 13.17 11.63 36.04
CA PRO D 210 13.96 12.17 34.94
C PRO D 210 13.42 11.70 33.60
N VAL D 211 13.97 12.15 32.48
CA VAL D 211 13.53 11.71 31.17
C VAL D 211 14.70 11.02 30.47
N TYR D 212 14.38 10.27 29.42
CA TYR D 212 15.38 9.67 28.56
C TYR D 212 15.47 10.46 27.26
N ALA D 213 16.65 10.47 26.68
CA ALA D 213 16.85 10.92 25.32
C ALA D 213 17.35 9.74 24.51
N ASP D 214 16.52 9.27 23.59
CA ASP D 214 16.91 8.19 22.69
C ASP D 214 17.41 8.83 21.39
N PHE D 215 18.71 8.75 21.17
CA PHE D 215 19.31 9.35 19.99
C PHE D 215 20.00 8.26 19.18
N THR D 216 20.43 8.62 17.98
CA THR D 216 20.95 7.60 17.08
C THR D 216 22.24 8.05 16.40
N GLN D 217 23.15 7.09 16.19
CA GLN D 217 24.45 7.36 15.59
C GLN D 217 24.74 6.38 14.45
N PRO D 218 25.32 6.84 13.35
CA PRO D 218 25.70 5.91 12.29
C PRO D 218 26.69 4.86 12.78
N ALA D 219 26.54 3.64 12.26
CA ALA D 219 27.38 2.53 12.72
C ALA D 219 28.85 2.73 12.33
N ALA D 220 29.11 3.25 11.13
CA ALA D 220 30.49 3.43 10.69
C ALA D 220 31.24 4.41 11.57
N ASP D 221 30.58 5.50 11.97
CA ASP D 221 31.21 6.45 12.88
C ASP D 221 31.54 5.79 14.21
N ALA D 222 30.64 4.96 14.73
CA ALA D 222 30.90 4.25 15.98
C ALA D 222 32.09 3.32 15.83
N LEU D 223 32.16 2.57 14.72
CA LEU D 223 33.29 1.67 14.51
C LEU D 223 34.60 2.44 14.42
N ARG D 224 34.59 3.58 13.74
CA ARG D 224 35.79 4.41 13.65
C ARG D 224 36.21 4.93 15.02
N LEU D 225 35.22 5.34 15.83
CA LEU D 225 35.52 5.81 17.18
C LEU D 225 36.15 4.71 18.02
N ARG D 226 35.60 3.49 17.91
CA ARG D 226 36.15 2.37 18.66
C ARG D 226 37.55 2.02 18.20
N ALA D 227 37.79 2.06 16.88
CA ALA D 227 39.13 1.79 16.37
C ALA D 227 40.13 2.83 16.84
N ALA D 228 39.74 4.10 16.82
CA ALA D 228 40.61 5.16 17.30
C ALA D 228 40.90 5.01 18.79
N ILE D 229 39.90 4.66 19.58
CA ILE D 229 40.12 4.44 21.01
C ILE D 229 41.07 3.27 21.22
N ALA D 230 40.89 2.19 20.47
CA ALA D 230 41.76 1.03 20.58
C ALA D 230 43.20 1.38 20.20
N GLU D 231 43.39 2.22 19.18
CA GLU D 231 44.74 2.59 18.76
C GLU D 231 45.44 3.48 19.78
N GLY D 232 44.70 4.04 20.73
CA GLY D 232 45.25 5.06 21.60
C GLY D 232 45.14 6.45 21.04
N LYS D 233 44.48 6.59 19.89
CA LYS D 233 44.32 7.89 19.25
C LYS D 233 43.43 8.81 20.07
N VAL D 234 42.31 8.31 20.56
CA VAL D 234 41.35 9.11 21.32
C VAL D 234 41.05 8.38 22.62
N ALA D 235 41.03 9.12 23.73
CA ALA D 235 40.69 8.53 25.02
C ALA D 235 39.17 8.56 25.22
N GLY D 236 38.65 7.50 25.84
CA GLY D 236 37.22 7.37 26.06
C GLY D 236 36.60 8.52 26.84
N ALA D 237 35.44 8.99 26.38
CA ALA D 237 34.73 10.10 27.00
C ALA D 237 33.41 9.67 27.63
N SER D 238 33.39 8.51 28.28
CA SER D 238 32.15 8.03 28.89
C SER D 238 31.72 8.92 30.05
N ASP D 239 32.66 9.59 30.72
CA ASP D 239 32.37 10.37 31.89
C ASP D 239 31.91 11.80 31.57
N GLN D 240 32.07 12.25 30.33
CA GLN D 240 31.65 13.59 29.99
C GLN D 240 30.14 13.65 29.79
N PRO D 241 29.45 14.64 30.35
CA PRO D 241 27.99 14.67 30.26
C PRO D 241 27.53 15.09 28.87
N LEU D 242 26.49 14.41 28.39
CA LEU D 242 25.83 14.82 27.16
C LEU D 242 25.12 16.15 27.36
N SER D 243 25.15 16.99 26.33
CA SER D 243 24.47 18.28 26.41
C SER D 243 23.28 18.28 25.46
N LEU D 244 22.11 18.65 25.97
CA LEU D 244 20.84 18.51 25.28
C LEU D 244 20.31 19.89 24.93
N ARG D 245 19.99 20.10 23.65
CA ARG D 245 19.41 21.35 23.19
C ARG D 245 18.09 21.10 22.48
N VAL D 246 17.08 21.87 22.85
CA VAL D 246 15.78 21.85 22.20
C VAL D 246 15.82 22.76 20.99
N ASP D 247 15.33 22.25 19.85
CA ASP D 247 15.40 23.02 18.62
C ASP D 247 14.56 24.29 18.70
N GLY D 248 15.13 25.39 18.21
CA GLY D 248 14.44 26.66 18.21
C GLY D 248 14.45 27.39 19.52
N THR D 249 15.06 26.83 20.56
CA THR D 249 15.12 27.46 21.88
C THR D 249 16.55 27.43 22.40
N ASP D 250 16.78 28.22 23.45
CA ASP D 250 18.06 28.24 24.14
C ASP D 250 18.09 27.30 25.34
N ILE D 251 17.08 26.46 25.49
CA ILE D 251 16.96 25.57 26.64
C ILE D 251 18.01 24.47 26.51
N GLU D 252 18.98 24.47 27.43
CA GLU D 252 20.03 23.46 27.45
C GLU D 252 19.98 22.69 28.76
N ARG D 253 20.21 21.38 28.67
CA ARG D 253 20.20 20.51 29.83
C ARG D 253 21.41 19.60 29.80
N LYS D 254 21.85 19.14 30.97
CA LYS D 254 22.94 18.19 31.04
C LYS D 254 22.42 16.81 31.39
N GLY D 255 23.08 15.78 30.88
CA GLY D 255 22.67 14.42 31.13
C GLY D 255 23.84 13.46 31.05
N THR D 256 23.54 12.18 31.27
CA THR D 256 24.54 11.13 31.27
C THR D 256 24.11 10.03 30.31
N LEU D 257 25.08 9.46 29.60
CA LEU D 257 24.81 8.35 28.69
C LEU D 257 24.59 7.08 29.49
N LEU D 258 23.49 6.40 29.21
CA LEU D 258 23.14 5.19 29.95
C LEU D 258 23.45 3.92 29.16
N PHE D 259 22.99 3.85 27.92
CA PHE D 259 22.99 2.59 27.19
C PHE D 259 23.41 2.81 25.75
N THR D 260 24.21 1.88 25.23
CA THR D 260 24.61 1.86 23.83
C THR D 260 24.26 0.51 23.24
N ASP D 261 23.40 0.51 22.22
CA ASP D 261 22.91 -0.73 21.65
C ASP D 261 24.02 -1.45 20.90
N ILE D 262 24.04 -2.78 21.03
CA ILE D 262 25.01 -3.60 20.32
C ILE D 262 24.52 -4.04 18.95
N SER D 263 23.23 -3.87 18.66
CA SER D 263 22.66 -4.28 17.39
C SER D 263 22.48 -3.07 16.48
N VAL D 264 22.84 -3.23 15.22
CA VAL D 264 22.73 -2.18 14.21
C VAL D 264 21.38 -2.33 13.52
N ASP D 265 20.63 -1.23 13.44
CA ASP D 265 19.34 -1.25 12.76
C ASP D 265 19.54 -1.58 11.29
N ARG D 266 18.84 -2.62 10.82
CA ARG D 266 19.05 -3.12 9.46
C ARG D 266 18.55 -2.14 8.41
N SER D 267 17.50 -1.37 8.71
CA SER D 267 16.96 -0.45 7.72
C SER D 267 17.81 0.81 7.57
N THR D 268 18.37 1.32 8.67
CA THR D 268 19.10 2.58 8.64
C THR D 268 20.60 2.43 8.84
N GLY D 269 21.08 1.25 9.22
CA GLY D 269 22.49 1.08 9.47
C GLY D 269 23.02 1.94 10.60
N GLN D 270 22.22 2.15 11.64
CA GLN D 270 22.62 3.01 12.76
C GLN D 270 22.43 2.25 14.07
N ILE D 271 23.16 2.69 15.09
CA ILE D 271 23.02 2.15 16.44
C ILE D 271 22.31 3.17 17.31
N ALA D 272 21.44 2.69 18.18
CA ALA D 272 20.68 3.55 19.07
C ALA D 272 21.40 3.68 20.40
N LEU D 273 21.31 4.88 20.99
CA LEU D 273 21.88 5.16 22.30
C LEU D 273 20.83 5.86 23.15
N ARG D 274 20.92 5.66 24.46
CA ARG D 274 19.95 6.19 25.40
C ARG D 274 20.68 6.89 26.52
N GLY D 275 20.34 8.15 26.76
CA GLY D 275 20.89 8.93 27.85
C GLY D 275 19.78 9.37 28.79
N GLN D 276 20.16 9.78 29.99
CA GLN D 276 19.20 10.21 31.00
C GLN D 276 19.46 11.67 31.38
N PHE D 277 18.38 12.46 31.40
CA PHE D 277 18.46 13.89 31.66
C PHE D 277 17.49 14.27 32.76
N ASP D 278 17.96 15.08 33.71
CA ASP D 278 17.10 15.59 34.76
C ASP D 278 16.13 16.62 34.20
N ASN D 279 14.90 16.59 34.69
CA ASN D 279 13.85 17.50 34.23
C ASN D 279 12.99 17.93 35.41
N PRO D 280 13.55 18.73 36.32
CA PRO D 280 12.75 19.15 37.49
C PRO D 280 11.64 20.12 37.16
N GLU D 281 11.83 20.98 36.16
CA GLU D 281 10.81 21.96 35.81
C GLU D 281 9.78 21.44 34.81
N GLY D 282 9.97 20.23 34.30
CA GLY D 282 9.04 19.71 33.32
C GLY D 282 9.14 20.35 31.95
N VAL D 283 10.26 21.02 31.66
CA VAL D 283 10.41 21.67 30.36
C VAL D 283 10.56 20.65 29.24
N LEU D 284 11.37 19.63 29.44
CA LEU D 284 11.61 18.61 28.42
C LEU D 284 10.37 17.73 28.30
N LEU D 285 9.65 17.84 27.18
CA LEU D 285 8.44 17.06 26.98
C LEU D 285 8.72 15.83 26.13
N PRO D 286 8.05 14.72 26.41
CA PRO D 286 8.30 13.49 25.64
C PRO D 286 7.99 13.67 24.16
N GLY D 287 8.84 13.06 23.32
CA GLY D 287 8.67 13.10 21.89
C GLY D 287 9.35 14.27 21.19
N MET D 288 9.75 15.29 21.92
CA MET D 288 10.30 16.50 21.31
C MET D 288 11.63 16.19 20.63
N TYR D 289 11.79 16.65 19.40
CA TYR D 289 13.02 16.38 18.66
C TYR D 289 14.15 17.26 19.17
N VAL D 290 15.22 16.61 19.64
CA VAL D 290 16.28 17.30 20.35
C VAL D 290 17.64 16.94 19.75
N ARG D 291 18.59 17.85 19.97
CA ARG D 291 19.94 17.52 19.49
C ARG D 291 20.77 17.24 20.72
N VAL D 292 21.55 16.18 20.68
CA VAL D 292 22.43 15.77 21.77
C VAL D 292 23.87 15.92 21.30
N ARG D 293 24.61 16.81 21.94
CA ARG D 293 26.05 16.86 21.75
C ARG D 293 26.67 15.83 22.67
N THR D 294 27.29 14.81 22.07
CA THR D 294 27.96 13.73 22.77
C THR D 294 29.44 13.77 22.45
N PRO D 295 30.31 13.61 23.44
CA PRO D 295 31.76 13.66 23.18
C PRO D 295 32.20 12.40 22.45
N GLN D 296 33.02 12.59 21.41
CA GLN D 296 33.63 11.49 20.69
C GLN D 296 35.03 11.19 21.19
N GLY D 297 35.28 11.42 22.47
CA GLY D 297 36.56 11.15 23.07
C GLY D 297 37.45 12.38 23.13
N LEU D 298 38.56 12.24 23.84
CA LEU D 298 39.47 13.35 24.11
C LEU D 298 40.80 13.12 23.41
N ASN D 299 41.23 14.10 22.62
CA ASN D 299 42.60 14.18 22.15
C ASN D 299 43.43 14.84 23.24
N GLN D 300 44.51 14.19 23.64
CA GLN D 300 45.41 14.82 24.61
C GLN D 300 46.47 15.67 23.91
N ASN D 301 46.79 15.36 22.66
CA ASN D 301 47.85 16.05 21.92
C ASN D 301 47.34 16.51 20.56
N ALA D 302 46.19 17.16 20.55
CA ALA D 302 45.60 17.63 19.29
C ALA D 302 46.39 18.80 18.73
N ILE D 303 46.88 18.63 17.51
CA ILE D 303 47.59 19.68 16.79
C ILE D 303 46.64 20.28 15.78
N LEU D 304 46.39 21.59 15.91
CA LEU D 304 45.50 22.30 15.01
C LEU D 304 46.33 23.33 14.24
N VAL D 305 46.24 23.27 12.91
CA VAL D 305 47.02 24.18 12.09
C VAL D 305 46.08 25.01 11.21
N PRO D 306 46.44 26.23 10.85
CA PRO D 306 45.59 27.01 9.96
C PRO D 306 45.36 26.27 8.66
N GLN D 307 44.12 26.37 8.14
CA GLN D 307 43.72 25.54 7.02
C GLN D 307 44.49 25.91 5.77
N ARG D 308 44.87 27.17 5.69
CA ARG D 308 45.60 27.72 4.53
C ARG D 308 47.08 27.35 4.61
N ALA D 309 47.49 26.47 5.51
CA ALA D 309 48.87 25.98 5.58
C ALA D 309 49.03 24.55 5.08
N VAL D 310 47.97 23.89 4.64
CA VAL D 310 48.03 22.51 4.21
C VAL D 310 47.92 22.45 2.69
N GLN D 311 48.90 21.83 2.04
CA GLN D 311 48.87 21.64 0.60
C GLN D 311 48.49 20.19 0.29
N ARG D 312 47.90 19.98 -0.88
CA ARG D 312 47.52 18.64 -1.32
C ARG D 312 48.10 18.38 -2.71
N SER D 313 48.72 17.23 -2.88
CA SER D 313 49.34 16.88 -4.14
C SER D 313 48.33 16.20 -5.06
N ALA D 314 48.79 15.88 -6.28
CA ALA D 314 47.91 15.27 -7.27
C ALA D 314 47.40 13.90 -6.84
N ASP D 315 48.13 13.20 -5.97
CA ASP D 315 47.68 11.92 -5.47
C ASP D 315 46.76 12.05 -4.27
N GLY D 316 46.50 13.28 -3.82
CA GLY D 316 45.65 13.51 -2.66
C GLY D 316 46.37 13.51 -1.33
N GLN D 317 47.67 13.25 -1.31
CA GLN D 317 48.41 13.26 -0.06
C GLN D 317 48.62 14.68 0.43
N ALA D 318 48.41 14.89 1.74
CA ALA D 318 48.53 16.21 2.34
C ALA D 318 49.94 16.43 2.87
N SER D 319 50.44 17.65 2.72
CA SER D 319 51.78 18.00 3.15
C SER D 319 51.77 19.41 3.71
N VAL D 320 52.83 19.72 4.46
CA VAL D 320 53.01 21.05 5.04
C VAL D 320 54.44 21.50 4.83
N MET D 321 54.60 22.82 4.73
CA MET D 321 55.90 23.46 4.61
C MET D 321 56.43 23.79 6.00
N LEU D 322 57.61 23.29 6.34
CA LEU D 322 58.20 23.51 7.65
C LEU D 322 59.48 24.33 7.53
N LEU D 323 59.72 25.17 8.54
CA LEU D 323 60.91 26.01 8.60
C LEU D 323 62.03 25.18 9.23
N GLY D 324 62.89 24.60 8.41
CA GLY D 324 63.96 23.77 8.88
C GLY D 324 65.15 24.58 9.36
N GLU D 325 66.24 23.86 9.63
CA GLU D 325 67.45 24.51 10.10
C GLU D 325 68.05 25.38 9.01
N GLY D 326 68.56 26.54 9.40
CA GLY D 326 69.10 27.48 8.45
C GLY D 326 68.05 28.20 7.63
N ASP D 327 66.82 28.31 8.16
CA ASP D 327 65.70 28.95 7.47
C ASP D 327 65.45 28.30 6.11
N THR D 328 65.58 26.98 6.06
CA THR D 328 65.30 26.21 4.85
C THR D 328 63.89 25.65 4.92
N VAL D 329 63.21 25.61 3.77
CA VAL D 329 61.83 25.16 3.70
C VAL D 329 61.82 23.68 3.34
N GLU D 330 61.26 22.86 4.23
CA GLU D 330 61.18 21.42 4.04
C GLU D 330 59.74 21.00 3.82
N VAL D 331 59.56 19.89 3.11
CA VAL D 331 58.25 19.30 2.85
C VAL D 331 58.05 18.14 3.80
N ARG D 332 57.01 18.21 4.63
CA ARG D 332 56.69 17.10 5.51
C ARG D 332 55.26 16.64 5.27
N GLN D 333 55.11 15.36 4.94
CA GLN D 333 53.79 14.80 4.70
C GLN D 333 53.05 14.63 6.02
N VAL D 334 51.75 14.95 6.00
CA VAL D 334 50.91 14.89 7.19
C VAL D 334 49.60 14.23 6.82
N THR D 335 48.86 13.78 7.84
CA THR D 335 47.52 13.24 7.68
C THR D 335 46.55 14.13 8.46
N THR D 336 45.50 14.59 7.78
CA THR D 336 44.54 15.50 8.38
C THR D 336 43.41 14.72 9.02
N GLY D 337 43.00 15.15 10.21
CA GLY D 337 41.93 14.48 10.93
C GLY D 337 40.57 15.10 10.70
N ALA D 338 39.99 15.69 11.74
CA ALA D 338 38.73 16.40 11.59
C ALA D 338 38.99 17.88 11.41
N MET D 339 37.92 18.62 11.14
CA MET D 339 38.01 20.05 10.86
C MET D 339 37.24 20.82 11.91
N GLN D 340 37.92 21.74 12.60
CA GLN D 340 37.29 22.62 13.58
C GLN D 340 37.46 24.06 13.09
N GLY D 341 36.36 24.65 12.64
CA GLY D 341 36.40 26.01 12.16
C GLY D 341 37.29 26.17 10.95
N SER D 342 38.34 26.99 11.07
CA SER D 342 39.27 27.22 9.98
C SER D 342 40.61 26.51 10.19
N ARG D 343 40.65 25.48 11.03
CA ARG D 343 41.89 24.81 11.36
C ARG D 343 41.76 23.31 11.15
N TRP D 344 42.77 22.73 10.52
CA TRP D 344 42.83 21.28 10.34
C TRP D 344 43.45 20.61 11.54
N GLN D 345 42.82 19.54 12.00
CA GLN D 345 43.43 18.65 12.98
C GLN D 345 44.40 17.72 12.29
N ILE D 346 45.62 17.66 12.80
CA ILE D 346 46.68 16.83 12.21
C ILE D 346 46.91 15.64 13.11
N SER D 347 46.72 14.44 12.56
CA SER D 347 46.90 13.21 13.33
C SER D 347 48.33 12.72 13.34
N GLU D 348 49.10 12.98 12.28
CA GLU D 348 50.46 12.50 12.19
C GLU D 348 51.27 13.46 11.33
N GLY D 349 52.59 13.40 11.47
CA GLY D 349 53.48 14.21 10.70
C GLY D 349 53.86 15.54 11.31
N LEU D 350 53.37 15.85 12.52
CA LEU D 350 53.72 17.08 13.19
C LEU D 350 53.98 16.81 14.67
N GLN D 351 54.85 17.62 15.26
CA GLN D 351 55.19 17.53 16.67
C GLN D 351 55.17 18.91 17.27
N ALA D 352 54.96 18.96 18.58
CA ALA D 352 54.94 20.23 19.30
C ALA D 352 56.27 20.96 19.13
N GLY D 353 56.20 22.26 18.86
CA GLY D 353 57.36 23.08 18.63
C GLY D 353 57.75 23.23 17.17
N ASP D 354 57.11 22.49 16.27
CA ASP D 354 57.40 22.61 14.85
C ASP D 354 57.00 23.99 14.34
N LYS D 355 57.84 24.55 13.47
CA LYS D 355 57.62 25.89 12.92
C LYS D 355 57.05 25.73 11.52
N VAL D 356 55.73 25.79 11.41
CA VAL D 356 55.04 25.63 10.13
C VAL D 356 54.90 26.99 9.48
N ILE D 357 54.88 27.01 8.15
CA ILE D 357 54.72 28.27 7.41
C ILE D 357 53.26 28.41 7.03
N THR D 358 52.65 29.53 7.42
CA THR D 358 51.24 29.76 7.16
C THR D 358 50.98 30.82 6.10
N SER D 359 51.97 31.19 5.29
CA SER D 359 51.81 32.26 4.33
C SER D 359 52.77 32.03 3.16
N SER D 360 52.45 32.68 2.03
CA SER D 360 53.28 32.70 0.83
C SER D 360 53.55 31.30 0.29
N LEU D 361 52.67 30.34 0.58
CA LEU D 361 52.96 28.95 0.26
C LEU D 361 53.13 28.74 -1.25
N ALA D 362 52.29 29.39 -2.05
CA ALA D 362 52.37 29.22 -3.50
C ALA D 362 53.65 29.81 -4.09
N ALA D 363 54.30 30.72 -3.38
CA ALA D 363 55.49 31.37 -3.88
C ALA D 363 56.79 30.80 -3.33
N ILE D 364 56.74 29.70 -2.60
CA ILE D 364 57.92 29.09 -1.99
C ILE D 364 58.10 27.69 -2.54
N ARG D 365 59.34 27.36 -2.91
CA ARG D 365 59.79 26.05 -3.36
C ARG D 365 60.54 25.33 -2.24
N PRO D 366 60.55 24.00 -2.24
CA PRO D 366 61.27 23.28 -1.19
C PRO D 366 62.76 23.61 -1.19
N GLY D 367 63.31 23.77 0.02
CA GLY D 367 64.71 24.06 0.18
C GLY D 367 65.09 25.52 -0.01
N ALA D 368 64.14 26.38 -0.37
CA ALA D 368 64.44 27.78 -0.59
C ALA D 368 64.60 28.52 0.74
N LYS D 369 65.39 29.58 0.73
CA LYS D 369 65.62 30.37 1.92
C LYS D 369 64.55 31.45 2.06
N VAL D 370 64.03 31.60 3.28
CA VAL D 370 62.99 32.58 3.58
C VAL D 370 63.36 33.30 4.87
N ILE D 371 62.72 34.45 5.08
CA ILE D 371 62.91 35.25 6.28
C ILE D 371 61.68 35.05 7.17
N PRO D 372 61.80 34.39 8.32
CA PRO D 372 60.62 34.17 9.17
C PRO D 372 60.18 35.45 9.84
N ARG D 373 58.88 35.73 9.92
CA ARG D 373 58.46 37.04 10.49
C ARG D 373 58.20 36.89 11.99
N ALA E 36 6.88 73.35 5.26
CA ALA E 36 6.65 72.34 6.28
C ALA E 36 5.33 71.61 6.04
N ARG E 37 5.42 70.42 5.44
CA ARG E 37 4.25 69.63 5.11
C ARG E 37 3.52 69.20 6.37
N GLU E 38 2.20 69.19 6.32
CA GLU E 38 1.42 68.81 7.49
C GLU E 38 1.49 67.30 7.71
N VAL E 39 1.67 66.90 8.97
CA VAL E 39 1.74 65.49 9.34
C VAL E 39 0.87 65.25 10.57
N ASP E 40 0.37 64.02 10.70
CA ASP E 40 -0.39 63.63 11.87
C ASP E 40 0.55 63.09 12.95
N VAL E 41 0.28 63.44 14.20
CA VAL E 41 1.10 63.05 15.33
C VAL E 41 0.31 62.09 16.21
N LEU E 42 0.81 60.86 16.34
CA LEU E 42 0.29 59.91 17.31
C LEU E 42 1.29 59.79 18.45
N SER E 43 0.84 60.11 19.66
CA SER E 43 1.68 59.99 20.84
C SER E 43 1.62 58.55 21.34
N VAL E 44 2.78 57.91 21.46
CA VAL E 44 2.83 56.51 21.81
C VAL E 44 2.40 56.34 23.26
N LYS E 45 1.41 55.48 23.49
CA LYS E 45 0.91 55.18 24.82
C LYS E 45 0.99 53.68 25.07
N THR E 46 1.32 53.31 26.31
CA THR E 46 1.37 51.92 26.71
C THR E 46 0.00 51.47 27.18
N GLU E 47 -0.43 50.30 26.71
CA GLU E 47 -1.72 49.74 27.08
C GLU E 47 -1.60 48.22 27.09
N PRO E 48 -2.40 47.54 27.89
CA PRO E 48 -2.38 46.07 27.89
C PRO E 48 -2.80 45.52 26.53
N PHE E 49 -2.16 44.43 26.13
CA PHE E 49 -2.45 43.79 24.85
C PHE E 49 -2.35 42.28 25.03
N THR E 50 -3.36 41.56 24.56
CA THR E 50 -3.36 40.11 24.64
C THR E 50 -3.13 39.53 23.25
N VAL E 51 -2.06 38.78 23.10
CA VAL E 51 -1.76 38.12 21.83
C VAL E 51 -2.61 36.87 21.73
N PHE E 52 -3.36 36.75 20.63
CA PHE E 52 -4.21 35.60 20.39
C PHE E 52 -3.63 34.76 19.25
N ALA E 53 -3.47 33.47 19.51
CA ALA E 53 -3.06 32.52 18.49
C ALA E 53 -4.29 31.76 18.02
N GLU E 54 -4.52 31.76 16.71
CA GLU E 54 -5.67 31.09 16.13
C GLU E 54 -5.21 29.73 15.62
N LEU E 55 -5.60 28.69 16.33
CA LEU E 55 -5.16 27.33 16.11
C LEU E 55 -6.24 26.51 15.44
N PRO E 56 -5.89 25.54 14.60
CA PRO E 56 -6.92 24.65 14.04
C PRO E 56 -7.30 23.56 15.02
N GLY E 57 -8.58 23.19 15.00
CA GLY E 57 -9.07 22.11 15.83
C GLY E 57 -10.37 21.55 15.30
N ARG E 58 -10.90 20.57 16.02
CA ARG E 58 -12.13 19.91 15.66
C ARG E 58 -13.06 19.80 16.86
N ILE E 59 -14.36 19.74 16.57
CA ILE E 59 -15.38 19.58 17.59
C ILE E 59 -15.56 18.11 17.91
N GLU E 60 -15.59 17.78 19.20
CA GLU E 60 -15.75 16.41 19.66
C GLU E 60 -16.81 16.35 20.74
N PRO E 61 -17.71 15.37 20.69
CA PRO E 61 -18.74 15.27 21.72
C PRO E 61 -18.19 14.76 23.03
N VAL E 62 -18.80 15.22 24.13
CA VAL E 62 -18.30 14.89 25.46
C VAL E 62 -18.34 13.38 25.71
N ARG E 63 -19.44 12.74 25.31
CA ARG E 63 -19.60 11.31 25.51
C ARG E 63 -20.01 10.64 24.21
N VAL E 64 -19.28 9.58 23.84
CA VAL E 64 -19.61 8.77 22.69
C VAL E 64 -19.82 7.35 23.17
N ALA E 65 -20.98 6.79 22.86
CA ALA E 65 -21.31 5.41 23.22
C ALA E 65 -21.50 4.61 21.94
N GLU E 66 -20.57 3.70 21.68
CA GLU E 66 -20.69 2.79 20.54
C GLU E 66 -21.49 1.57 20.98
N VAL E 67 -22.79 1.62 20.74
CA VAL E 67 -23.68 0.52 21.11
C VAL E 67 -23.31 -0.68 20.24
N ARG E 68 -22.76 -1.71 20.86
CA ARG E 68 -22.28 -2.91 20.20
C ARG E 68 -23.00 -4.13 20.75
N ALA E 69 -22.98 -5.22 19.99
CA ALA E 69 -23.60 -6.46 20.42
C ALA E 69 -22.64 -7.23 21.33
N ARG E 70 -23.12 -7.60 22.51
CA ARG E 70 -22.31 -8.38 23.44
C ARG E 70 -22.49 -9.88 23.27
N VAL E 71 -23.54 -10.31 22.57
CA VAL E 71 -23.85 -11.73 22.42
C VAL E 71 -24.17 -12.02 20.97
N ALA E 72 -24.12 -13.29 20.60
CA ALA E 72 -24.40 -13.71 19.24
C ALA E 72 -25.89 -14.00 19.05
N GLY E 73 -26.44 -13.53 17.95
CA GLY E 73 -27.84 -13.78 17.64
C GLY E 73 -28.32 -12.85 16.55
N ILE E 74 -29.55 -13.12 16.11
CA ILE E 74 -30.18 -12.34 15.06
C ILE E 74 -30.87 -11.13 15.68
N VAL E 75 -30.68 -9.97 15.09
CA VAL E 75 -31.41 -8.77 15.49
C VAL E 75 -32.84 -8.90 14.99
N LEU E 76 -33.77 -9.24 15.88
CA LEU E 76 -35.16 -9.39 15.47
C LEU E 76 -35.81 -8.04 15.16
N LYS E 77 -35.62 -7.05 16.02
CA LYS E 77 -36.34 -5.79 15.90
C LYS E 77 -35.42 -4.62 16.18
N ARG E 78 -35.75 -3.47 15.59
CA ARG E 78 -35.16 -2.20 15.93
C ARG E 78 -36.24 -1.30 16.52
N THR E 79 -36.04 -0.87 17.76
CA THR E 79 -37.10 -0.21 18.53
C THR E 79 -36.94 1.30 18.60
N PHE E 80 -36.06 1.89 17.81
CA PHE E 80 -35.84 3.33 17.82
C PHE E 80 -35.87 3.88 16.41
N GLU E 81 -36.17 5.17 16.31
CA GLU E 81 -36.10 5.89 15.04
C GLU E 81 -34.77 6.61 14.96
N GLU E 82 -34.09 6.47 13.83
CA GLU E 82 -32.75 7.01 13.69
C GLU E 82 -32.77 8.54 13.72
N GLY E 83 -31.82 9.13 14.45
CA GLY E 83 -31.76 10.56 14.61
C GLY E 83 -32.50 11.11 15.81
N ALA E 84 -33.23 10.27 16.54
CA ALA E 84 -33.99 10.74 17.70
C ALA E 84 -33.10 10.75 18.95
N ASP E 85 -33.60 11.42 19.98
CA ASP E 85 -32.94 11.46 21.26
C ASP E 85 -33.40 10.29 22.12
N VAL E 86 -32.45 9.53 22.66
CA VAL E 86 -32.75 8.35 23.46
C VAL E 86 -32.30 8.59 24.89
N LYS E 87 -32.99 7.94 25.82
CA LYS E 87 -32.65 8.03 27.23
C LYS E 87 -31.85 6.80 27.65
N ALA E 88 -31.09 6.95 28.74
CA ALA E 88 -30.32 5.83 29.26
C ALA E 88 -31.25 4.69 29.67
N GLY E 89 -30.92 3.48 29.23
CA GLY E 89 -31.72 2.31 29.51
C GLY E 89 -32.80 2.02 28.50
N ASP E 90 -33.03 2.90 27.53
CA ASP E 90 -34.03 2.64 26.51
C ASP E 90 -33.58 1.49 25.61
N VAL E 91 -34.52 0.64 25.22
CA VAL E 91 -34.22 -0.51 24.38
C VAL E 91 -34.08 -0.04 22.94
N LEU E 92 -32.94 -0.31 22.34
CA LEU E 92 -32.65 0.04 20.95
C LEU E 92 -32.78 -1.14 20.00
N PHE E 93 -32.15 -2.27 20.34
CA PHE E 93 -32.20 -3.47 19.53
C PHE E 93 -32.63 -4.64 20.40
N GLN E 94 -33.45 -5.52 19.82
CA GLN E 94 -33.85 -6.77 20.45
C GLN E 94 -33.17 -7.90 19.71
N ILE E 95 -32.30 -8.63 20.38
CA ILE E 95 -31.63 -9.79 19.82
C ILE E 95 -32.36 -11.04 20.27
N ASP E 96 -32.51 -12.00 19.37
CA ASP E 96 -33.32 -13.18 19.65
C ASP E 96 -32.70 -13.98 20.79
N PRO E 97 -33.37 -14.10 21.93
CA PRO E 97 -32.81 -14.83 23.06
C PRO E 97 -33.16 -16.30 23.04
N ALA E 98 -32.58 -17.05 22.11
CA ALA E 98 -32.84 -18.49 22.06
C ALA E 98 -32.04 -19.25 23.13
N PRO E 99 -30.71 -19.08 23.21
CA PRO E 99 -29.97 -19.89 24.20
C PRO E 99 -30.05 -19.34 25.61
N PHE E 100 -30.10 -18.02 25.76
CA PHE E 100 -29.99 -17.43 27.09
C PHE E 100 -31.23 -17.68 27.92
N LYS E 101 -32.39 -17.76 27.28
CA LYS E 101 -33.59 -18.15 28.01
C LYS E 101 -33.47 -19.57 28.56
N ALA E 102 -32.90 -20.48 27.76
CA ALA E 102 -32.68 -21.84 28.23
C ALA E 102 -31.67 -21.88 29.37
N ALA E 103 -30.61 -21.08 29.28
CA ALA E 103 -29.64 -21.03 30.38
C ALA E 103 -30.29 -20.49 31.65
N LEU E 104 -31.13 -19.48 31.51
CA LEU E 104 -31.86 -18.96 32.67
C LEU E 104 -32.77 -20.03 33.26
N SER E 105 -33.42 -20.81 32.40
CA SER E 105 -34.29 -21.88 32.89
C SER E 105 -33.48 -22.93 33.64
N ARG E 106 -32.30 -23.29 33.14
CA ARG E 106 -31.44 -24.24 33.82
C ARG E 106 -31.02 -23.70 35.19
N ALA E 107 -30.62 -22.44 35.24
CA ALA E 107 -30.23 -21.84 36.52
C ALA E 107 -31.39 -21.81 37.49
N GLN E 108 -32.59 -21.49 37.00
CA GLN E 108 -33.77 -21.48 37.87
C GLN E 108 -34.10 -22.87 38.39
N GLY E 109 -33.93 -23.89 37.55
CA GLY E 109 -34.13 -25.26 38.03
C GLY E 109 -33.14 -25.65 39.11
N GLU E 110 -31.87 -25.29 38.92
CA GLU E 110 -30.89 -25.58 39.95
C GLU E 110 -31.22 -24.82 41.24
N LEU E 111 -31.68 -23.59 41.12
CA LEU E 111 -32.08 -22.82 42.29
C LEU E 111 -33.25 -23.47 43.00
N ALA E 112 -34.22 -23.99 42.25
CA ALA E 112 -35.35 -24.67 42.85
C ALA E 112 -34.90 -25.92 43.59
N ARG E 113 -33.96 -26.67 43.02
CA ARG E 113 -33.44 -27.85 43.71
C ARG E 113 -32.75 -27.45 45.01
N ALA E 114 -31.94 -26.41 44.96
CA ALA E 114 -31.25 -25.93 46.17
C ALA E 114 -32.27 -25.49 47.22
N GLU E 115 -33.34 -24.81 46.80
CA GLU E 115 -34.36 -24.36 47.73
C GLU E 115 -35.08 -25.56 48.36
N ALA E 116 -35.35 -26.60 47.58
CA ALA E 116 -35.97 -27.80 48.13
C ALA E 116 -35.09 -28.45 49.18
N GLN E 117 -33.79 -28.57 48.89
CA GLN E 117 -32.87 -29.13 49.88
C GLN E 117 -32.80 -28.27 51.13
N LEU E 118 -32.82 -26.95 50.94
CA LEU E 118 -32.82 -26.04 52.09
C LEU E 118 -34.08 -26.23 52.94
N PHE E 119 -35.23 -26.40 52.29
CA PHE E 119 -36.46 -26.63 53.03
C PHE E 119 -36.39 -27.92 53.84
N GLN E 120 -35.85 -28.97 53.23
CA GLN E 120 -35.67 -30.23 53.96
C GLN E 120 -34.78 -30.03 55.18
N ALA E 121 -33.66 -29.32 55.00
CA ALA E 121 -32.75 -29.09 56.12
C ALA E 121 -33.41 -28.26 57.21
N GLN E 122 -34.18 -27.24 56.82
CA GLN E 122 -34.87 -26.41 57.80
C GLN E 122 -35.86 -27.22 58.60
N ALA E 123 -36.63 -28.08 57.93
CA ALA E 123 -37.57 -28.94 58.65
C ALA E 123 -36.84 -29.87 59.61
N MET E 124 -35.72 -30.46 59.18
CA MET E 124 -34.96 -31.35 60.05
C MET E 124 -34.47 -30.61 61.29
N VAL E 125 -33.93 -29.40 61.10
CA VAL E 125 -33.41 -28.64 62.23
C VAL E 125 -34.53 -28.23 63.17
N ARG E 126 -35.67 -27.79 62.61
CA ARG E 126 -36.80 -27.41 63.45
C ARG E 126 -37.30 -28.58 64.28
N ARG E 127 -37.34 -29.79 63.70
CA ARG E 127 -37.76 -30.95 64.48
C ARG E 127 -36.72 -31.33 65.52
N TYR E 128 -35.44 -31.23 65.19
CA TYR E 128 -34.40 -31.71 66.10
C TYR E 128 -34.14 -30.75 67.25
N GLU E 129 -34.43 -29.46 67.09
CA GLU E 129 -34.09 -28.49 68.13
C GLU E 129 -34.76 -28.77 69.47
N PRO E 130 -36.08 -29.01 69.55
CA PRO E 130 -36.65 -29.31 70.87
C PRO E 130 -36.24 -30.65 71.43
N LEU E 131 -35.86 -31.60 70.57
CA LEU E 131 -35.49 -32.93 71.06
C LEU E 131 -34.15 -32.92 71.79
N VAL E 132 -33.20 -32.14 71.29
CA VAL E 132 -31.88 -32.11 71.93
C VAL E 132 -31.96 -31.49 73.31
N LYS E 133 -32.97 -30.66 73.57
CA LYS E 133 -33.12 -30.06 74.89
C LYS E 133 -33.57 -31.08 75.93
N ILE E 134 -34.17 -32.18 75.51
CA ILE E 134 -34.58 -33.23 76.42
C ILE E 134 -33.77 -34.51 76.20
N ASP E 135 -32.65 -34.39 75.48
CA ASP E 135 -31.71 -35.52 75.21
C ASP E 135 -32.28 -36.56 74.26
N ALA E 136 -33.43 -36.25 73.69
CA ALA E 136 -34.07 -37.22 72.81
C ALA E 136 -33.20 -37.58 71.60
N VAL E 137 -32.31 -36.68 71.18
CA VAL E 137 -31.36 -36.95 70.11
C VAL E 137 -29.97 -36.56 70.59
N SER E 138 -28.96 -37.19 69.99
CA SER E 138 -27.59 -36.90 70.37
C SER E 138 -27.19 -35.50 69.92
N GLN E 139 -26.28 -34.89 70.68
CA GLN E 139 -25.75 -33.59 70.30
C GLN E 139 -25.05 -33.66 68.96
N GLN E 140 -24.41 -34.79 68.66
CA GLN E 140 -23.73 -34.96 67.39
C GLN E 140 -24.71 -34.93 66.23
N ASP E 141 -25.87 -35.57 66.39
CA ASP E 141 -26.89 -35.55 65.33
C ASP E 141 -27.41 -34.14 65.10
N PHE E 142 -27.64 -33.39 66.19
CA PHE E 142 -28.11 -32.02 66.04
C PHE E 142 -27.07 -31.16 65.36
N ASP E 143 -25.80 -31.34 65.70
CA ASP E 143 -24.74 -30.59 65.04
C ASP E 143 -24.64 -30.94 63.57
N ASN E 144 -24.82 -32.23 63.24
CA ASN E 144 -24.83 -32.63 61.83
C ASN E 144 -25.99 -31.98 61.09
N ALA E 145 -27.16 -31.93 61.72
CA ALA E 145 -28.31 -31.28 61.10
C ALA E 145 -28.05 -29.79 60.88
N MET E 146 -27.45 -29.12 61.87
CA MET E 146 -27.16 -27.70 61.71
C MET E 146 -26.13 -27.46 60.61
N ALA E 147 -25.12 -28.33 60.53
CA ALA E 147 -24.13 -28.21 59.45
C ALA E 147 -24.80 -28.42 58.10
N ALA E 148 -25.71 -29.37 58.01
CA ALA E 148 -26.46 -29.57 56.76
C ALA E 148 -27.29 -28.35 56.41
N LEU E 149 -27.91 -27.72 57.41
CA LEU E 149 -28.70 -26.51 57.16
C LEU E 149 -27.81 -25.38 56.64
N GLN E 150 -26.64 -25.19 57.26
CA GLN E 150 -25.74 -24.15 56.80
C GLN E 150 -25.25 -24.44 55.39
N SER E 151 -24.94 -25.70 55.10
CA SER E 151 -24.55 -26.09 53.75
C SER E 151 -25.65 -25.80 52.75
N ALA E 152 -26.88 -26.09 53.12
CA ALA E 152 -28.01 -25.82 52.23
C ALA E 152 -28.20 -24.34 51.99
N GLN E 153 -28.02 -23.51 53.02
CA GLN E 153 -28.10 -22.07 52.84
C GLN E 153 -27.01 -21.57 51.89
N ALA E 154 -25.78 -22.08 52.06
CA ALA E 154 -24.70 -21.69 51.16
C ALA E 154 -25.00 -22.14 49.72
N ASP E 155 -25.54 -23.34 49.55
CA ASP E 155 -25.89 -23.82 48.22
C ASP E 155 -26.98 -22.95 47.59
N LYS E 156 -27.96 -22.53 48.39
CA LYS E 156 -29.00 -21.65 47.87
C LYS E 156 -28.41 -20.32 47.42
N ARG E 157 -27.47 -19.78 48.21
CA ARG E 157 -26.83 -18.53 47.81
C ARG E 157 -26.05 -18.70 46.51
N SER E 158 -25.34 -19.82 46.37
CA SER E 158 -24.61 -20.08 45.14
C SER E 158 -25.55 -20.20 43.95
N ALA E 159 -26.68 -20.89 44.15
CA ALA E 159 -27.65 -21.04 43.06
C ALA E 159 -28.26 -19.70 42.68
N GLN E 160 -28.53 -18.84 43.67
CA GLN E 160 -29.03 -17.51 43.36
C GLN E 160 -28.00 -16.69 42.59
N ALA E 161 -26.72 -16.84 42.95
CA ALA E 161 -25.67 -16.17 42.18
C ALA E 161 -25.64 -16.66 40.74
N ASN E 162 -25.77 -17.97 40.54
CA ASN E 162 -25.83 -18.50 39.18
C ASN E 162 -27.04 -17.95 38.43
N VAL E 163 -28.19 -17.87 39.09
CA VAL E 163 -29.40 -17.35 38.46
C VAL E 163 -29.18 -15.89 38.05
N GLU E 164 -28.56 -15.09 38.92
CA GLU E 164 -28.33 -13.70 38.59
C GLU E 164 -27.35 -13.56 37.43
N THR E 165 -26.31 -14.41 37.40
CA THR E 165 -25.37 -14.38 36.28
C THR E 165 -26.08 -14.70 34.97
N ALA E 166 -26.92 -15.73 34.97
CA ALA E 166 -27.67 -16.07 33.77
C ALA E 166 -28.63 -14.96 33.38
N ARG E 167 -29.27 -14.33 34.37
CA ARG E 167 -30.20 -13.25 34.07
C ARG E 167 -29.50 -12.04 33.47
N LEU E 168 -28.31 -11.70 33.96
CA LEU E 168 -27.57 -10.59 33.39
C LEU E 168 -27.07 -10.94 31.98
N ASP E 169 -26.66 -12.20 31.78
CA ASP E 169 -26.29 -12.63 30.43
C ASP E 169 -27.47 -12.50 29.48
N LEU E 170 -28.68 -12.86 29.93
CA LEU E 170 -29.87 -12.67 29.11
C LEU E 170 -30.16 -11.20 28.87
N GLY E 171 -30.00 -10.37 29.90
CA GLY E 171 -30.26 -8.95 29.74
C GLY E 171 -29.28 -8.28 28.81
N TYR E 172 -28.13 -8.91 28.60
CA TYR E 172 -27.18 -8.42 27.59
C TYR E 172 -27.68 -8.71 26.18
N ALA E 173 -28.92 -9.17 26.05
CA ALA E 173 -29.55 -9.35 24.75
C ALA E 173 -30.60 -8.28 24.45
N GLU E 174 -31.15 -7.65 25.47
CA GLU E 174 -31.95 -6.44 25.29
C GLU E 174 -30.98 -5.26 25.28
N VAL E 175 -30.55 -4.86 24.09
CA VAL E 175 -29.52 -3.84 23.95
C VAL E 175 -30.13 -2.50 24.37
N ARG E 176 -29.66 -1.97 25.49
CA ARG E 176 -30.15 -0.71 26.03
C ARG E 176 -29.10 0.39 25.87
N ALA E 177 -29.57 1.61 25.77
CA ALA E 177 -28.67 2.75 25.62
C ALA E 177 -27.92 3.01 26.91
N PRO E 178 -26.58 2.94 26.92
CA PRO E 178 -25.85 3.21 28.16
C PRO E 178 -25.90 4.66 28.60
N ILE E 179 -26.03 5.62 27.68
CA ILE E 179 -26.10 7.04 28.01
C ILE E 179 -27.22 7.67 27.21
N ALA E 180 -27.67 8.83 27.68
CA ALA E 180 -28.67 9.59 26.96
C ALA E 180 -28.02 10.49 25.92
N GLY E 181 -28.71 10.66 24.80
CA GLY E 181 -28.20 11.48 23.73
C GLY E 181 -28.89 11.15 22.42
N ARG E 182 -28.33 11.70 21.35
CA ARG E 182 -28.87 11.49 20.01
C ARG E 182 -28.23 10.26 19.39
N ILE E 183 -29.06 9.35 18.91
CA ILE E 183 -28.59 8.12 18.30
C ILE E 183 -28.49 8.33 16.79
N GLY E 184 -27.46 7.76 16.17
CA GLY E 184 -27.25 7.91 14.76
C GLY E 184 -27.88 6.80 13.96
N ARG E 185 -27.36 6.62 12.74
CA ARG E 185 -27.85 5.57 11.85
C ARG E 185 -27.51 4.20 12.42
N ALA E 186 -28.45 3.27 12.28
CA ALA E 186 -28.20 1.90 12.71
C ALA E 186 -27.27 1.20 11.73
N GLN E 187 -26.16 0.67 12.26
CA GLN E 187 -25.16 0.01 11.43
C GLN E 187 -25.60 -1.35 10.93
N VAL E 188 -26.63 -1.95 11.54
CA VAL E 188 -27.18 -3.22 11.08
C VAL E 188 -28.70 -3.06 10.98
N THR E 189 -29.30 -3.94 10.19
CA THR E 189 -30.74 -3.95 9.99
C THR E 189 -31.35 -5.17 10.67
N GLU E 190 -32.68 -5.19 10.72
CA GLU E 190 -33.37 -6.31 11.32
C GLU E 190 -33.13 -7.57 10.50
N GLY E 191 -32.91 -8.69 11.21
CA GLY E 191 -32.58 -9.94 10.58
C GLY E 191 -31.11 -10.19 10.38
N ALA E 192 -30.26 -9.22 10.68
CA ALA E 192 -28.82 -9.41 10.54
C ALA E 192 -28.27 -10.18 11.73
N LEU E 193 -27.27 -11.01 11.48
CA LEU E 193 -26.62 -11.77 12.53
C LEU E 193 -25.47 -10.94 13.13
N VAL E 194 -25.51 -10.75 14.44
CA VAL E 194 -24.55 -9.91 15.14
C VAL E 194 -23.97 -10.70 16.31
N GLY E 195 -22.82 -10.23 16.79
CA GLY E 195 -22.19 -10.82 17.95
C GLY E 195 -21.42 -12.10 17.70
N GLN E 196 -21.31 -12.54 16.45
CA GLN E 196 -20.57 -13.75 16.12
C GLN E 196 -19.11 -13.40 15.91
N GLY E 197 -18.25 -13.88 16.80
CA GLY E 197 -16.83 -13.61 16.71
C GLY E 197 -16.43 -12.30 17.37
N GLU E 198 -16.83 -11.18 16.77
CA GLU E 198 -16.49 -9.87 17.27
C GLU E 198 -17.74 -9.12 17.70
N ALA E 199 -17.56 -8.09 18.52
CA ALA E 199 -18.67 -7.25 18.96
C ALA E 199 -19.13 -6.37 17.81
N THR E 200 -20.19 -6.76 17.12
CA THR E 200 -20.67 -6.01 15.98
C THR E 200 -21.18 -4.64 16.43
N LEU E 201 -20.73 -3.59 15.73
CA LEU E 201 -21.19 -2.24 16.04
C LEU E 201 -22.64 -2.09 15.58
N LEU E 202 -23.52 -1.75 16.52
CA LEU E 202 -24.93 -1.58 16.21
C LEU E 202 -25.30 -0.13 15.97
N ALA E 203 -24.88 0.79 16.83
CA ALA E 203 -25.24 2.19 16.68
C ALA E 203 -24.23 3.06 17.42
N ARG E 204 -24.42 4.37 17.31
CA ARG E 204 -23.60 5.34 18.03
C ARG E 204 -24.49 6.40 18.64
N ILE E 205 -24.26 6.72 19.90
CA ILE E 205 -25.00 7.74 20.64
C ILE E 205 -24.02 8.81 21.09
N GLN E 206 -24.37 10.07 20.82
CA GLN E 206 -23.49 11.20 21.11
C GLN E 206 -24.20 12.22 21.97
N GLN E 207 -23.43 12.84 22.87
CA GLN E 207 -23.92 13.92 23.72
C GLN E 207 -23.46 15.24 23.12
N LEU E 208 -24.41 16.13 22.83
CA LEU E 208 -24.13 17.34 22.07
C LEU E 208 -23.97 18.58 22.93
N ASP E 209 -24.12 18.48 24.26
CA ASP E 209 -23.98 19.66 25.10
C ASP E 209 -23.41 19.27 26.45
N PRO E 210 -22.24 19.81 26.82
CA PRO E 210 -21.41 20.73 26.05
C PRO E 210 -20.57 19.99 25.01
N VAL E 211 -19.60 20.64 24.39
CA VAL E 211 -18.71 19.97 23.45
C VAL E 211 -17.27 20.34 23.80
N TYR E 212 -16.34 19.52 23.35
CA TYR E 212 -14.92 19.81 23.48
C TYR E 212 -14.39 20.27 22.13
N ALA E 213 -13.46 21.22 22.17
CA ALA E 213 -12.70 21.61 21.00
C ALA E 213 -11.28 21.13 21.20
N ASP E 214 -10.85 20.23 20.32
CA ASP E 214 -9.49 19.71 20.35
C ASP E 214 -8.69 20.42 19.27
N PHE E 215 -7.82 21.33 19.67
CA PHE E 215 -7.04 22.12 18.74
C PHE E 215 -5.56 21.86 19.00
N THR E 216 -4.72 22.42 18.15
CA THR E 216 -3.32 22.03 18.17
C THR E 216 -2.42 23.26 18.12
N GLN E 217 -1.34 23.24 18.91
CA GLN E 217 -0.40 24.36 18.97
C GLN E 217 1.04 23.87 18.83
N PRO E 218 1.88 24.58 18.09
CA PRO E 218 3.29 24.17 17.97
C PRO E 218 3.98 24.14 19.32
N ALA E 219 4.84 23.14 19.51
CA ALA E 219 5.54 22.98 20.77
C ALA E 219 6.54 24.11 21.01
N ALA E 220 7.21 24.57 19.95
CA ALA E 220 8.18 25.65 20.10
C ALA E 220 7.51 26.93 20.58
N ASP E 221 6.33 27.24 20.05
CA ASP E 221 5.59 28.42 20.49
C ASP E 221 5.22 28.31 21.97
N ALA E 222 4.76 27.13 22.39
CA ALA E 222 4.42 26.94 23.79
C ALA E 222 5.65 27.08 24.68
N LEU E 223 6.78 26.52 24.27
CA LEU E 223 8.01 26.65 25.06
C LEU E 223 8.46 28.10 25.15
N ARG E 224 8.34 28.85 24.05
CA ARG E 224 8.67 30.26 24.09
C ARG E 224 7.75 31.02 25.03
N LEU E 225 6.46 30.68 25.02
CA LEU E 225 5.51 31.33 25.94
C LEU E 225 5.88 31.04 27.38
N ARG E 226 6.20 29.78 27.70
CA ARG E 226 6.60 29.44 29.06
C ARG E 226 7.88 30.16 29.47
N ALA E 227 8.84 30.25 28.54
CA ALA E 227 10.10 30.93 28.85
C ALA E 227 9.85 32.41 29.12
N ALA E 228 8.99 33.04 28.32
CA ALA E 228 8.67 34.44 28.53
C ALA E 228 7.91 34.66 29.83
N ILE E 229 7.04 33.72 30.21
CA ILE E 229 6.36 33.80 31.49
C ILE E 229 7.36 33.70 32.64
N ALA E 230 8.30 32.76 32.53
CA ALA E 230 9.29 32.57 33.59
C ALA E 230 10.17 33.80 33.75
N GLU E 231 10.55 34.43 32.65
CA GLU E 231 11.31 35.68 32.71
C GLU E 231 10.46 36.86 33.17
N GLY E 232 9.15 36.70 33.27
CA GLY E 232 8.28 37.76 33.73
C GLY E 232 7.89 38.77 32.67
N LYS E 233 8.23 38.53 31.40
CA LYS E 233 7.92 39.51 30.37
C LYS E 233 6.45 39.50 30.01
N VAL E 234 5.78 38.36 30.17
CA VAL E 234 4.35 38.24 29.91
C VAL E 234 3.71 37.52 31.10
N ALA E 235 2.49 37.92 31.44
CA ALA E 235 1.76 37.25 32.50
C ALA E 235 0.94 36.10 31.93
N GLY E 236 0.82 35.03 32.72
CA GLY E 236 0.03 33.89 32.31
C GLY E 236 -1.43 34.23 32.06
N ALA E 237 -1.97 33.80 30.92
CA ALA E 237 -3.34 34.07 30.54
C ALA E 237 -4.26 32.88 30.79
N SER E 238 -4.02 32.14 31.88
CA SER E 238 -4.81 30.94 32.14
C SER E 238 -6.28 31.26 32.37
N ASP E 239 -6.59 32.46 32.86
CA ASP E 239 -7.95 32.83 33.21
C ASP E 239 -8.73 33.45 32.06
N GLN E 240 -8.10 33.67 30.91
CA GLN E 240 -8.80 34.30 29.80
C GLN E 240 -9.52 33.25 28.97
N PRO E 241 -10.77 33.50 28.57
CA PRO E 241 -11.53 32.47 27.86
C PRO E 241 -11.08 32.31 26.41
N LEU E 242 -11.17 31.08 25.92
CA LEU E 242 -10.94 30.80 24.51
C LEU E 242 -12.13 31.25 23.69
N SER E 243 -11.88 31.60 22.42
CA SER E 243 -12.95 32.00 21.52
C SER E 243 -12.91 31.14 20.27
N LEU E 244 -13.97 30.37 20.06
CA LEU E 244 -14.08 29.47 18.92
C LEU E 244 -14.88 30.14 17.82
N ARG E 245 -14.33 30.09 16.60
CA ARG E 245 -14.98 30.61 15.41
C ARG E 245 -15.14 29.47 14.41
N VAL E 246 -16.35 29.35 13.87
CA VAL E 246 -16.61 28.41 12.79
C VAL E 246 -16.22 29.07 11.47
N ASP E 247 -15.38 28.38 10.69
CA ASP E 247 -14.92 28.94 9.43
C ASP E 247 -16.08 29.17 8.48
N GLY E 248 -16.09 30.35 7.85
CA GLY E 248 -17.13 30.69 6.91
C GLY E 248 -18.42 31.18 7.50
N THR E 249 -18.53 31.27 8.83
CA THR E 249 -19.72 31.76 9.49
C THR E 249 -19.34 32.78 10.54
N ASP E 250 -20.35 33.50 11.03
CA ASP E 250 -20.17 34.49 12.10
C ASP E 250 -20.56 33.94 13.46
N ILE E 251 -20.46 32.63 13.67
CA ILE E 251 -20.84 32.01 14.94
C ILE E 251 -19.61 31.96 15.83
N GLU E 252 -19.64 32.71 16.93
CA GLU E 252 -18.56 32.74 17.91
C GLU E 252 -19.05 32.16 19.23
N ARG E 253 -18.19 31.36 19.86
CA ARG E 253 -18.53 30.75 21.13
C ARG E 253 -17.40 30.92 22.13
N LYS E 254 -17.74 31.34 23.34
CA LYS E 254 -16.77 31.47 24.41
C LYS E 254 -16.61 30.14 25.14
N GLY E 255 -15.38 29.88 25.59
CA GLY E 255 -15.10 28.63 26.28
C GLY E 255 -13.95 28.78 27.25
N THR E 256 -13.66 27.69 27.94
CA THR E 256 -12.60 27.65 28.95
C THR E 256 -11.59 26.57 28.60
N LEU E 257 -10.31 26.86 28.80
CA LEU E 257 -9.27 25.89 28.53
C LEU E 257 -9.27 24.80 29.60
N LEU E 258 -9.54 23.56 29.17
CA LEU E 258 -9.60 22.45 30.11
C LEU E 258 -8.25 21.76 30.28
N PHE E 259 -7.59 21.41 29.18
CA PHE E 259 -6.43 20.53 29.28
C PHE E 259 -5.38 20.91 28.24
N THR E 260 -4.12 20.76 28.63
CA THR E 260 -2.97 20.95 27.73
C THR E 260 -2.11 19.69 27.80
N ASP E 261 -1.83 19.11 26.64
CA ASP E 261 -1.08 17.86 26.60
C ASP E 261 0.40 18.10 26.91
N ILE E 262 1.02 17.10 27.53
CA ILE E 262 2.46 17.15 27.81
C ILE E 262 3.28 16.42 26.76
N SER E 263 2.65 15.68 25.87
CA SER E 263 3.35 14.94 24.81
C SER E 263 3.13 15.63 23.48
N VAL E 264 4.18 15.66 22.66
CA VAL E 264 4.12 16.26 21.34
C VAL E 264 3.90 15.15 20.31
N ASP E 265 3.09 15.43 19.30
CA ASP E 265 2.88 14.46 18.23
C ASP E 265 4.18 14.24 17.47
N ARG E 266 4.58 12.97 17.35
CA ARG E 266 5.86 12.67 16.73
C ARG E 266 5.92 13.03 15.25
N SER E 267 4.81 12.86 14.53
CA SER E 267 4.82 13.10 13.09
C SER E 267 4.86 14.58 12.73
N THR E 268 4.31 15.45 13.59
CA THR E 268 4.22 16.87 13.26
C THR E 268 4.86 17.79 14.30
N GLY E 269 5.00 17.33 15.55
CA GLY E 269 5.68 18.15 16.54
C GLY E 269 4.86 19.23 17.18
N GLN E 270 3.58 19.00 17.43
CA GLN E 270 2.72 19.98 18.06
C GLN E 270 1.91 19.33 19.18
N ILE E 271 1.62 20.12 20.21
CA ILE E 271 0.86 19.66 21.38
C ILE E 271 -0.62 19.84 21.11
N ALA E 272 -1.42 18.96 21.70
CA ALA E 272 -2.87 19.04 21.61
C ALA E 272 -3.45 19.71 22.86
N LEU E 273 -4.46 20.53 22.66
CA LEU E 273 -5.14 21.20 23.76
C LEU E 273 -6.64 21.00 23.61
N ARG E 274 -7.32 20.94 24.75
CA ARG E 274 -8.76 20.69 24.79
C ARG E 274 -9.44 21.78 25.58
N GLY E 275 -10.40 22.46 24.95
CA GLY E 275 -11.24 23.43 25.61
C GLY E 275 -12.67 22.94 25.62
N GLN E 276 -13.51 23.56 26.46
CA GLN E 276 -14.91 23.19 26.56
C GLN E 276 -15.78 24.37 26.14
N PHE E 277 -16.77 24.11 25.29
CA PHE E 277 -17.66 25.13 24.78
C PHE E 277 -19.11 24.69 24.94
N ASP E 278 -19.93 25.60 25.45
CA ASP E 278 -21.36 25.36 25.55
C ASP E 278 -21.98 25.35 24.16
N ASN E 279 -22.87 24.39 23.93
CA ASN E 279 -23.56 24.27 22.64
C ASN E 279 -25.05 24.06 22.88
N PRO E 280 -25.74 25.09 23.37
CA PRO E 280 -27.17 24.93 23.68
C PRO E 280 -28.05 24.76 22.46
N GLU E 281 -27.73 25.44 21.36
CA GLU E 281 -28.55 25.37 20.16
C GLU E 281 -28.20 24.20 19.26
N GLY E 282 -27.16 23.43 19.58
CA GLY E 282 -26.74 22.35 18.72
C GLY E 282 -26.09 22.79 17.44
N VAL E 283 -25.62 24.03 17.36
CA VAL E 283 -25.01 24.53 16.14
C VAL E 283 -23.67 23.85 15.87
N LEU E 284 -22.85 23.65 16.90
CA LEU E 284 -21.56 23.00 16.73
C LEU E 284 -21.77 21.51 16.58
N LEU E 285 -21.43 20.97 15.42
CA LEU E 285 -21.55 19.56 15.12
C LEU E 285 -20.20 18.87 15.26
N PRO E 286 -20.18 17.63 15.75
CA PRO E 286 -18.90 16.92 15.90
C PRO E 286 -18.20 16.74 14.57
N GLY E 287 -16.87 16.86 14.60
CA GLY E 287 -16.07 16.73 13.41
C GLY E 287 -15.90 18.00 12.59
N MET E 288 -16.57 19.09 12.98
CA MET E 288 -16.42 20.33 12.24
C MET E 288 -15.04 20.94 12.47
N TYR E 289 -14.44 21.44 11.39
CA TYR E 289 -13.18 22.17 11.49
C TYR E 289 -13.45 23.55 12.05
N VAL E 290 -12.79 23.87 13.18
CA VAL E 290 -13.00 25.13 13.87
C VAL E 290 -11.66 25.81 14.13
N ARG E 291 -11.66 27.13 14.19
CA ARG E 291 -10.41 27.83 14.50
C ARG E 291 -10.60 28.48 15.86
N VAL E 292 -9.73 28.17 16.80
CA VAL E 292 -9.80 28.55 18.19
C VAL E 292 -8.76 29.63 18.47
N ARG E 293 -9.21 30.83 18.82
CA ARG E 293 -8.32 31.88 19.28
C ARG E 293 -8.07 31.70 20.76
N THR E 294 -6.81 31.48 21.12
CA THR E 294 -6.38 31.27 22.50
C THR E 294 -5.43 32.38 22.91
N PRO E 295 -5.57 32.91 24.13
CA PRO E 295 -4.69 34.01 24.57
C PRO E 295 -3.29 33.50 24.84
N GLN E 296 -2.30 34.17 24.25
CA GLN E 296 -0.90 33.83 24.44
C GLN E 296 -0.23 34.67 25.51
N GLY E 297 -0.97 35.14 26.50
CA GLY E 297 -0.42 35.98 27.55
C GLY E 297 -0.73 37.44 27.36
N LEU E 298 -0.72 38.17 28.47
CA LEU E 298 -1.02 39.59 28.49
C LEU E 298 0.23 40.36 28.88
N ASN E 299 0.65 41.29 28.03
CA ASN E 299 1.73 42.23 28.37
C ASN E 299 1.09 43.58 28.73
N GLN E 300 1.60 44.19 29.80
CA GLN E 300 0.99 45.43 30.28
C GLN E 300 1.55 46.66 29.59
N ASN E 301 2.62 46.51 28.81
CA ASN E 301 3.35 47.66 28.28
C ASN E 301 3.57 47.56 26.77
N ALA E 302 2.52 47.23 26.02
CA ALA E 302 2.63 47.04 24.58
C ALA E 302 2.34 48.34 23.84
N ILE E 303 2.85 48.44 22.61
CA ILE E 303 2.69 49.61 21.77
C ILE E 303 2.00 49.17 20.48
N LEU E 304 0.94 49.88 20.10
CA LEU E 304 0.16 49.55 18.90
C LEU E 304 0.17 50.74 17.96
N VAL E 305 0.49 50.48 16.69
CA VAL E 305 0.59 51.54 15.67
C VAL E 305 -0.20 51.11 14.45
N PRO E 306 -1.07 51.97 13.90
CA PRO E 306 -1.92 51.55 12.78
C PRO E 306 -1.11 51.07 11.59
N GLN E 307 -1.69 50.13 10.84
CA GLN E 307 -0.98 49.48 9.74
C GLN E 307 -0.50 50.47 8.70
N ARG E 308 -1.33 51.46 8.37
CA ARG E 308 -0.96 52.42 7.35
C ARG E 308 0.29 53.21 7.72
N ALA E 309 0.59 53.32 9.02
CA ALA E 309 1.73 54.10 9.48
C ALA E 309 3.04 53.34 9.48
N VAL E 310 3.01 52.03 9.22
CA VAL E 310 4.22 51.21 9.22
C VAL E 310 4.56 50.84 7.78
N GLN E 311 5.73 51.25 7.33
CA GLN E 311 6.21 50.92 5.99
C GLN E 311 7.09 49.67 6.07
N ARG E 312 7.23 48.98 4.95
CA ARG E 312 8.09 47.82 4.85
C ARG E 312 9.03 47.97 3.67
N SER E 313 10.33 47.81 3.93
CA SER E 313 11.33 47.92 2.88
C SER E 313 11.42 46.61 2.09
N ALA E 314 12.26 46.63 1.05
CA ALA E 314 12.41 45.46 0.19
C ALA E 314 13.04 44.28 0.92
N ASP E 315 13.79 44.53 1.99
CA ASP E 315 14.45 43.47 2.73
C ASP E 315 13.56 42.82 3.78
N GLY E 316 12.32 43.28 3.91
CA GLY E 316 11.43 42.78 4.94
C GLY E 316 11.52 43.49 6.26
N GLN E 317 12.55 44.33 6.46
CA GLN E 317 12.66 45.11 7.67
C GLN E 317 11.63 46.24 7.66
N ALA E 318 10.78 46.25 8.69
CA ALA E 318 9.73 47.26 8.78
C ALA E 318 10.25 48.51 9.47
N SER E 319 9.69 49.65 9.08
CA SER E 319 10.13 50.93 9.60
C SER E 319 8.91 51.80 9.89
N VAL E 320 9.12 52.77 10.77
CA VAL E 320 8.12 53.77 11.09
C VAL E 320 8.76 55.14 10.97
N MET E 321 7.98 56.12 10.53
CA MET E 321 8.44 57.49 10.45
C MET E 321 8.01 58.26 11.70
N LEU E 322 8.99 58.74 12.44
CA LEU E 322 8.77 59.47 13.67
C LEU E 322 9.09 60.94 13.46
N LEU E 323 8.44 61.77 14.28
CA LEU E 323 8.65 63.22 14.27
C LEU E 323 9.90 63.51 15.09
N GLY E 324 11.01 63.78 14.41
CA GLY E 324 12.24 64.15 15.08
C GLY E 324 12.21 65.59 15.55
N GLU E 325 13.29 66.00 16.21
CA GLU E 325 13.40 67.38 16.65
C GLU E 325 13.50 68.29 15.44
N GLY E 326 13.02 69.53 15.60
CA GLY E 326 12.95 70.43 14.47
C GLY E 326 11.92 70.03 13.44
N ASP E 327 10.97 69.19 13.82
CA ASP E 327 9.88 68.74 12.95
C ASP E 327 10.40 68.05 11.70
N THR E 328 11.33 67.11 11.89
CA THR E 328 11.89 66.34 10.79
C THR E 328 11.38 64.90 10.83
N VAL E 329 11.31 64.29 9.66
CA VAL E 329 10.83 62.91 9.51
C VAL E 329 12.02 61.97 9.62
N GLU E 330 11.92 60.97 10.49
CA GLU E 330 12.97 59.98 10.67
C GLU E 330 12.42 58.60 10.37
N VAL E 331 13.19 57.79 9.65
CA VAL E 331 12.85 56.40 9.37
C VAL E 331 13.58 55.52 10.35
N ARG E 332 12.84 54.90 11.28
CA ARG E 332 13.41 54.05 12.30
C ARG E 332 12.96 52.62 12.08
N GLN E 333 13.92 51.70 12.10
CA GLN E 333 13.62 50.28 11.97
C GLN E 333 12.97 49.75 13.25
N VAL E 334 11.89 49.00 13.09
CA VAL E 334 11.16 48.44 14.21
C VAL E 334 10.92 46.96 13.95
N THR E 335 10.73 46.19 15.02
CA THR E 335 10.46 44.77 14.95
C THR E 335 8.97 44.55 15.09
N THR E 336 8.32 44.14 14.00
CA THR E 336 6.87 43.99 13.96
C THR E 336 6.45 42.67 14.59
N GLY E 337 5.46 42.73 15.49
CA GLY E 337 5.01 41.56 16.21
C GLY E 337 3.64 41.04 15.81
N ALA E 338 2.69 41.13 16.73
CA ALA E 338 1.38 40.50 16.56
C ALA E 338 0.39 41.46 15.92
N MET E 339 -0.80 40.96 15.62
CA MET E 339 -1.76 41.71 14.83
C MET E 339 -3.12 41.77 15.50
N GLN E 340 -3.59 42.99 15.70
CA GLN E 340 -4.93 43.28 16.22
C GLN E 340 -5.59 44.28 15.26
N GLY E 341 -6.55 43.80 14.47
CA GLY E 341 -7.29 44.65 13.56
C GLY E 341 -6.46 45.24 12.44
N SER E 342 -6.19 46.54 12.50
CA SER E 342 -5.34 47.23 11.54
C SER E 342 -4.17 47.94 12.20
N ARG E 343 -3.72 47.45 13.36
CA ARG E 343 -2.61 48.05 14.10
C ARG E 343 -1.57 46.99 14.44
N TRP E 344 -0.33 47.19 13.99
CA TRP E 344 0.73 46.27 14.37
C TRP E 344 1.16 46.51 15.81
N GLN E 345 1.67 45.45 16.44
CA GLN E 345 2.34 45.58 17.72
C GLN E 345 3.83 45.83 17.50
N ILE E 346 4.35 46.86 18.15
CA ILE E 346 5.76 47.21 18.04
C ILE E 346 6.47 46.75 19.31
N SER E 347 7.25 45.68 19.20
CA SER E 347 7.98 45.15 20.34
C SER E 347 9.24 45.94 20.68
N GLU E 348 9.93 46.47 19.66
CA GLU E 348 11.17 47.19 19.88
C GLU E 348 11.22 48.41 18.99
N GLY E 349 11.94 49.43 19.44
CA GLY E 349 12.19 50.60 18.63
C GLY E 349 11.33 51.81 18.94
N LEU E 350 10.29 51.67 19.75
CA LEU E 350 9.40 52.78 20.06
C LEU E 350 9.25 52.93 21.57
N GLN E 351 9.04 54.17 22.00
CA GLN E 351 8.89 54.50 23.40
C GLN E 351 7.68 55.41 23.57
N ALA E 352 7.15 55.42 24.79
CA ALA E 352 5.99 56.26 25.10
C ALA E 352 6.33 57.73 24.89
N GLY E 353 5.42 58.45 24.25
CA GLY E 353 5.61 59.85 23.93
C GLY E 353 6.17 60.11 22.55
N ASP E 354 6.61 59.07 21.84
CA ASP E 354 7.10 59.23 20.49
C ASP E 354 5.97 59.68 19.57
N LYS E 355 6.29 60.55 18.63
CA LYS E 355 5.32 61.14 17.71
C LYS E 355 5.41 60.40 16.38
N VAL E 356 4.42 59.55 16.12
CA VAL E 356 4.38 58.74 14.90
C VAL E 356 3.58 59.47 13.83
N ILE E 357 4.09 59.43 12.60
CA ILE E 357 3.41 60.05 11.47
C ILE E 357 2.59 59.00 10.74
N THR E 358 1.36 59.37 10.35
CA THR E 358 0.42 58.42 9.77
C THR E 358 -0.14 58.83 8.42
N SER E 359 0.10 60.06 7.95
CA SER E 359 -0.53 60.56 6.74
C SER E 359 0.50 61.11 5.78
N SER E 360 0.14 61.10 4.49
CA SER E 360 0.98 61.60 3.40
C SER E 360 2.34 60.91 3.37
N LEU E 361 2.38 59.64 3.74
CA LEU E 361 3.65 58.96 3.98
C LEU E 361 4.48 58.83 2.70
N ALA E 362 3.83 58.47 1.60
CA ALA E 362 4.55 58.26 0.35
C ALA E 362 5.10 59.56 -0.23
N ALA E 363 4.50 60.70 0.09
CA ALA E 363 4.91 61.98 -0.48
C ALA E 363 5.92 62.74 0.38
N ILE E 364 6.31 62.19 1.53
CA ILE E 364 7.26 62.84 2.42
C ILE E 364 8.52 61.99 2.50
N ARG E 365 9.68 62.67 2.45
CA ARG E 365 11.04 62.15 2.50
C ARG E 365 11.66 62.43 3.87
N PRO E 366 12.60 61.59 4.31
CA PRO E 366 13.25 61.84 5.60
C PRO E 366 13.98 63.16 5.62
N GLY E 367 13.95 63.82 6.77
CA GLY E 367 14.61 65.11 6.94
C GLY E 367 13.79 66.32 6.57
N ALA E 368 12.56 66.13 6.08
CA ALA E 368 11.74 67.25 5.67
C ALA E 368 11.07 67.91 6.88
N LYS E 369 11.05 69.24 6.87
CA LYS E 369 10.35 69.98 7.92
C LYS E 369 8.86 69.78 7.78
N VAL E 370 8.16 69.73 8.92
CA VAL E 370 6.74 69.43 8.95
C VAL E 370 6.02 70.36 9.91
N ILE E 371 4.70 70.42 9.74
CA ILE E 371 3.79 71.10 10.66
C ILE E 371 2.87 70.03 11.26
N PRO E 372 2.80 69.90 12.58
CA PRO E 372 1.94 68.87 13.18
C PRO E 372 0.49 69.32 13.23
N ARG E 373 -0.41 68.44 12.81
CA ARG E 373 -1.84 68.68 12.98
C ARG E 373 -2.42 67.67 13.97
N ALA F 36 -32.77 62.63 -22.98
CA ALA F 36 -33.13 61.53 -22.09
C ALA F 36 -33.28 60.23 -22.88
N ARG F 37 -32.51 59.21 -22.48
CA ARG F 37 -32.53 57.94 -23.19
C ARG F 37 -33.66 57.06 -22.68
N GLU F 38 -34.38 56.45 -23.62
CA GLU F 38 -35.47 55.54 -23.24
C GLU F 38 -34.90 54.24 -22.68
N VAL F 39 -35.41 53.82 -21.53
CA VAL F 39 -34.90 52.65 -20.83
C VAL F 39 -36.06 51.73 -20.50
N ASP F 40 -35.80 50.42 -20.50
CA ASP F 40 -36.79 49.45 -20.07
C ASP F 40 -36.79 49.36 -18.55
N VAL F 41 -37.98 49.40 -17.96
CA VAL F 41 -38.13 49.44 -16.51
C VAL F 41 -38.91 48.20 -16.08
N LEU F 42 -38.42 47.53 -15.05
CA LEU F 42 -39.09 46.36 -14.48
C LEU F 42 -39.59 46.71 -13.09
N SER F 43 -40.87 46.50 -12.86
CA SER F 43 -41.46 46.71 -11.54
C SER F 43 -41.18 45.49 -10.67
N VAL F 44 -40.45 45.70 -9.58
CA VAL F 44 -40.02 44.59 -8.73
C VAL F 44 -41.24 44.01 -8.02
N LYS F 45 -41.39 42.69 -8.08
CA LYS F 45 -42.45 41.98 -7.40
C LYS F 45 -41.86 40.82 -6.60
N THR F 46 -42.58 40.41 -5.57
CA THR F 46 -42.14 39.31 -4.72
C THR F 46 -42.95 38.05 -5.02
N GLU F 47 -42.26 36.92 -5.06
CA GLU F 47 -42.91 35.64 -5.26
C GLU F 47 -42.12 34.57 -4.50
N PRO F 48 -42.81 33.60 -3.89
CA PRO F 48 -42.09 32.55 -3.17
C PRO F 48 -41.23 31.74 -4.12
N PHE F 49 -40.02 31.39 -3.67
CA PHE F 49 -39.08 30.62 -4.48
C PHE F 49 -38.34 29.65 -3.56
N THR F 50 -38.38 28.37 -3.92
CA THR F 50 -37.72 27.33 -3.15
C THR F 50 -36.42 26.94 -3.85
N VAL F 51 -35.31 27.03 -3.14
CA VAL F 51 -34.02 26.63 -3.68
C VAL F 51 -33.87 25.12 -3.53
N PHE F 52 -33.53 24.46 -4.63
CA PHE F 52 -33.38 23.01 -4.65
C PHE F 52 -31.92 22.65 -4.89
N ALA F 53 -31.41 21.70 -4.10
CA ALA F 53 -30.06 21.21 -4.25
C ALA F 53 -30.08 19.78 -4.79
N GLU F 54 -29.29 19.53 -5.83
CA GLU F 54 -29.15 18.20 -6.40
C GLU F 54 -27.93 17.54 -5.78
N LEU F 55 -28.16 16.67 -4.82
CA LEU F 55 -27.10 16.01 -4.08
C LEU F 55 -26.90 14.60 -4.59
N PRO F 56 -25.67 14.07 -4.49
CA PRO F 56 -25.45 12.68 -4.90
C PRO F 56 -25.83 11.71 -3.79
N GLY F 57 -26.44 10.60 -4.19
CA GLY F 57 -26.82 9.56 -3.26
C GLY F 57 -26.82 8.21 -3.93
N ARG F 58 -27.03 7.18 -3.11
CA ARG F 58 -27.09 5.80 -3.58
C ARG F 58 -28.30 5.10 -2.98
N ILE F 59 -28.82 4.14 -3.73
CA ILE F 59 -29.98 3.39 -3.27
C ILE F 59 -29.52 2.23 -2.41
N GLU F 60 -30.13 2.10 -1.23
CA GLU F 60 -29.90 1.02 -0.29
C GLU F 60 -31.21 0.32 0.02
N PRO F 61 -31.19 -0.96 0.38
CA PRO F 61 -32.41 -1.62 0.84
C PRO F 61 -32.65 -1.33 2.31
N VAL F 62 -33.93 -1.34 2.68
CA VAL F 62 -34.29 -1.05 4.07
C VAL F 62 -33.75 -2.12 5.00
N ARG F 63 -33.87 -3.39 4.62
CA ARG F 63 -33.40 -4.50 5.45
C ARG F 63 -32.44 -5.37 4.66
N VAL F 64 -31.28 -5.64 5.23
CA VAL F 64 -30.29 -6.54 4.65
C VAL F 64 -30.02 -7.65 5.66
N ALA F 65 -30.13 -8.90 5.21
CA ALA F 65 -29.87 -10.06 6.04
C ALA F 65 -28.76 -10.87 5.40
N GLU F 66 -27.60 -10.90 6.04
CA GLU F 66 -26.47 -11.70 5.57
C GLU F 66 -26.59 -13.10 6.15
N VAL F 67 -27.14 -14.02 5.36
CA VAL F 67 -27.32 -15.41 5.79
C VAL F 67 -25.93 -16.03 5.90
N ARG F 68 -25.52 -16.33 7.13
CA ARG F 68 -24.19 -16.85 7.42
C ARG F 68 -24.31 -18.14 8.21
N ALA F 69 -23.34 -19.03 8.01
CA ALA F 69 -23.32 -20.32 8.71
C ALA F 69 -22.81 -20.13 10.13
N ARG F 70 -23.52 -20.71 11.10
CA ARG F 70 -23.12 -20.63 12.49
C ARG F 70 -22.38 -21.88 12.98
N VAL F 71 -22.56 -23.01 12.30
CA VAL F 71 -21.98 -24.27 12.74
C VAL F 71 -21.13 -24.85 11.62
N ALA F 72 -20.00 -25.43 12.00
CA ALA F 72 -19.06 -25.98 11.04
C ALA F 72 -19.57 -27.30 10.47
N GLY F 73 -19.41 -27.47 9.17
CA GLY F 73 -19.84 -28.69 8.52
C GLY F 73 -19.82 -28.54 7.01
N ILE F 74 -20.19 -29.63 6.35
CA ILE F 74 -20.21 -29.68 4.89
C ILE F 74 -21.61 -29.30 4.42
N VAL F 75 -21.67 -28.40 3.44
CA VAL F 75 -22.97 -27.99 2.88
C VAL F 75 -23.47 -29.11 1.97
N LEU F 76 -24.41 -29.90 2.47
CA LEU F 76 -24.91 -31.04 1.70
C LEU F 76 -25.74 -30.59 0.50
N LYS F 77 -26.71 -29.70 0.71
CA LYS F 77 -27.66 -29.37 -0.32
C LYS F 77 -27.99 -27.88 -0.27
N ARG F 78 -28.33 -27.33 -1.44
CA ARG F 78 -28.90 -25.99 -1.54
C ARG F 78 -30.36 -26.11 -1.93
N THR F 79 -31.24 -25.48 -1.17
CA THR F 79 -32.68 -25.68 -1.30
C THR F 79 -33.34 -24.61 -2.15
N PHE F 80 -32.73 -23.43 -2.29
CA PHE F 80 -33.35 -22.31 -2.98
C PHE F 80 -32.72 -22.13 -4.35
N GLU F 81 -33.48 -21.52 -5.25
CA GLU F 81 -32.96 -21.09 -6.55
C GLU F 81 -32.59 -19.63 -6.45
N GLU F 82 -31.42 -19.28 -7.00
CA GLU F 82 -30.90 -17.92 -6.84
C GLU F 82 -31.81 -16.92 -7.55
N GLY F 83 -32.14 -15.84 -6.84
CA GLY F 83 -32.98 -14.79 -7.39
C GLY F 83 -34.45 -14.88 -7.04
N ALA F 84 -34.90 -16.01 -6.51
CA ALA F 84 -36.30 -16.14 -6.15
C ALA F 84 -36.60 -15.34 -4.88
N ASP F 85 -37.87 -15.00 -4.71
CA ASP F 85 -38.34 -14.36 -3.49
C ASP F 85 -38.54 -15.43 -2.42
N VAL F 86 -38.01 -15.19 -1.23
CA VAL F 86 -38.04 -16.16 -0.15
C VAL F 86 -38.84 -15.59 1.01
N LYS F 87 -39.52 -16.48 1.73
CA LYS F 87 -40.28 -16.11 2.91
C LYS F 87 -39.49 -16.42 4.17
N ALA F 88 -39.85 -15.75 5.26
CA ALA F 88 -39.19 -15.98 6.54
C ALA F 88 -39.40 -17.42 6.97
N GLY F 89 -38.31 -18.06 7.40
CA GLY F 89 -38.35 -19.45 7.80
C GLY F 89 -38.11 -20.46 6.70
N ASP F 90 -38.02 -20.01 5.45
CA ASP F 90 -37.75 -20.94 4.36
C ASP F 90 -36.32 -21.47 4.44
N VAL F 91 -36.17 -22.77 4.29
CA VAL F 91 -34.85 -23.41 4.38
C VAL F 91 -34.07 -23.10 3.11
N LEU F 92 -32.86 -22.56 3.28
CA LEU F 92 -32.01 -22.23 2.15
C LEU F 92 -30.85 -23.21 1.97
N PHE F 93 -30.11 -23.49 3.04
CA PHE F 93 -28.99 -24.42 3.00
C PHE F 93 -29.19 -25.51 4.04
N GLN F 94 -28.60 -26.67 3.77
CA GLN F 94 -28.58 -27.78 4.72
C GLN F 94 -27.12 -28.15 4.97
N ILE F 95 -26.72 -28.12 6.23
CA ILE F 95 -25.38 -28.54 6.64
C ILE F 95 -25.50 -29.83 7.41
N ASP F 96 -24.61 -30.77 7.14
CA ASP F 96 -24.72 -32.10 7.72
C ASP F 96 -24.49 -32.04 9.24
N PRO F 97 -25.47 -32.41 10.04
CA PRO F 97 -25.21 -32.53 11.48
C PRO F 97 -24.59 -33.87 11.82
N ALA F 98 -23.27 -33.91 11.97
CA ALA F 98 -22.66 -35.09 12.60
C ALA F 98 -22.59 -34.93 14.11
N PRO F 99 -22.04 -33.83 14.64
CA PRO F 99 -21.91 -33.73 16.10
C PRO F 99 -23.16 -33.26 16.79
N PHE F 100 -23.92 -32.37 16.16
CA PHE F 100 -25.08 -31.77 16.82
C PHE F 100 -26.18 -32.80 17.04
N LYS F 101 -26.34 -33.73 16.10
CA LYS F 101 -27.30 -34.82 16.30
C LYS F 101 -26.91 -35.67 17.50
N ALA F 102 -25.62 -35.98 17.64
CA ALA F 102 -25.17 -36.76 18.78
C ALA F 102 -25.34 -36.01 20.08
N ALA F 103 -25.08 -34.70 20.08
CA ALA F 103 -25.30 -33.90 21.27
C ALA F 103 -26.77 -33.89 21.67
N LEU F 104 -27.66 -33.76 20.68
CA LEU F 104 -29.09 -33.83 20.96
C LEU F 104 -29.47 -35.18 21.53
N SER F 105 -28.89 -36.26 20.99
CA SER F 105 -29.18 -37.59 21.52
C SER F 105 -28.71 -37.73 22.97
N ARG F 106 -27.53 -37.19 23.29
CA ARG F 106 -27.04 -37.23 24.66
C ARG F 106 -27.96 -36.45 25.59
N ALA F 107 -28.40 -35.27 25.16
CA ALA F 107 -29.31 -34.48 25.97
C ALA F 107 -30.64 -35.21 26.18
N GLN F 108 -31.13 -35.86 25.14
CA GLN F 108 -32.38 -36.61 25.27
C GLN F 108 -32.22 -37.78 26.24
N GLY F 109 -31.07 -38.45 26.20
CA GLY F 109 -30.82 -39.51 27.17
C GLY F 109 -30.79 -39.00 28.60
N GLU F 110 -30.13 -37.87 28.81
CA GLU F 110 -30.12 -37.28 30.16
C GLU F 110 -31.53 -36.89 30.60
N LEU F 111 -32.33 -36.35 29.68
CA LEU F 111 -33.70 -36.01 29.99
C LEU F 111 -34.51 -37.25 30.37
N ALA F 112 -34.28 -38.35 29.65
CA ALA F 112 -34.97 -39.59 29.97
C ALA F 112 -34.59 -40.09 31.36
N ARG F 113 -33.30 -39.99 31.71
CA ARG F 113 -32.88 -40.39 33.05
C ARG F 113 -33.54 -39.52 34.12
N ALA F 114 -33.60 -38.20 33.87
CA ALA F 114 -34.26 -37.31 34.82
C ALA F 114 -35.73 -37.65 34.95
N GLU F 115 -36.40 -37.96 33.85
CA GLU F 115 -37.81 -38.33 33.91
C GLU F 115 -38.01 -39.63 34.68
N ALA F 116 -37.10 -40.58 34.52
CA ALA F 116 -37.19 -41.82 35.30
C ALA F 116 -37.07 -41.55 36.80
N GLN F 117 -36.10 -40.72 37.18
CA GLN F 117 -35.96 -40.38 38.59
C GLN F 117 -37.20 -39.64 39.11
N LEU F 118 -37.77 -38.74 38.30
CA LEU F 118 -38.98 -38.05 38.70
C LEU F 118 -40.13 -39.02 38.89
N PHE F 119 -40.25 -40.00 38.00
CA PHE F 119 -41.31 -41.00 38.14
C PHE F 119 -41.15 -41.78 39.43
N GLN F 120 -39.91 -42.17 39.76
CA GLN F 120 -39.66 -42.87 41.01
C GLN F 120 -40.07 -42.01 42.21
N ALA F 121 -39.69 -40.74 42.18
CA ALA F 121 -40.02 -39.85 43.29
C ALA F 121 -41.52 -39.66 43.41
N GLN F 122 -42.22 -39.52 42.27
CA GLN F 122 -43.66 -39.37 42.30
C GLN F 122 -44.35 -40.60 42.88
N ALA F 123 -43.88 -41.79 42.50
CA ALA F 123 -44.46 -43.00 43.07
C ALA F 123 -44.21 -43.08 44.57
N MET F 124 -43.00 -42.73 45.01
CA MET F 124 -42.70 -42.74 46.44
C MET F 124 -43.61 -41.78 47.21
N VAL F 125 -43.79 -40.57 46.69
CA VAL F 125 -44.63 -39.58 47.37
C VAL F 125 -46.09 -40.04 47.37
N ARG F 126 -46.55 -40.61 46.26
CA ARG F 126 -47.93 -41.08 46.19
C ARG F 126 -48.18 -42.19 47.20
N ARG F 127 -47.21 -43.10 47.38
CA ARG F 127 -47.38 -44.15 48.37
C ARG F 127 -47.30 -43.61 49.79
N TYR F 128 -46.40 -42.66 50.05
CA TYR F 128 -46.21 -42.16 51.41
C TYR F 128 -47.33 -41.23 51.85
N GLU F 129 -48.05 -40.62 50.90
CA GLU F 129 -49.08 -39.64 51.27
C GLU F 129 -50.17 -40.22 52.16
N PRO F 130 -50.78 -41.38 51.86
CA PRO F 130 -51.78 -41.91 52.79
C PRO F 130 -51.17 -42.51 54.05
N LEU F 131 -49.91 -42.96 53.98
CA LEU F 131 -49.31 -43.63 55.13
C LEU F 131 -48.95 -42.63 56.23
N VAL F 132 -48.56 -41.41 55.86
CA VAL F 132 -48.20 -40.42 56.86
C VAL F 132 -49.42 -39.96 57.64
N LYS F 133 -50.60 -39.97 57.01
CA LYS F 133 -51.81 -39.59 57.72
C LYS F 133 -52.21 -40.58 58.79
N ILE F 134 -51.86 -41.86 58.62
CA ILE F 134 -52.10 -42.90 59.61
C ILE F 134 -50.86 -43.17 60.44
N ASP F 135 -49.87 -42.27 60.37
CA ASP F 135 -48.63 -42.36 61.13
C ASP F 135 -47.84 -43.64 60.84
N ALA F 136 -48.02 -44.21 59.64
CA ALA F 136 -47.28 -45.40 59.26
C ALA F 136 -45.81 -45.11 58.99
N VAL F 137 -45.46 -43.88 58.60
CA VAL F 137 -44.08 -43.49 58.40
C VAL F 137 -43.85 -42.17 59.15
N SER F 138 -42.59 -41.93 59.51
CA SER F 138 -42.26 -40.72 60.23
C SER F 138 -42.44 -39.49 59.35
N GLN F 139 -42.74 -38.36 59.99
CA GLN F 139 -42.87 -37.10 59.26
C GLN F 139 -41.56 -36.73 58.56
N GLN F 140 -40.44 -37.07 59.18
CA GLN F 140 -39.14 -36.80 58.57
C GLN F 140 -38.99 -37.54 57.24
N ASP F 141 -39.42 -38.80 57.19
CA ASP F 141 -39.34 -39.56 55.94
C ASP F 141 -40.23 -38.94 54.87
N PHE F 142 -41.43 -38.49 55.26
CA PHE F 142 -42.32 -37.86 54.28
C PHE F 142 -41.72 -36.58 53.74
N ASP F 143 -41.11 -35.77 54.61
CA ASP F 143 -40.48 -34.54 54.15
C ASP F 143 -39.28 -34.83 53.25
N ASN F 144 -38.52 -35.89 53.58
CA ASN F 144 -37.42 -36.28 52.70
C ASN F 144 -37.94 -36.70 51.33
N ALA F 145 -39.03 -37.45 51.29
CA ALA F 145 -39.61 -37.85 50.02
C ALA F 145 -40.10 -36.64 49.22
N MET F 146 -40.72 -35.68 49.90
CA MET F 146 -41.17 -34.48 49.21
C MET F 146 -40.01 -33.67 48.66
N ALA F 147 -38.93 -33.56 49.44
CA ALA F 147 -37.73 -32.87 48.96
C ALA F 147 -37.14 -33.58 47.76
N ALA F 148 -37.12 -34.91 47.79
CA ALA F 148 -36.61 -35.66 46.64
C ALA F 148 -37.49 -35.44 45.42
N LEU F 149 -38.80 -35.38 45.60
CA LEU F 149 -39.71 -35.13 44.49
C LEU F 149 -39.46 -33.76 43.88
N GLN F 150 -39.30 -32.74 44.72
CA GLN F 150 -39.04 -31.40 44.22
C GLN F 150 -37.69 -31.33 43.51
N SER F 151 -36.67 -32.00 44.06
CA SER F 151 -35.38 -32.05 43.40
C SER F 151 -35.47 -32.73 42.04
N ALA F 152 -36.24 -33.81 41.96
CA ALA F 152 -36.43 -34.49 40.68
C ALA F 152 -37.15 -33.61 39.67
N GLN F 153 -38.15 -32.85 40.11
CA GLN F 153 -38.81 -31.92 39.21
C GLN F 153 -37.83 -30.88 38.69
N ALA F 154 -37.00 -30.34 39.58
CA ALA F 154 -36.00 -29.35 39.17
C ALA F 154 -35.01 -29.95 38.18
N ASP F 155 -34.56 -31.18 38.43
CA ASP F 155 -33.63 -31.83 37.52
C ASP F 155 -34.26 -32.08 36.16
N LYS F 156 -35.54 -32.46 36.14
CA LYS F 156 -36.23 -32.65 34.86
C LYS F 156 -36.30 -31.33 34.10
N ARG F 157 -36.60 -30.24 34.80
CA ARG F 157 -36.64 -28.95 34.12
C ARG F 157 -35.27 -28.55 33.57
N SER F 158 -34.21 -28.81 34.33
CA SER F 158 -32.87 -28.52 33.84
C SER F 158 -32.53 -29.36 32.61
N ALA F 159 -32.90 -30.64 32.64
CA ALA F 159 -32.65 -31.50 31.49
C ALA F 159 -33.44 -31.04 30.28
N GLN F 160 -34.68 -30.58 30.49
CA GLN F 160 -35.46 -30.04 29.38
C GLN F 160 -34.79 -28.80 28.81
N ALA F 161 -34.22 -27.95 29.66
CA ALA F 161 -33.50 -26.79 29.17
C ALA F 161 -32.29 -27.21 28.34
N ASN F 162 -31.55 -28.21 28.79
CA ASN F 162 -30.41 -28.70 28.02
C ASN F 162 -30.85 -29.27 26.68
N VAL F 163 -31.96 -30.01 26.66
CA VAL F 163 -32.47 -30.57 25.41
C VAL F 163 -32.86 -29.45 24.46
N GLU F 164 -33.51 -28.41 24.98
CA GLU F 164 -33.90 -27.28 24.13
C GLU F 164 -32.68 -26.56 23.58
N THR F 165 -31.63 -26.41 24.40
CA THR F 165 -30.40 -25.79 23.91
C THR F 165 -29.78 -26.61 22.78
N ALA F 166 -29.72 -27.93 22.96
CA ALA F 166 -29.18 -28.79 21.90
C ALA F 166 -30.05 -28.73 20.65
N ARG F 167 -31.37 -28.67 20.82
CA ARG F 167 -32.26 -28.58 19.67
C ARG F 167 -32.07 -27.28 18.91
N LEU F 168 -31.87 -26.18 19.63
CA LEU F 168 -31.59 -24.90 18.97
C LEU F 168 -30.27 -24.96 18.21
N ASP F 169 -29.24 -25.55 18.83
CA ASP F 169 -27.96 -25.69 18.15
C ASP F 169 -28.10 -26.53 16.88
N LEU F 170 -28.89 -27.60 16.94
CA LEU F 170 -29.15 -28.41 15.75
C LEU F 170 -29.93 -27.62 14.71
N GLY F 171 -30.92 -26.85 15.13
CA GLY F 171 -31.69 -26.06 14.18
C GLY F 171 -30.86 -24.97 13.54
N TYR F 172 -29.74 -24.61 14.15
CA TYR F 172 -28.80 -23.70 13.52
C TYR F 172 -28.04 -24.38 12.39
N ALA F 173 -28.41 -25.62 12.05
CA ALA F 173 -27.85 -26.30 10.90
C ALA F 173 -28.79 -26.32 9.70
N GLU F 174 -30.10 -26.25 9.93
CA GLU F 174 -31.06 -25.98 8.86
C GLU F 174 -31.15 -24.47 8.71
N VAL F 175 -30.29 -23.91 7.88
CA VAL F 175 -30.20 -22.45 7.73
C VAL F 175 -31.49 -21.97 7.08
N ARG F 176 -32.17 -21.04 7.74
CA ARG F 176 -33.45 -20.52 7.28
C ARG F 176 -33.34 -19.01 7.03
N ALA F 177 -34.23 -18.51 6.19
CA ALA F 177 -34.22 -17.08 5.88
C ALA F 177 -34.75 -16.30 7.06
N PRO F 178 -33.97 -15.38 7.64
CA PRO F 178 -34.47 -14.59 8.77
C PRO F 178 -35.50 -13.54 8.39
N ILE F 179 -35.44 -13.01 7.17
CA ILE F 179 -36.39 -12.00 6.70
C ILE F 179 -36.88 -12.40 5.32
N ALA F 180 -38.02 -11.83 4.94
CA ALA F 180 -38.56 -12.04 3.61
C ALA F 180 -37.98 -11.02 2.64
N GLY F 181 -37.75 -11.46 1.41
CA GLY F 181 -37.17 -10.59 0.41
C GLY F 181 -36.60 -11.41 -0.74
N ARG F 182 -35.78 -10.74 -1.53
CA ARG F 182 -35.14 -11.36 -2.68
C ARG F 182 -33.74 -11.81 -2.33
N ILE F 183 -33.43 -13.07 -2.60
CA ILE F 183 -32.12 -13.63 -2.27
C ILE F 183 -31.23 -13.55 -3.50
N GLY F 184 -29.94 -13.27 -3.28
CA GLY F 184 -28.98 -13.15 -4.35
C GLY F 184 -28.26 -14.45 -4.62
N ARG F 185 -27.06 -14.32 -5.18
CA ARG F 185 -26.21 -15.47 -5.45
C ARG F 185 -25.81 -16.16 -4.16
N ALA F 186 -25.71 -17.48 -4.22
CA ALA F 186 -25.13 -18.23 -3.12
C ALA F 186 -23.61 -18.11 -3.15
N GLN F 187 -23.03 -17.70 -2.03
CA GLN F 187 -21.59 -17.50 -1.97
C GLN F 187 -20.82 -18.80 -1.88
N VAL F 188 -21.48 -19.92 -1.57
CA VAL F 188 -20.84 -21.22 -1.53
C VAL F 188 -21.70 -22.21 -2.31
N THR F 189 -21.07 -23.29 -2.76
CA THR F 189 -21.74 -24.36 -3.49
C THR F 189 -21.81 -25.60 -2.61
N GLU F 190 -22.61 -26.56 -3.07
CA GLU F 190 -22.77 -27.80 -2.33
C GLU F 190 -21.44 -28.54 -2.23
N GLY F 191 -21.14 -29.04 -1.03
CA GLY F 191 -19.90 -29.74 -0.78
C GLY F 191 -18.78 -28.88 -0.22
N ALA F 192 -18.96 -27.57 -0.13
CA ALA F 192 -17.93 -26.72 0.42
C ALA F 192 -17.99 -26.70 1.95
N LEU F 193 -16.82 -26.60 2.58
CA LEU F 193 -16.75 -26.54 4.04
C LEU F 193 -16.98 -25.12 4.51
N VAL F 194 -17.92 -24.96 5.45
CA VAL F 194 -18.27 -23.66 6.00
C VAL F 194 -18.30 -23.75 7.51
N GLY F 195 -18.25 -22.59 8.16
CA GLY F 195 -18.41 -22.51 9.60
C GLY F 195 -17.17 -22.78 10.41
N GLN F 196 -16.03 -22.99 9.79
CA GLN F 196 -14.79 -23.23 10.52
C GLN F 196 -14.04 -21.92 10.70
N GLY F 197 -13.79 -21.57 11.95
CA GLY F 197 -13.10 -20.32 12.26
C GLY F 197 -14.02 -19.13 12.29
N GLU F 198 -14.47 -18.69 11.12
CA GLU F 198 -15.33 -17.53 10.98
C GLU F 198 -16.71 -17.95 10.48
N ALA F 199 -17.70 -17.09 10.72
CA ALA F 199 -19.04 -17.33 10.21
C ALA F 199 -19.07 -17.10 8.71
N THR F 200 -19.00 -18.19 7.94
CA THR F 200 -18.94 -18.07 6.48
C THR F 200 -20.22 -17.46 5.93
N LEU F 201 -20.07 -16.49 5.03
CA LEU F 201 -21.22 -15.88 4.38
C LEU F 201 -21.80 -16.85 3.36
N LEU F 202 -23.08 -17.19 3.52
CA LEU F 202 -23.75 -18.12 2.63
C LEU F 202 -24.58 -17.41 1.57
N ALA F 203 -25.35 -16.39 1.94
CA ALA F 203 -26.19 -15.69 0.99
C ALA F 203 -26.54 -14.31 1.54
N ARG F 204 -27.26 -13.54 0.74
CA ARG F 204 -27.73 -12.22 1.13
C ARG F 204 -29.19 -12.05 0.72
N ILE F 205 -29.99 -11.50 1.61
CA ILE F 205 -31.40 -11.24 1.37
C ILE F 205 -31.65 -9.75 1.55
N GLN F 206 -32.36 -9.15 0.59
CA GLN F 206 -32.63 -7.73 0.59
C GLN F 206 -34.11 -7.47 0.42
N GLN F 207 -34.59 -6.40 1.05
CA GLN F 207 -35.97 -5.94 0.88
C GLN F 207 -35.95 -4.76 -0.09
N LEU F 208 -36.68 -4.89 -1.20
CA LEU F 208 -36.64 -3.90 -2.27
C LEU F 208 -37.77 -2.88 -2.20
N ASP F 209 -38.65 -2.95 -1.21
CA ASP F 209 -39.73 -1.99 -1.13
C ASP F 209 -40.17 -1.78 0.31
N PRO F 210 -40.07 -0.54 0.83
CA PRO F 210 -39.51 0.65 0.18
C PRO F 210 -37.99 0.61 0.20
N VAL F 211 -37.32 1.58 -0.42
CA VAL F 211 -35.87 1.64 -0.41
C VAL F 211 -35.44 2.94 0.24
N TYR F 212 -34.17 2.98 0.65
CA TYR F 212 -33.56 4.18 1.17
C TYR F 212 -32.67 4.80 0.10
N ALA F 213 -32.58 6.12 0.12
CA ALA F 213 -31.57 6.86 -0.62
C ALA F 213 -30.67 7.53 0.39
N ASP F 214 -29.42 7.08 0.44
CA ASP F 214 -28.41 7.70 1.29
C ASP F 214 -27.64 8.69 0.44
N PHE F 215 -27.88 9.98 0.68
CA PHE F 215 -27.22 11.03 -0.08
C PHE F 215 -26.40 11.88 0.87
N THR F 216 -25.61 12.78 0.31
CA THR F 216 -24.64 13.50 1.13
C THR F 216 -24.57 14.97 0.75
N GLN F 217 -24.44 15.83 1.77
CA GLN F 217 -24.42 17.28 1.59
C GLN F 217 -23.18 17.88 2.27
N PRO F 218 -22.55 18.87 1.65
CA PRO F 218 -21.43 19.54 2.32
C PRO F 218 -21.87 20.19 3.62
N ALA F 219 -20.98 20.16 4.63
CA ALA F 219 -21.32 20.69 5.94
C ALA F 219 -21.51 22.20 5.93
N ALA F 220 -20.70 22.92 5.16
CA ALA F 220 -20.81 24.37 5.12
C ALA F 220 -22.16 24.82 4.57
N ASP F 221 -22.65 24.13 3.54
CA ASP F 221 -23.97 24.43 3.01
C ASP F 221 -25.05 24.18 4.05
N ALA F 222 -24.93 23.10 4.81
CA ALA F 222 -25.90 22.81 5.86
C ALA F 222 -25.89 23.90 6.92
N LEU F 223 -24.70 24.35 7.33
CA LEU F 223 -24.61 25.43 8.32
C LEU F 223 -25.21 26.72 7.78
N ARG F 224 -24.95 27.03 6.51
CA ARG F 224 -25.52 28.23 5.92
C ARG F 224 -27.04 28.16 5.87
N LEU F 225 -27.58 27.00 5.52
CA LEU F 225 -29.02 26.81 5.51
C LEU F 225 -29.60 26.96 6.91
N ARG F 226 -28.93 26.40 7.91
CA ARG F 226 -29.39 26.53 9.28
C ARG F 226 -29.39 27.99 9.73
N ALA F 227 -28.34 28.72 9.39
CA ALA F 227 -28.26 30.14 9.75
C ALA F 227 -29.36 30.93 9.07
N ALA F 228 -29.61 30.65 7.78
CA ALA F 228 -30.66 31.35 7.05
C ALA F 228 -32.04 31.06 7.65
N ILE F 229 -32.29 29.80 8.05
CA ILE F 229 -33.55 29.47 8.68
C ILE F 229 -33.67 30.18 10.02
N ALA F 230 -32.58 30.20 10.81
CA ALA F 230 -32.61 30.88 12.09
C ALA F 230 -32.82 32.38 11.92
N GLU F 231 -32.21 32.99 10.92
CA GLU F 231 -32.39 34.41 10.64
C GLU F 231 -33.77 34.73 10.09
N GLY F 232 -34.57 33.73 9.74
CA GLY F 232 -35.91 33.96 9.24
C GLY F 232 -36.00 34.30 7.77
N LYS F 233 -34.87 34.31 7.06
CA LYS F 233 -34.89 34.64 5.64
C LYS F 233 -35.54 33.54 4.81
N VAL F 234 -35.32 32.28 5.19
CA VAL F 234 -35.85 31.14 4.46
C VAL F 234 -36.57 30.24 5.45
N ALA F 235 -37.80 29.84 5.10
CA ALA F 235 -38.58 28.97 5.97
C ALA F 235 -38.21 27.51 5.74
N GLY F 236 -38.22 26.73 6.81
CA GLY F 236 -37.84 25.33 6.76
C GLY F 236 -38.67 24.49 5.81
N ALA F 237 -38.01 23.64 5.03
CA ALA F 237 -38.67 22.80 4.03
C ALA F 237 -38.71 21.33 4.46
N SER F 238 -38.92 21.07 5.75
CA SER F 238 -38.98 19.69 6.22
C SER F 238 -40.17 18.94 5.64
N ASP F 239 -41.25 19.64 5.34
CA ASP F 239 -42.47 19.01 4.83
C ASP F 239 -42.46 18.83 3.31
N GLN F 240 -41.52 19.44 2.61
CA GLN F 240 -41.49 19.29 1.15
C GLN F 240 -40.84 17.97 0.78
N PRO F 241 -41.39 17.23 -0.19
CA PRO F 241 -40.85 15.90 -0.50
C PRO F 241 -39.61 16.00 -1.37
N LEU F 242 -38.65 15.11 -1.09
CA LEU F 242 -37.49 14.97 -1.94
C LEU F 242 -37.88 14.33 -3.27
N SER F 243 -37.23 14.75 -4.34
CA SER F 243 -37.46 14.15 -5.64
C SER F 243 -36.20 13.41 -6.07
N LEU F 244 -36.37 12.21 -6.62
CA LEU F 244 -35.28 11.31 -6.91
C LEU F 244 -35.23 11.03 -8.40
N ARG F 245 -34.07 11.22 -9.01
CA ARG F 245 -33.88 10.97 -10.43
C ARG F 245 -32.73 10.00 -10.64
N VAL F 246 -32.98 8.96 -11.40
CA VAL F 246 -31.94 8.02 -11.81
C VAL F 246 -31.13 8.64 -12.95
N ASP F 247 -29.81 8.64 -12.80
CA ASP F 247 -28.95 9.28 -13.78
C ASP F 247 -29.05 8.58 -15.12
N GLY F 248 -29.20 9.37 -16.19
CA GLY F 248 -29.32 8.83 -17.52
C GLY F 248 -30.71 8.38 -17.90
N THR F 249 -31.68 8.50 -17.00
CA THR F 249 -33.06 8.11 -17.28
C THR F 249 -34.00 9.23 -16.85
N ASP F 250 -35.27 9.06 -17.22
CA ASP F 250 -36.33 9.99 -16.83
C ASP F 250 -37.13 9.48 -15.64
N ILE F 251 -36.67 8.43 -14.98
CA ILE F 251 -37.41 7.82 -13.87
C ILE F 251 -37.32 8.75 -12.67
N GLU F 252 -38.46 9.29 -12.24
CA GLU F 252 -38.54 10.17 -11.09
C GLU F 252 -39.43 9.56 -10.03
N ARG F 253 -39.00 9.65 -8.78
CA ARG F 253 -39.72 9.09 -7.65
C ARG F 253 -39.78 10.10 -6.50
N LYS F 254 -40.94 10.24 -5.88
CA LYS F 254 -41.06 11.11 -4.73
C LYS F 254 -40.75 10.35 -3.45
N GLY F 255 -40.20 11.07 -2.47
CA GLY F 255 -39.86 10.46 -1.20
C GLY F 255 -39.82 11.49 -0.09
N THR F 256 -39.54 11.00 1.11
CA THR F 256 -39.50 11.83 2.31
C THR F 256 -38.15 11.71 2.99
N LEU F 257 -37.65 12.83 3.51
CA LEU F 257 -36.39 12.83 4.24
C LEU F 257 -36.61 12.22 5.62
N LEU F 258 -35.84 11.19 5.95
CA LEU F 258 -36.00 10.51 7.22
C LEU F 258 -34.99 10.97 8.27
N PHE F 259 -33.72 11.03 7.91
CA PHE F 259 -32.68 11.20 8.90
C PHE F 259 -31.60 12.15 8.39
N THR F 260 -31.13 13.02 9.28
CA THR F 260 -30.01 13.92 9.00
C THR F 260 -28.94 13.71 10.05
N ASP F 261 -27.77 13.28 9.62
CA ASP F 261 -26.70 12.94 10.56
C ASP F 261 -26.18 14.20 11.25
N ILE F 262 -25.85 14.05 12.54
CA ILE F 262 -25.28 15.15 13.31
C ILE F 262 -23.76 15.16 13.26
N SER F 263 -23.14 14.09 12.79
CA SER F 263 -21.68 13.99 12.73
C SER F 263 -21.20 14.24 11.31
N VAL F 264 -20.13 15.01 11.19
CA VAL F 264 -19.55 15.37 9.91
C VAL F 264 -18.43 14.38 9.60
N ASP F 265 -18.46 13.81 8.40
CA ASP F 265 -17.43 12.86 7.98
C ASP F 265 -16.08 13.57 7.93
N ARG F 266 -15.12 13.06 8.70
CA ARG F 266 -13.82 13.71 8.82
C ARG F 266 -13.05 13.70 7.51
N SER F 267 -13.17 12.64 6.72
CA SER F 267 -12.42 12.57 5.47
C SER F 267 -12.95 13.50 4.41
N THR F 268 -14.27 13.69 4.34
CA THR F 268 -14.88 14.49 3.28
C THR F 268 -15.48 15.80 3.76
N GLY F 269 -15.63 15.99 5.07
CA GLY F 269 -16.25 17.21 5.55
C GLY F 269 -17.71 17.37 5.16
N GLN F 270 -18.42 16.26 4.99
CA GLN F 270 -19.81 16.28 4.56
C GLN F 270 -20.68 15.54 5.58
N ILE F 271 -21.96 15.88 5.60
CA ILE F 271 -22.94 15.21 6.44
C ILE F 271 -23.79 14.30 5.58
N ALA F 272 -24.19 13.15 6.15
CA ALA F 272 -24.99 12.19 5.44
C ALA F 272 -26.46 12.36 5.78
N LEU F 273 -27.33 12.14 4.81
CA LEU F 273 -28.77 12.20 4.99
C LEU F 273 -29.38 10.96 4.36
N ARG F 274 -30.52 10.54 4.90
CA ARG F 274 -31.21 9.33 4.46
C ARG F 274 -32.67 9.65 4.23
N GLY F 275 -33.15 9.34 3.03
CA GLY F 275 -34.55 9.50 2.69
C GLY F 275 -35.15 8.16 2.30
N GLN F 276 -36.49 8.08 2.30
CA GLN F 276 -37.19 6.85 1.97
C GLN F 276 -38.04 7.05 0.73
N PHE F 277 -37.95 6.11 -0.21
CA PHE F 277 -38.66 6.19 -1.48
C PHE F 277 -39.38 4.88 -1.74
N ASP F 278 -40.63 4.99 -2.19
CA ASP F 278 -41.40 3.81 -2.54
C ASP F 278 -40.89 3.20 -3.84
N ASN F 279 -40.74 1.88 -3.85
CA ASN F 279 -40.25 1.15 -5.01
C ASN F 279 -41.14 -0.06 -5.26
N PRO F 280 -42.38 0.15 -5.68
CA PRO F 280 -43.29 -1.00 -5.89
C PRO F 280 -42.91 -1.85 -7.08
N GLU F 281 -42.35 -1.25 -8.13
CA GLU F 281 -42.00 -2.01 -9.33
C GLU F 281 -40.61 -2.62 -9.25
N GLY F 282 -39.82 -2.30 -8.23
CA GLY F 282 -38.47 -2.81 -8.15
C GLY F 282 -37.51 -2.15 -9.11
N VAL F 283 -37.85 -0.98 -9.64
CA VAL F 283 -36.95 -0.30 -10.56
C VAL F 283 -35.72 0.23 -9.85
N LEU F 284 -35.88 0.84 -8.69
CA LEU F 284 -34.76 1.39 -7.93
C LEU F 284 -33.95 0.24 -7.35
N LEU F 285 -32.75 0.02 -7.89
CA LEU F 285 -31.92 -1.09 -7.46
C LEU F 285 -30.84 -0.61 -6.49
N PRO F 286 -30.49 -1.43 -5.51
CA PRO F 286 -29.44 -1.03 -4.56
C PRO F 286 -28.12 -0.75 -5.24
N GLY F 287 -27.42 0.27 -4.75
CA GLY F 287 -26.12 0.66 -5.27
C GLY F 287 -26.16 1.62 -6.43
N MET F 288 -27.32 1.83 -7.04
CA MET F 288 -27.42 2.67 -8.22
C MET F 288 -27.22 4.13 -7.81
N TYR F 289 -26.39 4.86 -8.57
CA TYR F 289 -26.12 6.25 -8.23
C TYR F 289 -27.22 7.17 -8.72
N VAL F 290 -27.78 7.96 -7.80
CA VAL F 290 -28.97 8.75 -8.09
C VAL F 290 -28.76 10.18 -7.62
N ARG F 291 -29.56 11.07 -8.20
CA ARG F 291 -29.48 12.46 -7.75
C ARG F 291 -30.76 12.78 -7.02
N VAL F 292 -30.64 13.42 -5.87
CA VAL F 292 -31.76 13.81 -5.04
C VAL F 292 -31.89 15.32 -5.06
N ARG F 293 -33.02 15.82 -5.56
CA ARG F 293 -33.35 17.22 -5.40
C ARG F 293 -34.03 17.38 -4.06
N THR F 294 -33.36 18.07 -3.15
CA THR F 294 -33.83 18.37 -1.81
C THR F 294 -34.10 19.86 -1.68
N PRO F 295 -35.24 20.26 -1.12
CA PRO F 295 -35.53 21.69 -0.98
C PRO F 295 -34.63 22.31 0.10
N GLN F 296 -34.04 23.46 -0.22
CA GLN F 296 -33.25 24.22 0.73
C GLN F 296 -34.08 25.31 1.42
N GLY F 297 -35.37 25.07 1.60
CA GLY F 297 -36.24 26.03 2.25
C GLY F 297 -37.01 26.89 1.27
N LEU F 298 -38.05 27.55 1.79
CA LEU F 298 -38.91 28.41 1.01
C LEU F 298 -38.65 29.87 1.39
N ASN F 299 -38.31 30.69 0.41
CA ASN F 299 -38.19 32.13 0.59
C ASN F 299 -39.47 32.77 0.07
N GLN F 300 -40.33 33.22 0.98
CA GLN F 300 -41.65 33.70 0.59
C GLN F 300 -41.60 34.99 -0.21
N ASN F 301 -40.57 35.81 -0.02
CA ASN F 301 -40.47 37.12 -0.67
C ASN F 301 -39.21 37.21 -1.54
N ALA F 302 -38.98 36.18 -2.35
CA ALA F 302 -37.81 36.17 -3.20
C ALA F 302 -37.98 37.14 -4.36
N ILE F 303 -37.03 38.08 -4.47
CA ILE F 303 -37.03 39.07 -5.54
C ILE F 303 -36.00 38.64 -6.57
N LEU F 304 -36.43 38.47 -7.81
CA LEU F 304 -35.56 38.03 -8.90
C LEU F 304 -35.45 39.15 -9.91
N VAL F 305 -34.23 39.58 -10.21
CA VAL F 305 -34.02 40.66 -11.16
C VAL F 305 -33.09 40.16 -12.27
N PRO F 306 -33.20 40.69 -13.49
CA PRO F 306 -32.30 40.26 -14.56
C PRO F 306 -30.85 40.54 -14.19
N GLN F 307 -29.97 39.60 -14.56
CA GLN F 307 -28.56 39.73 -14.22
C GLN F 307 -27.93 40.94 -14.88
N ARG F 308 -28.50 41.31 -16.03
CA ARG F 308 -28.01 42.46 -16.82
C ARG F 308 -28.49 43.77 -16.19
N ALA F 309 -29.09 43.74 -15.00
CA ALA F 309 -29.49 44.92 -14.26
C ALA F 309 -28.67 45.16 -13.00
N VAL F 310 -27.70 44.29 -12.70
CA VAL F 310 -26.91 44.41 -11.48
C VAL F 310 -25.51 44.87 -11.84
N GLN F 311 -25.05 45.95 -11.22
CA GLN F 311 -23.70 46.45 -11.42
C GLN F 311 -22.85 46.11 -10.21
N ARG F 312 -21.55 45.94 -10.43
CA ARG F 312 -20.61 45.66 -9.34
C ARG F 312 -19.50 46.69 -9.35
N SER F 313 -19.20 47.24 -8.17
CA SER F 313 -18.18 48.27 -8.05
C SER F 313 -16.80 47.63 -7.85
N ALA F 314 -15.80 48.51 -7.71
CA ALA F 314 -14.43 48.04 -7.56
C ALA F 314 -14.22 47.25 -6.28
N ASP F 315 -15.05 47.47 -5.26
CA ASP F 315 -14.95 46.72 -4.02
C ASP F 315 -15.75 45.42 -4.06
N GLY F 316 -16.40 45.10 -5.18
CA GLY F 316 -17.22 43.93 -5.28
C GLY F 316 -18.65 44.11 -4.79
N GLN F 317 -19.00 45.29 -4.29
CA GLN F 317 -20.35 45.53 -3.82
C GLN F 317 -21.31 45.66 -4.99
N ALA F 318 -22.49 45.06 -4.85
CA ALA F 318 -23.48 45.06 -5.91
C ALA F 318 -24.48 46.18 -5.71
N SER F 319 -24.92 46.78 -6.82
CA SER F 319 -25.85 47.90 -6.78
C SER F 319 -26.78 47.80 -7.98
N VAL F 320 -27.89 48.53 -7.89
CA VAL F 320 -28.88 48.61 -8.95
C VAL F 320 -29.31 50.05 -9.14
N MET F 321 -29.60 50.40 -10.40
CA MET F 321 -30.14 51.70 -10.75
C MET F 321 -31.67 51.65 -10.63
N LEU F 322 -32.23 52.56 -9.86
CA LEU F 322 -33.67 52.61 -9.63
C LEU F 322 -34.25 53.91 -10.20
N LEU F 323 -35.49 53.82 -10.65
CA LEU F 323 -36.20 54.98 -11.20
C LEU F 323 -36.87 55.70 -10.04
N GLY F 324 -36.24 56.77 -9.57
CA GLY F 324 -36.75 57.54 -8.46
C GLY F 324 -37.84 58.50 -8.88
N GLU F 325 -38.22 59.36 -7.93
CA GLU F 325 -39.24 60.37 -8.19
C GLU F 325 -38.74 61.40 -9.20
N GLY F 326 -39.63 61.82 -10.08
CA GLY F 326 -39.24 62.75 -11.13
C GLY F 326 -38.41 62.13 -12.23
N ASP F 327 -38.50 60.81 -12.42
CA ASP F 327 -37.71 60.09 -13.41
C ASP F 327 -36.22 60.32 -13.21
N THR F 328 -35.80 60.35 -11.95
CA THR F 328 -34.40 60.49 -11.60
C THR F 328 -33.81 59.11 -11.30
N VAL F 329 -32.56 58.91 -11.70
CA VAL F 329 -31.90 57.63 -11.53
C VAL F 329 -31.13 57.64 -10.22
N GLU F 330 -31.49 56.73 -9.32
CA GLU F 330 -30.85 56.60 -8.01
C GLU F 330 -30.02 55.32 -7.99
N VAL F 331 -29.01 55.28 -7.13
CA VAL F 331 -28.16 54.12 -6.94
C VAL F 331 -28.50 53.49 -5.60
N ARG F 332 -28.95 52.24 -5.61
CA ARG F 332 -29.25 51.55 -4.37
C ARG F 332 -28.40 50.29 -4.27
N GLN F 333 -27.67 50.17 -3.17
CA GLN F 333 -26.84 48.99 -2.94
C GLN F 333 -27.70 47.79 -2.56
N VAL F 334 -27.36 46.63 -3.12
CA VAL F 334 -28.12 45.41 -2.90
C VAL F 334 -27.14 44.27 -2.62
N THR F 335 -27.68 43.18 -2.06
CA THR F 335 -26.92 41.96 -1.84
C THR F 335 -27.54 40.84 -2.66
N THR F 336 -26.73 40.17 -3.47
CA THR F 336 -27.21 39.12 -4.36
C THR F 336 -27.18 37.79 -3.65
N GLY F 337 -28.22 36.98 -3.87
CA GLY F 337 -28.32 35.68 -3.24
C GLY F 337 -27.83 34.55 -4.12
N ALA F 338 -28.74 33.68 -4.55
CA ALA F 338 -28.40 32.64 -5.50
C ALA F 338 -28.79 33.05 -6.91
N MET F 339 -28.37 32.25 -7.88
CA MET F 339 -28.65 32.52 -9.28
C MET F 339 -29.59 31.46 -9.84
N GLN F 340 -30.69 31.91 -10.43
CA GLN F 340 -31.63 31.03 -11.12
C GLN F 340 -31.68 31.44 -12.58
N GLY F 341 -31.03 30.66 -13.43
CA GLY F 341 -30.98 30.97 -14.84
C GLY F 341 -30.24 32.26 -15.13
N SER F 342 -30.96 33.28 -15.60
CA SER F 342 -30.37 34.57 -15.93
C SER F 342 -30.71 35.64 -14.91
N ARG F 343 -31.28 35.26 -13.77
CA ARG F 343 -31.79 36.23 -12.81
C ARG F 343 -31.12 36.06 -11.46
N TRP F 344 -30.71 37.19 -10.88
CA TRP F 344 -30.15 37.22 -9.55
C TRP F 344 -31.27 37.29 -8.51
N GLN F 345 -31.14 36.46 -7.48
CA GLN F 345 -31.97 36.62 -6.29
C GLN F 345 -31.38 37.71 -5.41
N ILE F 346 -32.22 38.65 -5.00
CA ILE F 346 -31.78 39.78 -4.18
C ILE F 346 -32.29 39.56 -2.77
N SER F 347 -31.37 39.50 -1.82
CA SER F 347 -31.73 39.25 -0.42
C SER F 347 -32.07 40.55 0.32
N GLU F 348 -31.50 41.67 -0.10
CA GLU F 348 -31.75 42.94 0.59
C GLU F 348 -31.55 44.07 -0.40
N GLY F 349 -32.07 45.25 -0.05
CA GLY F 349 -31.93 46.42 -0.87
C GLY F 349 -33.02 46.64 -1.89
N LEU F 350 -34.02 45.76 -1.96
CA LEU F 350 -35.12 45.92 -2.89
C LEU F 350 -36.43 45.58 -2.20
N GLN F 351 -37.51 46.22 -2.66
CA GLN F 351 -38.84 45.99 -2.14
C GLN F 351 -39.82 45.86 -3.30
N ALA F 352 -40.94 45.19 -3.03
CA ALA F 352 -41.96 45.01 -4.06
C ALA F 352 -42.46 46.36 -4.55
N GLY F 353 -42.60 46.49 -5.87
CA GLY F 353 -43.02 47.72 -6.49
C GLY F 353 -41.89 48.62 -6.94
N ASP F 354 -40.64 48.29 -6.57
CA ASP F 354 -39.51 49.10 -7.00
C ASP F 354 -39.34 49.02 -8.52
N LYS F 355 -38.98 50.15 -9.11
CA LYS F 355 -38.83 50.26 -10.57
C LYS F 355 -37.34 50.25 -10.88
N VAL F 356 -36.83 49.08 -11.29
CA VAL F 356 -35.42 48.91 -11.59
C VAL F 356 -35.19 49.09 -13.08
N ILE F 357 -34.08 49.73 -13.43
CA ILE F 357 -33.73 49.95 -14.83
C ILE F 357 -32.93 48.75 -15.32
N THR F 358 -33.36 48.15 -16.42
CA THR F 358 -32.72 46.97 -16.96
C THR F 358 -32.02 47.21 -18.30
N SER F 359 -31.72 48.45 -18.65
CA SER F 359 -31.17 48.77 -19.96
C SER F 359 -30.40 50.07 -19.92
N SER F 360 -29.52 50.25 -20.90
CA SER F 360 -28.71 51.46 -21.08
C SER F 360 -27.90 51.81 -19.83
N LEU F 361 -27.59 50.80 -19.02
CA LEU F 361 -27.01 51.07 -17.70
C LEU F 361 -25.64 51.75 -17.82
N ALA F 362 -24.83 51.31 -18.77
CA ALA F 362 -23.51 51.91 -18.94
C ALA F 362 -23.58 53.36 -19.43
N ALA F 363 -24.72 53.78 -19.99
CA ALA F 363 -24.87 55.11 -20.53
C ALA F 363 -25.64 56.06 -19.61
N ILE F 364 -25.93 55.65 -18.38
CA ILE F 364 -26.69 56.46 -17.44
C ILE F 364 -25.86 56.72 -16.21
N ARG F 365 -25.82 57.98 -15.77
CA ARG F 365 -25.19 58.47 -14.56
C ARG F 365 -26.21 58.68 -13.46
N PRO F 366 -25.82 58.59 -12.19
CA PRO F 366 -26.78 58.79 -11.10
C PRO F 366 -27.39 60.19 -11.15
N GLY F 367 -28.69 60.26 -10.89
CA GLY F 367 -29.41 61.52 -10.87
C GLY F 367 -29.82 62.04 -12.24
N ALA F 368 -29.44 61.36 -13.32
CA ALA F 368 -29.80 61.83 -14.65
C ALA F 368 -31.26 61.53 -14.96
N LYS F 369 -31.84 62.36 -15.82
CA LYS F 369 -33.23 62.17 -16.22
C LYS F 369 -33.32 61.21 -17.39
N VAL F 370 -34.26 60.27 -17.31
CA VAL F 370 -34.48 59.26 -18.34
C VAL F 370 -35.96 59.15 -18.61
N ILE F 371 -36.29 58.57 -19.77
CA ILE F 371 -37.67 58.36 -20.18
C ILE F 371 -37.98 56.87 -20.00
N PRO F 372 -38.84 56.50 -19.06
CA PRO F 372 -39.13 55.08 -18.84
C PRO F 372 -39.97 54.50 -19.96
N ARG F 373 -39.72 53.28 -20.42
CA ARG F 373 -40.51 52.81 -21.59
C ARG F 373 -41.69 51.96 -21.12
N ALA G 36 -28.59 11.09 -66.71
CA ALA G 36 -29.30 9.83 -66.53
C ALA G 36 -28.35 8.72 -66.08
N ARG G 37 -27.93 8.79 -64.82
CA ARG G 37 -27.02 7.79 -64.26
C ARG G 37 -27.76 6.55 -63.84
N GLU G 38 -27.09 5.68 -63.09
CA GLU G 38 -27.73 4.44 -62.63
C GLU G 38 -27.60 4.28 -61.12
N VAL G 39 -28.54 3.56 -60.54
CA VAL G 39 -28.53 3.22 -59.11
C VAL G 39 -29.05 1.81 -58.94
N ASP G 40 -28.89 1.28 -57.72
CA ASP G 40 -29.61 0.09 -57.31
C ASP G 40 -30.73 0.48 -56.36
N VAL G 41 -31.83 -0.23 -56.48
CA VAL G 41 -33.00 0.15 -55.66
C VAL G 41 -33.41 -1.01 -54.79
N LEU G 42 -33.72 -0.70 -53.55
CA LEU G 42 -34.17 -1.67 -52.56
C LEU G 42 -35.47 -1.18 -51.95
N SER G 43 -36.49 -2.04 -51.94
CA SER G 43 -37.77 -1.71 -51.32
C SER G 43 -37.72 -2.07 -49.85
N VAL G 44 -38.02 -1.11 -48.98
CA VAL G 44 -37.91 -1.32 -47.54
C VAL G 44 -39.03 -2.25 -47.09
N LYS G 45 -38.67 -3.29 -46.35
CA LYS G 45 -39.64 -4.26 -45.83
C LYS G 45 -39.44 -4.40 -44.32
N THR G 46 -40.54 -4.70 -43.64
CA THR G 46 -40.52 -4.88 -42.19
C THR G 46 -40.31 -6.35 -41.85
N GLU G 47 -39.35 -6.61 -40.98
CA GLU G 47 -39.06 -7.97 -40.53
C GLU G 47 -38.67 -7.93 -39.07
N PRO G 48 -38.92 -9.02 -38.33
CA PRO G 48 -38.48 -9.06 -36.92
C PRO G 48 -36.96 -9.03 -36.81
N PHE G 49 -36.48 -8.40 -35.74
CA PHE G 49 -35.04 -8.26 -35.50
C PHE G 49 -34.80 -8.41 -34.01
N THR G 50 -33.74 -9.12 -33.64
CA THR G 50 -33.36 -9.27 -32.25
C THR G 50 -32.01 -8.62 -32.02
N VAL G 51 -31.95 -7.69 -31.08
CA VAL G 51 -30.71 -7.01 -30.75
C VAL G 51 -29.92 -7.87 -29.77
N PHE G 52 -28.65 -8.12 -30.09
CA PHE G 52 -27.78 -8.92 -29.25
C PHE G 52 -26.68 -8.05 -28.68
N ALA G 53 -26.45 -8.19 -27.38
CA ALA G 53 -25.38 -7.49 -26.70
C ALA G 53 -24.30 -8.48 -26.29
N GLU G 54 -23.05 -8.18 -26.64
CA GLU G 54 -21.93 -9.04 -26.30
C GLU G 54 -21.31 -8.51 -25.01
N LEU G 55 -21.49 -9.25 -23.93
CA LEU G 55 -21.07 -8.85 -22.60
C LEU G 55 -19.85 -9.66 -22.18
N PRO G 56 -18.91 -9.06 -21.46
CA PRO G 56 -17.78 -9.83 -20.93
C PRO G 56 -18.20 -10.64 -19.73
N GLY G 57 -17.62 -11.84 -19.62
CA GLY G 57 -17.87 -12.70 -18.48
C GLY G 57 -16.79 -13.74 -18.33
N ARG G 58 -16.94 -14.55 -17.28
CA ARG G 58 -15.98 -15.61 -16.98
C ARG G 58 -16.70 -16.92 -16.73
N ILE G 59 -15.99 -18.01 -16.99
CA ILE G 59 -16.52 -19.35 -16.78
C ILE G 59 -16.30 -19.76 -15.33
N GLU G 60 -17.34 -20.29 -14.70
CA GLU G 60 -17.26 -20.79 -13.34
C GLU G 60 -17.79 -22.21 -13.27
N PRO G 61 -17.25 -23.04 -12.41
CA PRO G 61 -17.81 -24.39 -12.22
C PRO G 61 -19.05 -24.35 -11.34
N VAL G 62 -19.92 -25.34 -11.55
CA VAL G 62 -21.18 -25.39 -10.80
C VAL G 62 -20.90 -25.62 -9.31
N ARG G 63 -19.97 -26.52 -9.01
CA ARG G 63 -19.65 -26.84 -7.62
C ARG G 63 -18.15 -26.79 -7.40
N VAL G 64 -17.74 -26.06 -6.37
CA VAL G 64 -16.34 -25.98 -5.95
C VAL G 64 -16.27 -26.49 -4.52
N ALA G 65 -15.41 -27.47 -4.29
CA ALA G 65 -15.18 -28.01 -2.96
C ALA G 65 -13.73 -27.76 -2.58
N GLU G 66 -13.51 -26.88 -1.61
CA GLU G 66 -12.18 -26.62 -1.08
C GLU G 66 -11.93 -27.62 0.05
N VAL G 67 -11.30 -28.73 -0.29
CA VAL G 67 -10.98 -29.77 0.68
C VAL G 67 -9.96 -29.20 1.66
N ARG G 68 -10.38 -28.99 2.90
CA ARG G 68 -9.57 -28.39 3.94
C ARG G 68 -9.45 -29.34 5.12
N ALA G 69 -8.42 -29.13 5.93
CA ALA G 69 -8.21 -29.95 7.11
C ALA G 69 -9.11 -29.47 8.25
N ARG G 70 -9.85 -30.39 8.86
CA ARG G 70 -10.72 -30.04 9.97
C ARG G 70 -10.05 -30.24 11.32
N VAL G 71 -8.96 -31.00 11.36
CA VAL G 71 -8.28 -31.34 12.60
C VAL G 71 -6.78 -31.12 12.42
N ALA G 72 -6.08 -31.00 13.54
CA ALA G 72 -4.64 -30.77 13.51
C ALA G 72 -3.88 -32.09 13.48
N GLY G 73 -2.86 -32.16 12.64
CA GLY G 73 -2.04 -33.36 12.55
C GLY G 73 -1.18 -33.34 11.31
N ILE G 74 -0.28 -34.31 11.25
CA ILE G 74 0.63 -34.45 10.12
C ILE G 74 -0.05 -35.24 9.01
N VAL G 75 0.05 -34.75 7.78
CA VAL G 75 -0.43 -35.50 6.62
C VAL G 75 0.56 -36.64 6.38
N LEU G 76 0.15 -37.86 6.73
CA LEU G 76 1.02 -39.01 6.53
C LEU G 76 1.11 -39.40 5.05
N LYS G 77 -0.02 -39.43 4.36
CA LYS G 77 -0.04 -39.95 3.00
C LYS G 77 -0.99 -39.13 2.13
N ARG G 78 -0.72 -39.15 0.83
CA ARG G 78 -1.64 -38.62 -0.18
C ARG G 78 -2.08 -39.78 -1.06
N THR G 79 -3.39 -40.02 -1.11
CA THR G 79 -3.92 -41.23 -1.72
C THR G 79 -4.50 -41.01 -3.11
N PHE G 80 -4.28 -39.85 -3.71
CA PHE G 80 -4.81 -39.55 -5.03
C PHE G 80 -3.71 -39.00 -5.92
N GLU G 81 -3.91 -39.14 -7.23
CA GLU G 81 -3.03 -38.55 -8.22
C GLU G 81 -3.63 -37.24 -8.70
N GLU G 82 -2.81 -36.19 -8.71
CA GLU G 82 -3.30 -34.86 -9.03
C GLU G 82 -3.79 -34.79 -10.46
N GLY G 83 -4.95 -34.14 -10.65
CA GLY G 83 -5.56 -34.04 -11.95
C GLY G 83 -6.54 -35.14 -12.30
N ALA G 84 -6.68 -36.15 -11.45
CA ALA G 84 -7.60 -37.24 -11.73
C ALA G 84 -9.01 -36.90 -11.27
N ASP G 85 -9.97 -37.70 -11.71
CA ASP G 85 -11.36 -37.57 -11.30
C ASP G 85 -11.59 -38.39 -10.04
N VAL G 86 -12.17 -37.77 -9.02
CA VAL G 86 -12.40 -38.43 -7.74
C VAL G 86 -13.90 -38.51 -7.50
N LYS G 87 -14.30 -39.58 -6.82
CA LYS G 87 -15.70 -39.79 -6.45
C LYS G 87 -15.94 -39.32 -5.03
N ALA G 88 -17.21 -39.02 -4.74
CA ALA G 88 -17.58 -38.58 -3.40
C ALA G 88 -17.27 -39.69 -2.39
N GLY G 89 -16.62 -39.30 -1.29
CA GLY G 89 -16.24 -40.25 -0.26
C GLY G 89 -14.87 -40.88 -0.45
N ASP G 90 -14.21 -40.64 -1.57
CA ASP G 90 -12.88 -41.19 -1.78
C ASP G 90 -11.87 -40.52 -0.85
N VAL G 91 -10.95 -41.31 -0.33
CA VAL G 91 -9.94 -40.80 0.60
C VAL G 91 -8.86 -40.10 -0.20
N LEU G 92 -8.61 -38.83 0.12
CA LEU G 92 -7.59 -38.03 -0.53
C LEU G 92 -6.35 -37.86 0.33
N PHE G 93 -6.53 -37.49 1.59
CA PHE G 93 -5.44 -37.29 2.52
C PHE G 93 -5.69 -38.08 3.79
N GLN G 94 -4.64 -38.70 4.31
CA GLN G 94 -4.67 -39.40 5.59
C GLN G 94 -3.87 -38.58 6.59
N ILE G 95 -4.53 -38.11 7.63
CA ILE G 95 -3.89 -37.37 8.70
C ILE G 95 -3.64 -38.33 9.86
N ASP G 96 -2.47 -38.19 10.49
CA ASP G 96 -2.08 -39.13 11.53
C ASP G 96 -3.04 -39.08 12.70
N PRO G 97 -3.79 -40.15 12.96
CA PRO G 97 -4.77 -40.13 14.06
C PRO G 97 -4.16 -40.56 15.38
N ALA G 98 -3.31 -39.73 15.96
CA ALA G 98 -2.74 -40.07 17.26
C ALA G 98 -3.71 -39.80 18.40
N PRO G 99 -4.29 -38.59 18.52
CA PRO G 99 -5.17 -38.35 19.68
C PRO G 99 -6.56 -38.91 19.51
N PHE G 100 -7.09 -38.91 18.28
CA PHE G 100 -8.50 -39.25 18.08
C PHE G 100 -8.74 -40.74 18.33
N LYS G 101 -7.76 -41.58 18.03
CA LYS G 101 -7.88 -43.00 18.38
C LYS G 101 -7.99 -43.17 19.89
N ALA G 102 -7.18 -42.42 20.65
CA ALA G 102 -7.25 -42.49 22.10
C ALA G 102 -8.59 -41.99 22.61
N ALA G 103 -9.11 -40.91 22.02
CA ALA G 103 -10.43 -40.42 22.43
C ALA G 103 -11.51 -41.44 22.15
N LEU G 104 -11.44 -42.11 20.99
CA LEU G 104 -12.37 -43.17 20.67
C LEU G 104 -12.26 -44.31 21.67
N SER G 105 -11.04 -44.65 22.07
CA SER G 105 -10.86 -45.70 23.07
C SER G 105 -11.49 -45.32 24.40
N ARG G 106 -11.32 -44.06 24.81
CA ARG G 106 -11.92 -43.60 26.05
C ARG G 106 -13.44 -43.67 25.99
N ALA G 107 -14.02 -43.22 24.86
CA ALA G 107 -15.46 -43.29 24.69
C ALA G 107 -15.95 -44.72 24.72
N GLN G 108 -15.22 -45.63 24.07
CA GLN G 108 -15.61 -47.03 24.07
C GLN G 108 -15.53 -47.63 25.46
N GLY G 109 -14.52 -47.25 26.25
CA GLY G 109 -14.46 -47.72 27.62
C GLY G 109 -15.63 -47.23 28.45
N GLU G 110 -16.00 -45.96 28.30
CA GLU G 110 -17.16 -45.45 29.02
C GLU G 110 -18.43 -46.19 28.59
N LEU G 111 -18.54 -46.48 27.29
CA LEU G 111 -19.69 -47.23 26.80
C LEU G 111 -19.73 -48.63 27.40
N ALA G 112 -18.56 -49.27 27.51
CA ALA G 112 -18.51 -50.60 28.11
C ALA G 112 -18.94 -50.56 29.57
N ARG G 113 -18.51 -49.53 30.31
CA ARG G 113 -18.94 -49.39 31.70
C ARG G 113 -20.45 -49.21 31.79
N ALA G 114 -21.01 -48.36 30.92
CA ALA G 114 -22.45 -48.16 30.92
C ALA G 114 -23.18 -49.45 30.59
N GLU G 115 -22.66 -50.23 29.64
CA GLU G 115 -23.27 -51.50 29.28
C GLU G 115 -23.24 -52.49 30.44
N ALA G 116 -22.12 -52.51 31.18
CA ALA G 116 -22.04 -53.39 32.35
C ALA G 116 -23.07 -53.00 33.40
N GLN G 117 -23.21 -51.71 33.67
CA GLN G 117 -24.22 -51.27 34.63
C GLN G 117 -25.62 -51.62 34.14
N LEU G 118 -25.87 -51.47 32.83
CA LEU G 118 -27.17 -51.84 32.28
C LEU G 118 -27.44 -53.32 32.45
N PHE G 119 -26.42 -54.16 32.23
CA PHE G 119 -26.60 -55.59 32.42
C PHE G 119 -26.93 -55.93 33.87
N GLN G 120 -26.25 -55.28 34.81
CA GLN G 120 -26.57 -55.48 36.22
C GLN G 120 -28.01 -55.10 36.52
N ALA G 121 -28.45 -53.95 35.99
CA ALA G 121 -29.81 -53.50 36.23
C ALA G 121 -30.83 -54.46 35.62
N GLN G 122 -30.54 -54.95 34.41
CA GLN G 122 -31.45 -55.90 33.75
C GLN G 122 -31.57 -57.19 34.56
N ALA G 123 -30.44 -57.70 35.07
CA ALA G 123 -30.50 -58.88 35.91
C ALA G 123 -31.32 -58.64 37.17
N MET G 124 -31.11 -57.48 37.81
CA MET G 124 -31.89 -57.15 39.00
C MET G 124 -33.38 -57.12 38.70
N VAL G 125 -33.77 -56.48 37.61
CA VAL G 125 -35.19 -56.36 37.27
C VAL G 125 -35.78 -57.73 36.94
N ARG G 126 -35.03 -58.54 36.18
CA ARG G 126 -35.50 -59.87 35.84
C ARG G 126 -35.70 -60.74 37.07
N ARG G 127 -34.80 -60.63 38.05
CA ARG G 127 -34.98 -61.40 39.28
C ARG G 127 -36.15 -60.87 40.11
N TYR G 128 -36.31 -59.55 40.16
CA TYR G 128 -37.33 -58.98 41.04
C TYR G 128 -38.74 -59.10 40.46
N GLU G 129 -38.87 -59.25 39.15
CA GLU G 129 -40.21 -59.26 38.56
C GLU G 129 -41.09 -60.40 39.06
N PRO G 130 -40.65 -61.66 39.08
CA PRO G 130 -41.55 -62.71 39.61
C PRO G 130 -41.77 -62.61 41.10
N LEU G 131 -40.86 -62.01 41.85
CA LEU G 131 -41.00 -61.95 43.30
C LEU G 131 -42.11 -61.00 43.71
N VAL G 132 -42.24 -59.86 43.03
CA VAL G 132 -43.26 -58.89 43.41
C VAL G 132 -44.66 -59.44 43.14
N LYS G 133 -44.78 -60.41 42.22
CA LYS G 133 -46.08 -61.01 41.95
C LYS G 133 -46.55 -61.89 43.10
N ILE G 134 -45.64 -62.35 43.96
CA ILE G 134 -45.99 -63.17 45.11
C ILE G 134 -45.66 -62.44 46.41
N ASP G 135 -45.45 -61.13 46.33
CA ASP G 135 -45.16 -60.24 47.50
C ASP G 135 -43.81 -60.50 48.14
N ALA G 136 -43.00 -61.31 47.49
CA ALA G 136 -41.70 -61.64 48.06
C ALA G 136 -40.82 -60.41 48.25
N VAL G 137 -41.02 -59.36 47.46
CA VAL G 137 -40.30 -58.10 47.61
C VAL G 137 -41.32 -56.97 47.62
N SER G 138 -40.94 -55.85 48.23
CA SER G 138 -41.82 -54.71 48.30
C SER G 138 -41.99 -54.08 46.92
N GLN G 139 -43.17 -53.49 46.71
CA GLN G 139 -43.41 -52.76 45.46
C GLN G 139 -42.42 -51.61 45.31
N GLN G 140 -42.03 -50.99 46.43
CA GLN G 140 -41.07 -49.90 46.38
C GLN G 140 -39.71 -50.36 45.86
N ASP G 141 -39.26 -51.55 46.31
CA ASP G 141 -37.99 -52.07 45.82
C ASP G 141 -38.05 -52.37 44.33
N PHE G 142 -39.16 -52.92 43.85
CA PHE G 142 -39.30 -53.20 42.43
C PHE G 142 -39.30 -51.91 41.62
N ASP G 143 -39.99 -50.88 42.13
CA ASP G 143 -39.99 -49.60 41.43
C ASP G 143 -38.60 -48.98 41.41
N ASN G 144 -37.85 -49.11 42.51
CA ASN G 144 -36.48 -48.62 42.53
C ASN G 144 -35.62 -49.35 41.50
N ALA G 145 -35.80 -50.67 41.40
CA ALA G 145 -35.05 -51.44 40.42
C ALA G 145 -35.41 -51.02 38.99
N MET G 146 -36.70 -50.77 38.74
CA MET G 146 -37.12 -50.32 37.41
C MET G 146 -36.54 -48.95 37.08
N ALA G 147 -36.53 -48.04 38.07
CA ALA G 147 -35.94 -46.72 37.85
C ALA G 147 -34.45 -46.84 37.57
N ALA G 148 -33.76 -47.74 38.29
CA ALA G 148 -32.35 -47.97 38.02
C ALA G 148 -32.13 -48.51 36.61
N LEU G 149 -33.01 -49.42 36.16
CA LEU G 149 -32.89 -49.97 34.81
C LEU G 149 -33.08 -48.88 33.76
N GLN G 150 -34.08 -48.01 33.96
CA GLN G 150 -34.30 -46.92 33.01
C GLN G 150 -33.11 -45.96 33.00
N SER G 151 -32.56 -45.66 34.18
CA SER G 151 -31.39 -44.81 34.25
C SER G 151 -30.21 -45.43 33.53
N ALA G 152 -30.03 -46.74 33.68
CA ALA G 152 -28.95 -47.43 32.99
C ALA G 152 -29.13 -47.40 31.48
N GLN G 153 -30.36 -47.56 31.00
CA GLN G 153 -30.62 -47.46 29.57
C GLN G 153 -30.29 -46.07 29.05
N ALA G 154 -30.69 -45.03 29.79
CA ALA G 154 -30.37 -43.67 29.40
C ALA G 154 -28.87 -43.43 29.38
N ASP G 155 -28.16 -43.95 30.38
CA ASP G 155 -26.70 -43.80 30.40
C ASP G 155 -26.05 -44.51 29.23
N LYS G 156 -26.57 -45.69 28.86
CA LYS G 156 -26.03 -46.39 27.70
C LYS G 156 -26.24 -45.58 26.43
N ARG G 157 -27.42 -44.97 26.29
CA ARG G 157 -27.67 -44.14 25.12
C ARG G 157 -26.73 -42.94 25.08
N SER G 158 -26.49 -42.31 26.23
CA SER G 158 -25.56 -41.19 26.28
C SER G 158 -24.15 -41.63 25.91
N ALA G 159 -23.72 -42.79 26.41
CA ALA G 159 -22.40 -43.30 26.09
C ALA G 159 -22.28 -43.62 24.60
N GLN G 160 -23.33 -44.17 24.01
CA GLN G 160 -23.31 -44.43 22.57
C GLN G 160 -23.22 -43.13 21.78
N ALA G 161 -23.91 -42.08 22.25
CA ALA G 161 -23.78 -40.79 21.59
C ALA G 161 -22.35 -40.27 21.67
N ASN G 162 -21.72 -40.41 22.84
CA ASN G 162 -20.31 -40.00 22.96
C ASN G 162 -19.41 -40.81 22.03
N VAL G 163 -19.68 -42.11 21.92
CA VAL G 163 -18.88 -42.96 21.05
C VAL G 163 -19.03 -42.52 19.59
N GLU G 164 -20.26 -42.20 19.18
CA GLU G 164 -20.47 -41.74 17.81
C GLU G 164 -19.78 -40.40 17.57
N THR G 165 -19.80 -39.50 18.55
CA THR G 165 -19.10 -38.23 18.40
C THR G 165 -17.60 -38.46 18.22
N ALA G 166 -17.02 -39.33 19.04
CA ALA G 166 -15.61 -39.65 18.91
C ALA G 166 -15.30 -40.29 17.56
N ARG G 167 -16.17 -41.19 17.09
CA ARG G 167 -15.95 -41.85 15.82
C ARG G 167 -16.00 -40.88 14.66
N LEU G 168 -16.93 -39.93 14.69
CA LEU G 168 -17.00 -38.94 13.62
C LEU G 168 -15.79 -38.01 13.66
N ASP G 169 -15.34 -37.65 14.87
CA ASP G 169 -14.13 -36.85 14.99
C ASP G 169 -12.94 -37.59 14.40
N LEU G 170 -12.85 -38.90 14.66
CA LEU G 170 -11.78 -39.70 14.08
C LEU G 170 -11.89 -39.77 12.56
N GLY G 171 -13.11 -39.97 12.05
CA GLY G 171 -13.29 -40.04 10.61
C GLY G 171 -13.00 -38.74 9.92
N TYR G 172 -13.02 -37.64 10.67
CA TYR G 172 -12.61 -36.34 10.16
C TYR G 172 -11.11 -36.25 9.95
N ALA G 173 -10.41 -37.37 10.17
CA ALA G 173 -8.98 -37.47 9.86
C ALA G 173 -8.70 -38.18 8.56
N GLU G 174 -9.61 -39.04 8.10
CA GLU G 174 -9.56 -39.58 6.74
C GLU G 174 -10.29 -38.58 5.84
N VAL G 175 -9.52 -37.68 5.24
CA VAL G 175 -10.10 -36.58 4.49
C VAL G 175 -10.71 -37.13 3.21
N ARG G 176 -12.03 -37.21 3.15
CA ARG G 176 -12.75 -37.76 2.01
C ARG G 176 -13.29 -36.65 1.13
N ALA G 177 -13.41 -36.94 -0.15
CA ALA G 177 -13.92 -35.96 -1.11
C ALA G 177 -15.39 -35.72 -0.88
N PRO G 178 -15.82 -34.49 -0.61
CA PRO G 178 -17.26 -34.24 -0.39
C PRO G 178 -18.11 -34.35 -1.64
N ILE G 179 -17.56 -34.04 -2.81
CA ILE G 179 -18.30 -34.13 -4.07
C ILE G 179 -17.43 -34.82 -5.11
N ALA G 180 -18.08 -35.33 -6.15
CA ALA G 180 -17.36 -35.94 -7.26
C ALA G 180 -16.93 -34.86 -8.26
N GLY G 181 -15.77 -35.08 -8.86
CA GLY G 181 -15.25 -34.14 -9.82
C GLY G 181 -13.75 -34.30 -9.98
N ARG G 182 -13.17 -33.35 -10.70
CA ARG G 182 -11.73 -33.34 -10.97
C ARG G 182 -11.01 -32.61 -9.84
N ILE G 183 -10.03 -33.26 -9.24
CA ILE G 183 -9.25 -32.68 -8.16
C ILE G 183 -8.02 -32.01 -8.76
N GLY G 184 -7.66 -30.85 -8.21
CA GLY G 184 -6.52 -30.12 -8.68
C GLY G 184 -5.24 -30.49 -7.96
N ARG G 185 -4.28 -29.57 -8.00
CA ARG G 185 -3.00 -29.78 -7.34
C ARG G 185 -3.18 -29.80 -5.82
N ALA G 186 -2.41 -30.65 -5.17
CA ALA G 186 -2.43 -30.70 -3.71
C ALA G 186 -1.67 -29.51 -3.14
N GLN G 187 -2.34 -28.74 -2.30
CA GLN G 187 -1.73 -27.54 -1.71
C GLN G 187 -0.72 -27.87 -0.62
N VAL G 188 -0.73 -29.09 -0.07
CA VAL G 188 0.24 -29.52 0.91
C VAL G 188 0.81 -30.86 0.46
N THR G 189 1.98 -31.19 0.99
CA THR G 189 2.67 -32.43 0.69
C THR G 189 2.67 -33.34 1.91
N GLU G 190 3.07 -34.59 1.70
CA GLU G 190 3.14 -35.54 2.79
C GLU G 190 4.18 -35.09 3.81
N GLY G 191 3.84 -35.26 5.09
CA GLY G 191 4.69 -34.80 6.17
C GLY G 191 4.44 -33.38 6.63
N ALA G 192 3.59 -32.63 5.95
CA ALA G 192 3.29 -31.27 6.36
C ALA G 192 2.27 -31.27 7.49
N LEU G 193 2.42 -30.31 8.40
CA LEU G 193 1.49 -30.17 9.51
C LEU G 193 0.32 -29.30 9.10
N VAL G 194 -0.89 -29.83 9.22
CA VAL G 194 -2.11 -29.15 8.78
C VAL G 194 -3.10 -29.12 9.93
N GLY G 195 -4.06 -28.21 9.82
CA GLY G 195 -5.12 -28.12 10.80
C GLY G 195 -4.77 -27.40 12.08
N GLN G 196 -3.56 -26.86 12.19
CA GLN G 196 -3.14 -26.14 13.39
C GLN G 196 -3.56 -24.68 13.26
N GLY G 197 -4.50 -24.27 14.12
CA GLY G 197 -4.98 -22.90 14.09
C GLY G 197 -6.11 -22.68 13.11
N GLU G 198 -5.80 -22.73 11.81
CA GLU G 198 -6.78 -22.52 10.76
C GLU G 198 -6.97 -23.78 9.94
N ALA G 199 -8.08 -23.83 9.20
CA ALA G 199 -8.35 -24.96 8.32
C ALA G 199 -7.45 -24.88 7.10
N THR G 200 -6.36 -25.63 7.11
CA THR G 200 -5.41 -25.59 6.00
C THR G 200 -6.05 -26.13 4.74
N LEU G 201 -5.93 -25.36 3.65
CA LEU G 201 -6.46 -25.79 2.36
C LEU G 201 -5.62 -26.94 1.84
N LEU G 202 -6.25 -28.09 1.64
CA LEU G 202 -5.57 -29.27 1.13
C LEU G 202 -5.67 -29.43 -0.37
N ALA G 203 -6.87 -29.27 -0.92
CA ALA G 203 -7.04 -29.43 -2.37
C ALA G 203 -8.31 -28.72 -2.80
N ARG G 204 -8.56 -28.73 -4.11
CA ARG G 204 -9.78 -28.17 -4.69
C ARG G 204 -10.35 -29.15 -5.69
N ILE G 205 -11.66 -29.38 -5.61
CA ILE G 205 -12.38 -30.27 -6.53
C ILE G 205 -13.44 -29.45 -7.25
N GLN G 206 -13.47 -29.57 -8.57
CA GLN G 206 -14.36 -28.79 -9.41
C GLN G 206 -15.22 -29.69 -10.28
N GLN G 207 -16.46 -29.28 -10.50
CA GLN G 207 -17.39 -29.97 -11.39
C GLN G 207 -17.43 -29.22 -12.72
N LEU G 208 -17.08 -29.90 -13.80
CA LEU G 208 -16.89 -29.26 -15.08
C LEU G 208 -18.08 -29.38 -16.02
N ASP G 209 -19.17 -30.00 -15.59
CA ASP G 209 -20.33 -30.12 -16.46
C ASP G 209 -21.61 -30.14 -15.63
N PRO G 210 -22.52 -29.17 -15.83
CA PRO G 210 -22.42 -28.04 -16.76
C PRO G 210 -21.55 -26.93 -16.18
N VAL G 211 -21.53 -25.75 -16.79
CA VAL G 211 -20.77 -24.62 -16.26
C VAL G 211 -21.68 -23.40 -16.22
N TYR G 212 -21.29 -22.44 -15.40
CA TYR G 212 -21.95 -21.14 -15.37
C TYR G 212 -21.08 -20.12 -16.09
N ALA G 213 -21.75 -19.21 -16.78
CA ALA G 213 -21.09 -18.03 -17.35
C ALA G 213 -21.59 -16.83 -16.57
N ASP G 214 -20.67 -16.21 -15.83
CA ASP G 214 -20.98 -15.00 -15.08
C ASP G 214 -20.51 -13.80 -15.88
N PHE G 215 -21.46 -13.09 -16.48
CA PHE G 215 -21.15 -11.96 -17.34
C PHE G 215 -21.80 -10.72 -16.75
N THR G 216 -21.50 -9.58 -17.35
CA THR G 216 -21.90 -8.33 -16.73
C THR G 216 -22.52 -7.38 -17.76
N GLN G 217 -23.60 -6.69 -17.35
CA GLN G 217 -24.30 -5.76 -18.23
C GLN G 217 -24.49 -4.42 -17.53
N PRO G 218 -24.32 -3.31 -18.25
CA PRO G 218 -24.55 -2.00 -17.63
C PRO G 218 -25.98 -1.87 -17.13
N ALA G 219 -26.13 -1.24 -15.95
CA ALA G 219 -27.44 -1.08 -15.36
C ALA G 219 -28.33 -0.15 -16.17
N ALA G 220 -27.75 0.87 -16.80
CA ALA G 220 -28.54 1.77 -17.63
C ALA G 220 -29.14 1.05 -18.81
N ASP G 221 -28.37 0.15 -19.44
CA ASP G 221 -28.90 -0.62 -20.56
C ASP G 221 -30.05 -1.51 -20.13
N ALA G 222 -29.92 -2.16 -18.98
CA ALA G 222 -31.01 -3.00 -18.48
C ALA G 222 -32.25 -2.17 -18.16
N LEU G 223 -32.07 -1.00 -17.57
CA LEU G 223 -33.20 -0.13 -17.28
C LEU G 223 -33.88 0.34 -18.55
N ARG G 224 -33.09 0.70 -19.58
CA ARG G 224 -33.67 1.10 -20.86
C ARG G 224 -34.44 -0.04 -21.50
N LEU G 225 -33.89 -1.26 -21.45
CA LEU G 225 -34.60 -2.42 -21.98
C LEU G 225 -35.91 -2.65 -21.24
N ARG G 226 -35.88 -2.53 -19.92
CA ARG G 226 -37.10 -2.71 -19.13
C ARG G 226 -38.13 -1.64 -19.46
N ALA G 227 -37.69 -0.40 -19.63
CA ALA G 227 -38.61 0.68 -19.97
C ALA G 227 -39.22 0.45 -21.35
N ALA G 228 -38.41 0.00 -22.31
CA ALA G 228 -38.94 -0.29 -23.64
C ALA G 228 -39.92 -1.46 -23.61
N ILE G 229 -39.66 -2.46 -22.77
CA ILE G 229 -40.60 -3.56 -22.61
C ILE G 229 -41.90 -3.05 -22.02
N ALA G 230 -41.83 -2.21 -20.98
CA ALA G 230 -43.03 -1.69 -20.34
C ALA G 230 -43.85 -0.85 -21.30
N GLU G 231 -43.20 -0.01 -22.09
CA GLU G 231 -43.93 0.74 -23.11
C GLU G 231 -44.48 -0.15 -24.21
N GLY G 232 -43.90 -1.33 -24.42
CA GLY G 232 -44.36 -2.23 -25.45
C GLY G 232 -43.64 -2.13 -26.78
N LYS G 233 -42.57 -1.35 -26.85
CA LYS G 233 -41.87 -1.20 -28.12
C LYS G 233 -41.08 -2.45 -28.47
N VAL G 234 -40.61 -3.17 -27.46
CA VAL G 234 -39.86 -4.41 -27.65
C VAL G 234 -40.50 -5.50 -26.80
N ALA G 235 -40.46 -6.73 -27.29
CA ALA G 235 -40.98 -7.86 -26.55
C ALA G 235 -39.87 -8.51 -25.73
N GLY G 236 -40.22 -9.02 -24.56
CA GLY G 236 -39.26 -9.70 -23.71
C GLY G 236 -38.64 -10.91 -24.38
N ALA G 237 -37.31 -10.99 -24.36
CA ALA G 237 -36.58 -12.09 -24.98
C ALA G 237 -36.12 -13.13 -23.95
N SER G 238 -36.94 -13.39 -22.93
CA SER G 238 -36.54 -14.31 -21.87
C SER G 238 -36.35 -15.72 -22.39
N ASP G 239 -37.04 -16.09 -23.46
CA ASP G 239 -37.00 -17.46 -23.97
C ASP G 239 -35.89 -17.68 -25.00
N GLN G 240 -35.15 -16.64 -25.37
CA GLN G 240 -34.12 -16.81 -26.38
C GLN G 240 -32.81 -17.24 -25.73
N PRO G 241 -32.12 -18.24 -26.27
CA PRO G 241 -30.91 -18.74 -25.62
C PRO G 241 -29.73 -17.80 -25.76
N LEU G 242 -28.87 -17.79 -24.75
CA LEU G 242 -27.62 -17.05 -24.81
C LEU G 242 -26.61 -17.81 -25.65
N SER G 243 -25.69 -17.08 -26.29
CA SER G 243 -24.64 -17.71 -27.09
C SER G 243 -23.28 -17.26 -26.58
N LEU G 244 -22.48 -18.21 -26.11
CA LEU G 244 -21.16 -17.93 -25.56
C LEU G 244 -20.11 -18.20 -26.63
N ARG G 245 -19.22 -17.22 -26.83
CA ARG G 245 -18.11 -17.32 -27.75
C ARG G 245 -16.81 -17.17 -26.98
N VAL G 246 -15.87 -18.07 -27.24
CA VAL G 246 -14.54 -17.98 -26.67
C VAL G 246 -13.69 -17.09 -27.56
N ASP G 247 -13.06 -16.09 -26.96
CA ASP G 247 -12.25 -15.15 -27.74
C ASP G 247 -11.05 -15.87 -28.36
N GLY G 248 -10.81 -15.58 -29.64
CA GLY G 248 -9.69 -16.17 -30.34
C GLY G 248 -9.90 -17.55 -30.88
N THR G 249 -11.07 -18.15 -30.65
CA THR G 249 -11.38 -19.48 -31.15
C THR G 249 -12.75 -19.48 -31.81
N ASP G 250 -13.05 -20.56 -32.51
CA ASP G 250 -14.34 -20.77 -33.14
C ASP G 250 -15.25 -21.69 -32.33
N ILE G 251 -15.16 -21.65 -31.01
CA ILE G 251 -15.96 -22.52 -30.16
C ILE G 251 -17.17 -21.74 -29.66
N GLU G 252 -18.36 -22.17 -30.04
CA GLU G 252 -19.60 -21.54 -29.63
C GLU G 252 -20.44 -22.51 -28.81
N ARG G 253 -21.09 -22.00 -27.77
CA ARG G 253 -21.94 -22.84 -26.93
C ARG G 253 -23.27 -22.13 -26.65
N LYS G 254 -24.36 -22.88 -26.80
CA LYS G 254 -25.68 -22.37 -26.48
C LYS G 254 -25.98 -22.57 -25.00
N GLY G 255 -26.75 -21.65 -24.43
CA GLY G 255 -27.08 -21.73 -23.02
C GLY G 255 -28.37 -21.02 -22.72
N THR G 256 -28.77 -21.08 -21.45
CA THR G 256 -30.01 -20.48 -20.98
C THR G 256 -29.71 -19.51 -19.85
N LEU G 257 -30.42 -18.39 -19.83
CA LEU G 257 -30.23 -17.39 -18.78
C LEU G 257 -30.85 -17.88 -17.48
N LEU G 258 -30.01 -18.06 -16.46
CA LEU G 258 -30.49 -18.53 -15.17
C LEU G 258 -30.91 -17.40 -14.25
N PHE G 259 -30.05 -16.38 -14.09
CA PHE G 259 -30.27 -15.40 -13.04
C PHE G 259 -29.80 -14.02 -13.50
N THR G 260 -30.52 -12.99 -13.05
CA THR G 260 -30.15 -11.60 -13.25
C THR G 260 -30.07 -10.93 -11.89
N ASP G 261 -28.95 -10.28 -11.60
CA ASP G 261 -28.75 -9.69 -10.28
C ASP G 261 -29.62 -8.45 -10.11
N ILE G 262 -30.00 -8.20 -8.85
CA ILE G 262 -30.80 -7.03 -8.51
C ILE G 262 -29.94 -5.91 -7.94
N SER G 263 -28.84 -6.24 -7.27
CA SER G 263 -27.91 -5.25 -6.74
C SER G 263 -26.97 -4.78 -7.83
N VAL G 264 -26.59 -3.50 -7.77
CA VAL G 264 -25.70 -2.88 -8.74
C VAL G 264 -24.32 -2.76 -8.11
N ASP G 265 -23.28 -3.16 -8.84
CA ASP G 265 -21.92 -3.07 -8.34
C ASP G 265 -21.56 -1.61 -8.12
N ARG G 266 -21.15 -1.27 -6.90
CA ARG G 266 -20.90 0.11 -6.54
C ARG G 266 -19.70 0.70 -7.28
N SER G 267 -18.64 -0.07 -7.48
CA SER G 267 -17.41 0.47 -8.05
C SER G 267 -17.52 0.72 -9.56
N THR G 268 -18.44 0.03 -10.24
CA THR G 268 -18.54 0.13 -11.69
C THR G 268 -19.92 0.45 -12.20
N GLY G 269 -20.98 0.14 -11.45
CA GLY G 269 -22.31 0.48 -11.89
C GLY G 269 -22.94 -0.48 -12.88
N GLN G 270 -22.55 -1.75 -12.86
CA GLN G 270 -23.11 -2.73 -13.78
C GLN G 270 -23.62 -3.93 -12.98
N ILE G 271 -24.67 -4.57 -13.50
CA ILE G 271 -25.30 -5.70 -12.84
C ILE G 271 -24.73 -6.99 -13.39
N ALA G 272 -24.71 -8.03 -12.55
CA ALA G 272 -24.17 -9.32 -12.94
C ALA G 272 -25.31 -10.24 -13.38
N LEU G 273 -25.01 -11.10 -14.34
CA LEU G 273 -25.96 -12.10 -14.82
C LEU G 273 -25.27 -13.44 -14.92
N ARG G 274 -26.02 -14.50 -14.69
CA ARG G 274 -25.49 -15.86 -14.71
C ARG G 274 -26.30 -16.71 -15.67
N GLY G 275 -25.63 -17.29 -16.65
CA GLY G 275 -26.24 -18.24 -17.56
C GLY G 275 -25.64 -19.62 -17.36
N GLN G 276 -26.35 -20.64 -17.79
CA GLN G 276 -25.88 -22.02 -17.69
C GLN G 276 -25.59 -22.56 -19.08
N PHE G 277 -24.40 -23.14 -19.24
CA PHE G 277 -23.96 -23.68 -20.52
C PHE G 277 -23.51 -25.12 -20.35
N ASP G 278 -24.04 -25.99 -21.21
CA ASP G 278 -23.61 -27.38 -21.22
C ASP G 278 -22.17 -27.45 -21.73
N ASN G 279 -21.35 -28.23 -21.02
CA ASN G 279 -19.94 -28.40 -21.38
C ASN G 279 -19.62 -29.89 -21.39
N PRO G 280 -20.03 -30.61 -22.43
CA PRO G 280 -19.79 -32.06 -22.45
C PRO G 280 -18.36 -32.43 -22.79
N GLU G 281 -17.70 -31.67 -23.66
CA GLU G 281 -16.34 -32.02 -24.08
C GLU G 281 -15.27 -31.49 -23.15
N GLY G 282 -15.63 -30.74 -22.11
CA GLY G 282 -14.63 -30.14 -21.25
C GLY G 282 -13.87 -29.00 -21.87
N VAL G 283 -14.39 -28.42 -22.95
CA VAL G 283 -13.69 -27.34 -23.64
C VAL G 283 -13.68 -26.08 -22.80
N LEU G 284 -14.81 -25.71 -22.20
CA LEU G 284 -14.89 -24.49 -21.40
C LEU G 284 -14.24 -24.76 -20.05
N LEU G 285 -13.14 -24.05 -19.77
CA LEU G 285 -12.37 -24.14 -18.55
C LEU G 285 -12.72 -22.98 -17.62
N PRO G 286 -12.80 -23.24 -16.32
CA PRO G 286 -13.11 -22.16 -15.37
C PRO G 286 -12.09 -21.03 -15.41
N GLY G 287 -12.57 -19.81 -15.29
CA GLY G 287 -11.73 -18.63 -15.31
C GLY G 287 -11.45 -18.08 -16.69
N MET G 288 -11.88 -18.75 -17.75
CA MET G 288 -11.64 -18.26 -19.10
C MET G 288 -12.52 -17.05 -19.39
N TYR G 289 -11.92 -16.03 -20.02
CA TYR G 289 -12.67 -14.87 -20.44
C TYR G 289 -13.51 -15.21 -21.66
N VAL G 290 -14.81 -14.96 -21.58
CA VAL G 290 -15.75 -15.31 -22.64
C VAL G 290 -16.64 -14.12 -22.94
N ARG G 291 -17.16 -14.07 -24.16
CA ARG G 291 -18.10 -12.98 -24.47
C ARG G 291 -19.45 -13.60 -24.77
N VAL G 292 -20.46 -13.23 -24.02
CA VAL G 292 -21.81 -13.79 -24.04
C VAL G 292 -22.71 -12.85 -24.83
N ARG G 293 -23.20 -13.31 -25.98
CA ARG G 293 -24.22 -12.60 -26.72
C ARG G 293 -25.58 -12.94 -26.13
N THR G 294 -26.24 -11.92 -25.61
CA THR G 294 -27.54 -12.04 -24.97
C THR G 294 -28.57 -11.24 -25.75
N PRO G 295 -29.78 -11.78 -25.95
CA PRO G 295 -30.80 -11.04 -26.71
C PRO G 295 -31.35 -9.87 -25.91
N GLN G 296 -31.43 -8.71 -26.54
CA GLN G 296 -31.96 -7.50 -25.92
C GLN G 296 -33.39 -7.23 -26.33
N GLY G 297 -34.17 -8.26 -26.61
CA GLY G 297 -35.55 -8.09 -27.02
C GLY G 297 -35.75 -8.22 -28.52
N LEU G 298 -37.00 -8.48 -28.90
CA LEU G 298 -37.39 -8.65 -30.29
C LEU G 298 -38.33 -7.52 -30.67
N ASN G 299 -37.99 -6.77 -31.73
CA ASN G 299 -38.89 -5.78 -32.30
C ASN G 299 -39.47 -6.34 -33.60
N GLN G 300 -40.79 -6.37 -33.69
CA GLN G 300 -41.45 -6.99 -34.83
C GLN G 300 -41.45 -6.10 -36.05
N ASN G 301 -41.10 -4.82 -35.91
CA ASN G 301 -41.25 -3.86 -37.00
C ASN G 301 -39.98 -3.08 -37.26
N ALA G 302 -38.84 -3.78 -37.37
CA ALA G 302 -37.55 -3.15 -37.56
C ALA G 302 -37.20 -3.07 -39.04
N ILE G 303 -36.31 -2.13 -39.36
CA ILE G 303 -35.86 -1.91 -40.73
C ILE G 303 -34.34 -2.10 -40.77
N LEU G 304 -33.87 -2.90 -41.72
CA LEU G 304 -32.45 -3.17 -41.89
C LEU G 304 -32.00 -2.70 -43.27
N VAL G 305 -30.94 -1.91 -43.31
CA VAL G 305 -30.43 -1.36 -44.56
C VAL G 305 -28.93 -1.63 -44.62
N PRO G 306 -28.40 -2.16 -45.73
CA PRO G 306 -26.98 -2.53 -45.76
C PRO G 306 -26.07 -1.36 -45.43
N GLN G 307 -24.96 -1.67 -44.75
CA GLN G 307 -24.08 -0.64 -44.21
C GLN G 307 -23.55 0.29 -45.29
N ARG G 308 -23.30 -0.26 -46.50
CA ARG G 308 -22.79 0.56 -47.58
C ARG G 308 -23.76 1.66 -47.98
N ALA G 309 -25.06 1.45 -47.81
CA ALA G 309 -26.06 2.41 -48.24
C ALA G 309 -26.22 3.59 -47.29
N VAL G 310 -25.55 3.58 -46.15
CA VAL G 310 -25.66 4.65 -45.17
C VAL G 310 -24.38 5.47 -45.18
N GLN G 311 -24.49 6.74 -45.55
CA GLN G 311 -23.39 7.68 -45.44
C GLN G 311 -23.42 8.31 -44.05
N ARG G 312 -22.28 8.85 -43.63
CA ARG G 312 -22.19 9.59 -42.37
C ARG G 312 -21.56 10.95 -42.63
N SER G 313 -22.27 12.01 -42.25
CA SER G 313 -21.74 13.36 -42.39
C SER G 313 -20.73 13.65 -41.29
N ALA G 314 -20.08 14.81 -41.38
CA ALA G 314 -19.05 15.18 -40.43
C ALA G 314 -19.59 15.37 -39.03
N ASP G 315 -20.90 15.59 -38.88
CA ASP G 315 -21.51 15.78 -37.57
C ASP G 315 -21.92 14.47 -36.90
N GLY G 316 -21.72 13.34 -37.57
CA GLY G 316 -22.20 12.06 -37.07
C GLY G 316 -23.63 11.75 -37.44
N GLN G 317 -24.37 12.70 -37.98
CA GLN G 317 -25.73 12.43 -38.42
C GLN G 317 -25.71 11.61 -39.70
N ALA G 318 -26.05 10.33 -39.57
CA ALA G 318 -26.05 9.41 -40.70
C ALA G 318 -27.23 9.70 -41.61
N SER G 319 -27.06 9.38 -42.89
CA SER G 319 -28.08 9.64 -43.89
C SER G 319 -28.12 8.48 -44.88
N VAL G 320 -29.27 8.35 -45.53
CA VAL G 320 -29.45 7.42 -46.62
C VAL G 320 -30.01 8.19 -47.81
N MET G 321 -29.71 7.71 -49.01
CA MET G 321 -30.20 8.34 -50.21
C MET G 321 -31.36 7.53 -50.79
N LEU G 322 -32.48 8.21 -50.99
CA LEU G 322 -33.73 7.62 -51.41
C LEU G 322 -34.06 8.02 -52.84
N LEU G 323 -34.79 7.16 -53.52
CA LEU G 323 -35.26 7.42 -54.88
C LEU G 323 -36.58 8.17 -54.78
N GLY G 324 -36.51 9.49 -54.83
CA GLY G 324 -37.70 10.31 -54.77
C GLY G 324 -38.50 10.24 -56.06
N GLU G 325 -39.58 11.03 -56.08
CA GLU G 325 -40.42 11.09 -57.27
C GLU G 325 -39.61 11.59 -58.45
N GLY G 326 -39.75 10.91 -59.60
CA GLY G 326 -38.92 11.23 -60.74
C GLY G 326 -37.53 10.63 -60.67
N ASP G 327 -37.33 9.62 -59.83
CA ASP G 327 -36.05 8.94 -59.69
C ASP G 327 -34.93 9.90 -59.33
N THR G 328 -35.20 10.78 -58.35
CA THR G 328 -34.22 11.72 -57.86
C THR G 328 -33.59 11.22 -56.57
N VAL G 329 -32.33 11.58 -56.37
CA VAL G 329 -31.57 11.16 -55.19
C VAL G 329 -31.80 12.16 -54.07
N GLU G 330 -32.33 11.69 -52.95
CA GLU G 330 -32.59 12.53 -51.79
C GLU G 330 -31.77 12.06 -50.60
N VAL G 331 -31.06 12.99 -49.96
CA VAL G 331 -30.28 12.68 -48.77
C VAL G 331 -31.17 12.92 -47.55
N ARG G 332 -31.58 11.85 -46.90
CA ARG G 332 -32.48 11.90 -45.75
C ARG G 332 -31.75 11.39 -44.52
N GLN G 333 -31.78 12.18 -43.44
CA GLN G 333 -31.11 11.80 -42.21
C GLN G 333 -31.87 10.68 -41.52
N VAL G 334 -31.13 9.69 -41.01
CA VAL G 334 -31.69 8.56 -40.30
C VAL G 334 -30.92 8.37 -39.00
N THR G 335 -31.58 7.75 -38.02
CA THR G 335 -30.96 7.44 -36.75
C THR G 335 -30.56 5.97 -36.75
N THR G 336 -29.27 5.71 -36.53
CA THR G 336 -28.72 4.38 -36.67
C THR G 336 -28.85 3.61 -35.37
N GLY G 337 -29.37 2.37 -35.47
CA GLY G 337 -29.67 1.54 -34.31
C GLY G 337 -28.65 0.46 -33.97
N ALA G 338 -28.89 -0.77 -34.42
CA ALA G 338 -27.98 -1.85 -34.14
C ALA G 338 -27.23 -2.28 -35.41
N MET G 339 -26.20 -3.11 -35.21
CA MET G 339 -25.33 -3.58 -36.27
C MET G 339 -25.44 -5.10 -36.40
N GLN G 340 -25.87 -5.57 -37.57
CA GLN G 340 -25.99 -7.00 -37.85
C GLN G 340 -25.29 -7.29 -39.17
N GLY G 341 -24.19 -8.05 -39.11
CA GLY G 341 -23.45 -8.41 -40.30
C GLY G 341 -22.92 -7.20 -41.04
N SER G 342 -23.50 -6.93 -42.20
CA SER G 342 -23.18 -5.73 -42.98
C SER G 342 -24.40 -4.85 -43.22
N ARG G 343 -25.44 -4.98 -42.39
CA ARG G 343 -26.66 -4.21 -42.53
C ARG G 343 -26.98 -3.50 -41.22
N TRP G 344 -26.97 -2.17 -41.25
CA TRP G 344 -27.31 -1.38 -40.08
C TRP G 344 -28.79 -1.48 -39.80
N GLN G 345 -29.16 -1.30 -38.53
CA GLN G 345 -30.56 -1.13 -38.18
C GLN G 345 -30.93 0.34 -38.24
N ILE G 346 -32.03 0.65 -38.92
CA ILE G 346 -32.52 2.02 -39.03
C ILE G 346 -33.75 2.13 -38.14
N SER G 347 -33.64 2.90 -37.06
CA SER G 347 -34.74 3.04 -36.12
C SER G 347 -35.70 4.16 -36.51
N GLU G 348 -35.20 5.22 -37.14
CA GLU G 348 -36.04 6.35 -37.51
C GLU G 348 -35.63 6.83 -38.90
N GLY G 349 -36.58 7.47 -39.59
CA GLY G 349 -36.30 8.09 -40.87
C GLY G 349 -36.70 7.28 -42.08
N LEU G 350 -36.96 5.98 -41.93
CA LEU G 350 -37.30 5.14 -43.07
C LEU G 350 -38.63 4.44 -42.82
N GLN G 351 -39.34 4.18 -43.91
CA GLN G 351 -40.65 3.53 -43.86
C GLN G 351 -40.71 2.42 -44.91
N ALA G 352 -41.61 1.47 -44.68
CA ALA G 352 -41.77 0.37 -45.60
C ALA G 352 -42.18 0.87 -46.98
N GLY G 353 -41.53 0.35 -48.02
CA GLY G 353 -41.76 0.75 -49.37
C GLY G 353 -40.81 1.82 -49.89
N ASP G 354 -40.02 2.43 -49.00
CA ASP G 354 -39.04 3.42 -49.43
C ASP G 354 -38.01 2.77 -50.34
N LYS G 355 -37.55 3.53 -51.33
CA LYS G 355 -36.66 3.00 -52.36
C LYS G 355 -35.25 3.49 -52.05
N VAL G 356 -34.44 2.62 -51.46
CA VAL G 356 -33.11 2.98 -51.00
C VAL G 356 -32.10 2.67 -52.09
N ILE G 357 -31.09 3.54 -52.25
CA ILE G 357 -30.03 3.34 -53.22
C ILE G 357 -28.81 2.77 -52.51
N THR G 358 -28.09 1.86 -53.20
CA THR G 358 -26.97 1.16 -52.59
C THR G 358 -25.67 1.19 -53.39
N SER G 359 -25.68 1.65 -54.63
CA SER G 359 -24.52 1.53 -55.51
C SER G 359 -24.13 2.86 -56.12
N SER G 360 -22.84 2.97 -56.45
CA SER G 360 -22.26 4.16 -57.09
C SER G 360 -22.47 5.43 -56.28
N LEU G 361 -22.49 5.30 -54.96
CA LEU G 361 -22.87 6.41 -54.10
C LEU G 361 -21.86 7.55 -54.18
N ALA G 362 -20.58 7.22 -54.23
CA ALA G 362 -19.53 8.24 -54.30
C ALA G 362 -19.54 8.99 -55.63
N ALA G 363 -20.15 8.43 -56.67
CA ALA G 363 -20.20 9.07 -57.97
C ALA G 363 -21.54 9.77 -58.25
N ILE G 364 -22.49 9.72 -57.32
CA ILE G 364 -23.81 10.30 -57.51
C ILE G 364 -24.03 11.39 -56.48
N ARG G 365 -24.43 12.57 -56.95
CA ARG G 365 -24.76 13.75 -56.17
C ARG G 365 -26.25 13.80 -55.87
N PRO G 366 -26.65 14.44 -54.78
CA PRO G 366 -28.09 14.59 -54.49
C PRO G 366 -28.80 15.32 -55.61
N GLY G 367 -30.00 14.86 -55.94
CA GLY G 367 -30.77 15.42 -57.03
C GLY G 367 -30.42 14.90 -58.40
N ALA G 368 -29.52 13.93 -58.51
CA ALA G 368 -29.13 13.40 -59.81
C ALA G 368 -30.17 12.40 -60.33
N LYS G 369 -30.45 12.49 -61.63
CA LYS G 369 -31.38 11.60 -62.29
C LYS G 369 -30.71 10.25 -62.51
N VAL G 370 -31.41 9.17 -62.12
CA VAL G 370 -30.84 7.84 -62.13
C VAL G 370 -31.89 6.82 -62.56
N ILE G 371 -31.40 5.64 -62.93
CA ILE G 371 -32.23 4.54 -63.43
C ILE G 371 -32.00 3.32 -62.54
N PRO G 372 -33.04 2.60 -62.13
CA PRO G 372 -32.83 1.44 -61.24
C PRO G 372 -32.32 0.22 -61.99
N ARG G 373 -31.41 -0.51 -61.36
CA ARG G 373 -31.05 -1.85 -61.82
C ARG G 373 -31.44 -2.88 -60.76
N ALA H 36 12.07 -16.93 -71.37
CA ALA H 36 11.71 -17.66 -70.17
C ALA H 36 12.84 -17.64 -69.15
N ARG H 37 12.55 -17.11 -67.96
CA ARG H 37 13.56 -16.98 -66.92
C ARG H 37 13.77 -18.32 -66.22
N GLU H 38 15.04 -18.64 -65.97
CA GLU H 38 15.37 -19.85 -65.23
C GLU H 38 15.09 -19.65 -63.75
N VAL H 39 14.37 -20.59 -63.14
CA VAL H 39 13.92 -20.47 -61.76
C VAL H 39 14.30 -21.74 -61.00
N ASP H 40 14.62 -21.58 -59.72
CA ASP H 40 14.88 -22.72 -58.86
C ASP H 40 13.56 -23.29 -58.38
N VAL H 41 13.41 -24.61 -58.48
CA VAL H 41 12.17 -25.30 -58.15
C VAL H 41 12.44 -26.29 -57.03
N LEU H 42 11.58 -26.28 -56.02
CA LEU H 42 11.67 -27.20 -54.90
C LEU H 42 10.48 -28.15 -54.96
N SER H 43 10.76 -29.45 -54.92
CA SER H 43 9.70 -30.45 -54.89
C SER H 43 9.22 -30.60 -53.44
N VAL H 44 7.94 -30.31 -53.21
CA VAL H 44 7.39 -30.33 -51.86
C VAL H 44 7.34 -31.76 -51.36
N LYS H 45 7.85 -31.97 -50.14
CA LYS H 45 7.83 -33.27 -49.50
C LYS H 45 7.29 -33.12 -48.08
N THR H 46 6.73 -34.20 -47.55
CA THR H 46 6.17 -34.20 -46.21
C THR H 46 7.11 -34.91 -45.26
N GLU H 47 7.25 -34.36 -44.06
CA GLU H 47 8.06 -34.98 -43.01
C GLU H 47 7.44 -34.63 -41.67
N PRO H 48 7.44 -35.56 -40.71
CA PRO H 48 6.90 -35.25 -39.39
C PRO H 48 7.71 -34.15 -38.72
N PHE H 49 7.01 -33.24 -38.03
CA PHE H 49 7.65 -32.13 -37.34
C PHE H 49 6.89 -31.86 -36.05
N THR H 50 7.61 -31.86 -34.94
CA THR H 50 7.02 -31.61 -33.63
C THR H 50 7.34 -30.18 -33.21
N VAL H 51 6.30 -29.42 -32.90
CA VAL H 51 6.49 -28.05 -32.42
C VAL H 51 6.78 -28.09 -30.93
N PHE H 52 7.84 -27.40 -30.52
CA PHE H 52 8.25 -27.36 -29.13
C PHE H 52 8.09 -25.94 -28.58
N ALA H 53 7.51 -25.84 -27.39
CA ALA H 53 7.33 -24.56 -26.73
C ALA H 53 8.25 -24.49 -25.51
N GLU H 54 8.98 -23.40 -25.40
CA GLU H 54 9.87 -23.15 -24.26
C GLU H 54 9.11 -22.30 -23.26
N LEU H 55 8.62 -22.94 -22.20
CA LEU H 55 7.80 -22.28 -21.19
C LEU H 55 8.63 -22.01 -19.96
N PRO H 56 8.30 -20.96 -19.20
CA PRO H 56 9.01 -20.70 -17.95
C PRO H 56 8.46 -21.53 -16.81
N GLY H 57 9.37 -22.04 -15.98
CA GLY H 57 8.98 -22.82 -14.83
C GLY H 57 10.00 -22.68 -13.71
N ARG H 58 9.64 -23.25 -12.57
CA ARG H 58 10.50 -23.23 -11.39
C ARG H 58 10.59 -24.62 -10.79
N ILE H 59 11.74 -24.88 -10.17
CA ILE H 59 11.98 -26.18 -9.55
C ILE H 59 11.41 -26.19 -8.14
N GLU H 60 10.66 -27.24 -7.82
CA GLU H 60 10.05 -27.45 -6.53
C GLU H 60 10.42 -28.84 -6.00
N PRO H 61 10.47 -29.03 -4.69
CA PRO H 61 10.68 -30.38 -4.16
C PRO H 61 9.37 -31.14 -4.08
N VAL H 62 9.46 -32.46 -4.22
CA VAL H 62 8.27 -33.30 -4.21
C VAL H 62 7.58 -33.23 -2.85
N ARG H 63 8.35 -33.28 -1.77
CA ARG H 63 7.80 -33.23 -0.43
C ARG H 63 8.46 -32.12 0.37
N VAL H 64 7.63 -31.29 0.99
CA VAL H 64 8.10 -30.22 1.88
C VAL H 64 7.46 -30.44 3.23
N ALA H 65 8.28 -30.46 4.28
CA ALA H 65 7.81 -30.60 5.65
C ALA H 65 8.27 -29.40 6.45
N GLU H 66 7.32 -28.56 6.86
CA GLU H 66 7.61 -27.40 7.70
C GLU H 66 7.58 -27.85 9.16
N VAL H 67 8.75 -28.12 9.72
CA VAL H 67 8.86 -28.56 11.10
C VAL H 67 8.50 -27.36 11.98
N ARG H 68 7.36 -27.46 12.66
CA ARG H 68 6.80 -26.40 13.47
C ARG H 68 6.55 -26.90 14.90
N ALA H 69 6.65 -25.98 15.85
CA ALA H 69 6.43 -26.32 17.25
C ALA H 69 4.92 -26.39 17.53
N ARG H 70 4.50 -27.44 18.23
CA ARG H 70 3.10 -27.59 18.59
C ARG H 70 2.80 -27.19 20.02
N VAL H 71 3.80 -27.17 20.90
CA VAL H 71 3.60 -26.89 22.31
C VAL H 71 4.51 -25.73 22.71
N ALA H 72 3.99 -24.88 23.59
CA ALA H 72 4.72 -23.69 24.01
C ALA H 72 5.79 -24.04 25.03
N GLY H 73 6.96 -23.42 24.88
CA GLY H 73 8.04 -23.66 25.81
C GLY H 73 9.34 -23.08 25.28
N ILE H 74 10.38 -23.26 26.07
CA ILE H 74 11.71 -22.76 25.72
C ILE H 74 12.48 -23.85 24.98
N VAL H 75 13.09 -23.48 23.86
CA VAL H 75 13.89 -24.43 23.09
C VAL H 75 15.22 -24.63 23.82
N LEU H 76 15.35 -25.76 24.52
CA LEU H 76 16.57 -26.00 25.28
C LEU H 76 17.77 -26.26 24.39
N LYS H 77 17.63 -27.14 23.41
CA LYS H 77 18.77 -27.59 22.63
C LYS H 77 18.36 -27.81 21.17
N ARG H 78 19.34 -27.66 20.28
CA ARG H 78 19.20 -28.05 18.89
C ARG H 78 20.08 -29.27 18.65
N THR H 79 19.49 -30.33 18.09
CA THR H 79 20.15 -31.63 18.00
C THR H 79 20.78 -31.85 16.62
N PHE H 80 20.34 -31.13 15.60
CA PHE H 80 20.81 -31.35 14.24
C PHE H 80 21.75 -30.23 13.82
N GLU H 81 22.63 -30.55 12.88
CA GLU H 81 23.47 -29.55 12.23
C GLU H 81 22.81 -29.13 10.93
N GLU H 82 22.78 -27.82 10.68
CA GLU H 82 22.07 -27.29 9.53
C GLU H 82 22.68 -27.80 8.23
N GLY H 83 21.82 -28.29 7.33
CA GLY H 83 22.26 -28.78 6.04
C GLY H 83 22.45 -30.27 5.94
N ALA H 84 22.50 -30.98 7.07
CA ALA H 84 22.70 -32.42 7.02
C ALA H 84 21.42 -33.12 6.54
N ASP H 85 21.59 -34.33 6.03
CA ASP H 85 20.47 -35.18 5.67
C ASP H 85 19.93 -35.84 6.92
N VAL H 86 18.61 -35.77 7.11
CA VAL H 86 17.97 -36.29 8.31
C VAL H 86 17.02 -37.42 7.93
N LYS H 87 16.88 -38.38 8.83
CA LYS H 87 15.97 -39.50 8.65
C LYS H 87 14.67 -39.25 9.41
N ALA H 88 13.63 -39.96 9.00
CA ALA H 88 12.34 -39.85 9.68
C ALA H 88 12.47 -40.31 11.12
N GLY H 89 11.94 -39.52 12.04
CA GLY H 89 12.03 -39.82 13.46
C GLY H 89 13.24 -39.26 14.16
N ASP H 90 14.18 -38.67 13.44
CA ASP H 90 15.34 -38.07 14.07
C ASP H 90 14.94 -36.82 14.85
N VAL H 91 15.43 -36.71 16.07
CA VAL H 91 15.11 -35.58 16.94
C VAL H 91 15.87 -34.36 16.45
N LEU H 92 15.15 -33.27 16.19
CA LEU H 92 15.75 -32.03 15.73
C LEU H 92 15.84 -30.98 16.83
N PHE H 93 14.73 -30.72 17.52
CA PHE H 93 14.69 -29.74 18.59
C PHE H 93 14.16 -30.41 19.86
N GLN H 94 14.59 -29.89 21.00
CA GLN H 94 14.08 -30.30 22.30
C GLN H 94 13.51 -29.08 23.00
N ILE H 95 12.24 -29.12 23.33
CA ILE H 95 11.58 -28.08 24.10
C ILE H 95 11.38 -28.60 25.51
N ASP H 96 11.62 -27.74 26.50
CA ASP H 96 11.57 -28.19 27.89
C ASP H 96 10.15 -28.56 28.28
N PRO H 97 9.91 -29.82 28.65
CA PRO H 97 8.60 -30.16 29.20
C PRO H 97 8.52 -29.83 30.69
N ALA H 98 7.95 -28.69 31.04
CA ALA H 98 7.56 -28.46 32.42
C ALA H 98 6.12 -28.95 32.66
N PRO H 99 5.14 -28.54 31.85
CA PRO H 99 3.76 -28.95 32.16
C PRO H 99 3.41 -30.33 31.65
N PHE H 100 3.95 -30.73 30.50
CA PHE H 100 3.58 -32.00 29.90
C PHE H 100 4.06 -33.18 30.74
N LYS H 101 5.24 -33.05 31.34
CA LYS H 101 5.71 -34.09 32.25
C LYS H 101 4.76 -34.24 33.44
N ALA H 102 4.30 -33.11 33.99
CA ALA H 102 3.36 -33.16 35.11
C ALA H 102 2.03 -33.78 34.70
N ALA H 103 1.55 -33.44 33.49
CA ALA H 103 0.31 -34.03 33.01
C ALA H 103 0.45 -35.53 32.83
N LEU H 104 1.59 -35.98 32.30
CA LEU H 104 1.83 -37.41 32.19
C LEU H 104 1.86 -38.08 33.55
N SER H 105 2.48 -37.42 34.53
CA SER H 105 2.51 -37.97 35.89
C SER H 105 1.11 -38.10 36.47
N ARG H 106 0.27 -37.08 36.26
CA ARG H 106 -1.10 -37.12 36.76
C ARG H 106 -1.88 -38.25 36.10
N ALA H 107 -1.71 -38.40 34.78
CA ALA H 107 -2.40 -39.49 34.08
C ALA H 107 -1.92 -40.85 34.58
N GLN H 108 -0.62 -40.98 34.84
CA GLN H 108 -0.10 -42.24 35.36
C GLN H 108 -0.66 -42.53 36.75
N GLY H 109 -0.82 -41.50 37.58
CA GLY H 109 -1.42 -41.70 38.89
C GLY H 109 -2.87 -42.16 38.78
N GLU H 110 -3.63 -41.54 37.89
CA GLU H 110 -5.01 -41.97 37.69
C GLU H 110 -5.07 -43.42 37.18
N LEU H 111 -4.15 -43.78 36.28
CA LEU H 111 -4.09 -45.15 35.79
C LEU H 111 -3.78 -46.12 36.92
N ALA H 112 -2.87 -45.72 37.82
CA ALA H 112 -2.55 -46.57 38.96
C ALA H 112 -3.76 -46.77 39.87
N ARG H 113 -4.52 -45.70 40.09
CA ARG H 113 -5.74 -45.83 40.89
C ARG H 113 -6.73 -46.79 40.23
N ALA H 114 -6.91 -46.65 38.92
CA ALA H 114 -7.82 -47.54 38.20
C ALA H 114 -7.35 -48.98 38.28
N GLU H 115 -6.04 -49.21 38.17
CA GLU H 115 -5.50 -50.56 38.27
C GLU H 115 -5.72 -51.13 39.66
N ALA H 116 -5.59 -50.30 40.70
CA ALA H 116 -5.85 -50.78 42.05
C ALA H 116 -7.31 -51.20 42.20
N GLN H 117 -8.23 -50.40 41.71
CA GLN H 117 -9.64 -50.78 41.78
C GLN H 117 -9.91 -52.05 40.99
N LEU H 118 -9.28 -52.20 39.82
CA LEU H 118 -9.45 -53.41 39.04
C LEU H 118 -8.92 -54.63 39.78
N PHE H 119 -7.78 -54.48 40.47
CA PHE H 119 -7.24 -55.58 41.25
C PHE H 119 -8.19 -55.99 42.37
N GLN H 120 -8.78 -55.00 43.05
CA GLN H 120 -9.77 -55.31 44.08
C GLN H 120 -10.95 -56.07 43.50
N ALA H 121 -11.46 -55.61 42.36
CA ALA H 121 -12.61 -56.27 41.75
C ALA H 121 -12.25 -57.69 41.31
N GLN H 122 -11.06 -57.88 40.76
CA GLN H 122 -10.62 -59.21 40.34
C GLN H 122 -10.53 -60.15 41.52
N ALA H 123 -9.98 -59.69 42.64
CA ALA H 123 -9.90 -60.52 43.83
C ALA H 123 -11.30 -60.87 44.33
N MET H 124 -12.22 -59.90 44.34
CA MET H 124 -13.58 -60.18 44.79
C MET H 124 -14.24 -61.23 43.92
N VAL H 125 -14.10 -61.11 42.59
CA VAL H 125 -14.72 -62.05 41.68
C VAL H 125 -14.10 -63.44 41.83
N ARG H 126 -12.77 -63.49 41.99
CA ARG H 126 -12.09 -64.77 42.16
C ARG H 126 -12.55 -65.47 43.43
N ARG H 127 -12.76 -64.72 44.51
CA ARG H 127 -13.26 -65.34 45.73
C ARG H 127 -14.72 -65.76 45.61
N TYR H 128 -15.54 -64.95 44.93
CA TYR H 128 -16.97 -65.26 44.85
C TYR H 128 -17.28 -66.38 43.88
N GLU H 129 -16.41 -66.64 42.90
CA GLU H 129 -16.71 -67.66 41.89
C GLU H 129 -16.94 -69.04 42.49
N PRO H 130 -16.10 -69.57 43.39
CA PRO H 130 -16.42 -70.89 43.97
C PRO H 130 -17.55 -70.84 44.98
N LEU H 131 -17.79 -69.70 45.61
CA LEU H 131 -18.81 -69.63 46.66
C LEU H 131 -20.21 -69.64 46.07
N VAL H 132 -20.41 -69.04 44.90
CA VAL H 132 -21.73 -69.01 44.31
C VAL H 132 -22.16 -70.39 43.83
N LYS H 133 -21.21 -71.24 43.44
CA LYS H 133 -21.54 -72.59 43.02
C LYS H 133 -22.06 -73.44 44.18
N ILE H 134 -21.63 -73.15 45.40
CA ILE H 134 -22.11 -73.84 46.59
C ILE H 134 -23.14 -73.00 47.33
N ASP H 135 -23.69 -71.98 46.67
CA ASP H 135 -24.75 -71.13 47.20
C ASP H 135 -24.36 -70.42 48.49
N ALA H 136 -23.06 -70.15 48.66
CA ALA H 136 -22.60 -69.41 49.84
C ALA H 136 -22.97 -67.94 49.78
N VAL H 137 -23.13 -67.36 48.60
CA VAL H 137 -23.56 -65.98 48.42
C VAL H 137 -24.70 -65.96 47.42
N SER H 138 -25.51 -64.90 47.50
CA SER H 138 -26.64 -64.77 46.60
C SER H 138 -26.16 -64.52 45.17
N GLN H 139 -26.99 -64.94 44.21
CA GLN H 139 -26.67 -64.70 42.81
C GLN H 139 -26.60 -63.20 42.52
N GLN H 140 -27.42 -62.41 43.22
CA GLN H 140 -27.39 -60.96 43.04
C GLN H 140 -26.04 -60.38 43.42
N ASP H 141 -25.46 -60.85 44.53
CA ASP H 141 -24.14 -60.37 44.93
C ASP H 141 -23.09 -60.73 43.90
N PHE H 142 -23.16 -61.94 43.34
CA PHE H 142 -22.19 -62.35 42.33
C PHE H 142 -22.32 -61.49 41.08
N ASP H 143 -23.55 -61.19 40.66
CA ASP H 143 -23.74 -60.34 39.50
C ASP H 143 -23.26 -58.91 39.76
N ASN H 144 -23.47 -58.41 40.99
CA ASN H 144 -22.94 -57.10 41.33
C ASN H 144 -21.43 -57.08 41.28
N ALA H 145 -20.78 -58.14 41.78
CA ALA H 145 -19.33 -58.23 41.72
C ALA H 145 -18.84 -58.28 40.28
N MET H 146 -19.53 -59.03 39.42
CA MET H 146 -19.13 -59.10 38.02
C MET H 146 -19.30 -57.75 37.32
N ALA H 147 -20.39 -57.05 37.62
CA ALA H 147 -20.58 -55.71 37.07
C ALA H 147 -19.49 -54.76 37.53
N ALA H 148 -19.11 -54.85 38.81
CA ALA H 148 -18.03 -54.01 39.32
C ALA H 148 -16.72 -54.34 38.61
N LEU H 149 -16.46 -55.63 38.36
CA LEU H 149 -15.24 -56.02 37.66
C LEU H 149 -15.22 -55.46 36.25
N GLN H 150 -16.34 -55.54 35.54
CA GLN H 150 -16.39 -55.01 34.18
C GLN H 150 -16.24 -53.50 34.18
N SER H 151 -16.86 -52.82 35.14
CA SER H 151 -16.70 -51.37 35.27
C SER H 151 -15.25 -51.00 35.54
N ALA H 152 -14.57 -51.77 36.40
CA ALA H 152 -13.16 -51.51 36.67
C ALA H 152 -12.30 -51.73 35.44
N GLN H 153 -12.59 -52.77 34.65
CA GLN H 153 -11.85 -52.97 33.40
C GLN H 153 -12.04 -51.79 32.46
N ALA H 154 -13.28 -51.31 32.34
CA ALA H 154 -13.55 -50.16 31.48
C ALA H 154 -12.82 -48.92 31.97
N ASP H 155 -12.80 -48.71 33.28
CA ASP H 155 -12.11 -47.55 33.84
C ASP H 155 -10.62 -47.64 33.59
N LYS H 156 -10.04 -48.85 33.72
CA LYS H 156 -8.62 -49.01 33.44
C LYS H 156 -8.32 -48.71 31.98
N ARG H 157 -9.19 -49.16 31.07
CA ARG H 157 -8.98 -48.85 29.65
C ARG H 157 -9.06 -47.35 29.39
N SER H 158 -10.02 -46.68 30.02
CA SER H 158 -10.13 -45.22 29.86
C SER H 158 -8.90 -44.51 30.40
N ALA H 159 -8.40 -44.96 31.54
CA ALA H 159 -7.18 -44.37 32.11
C ALA H 159 -5.98 -44.61 31.20
N GLN H 160 -5.89 -45.79 30.60
CA GLN H 160 -4.82 -46.05 29.65
C GLN H 160 -4.92 -45.13 28.45
N ALA H 161 -6.15 -44.87 27.98
CA ALA H 161 -6.33 -43.93 26.88
C ALA H 161 -5.87 -42.53 27.27
N ASN H 162 -6.20 -42.09 28.48
CA ASN H 162 -5.75 -40.78 28.94
C ASN H 162 -4.23 -40.72 29.04
N VAL H 163 -3.61 -41.79 29.55
CA VAL H 163 -2.15 -41.84 29.64
C VAL H 163 -1.53 -41.75 28.25
N GLU H 164 -2.10 -42.47 27.28
CA GLU H 164 -1.57 -42.41 25.92
C GLU H 164 -1.73 -41.01 25.33
N THR H 165 -2.85 -40.34 25.60
CA THR H 165 -3.04 -38.98 25.11
C THR H 165 -1.98 -38.04 25.70
N ALA H 166 -1.77 -38.13 27.01
CA ALA H 166 -0.76 -37.29 27.64
C ALA H 166 0.64 -37.62 27.12
N ARG H 167 0.91 -38.90 26.85
CA ARG H 167 2.21 -39.28 26.32
C ARG H 167 2.43 -38.73 24.93
N LEU H 168 1.39 -38.73 24.10
CA LEU H 168 1.50 -38.11 22.77
C LEU H 168 1.74 -36.61 22.88
N ASP H 169 1.02 -35.96 23.80
CA ASP H 169 1.23 -34.53 23.99
C ASP H 169 2.67 -34.23 24.43
N LEU H 170 3.20 -35.06 25.32
CA LEU H 170 4.60 -34.91 25.74
C LEU H 170 5.55 -35.17 24.58
N GLY H 171 5.28 -36.20 23.77
CA GLY H 171 6.13 -36.49 22.64
C GLY H 171 6.12 -35.40 21.60
N TYR H 172 5.07 -34.57 21.61
CA TYR H 172 5.04 -33.40 20.75
C TYR H 172 6.00 -32.31 21.24
N ALA H 173 6.79 -32.62 22.27
CA ALA H 173 7.85 -31.72 22.73
C ALA H 173 9.23 -32.14 22.25
N GLU H 174 9.44 -33.43 22.00
CA GLU H 174 10.64 -33.89 21.30
C GLU H 174 10.34 -33.81 19.81
N VAL H 175 10.63 -32.66 19.20
CA VAL H 175 10.29 -32.42 17.81
C VAL H 175 11.14 -33.35 16.95
N ARG H 176 10.49 -34.13 16.10
CA ARG H 176 11.16 -35.11 15.26
C ARG H 176 10.87 -34.82 13.79
N ALA H 177 11.78 -35.27 12.93
CA ALA H 177 11.61 -35.05 11.50
C ALA H 177 10.50 -35.93 10.96
N PRO H 178 9.44 -35.36 10.37
CA PRO H 178 8.37 -36.19 9.82
C PRO H 178 8.74 -36.92 8.55
N ILE H 179 9.63 -36.36 7.73
CA ILE H 179 10.05 -36.99 6.49
C ILE H 179 11.58 -36.94 6.41
N ALA H 180 12.13 -37.79 5.55
CA ALA H 180 13.56 -37.78 5.31
C ALA H 180 13.91 -36.82 4.18
N GLY H 181 15.09 -36.20 4.30
CA GLY H 181 15.53 -35.26 3.31
C GLY H 181 16.56 -34.32 3.89
N ARG H 182 16.82 -33.24 3.15
CA ARG H 182 17.79 -32.24 3.56
C ARG H 182 17.10 -31.14 4.36
N ILE H 183 17.61 -30.87 5.55
CA ILE H 183 17.05 -29.84 6.42
C ILE H 183 17.80 -28.54 6.19
N GLY H 184 17.05 -27.43 6.20
CA GLY H 184 17.64 -26.12 5.98
C GLY H 184 18.07 -25.46 7.28
N ARG H 185 18.15 -24.14 7.23
CA ARG H 185 18.52 -23.37 8.41
C ARG H 185 17.45 -23.49 9.48
N ALA H 186 17.88 -23.46 10.74
CA ALA H 186 16.94 -23.40 11.84
C ALA H 186 16.42 -21.98 11.99
N GLN H 187 15.09 -21.84 12.00
CA GLN H 187 14.48 -20.52 12.11
C GLN H 187 14.55 -19.94 13.50
N VAL H 188 14.84 -20.75 14.52
CA VAL H 188 15.00 -20.28 15.89
C VAL H 188 16.28 -20.86 16.46
N THR H 189 16.80 -20.19 17.49
CA THR H 189 18.01 -20.61 18.17
C THR H 189 17.65 -21.11 19.57
N GLU H 190 18.62 -21.76 20.20
CA GLU H 190 18.40 -22.29 21.54
C GLU H 190 18.11 -21.15 22.52
N GLY H 191 17.09 -21.34 23.34
CA GLY H 191 16.67 -20.33 24.31
C GLY H 191 15.54 -19.44 23.85
N ALA H 192 15.10 -19.56 22.60
CA ALA H 192 14.00 -18.73 22.11
C ALA H 192 12.66 -19.37 22.49
N LEU H 193 11.68 -18.51 22.76
CA LEU H 193 10.33 -18.98 23.09
C LEU H 193 9.55 -19.28 21.82
N VAL H 194 8.98 -20.48 21.75
CA VAL H 194 8.21 -20.93 20.60
C VAL H 194 6.89 -21.51 21.10
N GLY H 195 5.94 -21.63 20.18
CA GLY H 195 4.69 -22.31 20.46
C GLY H 195 3.62 -21.50 21.15
N GLN H 196 3.86 -20.22 21.40
CA GLN H 196 2.86 -19.37 22.03
C GLN H 196 2.04 -18.66 20.96
N GLY H 197 0.73 -18.86 21.00
CA GLY H 197 -0.15 -18.24 20.02
C GLY H 197 -0.24 -19.01 18.73
N GLU H 198 0.82 -18.96 17.93
CA GLU H 198 0.87 -19.62 16.64
C GLU H 198 1.90 -20.75 16.67
N ALA H 199 1.76 -21.69 15.73
CA ALA H 199 2.74 -22.75 15.58
C ALA H 199 4.01 -22.19 14.98
N THR H 200 5.01 -21.92 15.82
CA THR H 200 6.24 -21.29 15.34
C THR H 200 6.97 -22.22 14.39
N LEU H 201 7.42 -21.66 13.27
CA LEU H 201 8.21 -22.43 12.30
C LEU H 201 9.61 -22.65 12.85
N LEU H 202 10.00 -23.92 12.99
CA LEU H 202 11.31 -24.28 13.51
C LEU H 202 12.32 -24.58 12.41
N ALA H 203 11.92 -25.36 11.41
CA ALA H 203 12.84 -25.72 10.33
C ALA H 203 12.03 -26.15 9.12
N ARG H 204 12.75 -26.45 8.03
CA ARG H 204 12.15 -26.95 6.80
C ARG H 204 12.95 -28.13 6.28
N ILE H 205 12.25 -29.17 5.83
CA ILE H 205 12.86 -30.36 5.26
C ILE H 205 12.32 -30.55 3.86
N GLN H 206 13.22 -30.80 2.91
CA GLN H 206 12.86 -30.94 1.51
C GLN H 206 13.44 -32.23 0.94
N GLN H 207 12.73 -32.80 -0.03
CA GLN H 207 13.20 -33.98 -0.75
C GLN H 207 13.72 -33.52 -2.10
N LEU H 208 14.99 -33.83 -2.39
CA LEU H 208 15.66 -33.33 -3.58
C LEU H 208 15.62 -34.29 -4.76
N ASP H 209 15.03 -35.48 -4.60
CA ASP H 209 15.01 -36.43 -5.70
C ASP H 209 13.80 -37.35 -5.60
N PRO H 210 12.92 -37.35 -6.61
CA PRO H 210 12.95 -36.51 -7.81
C PRO H 210 12.44 -35.11 -7.49
N VAL H 211 12.46 -34.19 -8.45
CA VAL H 211 11.95 -32.84 -8.24
C VAL H 211 10.81 -32.59 -9.21
N TYR H 212 10.02 -31.57 -8.92
CA TYR H 212 8.97 -31.11 -9.81
C TYR H 212 9.43 -29.84 -10.52
N ALA H 213 8.96 -29.67 -11.74
CA ALA H 213 9.04 -28.40 -12.45
C ALA H 213 7.63 -27.89 -12.66
N ASP H 214 7.31 -26.78 -12.00
CA ASP H 214 6.03 -26.13 -12.18
C ASP H 214 6.21 -25.01 -13.19
N PHE H 215 5.65 -25.20 -14.38
CA PHE H 215 5.80 -24.22 -15.45
C PHE H 215 4.42 -23.75 -15.87
N THR H 216 4.38 -22.73 -16.72
CA THR H 216 3.10 -22.12 -17.01
C THR H 216 2.94 -21.87 -18.51
N GLN H 217 1.71 -21.98 -19.01
CA GLN H 217 1.41 -21.81 -20.42
C GLN H 217 0.21 -20.89 -20.61
N PRO H 218 0.24 -20.01 -21.60
CA PRO H 218 -0.94 -19.17 -21.88
C PRO H 218 -2.15 -20.03 -22.22
N ALA H 219 -3.32 -19.57 -21.76
CA ALA H 219 -4.55 -20.35 -21.98
C ALA H 219 -4.93 -20.42 -23.45
N ALA H 220 -4.74 -19.32 -24.19
CA ALA H 220 -5.10 -19.30 -25.59
C ALA H 220 -4.29 -20.33 -26.39
N ASP H 221 -3.00 -20.45 -26.10
CA ASP H 221 -2.19 -21.46 -26.76
C ASP H 221 -2.67 -22.87 -26.46
N ALA H 222 -3.06 -23.11 -25.19
CA ALA H 222 -3.58 -24.43 -24.84
C ALA H 222 -4.88 -24.72 -25.58
N LEU H 223 -5.77 -23.73 -25.68
CA LEU H 223 -7.01 -23.93 -26.41
C LEU H 223 -6.75 -24.18 -27.90
N ARG H 224 -5.79 -23.46 -28.47
CA ARG H 224 -5.44 -23.69 -29.87
C ARG H 224 -4.89 -25.09 -30.08
N LEU H 225 -4.04 -25.56 -29.16
CA LEU H 225 -3.53 -26.92 -29.25
C LEU H 225 -4.65 -27.94 -29.15
N ARG H 226 -5.59 -27.71 -28.22
CA ARG H 226 -6.71 -28.63 -28.07
C ARG H 226 -7.57 -28.67 -29.33
N ALA H 227 -7.81 -27.50 -29.93
CA ALA H 227 -8.60 -27.45 -31.16
C ALA H 227 -7.88 -28.16 -32.30
N ALA H 228 -6.57 -27.94 -32.42
CA ALA H 228 -5.81 -28.61 -33.47
C ALA H 228 -5.80 -30.12 -33.29
N ILE H 229 -5.67 -30.59 -32.04
CA ILE H 229 -5.74 -32.02 -31.79
C ILE H 229 -7.13 -32.56 -32.11
N ALA H 230 -8.17 -31.80 -31.75
CA ALA H 230 -9.54 -32.27 -31.97
C ALA H 230 -9.86 -32.41 -33.46
N GLU H 231 -9.45 -31.42 -34.26
CA GLU H 231 -9.76 -31.45 -35.72
C GLU H 231 -8.94 -32.56 -36.40
N GLY H 232 -7.67 -32.71 -36.03
CA GLY H 232 -6.81 -33.69 -36.66
C GLY H 232 -5.58 -33.12 -37.33
N LYS H 233 -5.32 -31.83 -37.16
CA LYS H 233 -4.06 -31.29 -37.68
C LYS H 233 -2.85 -31.87 -37.00
N VAL H 234 -2.89 -31.97 -35.68
CA VAL H 234 -1.73 -32.35 -34.89
C VAL H 234 -2.16 -33.46 -33.94
N ALA H 235 -1.34 -34.50 -33.82
CA ALA H 235 -1.61 -35.58 -32.89
C ALA H 235 -1.06 -35.25 -31.51
N GLY H 236 -1.75 -35.73 -30.48
CA GLY H 236 -1.37 -35.45 -29.11
C GLY H 236 0.02 -35.93 -28.74
N ALA H 237 0.77 -35.09 -28.03
CA ALA H 237 2.13 -35.40 -27.61
C ALA H 237 2.22 -35.73 -26.13
N SER H 238 1.22 -36.44 -25.58
CA SER H 238 1.24 -36.77 -24.16
C SER H 238 2.39 -37.72 -23.82
N ASP H 239 2.82 -38.53 -24.76
CA ASP H 239 3.86 -39.53 -24.53
C ASP H 239 5.27 -39.00 -24.75
N GLN H 240 5.42 -37.81 -25.30
CA GLN H 240 6.75 -37.28 -25.56
C GLN H 240 7.32 -36.65 -24.30
N PRO H 241 8.60 -36.85 -23.99
CA PRO H 241 9.14 -36.35 -22.73
C PRO H 241 9.48 -34.86 -22.80
N LEU H 242 9.23 -34.17 -21.71
CA LEU H 242 9.66 -32.78 -21.58
C LEU H 242 11.17 -32.71 -21.40
N SER H 243 11.78 -31.66 -21.95
CA SER H 243 13.20 -31.43 -21.74
C SER H 243 13.37 -30.17 -20.91
N LEU H 244 14.34 -30.19 -20.00
CA LEU H 244 14.52 -29.14 -19.02
C LEU H 244 15.93 -28.58 -19.13
N ARG H 245 16.02 -27.25 -19.24
CA ARG H 245 17.30 -26.58 -19.33
C ARG H 245 17.39 -25.50 -18.26
N VAL H 246 18.49 -25.50 -17.53
CA VAL H 246 18.77 -24.45 -16.55
C VAL H 246 19.36 -23.26 -17.28
N ASP H 247 18.81 -22.08 -17.03
CA ASP H 247 19.25 -20.88 -17.74
C ASP H 247 20.70 -20.57 -17.45
N GLY H 248 21.45 -20.25 -18.50
CA GLY H 248 22.86 -19.93 -18.35
C GLY H 248 23.78 -21.12 -18.28
N THR H 249 23.25 -22.34 -18.35
CA THR H 249 24.05 -23.55 -18.29
C THR H 249 23.64 -24.49 -19.42
N ASP H 250 24.45 -25.53 -19.62
CA ASP H 250 24.16 -26.59 -20.58
C ASP H 250 23.52 -27.80 -19.94
N ILE H 251 23.11 -27.70 -18.69
CA ILE H 251 22.54 -28.83 -17.96
C ILE H 251 21.16 -29.12 -18.51
N GLU H 252 20.98 -30.31 -19.09
CA GLU H 252 19.71 -30.73 -19.64
C GLU H 252 19.23 -31.99 -18.94
N ARG H 253 17.94 -32.04 -18.62
CA ARG H 253 17.34 -33.17 -17.93
C ARG H 253 16.04 -33.56 -18.60
N LYS H 254 15.76 -34.86 -18.68
CA LYS H 254 14.51 -35.31 -19.25
C LYS H 254 13.48 -35.55 -18.15
N GLY H 255 12.21 -35.37 -18.50
CA GLY H 255 11.15 -35.56 -17.54
C GLY H 255 9.82 -35.86 -18.23
N THR H 256 8.79 -36.04 -17.42
CA THR H 256 7.46 -36.39 -17.89
C THR H 256 6.44 -35.41 -17.34
N LEU H 257 5.46 -35.04 -18.16
CA LEU H 257 4.40 -34.16 -17.72
C LEU H 257 3.44 -34.92 -16.83
N LEU H 258 3.13 -34.36 -15.66
CA LEU H 258 2.27 -35.01 -14.69
C LEU H 258 0.87 -34.43 -14.66
N PHE H 259 0.77 -33.11 -14.52
CA PHE H 259 -0.52 -32.50 -14.24
C PHE H 259 -0.73 -31.26 -15.09
N THR H 260 -1.94 -31.09 -15.60
CA THR H 260 -2.35 -29.89 -16.34
C THR H 260 -3.58 -29.32 -15.66
N ASP H 261 -3.47 -28.08 -15.17
CA ASP H 261 -4.54 -27.49 -14.41
C ASP H 261 -5.75 -27.19 -15.30
N ILE H 262 -6.94 -27.43 -14.75
CA ILE H 262 -8.18 -27.10 -15.45
C ILE H 262 -8.55 -25.64 -15.30
N SER H 263 -8.29 -25.02 -14.15
CA SER H 263 -8.64 -23.64 -13.89
C SER H 263 -7.56 -22.72 -14.45
N VAL H 264 -7.99 -21.59 -14.98
CA VAL H 264 -7.09 -20.58 -15.54
C VAL H 264 -6.88 -19.49 -14.51
N ASP H 265 -5.63 -19.11 -14.27
CA ASP H 265 -5.33 -18.06 -13.32
C ASP H 265 -5.95 -16.75 -13.76
N ARG H 266 -6.77 -16.16 -12.89
CA ARG H 266 -7.52 -14.96 -13.24
C ARG H 266 -6.62 -13.76 -13.47
N SER H 267 -5.50 -13.66 -12.75
CA SER H 267 -4.63 -12.51 -12.89
C SER H 267 -3.76 -12.56 -14.13
N THR H 268 -3.31 -13.75 -14.52
CA THR H 268 -2.39 -13.89 -15.64
C THR H 268 -2.99 -14.56 -16.87
N GLY H 269 -4.17 -15.15 -16.75
CA GLY H 269 -4.75 -15.84 -17.88
C GLY H 269 -3.95 -17.03 -18.36
N GLN H 270 -3.24 -17.70 -17.47
CA GLN H 270 -2.39 -18.82 -17.83
C GLN H 270 -2.80 -20.06 -17.05
N ILE H 271 -2.52 -21.23 -17.62
CA ILE H 271 -2.74 -22.50 -16.95
C ILE H 271 -1.40 -23.04 -16.47
N ALA H 272 -1.40 -23.62 -15.28
CA ALA H 272 -0.19 -24.17 -14.69
C ALA H 272 -0.06 -25.65 -15.02
N LEU H 273 1.15 -26.09 -15.29
CA LEU H 273 1.45 -27.49 -15.54
C LEU H 273 2.59 -27.92 -14.64
N ARG H 274 2.59 -29.19 -14.27
CA ARG H 274 3.59 -29.75 -13.37
C ARG H 274 4.18 -30.99 -14.01
N GLY H 275 5.51 -31.04 -14.08
CA GLY H 275 6.22 -32.21 -14.58
C GLY H 275 7.21 -32.70 -13.54
N GLN H 276 7.70 -33.91 -13.72
CA GLN H 276 8.63 -34.54 -12.78
C GLN H 276 9.95 -34.86 -13.46
N PHE H 277 11.05 -34.51 -12.80
CA PHE H 277 12.39 -34.71 -13.34
C PHE H 277 13.27 -35.38 -12.31
N ASP H 278 14.07 -36.34 -12.77
CA ASP H 278 15.02 -37.01 -11.89
C ASP H 278 16.18 -36.08 -11.55
N ASN H 279 16.64 -36.14 -10.30
CA ASN H 279 17.73 -35.31 -9.82
C ASN H 279 18.62 -36.12 -8.90
N PRO H 280 19.36 -37.10 -9.44
CA PRO H 280 20.20 -37.94 -8.57
C PRO H 280 21.41 -37.22 -8.00
N GLU H 281 22.00 -36.29 -8.76
CA GLU H 281 23.18 -35.57 -8.29
C GLU H 281 22.83 -34.36 -7.43
N GLY H 282 21.56 -33.98 -7.34
CA GLY H 282 21.20 -32.81 -6.58
C GLY H 282 21.54 -31.50 -7.27
N VAL H 283 21.75 -31.53 -8.58
CA VAL H 283 22.08 -30.30 -9.30
C VAL H 283 20.88 -29.36 -9.38
N LEU H 284 19.70 -29.90 -9.68
CA LEU H 284 18.49 -29.09 -9.79
C LEU H 284 18.07 -28.64 -8.41
N LEU H 285 18.20 -27.34 -8.13
CA LEU H 285 17.87 -26.84 -6.81
C LEU H 285 16.49 -26.20 -6.81
N PRO H 286 15.74 -26.32 -5.71
CA PRO H 286 14.41 -25.71 -5.65
C PRO H 286 14.47 -24.20 -5.82
N GLY H 287 13.47 -23.65 -6.51
CA GLY H 287 13.38 -22.23 -6.75
C GLY H 287 14.11 -21.74 -7.98
N MET H 288 14.98 -22.54 -8.57
CA MET H 288 15.74 -22.11 -9.74
C MET H 288 14.81 -21.91 -10.92
N TYR H 289 14.98 -20.80 -11.63
CA TYR H 289 14.20 -20.54 -12.83
C TYR H 289 14.74 -21.38 -13.99
N VAL H 290 13.84 -22.11 -14.66
CA VAL H 290 14.24 -23.05 -15.68
C VAL H 290 13.32 -22.93 -16.89
N ARG H 291 13.83 -23.41 -18.02
CA ARG H 291 12.98 -23.40 -19.22
C ARG H 291 12.64 -24.83 -19.57
N VAL H 292 11.39 -25.08 -19.85
CA VAL H 292 10.88 -26.41 -20.21
C VAL H 292 10.49 -26.40 -21.67
N ARG H 293 11.17 -27.21 -22.48
CA ARG H 293 10.70 -27.47 -23.83
C ARG H 293 9.68 -28.60 -23.77
N THR H 294 8.43 -28.26 -24.08
CA THR H 294 7.32 -29.19 -24.09
C THR H 294 6.83 -29.38 -25.51
N PRO H 295 6.54 -30.62 -25.92
CA PRO H 295 6.05 -30.86 -27.28
C PRO H 295 4.64 -30.32 -27.44
N GLN H 296 4.40 -29.60 -28.54
CA GLN H 296 3.06 -29.12 -28.88
C GLN H 296 2.38 -30.03 -29.88
N GLY H 297 2.63 -31.33 -29.82
CA GLY H 297 2.04 -32.28 -30.73
C GLY H 297 2.92 -32.57 -31.93
N LEU H 298 2.60 -33.68 -32.60
CA LEU H 298 3.35 -34.14 -33.77
C LEU H 298 2.49 -33.96 -35.02
N ASN H 299 3.01 -33.21 -35.99
CA ASN H 299 2.37 -33.07 -37.29
C ASN H 299 3.09 -34.00 -38.26
N GLN H 300 2.46 -35.12 -38.60
CA GLN H 300 3.10 -36.15 -39.40
C GLN H 300 3.40 -35.68 -40.82
N ASN H 301 2.57 -34.81 -41.38
CA ASN H 301 2.70 -34.37 -42.77
C ASN H 301 3.03 -32.87 -42.85
N ALA H 302 3.97 -32.42 -42.02
CA ALA H 302 4.35 -31.02 -42.01
C ALA H 302 5.14 -30.67 -43.26
N ILE H 303 4.65 -29.67 -43.99
CA ILE H 303 5.30 -29.18 -45.20
C ILE H 303 6.00 -27.88 -44.87
N LEU H 304 7.31 -27.83 -45.09
CA LEU H 304 8.10 -26.65 -44.82
C LEU H 304 8.62 -26.09 -46.13
N VAL H 305 8.34 -24.82 -46.39
CA VAL H 305 8.78 -24.19 -47.63
C VAL H 305 9.62 -22.97 -47.32
N PRO H 306 10.57 -22.58 -48.17
CA PRO H 306 11.36 -21.38 -47.91
C PRO H 306 10.46 -20.15 -47.81
N GLN H 307 10.81 -19.26 -46.88
CA GLN H 307 9.98 -18.09 -46.63
C GLN H 307 9.95 -17.16 -47.83
N ARG H 308 11.03 -17.20 -48.60
CA ARG H 308 11.18 -16.39 -49.83
C ARG H 308 10.15 -16.80 -50.86
N ALA H 309 9.54 -17.98 -50.75
CA ALA H 309 8.64 -18.53 -51.76
C ALA H 309 7.16 -18.24 -51.48
N VAL H 310 6.84 -17.56 -50.40
CA VAL H 310 5.45 -17.27 -50.04
C VAL H 310 5.17 -15.80 -50.31
N GLN H 311 4.14 -15.53 -51.10
CA GLN H 311 3.71 -14.17 -51.38
C GLN H 311 2.45 -13.86 -50.58
N ARG H 312 2.26 -12.60 -50.24
CA ARG H 312 1.07 -12.15 -49.52
C ARG H 312 0.39 -11.04 -50.30
N SER H 313 -0.92 -11.17 -50.48
CA SER H 313 -1.68 -10.20 -51.24
C SER H 313 -2.14 -9.06 -50.34
N ALA H 314 -2.86 -8.12 -50.94
CA ALA H 314 -3.32 -6.94 -50.21
C ALA H 314 -4.32 -7.30 -49.11
N ASP H 315 -5.00 -8.42 -49.24
CA ASP H 315 -5.95 -8.86 -48.22
C ASP H 315 -5.28 -9.68 -47.12
N GLY H 316 -3.97 -9.91 -47.20
CA GLY H 316 -3.27 -10.73 -46.24
C GLY H 316 -3.27 -12.21 -46.54
N GLN H 317 -3.92 -12.64 -47.61
CA GLN H 317 -3.94 -14.06 -47.97
C GLN H 317 -2.59 -14.47 -48.56
N ALA H 318 -2.11 -15.63 -48.12
CA ALA H 318 -0.83 -16.14 -48.58
C ALA H 318 -1.03 -17.06 -49.79
N SER H 319 -0.08 -16.99 -50.73
CA SER H 319 -0.14 -17.77 -51.95
C SER H 319 1.25 -18.19 -52.37
N VAL H 320 1.32 -19.19 -53.23
CA VAL H 320 2.58 -19.69 -53.76
C VAL H 320 2.47 -19.88 -55.26
N MET H 321 3.63 -19.84 -55.90
CA MET H 321 3.77 -20.06 -57.34
C MET H 321 4.16 -21.50 -57.59
N LEU H 322 3.33 -22.22 -58.34
CA LEU H 322 3.55 -23.63 -58.60
C LEU H 322 3.84 -23.85 -60.08
N LEU H 323 4.73 -24.80 -60.35
CA LEU H 323 5.09 -25.18 -61.72
C LEU H 323 4.04 -26.16 -62.22
N GLY H 324 3.08 -25.67 -62.98
CA GLY H 324 2.02 -26.50 -63.50
C GLY H 324 2.46 -27.27 -64.73
N GLU H 325 1.49 -27.93 -65.35
CA GLU H 325 1.75 -28.70 -66.56
C GLU H 325 2.17 -27.78 -67.69
N GLY H 326 3.14 -28.23 -68.48
CA GLY H 326 3.66 -27.40 -69.56
C GLY H 326 4.53 -26.26 -69.09
N ASP H 327 5.15 -26.38 -67.91
CA ASP H 327 5.98 -25.33 -67.33
C ASP H 327 5.23 -24.01 -67.22
N THR H 328 3.96 -24.09 -66.84
CA THR H 328 3.13 -22.92 -66.61
C THR H 328 3.09 -22.59 -65.12
N VAL H 329 3.06 -21.30 -64.82
CA VAL H 329 3.09 -20.83 -63.44
C VAL H 329 1.67 -20.61 -62.96
N GLU H 330 1.27 -21.33 -61.92
CA GLU H 330 -0.08 -21.24 -61.36
C GLU H 330 -0.02 -20.60 -59.98
N VAL H 331 -1.11 -19.94 -59.60
CA VAL H 331 -1.25 -19.31 -58.29
C VAL H 331 -2.06 -20.25 -57.42
N ARG H 332 -1.47 -20.74 -56.32
CA ARG H 332 -2.25 -21.55 -55.39
C ARG H 332 -2.23 -20.91 -54.01
N GLN H 333 -3.42 -20.68 -53.47
CA GLN H 333 -3.55 -20.08 -52.15
C GLN H 333 -3.21 -21.10 -51.07
N VAL H 334 -2.48 -20.65 -50.05
CA VAL H 334 -2.03 -21.51 -48.96
C VAL H 334 -2.27 -20.80 -47.64
N THR H 335 -2.24 -21.57 -46.55
CA THR H 335 -2.32 -21.02 -45.20
C THR H 335 -1.03 -21.37 -44.48
N THR H 336 -0.38 -20.37 -43.90
CA THR H 336 0.90 -20.55 -43.23
C THR H 336 0.68 -20.88 -41.76
N GLY H 337 1.47 -21.81 -41.25
CA GLY H 337 1.35 -22.23 -39.85
C GLY H 337 2.34 -21.54 -38.95
N ALA H 338 3.26 -22.29 -38.38
CA ALA H 338 4.32 -21.71 -37.57
C ALA H 338 5.59 -21.54 -38.40
N MET H 339 6.55 -20.82 -37.83
CA MET H 339 7.80 -20.51 -38.52
C MET H 339 8.94 -21.25 -37.86
N GLN H 340 9.70 -22.00 -38.65
CA GLN H 340 10.89 -22.70 -38.19
C GLN H 340 12.08 -22.15 -38.97
N GLY H 341 12.86 -21.29 -38.31
CA GLY H 341 14.00 -20.68 -38.97
C GLY H 341 13.61 -19.80 -40.13
N SER H 342 13.98 -20.21 -41.35
CA SER H 342 13.66 -19.46 -42.55
C SER H 342 12.55 -20.11 -43.36
N ARG H 343 11.84 -21.08 -42.79
CA ARG H 343 10.86 -21.86 -43.53
C ARG H 343 9.49 -21.74 -42.89
N TRP H 344 8.49 -21.49 -43.71
CA TRP H 344 7.10 -21.47 -43.27
C TRP H 344 6.52 -22.87 -43.27
N GLN H 345 5.82 -23.21 -42.20
CA GLN H 345 4.99 -24.41 -42.19
C GLN H 345 3.67 -24.11 -42.88
N ILE H 346 3.30 -24.97 -43.84
CA ILE H 346 2.07 -24.79 -44.61
C ILE H 346 1.06 -25.82 -44.14
N SER H 347 -0.09 -25.33 -43.66
CA SER H 347 -1.12 -26.21 -43.15
C SER H 347 -2.07 -26.71 -44.23
N GLU H 348 -2.27 -25.92 -45.29
CA GLU H 348 -3.19 -26.31 -46.35
C GLU H 348 -2.74 -25.66 -47.65
N GLY H 349 -3.22 -26.22 -48.76
CA GLY H 349 -2.90 -25.70 -50.07
C GLY H 349 -1.69 -26.30 -50.74
N LEU H 350 -1.02 -27.25 -50.11
CA LEU H 350 0.14 -27.91 -50.71
C LEU H 350 0.07 -29.40 -50.44
N GLN H 351 0.62 -30.18 -51.37
CA GLN H 351 0.68 -31.62 -51.27
C GLN H 351 2.08 -32.09 -51.62
N ALA H 352 2.43 -33.28 -51.13
CA ALA H 352 3.73 -33.85 -51.40
C ALA H 352 3.93 -34.03 -52.89
N GLY H 353 5.11 -33.65 -53.38
CA GLY H 353 5.43 -33.72 -54.79
C GLY H 353 5.16 -32.44 -55.56
N ASP H 354 4.52 -31.45 -54.93
CA ASP H 354 4.27 -30.19 -55.60
C ASP H 354 5.58 -29.47 -55.90
N LYS H 355 5.66 -28.85 -57.07
CA LYS H 355 6.86 -28.16 -57.53
C LYS H 355 6.65 -26.67 -57.32
N VAL H 356 7.14 -26.16 -56.19
CA VAL H 356 7.01 -24.74 -55.87
C VAL H 356 8.22 -24.00 -56.44
N ILE H 357 8.02 -22.75 -56.82
CA ILE H 357 9.11 -21.94 -57.37
C ILE H 357 9.62 -21.02 -56.27
N THR H 358 10.93 -21.07 -56.02
CA THR H 358 11.53 -20.31 -54.94
C THR H 358 12.41 -19.17 -55.41
N SER H 359 12.27 -18.71 -56.65
CA SER H 359 13.17 -17.71 -57.19
C SER H 359 12.46 -16.92 -58.29
N SER H 360 13.00 -15.72 -58.55
CA SER H 360 12.51 -14.83 -59.60
C SER H 360 11.04 -14.46 -59.43
N LEU H 361 10.53 -14.50 -58.20
CA LEU H 361 9.09 -14.37 -58.00
C LEU H 361 8.57 -13.02 -58.46
N ALA H 362 9.32 -11.94 -58.18
CA ALA H 362 8.86 -10.62 -58.57
C ALA H 362 8.80 -10.44 -60.09
N ALA H 363 9.53 -11.27 -60.85
CA ALA H 363 9.60 -11.14 -62.29
C ALA H 363 8.72 -12.15 -63.03
N ILE H 364 7.88 -12.91 -62.32
CA ILE H 364 7.03 -13.92 -62.94
C ILE H 364 5.58 -13.54 -62.71
N ARG H 365 4.78 -13.64 -63.78
CA ARG H 365 3.34 -13.44 -63.80
C ARG H 365 2.63 -14.79 -63.91
N PRO H 366 1.40 -14.89 -63.41
CA PRO H 366 0.67 -16.17 -63.50
C PRO H 366 0.49 -16.60 -64.94
N GLY H 367 0.67 -17.90 -65.19
CA GLY H 367 0.50 -18.46 -66.51
C GLY H 367 1.68 -18.29 -67.44
N ALA H 368 2.73 -17.59 -67.01
CA ALA H 368 3.89 -17.37 -67.87
C ALA H 368 4.75 -18.62 -67.92
N LYS H 369 5.44 -18.79 -69.05
CA LYS H 369 6.32 -19.93 -69.23
C LYS H 369 7.70 -19.65 -68.64
N VAL H 370 8.23 -20.62 -67.90
CA VAL H 370 9.53 -20.51 -67.27
C VAL H 370 10.31 -21.79 -67.51
N ILE H 371 11.63 -21.70 -67.32
CA ILE H 371 12.53 -22.84 -67.48
C ILE H 371 12.93 -23.30 -66.08
N PRO H 372 12.49 -24.48 -65.64
CA PRO H 372 12.83 -24.92 -64.27
C PRO H 372 14.28 -25.34 -64.18
N ARG H 373 14.99 -24.98 -63.12
CA ARG H 373 16.45 -25.32 -63.12
C ARG H 373 16.67 -26.64 -62.40
N ALA I 36 65.20 -1.35 -32.74
CA ALA I 36 64.90 -2.32 -31.68
C ALA I 36 64.88 -1.64 -30.31
N ARG I 37 63.71 -1.53 -29.71
CA ARG I 37 63.55 -0.89 -28.42
C ARG I 37 63.51 -1.93 -27.31
N GLU I 38 64.08 -1.58 -26.15
CA GLU I 38 64.16 -2.55 -25.06
C GLU I 38 62.79 -2.82 -24.47
N VAL I 39 62.53 -4.08 -24.18
CA VAL I 39 61.24 -4.54 -23.64
C VAL I 39 61.50 -5.51 -22.50
N ASP I 40 60.67 -5.44 -21.47
CA ASP I 40 60.75 -6.37 -20.34
C ASP I 40 60.13 -7.70 -20.74
N VAL I 41 60.82 -8.79 -20.41
CA VAL I 41 60.37 -10.13 -20.75
C VAL I 41 59.91 -10.83 -19.48
N LEU I 42 58.63 -11.16 -19.43
CA LEU I 42 58.07 -12.02 -18.39
C LEU I 42 57.87 -13.41 -18.98
N SER I 43 58.53 -14.40 -18.39
CA SER I 43 58.36 -15.79 -18.82
C SER I 43 57.22 -16.40 -18.01
N VAL I 44 56.17 -16.83 -18.72
CA VAL I 44 54.97 -17.33 -18.05
C VAL I 44 55.30 -18.62 -17.30
N LYS I 45 54.90 -18.67 -16.04
CA LYS I 45 55.12 -19.83 -15.19
C LYS I 45 53.80 -20.29 -14.58
N THR I 46 53.66 -21.61 -14.46
CA THR I 46 52.48 -22.20 -13.87
C THR I 46 52.59 -22.18 -12.35
N GLU I 47 51.57 -21.65 -11.69
CA GLU I 47 51.54 -21.59 -10.23
C GLU I 47 50.10 -21.72 -9.77
N PRO I 48 49.87 -22.25 -8.57
CA PRO I 48 48.50 -22.34 -8.06
C PRO I 48 47.90 -20.96 -7.83
N PHE I 49 46.59 -20.86 -8.04
CA PHE I 49 45.86 -19.61 -7.86
C PHE I 49 44.48 -19.93 -7.32
N THR I 50 43.98 -19.10 -6.41
CA THR I 50 42.66 -19.28 -5.83
C THR I 50 41.80 -18.06 -6.15
N VAL I 51 40.64 -18.30 -6.76
CA VAL I 51 39.71 -17.23 -7.07
C VAL I 51 38.86 -16.95 -5.84
N PHE I 52 38.78 -15.68 -5.46
CA PHE I 52 37.99 -15.24 -4.32
C PHE I 52 36.82 -14.39 -4.79
N ALA I 53 35.64 -14.69 -4.25
CA ALA I 53 34.44 -13.91 -4.52
C ALA I 53 34.07 -13.13 -3.27
N GLU I 54 33.89 -11.81 -3.42
CA GLU I 54 33.50 -10.94 -2.32
C GLU I 54 31.99 -10.81 -2.33
N LEU I 55 31.34 -11.52 -1.43
CA LEU I 55 29.89 -11.59 -1.36
C LEU I 55 29.37 -10.69 -0.25
N PRO I 56 28.23 -10.03 -0.45
CA PRO I 56 27.64 -9.26 0.65
C PRO I 56 26.97 -10.17 1.67
N GLY I 57 27.07 -9.77 2.93
CA GLY I 57 26.42 -10.51 4.00
C GLY I 57 26.23 -9.65 5.23
N ARG I 58 25.60 -10.25 6.23
CA ARG I 58 25.32 -9.57 7.49
C ARG I 58 25.74 -10.43 8.67
N ILE I 59 26.07 -9.76 9.78
CA ILE I 59 26.47 -10.44 10.99
C ILE I 59 25.23 -10.78 11.81
N GLU I 60 25.16 -12.02 12.29
CA GLU I 60 24.03 -12.48 13.08
C GLU I 60 24.52 -13.25 14.29
N PRO I 61 24.00 -12.96 15.48
CA PRO I 61 24.47 -13.63 16.69
C PRO I 61 24.00 -15.06 16.77
N VAL I 62 24.85 -15.92 17.33
CA VAL I 62 24.61 -17.36 17.33
C VAL I 62 23.29 -17.69 18.02
N ARG I 63 23.01 -17.04 19.15
CA ARG I 63 21.78 -17.28 19.89
C ARG I 63 21.07 -15.97 20.16
N VAL I 64 19.79 -15.91 19.78
CA VAL I 64 18.92 -14.79 20.06
C VAL I 64 17.76 -15.28 20.90
N ALA I 65 17.56 -14.67 22.06
CA ALA I 65 16.46 -15.02 22.94
C ALA I 65 15.56 -13.80 23.09
N GLU I 66 14.34 -13.91 22.56
CA GLU I 66 13.34 -12.85 22.71
C GLU I 66 12.57 -13.10 24.00
N VAL I 67 13.01 -12.48 25.09
CA VAL I 67 12.37 -12.61 26.38
C VAL I 67 10.98 -11.99 26.28
N ARG I 68 9.96 -12.84 26.35
CA ARG I 68 8.57 -12.44 26.21
C ARG I 68 7.79 -12.84 27.44
N ALA I 69 6.64 -12.20 27.63
CA ALA I 69 5.78 -12.52 28.77
C ALA I 69 4.91 -13.72 28.45
N ARG I 70 4.91 -14.71 29.34
CA ARG I 70 4.09 -15.90 29.14
C ARG I 70 2.73 -15.80 29.82
N VAL I 71 2.56 -14.86 30.75
CA VAL I 71 1.32 -14.72 31.51
C VAL I 71 0.93 -13.25 31.53
N ALA I 72 -0.34 -13.00 31.82
CA ALA I 72 -0.86 -11.64 31.86
C ALA I 72 -0.69 -11.03 33.24
N GLY I 73 -0.26 -9.78 33.27
CA GLY I 73 -0.08 -9.08 34.53
C GLY I 73 0.73 -7.83 34.34
N ILE I 74 0.78 -7.03 35.42
CA ILE I 74 1.53 -5.78 35.41
C ILE I 74 2.99 -6.06 35.76
N VAL I 75 3.89 -5.46 35.00
CA VAL I 75 5.32 -5.51 35.32
C VAL I 75 5.54 -4.61 36.54
N LEU I 76 5.76 -5.22 37.70
CA LEU I 76 6.01 -4.44 38.90
C LEU I 76 7.42 -3.83 38.90
N LYS I 77 8.41 -4.60 38.51
CA LYS I 77 9.80 -4.17 38.64
C LYS I 77 10.62 -4.65 37.46
N ARG I 78 11.71 -3.92 37.20
CA ARG I 78 12.75 -4.35 36.28
C ARG I 78 14.05 -4.50 37.05
N THR I 79 14.61 -5.71 37.04
CA THR I 79 15.70 -6.07 37.93
C THR I 79 17.07 -6.05 37.25
N PHE I 80 17.17 -5.52 36.03
CA PHE I 80 18.44 -5.49 35.33
C PHE I 80 18.68 -4.09 34.77
N GLU I 81 19.96 -3.80 34.52
CA GLU I 81 20.36 -2.57 33.85
C GLU I 81 20.56 -2.85 32.37
N GLU I 82 19.98 -2.01 31.53
CA GLU I 82 20.00 -2.25 30.09
C GLU I 82 21.43 -2.17 29.56
N GLY I 83 21.78 -3.11 28.69
CA GLY I 83 23.12 -3.18 28.13
C GLY I 83 24.09 -4.04 28.90
N ALA I 84 23.69 -4.59 30.05
CA ALA I 84 24.59 -5.41 30.84
C ALA I 84 24.53 -6.87 30.39
N ASP I 85 25.51 -7.64 30.84
CA ASP I 85 25.57 -9.06 30.57
C ASP I 85 24.79 -9.81 31.65
N VAL I 86 23.87 -10.68 31.21
CA VAL I 86 23.02 -11.42 32.13
C VAL I 86 23.34 -12.90 32.01
N LYS I 87 23.20 -13.61 33.12
CA LYS I 87 23.41 -15.05 33.16
C LYS I 87 22.09 -15.77 33.03
N ALA I 88 22.15 -17.03 32.60
CA ALA I 88 20.95 -17.84 32.47
C ALA I 88 20.29 -18.02 33.83
N GLY I 89 18.97 -17.80 33.87
CA GLY I 89 18.23 -17.89 35.10
C GLY I 89 18.12 -16.62 35.91
N ASP I 90 18.83 -15.56 35.51
CA ASP I 90 18.74 -14.30 36.22
C ASP I 90 17.37 -13.68 36.01
N VAL I 91 16.83 -13.08 37.07
CA VAL I 91 15.51 -12.45 37.01
C VAL I 91 15.64 -11.10 36.34
N LEU I 92 14.88 -10.90 35.26
CA LEU I 92 14.86 -9.65 34.51
C LEU I 92 13.62 -8.82 34.80
N PHE I 93 12.44 -9.44 34.75
CA PHE I 93 11.18 -8.78 35.01
C PHE I 93 10.40 -9.55 36.06
N GLN I 94 9.77 -8.80 36.97
CA GLN I 94 8.86 -9.37 37.96
C GLN I 94 7.45 -8.95 37.57
N ILE I 95 6.61 -9.92 37.27
CA ILE I 95 5.20 -9.67 36.97
C ILE I 95 4.38 -9.97 38.21
N ASP I 96 3.39 -9.12 38.48
CA ASP I 96 2.63 -9.22 39.72
C ASP I 96 1.88 -10.55 39.77
N PRO I 97 2.21 -11.43 40.73
CA PRO I 97 1.55 -12.74 40.79
C PRO I 97 0.30 -12.71 41.65
N ALA I 98 -0.76 -12.06 41.17
CA ALA I 98 -1.99 -12.04 41.94
C ALA I 98 -2.77 -13.35 41.79
N PRO I 99 -3.06 -13.82 40.58
CA PRO I 99 -3.87 -15.05 40.48
C PRO I 99 -3.08 -16.32 40.72
N PHE I 100 -1.83 -16.36 40.28
CA PHE I 100 -1.07 -17.60 40.31
C PHE I 100 -0.72 -18.01 41.73
N LYS I 101 -0.53 -17.05 42.63
CA LYS I 101 -0.33 -17.39 44.02
C LYS I 101 -1.58 -18.05 44.61
N ALA I 102 -2.76 -17.55 44.24
CA ALA I 102 -3.99 -18.17 44.69
C ALA I 102 -4.16 -19.57 44.12
N ALA I 103 -3.81 -19.75 42.84
CA ALA I 103 -3.88 -21.08 42.25
C ALA I 103 -2.93 -22.05 42.94
N LEU I 104 -1.73 -21.58 43.27
CA LEU I 104 -0.79 -22.41 44.03
C LEU I 104 -1.35 -22.76 45.39
N SER I 105 -2.01 -21.81 46.06
CA SER I 105 -2.61 -22.09 47.34
C SER I 105 -3.71 -23.14 47.22
N ARG I 106 -4.53 -23.05 46.17
CA ARG I 106 -5.58 -24.05 45.95
C ARG I 106 -4.98 -25.42 45.73
N ALA I 107 -3.93 -25.50 44.90
CA ALA I 107 -3.28 -26.78 44.66
C ALA I 107 -2.69 -27.35 45.94
N GLN I 108 -2.07 -26.50 46.75
CA GLN I 108 -1.49 -26.96 48.02
C GLN I 108 -2.57 -27.46 48.97
N GLY I 109 -3.72 -26.79 48.99
CA GLY I 109 -4.82 -27.28 49.81
C GLY I 109 -5.33 -28.64 49.36
N GLU I 110 -5.47 -28.82 48.05
CA GLU I 110 -5.87 -30.13 47.55
C GLU I 110 -4.84 -31.20 47.89
N LEU I 111 -3.56 -30.84 47.79
CA LEU I 111 -2.50 -31.78 48.16
C LEU I 111 -2.58 -32.14 49.64
N ALA I 112 -2.86 -31.16 50.49
CA ALA I 112 -3.00 -31.44 51.92
C ALA I 112 -4.17 -32.38 52.18
N ARG I 113 -5.29 -32.18 51.48
CA ARG I 113 -6.43 -33.09 51.64
C ARG I 113 -6.05 -34.50 51.22
N ALA I 114 -5.36 -34.63 50.09
CA ALA I 114 -4.93 -35.94 49.62
C ALA I 114 -3.99 -36.60 50.62
N GLU I 115 -3.08 -35.81 51.21
CA GLU I 115 -2.16 -36.36 52.20
C GLU I 115 -2.90 -36.82 53.44
N ALA I 116 -3.93 -36.08 53.87
CA ALA I 116 -4.72 -36.51 55.02
C ALA I 116 -5.43 -37.82 54.74
N GLN I 117 -6.03 -37.95 53.55
CA GLN I 117 -6.67 -39.21 53.20
C GLN I 117 -5.66 -40.35 53.14
N LEU I 118 -4.46 -40.08 52.62
CA LEU I 118 -3.42 -41.10 52.59
C LEU I 118 -3.01 -41.53 53.99
N PHE I 119 -2.90 -40.57 54.91
CA PHE I 119 -2.55 -40.91 56.29
C PHE I 119 -3.62 -41.79 56.92
N GLN I 120 -4.90 -41.46 56.68
CA GLN I 120 -5.97 -42.30 57.19
C GLN I 120 -5.88 -43.72 56.64
N ALA I 121 -5.63 -43.84 55.33
CA ALA I 121 -5.53 -45.16 54.72
C ALA I 121 -4.34 -45.93 55.27
N GLN I 122 -3.21 -45.26 55.47
CA GLN I 122 -2.02 -45.91 56.03
C GLN I 122 -2.28 -46.42 57.44
N ALA I 123 -2.95 -45.61 58.26
CA ALA I 123 -3.29 -46.06 59.60
C ALA I 123 -4.22 -47.26 59.57
N MET I 124 -5.22 -47.24 58.69
CA MET I 124 -6.15 -48.36 58.58
C MET I 124 -5.41 -49.64 58.18
N VAL I 125 -4.51 -49.54 57.19
CA VAL I 125 -3.78 -50.72 56.73
C VAL I 125 -2.85 -51.24 57.82
N ARG I 126 -2.18 -50.33 58.53
CA ARG I 126 -1.29 -50.74 59.61
C ARG I 126 -2.05 -51.46 60.71
N ARG I 127 -3.25 -50.98 61.04
CA ARG I 127 -4.04 -51.67 62.05
C ARG I 127 -4.55 -53.01 61.55
N TYR I 128 -4.95 -53.09 60.29
CA TYR I 128 -5.57 -54.31 59.79
C TYR I 128 -4.56 -55.41 59.50
N GLU I 129 -3.29 -55.06 59.27
CA GLU I 129 -2.30 -56.07 58.89
C GLU I 129 -2.11 -57.16 59.93
N PRO I 130 -1.88 -56.86 61.22
CA PRO I 130 -1.71 -57.96 62.18
C PRO I 130 -3.00 -58.73 62.44
N LEU I 131 -4.16 -58.12 62.22
CA LEU I 131 -5.41 -58.80 62.52
C LEU I 131 -5.70 -59.91 61.51
N VAL I 132 -5.40 -59.68 60.24
CA VAL I 132 -5.69 -60.68 59.22
C VAL I 132 -4.83 -61.93 59.42
N LYS I 133 -3.68 -61.78 60.07
CA LYS I 133 -2.82 -62.93 60.33
C LYS I 133 -3.42 -63.86 61.40
N ILE I 134 -4.32 -63.36 62.23
CA ILE I 134 -4.98 -64.16 63.25
C ILE I 134 -6.46 -64.31 62.95
N ASP I 135 -6.88 -63.98 61.73
CA ASP I 135 -8.28 -64.10 61.24
C ASP I 135 -9.23 -63.11 61.89
N ALA I 136 -8.68 -62.17 62.64
CA ALA I 136 -9.52 -61.21 63.33
C ALA I 136 -10.37 -60.37 62.38
N VAL I 137 -9.92 -60.16 61.15
CA VAL I 137 -10.69 -59.48 60.13
C VAL I 137 -10.70 -60.33 58.87
N SER I 138 -11.72 -60.13 58.04
CA SER I 138 -11.83 -60.89 56.81
C SER I 138 -10.74 -60.48 55.82
N GLN I 139 -10.34 -61.44 54.99
CA GLN I 139 -9.39 -61.13 53.93
C GLN I 139 -9.94 -60.09 52.98
N GLN I 140 -11.26 -60.11 52.76
CA GLN I 140 -11.87 -59.12 51.88
C GLN I 140 -11.73 -57.71 52.44
N ASP I 141 -11.91 -57.55 53.75
CA ASP I 141 -11.75 -56.24 54.36
C ASP I 141 -10.32 -55.74 54.24
N PHE I 142 -9.34 -56.63 54.45
CA PHE I 142 -7.94 -56.25 54.31
C PHE I 142 -7.62 -55.85 52.88
N ASP I 143 -8.16 -56.59 51.91
CA ASP I 143 -7.94 -56.24 50.51
C ASP I 143 -8.59 -54.90 50.17
N ASN I 144 -9.78 -54.64 50.72
CA ASN I 144 -10.41 -53.34 50.51
C ASN I 144 -9.56 -52.22 51.10
N ALA I 145 -9.00 -52.44 52.28
CA ALA I 145 -8.14 -51.44 52.90
C ALA I 145 -6.89 -51.20 52.07
N MET I 146 -6.29 -52.26 51.54
CA MET I 146 -5.11 -52.11 50.70
C MET I 146 -5.43 -51.37 49.41
N ALA I 147 -6.58 -51.68 48.81
CA ALA I 147 -7.00 -50.94 47.61
C ALA I 147 -7.22 -49.47 47.92
N ALA I 148 -7.81 -49.17 49.08
CA ALA I 148 -7.99 -47.78 49.48
C ALA I 148 -6.64 -47.09 49.67
N LEU I 149 -5.67 -47.79 50.25
CA LEU I 149 -4.33 -47.22 50.43
C LEU I 149 -3.67 -46.93 49.09
N GLN I 150 -3.78 -47.86 48.15
CA GLN I 150 -3.20 -47.63 46.82
C GLN I 150 -3.89 -46.46 46.13
N SER I 151 -5.21 -46.37 46.25
CA SER I 151 -5.95 -45.25 45.68
C SER I 151 -5.50 -43.94 46.29
N ALA I 152 -5.29 -43.92 47.61
CA ALA I 152 -4.82 -42.71 48.28
C ALA I 152 -3.43 -42.31 47.82
N GLN I 153 -2.54 -43.29 47.63
CA GLN I 153 -1.21 -42.98 47.10
C GLN I 153 -1.29 -42.38 45.71
N ALA I 154 -2.14 -42.95 44.85
CA ALA I 154 -2.32 -42.40 43.51
C ALA I 154 -2.88 -40.98 43.56
N ASP I 155 -3.85 -40.75 44.45
CA ASP I 155 -4.42 -39.41 44.60
C ASP I 155 -3.36 -38.42 45.08
N LYS I 156 -2.49 -38.84 46.00
CA LYS I 156 -1.42 -37.96 46.46
C LYS I 156 -0.48 -37.62 45.31
N ARG I 157 -0.15 -38.60 44.48
CA ARG I 157 0.72 -38.33 43.34
C ARG I 157 0.06 -37.37 42.37
N SER I 158 -1.24 -37.53 42.12
CA SER I 158 -1.95 -36.61 41.24
C SER I 158 -1.97 -35.19 41.82
N ALA I 159 -2.20 -35.08 43.13
CA ALA I 159 -2.19 -33.77 43.76
C ALA I 159 -0.82 -33.12 43.70
N GLN I 160 0.23 -33.91 43.88
CA GLN I 160 1.59 -33.37 43.74
C GLN I 160 1.85 -32.90 42.32
N ALA I 161 1.35 -33.63 41.33
CA ALA I 161 1.48 -33.19 39.95
C ALA I 161 0.76 -31.86 39.73
N ASN I 162 -0.44 -31.72 40.29
CA ASN I 162 -1.16 -30.44 40.19
C ASN I 162 -0.38 -29.32 40.86
N VAL I 163 0.20 -29.60 42.02
CA VAL I 163 0.98 -28.59 42.74
C VAL I 163 2.19 -28.17 41.92
N GLU I 164 2.87 -29.12 41.29
CA GLU I 164 4.03 -28.79 40.47
C GLU I 164 3.62 -27.99 39.24
N THR I 165 2.48 -28.31 38.64
CA THR I 165 1.98 -27.53 37.51
C THR I 165 1.71 -26.09 37.93
N ALA I 166 1.05 -25.91 39.07
CA ALA I 166 0.78 -24.57 39.57
C ALA I 166 2.08 -23.83 39.91
N ARG I 167 3.05 -24.53 40.48
CA ARG I 167 4.32 -23.89 40.84
C ARG I 167 5.08 -23.44 39.60
N LEU I 168 5.09 -24.27 38.55
CA LEU I 168 5.77 -23.85 37.32
C LEU I 168 5.03 -22.68 36.67
N ASP I 169 3.69 -22.70 36.74
CA ASP I 169 2.92 -21.57 36.23
C ASP I 169 3.29 -20.30 36.97
N LEU I 170 3.42 -20.38 38.29
CA LEU I 170 3.83 -19.21 39.07
C LEU I 170 5.25 -18.78 38.72
N GLY I 171 6.16 -19.74 38.56
CA GLY I 171 7.53 -19.38 38.22
C GLY I 171 7.65 -18.77 36.84
N TYR I 172 6.63 -18.99 36.00
CA TYR I 172 6.55 -18.34 34.70
C TYR I 172 6.20 -16.86 34.84
N ALA I 173 6.14 -16.36 36.07
CA ALA I 173 5.95 -14.94 36.33
C ALA I 173 7.23 -14.23 36.75
N GLU I 174 8.20 -14.95 37.31
CA GLU I 174 9.56 -14.44 37.49
C GLU I 174 10.29 -14.66 36.17
N VAL I 175 10.31 -13.64 35.33
CA VAL I 175 10.83 -13.77 33.97
C VAL I 175 12.35 -13.90 34.06
N ARG I 176 12.86 -15.10 33.86
CA ARG I 176 14.28 -15.37 33.96
C ARG I 176 14.90 -15.46 32.57
N ALA I 177 16.17 -15.12 32.49
CA ALA I 177 16.89 -15.14 31.23
C ALA I 177 17.12 -16.58 30.79
N PRO I 178 16.63 -17.00 29.61
CA PRO I 178 16.85 -18.38 29.19
C PRO I 178 18.29 -18.68 28.80
N ILE I 179 19.04 -17.71 28.30
CA ILE I 179 20.43 -17.91 27.91
C ILE I 179 21.27 -16.76 28.45
N ALA I 180 22.56 -16.99 28.54
CA ALA I 180 23.49 -15.95 28.95
C ALA I 180 23.88 -15.10 27.76
N GLY I 181 24.06 -13.81 28.00
CA GLY I 181 24.44 -12.88 26.95
C GLY I 181 24.13 -11.46 27.35
N ARG I 182 24.24 -10.57 26.37
CA ARG I 182 23.98 -9.15 26.57
C ARG I 182 22.50 -8.86 26.32
N ILE I 183 21.86 -8.21 27.28
CA ILE I 183 20.46 -7.84 27.17
C ILE I 183 20.36 -6.44 26.62
N GLY I 184 19.38 -6.21 25.76
CA GLY I 184 19.19 -4.91 25.14
C GLY I 184 18.22 -4.04 25.91
N ARG I 185 17.66 -3.07 25.21
CA ARG I 185 16.70 -2.15 25.80
C ARG I 185 15.41 -2.89 26.15
N ALA I 186 14.84 -2.54 27.29
CA ALA I 186 13.56 -3.12 27.70
C ALA I 186 12.44 -2.52 26.87
N GLN I 187 11.67 -3.39 26.21
CA GLN I 187 10.57 -2.94 25.37
C GLN I 187 9.37 -2.44 26.14
N VAL I 188 9.28 -2.76 27.43
CA VAL I 188 8.21 -2.27 28.29
C VAL I 188 8.84 -1.69 29.55
N THR I 189 8.09 -0.82 30.21
CA THR I 189 8.52 -0.18 31.44
C THR I 189 7.73 -0.72 32.62
N GLU I 190 8.16 -0.35 33.82
CA GLU I 190 7.46 -0.76 35.03
C GLU I 190 6.06 -0.15 35.05
N GLY I 191 5.09 -0.96 35.48
CA GLY I 191 3.71 -0.55 35.49
C GLY I 191 2.95 -0.85 34.21
N ALA I 192 3.62 -1.33 33.17
CA ALA I 192 2.93 -1.67 31.93
C ALA I 192 2.28 -3.04 32.03
N LEU I 193 1.14 -3.19 31.39
CA LEU I 193 0.43 -4.46 31.37
C LEU I 193 0.93 -5.32 30.23
N VAL I 194 1.44 -6.51 30.56
CA VAL I 194 2.04 -7.40 29.58
C VAL I 194 1.36 -8.76 29.67
N GLY I 195 1.51 -9.54 28.61
CA GLY I 195 0.97 -10.89 28.58
C GLY I 195 -0.50 -11.00 28.30
N GLN I 196 -1.17 -9.88 28.01
CA GLN I 196 -2.60 -9.90 27.71
C GLN I 196 -2.80 -10.16 26.22
N GLY I 197 -3.37 -11.31 25.88
CA GLY I 197 -3.60 -11.66 24.50
C GLY I 197 -2.40 -12.31 23.85
N GLU I 198 -1.36 -11.53 23.59
CA GLU I 198 -0.16 -12.01 22.93
C GLU I 198 1.03 -11.97 23.88
N ALA I 199 2.08 -12.71 23.53
CA ALA I 199 3.31 -12.70 24.31
C ALA I 199 4.06 -11.39 24.10
N THR I 200 3.88 -10.45 25.01
CA THR I 200 4.52 -9.14 24.87
C THR I 200 6.04 -9.28 24.94
N LEU I 201 6.72 -8.75 23.94
CA LEU I 201 8.18 -8.78 23.92
C LEU I 201 8.71 -7.90 25.04
N LEU I 202 9.46 -8.50 25.96
CA LEU I 202 10.05 -7.77 27.06
C LEU I 202 11.47 -7.31 26.79
N ALA I 203 12.30 -8.19 26.23
CA ALA I 203 13.69 -7.84 25.98
C ALA I 203 14.28 -8.79 24.94
N ARG I 204 15.52 -8.54 24.58
CA ARG I 204 16.28 -9.40 23.67
C ARG I 204 17.67 -9.64 24.24
N ILE I 205 18.09 -10.90 24.23
CA ILE I 205 19.42 -11.29 24.70
C ILE I 205 20.16 -11.93 23.55
N GLN I 206 21.39 -11.49 23.32
CA GLN I 206 22.19 -11.93 22.19
C GLN I 206 23.54 -12.46 22.65
N GLN I 207 24.01 -13.49 21.98
CA GLN I 207 25.33 -14.08 22.24
C GLN I 207 26.29 -13.56 21.18
N LEU I 208 27.33 -12.85 21.62
CA LEU I 208 28.22 -12.14 20.72
C LEU I 208 29.48 -12.91 20.34
N ASP I 209 29.67 -14.11 20.86
CA ASP I 209 30.87 -14.87 20.51
C ASP I 209 30.58 -16.36 20.52
N PRO I 210 30.73 -17.03 19.37
CA PRO I 210 31.14 -16.50 18.07
C PRO I 210 29.97 -15.83 17.36
N VAL I 211 30.12 -15.47 16.09
CA VAL I 211 29.03 -14.92 15.31
C VAL I 211 28.96 -15.67 13.99
N TYR I 212 27.82 -15.57 13.32
CA TYR I 212 27.68 -16.11 11.98
C TYR I 212 27.64 -14.95 10.99
N ALA I 213 28.21 -15.18 9.82
CA ALA I 213 28.08 -14.28 8.70
C ALA I 213 27.19 -14.95 7.68
N ASP I 214 26.03 -14.35 7.42
CA ASP I 214 25.11 -14.82 6.39
C ASP I 214 25.32 -14.00 5.14
N PHE I 215 25.96 -14.60 4.14
CA PHE I 215 26.28 -13.91 2.90
C PHE I 215 25.58 -14.61 1.76
N THR I 216 25.65 -14.01 0.58
CA THR I 216 24.84 -14.51 -0.54
C THR I 216 25.67 -14.63 -1.81
N GLN I 217 25.45 -15.73 -2.54
CA GLN I 217 26.16 -15.99 -3.79
C GLN I 217 25.19 -16.34 -4.90
N PRO I 218 25.43 -15.85 -6.13
CA PRO I 218 24.56 -16.23 -7.25
C PRO I 218 24.54 -17.74 -7.47
N ALA I 219 23.36 -18.25 -7.82
CA ALA I 219 23.22 -19.69 -8.04
C ALA I 219 23.95 -20.14 -9.30
N ALA I 220 23.95 -19.29 -10.35
CA ALA I 220 24.65 -19.65 -11.57
C ALA I 220 26.15 -19.82 -11.33
N ASP I 221 26.73 -18.93 -10.51
CA ASP I 221 28.15 -19.05 -10.20
C ASP I 221 28.44 -20.34 -9.44
N ALA I 222 27.57 -20.69 -8.48
CA ALA I 222 27.76 -21.93 -7.75
C ALA I 222 27.64 -23.14 -8.67
N LEU I 223 26.69 -23.12 -9.60
CA LEU I 223 26.55 -24.22 -10.55
C LEU I 223 27.77 -24.33 -11.45
N ARG I 224 28.30 -23.19 -11.90
CA ARG I 224 29.51 -23.21 -12.73
C ARG I 224 30.70 -23.76 -11.96
N LEU I 225 30.85 -23.36 -10.70
CA LEU I 225 31.92 -23.89 -9.87
C LEU I 225 31.77 -25.40 -9.69
N ARG I 226 30.55 -25.85 -9.44
CA ARG I 226 30.32 -27.29 -9.27
C ARG I 226 30.61 -28.05 -10.55
N ALA I 227 30.23 -27.50 -11.69
CA ALA I 227 30.51 -28.15 -12.97
C ALA I 227 32.01 -28.23 -13.23
N ALA I 228 32.73 -27.14 -12.92
CA ALA I 228 34.17 -27.15 -13.08
C ALA I 228 34.85 -28.14 -12.15
N ILE I 229 34.31 -28.30 -10.94
CA ILE I 229 34.82 -29.33 -10.04
C ILE I 229 34.56 -30.72 -10.60
N ALA I 230 33.34 -30.96 -11.10
CA ALA I 230 33.00 -32.26 -11.66
C ALA I 230 33.84 -32.58 -12.88
N GLU I 231 34.04 -31.61 -13.76
CA GLU I 231 34.92 -31.81 -14.89
C GLU I 231 36.37 -31.96 -14.48
N GLY I 232 36.74 -31.50 -13.29
CA GLY I 232 38.10 -31.60 -12.81
C GLY I 232 38.99 -30.42 -13.12
N LYS I 233 38.44 -29.33 -13.66
CA LYS I 233 39.27 -28.18 -14.01
C LYS I 233 39.71 -27.42 -12.77
N VAL I 234 38.89 -27.42 -11.72
CA VAL I 234 39.22 -26.77 -10.46
C VAL I 234 39.01 -27.77 -9.34
N ALA I 235 39.79 -27.64 -8.28
CA ALA I 235 39.63 -28.51 -7.11
C ALA I 235 38.77 -27.82 -6.07
N GLY I 236 37.99 -28.62 -5.34
CA GLY I 236 37.15 -28.10 -4.28
C GLY I 236 37.93 -27.37 -3.20
N ALA I 237 37.49 -26.16 -2.86
CA ALA I 237 38.14 -25.35 -1.84
C ALA I 237 37.41 -25.38 -0.51
N SER I 238 36.84 -26.54 -0.15
CA SER I 238 36.07 -26.65 1.08
C SER I 238 36.91 -26.38 2.32
N ASP I 239 38.21 -26.64 2.25
CA ASP I 239 39.09 -26.53 3.41
C ASP I 239 39.71 -25.16 3.57
N GLN I 240 39.47 -24.24 2.64
CA GLN I 240 40.08 -22.93 2.74
C GLN I 240 39.22 -21.99 3.57
N PRO I 241 39.80 -21.19 4.45
CA PRO I 241 38.99 -20.34 5.34
C PRO I 241 38.43 -19.12 4.63
N LEU I 242 37.21 -18.74 5.03
CA LEU I 242 36.62 -17.52 4.55
C LEU I 242 37.27 -16.32 5.24
N SER I 243 37.29 -15.18 4.54
CA SER I 243 37.86 -13.96 5.10
C SER I 243 36.83 -12.85 5.07
N LEU I 244 36.39 -12.42 6.25
CA LEU I 244 35.40 -11.37 6.40
C LEU I 244 36.11 -10.03 6.58
N ARG I 245 35.66 -9.02 5.85
CA ARG I 245 36.16 -7.67 5.98
C ARG I 245 35.01 -6.73 6.25
N VAL I 246 35.22 -5.83 7.21
CA VAL I 246 34.27 -4.77 7.51
C VAL I 246 34.54 -3.60 6.57
N ASP I 247 33.49 -3.11 5.92
CA ASP I 247 33.65 -2.01 4.99
C ASP I 247 34.10 -0.75 5.73
N GLY I 248 35.05 -0.04 5.15
CA GLY I 248 35.54 1.20 5.72
C GLY I 248 36.58 1.04 6.81
N THR I 249 36.93 -0.19 7.18
CA THR I 249 37.93 -0.44 8.21
C THR I 249 38.92 -1.47 7.71
N ASP I 250 40.04 -1.60 8.45
CA ASP I 250 41.05 -2.60 8.17
C ASP I 250 40.87 -3.86 9.00
N ILE I 251 39.71 -4.02 9.64
CA ILE I 251 39.46 -5.16 10.51
C ILE I 251 39.14 -6.37 9.64
N GLU I 252 40.00 -7.39 9.71
CA GLU I 252 39.85 -8.62 8.95
C GLU I 252 39.73 -9.80 9.91
N ARG I 253 38.79 -10.70 9.63
CA ARG I 253 38.57 -11.85 10.49
C ARG I 253 38.51 -13.13 9.66
N LYS I 254 39.15 -14.17 10.15
CA LYS I 254 39.13 -15.47 9.48
C LYS I 254 37.97 -16.31 10.02
N GLY I 255 37.44 -17.17 9.16
CA GLY I 255 36.32 -18.01 9.55
C GLY I 255 36.27 -19.27 8.71
N THR I 256 35.28 -20.11 9.01
CA THR I 256 35.09 -21.38 8.34
C THR I 256 33.68 -21.45 7.76
N LEU I 257 33.55 -22.06 6.58
CA LEU I 257 32.25 -22.19 5.95
C LEU I 257 31.45 -23.27 6.66
N LEU I 258 30.28 -22.90 7.19
CA LEU I 258 29.44 -23.84 7.90
C LEU I 258 28.39 -24.48 7.00
N PHE I 259 27.63 -23.68 6.27
CA PHE I 259 26.47 -24.19 5.57
C PHE I 259 26.27 -23.50 4.23
N THR I 260 25.82 -24.28 3.24
CA THR I 260 25.44 -23.77 1.93
C THR I 260 24.00 -24.20 1.67
N ASP I 261 23.15 -23.24 1.31
CA ASP I 261 21.73 -23.53 1.15
C ASP I 261 21.47 -24.33 -0.11
N ILE I 262 20.45 -25.20 -0.05
CA ILE I 262 20.01 -25.96 -1.22
C ILE I 262 18.93 -25.21 -1.98
N SER I 263 18.22 -24.29 -1.34
CA SER I 263 17.11 -23.57 -1.97
C SER I 263 17.58 -22.26 -2.55
N VAL I 264 16.94 -21.84 -3.64
CA VAL I 264 17.26 -20.61 -4.34
C VAL I 264 16.19 -19.57 -3.99
N ASP I 265 16.63 -18.37 -3.61
CA ASP I 265 15.70 -17.30 -3.30
C ASP I 265 14.93 -16.92 -4.56
N ARG I 266 13.60 -16.97 -4.48
CA ARG I 266 12.76 -16.77 -5.65
C ARG I 266 12.84 -15.35 -6.19
N SER I 267 12.92 -14.35 -5.29
CA SER I 267 12.86 -12.96 -5.73
C SER I 267 14.14 -12.50 -6.40
N THR I 268 15.27 -13.15 -6.12
CA THR I 268 16.55 -12.69 -6.65
C THR I 268 17.39 -13.78 -7.31
N GLY I 269 17.12 -15.06 -7.02
CA GLY I 269 17.84 -16.12 -7.69
C GLY I 269 19.23 -16.40 -7.17
N GLN I 270 19.49 -16.16 -5.89
CA GLN I 270 20.79 -16.40 -5.30
C GLN I 270 20.65 -17.24 -4.03
N ILE I 271 21.67 -18.05 -3.76
CA ILE I 271 21.67 -18.95 -2.61
C ILE I 271 22.37 -18.27 -1.44
N ALA I 272 21.91 -18.62 -0.24
CA ALA I 272 22.48 -18.08 0.98
C ALA I 272 23.50 -19.06 1.56
N LEU I 273 24.57 -18.51 2.13
CA LEU I 273 25.60 -19.31 2.78
C LEU I 273 25.88 -18.72 4.15
N ARG I 274 26.27 -19.59 5.08
CA ARG I 274 26.53 -19.18 6.45
C ARG I 274 27.92 -19.64 6.86
N GLY I 275 28.75 -18.71 7.30
CA GLY I 275 30.05 -19.01 7.85
C GLY I 275 30.10 -18.60 9.31
N GLN I 276 31.09 -19.11 10.03
CA GLN I 276 31.26 -18.79 11.45
C GLN I 276 32.56 -18.05 11.66
N PHE I 277 32.49 -16.95 12.41
CA PHE I 277 33.65 -16.12 12.69
C PHE I 277 33.77 -15.87 14.19
N ASP I 278 34.98 -16.05 14.71
CA ASP I 278 35.26 -15.74 16.10
C ASP I 278 35.23 -14.23 16.32
N ASN I 279 34.61 -13.81 17.42
CA ASN I 279 34.51 -12.40 17.78
C ASN I 279 34.87 -12.21 19.24
N PRO I 280 36.16 -12.36 19.58
CA PRO I 280 36.55 -12.25 21.00
C PRO I 280 36.47 -10.82 21.53
N GLU I 281 36.82 -9.83 20.70
CA GLU I 281 36.82 -8.44 21.15
C GLU I 281 35.46 -7.78 21.05
N GLY I 282 34.47 -8.45 20.50
CA GLY I 282 33.16 -7.83 20.32
C GLY I 282 33.11 -6.78 19.24
N VAL I 283 34.09 -6.77 18.33
CA VAL I 283 34.11 -5.76 17.28
C VAL I 283 32.98 -5.96 16.29
N LEU I 284 32.72 -7.20 15.89
CA LEU I 284 31.65 -7.48 14.94
C LEU I 284 30.31 -7.40 15.66
N LEU I 285 29.50 -6.42 15.27
CA LEU I 285 28.17 -6.20 15.83
C LEU I 285 27.11 -6.79 14.92
N PRO I 286 26.05 -7.36 15.49
CA PRO I 286 24.99 -7.95 14.67
C PRO I 286 24.33 -6.92 13.75
N GLY I 287 24.03 -7.35 12.54
CA GLY I 287 23.39 -6.50 11.55
C GLY I 287 24.34 -5.68 10.71
N MET I 288 25.64 -5.72 11.00
CA MET I 288 26.60 -4.95 10.20
C MET I 288 26.76 -5.55 8.82
N TYR I 289 26.80 -4.69 7.81
CA TYR I 289 27.05 -5.11 6.45
C TYR I 289 28.53 -5.45 6.29
N VAL I 290 28.83 -6.68 5.87
CA VAL I 290 30.20 -7.16 5.76
C VAL I 290 30.40 -7.78 4.39
N ARG I 291 31.64 -7.79 3.92
CA ARG I 291 31.90 -8.44 2.63
C ARG I 291 32.80 -9.64 2.88
N VAL I 292 32.34 -10.82 2.54
CA VAL I 292 32.97 -12.11 2.80
C VAL I 292 33.66 -12.57 1.53
N ARG I 293 34.99 -12.64 1.57
CA ARG I 293 35.75 -13.23 0.48
C ARG I 293 35.79 -14.74 0.69
N THR I 294 35.24 -15.47 -0.26
CA THR I 294 35.15 -16.91 -0.22
C THR I 294 35.94 -17.51 -1.37
N PRO I 295 36.70 -18.58 -1.13
CA PRO I 295 37.51 -19.17 -2.20
C PRO I 295 36.63 -19.93 -3.19
N GLN I 296 36.85 -19.67 -4.48
CA GLN I 296 36.10 -20.31 -5.55
C GLN I 296 36.87 -21.47 -6.18
N GLY I 297 37.73 -22.14 -5.41
CA GLY I 297 38.48 -23.27 -5.92
C GLY I 297 39.91 -22.90 -6.24
N LEU I 298 40.77 -23.93 -6.24
CA LEU I 298 42.19 -23.79 -6.52
C LEU I 298 42.50 -24.50 -7.83
N ASN I 299 43.05 -23.76 -8.79
CA ASN I 299 43.57 -24.37 -10.02
C ASN I 299 45.10 -24.37 -9.95
N GLN I 300 45.68 -25.56 -10.11
CA GLN I 300 47.12 -25.71 -9.92
C GLN I 300 47.91 -25.17 -11.10
N ASN I 301 47.25 -24.87 -12.22
CA ASN I 301 47.96 -24.51 -13.44
C ASN I 301 47.49 -23.17 -14.00
N ALA I 302 47.38 -22.16 -13.16
CA ALA I 302 46.95 -20.83 -13.58
C ALA I 302 48.17 -19.95 -13.86
N ILE I 303 47.98 -18.95 -14.71
CA ILE I 303 49.05 -18.04 -15.09
C ILE I 303 48.60 -16.61 -14.83
N LEU I 304 49.51 -15.79 -14.31
CA LEU I 304 49.23 -14.43 -13.89
C LEU I 304 50.19 -13.49 -14.60
N VAL I 305 49.64 -12.43 -15.20
CA VAL I 305 50.44 -11.43 -15.92
C VAL I 305 50.08 -10.06 -15.38
N PRO I 306 51.06 -9.20 -15.06
CA PRO I 306 50.72 -7.91 -14.45
C PRO I 306 49.77 -7.09 -15.31
N GLN I 307 48.88 -6.35 -14.63
CA GLN I 307 47.79 -5.67 -15.33
C GLN I 307 48.32 -4.67 -16.35
N ARG I 308 49.48 -4.07 -16.09
CA ARG I 308 50.05 -3.10 -17.02
C ARG I 308 50.41 -3.73 -18.37
N ALA I 309 50.59 -5.05 -18.41
CA ALA I 309 50.96 -5.74 -19.63
C ALA I 309 49.77 -6.13 -20.50
N VAL I 310 48.54 -5.90 -20.03
CA VAL I 310 47.35 -6.27 -20.77
C VAL I 310 46.66 -5.01 -21.27
N GLN I 311 46.54 -4.89 -22.59
CA GLN I 311 45.78 -3.81 -23.20
C GLN I 311 44.36 -4.28 -23.45
N ARG I 312 43.44 -3.32 -23.59
CA ARG I 312 42.05 -3.61 -23.93
C ARG I 312 41.64 -2.76 -25.12
N SER I 313 41.13 -3.41 -26.15
CA SER I 313 40.71 -2.71 -27.35
C SER I 313 39.34 -2.06 -27.14
N ALA I 314 38.89 -1.34 -28.16
CA ALA I 314 37.61 -0.63 -28.07
C ALA I 314 36.43 -1.58 -27.96
N ASP I 315 36.57 -2.83 -28.41
CA ASP I 315 35.49 -3.81 -28.36
C ASP I 315 35.46 -4.57 -27.05
N GLY I 316 36.36 -4.29 -26.11
CA GLY I 316 36.44 -5.01 -24.86
C GLY I 316 37.31 -6.25 -24.91
N GLN I 317 37.80 -6.64 -26.07
CA GLN I 317 38.69 -7.79 -26.15
C GLN I 317 40.08 -7.42 -25.64
N ALA I 318 40.56 -8.17 -24.65
CA ALA I 318 41.86 -7.93 -24.06
C ALA I 318 42.95 -8.62 -24.87
N SER I 319 44.12 -8.01 -24.90
CA SER I 319 45.25 -8.54 -25.64
C SER I 319 46.53 -8.32 -24.86
N VAL I 320 47.52 -9.12 -25.19
CA VAL I 320 48.86 -8.99 -24.62
C VAL I 320 49.86 -8.96 -25.77
N MET I 321 51.02 -8.38 -25.51
CA MET I 321 52.06 -8.27 -26.51
C MET I 321 53.21 -9.22 -26.17
N LEU I 322 53.61 -9.99 -27.17
CA LEU I 322 54.53 -11.11 -27.00
C LEU I 322 55.77 -10.91 -27.85
N LEU I 323 56.88 -11.44 -27.36
CA LEU I 323 58.15 -11.43 -28.06
C LEU I 323 58.17 -12.62 -29.02
N GLY I 324 57.91 -12.36 -30.29
CA GLY I 324 57.95 -13.40 -31.30
C GLY I 324 59.37 -13.75 -31.69
N GLU I 325 59.47 -14.69 -32.63
CA GLU I 325 60.78 -15.06 -33.15
C GLU I 325 61.40 -13.87 -33.87
N GLY I 326 62.71 -13.70 -33.68
CA GLY I 326 63.38 -12.53 -34.24
C GLY I 326 63.05 -11.25 -33.51
N ASP I 327 62.55 -11.35 -32.28
CA ASP I 327 62.24 -10.19 -31.44
C ASP I 327 61.25 -9.25 -32.12
N THR I 328 60.03 -9.74 -32.33
CA THR I 328 58.94 -8.94 -32.88
C THR I 328 57.80 -8.87 -31.87
N VAL I 329 57.05 -7.77 -31.90
CA VAL I 329 55.94 -7.55 -30.98
C VAL I 329 54.67 -8.09 -31.62
N GLU I 330 54.03 -9.05 -30.96
CA GLU I 330 52.80 -9.67 -31.44
C GLU I 330 51.65 -9.33 -30.52
N VAL I 331 50.51 -8.96 -31.10
CA VAL I 331 49.29 -8.69 -30.35
C VAL I 331 48.43 -9.94 -30.36
N ARG I 332 48.32 -10.61 -29.22
CA ARG I 332 47.58 -11.85 -29.11
C ARG I 332 46.41 -11.65 -28.14
N GLN I 333 45.22 -12.05 -28.58
CA GLN I 333 44.03 -11.89 -27.75
C GLN I 333 44.03 -12.89 -26.60
N VAL I 334 43.70 -12.41 -25.41
CA VAL I 334 43.63 -13.22 -24.21
C VAL I 334 42.31 -12.92 -23.51
N THR I 335 41.85 -13.90 -22.72
CA THR I 335 40.61 -13.72 -21.92
C THR I 335 41.01 -13.45 -20.47
N THR I 336 40.75 -12.23 -19.98
CA THR I 336 41.11 -11.83 -18.64
C THR I 336 40.14 -12.44 -17.64
N GLY I 337 40.68 -13.11 -16.62
CA GLY I 337 39.86 -13.74 -15.60
C GLY I 337 39.77 -12.92 -14.33
N ALA I 338 40.19 -13.52 -13.21
CA ALA I 338 40.07 -12.87 -11.92
C ALA I 338 41.15 -11.79 -11.76
N MET I 339 40.85 -10.83 -10.89
CA MET I 339 41.76 -9.73 -10.57
C MET I 339 42.42 -9.99 -9.22
N GLN I 340 43.74 -10.08 -9.22
CA GLN I 340 44.52 -10.26 -8.00
C GLN I 340 45.56 -9.14 -7.93
N GLY I 341 45.34 -8.19 -7.03
CA GLY I 341 46.25 -7.06 -6.90
C GLY I 341 46.34 -6.26 -8.18
N SER I 342 47.49 -6.36 -8.85
CA SER I 342 47.70 -5.71 -10.14
C SER I 342 48.11 -6.70 -11.22
N ARG I 343 47.68 -7.95 -11.12
CA ARG I 343 48.02 -8.99 -12.09
C ARG I 343 46.76 -9.73 -12.51
N TRP I 344 46.46 -9.65 -13.80
CA TRP I 344 45.34 -10.37 -14.38
C TRP I 344 45.65 -11.86 -14.46
N GLN I 345 44.66 -12.69 -14.13
CA GLN I 345 44.73 -14.10 -14.45
C GLN I 345 44.39 -14.30 -15.93
N ILE I 346 45.24 -15.05 -16.63
CA ILE I 346 45.03 -15.31 -18.05
C ILE I 346 44.58 -16.75 -18.21
N SER I 347 43.30 -16.94 -18.50
CA SER I 347 42.76 -18.29 -18.65
C SER I 347 43.14 -18.93 -19.99
N GLU I 348 43.23 -18.13 -21.06
CA GLU I 348 43.50 -18.68 -22.37
C GLU I 348 44.45 -17.76 -23.12
N GLY I 349 45.20 -18.34 -24.05
CA GLY I 349 46.02 -17.56 -24.96
C GLY I 349 47.51 -17.58 -24.70
N LEU I 350 47.95 -17.86 -23.48
CA LEU I 350 49.36 -17.82 -23.14
C LEU I 350 49.80 -19.16 -22.56
N GLN I 351 51.04 -19.52 -22.83
CA GLN I 351 51.61 -20.79 -22.39
C GLN I 351 52.91 -20.53 -21.62
N ALA I 352 53.34 -21.55 -20.88
CA ALA I 352 54.59 -21.44 -20.13
C ALA I 352 55.76 -21.20 -21.06
N GLY I 353 56.61 -20.24 -20.70
CA GLY I 353 57.75 -19.87 -21.49
C GLY I 353 57.53 -18.71 -22.45
N ASP I 354 56.27 -18.29 -22.62
CA ASP I 354 55.99 -17.14 -23.46
C ASP I 354 56.61 -15.88 -22.87
N LYS I 355 57.06 -14.98 -23.74
CA LYS I 355 57.74 -13.75 -23.33
C LYS I 355 56.75 -12.60 -23.45
N VAL I 356 56.27 -12.11 -22.32
CA VAL I 356 55.29 -11.03 -22.28
C VAL I 356 56.02 -9.71 -22.07
N ILE I 357 55.66 -8.70 -22.87
CA ILE I 357 56.23 -7.36 -22.76
C ILE I 357 55.35 -6.51 -21.87
N THR I 358 55.96 -5.65 -21.05
CA THR I 358 55.24 -4.86 -20.07
C THR I 358 55.49 -3.36 -20.12
N SER I 359 56.40 -2.88 -20.97
CA SER I 359 56.83 -1.49 -20.93
C SER I 359 56.82 -0.86 -22.31
N SER I 360 56.66 0.47 -22.32
CA SER I 360 56.68 1.29 -23.54
C SER I 360 55.61 0.86 -24.54
N LEU I 361 54.48 0.39 -24.04
CA LEU I 361 53.51 -0.28 -24.91
C LEU I 361 52.87 0.70 -25.90
N ALA I 362 52.56 1.91 -25.44
CA ALA I 362 51.88 2.88 -26.30
C ALA I 362 52.77 3.37 -27.44
N ALA I 363 54.09 3.33 -27.27
CA ALA I 363 55.01 3.81 -28.30
C ALA I 363 55.50 2.69 -29.22
N ILE I 364 55.05 1.46 -29.02
CA ILE I 364 55.45 0.32 -29.84
C ILE I 364 54.27 -0.09 -30.72
N ARG I 365 54.56 -0.32 -31.99
CA ARG I 365 53.69 -0.75 -33.07
C ARG I 365 53.92 -2.22 -33.38
N PRO I 366 52.88 -2.95 -33.79
CA PRO I 366 53.07 -4.37 -34.16
C PRO I 366 54.04 -4.50 -35.32
N GLY I 367 54.87 -5.55 -35.25
CA GLY I 367 55.88 -5.79 -36.26
C GLY I 367 57.20 -5.07 -36.02
N ALA I 368 57.29 -4.25 -34.98
CA ALA I 368 58.53 -3.54 -34.70
C ALA I 368 59.53 -4.44 -34.00
N LYS I 369 60.81 -4.29 -34.37
CA LYS I 369 61.88 -5.04 -33.74
C LYS I 369 62.14 -4.49 -32.33
N VAL I 370 62.67 -5.36 -31.47
CA VAL I 370 62.86 -5.02 -30.06
C VAL I 370 64.10 -5.73 -29.53
N ILE I 371 64.65 -5.17 -28.45
CA ILE I 371 65.73 -5.79 -27.68
C ILE I 371 65.11 -6.35 -26.40
N PRO I 372 65.54 -7.52 -25.92
CA PRO I 372 65.08 -7.97 -24.60
C PRO I 372 65.95 -7.41 -23.49
N ARG I 373 65.33 -6.65 -22.58
CA ARG I 373 66.04 -6.17 -21.40
C ARG I 373 65.75 -7.07 -20.20
N MET J 1 40.16 72.01 -69.65
CA MET J 1 39.29 72.21 -68.49
C MET J 1 39.52 73.54 -67.76
N PRO J 2 40.77 73.86 -67.38
CA PRO J 2 40.98 75.06 -66.56
C PRO J 2 40.62 76.36 -67.26
N LEU J 3 40.95 76.49 -68.55
CA LEU J 3 40.63 77.71 -69.29
C LEU J 3 39.13 78.00 -69.26
N PHE J 4 38.31 76.95 -69.32
CA PHE J 4 36.87 77.11 -69.25
C PHE J 4 36.45 77.77 -67.94
N PHE J 5 37.11 77.40 -66.84
CA PHE J 5 36.81 78.02 -65.55
C PHE J 5 37.44 79.41 -65.44
N ILE J 6 38.55 79.65 -66.15
CA ILE J 6 39.10 81.00 -66.22
C ILE J 6 38.09 81.94 -66.83
N ARG J 7 37.47 81.52 -67.94
CA ARG J 7 36.47 82.36 -68.59
C ARG J 7 35.13 82.32 -67.87
N ARG J 8 34.91 81.35 -66.99
CA ARG J 8 33.67 81.21 -66.24
C ARG J 8 33.98 80.99 -64.76
N PRO J 9 34.34 82.06 -64.05
CA PRO J 9 34.68 81.90 -62.62
C PRO J 9 33.50 81.54 -61.74
N ASN J 10 32.32 82.11 -61.98
CA ASN J 10 31.17 81.84 -61.12
C ASN J 10 30.79 80.37 -61.18
N PHE J 11 31.04 79.70 -62.31
CA PHE J 11 30.79 78.27 -62.37
C PHE J 11 31.68 77.51 -61.40
N ALA J 12 32.96 77.87 -61.33
CA ALA J 12 33.86 77.25 -60.36
C ALA J 12 33.41 77.56 -58.94
N TRP J 13 32.98 78.80 -58.69
CA TRP J 13 32.48 79.15 -57.37
C TRP J 13 31.26 78.31 -57.00
N VAL J 14 30.39 78.05 -57.96
CA VAL J 14 29.19 77.27 -57.68
C VAL J 14 29.53 75.82 -57.41
N VAL J 15 30.46 75.26 -58.18
CA VAL J 15 30.90 73.88 -57.91
C VAL J 15 31.49 73.79 -56.51
N ALA J 16 32.25 74.79 -56.16
CA ALA J 16 32.79 74.90 -54.81
C ALA J 16 31.72 74.91 -53.76
N LEU J 17 30.74 75.78 -53.95
CA LEU J 17 29.68 75.89 -52.97
C LEU J 17 28.89 74.60 -52.88
N PHE J 18 28.75 73.88 -54.00
CA PHE J 18 28.11 72.57 -53.98
C PHE J 18 28.88 71.59 -53.10
N ILE J 19 30.20 71.48 -53.32
CA ILE J 19 30.97 70.51 -52.56
C ILE J 19 31.04 70.91 -51.08
N SER J 20 31.16 72.21 -50.82
CA SER J 20 31.17 72.69 -49.43
C SER J 20 29.82 72.46 -48.77
N LEU J 21 28.75 72.75 -49.50
CA LEU J 21 27.39 72.50 -48.96
C LEU J 21 27.33 71.03 -48.57
N GLY J 22 27.70 70.13 -49.49
CA GLY J 22 27.68 68.72 -49.13
C GLY J 22 28.44 68.48 -47.84
N GLY J 23 29.63 69.08 -47.72
CA GLY J 23 30.44 68.87 -46.53
C GLY J 23 29.73 69.28 -45.26
N LEU J 24 29.11 70.47 -45.27
CA LEU J 24 28.39 70.94 -44.08
C LEU J 24 27.14 70.13 -43.83
N LEU J 25 26.43 69.73 -44.88
CA LEU J 25 25.19 68.99 -44.71
C LEU J 25 25.40 67.60 -44.13
N VAL J 26 26.47 66.92 -44.49
CA VAL J 26 26.66 65.56 -43.99
C VAL J 26 27.28 65.51 -42.59
N ILE J 27 27.76 66.63 -42.06
CA ILE J 27 28.46 66.66 -40.77
C ILE J 27 27.63 66.08 -39.63
N PRO J 28 26.36 66.48 -39.42
CA PRO J 28 25.68 66.05 -38.18
C PRO J 28 25.60 64.55 -37.96
N PHE J 29 25.47 63.76 -39.02
CA PHE J 29 25.32 62.32 -38.86
C PHE J 29 26.65 61.61 -38.63
N LEU J 30 27.71 62.35 -38.32
CA LEU J 30 29.04 61.77 -38.27
C LEU J 30 29.18 60.83 -37.06
N PRO J 31 29.54 59.57 -37.26
CA PRO J 31 29.85 58.71 -36.13
C PRO J 31 31.26 58.98 -35.62
N VAL J 32 31.40 58.96 -34.29
CA VAL J 32 32.68 59.23 -33.65
C VAL J 32 33.07 57.99 -32.85
N ALA J 33 34.36 57.82 -32.61
CA ALA J 33 34.87 56.69 -31.84
C ALA J 33 36.35 56.88 -31.58
N GLN J 34 36.90 55.99 -30.77
CA GLN J 34 38.34 55.91 -30.60
C GLN J 34 38.95 55.13 -31.78
N TYR J 35 38.69 53.85 -31.83
CA TYR J 35 39.16 53.00 -32.90
C TYR J 35 37.94 52.42 -33.61
N PRO J 36 38.05 52.09 -34.89
CA PRO J 36 36.93 51.48 -35.59
C PRO J 36 36.72 50.06 -35.13
N ASN J 37 35.85 49.35 -35.83
CA ASN J 37 35.63 47.93 -35.53
C ASN J 37 36.83 47.14 -36.04
N VAL J 38 37.99 47.42 -35.44
CA VAL J 38 39.21 46.72 -35.81
C VAL J 38 39.14 45.25 -35.39
N ALA J 39 38.59 44.98 -34.23
CA ALA J 39 38.48 43.60 -33.75
C ALA J 39 37.53 42.82 -34.65
N PRO J 40 37.83 41.55 -34.93
CA PRO J 40 36.93 40.74 -35.75
C PRO J 40 35.63 40.47 -35.01
N PRO J 41 34.53 40.26 -35.73
CA PRO J 41 33.26 39.97 -35.06
C PRO J 41 33.36 38.67 -34.27
N GLN J 42 32.72 38.67 -33.10
CA GLN J 42 32.74 37.51 -32.21
C GLN J 42 31.33 37.20 -31.75
N ILE J 43 31.03 35.91 -31.63
CA ILE J 43 29.80 35.46 -31.02
C ILE J 43 30.18 34.74 -29.73
N THR J 44 29.34 34.87 -28.71
CA THR J 44 29.65 34.24 -27.44
C THR J 44 28.42 33.48 -26.95
N VAL J 45 28.65 32.25 -26.48
CA VAL J 45 27.62 31.37 -25.96
C VAL J 45 27.89 31.16 -24.48
N THR J 46 26.89 31.41 -23.65
CA THR J 46 26.99 31.21 -22.21
C THR J 46 25.98 30.16 -21.79
N ALA J 47 26.39 29.28 -20.89
CA ALA J 47 25.51 28.27 -20.32
C ALA J 47 25.73 28.19 -18.81
N THR J 48 24.64 28.08 -18.07
CA THR J 48 24.69 28.04 -16.61
C THR J 48 24.07 26.74 -16.12
N TYR J 49 24.89 25.93 -15.43
CA TYR J 49 24.48 24.62 -14.89
C TYR J 49 24.86 24.62 -13.42
N PRO J 50 23.98 25.08 -12.53
CA PRO J 50 24.36 25.23 -11.12
C PRO J 50 24.77 23.91 -10.49
N GLY J 51 25.79 23.98 -9.64
CA GLY J 51 26.23 22.84 -8.87
C GLY J 51 27.09 21.84 -9.60
N ALA J 52 27.44 22.10 -10.86
CA ALA J 52 28.24 21.16 -11.63
C ALA J 52 29.71 21.56 -11.58
N SER J 53 30.57 20.58 -11.35
CA SER J 53 32.00 20.83 -11.35
C SER J 53 32.47 21.15 -12.76
N ALA J 54 33.67 21.73 -12.84
CA ALA J 54 34.19 22.16 -14.13
C ALA J 54 34.36 20.98 -15.08
N GLN J 55 34.83 19.84 -14.58
CA GLN J 55 35.05 18.70 -15.45
C GLN J 55 33.74 18.12 -15.97
N VAL J 56 32.78 17.88 -15.08
CA VAL J 56 31.50 17.34 -15.53
C VAL J 56 30.76 18.36 -16.37
N LEU J 57 30.91 19.64 -16.05
CA LEU J 57 30.41 20.69 -16.92
C LEU J 57 31.03 20.56 -18.31
N THR J 58 32.31 20.20 -18.35
CA THR J 58 33.04 20.08 -19.64
C THR J 58 32.55 18.88 -20.44
N ASP J 59 32.33 17.74 -19.79
CA ASP J 59 31.95 16.54 -20.52
C ASP J 59 30.48 16.53 -20.88
N SER J 60 29.61 17.07 -20.03
CA SER J 60 28.17 16.91 -20.20
C SER J 60 27.48 18.06 -20.91
N VAL J 61 28.05 19.26 -20.93
CA VAL J 61 27.34 20.39 -21.54
C VAL J 61 28.16 21.05 -22.64
N THR J 62 29.33 21.60 -22.31
CA THR J 62 30.04 22.38 -23.30
C THR J 62 30.60 21.51 -24.42
N SER J 63 31.03 20.28 -24.11
CA SER J 63 31.51 19.41 -25.18
C SER J 63 30.41 19.11 -26.17
N VAL J 64 29.17 19.00 -25.67
CA VAL J 64 28.02 18.76 -26.55
C VAL J 64 27.84 19.93 -27.53
N ILE J 65 27.94 21.15 -27.04
CA ILE J 65 27.80 22.33 -27.91
C ILE J 65 29.02 22.47 -28.82
N GLU J 66 30.20 22.14 -28.30
CA GLU J 66 31.43 22.22 -29.08
C GLU J 66 31.35 21.29 -30.29
N GLU J 67 30.79 20.10 -30.10
CA GLU J 67 30.65 19.17 -31.21
C GLU J 67 29.77 19.76 -32.31
N GLU J 68 28.72 20.50 -31.93
CA GLU J 68 27.78 21.02 -32.91
C GLU J 68 28.22 22.33 -33.55
N LEU J 69 28.99 23.16 -32.84
CA LEU J 69 29.37 24.45 -33.42
C LEU J 69 30.36 24.30 -34.57
N ASN J 70 31.00 23.14 -34.70
CA ASN J 70 31.95 22.93 -35.78
C ASN J 70 31.26 23.02 -37.13
N GLY J 71 31.93 23.65 -38.09
CA GLY J 71 31.40 23.75 -39.43
C GLY J 71 30.65 25.03 -39.75
N ALA J 72 30.65 26.00 -38.85
CA ALA J 72 30.00 27.28 -39.13
C ALA J 72 30.76 28.02 -40.23
N LYS J 73 30.04 28.86 -40.97
CA LYS J 73 30.69 29.63 -42.01
C LYS J 73 31.59 30.70 -41.40
N ASN J 74 32.78 30.85 -41.98
CA ASN J 74 33.73 31.91 -41.66
C ASN J 74 34.33 31.77 -40.27
N LEU J 75 34.50 30.55 -39.76
CA LEU J 75 35.17 30.38 -38.48
C LEU J 75 36.64 30.73 -38.59
N LEU J 76 37.11 31.62 -37.71
CA LEU J 76 38.54 31.78 -37.49
C LEU J 76 39.01 30.83 -36.39
N TYR J 77 38.28 30.80 -35.27
CA TYR J 77 38.56 29.82 -34.22
C TYR J 77 37.44 29.86 -33.20
N PHE J 78 37.52 28.96 -32.23
CA PHE J 78 36.62 28.98 -31.08
C PHE J 78 37.37 28.50 -29.83
N GLU J 79 37.16 29.23 -28.73
CA GLU J 79 37.78 28.93 -27.45
C GLU J 79 36.69 28.69 -26.41
N SER J 80 36.81 27.58 -25.68
CA SER J 80 35.80 27.21 -24.70
C SER J 80 36.43 27.06 -23.32
N THR J 81 35.78 27.66 -22.33
CA THR J 81 36.21 27.60 -20.95
C THR J 81 35.07 27.12 -20.09
N SER J 82 35.31 26.07 -19.29
CA SER J 82 34.34 25.55 -18.35
C SER J 82 34.84 25.85 -16.94
N ASN J 83 34.00 26.51 -16.14
CA ASN J 83 34.39 26.90 -14.79
C ASN J 83 33.68 26.02 -13.76
N ALA J 84 34.26 25.97 -12.56
CA ALA J 84 33.70 25.15 -11.50
C ALA J 84 32.38 25.69 -10.97
N ASN J 85 32.07 26.96 -11.20
CA ASN J 85 30.81 27.53 -10.76
C ASN J 85 29.64 27.11 -11.63
N GLY J 86 29.87 26.23 -12.61
CA GLY J 86 28.81 25.79 -13.49
C GLY J 86 28.59 26.64 -14.71
N ILE J 87 29.54 27.48 -15.09
CA ILE J 87 29.39 28.40 -16.21
C ILE J 87 30.31 27.95 -17.34
N ALA J 88 29.73 27.82 -18.54
CA ALA J 88 30.47 27.50 -19.75
C ALA J 88 30.45 28.71 -20.67
N GLU J 89 31.62 29.13 -21.13
CA GLU J 89 31.79 30.27 -22.02
C GLU J 89 32.47 29.81 -23.28
N ILE J 90 31.82 29.99 -24.43
CA ILE J 90 32.39 29.63 -25.72
C ILE J 90 32.42 30.87 -26.59
N THR J 91 33.62 31.28 -27.01
CA THR J 91 33.80 32.44 -27.87
C THR J 91 34.21 31.95 -29.25
N VAL J 92 33.40 32.28 -30.25
CA VAL J 92 33.66 31.93 -31.64
C VAL J 92 34.04 33.21 -32.37
N THR J 93 35.25 33.24 -32.91
CA THR J 93 35.76 34.38 -33.65
C THR J 93 35.77 34.07 -35.14
N PHE J 94 35.22 34.99 -35.93
CA PHE J 94 35.07 34.87 -37.37
C PHE J 94 36.04 35.80 -38.09
N GLN J 95 35.97 35.76 -39.42
CA GLN J 95 36.77 36.68 -40.22
C GLN J 95 36.18 38.10 -40.12
N PRO J 96 37.00 39.13 -40.18
CA PRO J 96 36.47 40.49 -40.27
C PRO J 96 35.69 40.68 -41.56
N GLY J 97 34.66 41.52 -41.50
CA GLY J 97 33.83 41.80 -42.65
C GLY J 97 32.59 40.94 -42.78
N THR J 98 32.50 39.84 -42.02
CA THR J 98 31.29 39.04 -42.03
C THR J 98 30.17 39.77 -41.30
N ASP J 99 28.97 39.68 -41.89
CA ASP J 99 27.76 40.32 -41.30
C ASP J 99 27.46 39.65 -39.94
N PRO J 100 27.49 40.37 -38.78
CA PRO J 100 27.29 39.71 -37.49
C PRO J 100 25.95 39.02 -37.35
N GLU J 101 24.89 39.58 -37.94
CA GLU J 101 23.56 38.99 -37.78
C GLU J 101 23.53 37.61 -38.38
N LEU J 102 24.16 37.41 -39.54
CA LEU J 102 24.07 36.07 -40.13
C LEU J 102 24.89 35.08 -39.33
N ALA J 103 26.01 35.52 -38.76
CA ALA J 103 26.82 34.62 -37.95
C ALA J 103 26.08 34.17 -36.70
N GLN J 104 25.46 35.12 -35.99
CA GLN J 104 24.67 34.77 -34.81
C GLN J 104 23.52 33.85 -35.20
N VAL J 105 22.94 34.11 -36.37
CA VAL J 105 21.89 33.27 -36.91
C VAL J 105 22.36 31.82 -37.07
N ASP J 106 23.53 31.63 -37.70
CA ASP J 106 24.03 30.28 -37.91
C ASP J 106 24.35 29.61 -36.58
N VAL J 107 24.91 30.37 -35.65
CA VAL J 107 25.25 29.82 -34.34
C VAL J 107 24.00 29.30 -33.63
N GLN J 108 22.92 30.08 -33.66
CA GLN J 108 21.70 29.63 -33.00
C GLN J 108 21.06 28.48 -33.76
N ASN J 109 21.18 28.48 -35.10
CA ASN J 109 20.68 27.36 -35.89
C ASN J 109 21.35 26.06 -35.47
N ARG J 110 22.65 26.10 -35.17
CA ARG J 110 23.32 24.90 -34.68
C ARG J 110 23.00 24.61 -33.21
N LEU J 111 22.80 25.67 -32.42
CA LEU J 111 22.45 25.46 -31.01
C LEU J 111 21.12 24.74 -30.86
N LYS J 112 20.20 24.97 -31.80
CA LYS J 112 18.93 24.25 -31.76
C LYS J 112 19.14 22.75 -31.95
N LYS J 113 20.03 22.36 -32.87
CA LYS J 113 20.39 20.95 -32.98
C LYS J 113 21.02 20.45 -31.69
N ALA J 114 21.87 21.26 -31.09
CA ALA J 114 22.47 20.88 -29.81
C ALA J 114 21.40 20.62 -28.75
N GLU J 115 20.31 21.39 -28.77
CA GLU J 115 19.41 21.52 -27.62
C GLU J 115 18.96 20.16 -27.08
N ALA J 116 18.80 19.17 -27.94
CA ALA J 116 18.18 17.91 -27.52
C ALA J 116 18.97 17.15 -26.46
N ARG J 117 20.25 17.45 -26.25
CA ARG J 117 21.10 16.59 -25.44
C ARG J 117 21.44 17.11 -24.04
N MET J 118 21.13 18.36 -23.71
CA MET J 118 21.54 18.87 -22.40
C MET J 118 20.64 18.38 -21.29
N PRO J 119 21.12 18.48 -20.06
CA PRO J 119 20.28 18.18 -18.90
C PRO J 119 19.10 19.14 -18.79
N GLN J 120 18.04 18.67 -18.12
CA GLN J 120 16.83 19.47 -17.99
C GLN J 120 17.07 20.74 -17.18
N ALA J 121 18.03 20.72 -16.25
CA ALA J 121 18.27 21.89 -15.42
C ALA J 121 18.80 23.07 -16.24
N VAL J 122 19.84 22.84 -17.06
CA VAL J 122 20.38 23.92 -17.87
C VAL J 122 19.36 24.38 -18.90
N LEU J 123 18.51 23.48 -19.38
CA LEU J 123 17.50 23.85 -20.36
C LEU J 123 16.42 24.71 -19.71
N THR J 124 16.05 24.40 -18.47
CA THR J 124 15.15 25.25 -17.71
C THR J 124 15.81 26.60 -17.42
N LEU J 125 17.14 26.62 -17.31
CA LEU J 125 17.83 27.88 -17.13
C LEU J 125 18.09 28.61 -18.44
N GLY J 126 18.24 27.87 -19.54
CA GLY J 126 18.43 28.49 -20.84
C GLY J 126 19.88 28.75 -21.20
N ILE J 127 20.18 28.75 -22.50
CA ILE J 127 21.53 28.97 -23.00
C ILE J 127 21.52 30.22 -23.87
N GLN J 128 22.41 31.17 -23.58
CA GLN J 128 22.36 32.48 -24.19
C GLN J 128 23.41 32.61 -25.28
N THR J 129 23.02 33.24 -26.39
CA THR J 129 23.95 33.59 -27.47
C THR J 129 23.89 35.10 -27.67
N GLU J 130 25.05 35.74 -27.67
CA GLU J 130 25.10 37.19 -27.82
C GLU J 130 26.25 37.62 -28.71
N GLN J 131 26.05 38.76 -29.37
CA GLN J 131 27.09 39.42 -30.14
C GLN J 131 28.10 40.03 -29.18
N ALA J 132 29.36 39.63 -29.28
CA ALA J 132 30.38 40.06 -28.35
C ALA J 132 31.10 41.27 -28.90
N THR J 133 30.78 42.45 -28.37
CA THR J 133 31.58 43.66 -28.58
C THR J 133 32.51 43.78 -27.39
N ALA J 134 33.62 43.04 -27.43
CA ALA J 134 34.52 42.93 -26.29
C ALA J 134 35.02 44.31 -25.90
N GLY J 135 34.79 44.69 -24.65
CA GLY J 135 35.07 46.03 -24.18
C GLY J 135 33.80 46.78 -23.80
N PHE J 136 33.81 47.41 -22.63
CA PHE J 136 32.63 48.09 -22.13
C PHE J 136 32.73 49.57 -22.47
N LEU J 137 31.66 50.12 -23.08
CA LEU J 137 31.65 51.55 -23.36
C LEU J 137 31.73 52.36 -22.07
N LEU J 138 30.94 51.96 -21.07
CA LEU J 138 30.97 52.61 -19.76
C LEU J 138 30.44 51.63 -18.74
N ILE J 139 30.64 51.97 -17.47
CA ILE J 139 30.07 51.22 -16.36
C ILE J 139 29.37 52.21 -15.45
N TYR J 140 28.08 52.02 -15.23
CA TYR J 140 27.35 52.83 -14.28
C TYR J 140 27.16 52.07 -12.98
N SER J 141 27.41 52.77 -11.87
CA SER J 141 27.39 52.17 -10.55
C SER J 141 26.42 52.93 -9.66
N LEU J 142 25.55 52.18 -8.99
CA LEU J 142 24.66 52.72 -7.97
C LEU J 142 25.20 52.31 -6.60
N ARG J 143 25.13 53.23 -5.64
CA ARG J 143 25.63 53.00 -4.31
C ARG J 143 24.79 53.80 -3.33
N TYR J 144 24.97 53.51 -2.04
CA TYR J 144 24.34 54.32 -1.00
C TYR J 144 25.25 55.47 -0.61
N LYS J 145 24.65 56.65 -0.45
CA LYS J 145 25.44 57.86 -0.22
C LYS J 145 26.22 57.78 1.08
N ASP J 146 25.64 57.17 2.11
CA ASP J 146 26.24 57.16 3.44
C ASP J 146 27.34 56.11 3.60
N GLY J 147 27.50 55.21 2.62
CA GLY J 147 28.54 54.19 2.71
C GLY J 147 28.37 53.26 3.90
N ASP J 148 27.14 52.83 4.16
CA ASP J 148 26.88 51.97 5.32
C ASP J 148 27.59 50.63 5.16
N LYS J 149 28.20 50.17 6.25
CA LYS J 149 28.82 48.85 6.25
C LYS J 149 27.79 47.74 6.12
N ASN J 150 26.55 47.99 6.53
CA ASN J 150 25.46 47.04 6.39
C ASN J 150 24.66 47.27 5.11
N ALA J 151 25.29 47.83 4.07
CA ALA J 151 24.61 48.12 2.82
C ALA J 151 24.03 46.85 2.21
N ASN J 152 22.70 46.79 2.11
CA ASN J 152 22.02 45.63 1.53
C ASN J 152 22.16 45.74 0.01
N THR J 153 23.24 45.14 -0.50
CA THR J 153 23.49 45.16 -1.94
C THR J 153 22.39 44.44 -2.71
N THR J 154 21.70 43.50 -2.07
CA THR J 154 20.64 42.76 -2.75
C THR J 154 19.48 43.67 -3.11
N ALA J 155 19.00 44.47 -2.15
CA ALA J 155 17.89 45.37 -2.43
C ALA J 155 18.27 46.44 -3.44
N LEU J 156 19.48 46.98 -3.34
CA LEU J 156 19.94 47.97 -4.30
C LEU J 156 20.02 47.37 -5.71
N ALA J 157 20.54 46.15 -5.82
CA ALA J 157 20.60 45.48 -7.11
C ALA J 157 19.21 45.22 -7.66
N ASP J 158 18.27 44.83 -6.79
CA ASP J 158 16.90 44.62 -7.24
C ASP J 158 16.30 45.91 -7.77
N TYR J 159 16.53 47.03 -7.09
CA TYR J 159 16.04 48.31 -7.57
C TYR J 159 16.67 48.65 -8.93
N ALA J 160 17.98 48.40 -9.06
CA ALA J 160 18.66 48.67 -10.32
C ALA J 160 18.07 47.85 -11.46
N VAL J 161 17.79 46.58 -11.19
CA VAL J 161 17.20 45.71 -12.21
C VAL J 161 15.81 46.21 -12.59
N ARG J 162 15.01 46.59 -11.60
CA ARG J 162 13.62 46.95 -11.87
C ARG J 162 13.52 48.30 -12.59
N ASN J 163 14.35 49.27 -12.22
CA ASN J 163 14.13 50.65 -12.62
C ASN J 163 15.17 51.21 -13.58
N VAL J 164 16.35 50.61 -13.66
CA VAL J 164 17.45 51.26 -14.38
C VAL J 164 17.91 50.40 -15.55
N ASN J 165 18.13 49.10 -15.32
CA ASN J 165 18.76 48.26 -16.31
C ASN J 165 17.93 48.15 -17.58
N ASN J 166 16.61 47.98 -17.44
CA ASN J 166 15.75 47.85 -18.61
C ASN J 166 15.76 49.11 -19.48
N GLU J 167 15.65 50.28 -18.85
CA GLU J 167 15.69 51.53 -19.60
C GLU J 167 16.98 51.65 -20.39
N ILE J 168 18.12 51.44 -19.74
CA ILE J 168 19.40 51.55 -20.42
C ILE J 168 19.50 50.54 -21.56
N ARG J 169 19.05 49.30 -21.31
CA ARG J 169 19.06 48.28 -22.35
C ARG J 169 18.19 48.66 -23.54
N ARG J 170 17.15 49.46 -23.32
CA ARG J 170 16.29 49.89 -24.43
C ARG J 170 16.90 51.02 -25.26
N LEU J 171 17.79 51.84 -24.69
CA LEU J 171 18.31 53.00 -25.39
C LEU J 171 18.96 52.59 -26.71
N PRO J 172 18.86 53.41 -27.75
CA PRO J 172 19.62 53.14 -28.98
C PRO J 172 21.12 53.12 -28.69
N GLY J 173 21.81 52.15 -29.27
CA GLY J 173 23.24 52.07 -29.16
C GLY J 173 23.78 50.99 -28.24
N VAL J 174 23.00 50.52 -27.27
CA VAL J 174 23.52 49.51 -26.34
C VAL J 174 23.39 48.13 -26.97
N GLY J 175 24.54 47.55 -27.33
CA GLY J 175 24.56 46.20 -27.85
C GLY J 175 24.28 45.17 -26.77
N LYS J 176 24.86 45.39 -25.59
CA LYS J 176 24.71 44.44 -24.49
C LYS J 176 24.79 45.17 -23.15
N LEU J 177 24.04 44.68 -22.17
CA LEU J 177 24.10 45.20 -20.81
C LEU J 177 24.56 44.07 -19.89
N GLN J 178 25.80 44.16 -19.42
CA GLN J 178 26.38 43.12 -18.58
C GLN J 178 26.23 43.54 -17.12
N PHE J 179 25.55 42.72 -16.34
CA PHE J 179 25.26 43.03 -14.94
C PHE J 179 26.28 42.32 -14.05
N PHE J 180 27.04 43.10 -13.29
CA PHE J 180 28.04 42.56 -12.38
C PHE J 180 27.47 42.16 -11.03
N ASP J 181 26.16 41.93 -10.95
CA ASP J 181 25.51 41.48 -9.73
C ASP J 181 24.40 40.50 -10.12
N SER J 182 23.54 40.18 -9.16
CA SER J 182 22.44 39.25 -9.37
C SER J 182 21.14 39.85 -8.88
N GLU J 183 20.07 39.60 -9.63
CA GLU J 183 18.76 40.11 -9.26
C GLU J 183 18.17 39.28 -8.12
N ALA J 184 17.05 39.77 -7.59
CA ALA J 184 16.46 39.14 -6.41
C ALA J 184 15.85 37.80 -6.74
N ALA J 185 15.70 36.98 -5.70
CA ALA J 185 15.06 35.67 -5.79
C ALA J 185 14.63 35.26 -4.39
N MET J 186 13.78 34.23 -4.32
CA MET J 186 13.31 33.77 -3.03
C MET J 186 14.20 32.65 -2.53
N ARG J 187 14.99 32.94 -1.51
CA ARG J 187 15.95 31.98 -0.97
C ARG J 187 15.31 31.18 0.16
N VAL J 188 15.48 29.87 0.12
CA VAL J 188 15.01 28.96 1.15
C VAL J 188 16.23 28.19 1.65
N TRP J 189 16.73 28.57 2.81
CA TRP J 189 17.88 27.91 3.43
C TRP J 189 17.34 26.83 4.35
N ILE J 190 17.41 25.59 3.89
CA ILE J 190 16.88 24.46 4.66
C ILE J 190 17.92 23.99 5.66
N ASP J 191 17.42 23.40 6.73
CA ASP J 191 18.29 22.83 7.77
C ASP J 191 18.16 21.33 7.62
N PRO J 192 19.11 20.62 7.05
CA PRO J 192 18.93 19.19 6.84
C PRO J 192 18.71 18.41 8.12
N GLN J 193 19.31 18.83 9.23
CA GLN J 193 19.13 18.10 10.48
C GLN J 193 17.70 18.21 10.99
N LYS J 194 17.06 19.37 10.84
CA LYS J 194 15.62 19.50 11.18
C LYS J 194 14.80 18.57 10.26
N LEU J 195 15.16 18.43 8.98
CA LEU J 195 14.47 17.50 8.11
C LEU J 195 14.63 16.07 8.59
N VAL J 196 15.83 15.73 9.07
CA VAL J 196 16.07 14.41 9.64
C VAL J 196 15.19 14.20 10.87
N GLY J 197 15.10 15.22 11.71
CA GLY J 197 14.31 15.11 12.91
C GLY J 197 12.84 14.92 12.66
N TYR J 198 12.30 15.57 11.63
CA TYR J 198 10.90 15.44 11.28
C TYR J 198 10.64 14.31 10.30
N GLY J 199 11.63 13.48 10.01
CA GLY J 199 11.45 12.37 9.09
C GLY J 199 11.13 12.80 7.68
N LEU J 200 11.75 13.88 7.21
CA LEU J 200 11.48 14.43 5.89
C LEU J 200 12.75 14.46 5.06
N SER J 201 12.58 14.27 3.76
CA SER J 201 13.68 14.35 2.81
C SER J 201 13.65 15.69 2.09
N ILE J 202 14.77 16.01 1.43
CA ILE J 202 14.87 17.28 0.74
C ILE J 202 13.97 17.30 -0.50
N ASP J 203 13.88 16.17 -1.21
CA ASP J 203 12.99 16.12 -2.37
C ASP J 203 11.54 16.34 -1.95
N ASP J 204 11.19 16.00 -0.71
CA ASP J 204 9.85 16.28 -0.22
C ASP J 204 9.58 17.77 -0.18
N VAL J 205 10.52 18.56 0.34
CA VAL J 205 10.34 20.00 0.37
C VAL J 205 10.35 20.57 -1.04
N ASN J 206 11.17 19.97 -1.93
CA ASN J 206 11.18 20.43 -3.31
C ASN J 206 9.81 20.23 -3.96
N ASN J 207 9.22 19.04 -3.78
CA ASN J 207 7.92 18.75 -4.38
C ASN J 207 6.82 19.59 -3.75
N ALA J 208 6.89 19.83 -2.45
CA ALA J 208 5.89 20.68 -1.80
C ALA J 208 5.95 22.11 -2.35
N ILE J 209 7.16 22.64 -2.50
CA ILE J 209 7.30 23.98 -3.07
C ILE J 209 6.79 23.99 -4.50
N ARG J 210 7.12 22.96 -5.26
CA ARG J 210 6.71 22.91 -6.67
C ARG J 210 5.21 22.84 -6.82
N THR J 211 4.52 22.03 -6.02
CA THR J 211 3.08 21.85 -6.17
C THR J 211 2.26 22.94 -5.51
N GLN J 212 2.77 23.59 -4.46
CA GLN J 212 2.00 24.60 -3.75
C GLN J 212 2.24 26.01 -4.26
N ASN J 213 3.42 26.31 -4.80
CA ASN J 213 3.69 27.61 -5.39
C ASN J 213 3.58 27.48 -6.91
N VAL J 214 2.34 27.41 -7.39
CA VAL J 214 2.05 27.30 -8.81
C VAL J 214 0.86 28.17 -9.15
N GLN J 215 0.94 28.90 -10.25
CA GLN J 215 -0.19 29.69 -10.72
C GLN J 215 -1.28 28.76 -11.23
N VAL J 216 -2.54 29.19 -11.07
CA VAL J 216 -3.68 28.35 -11.42
C VAL J 216 -4.42 29.04 -12.57
N PRO J 217 -4.39 28.48 -13.78
CA PRO J 217 -5.21 29.05 -14.86
C PRO J 217 -6.64 28.54 -14.78
N ALA J 218 -7.43 29.11 -13.87
CA ALA J 218 -8.76 28.57 -13.59
C ALA J 218 -9.70 28.75 -14.77
N GLY J 219 -9.98 30.01 -15.13
CA GLY J 219 -10.88 30.27 -16.23
C GLY J 219 -12.03 31.18 -15.87
N ALA J 220 -13.15 31.01 -16.55
CA ALA J 220 -14.31 31.86 -16.35
C ALA J 220 -15.58 31.05 -16.56
N PHE J 221 -16.58 31.26 -15.70
CA PHE J 221 -17.86 30.59 -15.85
C PHE J 221 -18.70 31.33 -16.88
N GLY J 222 -19.69 30.64 -17.43
CA GLY J 222 -20.53 31.22 -18.46
C GLY J 222 -19.80 31.41 -19.77
N SER J 223 -18.71 30.66 -19.95
CA SER J 223 -17.88 30.80 -21.14
C SER J 223 -18.51 30.07 -22.32
N THR J 224 -18.04 30.43 -23.51
CA THR J 224 -18.51 29.79 -24.73
C THR J 224 -18.06 28.34 -24.78
N PRO J 225 -18.95 27.40 -25.15
CA PRO J 225 -20.38 27.59 -25.48
C PRO J 225 -21.23 27.90 -24.26
N GLY J 226 -21.90 29.05 -24.27
CA GLY J 226 -22.73 29.47 -23.17
C GLY J 226 -24.20 29.21 -23.45
N SER J 227 -24.94 28.90 -22.40
CA SER J 227 -26.37 28.60 -22.54
C SER J 227 -27.13 29.85 -22.97
N SER J 228 -28.26 29.62 -23.65
CA SER J 228 -29.06 30.73 -24.15
C SER J 228 -29.60 31.58 -23.02
N GLU J 229 -29.67 31.01 -21.81
CA GLU J 229 -30.27 31.73 -20.69
C GLU J 229 -29.25 32.60 -19.96
N GLN J 230 -28.16 32.00 -19.51
CA GLN J 230 -27.21 32.67 -18.63
C GLN J 230 -26.49 33.81 -19.34
N GLU J 231 -26.40 34.98 -18.67
CA GLU J 231 -25.60 36.11 -19.16
C GLU J 231 -24.74 36.74 -18.05
N LEU J 232 -23.67 36.06 -17.64
CA LEU J 232 -22.74 36.68 -16.70
C LEU J 232 -21.31 36.15 -16.79
N THR J 233 -20.71 36.05 -17.98
CA THR J 233 -19.35 35.53 -18.06
C THR J 233 -18.40 36.35 -17.20
N ALA J 234 -17.69 35.69 -16.30
CA ALA J 234 -16.82 36.38 -15.35
C ALA J 234 -15.68 35.46 -14.93
N THR J 235 -14.54 36.06 -14.62
CA THR J 235 -13.31 35.31 -14.38
C THR J 235 -13.33 34.64 -13.01
N LEU J 236 -12.48 33.63 -12.83
CA LEU J 236 -12.43 32.88 -11.57
C LEU J 236 -11.20 33.25 -10.74
N THR J 237 -10.11 33.67 -11.38
CA THR J 237 -8.98 34.36 -10.76
C THR J 237 -8.51 33.75 -9.42
N VAL J 238 -8.01 32.52 -9.46
CA VAL J 238 -7.50 31.82 -8.29
C VAL J 238 -6.12 32.37 -7.96
N LYS J 239 -5.86 32.57 -6.67
CA LYS J 239 -4.55 32.97 -6.18
C LYS J 239 -3.67 31.72 -6.07
N GLY J 240 -2.66 31.63 -6.92
CA GLY J 240 -1.80 30.45 -6.91
C GLY J 240 -0.40 30.66 -6.39
N THR J 241 0.22 31.79 -6.74
CA THR J 241 1.60 32.03 -6.36
C THR J 241 1.69 32.81 -5.07
N LEU J 242 2.81 32.66 -4.37
CA LEU J 242 3.04 33.34 -3.11
C LEU J 242 3.91 34.58 -3.33
N ASP J 243 3.60 35.63 -2.57
CA ASP J 243 4.15 36.95 -2.83
C ASP J 243 5.29 37.36 -1.90
N ASN J 244 5.20 37.06 -0.61
CA ASN J 244 6.15 37.51 0.38
C ASN J 244 6.65 36.32 1.16
N PRO J 245 7.81 36.45 1.84
CA PRO J 245 8.36 35.29 2.55
C PRO J 245 7.43 34.68 3.58
N GLU J 246 6.56 35.47 4.19
CA GLU J 246 5.64 34.92 5.19
C GLU J 246 4.73 33.86 4.59
N GLU J 247 4.21 34.10 3.38
CA GLU J 247 3.37 33.11 2.74
C GLU J 247 4.15 31.85 2.41
N PHE J 248 5.40 32.01 1.96
CA PHE J 248 6.24 30.85 1.67
C PHE J 248 6.49 30.02 2.91
N ALA J 249 6.66 30.67 4.06
CA ALA J 249 6.85 29.92 5.30
C ALA J 249 5.60 29.14 5.68
N ALA J 250 4.46 29.46 5.08
CA ALA J 250 3.21 28.77 5.37
C ALA J 250 2.98 27.56 4.48
N ILE J 251 3.93 27.22 3.61
CA ILE J 251 3.78 26.03 2.78
C ILE J 251 3.78 24.79 3.67
N VAL J 252 2.76 23.95 3.50
CA VAL J 252 2.59 22.79 4.37
C VAL J 252 3.34 21.61 3.79
N LEU J 253 4.24 21.03 4.59
CA LEU J 253 4.97 19.82 4.20
C LEU J 253 4.23 18.56 4.58
N ARG J 254 3.65 18.53 5.79
CA ARG J 254 2.91 17.37 6.26
C ARG J 254 1.89 17.83 7.29
N ALA J 255 0.64 17.40 7.10
CA ALA J 255 -0.43 17.78 8.00
C ALA J 255 -1.30 16.56 8.28
N ASN J 256 -1.78 16.45 9.52
CA ASN J 256 -2.58 15.32 9.95
C ASN J 256 -4.06 15.70 9.97
N GLN J 257 -4.90 14.68 10.21
CA GLN J 257 -6.34 14.88 10.20
C GLN J 257 -6.79 15.73 11.38
N ASP J 258 -6.12 15.61 12.52
CA ASP J 258 -6.55 16.34 13.71
C ASP J 258 -6.45 17.85 13.50
N GLY J 259 -5.40 18.30 12.81
CA GLY J 259 -5.25 19.71 12.54
C GLY J 259 -3.82 20.19 12.65
N SER J 260 -2.94 19.37 13.20
CA SER J 260 -1.54 19.74 13.33
C SER J 260 -0.88 19.77 11.96
N ARG J 261 -0.06 20.79 11.73
CA ARG J 261 0.55 20.99 10.42
C ARG J 261 2.05 21.22 10.61
N LEU J 262 2.86 20.51 9.83
CA LEU J 262 4.27 20.84 9.68
C LEU J 262 4.40 21.78 8.49
N THR J 263 5.07 22.91 8.68
CA THR J 263 5.18 23.92 7.64
C THR J 263 6.63 24.11 7.21
N LEU J 264 6.78 24.80 6.09
CA LEU J 264 8.13 25.05 5.55
C LEU J 264 8.95 25.88 6.53
N GLY J 265 8.34 26.90 7.14
CA GLY J 265 9.06 27.75 8.06
C GLY J 265 9.58 27.02 9.29
N ASP J 266 9.01 25.86 9.62
CA ASP J 266 9.46 25.09 10.75
C ASP J 266 10.82 24.43 10.51
N VAL J 267 11.20 24.22 9.25
CA VAL J 267 12.42 23.49 8.92
C VAL J 267 13.42 24.33 8.15
N ALA J 268 13.02 25.48 7.61
CA ALA J 268 13.89 26.27 6.77
C ALA J 268 13.69 27.75 7.05
N ARG J 269 14.76 28.52 6.84
CA ARG J 269 14.70 29.97 6.91
C ARG J 269 14.44 30.53 5.53
N ILE J 270 13.38 31.32 5.39
CA ILE J 270 12.96 31.86 4.11
C ILE J 270 13.24 33.35 4.09
N GLU J 271 13.71 33.84 2.94
CA GLU J 271 13.97 35.27 2.81
C GLU J 271 14.05 35.64 1.33
N VAL J 272 14.22 36.93 1.07
CA VAL J 272 14.45 37.42 -0.28
C VAL J 272 15.93 37.76 -0.40
N GLY J 273 16.64 36.99 -1.23
CA GLY J 273 18.07 37.20 -1.37
C GLY J 273 18.48 37.31 -2.82
N SER J 274 19.76 37.12 -3.11
CA SER J 274 20.21 37.12 -4.48
C SER J 274 19.99 35.74 -5.10
N GLN J 275 19.63 35.72 -6.38
CA GLN J 275 19.52 34.45 -7.08
C GLN J 275 20.87 33.75 -7.16
N ASP J 276 21.93 34.52 -7.38
CA ASP J 276 23.26 33.99 -7.54
C ASP J 276 24.23 34.78 -6.68
N TYR J 277 25.26 34.10 -6.18
CA TYR J 277 26.26 34.73 -5.33
C TYR J 277 27.68 34.58 -5.88
N ASN J 278 27.84 34.32 -7.17
CA ASN J 278 29.17 34.14 -7.73
C ASN J 278 29.91 35.46 -7.86
N PHE J 279 29.21 36.56 -8.07
CA PHE J 279 29.84 37.84 -8.36
C PHE J 279 29.48 38.88 -7.29
N GLY J 280 30.42 39.81 -7.07
CA GLY J 280 30.17 40.93 -6.20
C GLY J 280 30.92 42.14 -6.71
N SER J 281 30.36 43.32 -6.39
CA SER J 281 30.96 44.59 -6.89
C SER J 281 31.21 45.57 -5.74
N ARG J 282 32.42 46.13 -5.67
CA ARG J 282 32.78 47.13 -4.68
C ARG J 282 33.35 48.34 -5.40
N GLN J 283 33.17 49.51 -4.81
CA GLN J 283 33.71 50.75 -5.33
C GLN J 283 34.31 51.53 -4.18
N ASP J 284 35.62 51.78 -4.25
CA ASP J 284 36.34 52.56 -3.25
C ASP J 284 36.07 52.03 -1.84
N GLY J 285 36.08 50.70 -1.71
CA GLY J 285 35.91 50.06 -0.43
C GLY J 285 34.49 49.90 0.05
N LYS J 286 33.51 50.35 -0.74
CA LYS J 286 32.14 50.19 -0.29
C LYS J 286 31.36 49.28 -1.24
N PRO J 287 30.53 48.38 -0.72
CA PRO J 287 29.72 47.54 -1.60
C PRO J 287 28.82 48.39 -2.48
N ALA J 288 28.71 48.00 -3.75
CA ALA J 288 27.91 48.76 -4.70
C ALA J 288 27.39 47.81 -5.77
N VAL J 289 26.53 48.32 -6.64
CA VAL J 289 26.01 47.56 -7.76
C VAL J 289 26.42 48.26 -9.03
N ALA J 290 26.86 47.50 -10.04
CA ALA J 290 27.37 48.11 -11.25
C ALA J 290 26.93 47.32 -12.47
N ALA J 291 26.87 48.00 -13.60
CA ALA J 291 26.54 47.36 -14.86
C ALA J 291 27.25 48.07 -16.00
N ALA J 292 27.73 47.27 -16.96
CA ALA J 292 28.51 47.77 -18.08
C ALA J 292 27.69 47.78 -19.34
N VAL J 293 27.80 48.87 -20.10
CA VAL J 293 27.10 49.02 -21.38
C VAL J 293 28.09 48.78 -22.50
N GLN J 294 27.73 47.91 -23.44
CA GLN J 294 28.53 47.61 -24.62
C GLN J 294 27.79 48.09 -25.86
N LEU J 295 28.46 48.96 -26.62
CA LEU J 295 27.83 49.70 -27.71
C LEU J 295 27.44 48.79 -28.86
N SER J 296 26.34 49.12 -29.53
CA SER J 296 25.96 48.45 -30.75
C SER J 296 26.81 48.97 -31.91
N PRO J 297 27.08 48.12 -32.91
CA PRO J 297 27.90 48.55 -34.04
C PRO J 297 27.23 49.65 -34.85
N GLY J 298 28.06 50.48 -35.48
CA GLY J 298 27.59 51.53 -36.36
C GLY J 298 26.73 52.58 -35.69
N ALA J 299 27.18 53.07 -34.53
CA ALA J 299 26.45 54.06 -33.76
C ALA J 299 27.37 55.20 -33.37
N ASN J 300 26.82 56.42 -33.38
CA ASN J 300 27.55 57.57 -32.84
C ASN J 300 27.88 57.32 -31.38
N ALA J 301 29.10 57.68 -30.98
CA ALA J 301 29.56 57.46 -29.61
C ALA J 301 29.29 58.67 -28.72
N ILE J 302 29.67 59.87 -29.17
CA ILE J 302 29.43 61.08 -28.39
C ILE J 302 27.94 61.26 -28.17
N GLN J 303 27.14 61.08 -29.22
CA GLN J 303 25.69 61.17 -29.08
C GLN J 303 25.17 60.09 -28.15
N THR J 304 25.63 58.85 -28.31
CA THR J 304 25.19 57.77 -27.43
C THR J 304 25.69 57.97 -26.00
N ALA J 305 26.92 58.46 -25.85
CA ALA J 305 27.44 58.69 -24.51
C ALA J 305 26.64 59.75 -23.78
N GLU J 306 26.36 60.87 -24.44
CA GLU J 306 25.56 61.90 -23.79
C GLU J 306 24.11 61.45 -23.62
N ALA J 307 23.64 60.58 -24.51
CA ALA J 307 22.30 60.03 -24.35
C ALA J 307 22.20 59.15 -23.10
N VAL J 308 23.20 58.30 -22.87
CA VAL J 308 23.20 57.45 -21.69
C VAL J 308 23.37 58.28 -20.43
N LYS J 309 24.30 59.25 -20.46
CA LYS J 309 24.49 60.12 -19.30
C LYS J 309 23.24 60.92 -19.00
N GLN J 310 22.57 61.42 -20.04
CA GLN J 310 21.35 62.19 -19.85
C GLN J 310 20.21 61.31 -19.37
N ARG J 311 20.15 60.07 -19.85
CA ARG J 311 19.15 59.14 -19.36
C ARG J 311 19.36 58.85 -17.88
N LEU J 312 20.61 58.65 -17.47
CA LEU J 312 20.91 58.48 -16.06
C LEU J 312 20.54 59.72 -15.27
N THR J 313 20.75 60.90 -15.86
CA THR J 313 20.44 62.14 -15.16
C THR J 313 18.93 62.33 -15.01
N GLU J 314 18.15 61.92 -16.01
CA GLU J 314 16.70 62.10 -15.90
C GLU J 314 16.09 61.04 -14.99
N LEU J 315 16.65 59.83 -14.99
CA LEU J 315 16.27 58.86 -13.97
C LEU J 315 16.77 59.28 -12.59
N SER J 316 17.75 60.19 -12.57
CA SER J 316 18.27 60.70 -11.27
C SER J 316 17.13 61.41 -10.54
N ALA J 317 16.16 61.95 -11.28
CA ALA J 317 15.01 62.55 -10.61
C ALA J 317 14.20 61.51 -9.84
N ASN J 318 14.56 60.23 -9.94
CA ASN J 318 13.73 59.16 -9.41
C ASN J 318 14.49 58.17 -8.51
N PHE J 319 15.79 58.35 -8.28
CA PHE J 319 16.45 57.39 -7.40
C PHE J 319 16.01 57.61 -5.95
N PRO J 320 16.11 56.59 -5.11
CA PRO J 320 15.97 56.81 -3.66
C PRO J 320 17.05 57.75 -3.17
N ASP J 321 16.68 58.59 -2.20
CA ASP J 321 17.55 59.69 -1.78
C ASP J 321 18.90 59.17 -1.27
N ASN J 322 18.89 58.05 -0.55
CA ASN J 322 20.15 57.46 -0.10
C ASN J 322 20.96 56.89 -1.25
N VAL J 323 20.37 56.71 -2.43
CA VAL J 323 21.02 56.07 -3.57
C VAL J 323 21.57 57.15 -4.50
N GLU J 324 22.81 56.97 -4.93
CA GLU J 324 23.43 57.86 -5.91
C GLU J 324 24.11 57.03 -6.99
N PHE J 325 24.17 57.60 -8.19
CA PHE J 325 24.76 56.96 -9.34
C PHE J 325 26.04 57.67 -9.74
N SER J 326 26.94 56.91 -10.38
CA SER J 326 28.21 57.46 -10.84
C SER J 326 28.69 56.63 -12.03
N VAL J 327 29.66 57.18 -12.75
CA VAL J 327 30.23 56.50 -13.90
C VAL J 327 31.74 56.41 -13.69
N PRO J 328 32.21 55.42 -12.93
CA PRO J 328 33.65 55.29 -12.68
C PRO J 328 34.45 54.88 -13.91
N TYR J 329 33.81 54.31 -14.93
CA TYR J 329 34.50 53.87 -16.13
C TYR J 329 33.75 54.41 -17.34
N ASP J 330 34.47 55.12 -18.21
CA ASP J 330 33.86 55.69 -19.41
C ASP J 330 34.98 55.89 -20.43
N THR J 331 34.92 55.15 -21.54
CA THR J 331 35.88 55.33 -22.62
C THR J 331 35.63 56.61 -23.41
N SER J 332 34.37 57.00 -23.55
CA SER J 332 34.01 58.11 -24.45
C SER J 332 34.80 59.38 -24.14
N ARG J 333 35.01 59.68 -22.85
CA ARG J 333 35.75 60.89 -22.50
C ARG J 333 37.07 60.95 -23.22
N PHE J 334 37.81 59.84 -23.24
CA PHE J 334 39.09 59.80 -23.95
C PHE J 334 38.89 60.25 -25.39
N VAL J 335 37.94 59.62 -26.08
CA VAL J 335 37.60 60.01 -27.44
C VAL J 335 37.44 61.52 -27.51
N ASP J 336 36.56 62.07 -26.67
CA ASP J 336 36.32 63.51 -26.66
C ASP J 336 37.64 64.26 -26.58
N VAL J 337 38.42 64.01 -25.52
CA VAL J 337 39.67 64.72 -25.37
C VAL J 337 40.50 64.56 -26.63
N ALA J 338 40.64 63.33 -27.11
CA ALA J 338 41.45 63.08 -28.28
C ALA J 338 41.02 63.96 -29.44
N ILE J 339 39.73 63.92 -29.79
CA ILE J 339 39.33 64.66 -30.98
C ILE J 339 39.55 66.14 -30.75
N ASP J 340 39.26 66.62 -29.53
CA ASP J 340 39.53 68.02 -29.23
C ASP J 340 40.98 68.35 -29.50
N LYS J 341 41.90 67.54 -28.95
CA LYS J 341 43.31 67.78 -29.23
C LYS J 341 43.55 67.84 -30.74
N VAL J 342 43.05 66.85 -31.47
CA VAL J 342 43.30 66.86 -32.91
C VAL J 342 42.76 68.13 -33.53
N ILE J 343 41.52 68.50 -33.19
CA ILE J 343 40.94 69.65 -33.88
C ILE J 343 41.74 70.90 -33.54
N MET J 344 42.24 70.99 -32.31
CA MET J 344 43.03 72.17 -31.96
C MET J 344 44.29 72.21 -32.82
N THR J 345 44.96 71.06 -32.98
CA THR J 345 46.10 71.01 -33.88
C THR J 345 45.69 71.41 -35.29
N LEU J 346 44.49 70.99 -35.70
CA LEU J 346 44.00 71.32 -37.04
C LEU J 346 43.95 72.82 -37.25
N ILE J 347 43.62 73.58 -36.20
CA ILE J 347 43.65 75.04 -36.35
C ILE J 347 45.09 75.53 -36.43
N GLU J 348 45.96 75.02 -35.55
CA GLU J 348 47.31 75.57 -35.46
C GLU J 348 48.04 75.50 -36.78
N ALA J 349 48.16 74.30 -37.35
CA ALA J 349 48.80 74.15 -38.65
C ALA J 349 48.14 75.08 -39.66
N MET J 350 46.81 75.19 -39.61
CA MET J 350 46.10 76.06 -40.53
C MET J 350 46.62 77.49 -40.48
N VAL J 351 46.83 78.03 -39.28
CA VAL J 351 47.40 79.37 -39.19
C VAL J 351 48.87 79.34 -39.58
N LEU J 352 49.60 78.31 -39.16
CA LEU J 352 51.04 78.28 -39.39
C LEU J 352 51.35 78.31 -40.87
N VAL J 353 50.73 77.42 -41.64
CA VAL J 353 50.96 77.39 -43.07
C VAL J 353 50.60 78.75 -43.65
N PHE J 354 49.53 79.37 -43.14
CA PHE J 354 49.14 80.71 -43.60
C PHE J 354 50.31 81.67 -43.46
N LEU J 355 50.90 81.72 -42.27
CA LEU J 355 52.06 82.59 -42.06
C LEU J 355 53.11 82.30 -43.11
N VAL J 356 53.34 81.02 -43.40
CA VAL J 356 54.37 80.64 -44.35
C VAL J 356 54.11 81.29 -45.70
N MET J 357 52.87 81.23 -46.20
CA MET J 357 52.61 81.86 -47.48
C MET J 357 52.78 83.38 -47.38
N PHE J 358 52.36 83.98 -46.27
CA PHE J 358 52.53 85.42 -46.16
C PHE J 358 54.02 85.77 -46.09
N LEU J 359 54.86 84.80 -45.75
CA LEU J 359 56.29 85.04 -45.74
C LEU J 359 56.85 85.08 -47.17
N PHE J 360 56.23 84.35 -48.09
CA PHE J 360 56.79 84.21 -49.42
C PHE J 360 56.09 85.08 -50.45
N LEU J 361 54.75 85.03 -50.51
CA LEU J 361 54.03 85.90 -51.44
C LEU J 361 54.01 87.35 -51.00
N GLN J 362 54.25 87.62 -49.71
CA GLN J 362 54.43 88.98 -49.19
C GLN J 362 53.22 89.87 -49.45
N ASN J 363 52.05 89.26 -49.60
CA ASN J 363 50.82 90.02 -49.82
C ASN J 363 49.66 89.19 -49.29
N VAL J 364 48.73 89.85 -48.59
CA VAL J 364 47.63 89.14 -47.95
C VAL J 364 46.71 88.52 -49.00
N ARG J 365 46.44 89.25 -50.08
CA ARG J 365 45.51 88.74 -51.09
C ARG J 365 46.05 87.49 -51.77
N TYR J 366 47.36 87.46 -52.05
CA TYR J 366 47.96 86.27 -52.64
C TYR J 366 47.96 85.11 -51.65
N THR J 367 48.19 85.40 -50.38
CA THR J 367 48.17 84.35 -49.35
C THR J 367 46.78 83.78 -49.14
N LEU J 368 45.75 84.57 -49.43
CA LEU J 368 44.39 84.18 -49.07
C LEU J 368 43.95 82.91 -49.80
N ILE J 369 44.26 82.80 -51.09
CA ILE J 369 43.66 81.80 -52.00
C ILE J 369 43.75 80.37 -51.47
N PRO J 370 44.94 79.82 -51.21
CA PRO J 370 44.98 78.43 -50.73
C PRO J 370 44.30 78.25 -49.39
N SER J 371 44.34 79.28 -48.55
CA SER J 371 43.63 79.21 -47.27
C SER J 371 42.13 79.11 -47.47
N ILE J 372 41.59 79.60 -48.58
CA ILE J 372 40.19 79.29 -48.82
C ILE J 372 40.03 77.91 -49.45
N VAL J 373 40.96 77.50 -50.32
CA VAL J 373 40.72 76.27 -51.07
C VAL J 373 40.77 75.05 -50.16
N VAL J 374 41.60 75.08 -49.10
CA VAL J 374 41.84 73.87 -48.30
C VAL J 374 40.58 73.39 -47.58
N PRO J 375 39.86 74.22 -46.83
CA PRO J 375 38.69 73.69 -46.09
C PRO J 375 37.64 73.08 -46.99
N VAL J 376 37.53 73.55 -48.23
CA VAL J 376 36.64 72.94 -49.20
C VAL J 376 37.01 71.47 -49.40
N CYS J 377 38.31 71.21 -49.59
CA CYS J 377 38.79 69.85 -49.73
C CYS J 377 38.50 69.03 -48.48
N LEU J 378 38.70 69.62 -47.29
CA LEU J 378 38.42 68.88 -46.07
C LEU J 378 36.94 68.49 -45.98
N LEU J 379 36.05 69.43 -46.32
CA LEU J 379 34.62 69.15 -46.22
C LEU J 379 34.19 68.08 -47.22
N GLY J 380 34.71 68.15 -48.45
CA GLY J 380 34.45 67.08 -49.40
C GLY J 380 34.96 65.74 -48.91
N THR J 381 36.12 65.75 -48.27
CA THR J 381 36.67 64.51 -47.70
C THR J 381 35.72 63.94 -46.66
N LEU J 382 35.16 64.80 -45.80
CA LEU J 382 34.20 64.33 -44.81
C LEU J 382 32.95 63.76 -45.46
N THR J 383 32.47 64.41 -46.52
CA THR J 383 31.29 63.89 -47.22
C THR J 383 31.55 62.49 -47.77
N PHE J 384 32.65 62.32 -48.49
CA PHE J 384 32.96 61.01 -49.04
C PHE J 384 33.25 59.99 -47.94
N MET J 385 33.77 60.46 -46.80
CA MET J 385 33.99 59.58 -45.67
C MET J 385 32.67 59.01 -45.15
N TYR J 386 31.66 59.88 -45.02
CA TYR J 386 30.34 59.38 -44.63
C TYR J 386 29.78 58.45 -45.68
N LEU J 387 29.92 58.79 -46.97
CA LEU J 387 29.35 57.97 -48.02
C LEU J 387 29.91 56.55 -48.00
N LEU J 388 31.12 56.37 -47.50
CA LEU J 388 31.73 55.05 -47.37
C LEU J 388 31.43 54.39 -46.02
N GLY J 389 30.71 55.07 -45.14
CA GLY J 389 30.38 54.48 -43.85
C GLY J 389 31.52 54.46 -42.86
N PHE J 390 32.49 55.36 -42.99
CA PHE J 390 33.60 55.42 -42.05
C PHE J 390 33.23 56.24 -40.83
N SER J 391 34.10 56.24 -39.84
CA SER J 391 33.85 56.92 -38.58
C SER J 391 34.89 57.99 -38.31
N VAL J 392 34.50 58.96 -37.50
CA VAL J 392 35.38 60.04 -37.05
C VAL J 392 36.17 59.51 -35.85
N ASN J 393 37.31 58.86 -36.14
CA ASN J 393 38.08 58.11 -35.15
C ASN J 393 39.55 58.43 -35.31
N MET J 394 40.34 58.14 -34.27
CA MET J 394 41.65 58.79 -34.13
C MET J 394 42.53 58.68 -35.38
N MET J 395 42.59 57.52 -36.02
CA MET J 395 43.47 57.41 -37.18
C MET J 395 43.02 58.33 -38.29
N THR J 396 41.70 58.49 -38.45
CA THR J 396 41.19 59.45 -39.46
C THR J 396 41.61 60.86 -39.06
N MET J 397 41.57 61.19 -37.76
CA MET J 397 42.07 62.49 -37.29
C MET J 397 43.51 62.72 -37.72
N PHE J 398 44.37 61.74 -37.42
CA PHE J 398 45.74 61.82 -37.90
C PHE J 398 45.78 61.93 -39.42
N GLY J 399 44.83 61.27 -40.08
CA GLY J 399 44.78 61.29 -41.53
C GLY J 399 44.65 62.69 -42.08
N MET J 400 43.61 63.39 -41.64
CA MET J 400 43.33 64.76 -42.16
C MET J 400 44.39 65.75 -41.66
N VAL J 401 44.95 65.55 -40.47
CA VAL J 401 45.90 66.55 -39.99
C VAL J 401 47.19 66.47 -40.79
N LEU J 402 47.62 65.26 -41.18
CA LEU J 402 48.74 65.20 -42.10
C LEU J 402 48.32 65.51 -43.53
N ALA J 403 47.03 65.30 -43.85
CA ALA J 403 46.56 65.59 -45.21
C ALA J 403 46.62 67.07 -45.50
N ILE J 404 46.62 67.89 -44.45
CA ILE J 404 46.64 69.35 -44.63
C ILE J 404 47.80 69.76 -45.52
N GLY J 405 49.00 69.25 -45.22
CA GLY J 405 50.18 69.73 -45.89
C GLY J 405 50.40 69.14 -47.27
N ILE J 406 50.02 67.89 -47.49
CA ILE J 406 50.06 67.35 -48.84
C ILE J 406 49.01 68.05 -49.70
N LEU J 407 47.90 68.45 -49.08
CA LEU J 407 46.84 69.12 -49.84
C LEU J 407 47.25 70.52 -50.24
N VAL J 408 47.90 71.26 -49.34
CA VAL J 408 48.21 72.66 -49.65
C VAL J 408 49.21 72.77 -50.80
N ASP J 409 49.89 71.68 -51.17
CA ASP J 409 51.02 71.81 -52.08
C ASP J 409 50.58 72.16 -53.50
N ASP J 410 49.44 71.62 -53.94
CA ASP J 410 48.94 71.96 -55.28
C ASP J 410 48.62 73.44 -55.37
N ALA J 411 47.92 73.98 -54.38
CA ALA J 411 47.62 75.40 -54.37
C ALA J 411 48.90 76.22 -54.25
N ILE J 412 49.86 75.74 -53.47
CA ILE J 412 51.13 76.44 -53.32
C ILE J 412 51.81 76.58 -54.67
N VAL J 413 51.95 75.47 -55.41
CA VAL J 413 52.65 75.54 -56.68
C VAL J 413 51.87 76.38 -57.68
N VAL J 414 50.54 76.29 -57.66
CA VAL J 414 49.74 77.07 -58.60
C VAL J 414 49.91 78.56 -58.34
N VAL J 415 49.74 78.99 -57.09
CA VAL J 415 49.81 80.42 -56.79
C VAL J 415 51.23 80.93 -56.96
N GLU J 416 52.22 80.11 -56.64
CA GLU J 416 53.60 80.55 -56.78
C GLU J 416 54.00 80.63 -58.25
N ASN J 417 53.47 79.72 -59.08
CA ASN J 417 53.71 79.80 -60.52
C ASN J 417 53.09 81.03 -61.12
N VAL J 418 51.84 81.35 -60.74
CA VAL J 418 51.22 82.56 -61.28
C VAL J 418 51.93 83.80 -60.78
N GLU J 419 52.42 83.77 -59.54
CA GLU J 419 53.22 84.88 -59.04
C GLU J 419 54.50 85.05 -59.86
N ARG J 420 55.17 83.94 -60.17
CA ARG J 420 56.40 84.02 -60.94
C ARG J 420 56.15 84.57 -62.34
N ILE J 421 55.09 84.09 -63.00
CA ILE J 421 54.76 84.62 -64.32
C ILE J 421 54.42 86.10 -64.22
N MET J 422 53.65 86.48 -63.20
CA MET J 422 53.30 87.88 -63.00
C MET J 422 54.54 88.73 -62.84
N ALA J 423 55.54 88.22 -62.12
CA ALA J 423 56.76 88.97 -61.87
C ALA J 423 57.65 89.04 -63.11
N GLU J 424 57.68 87.97 -63.91
CA GLU J 424 58.61 87.91 -65.03
C GLU J 424 58.06 88.58 -66.29
N GLU J 425 56.85 88.20 -66.71
CA GLU J 425 56.30 88.66 -67.97
C GLU J 425 55.34 89.84 -67.83
N GLY J 426 54.82 90.09 -66.63
CA GLY J 426 53.93 91.22 -66.44
C GLY J 426 52.57 91.08 -67.06
N LEU J 427 52.14 89.85 -67.36
CA LEU J 427 50.84 89.64 -67.97
C LEU J 427 49.71 89.93 -66.98
N ALA J 428 48.55 90.26 -67.53
CA ALA J 428 47.37 90.49 -66.71
C ALA J 428 46.97 89.19 -66.01
N PRO J 429 46.24 89.29 -64.89
CA PRO J 429 45.92 88.07 -64.13
C PRO J 429 45.27 86.96 -64.94
N VAL J 430 44.37 87.30 -65.86
CA VAL J 430 43.66 86.28 -66.62
C VAL J 430 44.61 85.60 -67.62
N PRO J 431 45.28 86.32 -68.53
CA PRO J 431 46.22 85.62 -69.42
C PRO J 431 47.39 85.00 -68.69
N ALA J 432 47.87 85.63 -67.62
CA ALA J 432 48.95 85.02 -66.84
C ALA J 432 48.51 83.71 -66.21
N THR J 433 47.29 83.67 -65.67
CA THR J 433 46.75 82.43 -65.13
C THR J 433 46.61 81.38 -66.22
N ILE J 434 46.15 81.79 -67.41
CA ILE J 434 46.03 80.86 -68.53
C ILE J 434 47.39 80.24 -68.84
N LYS J 435 48.42 81.08 -68.96
CA LYS J 435 49.74 80.57 -69.30
C LYS J 435 50.31 79.67 -68.21
N ALA J 436 50.19 80.10 -66.94
CA ALA J 436 50.73 79.31 -65.84
C ALA J 436 50.04 77.95 -65.75
N MET J 437 48.71 77.94 -65.89
CA MET J 437 47.99 76.68 -65.79
C MET J 437 48.27 75.81 -67.00
N GLY J 438 48.45 76.39 -68.17
CA GLY J 438 48.90 75.59 -69.30
C GLY J 438 50.26 74.98 -69.08
N GLN J 439 51.14 75.70 -68.37
CA GLN J 439 52.44 75.16 -68.00
C GLN J 439 52.33 74.00 -67.01
N VAL J 440 51.46 74.12 -66.00
CA VAL J 440 51.50 73.17 -64.89
C VAL J 440 50.32 72.19 -64.87
N SER J 441 49.46 72.24 -65.90
CA SER J 441 48.27 71.35 -65.97
C SER J 441 48.69 69.89 -65.88
N GLY J 442 49.51 69.45 -66.84
CA GLY J 442 49.92 68.06 -66.92
C GLY J 442 50.65 67.61 -65.67
N ALA J 443 51.49 68.49 -65.13
CA ALA J 443 52.17 68.19 -63.87
C ALA J 443 51.16 67.97 -62.76
N ILE J 444 50.12 68.81 -62.69
CA ILE J 444 49.14 68.72 -61.61
C ILE J 444 48.37 67.40 -61.71
N ILE J 445 47.93 67.04 -62.91
CA ILE J 445 47.13 65.81 -63.04
C ILE J 445 48.01 64.59 -62.79
N GLY J 446 49.23 64.58 -63.33
CA GLY J 446 50.12 63.47 -63.07
C GLY J 446 50.45 63.33 -61.60
N ILE J 447 50.70 64.46 -60.93
CA ILE J 447 50.87 64.47 -59.48
C ILE J 447 49.68 63.83 -58.80
N THR J 448 48.49 64.44 -58.94
CA THR J 448 47.32 63.92 -58.27
C THR J 448 47.20 62.42 -58.45
N LEU J 449 47.47 61.94 -59.67
CA LEU J 449 47.31 60.53 -59.93
C LEU J 449 48.37 59.69 -59.21
N VAL J 450 49.63 60.13 -59.21
CA VAL J 450 50.68 59.29 -58.62
C VAL J 450 50.55 59.27 -57.09
N LEU J 451 50.24 60.41 -56.48
CA LEU J 451 49.94 60.41 -55.05
C LEU J 451 48.70 59.57 -54.73
N SER J 452 47.69 59.59 -55.59
CA SER J 452 46.58 58.70 -55.34
C SER J 452 47.03 57.25 -55.39
N ALA J 453 47.95 56.94 -56.31
CA ALA J 453 48.41 55.58 -56.52
C ALA J 453 49.39 55.10 -55.46
N VAL J 454 50.10 56.00 -54.79
CA VAL J 454 50.96 55.58 -53.70
C VAL J 454 50.12 55.05 -52.54
N PHE J 455 48.92 55.61 -52.37
CA PHE J 455 48.11 55.29 -51.20
C PHE J 455 46.99 54.31 -51.49
N LEU J 456 46.61 54.15 -52.76
CA LEU J 456 45.53 53.19 -53.15
C LEU J 456 45.86 51.77 -52.65
N PRO J 457 47.10 51.19 -52.75
CA PRO J 457 47.36 49.81 -52.31
C PRO J 457 47.12 49.61 -50.82
N LEU J 458 47.38 50.64 -50.02
CA LEU J 458 47.11 50.57 -48.59
C LEU J 458 45.63 50.34 -48.33
N ALA J 459 44.76 50.73 -49.26
CA ALA J 459 43.34 50.57 -49.08
C ALA J 459 42.87 49.15 -49.41
N PHE J 460 43.78 48.25 -49.77
CA PHE J 460 43.42 46.88 -50.06
C PHE J 460 44.00 45.88 -49.06
N MET J 461 44.61 46.35 -47.99
CA MET J 461 45.13 45.44 -46.97
C MET J 461 44.00 44.88 -46.11
N ALA J 462 44.18 43.62 -45.70
CA ALA J 462 43.21 42.92 -44.88
C ALA J 462 43.69 42.78 -43.44
N GLY J 463 42.81 42.28 -42.59
CA GLY J 463 43.13 42.13 -41.18
C GLY J 463 42.85 43.38 -40.38
N SER J 464 43.28 43.34 -39.12
CA SER J 464 43.11 44.49 -38.24
C SER J 464 43.93 45.69 -38.73
N VAL J 465 45.20 45.46 -39.03
CA VAL J 465 46.01 46.49 -39.67
C VAL J 465 45.37 46.87 -41.00
N GLY J 466 44.72 45.90 -41.65
CA GLY J 466 43.98 46.22 -42.86
C GLY J 466 42.93 47.28 -42.62
N VAL J 467 42.16 47.16 -41.54
CA VAL J 467 41.13 48.16 -41.23
C VAL J 467 41.78 49.51 -40.90
N ILE J 468 42.87 49.47 -40.11
CA ILE J 468 43.55 50.70 -39.73
C ILE J 468 43.99 51.46 -40.98
N TYR J 469 44.70 50.76 -41.87
CA TYR J 469 45.15 51.37 -43.11
C TYR J 469 43.97 51.73 -43.99
N GLN J 470 42.88 50.94 -43.93
CA GLN J 470 41.68 51.28 -44.68
C GLN J 470 41.28 52.71 -44.40
N GLN J 471 40.95 53.00 -43.15
CA GLN J 471 40.45 54.33 -42.83
C GLN J 471 41.50 55.40 -43.07
N PHE J 472 42.73 55.16 -42.61
CA PHE J 472 43.74 56.22 -42.71
C PHE J 472 44.08 56.51 -44.17
N SER J 473 44.44 55.47 -44.93
CA SER J 473 44.82 55.64 -46.31
C SER J 473 43.66 56.16 -47.16
N LEU J 474 42.45 55.69 -46.89
CA LEU J 474 41.32 56.13 -47.70
C LEU J 474 40.96 57.58 -47.41
N SER J 475 41.05 58.01 -46.16
CA SER J 475 40.86 59.43 -45.86
C SER J 475 41.88 60.28 -46.59
N LEU J 476 43.16 59.90 -46.50
CA LEU J 476 44.19 60.65 -47.20
C LEU J 476 43.95 60.61 -48.71
N ALA J 477 43.46 59.49 -49.22
CA ALA J 477 43.29 59.30 -50.65
C ALA J 477 42.17 60.17 -51.19
N VAL J 478 41.01 60.19 -50.51
CA VAL J 478 39.95 61.07 -50.97
C VAL J 478 40.37 62.52 -50.84
N SER J 479 41.14 62.82 -49.79
CA SER J 479 41.67 64.18 -49.63
C SER J 479 42.51 64.57 -50.85
N ILE J 480 43.39 63.68 -51.30
CA ILE J 480 44.28 64.05 -52.41
C ILE J 480 43.53 64.03 -53.74
N LEU J 481 42.54 63.14 -53.89
CA LEU J 481 41.72 63.16 -55.10
C LEU J 481 40.98 64.49 -55.23
N PHE J 482 40.36 64.95 -54.15
CA PHE J 482 39.68 66.23 -54.19
C PHE J 482 40.68 67.37 -54.32
N SER J 483 41.89 67.21 -53.76
CA SER J 483 42.93 68.20 -53.96
C SER J 483 43.25 68.37 -55.43
N GLY J 484 43.39 67.26 -56.15
CA GLY J 484 43.66 67.35 -57.58
C GLY J 484 42.51 67.91 -58.38
N PHE J 485 41.29 67.45 -58.10
CA PHE J 485 40.13 67.95 -58.83
C PHE J 485 39.96 69.44 -58.61
N LEU J 486 40.12 69.89 -57.36
CA LEU J 486 40.03 71.30 -57.06
C LEU J 486 41.19 72.08 -57.65
N ALA J 487 42.40 71.50 -57.68
CA ALA J 487 43.50 72.16 -58.35
C ALA J 487 43.23 72.37 -59.82
N LEU J 488 42.51 71.44 -60.45
CA LEU J 488 42.14 71.59 -61.85
C LEU J 488 40.99 72.55 -62.09
N THR J 489 40.05 72.67 -61.13
CA THR J 489 38.84 73.48 -61.37
C THR J 489 38.81 74.76 -60.54
N PHE J 490 38.88 74.66 -59.21
CA PHE J 490 38.81 75.85 -58.35
C PHE J 490 39.97 76.80 -58.57
N THR J 491 41.19 76.35 -58.25
CA THR J 491 42.31 77.27 -58.03
C THR J 491 42.61 78.16 -59.22
N PRO J 492 42.62 77.68 -60.47
CA PRO J 492 42.85 78.63 -61.58
C PRO J 492 41.83 79.76 -61.61
N ALA J 493 40.56 79.47 -61.30
CA ALA J 493 39.57 80.53 -61.21
C ALA J 493 39.88 81.48 -60.06
N LEU J 494 40.38 80.95 -58.94
CA LEU J 494 40.75 81.80 -57.83
C LEU J 494 41.88 82.76 -58.20
N CYS J 495 42.89 82.26 -58.93
CA CYS J 495 43.95 83.14 -59.40
C CYS J 495 43.42 84.16 -60.39
N ALA J 496 42.51 83.74 -61.27
CA ALA J 496 41.96 84.65 -62.26
C ALA J 496 41.10 85.74 -61.62
N THR J 497 40.50 85.46 -60.47
CA THR J 497 39.59 86.41 -59.84
C THR J 497 40.23 87.26 -58.75
N LEU J 498 40.89 86.65 -57.78
CA LEU J 498 41.31 87.34 -56.56
C LEU J 498 42.63 88.11 -56.71
N LEU J 499 43.47 87.75 -57.67
CA LEU J 499 44.78 88.36 -57.77
C LEU J 499 44.69 89.78 -58.33
N LYS J 500 45.65 90.61 -57.94
CA LYS J 500 45.77 92.00 -58.38
C LYS J 500 47.02 92.17 -59.24
N PRO J 501 46.99 93.10 -60.20
CA PRO J 501 48.17 93.33 -61.04
C PRO J 501 49.35 93.81 -60.22
N ILE J 502 50.56 93.40 -60.60
CA ILE J 502 51.78 93.95 -60.01
C ILE J 502 52.42 94.89 -61.03
N PRO J 503 52.83 96.08 -60.64
CA PRO J 503 53.59 96.94 -61.55
C PRO J 503 54.90 96.27 -61.94
N VAL J 504 55.31 96.47 -63.20
CA VAL J 504 56.52 95.83 -63.71
C VAL J 504 57.74 96.45 -63.06
N GLY J 505 58.68 95.61 -62.63
CA GLY J 505 59.91 96.07 -62.03
C GLY J 505 59.84 96.34 -60.54
N HIS J 506 58.73 96.01 -59.89
CA HIS J 506 58.58 96.28 -58.46
C HIS J 506 59.10 95.07 -57.65
N HIS J 507 60.32 94.67 -57.99
CA HIS J 507 61.08 93.78 -57.13
C HIS J 507 61.85 94.53 -56.05
N GLU J 508 61.95 95.86 -56.18
CA GLU J 508 62.40 96.69 -55.07
C GLU J 508 61.42 96.54 -53.91
N LYS J 509 61.95 96.52 -52.69
CA LYS J 509 61.14 96.21 -51.53
C LYS J 509 61.63 96.98 -50.32
N THR J 510 60.74 97.78 -49.73
CA THR J 510 61.00 98.38 -48.44
C THR J 510 60.53 97.44 -47.32
N GLY J 511 61.45 97.10 -46.43
CA GLY J 511 61.18 96.13 -45.40
C GLY J 511 61.99 94.86 -45.57
N PHE J 512 61.89 93.98 -44.57
CA PHE J 512 62.75 92.80 -44.55
C PHE J 512 62.37 91.81 -45.63
N PHE J 513 61.18 91.95 -46.23
CA PHE J 513 60.84 91.11 -47.37
C PHE J 513 61.79 91.40 -48.51
N GLY J 514 62.36 92.60 -48.53
CA GLY J 514 63.48 92.85 -49.44
C GLY J 514 64.65 91.95 -49.15
N TRP J 515 64.97 91.76 -47.86
CA TRP J 515 66.01 90.81 -47.49
C TRP J 515 65.64 89.40 -47.92
N PHE J 516 64.37 89.02 -47.74
CA PHE J 516 63.95 87.69 -48.17
C PHE J 516 64.13 87.51 -49.67
N ASN J 517 63.67 88.47 -50.46
CA ASN J 517 63.80 88.35 -51.91
C ASN J 517 65.27 88.35 -52.35
N ARG J 518 66.08 89.25 -51.79
CA ARG J 518 67.47 89.32 -52.23
C ARG J 518 68.27 88.12 -51.75
N LYS J 519 68.16 87.76 -50.47
CA LYS J 519 68.87 86.60 -49.94
C LYS J 519 68.32 85.31 -50.52
N PHE J 520 67.09 85.31 -51.04
CA PHE J 520 66.55 84.10 -51.62
C PHE J 520 66.97 83.99 -53.08
N THR J 521 67.07 85.10 -53.80
CA THR J 521 67.71 85.08 -55.10
C THR J 521 69.17 84.68 -54.95
N SER J 522 69.81 85.10 -53.86
CA SER J 522 71.17 84.68 -53.58
C SER J 522 71.24 83.20 -53.22
N LEU J 523 70.23 82.69 -52.51
CA LEU J 523 70.19 81.27 -52.19
C LEU J 523 69.99 80.44 -53.45
N THR J 524 69.08 80.88 -54.32
CA THR J 524 68.87 80.19 -55.59
C THR J 524 70.10 80.31 -56.48
N SER J 525 70.83 81.42 -56.38
CA SER J 525 72.05 81.58 -57.16
C SER J 525 73.17 80.69 -56.65
N ARG J 526 73.35 80.62 -55.33
CA ARG J 526 74.33 79.71 -54.75
C ARG J 526 73.98 78.26 -55.06
N TYR J 527 72.69 77.93 -55.00
CA TYR J 527 72.22 76.59 -55.30
C TYR J 527 72.43 76.30 -56.79
N THR J 528 72.16 77.29 -57.64
CA THR J 528 72.34 77.13 -59.08
C THR J 528 73.82 76.91 -59.40
N LYS J 529 74.70 77.64 -58.72
CA LYS J 529 76.13 77.42 -58.88
C LYS J 529 76.54 76.05 -58.35
N LEU J 530 75.93 75.61 -57.25
CA LEU J 530 76.21 74.28 -56.71
C LEU J 530 75.78 73.20 -57.70
N ASN J 531 74.64 73.38 -58.34
CA ASN J 531 74.24 72.50 -59.43
C ASN J 531 75.23 72.58 -60.58
N ASP J 532 75.66 73.80 -60.91
CA ASP J 532 76.63 74.00 -61.99
C ASP J 532 77.94 73.29 -61.68
N LYS J 533 78.38 73.34 -60.43
CA LYS J 533 79.57 72.61 -60.00
C LYS J 533 79.30 71.13 -59.79
N LEU J 534 78.02 70.73 -59.79
CA LEU J 534 77.66 69.36 -59.46
C LEU J 534 77.27 68.55 -60.70
N VAL J 535 76.74 69.19 -61.74
CA VAL J 535 76.44 68.46 -62.98
C VAL J 535 77.68 67.84 -63.63
N PRO J 536 78.85 68.48 -63.66
CA PRO J 536 79.98 67.83 -64.38
C PRO J 536 80.35 66.48 -63.79
N ARG J 537 80.30 66.33 -62.48
CA ARG J 537 80.58 65.06 -61.82
C ARG J 537 79.27 64.40 -61.41
N ALA J 538 78.86 63.40 -62.18
CA ALA J 538 77.58 62.74 -61.94
C ALA J 538 77.77 61.31 -61.48
N GLY J 539 78.59 60.55 -62.20
CA GLY J 539 78.82 59.15 -61.89
C GLY J 539 79.42 58.93 -60.51
N ARG J 540 80.28 59.84 -60.08
CA ARG J 540 80.90 59.73 -58.76
C ARG J 540 79.90 59.97 -57.63
N VAL J 541 78.96 60.91 -57.84
CA VAL J 541 77.93 61.16 -56.84
C VAL J 541 77.02 59.96 -56.68
N MET J 542 76.88 59.14 -57.73
CA MET J 542 76.14 57.90 -57.61
C MET J 542 76.65 57.02 -56.49
N PHE J 543 77.96 57.05 -56.22
CA PHE J 543 78.49 56.26 -55.11
C PHE J 543 78.01 56.79 -53.77
N ILE J 544 77.91 58.11 -53.61
CA ILE J 544 77.32 58.67 -52.40
C ILE J 544 75.86 58.23 -52.27
N TYR J 545 75.13 58.25 -53.38
CA TYR J 545 73.73 57.81 -53.33
C TYR J 545 73.61 56.32 -53.01
N LEU J 546 74.54 55.51 -53.52
CA LEU J 546 74.56 54.09 -53.20
C LEU J 546 74.84 53.86 -51.73
N GLY J 547 75.77 54.63 -51.16
CA GLY J 547 75.96 54.60 -49.72
C GLY J 547 74.69 54.97 -48.98
N VAL J 548 73.96 55.94 -49.51
CA VAL J 548 72.70 56.35 -48.88
C VAL J 548 71.70 55.19 -48.87
N VAL J 549 71.50 54.54 -50.02
CA VAL J 549 70.48 53.50 -50.07
C VAL J 549 70.90 52.29 -49.24
N VAL J 550 72.18 51.96 -49.24
CA VAL J 550 72.63 50.84 -48.41
C VAL J 550 72.49 51.19 -46.93
N LEU J 551 72.71 52.46 -46.59
CA LEU J 551 72.51 52.89 -45.19
C LEU J 551 71.03 52.65 -44.88
N MET J 552 70.15 53.12 -45.76
CA MET J 552 68.72 52.94 -45.51
C MET J 552 68.42 51.48 -45.22
N GLY J 553 68.93 50.57 -46.05
CA GLY J 553 68.64 49.16 -45.84
C GLY J 553 69.15 48.69 -44.50
N PHE J 554 70.36 49.10 -44.14
CA PHE J 554 70.96 48.63 -42.91
C PHE J 554 70.19 49.08 -41.69
N LEU J 555 69.83 50.37 -41.62
CA LEU J 555 69.10 50.83 -40.44
C LEU J 555 67.63 50.46 -40.49
N TYR J 556 67.11 50.15 -41.68
CA TYR J 556 65.75 49.65 -41.75
C TYR J 556 65.66 48.25 -41.17
N MET J 557 66.69 47.43 -41.40
CA MET J 557 66.67 46.07 -40.88
C MET J 557 66.87 46.03 -39.36
N ARG J 558 67.25 47.14 -38.73
CA ARG J 558 67.48 47.17 -37.29
C ARG J 558 66.36 47.82 -36.50
N LEU J 559 65.25 48.15 -37.15
CA LEU J 559 64.17 48.84 -36.45
C LEU J 559 63.22 47.83 -35.81
N PRO J 560 62.99 47.90 -34.50
CA PRO J 560 62.06 46.96 -33.86
C PRO J 560 60.63 47.16 -34.36
N GLU J 561 59.92 46.06 -34.49
CA GLU J 561 58.55 46.10 -34.99
C GLU J 561 57.54 46.16 -33.84
N SER J 562 56.37 46.73 -34.12
CA SER J 562 55.31 46.80 -33.13
C SER J 562 53.97 46.92 -33.82
N PHE J 563 52.92 46.51 -33.11
CA PHE J 563 51.56 46.59 -33.65
C PHE J 563 50.97 47.99 -33.50
N VAL J 564 50.76 48.41 -32.26
CA VAL J 564 50.13 49.69 -31.93
C VAL J 564 50.78 50.16 -30.64
N PRO J 565 51.22 51.41 -30.54
CA PRO J 565 51.85 51.86 -29.29
C PRO J 565 50.85 51.85 -28.14
N VAL J 566 51.37 51.51 -26.95
CA VAL J 566 50.52 51.49 -25.77
C VAL J 566 50.15 52.92 -25.40
N GLU J 567 48.87 53.15 -25.14
CA GLU J 567 48.33 54.48 -24.91
C GLU J 567 47.88 54.63 -23.47
N ASP J 568 48.06 55.84 -22.94
CA ASP J 568 47.59 56.17 -21.60
C ASP J 568 46.07 56.28 -21.62
N GLN J 569 45.39 55.20 -21.28
CA GLN J 569 43.93 55.17 -21.32
C GLN J 569 43.29 55.60 -20.00
N GLY J 570 44.09 55.95 -18.99
CA GLY J 570 43.56 56.50 -17.77
C GLY J 570 43.06 55.49 -16.75
N TYR J 571 43.33 54.21 -16.96
CA TYR J 571 42.89 53.18 -16.02
C TYR J 571 43.82 51.99 -16.13
N MET J 572 43.77 51.12 -15.13
CA MET J 572 44.64 49.95 -15.05
C MET J 572 43.82 48.73 -14.67
N ILE J 573 44.41 47.55 -14.82
CA ILE J 573 43.79 46.30 -14.43
C ILE J 573 44.63 45.69 -13.32
N VAL J 574 43.98 45.23 -12.24
CA VAL J 574 44.67 44.55 -11.16
C VAL J 574 43.99 43.21 -10.94
N ASP J 575 44.77 42.13 -11.06
CA ASP J 575 44.27 40.77 -10.91
C ASP J 575 44.62 40.26 -9.52
N ILE J 576 43.62 39.73 -8.83
CA ILE J 576 43.76 39.10 -7.52
C ILE J 576 43.46 37.62 -7.71
N GLN J 577 44.45 36.78 -7.44
CA GLN J 577 44.32 35.33 -7.62
C GLN J 577 44.93 34.63 -6.41
N LEU J 578 44.08 34.20 -5.48
CA LEU J 578 44.55 33.49 -4.31
C LEU J 578 44.80 32.01 -4.64
N PRO J 579 45.50 31.28 -3.76
CA PRO J 579 45.74 29.87 -4.04
C PRO J 579 44.46 29.11 -4.18
N PRO J 580 44.48 27.96 -4.85
CA PRO J 580 43.24 27.22 -5.11
C PRO J 580 42.51 26.85 -3.84
N GLY J 581 41.18 26.87 -3.90
CA GLY J 581 40.34 26.58 -2.76
C GLY J 581 40.05 27.75 -1.85
N ALA J 582 40.44 28.95 -2.24
CA ALA J 582 40.23 30.11 -1.37
C ALA J 582 38.77 30.55 -1.37
N THR J 583 38.25 30.82 -0.18
CA THR J 583 36.88 31.27 0.00
C THR J 583 36.77 32.76 -0.34
N ARG J 584 35.53 33.19 -0.64
CA ARG J 584 35.28 34.57 -1.03
C ARG J 584 35.78 35.56 0.01
N GLU J 585 35.73 35.19 1.29
CA GLU J 585 36.12 36.12 2.35
C GLU J 585 37.61 36.43 2.30
N ARG J 586 38.46 35.44 2.01
CA ARG J 586 39.88 35.72 1.86
C ARG J 586 40.13 36.67 0.70
N THR J 587 39.42 36.46 -0.41
CA THR J 587 39.53 37.37 -1.55
C THR J 587 39.09 38.78 -1.16
N SER J 588 38.04 38.88 -0.36
CA SER J 588 37.58 40.18 0.10
C SER J 588 38.61 40.86 0.99
N ALA J 589 39.28 40.12 1.86
CA ALA J 589 40.32 40.71 2.69
C ALA J 589 41.48 41.21 1.85
N ALA J 590 41.91 40.40 0.87
CA ALA J 590 42.99 40.85 -0.02
C ALA J 590 42.57 42.08 -0.81
N GLY J 591 41.34 42.09 -1.31
CA GLY J 591 40.85 43.25 -2.03
C GLY J 591 40.74 44.47 -1.15
N GLY J 592 40.42 44.28 0.12
CA GLY J 592 40.39 45.40 1.05
C GLY J 592 41.75 46.00 1.28
N GLU J 593 42.78 45.15 1.44
CA GLU J 593 44.14 45.66 1.56
C GLU J 593 44.54 46.42 0.29
N LEU J 594 44.23 45.85 -0.87
CA LEU J 594 44.51 46.53 -2.13
C LEU J 594 43.80 47.87 -2.22
N GLU J 595 42.53 47.91 -1.82
CA GLU J 595 41.75 49.13 -1.88
C GLU J 595 42.32 50.19 -0.95
N SER J 596 42.75 49.78 0.25
CA SER J 596 43.39 50.73 1.15
C SER J 596 44.64 51.32 0.53
N PHE J 597 45.49 50.47 -0.05
CA PHE J 597 46.72 50.98 -0.65
C PHE J 597 46.40 51.93 -1.82
N LEU J 598 45.44 51.56 -2.66
CA LEU J 598 45.11 52.40 -3.80
C LEU J 598 44.54 53.74 -3.37
N MET J 599 43.64 53.74 -2.38
CA MET J 599 43.10 54.99 -1.86
C MET J 599 44.16 55.81 -1.16
N ALA J 600 45.23 55.18 -0.69
CA ALA J 600 46.36 55.93 -0.15
C ALA J 600 47.16 56.67 -1.22
N ARG J 601 46.88 56.43 -2.50
CA ARG J 601 47.67 56.98 -3.59
C ARG J 601 46.95 58.16 -4.23
N GLU J 602 47.70 59.19 -4.58
CA GLU J 602 47.11 60.41 -5.14
C GLU J 602 46.68 60.24 -6.59
N ALA J 603 47.33 59.33 -7.32
CA ALA J 603 47.05 59.22 -8.75
C ALA J 603 45.70 58.58 -9.03
N VAL J 604 45.10 57.91 -8.05
CA VAL J 604 43.83 57.21 -8.25
C VAL J 604 42.69 58.11 -7.82
N GLN J 605 41.75 58.34 -8.74
CA GLN J 605 40.55 59.11 -8.42
C GLN J 605 39.48 58.21 -7.80
N THR J 606 39.29 57.03 -8.36
CA THR J 606 38.33 56.07 -7.82
C THR J 606 38.77 54.66 -8.20
N THR J 607 38.43 53.70 -7.35
CA THR J 607 38.79 52.30 -7.57
C THR J 607 37.53 51.45 -7.62
N PHE J 608 37.39 50.66 -8.67
CA PHE J 608 36.28 49.73 -8.82
C PHE J 608 36.82 48.32 -8.84
N LEU J 609 36.30 47.47 -7.95
CA LEU J 609 36.78 46.11 -7.76
C LEU J 609 35.63 45.15 -7.97
N VAL J 610 35.91 44.01 -8.61
CA VAL J 610 34.93 42.96 -8.84
C VAL J 610 35.45 41.68 -8.21
N LEU J 611 34.63 41.05 -7.39
CA LEU J 611 34.95 39.77 -6.77
C LEU J 611 34.25 38.65 -7.52
N GLY J 612 35.01 37.61 -7.86
CA GLY J 612 34.51 36.52 -8.66
C GLY J 612 34.72 36.68 -10.15
N PHE J 613 35.17 37.86 -10.61
CA PHE J 613 35.42 38.11 -12.01
C PHE J 613 36.85 38.58 -12.19
N SER J 614 37.52 38.07 -13.23
CA SER J 614 38.90 38.44 -13.52
C SER J 614 39.25 37.95 -14.91
N PHE J 615 40.46 38.32 -15.35
CA PHE J 615 40.94 37.83 -16.65
C PHE J 615 41.13 36.32 -16.64
N SER J 616 41.68 35.78 -15.55
CA SER J 616 42.00 34.36 -15.50
C SER J 616 40.76 33.49 -15.58
N GLY J 617 39.70 33.84 -14.85
CA GLY J 617 38.50 33.04 -14.87
C GLY J 617 37.63 33.35 -13.66
N MET J 618 36.49 32.66 -13.60
CA MET J 618 35.48 32.89 -12.57
C MET J 618 35.76 31.98 -11.39
N GLY J 619 35.64 32.52 -10.18
CA GLY J 619 35.85 31.73 -8.98
C GLY J 619 35.88 32.56 -7.71
N GLU J 620 35.80 31.91 -6.56
CA GLU J 620 35.85 32.63 -5.29
C GLU J 620 37.22 33.25 -5.06
N ASN J 621 38.28 32.61 -5.55
CA ASN J 621 39.64 33.07 -5.35
C ASN J 621 40.09 34.09 -6.38
N ALA J 622 39.21 34.45 -7.32
CA ALA J 622 39.56 35.36 -8.41
C ALA J 622 38.83 36.68 -8.24
N ALA J 623 39.53 37.78 -8.55
CA ALA J 623 38.93 39.10 -8.49
C ALA J 623 39.71 40.03 -9.41
N ILE J 624 39.06 41.11 -9.81
CA ILE J 624 39.67 42.11 -10.69
C ILE J 624 39.31 43.50 -10.21
N ALA J 625 40.23 44.43 -10.37
CA ALA J 625 40.05 45.82 -9.99
C ALA J 625 40.43 46.72 -11.15
N PHE J 626 39.71 47.83 -11.29
CA PHE J 626 39.92 48.79 -12.37
C PHE J 626 40.19 50.16 -11.76
N PRO J 627 41.42 50.41 -11.31
CA PRO J 627 41.76 51.76 -10.81
C PRO J 627 41.69 52.77 -11.94
N LEU J 628 40.92 53.84 -11.69
CA LEU J 628 40.82 54.96 -12.60
C LEU J 628 41.71 56.09 -12.10
N LEU J 629 42.48 56.67 -13.01
CA LEU J 629 43.40 57.74 -12.65
C LEU J 629 42.76 59.10 -12.93
N LYS J 630 43.35 60.13 -12.32
CA LYS J 630 42.85 61.48 -12.50
C LYS J 630 43.12 61.97 -13.92
N ASP J 631 42.61 63.16 -14.21
CA ASP J 631 42.80 63.75 -15.54
C ASP J 631 44.27 64.01 -15.79
N TRP J 632 44.66 63.94 -17.07
CA TRP J 632 46.05 64.11 -17.45
C TRP J 632 46.57 65.50 -17.09
N SER J 633 45.69 66.49 -16.98
CA SER J 633 46.12 67.83 -16.58
C SER J 633 46.55 67.90 -15.12
N GLU J 634 46.11 66.96 -14.29
CA GLU J 634 46.45 66.95 -12.87
C GLU J 634 47.56 65.96 -12.52
N ARG J 635 48.14 65.29 -13.51
CA ARG J 635 49.14 64.27 -13.27
C ARG J 635 50.35 64.51 -14.16
N ASP J 636 51.52 64.14 -13.66
CA ASP J 636 52.77 64.24 -14.41
C ASP J 636 53.16 62.88 -14.97
N SER J 637 54.31 62.85 -15.65
CA SER J 637 54.79 61.60 -16.22
C SER J 637 55.17 60.58 -15.14
N SER J 638 55.60 61.04 -13.97
CA SER J 638 55.91 60.13 -12.88
C SER J 638 54.65 59.52 -12.26
N GLN J 639 53.48 60.09 -12.54
CA GLN J 639 52.20 59.55 -12.09
C GLN J 639 51.46 58.86 -13.22
N SER J 640 52.17 58.45 -14.26
CA SER J 640 51.56 57.80 -15.41
C SER J 640 51.08 56.41 -15.04
N PRO J 641 50.17 55.84 -15.82
CA PRO J 641 49.69 54.48 -15.52
C PRO J 641 50.80 53.44 -15.47
N GLU J 642 51.85 53.60 -16.28
CA GLU J 642 52.94 52.64 -16.25
C GLU J 642 53.74 52.74 -14.95
N ALA J 643 54.07 53.96 -14.54
CA ALA J 643 54.77 54.14 -13.27
C ALA J 643 53.89 53.71 -12.10
N GLU J 644 52.59 53.99 -12.18
CA GLU J 644 51.67 53.56 -11.13
C GLU J 644 51.59 52.03 -11.07
N SER J 645 51.59 51.38 -12.24
CA SER J 645 51.61 49.92 -12.28
C SER J 645 52.87 49.38 -11.63
N ALA J 646 54.02 49.97 -11.96
CA ALA J 646 55.27 49.52 -11.36
C ALA J 646 55.25 49.71 -9.85
N ALA J 647 54.71 50.84 -9.38
CA ALA J 647 54.63 51.09 -7.94
C ALA J 647 53.73 50.07 -7.26
N VAL J 648 52.59 49.76 -7.85
CA VAL J 648 51.67 48.80 -7.25
C VAL J 648 52.31 47.41 -7.20
N ASN J 649 52.93 47.00 -8.31
CA ASN J 649 53.60 45.70 -8.33
C ASN J 649 54.75 45.64 -7.33
N GLN J 650 55.43 46.77 -7.13
CA GLN J 650 56.55 46.80 -6.19
C GLN J 650 56.05 46.72 -4.75
N HIS J 651 54.98 47.46 -4.42
CA HIS J 651 54.49 47.46 -3.04
C HIS J 651 53.96 46.10 -2.63
N PHE J 652 53.22 45.44 -3.51
CA PHE J 652 52.57 44.18 -3.19
C PHE J 652 53.34 42.97 -3.70
N ALA J 653 54.62 43.14 -4.04
CA ALA J 653 55.39 42.01 -4.55
C ALA J 653 55.59 40.93 -3.51
N ASN J 654 55.36 41.25 -2.24
CA ASN J 654 55.56 40.33 -1.14
C ASN J 654 54.26 40.06 -0.40
N LEU J 655 53.18 39.84 -1.16
CA LEU J 655 51.91 39.47 -0.56
C LEU J 655 51.96 38.02 -0.11
N ASP J 656 51.47 37.77 1.11
CA ASP J 656 51.64 36.45 1.70
C ASP J 656 50.46 35.53 1.42
N ASP J 657 49.29 36.09 1.16
CA ASP J 657 48.08 35.30 0.91
C ASP J 657 47.61 35.57 -0.52
N GLY J 658 48.11 34.78 -1.46
CA GLY J 658 47.68 34.87 -2.83
C GLY J 658 48.65 35.61 -3.72
N ALA J 659 48.14 36.01 -4.87
CA ALA J 659 48.92 36.71 -5.89
C ALA J 659 48.16 37.94 -6.35
N ILE J 660 48.90 39.01 -6.62
CA ILE J 660 48.33 40.28 -7.04
C ILE J 660 49.22 40.84 -8.15
N MET J 661 48.60 41.32 -9.23
CA MET J 661 49.37 41.73 -10.41
C MET J 661 48.68 42.89 -11.11
N ALA J 662 49.42 43.96 -11.38
CA ALA J 662 48.88 45.11 -12.09
C ALA J 662 49.41 45.16 -13.52
N VAL J 663 48.49 45.36 -14.47
CA VAL J 663 48.81 45.39 -15.89
C VAL J 663 48.12 46.58 -16.55
N PRO J 664 48.66 47.07 -17.68
CA PRO J 664 47.97 48.13 -18.41
C PRO J 664 46.98 47.52 -19.39
N PRO J 665 45.96 48.28 -19.80
CA PRO J 665 44.97 47.75 -20.74
C PRO J 665 45.57 47.52 -22.11
N PRO J 666 45.01 46.60 -22.89
CA PRO J 666 45.53 46.36 -24.23
C PRO J 666 45.31 47.58 -25.12
N PRO J 667 46.19 47.81 -26.09
CA PRO J 667 46.02 48.98 -26.96
C PRO J 667 44.73 48.96 -27.76
N VAL J 668 44.27 47.79 -28.19
CA VAL J 668 43.08 47.67 -29.04
C VAL J 668 42.05 46.83 -28.31
N GLU J 669 40.84 47.37 -28.17
CA GLU J 669 39.76 46.63 -27.53
C GLU J 669 39.29 45.51 -28.45
N GLY J 670 38.91 44.39 -27.84
CA GLY J 670 38.37 43.27 -28.58
C GLY J 670 39.39 42.30 -29.13
N LEU J 671 40.68 42.61 -29.02
CA LEU J 671 41.73 41.73 -29.50
C LEU J 671 42.46 41.00 -28.37
N GLY J 672 42.01 41.16 -27.14
CA GLY J 672 42.63 40.48 -26.02
C GLY J 672 42.32 41.19 -24.72
N ASN J 673 42.72 40.53 -23.63
CA ASN J 673 42.55 41.10 -22.30
C ASN J 673 43.67 42.04 -21.91
N SER J 674 44.85 41.86 -22.49
CA SER J 674 45.99 42.73 -22.24
C SER J 674 46.86 42.75 -23.49
N GLY J 675 47.96 43.51 -23.41
CA GLY J 675 48.88 43.57 -24.52
C GLY J 675 49.80 42.37 -24.59
N GLY J 676 50.67 42.31 -25.59
CA GLY J 676 51.63 41.24 -25.71
C GLY J 676 51.21 40.12 -26.64
N PHE J 677 51.51 38.88 -26.26
CA PHE J 677 51.27 37.72 -27.09
C PHE J 677 50.38 36.72 -26.35
N ALA J 678 49.58 36.00 -27.12
CA ALA J 678 48.70 34.96 -26.59
C ALA J 678 48.84 33.73 -27.48
N LEU J 679 49.37 32.65 -26.91
CA LEU J 679 49.54 31.38 -27.60
C LEU J 679 48.60 30.35 -27.01
N ARG J 680 48.15 29.42 -27.86
CA ARG J 680 47.37 28.27 -27.40
C ARG J 680 48.23 27.04 -27.60
N LEU J 681 48.62 26.40 -26.50
CA LEU J 681 49.30 25.13 -26.53
C LEU J 681 48.24 24.05 -26.70
N GLN J 682 48.38 23.22 -27.72
CA GLN J 682 47.33 22.31 -28.14
C GLN J 682 47.75 20.86 -27.92
N ASP J 683 46.84 20.07 -27.37
CA ASP J 683 47.03 18.62 -27.29
C ASP J 683 46.65 18.03 -28.63
N ARG J 684 47.59 18.07 -29.58
CA ARG J 684 47.31 17.59 -30.93
C ARG J 684 47.53 16.09 -31.09
N ALA J 685 48.11 15.43 -30.09
CA ALA J 685 48.32 13.98 -30.15
C ALA J 685 47.60 13.23 -29.04
N GLY J 686 46.79 13.91 -28.22
CA GLY J 686 46.09 13.24 -27.15
C GLY J 686 46.99 12.68 -26.05
N LEU J 687 47.99 13.45 -25.62
CA LEU J 687 48.91 12.97 -24.61
C LEU J 687 48.23 12.78 -23.24
N GLY J 688 47.13 13.47 -22.99
CA GLY J 688 46.42 13.36 -21.73
C GLY J 688 46.65 14.56 -20.82
N ARG J 689 45.72 14.71 -19.87
CA ARG J 689 45.76 15.88 -19.00
C ARG J 689 47.03 15.92 -18.15
N ASP J 690 47.45 14.78 -17.63
CA ASP J 690 48.69 14.77 -16.83
C ASP J 690 49.89 15.14 -17.69
N ALA J 691 49.99 14.57 -18.90
CA ALA J 691 51.06 14.94 -19.81
C ALA J 691 50.93 16.39 -20.25
N LEU J 692 49.68 16.86 -20.40
CA LEU J 692 49.46 18.26 -20.75
C LEU J 692 50.02 19.18 -19.67
N LEU J 693 49.75 18.87 -18.40
CA LEU J 693 50.27 19.69 -17.31
C LEU J 693 51.79 19.57 -17.21
N ALA J 694 52.34 18.39 -17.52
CA ALA J 694 53.80 18.26 -17.52
C ALA J 694 54.43 19.15 -18.57
N ALA J 695 53.93 19.09 -19.81
CA ALA J 695 54.44 19.95 -20.87
C ALA J 695 54.21 21.42 -20.55
N ARG J 696 53.08 21.73 -19.91
CA ARG J 696 52.78 23.09 -19.49
C ARG J 696 53.81 23.60 -18.49
N ASP J 697 54.14 22.78 -17.50
CA ASP J 697 55.19 23.15 -16.56
C ASP J 697 56.50 23.37 -17.28
N GLU J 698 56.82 22.49 -18.24
CA GLU J 698 58.04 22.64 -19.02
C GLU J 698 58.10 24.01 -19.70
N VAL J 699 57.05 24.35 -20.45
CA VAL J 699 57.10 25.57 -21.26
C VAL J 699 57.05 26.80 -20.37
N LEU J 700 56.23 26.75 -19.30
CA LEU J 700 56.14 27.90 -18.40
C LEU J 700 57.45 28.15 -17.69
N GLY J 701 58.13 27.08 -17.25
CA GLY J 701 59.44 27.26 -16.65
C GLY J 701 60.47 27.78 -17.63
N LYS J 702 60.42 27.31 -18.88
CA LYS J 702 61.34 27.80 -19.89
C LYS J 702 61.11 29.28 -20.18
N VAL J 703 59.85 29.71 -20.24
CA VAL J 703 59.56 31.08 -20.66
C VAL J 703 59.75 32.06 -19.52
N ASN J 704 59.25 31.72 -18.32
CA ASN J 704 59.29 32.66 -17.20
C ASN J 704 60.72 32.98 -16.77
N GLY J 705 61.69 32.13 -17.08
CA GLY J 705 63.07 32.42 -16.82
C GLY J 705 63.77 33.20 -17.92
N ASN J 706 63.07 33.54 -18.99
CA ASN J 706 63.63 34.26 -20.12
C ASN J 706 63.40 35.75 -19.97
N PRO J 707 64.46 36.57 -19.99
CA PRO J 707 64.28 38.01 -19.82
C PRO J 707 63.53 38.69 -20.96
N LYS J 708 63.26 37.99 -22.06
CA LYS J 708 62.50 38.56 -23.16
C LYS J 708 61.06 38.89 -22.77
N PHE J 709 60.58 38.36 -21.66
CA PHE J 709 59.18 38.47 -21.28
C PHE J 709 59.05 39.13 -19.93
N LEU J 710 58.16 40.13 -19.84
CA LEU J 710 57.87 40.75 -18.55
C LEU J 710 57.22 39.76 -17.60
N TYR J 711 56.30 38.94 -18.11
CA TYR J 711 55.71 37.85 -17.34
C TYR J 711 55.00 36.91 -18.29
N ALA J 712 54.73 35.69 -17.80
CA ALA J 712 54.00 34.68 -18.56
C ALA J 712 53.27 33.77 -17.58
N MET J 713 51.95 33.69 -17.70
CA MET J 713 51.14 32.92 -16.76
C MET J 713 50.07 32.13 -17.49
N MET J 714 49.55 31.14 -16.78
CA MET J 714 48.30 30.49 -17.16
C MET J 714 47.16 31.49 -17.04
N GLU J 715 46.59 31.90 -18.17
CA GLU J 715 45.35 32.68 -18.14
C GLU J 715 44.22 31.69 -17.86
N GLY J 716 44.13 31.28 -16.61
CA GLY J 716 43.20 30.25 -16.21
C GLY J 716 43.50 29.77 -14.81
N LEU J 717 42.58 29.00 -14.27
CA LEU J 717 42.66 28.58 -12.88
C LEU J 717 43.50 27.33 -12.74
N ALA J 718 44.44 27.35 -11.81
CA ALA J 718 45.29 26.19 -11.56
C ALA J 718 44.50 25.11 -10.83
N GLU J 719 45.03 23.88 -10.89
CA GLU J 719 44.32 22.73 -10.34
C GLU J 719 44.08 22.90 -8.85
N ALA J 720 42.93 22.38 -8.39
CA ALA J 720 42.51 22.53 -7.01
C ALA J 720 42.16 21.18 -6.41
N PRO J 721 42.28 21.03 -5.09
CA PRO J 721 41.82 19.81 -4.44
C PRO J 721 40.32 19.60 -4.60
N GLN J 722 39.92 18.35 -4.76
CA GLN J 722 38.52 17.95 -4.86
C GLN J 722 38.25 16.86 -3.84
N LEU J 723 36.99 16.73 -3.43
CA LEU J 723 36.61 15.75 -2.41
C LEU J 723 35.73 14.69 -3.06
N ARG J 724 36.35 13.67 -3.63
CA ARG J 724 35.60 12.61 -4.29
C ARG J 724 34.78 11.83 -3.27
N LEU J 725 33.51 11.60 -3.59
CA LEU J 725 32.61 10.81 -2.78
C LEU J 725 32.54 9.41 -3.34
N VAL J 726 33.16 8.46 -2.67
CA VAL J 726 33.07 7.05 -3.02
C VAL J 726 31.76 6.55 -2.42
N ILE J 727 30.81 6.19 -3.29
CA ILE J 727 29.52 5.70 -2.86
C ILE J 727 29.46 4.20 -3.12
N ASP J 728 29.27 3.41 -2.07
CA ASP J 728 29.10 1.96 -2.27
C ASP J 728 27.70 1.80 -2.76
N ARG J 729 27.53 1.60 -4.04
CA ARG J 729 26.21 1.44 -4.66
C ARG J 729 25.49 0.22 -4.12
N GLU J 730 26.21 -0.88 -3.90
CA GLU J 730 25.58 -2.09 -3.36
C GLU J 730 25.07 -1.85 -1.95
N GLN J 731 25.88 -1.23 -1.09
CA GLN J 731 25.45 -0.96 0.28
C GLN J 731 24.26 -0.02 0.31
N ALA J 732 24.30 1.04 -0.51
CA ALA J 732 23.20 1.98 -0.56
C ALA J 732 21.92 1.29 -1.04
N ARG J 733 22.04 0.45 -2.06
CA ARG J 733 20.87 -0.25 -2.57
C ARG J 733 20.31 -1.23 -1.55
N THR J 734 21.18 -1.90 -0.80
CA THR J 734 20.71 -2.85 0.21
C THR J 734 19.89 -2.15 1.29
N LEU J 735 20.33 -0.97 1.71
CA LEU J 735 19.58 -0.18 2.68
C LEU J 735 18.32 0.44 2.09
N GLY J 736 17.98 0.12 0.84
CA GLY J 736 16.79 0.68 0.23
C GLY J 736 16.93 2.08 -0.29
N VAL J 737 18.16 2.54 -0.53
CA VAL J 737 18.40 3.90 -0.97
C VAL J 737 18.62 3.91 -2.48
N SER J 738 17.79 4.66 -3.18
CA SER J 738 17.95 4.83 -4.62
C SER J 738 19.05 5.84 -4.91
N PHE J 739 19.71 5.67 -6.06
CA PHE J 739 20.71 6.65 -6.47
C PHE J 739 20.07 8.01 -6.75
N GLU J 740 18.79 8.02 -7.15
CA GLU J 740 18.13 9.29 -7.38
C GLU J 740 18.02 10.09 -6.09
N ALA J 741 17.75 9.41 -4.98
CA ALA J 741 17.63 10.11 -3.70
C ALA J 741 18.94 10.77 -3.32
N ILE J 742 20.06 10.06 -3.46
CA ILE J 742 21.36 10.64 -3.16
C ILE J 742 21.64 11.81 -4.08
N SER J 743 21.35 11.63 -5.38
CA SER J 743 21.60 12.69 -6.34
C SER J 743 20.82 13.96 -5.99
N SER J 744 19.52 13.82 -5.75
CA SER J 744 18.69 14.96 -5.43
C SER J 744 19.13 15.61 -4.13
N ALA J 745 19.42 14.81 -3.11
CA ALA J 745 19.83 15.36 -1.82
C ALA J 745 21.11 16.16 -1.95
N LEU J 746 22.14 15.58 -2.57
CA LEU J 746 23.40 16.29 -2.72
C LEU J 746 23.24 17.54 -3.56
N SER J 747 22.52 17.44 -4.68
CA SER J 747 22.36 18.59 -5.56
C SER J 747 21.65 19.73 -4.86
N THR J 748 20.55 19.44 -4.17
CA THR J 748 19.79 20.52 -3.54
C THR J 748 20.52 21.05 -2.31
N ALA J 749 21.25 20.19 -1.60
CA ALA J 749 21.89 20.64 -0.37
C ALA J 749 23.10 21.52 -0.67
N PHE J 750 23.90 21.15 -1.67
CA PHE J 750 25.14 21.88 -1.90
C PHE J 750 25.14 22.70 -3.19
N GLY J 751 24.63 22.16 -4.29
CA GLY J 751 24.62 22.90 -5.53
C GLY J 751 23.50 23.89 -5.69
N SER J 752 22.55 23.92 -4.74
CA SER J 752 21.38 24.80 -4.77
C SER J 752 20.45 24.43 -5.91
N SER J 753 19.17 24.22 -5.60
CA SER J 753 18.19 23.78 -6.59
C SER J 753 17.18 24.89 -6.84
N VAL J 754 16.99 25.25 -8.11
CA VAL J 754 15.96 26.19 -8.50
C VAL J 754 14.68 25.42 -8.72
N ILE J 755 13.66 25.70 -7.92
CA ILE J 755 12.44 24.91 -7.94
C ILE J 755 11.44 25.43 -8.96
N ASN J 756 10.98 26.66 -8.80
CA ASN J 756 9.97 27.23 -9.69
C ASN J 756 10.08 28.75 -9.61
N ASP J 757 9.06 29.43 -10.10
CA ASP J 757 9.03 30.89 -10.17
C ASP J 757 7.95 31.44 -9.27
N PHE J 758 8.21 32.63 -8.73
CA PHE J 758 7.25 33.35 -7.91
C PHE J 758 7.18 34.79 -8.35
N ALA J 759 6.01 35.40 -8.15
CA ALA J 759 5.74 36.76 -8.62
C ALA J 759 6.16 37.74 -7.54
N ASN J 760 7.32 38.38 -7.73
CA ASN J 760 7.81 39.44 -6.85
C ASN J 760 7.51 40.77 -7.53
N ALA J 761 6.52 41.48 -7.02
CA ALA J 761 6.15 42.81 -7.51
C ALA J 761 5.95 42.81 -9.03
N GLY J 762 5.33 41.76 -9.54
CA GLY J 762 5.04 41.67 -10.95
C GLY J 762 6.10 41.04 -11.82
N ARG J 763 7.23 40.61 -11.25
CA ARG J 763 8.27 39.94 -12.02
C ARG J 763 8.41 38.49 -11.57
N GLN J 764 8.56 37.60 -12.53
CA GLN J 764 8.77 36.19 -12.23
C GLN J 764 10.24 35.95 -11.87
N GLN J 765 10.49 35.53 -10.64
CA GLN J 765 11.84 35.31 -10.16
C GLN J 765 11.95 33.93 -9.54
N ARG J 766 13.15 33.37 -9.58
CA ARG J 766 13.37 32.00 -9.16
C ARG J 766 13.24 31.85 -7.66
N VAL J 767 12.84 30.65 -7.23
CA VAL J 767 12.92 30.24 -5.83
C VAL J 767 14.01 29.20 -5.73
N VAL J 768 15.04 29.48 -4.93
CA VAL J 768 16.23 28.65 -4.84
C VAL J 768 16.31 28.06 -3.45
N VAL J 769 16.49 26.74 -3.36
CA VAL J 769 16.58 26.03 -2.10
C VAL J 769 18.02 25.54 -1.93
N GLN J 770 18.61 25.85 -0.77
CA GLN J 770 19.98 25.41 -0.50
C GLN J 770 20.12 25.18 0.99
N ALA J 771 21.13 24.40 1.37
CA ALA J 771 21.36 24.12 2.79
C ALA J 771 21.90 25.35 3.50
N GLU J 772 21.64 25.41 4.81
CA GLU J 772 22.05 26.57 5.60
C GLU J 772 23.57 26.65 5.66
N GLN J 773 24.06 27.88 5.87
CA GLN J 773 25.50 28.14 5.86
C GLN J 773 26.25 27.25 6.83
N ALA J 774 25.79 27.18 8.08
CA ALA J 774 26.52 26.44 9.09
C ALA J 774 26.49 24.94 8.84
N GLU J 775 25.53 24.46 8.05
CA GLU J 775 25.35 23.03 7.84
C GLU J 775 25.97 22.54 6.55
N ARG J 776 26.77 23.36 5.87
CA ARG J 776 27.44 22.91 4.65
C ARG J 776 28.86 23.41 4.53
N MET J 777 29.52 23.80 5.62
CA MET J 777 30.85 24.36 5.52
C MET J 777 31.96 23.32 5.52
N THR J 778 31.72 22.14 6.06
CA THR J 778 32.76 21.15 6.29
C THR J 778 32.42 19.83 5.62
N PRO J 779 33.43 19.01 5.31
CA PRO J 779 33.15 17.66 4.79
C PRO J 779 32.38 16.75 5.72
N GLU J 780 32.43 16.97 7.04
CA GLU J 780 31.57 16.18 7.90
C GLU J 780 30.10 16.46 7.64
N SER J 781 29.80 17.63 7.06
CA SER J 781 28.41 17.97 6.78
C SER J 781 27.83 17.13 5.63
N VAL J 782 28.64 16.73 4.65
CA VAL J 782 28.07 15.87 3.60
C VAL J 782 27.75 14.50 4.18
N LEU J 783 28.59 14.01 5.09
CA LEU J 783 28.29 12.74 5.74
C LEU J 783 27.14 12.85 6.72
N ARG J 784 26.82 14.04 7.20
CA ARG J 784 25.69 14.19 8.12
C ARG J 784 24.35 14.26 7.42
N LEU J 785 24.33 14.24 6.09
CA LEU J 785 23.07 14.24 5.35
C LEU J 785 22.37 12.88 5.46
N HIS J 786 21.05 12.91 5.36
CA HIS J 786 20.23 11.70 5.38
C HIS J 786 19.34 11.65 4.15
N VAL J 787 19.04 10.44 3.69
CA VAL J 787 18.20 10.23 2.53
C VAL J 787 17.14 9.17 2.88
N PRO J 788 15.96 9.20 2.28
CA PRO J 788 14.94 8.22 2.63
C PRO J 788 15.14 6.90 1.90
N ASN J 789 14.74 5.82 2.56
CA ASN J 789 14.77 4.49 1.96
C ASN J 789 13.39 4.11 1.46
N ASP J 790 13.25 2.88 0.96
CA ASP J 790 11.96 2.43 0.46
C ASP J 790 10.91 2.31 1.55
N SER J 791 11.32 2.10 2.80
CA SER J 791 10.40 1.95 3.91
C SER J 791 10.08 3.26 4.59
N GLY J 792 10.62 4.38 4.10
CA GLY J 792 10.33 5.68 4.69
C GLY J 792 11.23 6.10 5.81
N SER J 793 12.20 5.26 6.20
CA SER J 793 13.14 5.64 7.24
C SER J 793 14.31 6.40 6.63
N LEU J 794 14.95 7.24 7.43
CA LEU J 794 16.06 8.06 6.96
C LEU J 794 17.39 7.40 7.28
N VAL J 795 18.27 7.34 6.28
CA VAL J 795 19.58 6.70 6.40
C VAL J 795 20.63 7.78 6.22
N PRO J 796 21.60 7.91 7.12
CA PRO J 796 22.63 8.93 6.94
C PRO J 796 23.53 8.60 5.76
N LEU J 797 24.08 9.64 5.14
CA LEU J 797 25.00 9.42 4.02
C LEU J 797 26.27 8.72 4.49
N SER J 798 26.67 8.93 5.74
CA SER J 798 27.89 8.32 6.26
C SER J 798 27.79 6.79 6.29
N ALA J 799 26.59 6.24 6.21
CA ALA J 799 26.43 4.79 6.19
C ALA J 799 26.95 4.16 4.91
N PHE J 800 26.96 4.90 3.80
CA PHE J 800 27.42 4.32 2.56
C PHE J 800 28.28 5.26 1.70
N VAL J 801 28.70 6.41 2.22
CA VAL J 801 29.51 7.36 1.48
C VAL J 801 30.82 7.59 2.24
N THR J 802 31.93 7.53 1.51
CA THR J 802 33.24 7.87 2.06
C THR J 802 33.83 9.02 1.24
N THR J 803 34.70 9.80 1.88
CA THR J 803 35.28 10.97 1.25
C THR J 803 36.79 10.79 1.10
N SER J 804 37.29 11.07 -0.09
CA SER J 804 38.72 10.98 -0.35
C SER J 804 39.17 12.21 -1.14
N TRP J 805 40.25 12.85 -0.69
CA TRP J 805 40.73 14.04 -1.35
C TRP J 805 41.61 13.69 -2.54
N GLU J 806 41.22 14.14 -3.72
CA GLU J 806 42.02 14.05 -4.92
C GLU J 806 42.33 15.47 -5.40
N GLU J 807 42.92 15.57 -6.59
CA GLU J 807 43.13 16.86 -7.23
C GLU J 807 42.48 16.86 -8.62
N GLY J 808 41.93 18.01 -9.00
CA GLY J 808 41.25 18.12 -10.28
C GLY J 808 41.21 19.54 -10.79
N PRO J 809 40.79 19.70 -12.05
CA PRO J 809 40.76 21.03 -12.68
C PRO J 809 39.53 21.82 -12.25
N VAL J 810 39.76 23.07 -11.84
CA VAL J 810 38.66 23.98 -11.54
C VAL J 810 38.23 24.76 -12.77
N GLN J 811 39.08 24.82 -13.79
CA GLN J 811 38.70 25.36 -15.09
C GLN J 811 39.31 24.50 -16.18
N VAL J 812 38.53 24.22 -17.22
CA VAL J 812 38.96 23.38 -18.33
C VAL J 812 38.91 24.21 -19.61
N ALA J 813 39.98 24.16 -20.39
CA ALA J 813 40.11 24.98 -21.60
C ALA J 813 40.27 24.10 -22.84
N ARG J 814 39.43 24.37 -23.85
CA ARG J 814 39.51 23.66 -25.10
C ARG J 814 39.60 24.65 -26.25
N TYR J 815 40.46 24.33 -27.22
CA TYR J 815 40.71 25.19 -28.37
C TYR J 815 40.66 24.35 -29.64
N ASN J 816 39.82 24.76 -30.58
CA ASN J 816 39.59 24.03 -31.83
C ASN J 816 39.27 22.56 -31.57
N GLY J 817 38.52 22.30 -30.50
CA GLY J 817 38.12 20.95 -30.19
C GLY J 817 39.18 20.10 -29.53
N TYR J 818 40.41 20.60 -29.41
CA TYR J 818 41.35 19.80 -28.64
C TYR J 818 41.52 20.41 -27.25
N PRO J 819 41.79 19.60 -26.23
CA PRO J 819 42.19 20.18 -24.93
C PRO J 819 43.43 21.04 -25.10
N SER J 820 43.39 22.24 -24.52
CA SER J 820 44.44 23.21 -24.73
C SER J 820 44.81 23.87 -23.42
N ILE J 821 46.05 24.34 -23.35
CA ILE J 821 46.52 25.21 -22.28
C ILE J 821 46.76 26.58 -22.87
N ARG J 822 46.13 27.59 -22.29
CA ARG J 822 46.28 28.95 -22.78
C ARG J 822 47.47 29.62 -22.12
N ILE J 823 48.41 30.12 -22.92
CA ILE J 823 49.61 30.79 -22.43
C ILE J 823 49.55 32.23 -22.88
N ALA J 824 49.75 33.16 -21.96
CA ALA J 824 49.75 34.58 -22.28
C ALA J 824 51.01 35.22 -21.73
N GLY J 825 51.43 36.31 -22.37
CA GLY J 825 52.60 37.01 -21.89
C GLY J 825 52.73 38.36 -22.56
N ASP J 826 53.77 39.09 -22.15
CA ASP J 826 54.09 40.38 -22.72
C ASP J 826 55.60 40.47 -22.92
N ALA J 827 56.00 41.11 -24.01
CA ALA J 827 57.42 41.27 -24.30
C ALA J 827 58.05 42.26 -23.33
N ALA J 828 59.36 42.09 -23.11
CA ALA J 828 60.08 42.98 -22.23
C ALA J 828 60.20 44.36 -22.86
N PRO J 829 60.33 45.42 -22.05
CA PRO J 829 60.52 46.77 -22.62
C PRO J 829 61.73 46.84 -23.54
N GLY J 830 61.57 47.46 -24.70
CA GLY J 830 62.63 47.52 -25.69
C GLY J 830 62.75 46.29 -26.55
N VAL J 831 61.94 45.26 -26.32
CA VAL J 831 61.98 44.02 -27.08
C VAL J 831 60.73 43.95 -27.94
N SER J 832 60.92 43.75 -29.24
CA SER J 832 59.81 43.64 -30.17
C SER J 832 59.15 42.27 -30.05
N THR J 833 57.89 42.20 -30.51
CA THR J 833 57.16 40.95 -30.43
C THR J 833 57.70 39.94 -31.44
N GLY J 834 58.15 40.41 -32.61
CA GLY J 834 58.51 39.51 -33.70
C GLY J 834 59.65 38.57 -33.33
N GLU J 835 60.71 39.11 -32.76
CA GLU J 835 61.81 38.28 -32.30
C GLU J 835 61.34 37.33 -31.21
N ALA J 836 60.41 37.79 -30.36
CA ALA J 836 59.87 36.92 -29.32
C ALA J 836 59.15 35.72 -29.91
N MET J 837 58.29 35.95 -30.92
CA MET J 837 57.58 34.83 -31.52
C MET J 837 58.52 33.93 -32.31
N LEU J 838 59.57 34.49 -32.89
CA LEU J 838 60.56 33.66 -33.56
C LEU J 838 61.25 32.73 -32.56
N GLU J 839 61.65 33.27 -31.41
CA GLU J 839 62.23 32.45 -30.35
C GLU J 839 61.22 31.41 -29.87
N LEU J 840 59.94 31.78 -29.82
CA LEU J 840 58.92 30.84 -29.37
C LEU J 840 58.71 29.72 -30.37
N GLU J 841 58.78 30.01 -31.67
CA GLU J 841 58.75 28.94 -32.67
C GLU J 841 59.96 28.02 -32.50
N ARG J 842 61.13 28.61 -32.25
CA ARG J 842 62.30 27.77 -32.00
C ARG J 842 62.08 26.87 -30.79
N ILE J 843 61.50 27.41 -29.73
CA ILE J 843 61.23 26.61 -28.52
C ILE J 843 60.23 25.51 -28.81
N ALA J 844 59.15 25.84 -29.52
CA ALA J 844 58.11 24.86 -29.82
C ALA J 844 58.63 23.74 -30.73
N ALA J 845 59.61 24.06 -31.58
CA ALA J 845 60.23 23.02 -32.40
C ALA J 845 60.93 21.96 -31.55
N GLU J 846 61.30 22.28 -30.32
CA GLU J 846 61.94 21.34 -29.42
C GLU J 846 60.95 20.54 -28.58
N LEU J 847 59.66 20.85 -28.66
CA LEU J 847 58.67 20.16 -27.86
C LEU J 847 58.48 18.72 -28.35
N PRO J 848 58.00 17.82 -27.49
CA PRO J 848 57.74 16.46 -27.93
C PRO J 848 56.75 16.41 -29.08
N GLU J 849 56.96 15.46 -30.00
CA GLU J 849 56.11 15.35 -31.18
C GLU J 849 54.67 15.11 -30.80
N GLY J 850 53.76 15.86 -31.44
CA GLY J 850 52.35 15.80 -31.17
C GLY J 850 51.81 16.92 -30.31
N ILE J 851 52.70 17.70 -29.68
CA ILE J 851 52.30 18.87 -28.90
C ILE J 851 52.38 20.07 -29.83
N GLY J 852 51.24 20.74 -30.05
CA GLY J 852 51.17 21.82 -31.01
C GLY J 852 51.02 23.18 -30.37
N TYR J 853 51.08 24.20 -31.23
CA TYR J 853 50.89 25.58 -30.81
C TYR J 853 50.14 26.32 -31.89
N GLU J 854 49.38 27.34 -31.49
CA GLU J 854 48.76 28.23 -32.46
C GLU J 854 48.68 29.65 -31.90
N TRP J 855 48.74 30.62 -32.80
CA TRP J 855 48.56 32.01 -32.42
C TRP J 855 47.08 32.39 -32.52
N THR J 856 46.67 33.33 -31.68
CA THR J 856 45.28 33.78 -31.67
C THR J 856 45.23 35.28 -31.43
N GLY J 857 44.21 35.91 -32.00
CA GLY J 857 43.98 37.32 -31.78
C GLY J 857 45.09 38.20 -32.29
N LEU J 858 45.68 38.97 -31.38
CA LEU J 858 46.67 39.99 -31.74
C LEU J 858 47.86 39.36 -32.46
N SER J 859 48.34 38.23 -31.95
CA SER J 859 49.47 37.56 -32.59
C SER J 859 49.12 37.10 -34.00
N TYR J 860 47.91 36.56 -34.18
CA TYR J 860 47.47 36.14 -35.51
C TYR J 860 47.47 37.31 -36.48
N GLN J 861 46.87 38.43 -36.07
CA GLN J 861 46.81 39.60 -36.95
C GLN J 861 48.20 40.14 -37.25
N GLU J 862 49.10 40.12 -36.25
CA GLU J 862 50.46 40.59 -36.46
C GLU J 862 51.19 39.71 -37.46
N ARG J 863 50.98 38.40 -37.36
CA ARG J 863 51.59 37.50 -38.33
C ARG J 863 51.12 37.81 -39.74
N VAL J 864 49.81 38.02 -39.91
CA VAL J 864 49.28 38.31 -41.25
C VAL J 864 49.84 39.62 -41.78
N ALA J 865 49.91 40.66 -40.94
CA ALA J 865 50.41 41.95 -41.41
C ALA J 865 51.88 41.89 -41.78
N SER J 866 52.69 41.24 -40.93
CA SER J 866 54.10 41.08 -41.23
C SER J 866 54.29 40.26 -42.51
N GLY J 867 53.36 39.36 -42.80
CA GLY J 867 53.37 38.72 -44.09
C GLY J 867 53.07 39.65 -45.24
N GLN J 868 52.06 40.51 -45.11
CA GLN J 868 51.53 41.26 -46.24
C GLN J 868 52.31 42.53 -46.59
N ALA J 869 53.13 43.04 -45.67
CA ALA J 869 53.78 44.33 -45.90
C ALA J 869 54.62 44.34 -47.19
N THR J 870 55.34 43.25 -47.47
CA THR J 870 56.28 43.25 -48.59
C THR J 870 55.56 43.31 -49.93
N MET J 871 54.49 42.53 -50.10
CA MET J 871 53.73 42.63 -51.34
C MET J 871 53.04 43.98 -51.44
N LEU J 872 52.66 44.58 -50.31
CA LEU J 872 52.16 45.95 -50.38
C LEU J 872 53.20 46.86 -51.03
N PHE J 873 54.44 46.79 -50.55
CA PHE J 873 55.49 47.66 -51.08
C PHE J 873 55.73 47.39 -52.56
N ALA J 874 55.76 46.12 -52.95
CA ALA J 874 56.00 45.78 -54.35
C ALA J 874 54.91 46.32 -55.26
N LEU J 875 53.64 46.14 -54.85
CA LEU J 875 52.54 46.65 -55.66
C LEU J 875 52.58 48.16 -55.78
N ALA J 876 52.89 48.85 -54.67
CA ALA J 876 52.98 50.30 -54.72
C ALA J 876 54.05 50.75 -55.69
N ILE J 877 55.23 50.11 -55.64
CA ILE J 877 56.33 50.52 -56.50
C ILE J 877 55.98 50.28 -57.97
N THR J 878 55.39 49.13 -58.29
CA THR J 878 55.09 48.87 -59.69
C THR J 878 54.02 49.81 -60.21
N VAL J 879 53.03 50.16 -59.39
CA VAL J 879 51.96 51.02 -59.89
C VAL J 879 52.48 52.45 -60.10
N VAL J 880 53.33 52.95 -59.19
CA VAL J 880 53.86 54.29 -59.41
C VAL J 880 54.75 54.31 -60.65
N PHE J 881 55.54 53.27 -60.86
CA PHE J 881 56.39 53.20 -62.04
C PHE J 881 55.55 53.22 -63.32
N LEU J 882 54.49 52.42 -63.35
CA LEU J 882 53.66 52.36 -64.56
C LEU J 882 52.96 53.69 -64.82
N LEU J 883 52.47 54.35 -63.77
CA LEU J 883 51.86 55.68 -64.03
C LEU J 883 52.95 56.72 -64.32
N LEU J 884 54.17 56.50 -63.83
CA LEU J 884 55.30 57.42 -64.17
C LEU J 884 55.60 57.33 -65.68
N VAL J 885 55.63 56.11 -66.23
CA VAL J 885 55.97 55.94 -67.67
C VAL J 885 54.78 56.43 -68.50
N ALA J 886 53.55 56.18 -68.01
CA ALA J 886 52.39 56.68 -68.72
C ALA J 886 52.44 58.20 -68.89
N LEU J 887 52.80 58.92 -67.82
CA LEU J 887 52.73 60.37 -67.88
C LEU J 887 53.82 60.94 -68.79
N TYR J 888 55.07 60.47 -68.64
CA TYR J 888 56.20 61.09 -69.33
C TYR J 888 56.47 60.51 -70.71
N GLU J 889 55.72 59.51 -71.16
CA GLU J 889 55.91 58.89 -72.47
C GLU J 889 57.36 58.43 -72.63
N SER J 890 57.91 57.87 -71.57
CA SER J 890 59.29 57.44 -71.55
C SER J 890 59.50 56.50 -70.36
N TRP J 891 60.56 55.71 -70.42
CA TRP J 891 60.94 54.87 -69.29
C TRP J 891 62.09 55.46 -68.49
N ALA J 892 63.03 56.11 -69.18
CA ALA J 892 64.22 56.66 -68.54
C ALA J 892 63.89 57.71 -67.49
N ILE J 893 62.99 58.63 -67.80
CA ILE J 893 62.57 59.67 -66.88
C ILE J 893 61.93 59.02 -65.65
N PRO J 894 61.06 58.01 -65.81
CA PRO J 894 60.56 57.29 -64.63
C PRO J 894 61.65 56.67 -63.77
N LEU J 895 62.64 55.97 -64.36
CA LEU J 895 63.76 55.41 -63.54
C LEU J 895 64.49 56.55 -62.83
N THR J 896 64.69 57.68 -63.51
CA THR J 896 65.36 58.85 -62.98
C THR J 896 64.70 59.34 -61.70
N VAL J 897 63.39 59.54 -61.75
CA VAL J 897 62.70 60.09 -60.58
C VAL J 897 62.51 59.03 -59.52
N MET J 898 62.27 57.76 -59.90
CA MET J 898 62.15 56.75 -58.86
C MET J 898 63.44 56.57 -58.06
N LEU J 899 64.56 57.08 -58.58
CA LEU J 899 65.76 57.07 -57.74
C LEU J 899 65.61 57.94 -56.48
N ILE J 900 64.52 58.68 -56.33
CA ILE J 900 64.39 59.58 -55.18
C ILE J 900 63.78 58.86 -53.97
N VAL J 901 63.17 57.69 -54.18
CA VAL J 901 62.53 56.97 -53.08
C VAL J 901 63.48 56.67 -51.92
N PRO J 902 64.67 56.11 -52.14
CA PRO J 902 65.51 55.74 -51.00
C PRO J 902 65.93 56.89 -50.12
N VAL J 903 66.02 58.13 -50.62
CA VAL J 903 66.45 59.20 -49.74
C VAL J 903 65.36 59.55 -48.72
N GLY J 904 64.09 59.53 -49.14
CA GLY J 904 63.01 59.73 -48.19
C GLY J 904 62.91 58.60 -47.20
N ALA J 905 63.05 57.36 -47.68
CA ALA J 905 63.10 56.24 -46.75
C ALA J 905 64.27 56.39 -45.79
N LEU J 906 65.41 56.87 -46.28
CA LEU J 906 66.58 57.13 -45.46
C LEU J 906 66.22 58.07 -44.31
N GLY J 907 65.60 59.20 -44.63
CA GLY J 907 65.28 60.16 -43.60
C GLY J 907 64.31 59.61 -42.57
N ALA J 908 63.27 58.92 -43.03
CA ALA J 908 62.31 58.36 -42.10
C ALA J 908 62.97 57.38 -41.14
N VAL J 909 63.81 56.49 -41.69
CA VAL J 909 64.46 55.49 -40.86
C VAL J 909 65.42 56.14 -39.88
N LEU J 910 66.20 57.13 -40.33
CA LEU J 910 67.15 57.76 -39.44
C LEU J 910 66.43 58.48 -38.30
N ALA J 911 65.32 59.16 -38.61
CA ALA J 911 64.58 59.86 -37.56
C ALA J 911 64.00 58.88 -36.54
N VAL J 912 63.36 57.82 -37.02
CA VAL J 912 62.71 56.88 -36.10
C VAL J 912 63.75 56.16 -35.26
N THR J 913 64.92 55.86 -35.83
CA THR J 913 65.98 55.23 -35.06
C THR J 913 66.58 56.20 -34.04
N ALA J 914 66.72 57.48 -34.43
CA ALA J 914 67.27 58.47 -33.51
C ALA J 914 66.38 58.67 -32.30
N ILE J 915 65.07 58.77 -32.50
CA ILE J 915 64.17 58.93 -31.35
C ILE J 915 63.82 57.59 -30.70
N GLY J 916 64.05 56.48 -31.39
CA GLY J 916 63.92 55.18 -30.77
C GLY J 916 62.53 54.59 -30.77
N LEU J 917 61.67 55.03 -31.63
CA LEU J 917 60.33 54.47 -31.69
C LEU J 917 60.33 53.20 -32.53
N PRO J 918 59.39 52.29 -32.29
CA PRO J 918 59.37 51.03 -33.05
C PRO J 918 58.77 51.22 -34.44
N ASN J 919 58.89 50.15 -35.24
CA ASN J 919 58.31 50.12 -36.58
C ASN J 919 56.83 49.77 -36.47
N ASP J 920 56.05 50.75 -36.03
CA ASP J 920 54.62 50.56 -35.85
C ASP J 920 53.88 50.83 -37.17
N VAL J 921 52.56 50.70 -37.12
CA VAL J 921 51.75 51.06 -38.27
C VAL J 921 51.78 52.57 -38.49
N TYR J 922 51.91 53.34 -37.41
CA TYR J 922 51.99 54.79 -37.56
C TYR J 922 53.24 55.20 -38.31
N PHE J 923 54.41 54.69 -37.89
CA PHE J 923 55.63 54.97 -38.64
C PHE J 923 55.53 54.43 -40.06
N LYS J 924 54.85 53.31 -40.25
CA LYS J 924 54.70 52.73 -41.58
C LYS J 924 53.97 53.69 -42.51
N VAL J 925 52.81 54.17 -42.10
CA VAL J 925 52.03 55.03 -42.97
C VAL J 925 52.68 56.41 -43.09
N GLY J 926 53.37 56.86 -42.04
CA GLY J 926 54.15 58.08 -42.16
C GLY J 926 55.24 57.95 -43.20
N LEU J 927 55.90 56.80 -43.24
CA LEU J 927 56.88 56.52 -44.28
C LEU J 927 56.22 56.54 -45.65
N ILE J 928 55.02 55.97 -45.77
CA ILE J 928 54.33 55.97 -47.06
C ILE J 928 54.00 57.40 -47.50
N THR J 929 53.54 58.24 -46.58
CA THR J 929 53.24 59.62 -46.90
C THR J 929 54.50 60.39 -47.30
N VAL J 930 55.59 60.18 -46.56
CA VAL J 930 56.88 60.75 -46.94
C VAL J 930 57.26 60.30 -48.34
N ILE J 931 56.98 59.04 -48.65
CA ILE J 931 57.34 58.47 -49.95
C ILE J 931 56.60 59.22 -51.04
N GLY J 932 55.29 59.39 -50.86
CA GLY J 932 54.50 60.10 -51.84
C GLY J 932 54.94 61.54 -52.01
N LEU J 933 55.22 62.23 -50.90
CA LEU J 933 55.56 63.63 -51.01
C LEU J 933 56.95 63.83 -51.61
N ALA J 934 57.87 62.90 -51.34
CA ALA J 934 59.15 62.92 -52.04
C ALA J 934 58.95 62.70 -53.54
N ALA J 935 58.03 61.81 -53.91
CA ALA J 935 57.71 61.63 -55.32
C ALA J 935 57.17 62.92 -55.93
N LYS J 936 56.30 63.62 -55.19
CA LYS J 936 55.76 64.89 -55.67
C LYS J 936 56.88 65.91 -55.86
N ASN J 937 57.79 65.99 -54.89
CA ASN J 937 58.90 66.93 -55.00
C ASN J 937 59.76 66.62 -56.22
N ALA J 938 60.01 65.34 -56.47
CA ALA J 938 60.79 64.95 -57.64
C ALA J 938 60.07 65.26 -58.93
N ILE J 939 58.75 65.05 -58.97
CA ILE J 939 57.98 65.38 -60.17
C ILE J 939 58.06 66.87 -60.46
N LEU J 940 57.95 67.69 -59.41
CA LEU J 940 57.94 69.13 -59.59
C LEU J 940 59.21 69.62 -60.27
N ILE J 941 60.32 68.93 -60.08
CA ILE J 941 61.55 69.27 -60.80
C ILE J 941 61.57 68.65 -62.18
N VAL J 942 61.25 67.35 -62.26
CA VAL J 942 61.51 66.59 -63.47
C VAL J 942 60.58 67.03 -64.60
N GLU J 943 59.38 67.51 -64.26
CA GLU J 943 58.47 67.97 -65.31
C GLU J 943 59.03 69.18 -66.03
N PHE J 944 59.45 70.20 -65.28
CA PHE J 944 60.06 71.38 -65.89
C PHE J 944 61.38 71.02 -66.55
N ALA J 945 62.13 70.07 -65.98
CA ALA J 945 63.38 69.65 -66.62
C ALA J 945 63.11 69.03 -67.99
N LYS J 946 62.10 68.17 -68.08
CA LYS J 946 61.73 67.58 -69.37
C LYS J 946 61.24 68.65 -70.34
N ASP J 947 60.45 69.60 -69.84
CA ASP J 947 59.95 70.69 -70.68
C ASP J 947 61.12 71.47 -71.28
N LEU J 948 62.08 71.87 -70.45
CA LEU J 948 63.20 72.67 -70.94
C LEU J 948 64.13 71.85 -71.83
N TRP J 949 64.30 70.56 -71.51
CA TRP J 949 65.14 69.70 -72.33
C TRP J 949 64.51 69.46 -73.69
N GLU J 950 63.18 69.52 -73.77
CA GLU J 950 62.53 69.47 -75.07
C GLU J 950 62.59 70.82 -75.78
N ASP J 951 62.95 71.88 -75.06
CA ASP J 951 62.98 73.22 -75.63
C ASP J 951 64.30 73.56 -76.30
N GLY J 952 65.25 72.62 -76.36
CA GLY J 952 66.51 72.84 -77.01
C GLY J 952 67.70 73.08 -76.12
N TYR J 953 67.50 73.23 -74.81
CA TYR J 953 68.61 73.38 -73.90
C TYR J 953 69.43 72.09 -73.83
N SER J 954 70.70 72.23 -73.48
CA SER J 954 71.52 71.06 -73.21
C SER J 954 71.05 70.40 -71.92
N LEU J 955 71.38 69.12 -71.78
CA LEU J 955 70.92 68.36 -70.62
C LEU J 955 71.29 69.03 -69.31
N ARG J 956 72.58 69.34 -69.13
CA ARG J 956 73.02 70.00 -67.92
C ARG J 956 72.43 71.40 -67.78
N ASP J 957 72.42 72.16 -68.88
CA ASP J 957 71.85 73.50 -68.83
C ASP J 957 70.35 73.46 -68.54
N ALA J 958 69.62 72.54 -69.18
CA ALA J 958 68.19 72.44 -68.93
C ALA J 958 67.92 72.07 -67.49
N ALA J 959 68.66 71.10 -66.95
CA ALA J 959 68.47 70.72 -65.56
C ALA J 959 68.76 71.87 -64.62
N VAL J 960 69.86 72.58 -64.86
CA VAL J 960 70.24 73.70 -64.00
C VAL J 960 69.18 74.80 -64.06
N GLU J 961 68.71 75.14 -65.25
CA GLU J 961 67.71 76.20 -65.37
C GLU J 961 66.40 75.80 -64.69
N ALA J 962 65.95 74.55 -64.88
CA ALA J 962 64.72 74.11 -64.25
C ALA J 962 64.84 74.11 -62.74
N ALA J 963 65.98 73.64 -62.21
CA ALA J 963 66.18 73.62 -60.77
C ALA J 963 66.22 75.04 -60.20
N ARG J 964 66.91 75.95 -60.89
CA ARG J 964 66.96 77.34 -60.46
C ARG J 964 65.58 77.94 -60.44
N LEU J 965 64.78 77.66 -61.46
CA LEU J 965 63.42 78.17 -61.50
C LEU J 965 62.57 77.62 -60.37
N ARG J 966 62.65 76.31 -60.11
CA ARG J 966 61.70 75.67 -59.20
C ARG J 966 62.24 75.44 -57.79
N PHE J 967 63.38 76.01 -57.41
CA PHE J 967 63.80 75.90 -56.02
C PHE J 967 62.78 76.49 -55.05
N ARG J 968 62.27 77.69 -55.36
CA ARG J 968 61.41 78.37 -54.39
C ARG J 968 60.17 77.55 -54.02
N PRO J 969 59.40 77.00 -54.96
CA PRO J 969 58.22 76.21 -54.54
C PRO J 969 58.55 75.02 -53.65
N ILE J 970 59.67 74.36 -53.91
CA ILE J 970 59.98 73.14 -53.17
C ILE J 970 60.23 73.45 -51.70
N ILE J 971 61.15 74.37 -51.43
CA ILE J 971 61.43 74.75 -50.05
C ILE J 971 60.20 75.36 -49.41
N MET J 972 59.42 76.10 -50.20
CA MET J 972 58.16 76.67 -49.73
C MET J 972 57.25 75.59 -49.13
N THR J 973 56.81 74.65 -49.97
CA THR J 973 55.86 73.64 -49.51
C THR J 973 56.49 72.72 -48.49
N SER J 974 57.79 72.44 -48.62
CA SER J 974 58.45 71.55 -47.68
C SER J 974 58.46 72.14 -46.28
N MET J 975 58.92 73.37 -46.13
CA MET J 975 58.92 74.02 -44.82
C MET J 975 57.50 74.15 -44.29
N ALA J 976 56.54 74.40 -45.19
CA ALA J 976 55.14 74.45 -44.77
C ALA J 976 54.73 73.15 -44.10
N PHE J 977 55.04 72.01 -44.73
CA PHE J 977 54.63 70.73 -44.17
C PHE J 977 55.40 70.39 -42.89
N MET J 978 56.69 70.69 -42.86
CA MET J 978 57.45 70.51 -41.61
C MET J 978 56.78 71.24 -40.46
N LEU J 979 56.52 72.53 -40.65
CA LEU J 979 56.02 73.33 -39.54
C LEU J 979 54.54 73.08 -39.31
N GLY J 980 53.87 72.40 -40.24
CA GLY J 980 52.50 71.99 -39.99
C GLY J 980 52.38 70.69 -39.22
N VAL J 981 53.35 69.78 -39.39
CA VAL J 981 53.27 68.51 -38.69
C VAL J 981 54.11 68.48 -37.41
N VAL J 982 54.96 69.50 -37.19
CA VAL J 982 55.74 69.55 -35.95
C VAL J 982 54.87 69.47 -34.68
N PRO J 983 53.61 69.96 -34.66
CA PRO J 983 52.79 69.71 -33.46
C PRO J 983 52.60 68.25 -33.14
N LEU J 984 52.53 67.38 -34.15
CA LEU J 984 52.37 65.95 -33.89
C LEU J 984 53.59 65.38 -33.16
N ALA J 985 54.80 65.74 -33.61
CA ALA J 985 56.01 65.16 -33.05
C ALA J 985 56.25 65.59 -31.61
N ILE J 986 55.67 66.71 -31.18
CA ILE J 986 55.88 67.23 -29.84
C ILE J 986 54.59 67.23 -29.01
N ALA J 987 53.56 66.54 -29.48
CA ALA J 987 52.28 66.56 -28.78
C ALA J 987 52.39 65.86 -27.43
N THR J 988 51.59 66.31 -26.47
CA THR J 988 51.57 65.76 -25.12
C THR J 988 50.12 65.57 -24.69
N GLY J 989 49.93 64.66 -23.74
CA GLY J 989 48.61 64.40 -23.20
C GLY J 989 48.00 63.12 -23.72
N ALA J 990 46.68 63.16 -23.87
CA ALA J 990 45.94 61.99 -24.33
C ALA J 990 46.28 61.68 -25.77
N GLY J 991 46.59 60.42 -26.04
CA GLY J 991 46.91 60.00 -27.40
C GLY J 991 48.25 60.48 -27.90
N ALA J 992 49.09 61.02 -27.02
CA ALA J 992 50.34 61.63 -27.46
C ALA J 992 51.29 60.60 -28.07
N ALA J 993 51.18 59.34 -27.67
CA ALA J 993 52.06 58.31 -28.22
C ALA J 993 51.90 58.20 -29.73
N SER J 994 50.66 58.06 -30.20
CA SER J 994 50.42 57.98 -31.65
C SER J 994 50.81 59.27 -32.34
N GLN J 995 50.52 60.41 -31.70
CA GLN J 995 50.86 61.70 -32.29
C GLN J 995 52.36 61.78 -32.57
N ARG J 996 53.18 61.50 -31.56
CA ARG J 996 54.62 61.57 -31.74
C ARG J 996 55.09 60.50 -32.72
N ALA J 997 54.48 59.31 -32.68
CA ALA J 997 54.89 58.22 -33.55
C ALA J 997 54.73 58.60 -35.01
N LEU J 998 53.62 59.26 -35.35
CA LEU J 998 53.50 59.81 -36.69
C LEU J 998 54.51 60.93 -36.92
N GLY J 999 54.55 61.90 -35.99
CA GLY J 999 55.19 63.17 -36.27
C GLY J 999 56.68 63.06 -36.50
N THR J 1000 57.39 62.31 -35.65
CA THR J 1000 58.84 62.25 -35.81
C THR J 1000 59.20 61.59 -37.13
N GLY J 1001 58.50 60.51 -37.48
CA GLY J 1001 58.79 59.82 -38.72
C GLY J 1001 58.55 60.68 -39.94
N VAL J 1002 57.40 61.36 -39.97
CA VAL J 1002 57.11 62.17 -41.16
C VAL J 1002 58.07 63.35 -41.23
N LEU J 1003 58.37 63.97 -40.09
CA LEU J 1003 59.29 65.10 -40.09
C LEU J 1003 60.66 64.69 -40.62
N GLY J 1004 61.22 63.58 -40.12
CA GLY J 1004 62.53 63.16 -40.57
C GLY J 1004 62.54 62.77 -42.03
N GLY J 1005 61.56 61.98 -42.46
CA GLY J 1005 61.52 61.57 -43.85
C GLY J 1005 61.40 62.75 -44.80
N MET J 1006 60.50 63.68 -44.49
CA MET J 1006 60.35 64.87 -45.32
C MET J 1006 61.60 65.72 -45.32
N LEU J 1007 62.24 65.85 -44.15
CA LEU J 1007 63.45 66.66 -44.05
C LEU J 1007 64.53 66.13 -44.95
N SER J 1008 64.75 64.81 -44.95
CA SER J 1008 65.75 64.25 -45.83
C SER J 1008 65.32 64.34 -47.29
N ALA J 1009 64.05 64.09 -47.57
CA ALA J 1009 63.58 64.13 -48.96
C ALA J 1009 63.68 65.53 -49.55
N THR J 1010 63.64 66.56 -48.71
CA THR J 1010 63.77 67.93 -49.18
C THR J 1010 65.23 68.36 -49.24
N MET J 1011 65.92 68.30 -48.10
CA MET J 1011 67.27 68.85 -47.99
C MET J 1011 68.24 68.16 -48.95
N LEU J 1012 68.14 66.84 -49.06
CA LEU J 1012 68.97 66.12 -50.00
C LEU J 1012 68.32 66.00 -51.37
N GLY J 1013 66.99 65.93 -51.42
CA GLY J 1013 66.32 65.68 -52.69
C GLY J 1013 66.56 66.78 -53.72
N VAL J 1014 66.50 68.04 -53.28
CA VAL J 1014 66.71 69.15 -54.21
C VAL J 1014 68.08 69.08 -54.85
N ILE J 1015 69.05 68.50 -54.15
CA ILE J 1015 70.40 68.40 -54.67
C ILE J 1015 70.55 67.20 -55.60
N PHE J 1016 69.95 66.07 -55.23
CA PHE J 1016 70.21 64.82 -55.95
C PHE J 1016 69.32 64.65 -57.17
N VAL J 1017 68.11 65.24 -57.18
CA VAL J 1017 67.19 65.02 -58.30
C VAL J 1017 67.79 65.46 -59.63
N PRO J 1018 68.33 66.68 -59.78
CA PRO J 1018 69.00 67.02 -61.05
C PRO J 1018 70.17 66.12 -61.36
N ILE J 1019 70.90 65.65 -60.34
CA ILE J 1019 72.00 64.72 -60.58
C ILE J 1019 71.47 63.43 -61.17
N PHE J 1020 70.38 62.90 -60.62
CA PHE J 1020 69.77 61.69 -61.18
C PHE J 1020 69.33 61.92 -62.61
N PHE J 1021 68.70 63.07 -62.87
CA PHE J 1021 68.22 63.36 -64.22
C PHE J 1021 69.36 63.36 -65.21
N VAL J 1022 70.42 64.13 -64.92
CA VAL J 1022 71.54 64.23 -65.84
C VAL J 1022 72.21 62.88 -66.01
N TRP J 1023 72.50 62.19 -64.90
CA TRP J 1023 73.25 60.94 -64.99
C TRP J 1023 72.49 59.87 -65.76
N VAL J 1024 71.19 59.71 -65.46
CA VAL J 1024 70.42 58.65 -66.12
C VAL J 1024 70.22 58.98 -67.59
N LEU J 1025 69.88 60.23 -67.90
CA LEU J 1025 69.65 60.57 -69.30
C LEU J 1025 70.94 60.52 -70.11
N SER J 1026 72.10 60.72 -69.47
CA SER J 1026 73.37 60.52 -70.16
C SER J 1026 73.67 59.03 -70.36
N LEU J 1027 73.44 58.23 -69.32
CA LEU J 1027 73.75 56.81 -69.39
C LEU J 1027 72.88 56.10 -70.41
N LEU J 1028 71.59 56.43 -70.46
CA LEU J 1028 70.68 55.81 -71.40
C LEU J 1028 70.67 56.49 -72.76
N ARG J 1029 71.37 57.62 -72.90
CA ARG J 1029 71.48 58.33 -74.18
C ARG J 1029 70.10 58.70 -74.72
N THR J 1030 69.26 59.25 -73.86
CA THR J 1030 67.92 59.64 -74.27
C THR J 1030 67.96 60.91 -75.12
N LYS J 1031 67.07 60.97 -76.12
CA LYS J 1031 66.93 62.09 -77.05
C LYS J 1031 65.63 62.85 -76.78
N PRO J 1032 65.59 64.15 -77.06
CA PRO J 1032 64.37 64.93 -76.80
C PRO J 1032 63.29 64.70 -77.86
N MET K 1 26.13 68.50 -79.43
CA MET K 1 25.33 67.28 -79.47
C MET K 1 24.12 67.38 -80.43
N PRO K 2 23.28 68.42 -80.31
CA PRO K 2 22.08 68.46 -81.17
C PRO K 2 22.38 68.53 -82.65
N LEU K 3 23.46 69.22 -83.04
CA LEU K 3 23.85 69.25 -84.45
C LEU K 3 24.18 67.85 -84.96
N PHE K 4 24.81 67.04 -84.13
CA PHE K 4 25.15 65.68 -84.51
C PHE K 4 23.89 64.87 -84.83
N PHE K 5 22.85 65.04 -84.02
CA PHE K 5 21.60 64.32 -84.26
C PHE K 5 20.81 64.92 -85.41
N ILE K 6 20.91 66.23 -85.63
CA ILE K 6 20.26 66.84 -86.78
C ILE K 6 20.86 66.30 -88.07
N ARG K 7 22.20 66.19 -88.11
CA ARG K 7 22.85 65.60 -89.27
C ARG K 7 22.70 64.09 -89.34
N ARG K 8 22.32 63.45 -88.23
CA ARG K 8 22.12 62.00 -88.18
C ARG K 8 20.77 61.70 -87.54
N PRO K 9 19.68 61.93 -88.27
CA PRO K 9 18.34 61.75 -87.68
C PRO K 9 18.04 60.31 -87.30
N ASN K 10 18.46 59.34 -88.11
CA ASN K 10 18.16 57.95 -87.81
C ASN K 10 18.79 57.53 -86.49
N PHE K 11 19.94 58.12 -86.13
CA PHE K 11 20.54 57.82 -84.84
C PHE K 11 19.60 58.20 -83.70
N ALA K 12 19.02 59.40 -83.76
CA ALA K 12 18.05 59.80 -82.74
C ALA K 12 16.84 58.88 -82.77
N TRP K 13 16.41 58.47 -83.96
CA TRP K 13 15.28 57.54 -84.05
C TRP K 13 15.60 56.23 -83.35
N VAL K 14 16.81 55.70 -83.54
CA VAL K 14 17.20 54.46 -82.87
C VAL K 14 17.30 54.65 -81.36
N VAL K 15 17.80 55.80 -80.92
CA VAL K 15 17.89 56.02 -79.47
C VAL K 15 16.51 56.04 -78.85
N ALA K 16 15.58 56.77 -79.47
CA ALA K 16 14.22 56.81 -78.97
C ALA K 16 13.57 55.43 -79.05
N LEU K 17 13.85 54.68 -80.11
CA LEU K 17 13.29 53.35 -80.25
C LEU K 17 13.83 52.40 -79.18
N PHE K 18 15.11 52.56 -78.83
CA PHE K 18 15.68 51.77 -77.73
C PHE K 18 14.98 52.09 -76.43
N ILE K 19 14.83 53.36 -76.09
CA ILE K 19 14.22 53.69 -74.81
C ILE K 19 12.75 53.25 -74.79
N SER K 20 12.07 53.38 -75.92
CA SER K 20 10.69 52.90 -76.01
C SER K 20 10.63 51.39 -75.85
N LEU K 21 11.54 50.66 -76.48
CA LEU K 21 11.54 49.21 -76.35
C LEU K 21 11.81 48.81 -74.91
N GLY K 22 12.69 49.52 -74.23
CA GLY K 22 12.87 49.26 -72.82
C GLY K 22 11.56 49.43 -72.08
N GLY K 23 10.87 50.52 -72.38
CA GLY K 23 9.58 50.75 -71.74
C GLY K 23 8.61 49.61 -71.96
N LEU K 24 8.52 49.13 -73.21
CA LEU K 24 7.56 48.06 -73.51
C LEU K 24 7.96 46.73 -72.88
N LEU K 25 9.23 46.34 -72.99
CA LEU K 25 9.64 45.05 -72.44
C LEU K 25 9.54 45.01 -70.92
N VAL K 26 9.76 46.13 -70.22
CA VAL K 26 9.70 46.08 -68.77
C VAL K 26 8.28 46.18 -68.21
N ILE K 27 7.30 46.52 -69.04
CA ILE K 27 5.91 46.69 -68.57
C ILE K 27 5.34 45.46 -67.87
N PRO K 28 5.45 44.24 -68.42
CA PRO K 28 4.68 43.12 -67.83
C PRO K 28 4.95 42.85 -66.36
N PHE K 29 6.19 43.05 -65.90
CA PHE K 29 6.52 42.72 -64.51
C PHE K 29 6.09 43.80 -63.52
N LEU K 30 5.23 44.73 -63.93
CA LEU K 30 4.90 45.86 -63.08
C LEU K 30 4.03 45.42 -61.90
N PRO K 31 4.42 45.74 -60.67
CA PRO K 31 3.51 45.54 -59.54
C PRO K 31 2.49 46.67 -59.46
N VAL K 32 1.33 46.35 -58.89
CA VAL K 32 0.25 47.32 -58.72
C VAL K 32 -0.22 47.25 -57.27
N ALA K 33 -0.75 48.37 -56.77
CA ALA K 33 -1.24 48.43 -55.40
C ALA K 33 -1.92 49.76 -55.17
N GLN K 34 -2.58 49.86 -54.00
CA GLN K 34 -3.11 51.14 -53.56
C GLN K 34 -1.97 52.09 -53.17
N TYR K 35 -1.27 51.77 -52.12
CA TYR K 35 -0.15 52.58 -51.68
C TYR K 35 1.04 51.66 -51.46
N PRO K 36 2.27 52.16 -51.64
CA PRO K 36 3.44 51.33 -51.37
C PRO K 36 3.55 51.02 -49.88
N ASN K 37 4.62 50.31 -49.52
CA ASN K 37 4.81 49.88 -48.14
C ASN K 37 5.15 51.10 -47.29
N VAL K 38 4.15 51.98 -47.15
CA VAL K 38 4.35 53.21 -46.40
C VAL K 38 4.27 52.94 -44.91
N ALA K 39 3.55 51.91 -44.51
CA ALA K 39 3.51 51.53 -43.10
C ALA K 39 4.84 50.93 -42.69
N PRO K 40 5.36 51.25 -41.51
CA PRO K 40 6.64 50.69 -41.08
C PRO K 40 6.51 49.18 -40.88
N PRO K 41 7.59 48.43 -41.11
CA PRO K 41 7.54 46.98 -40.89
C PRO K 41 7.22 46.65 -39.44
N GLN K 42 6.42 45.62 -39.25
CA GLN K 42 5.99 45.20 -37.92
C GLN K 42 6.14 43.70 -37.76
N ILE K 43 6.49 43.28 -36.55
CA ILE K 43 6.55 41.87 -36.19
C ILE K 43 5.53 41.65 -35.08
N THR K 44 4.83 40.52 -35.11
CA THR K 44 3.80 40.26 -34.12
C THR K 44 4.02 38.90 -33.47
N VAL K 45 3.94 38.87 -32.15
CA VAL K 45 4.10 37.66 -31.35
C VAL K 45 2.74 37.31 -30.76
N THR K 46 2.31 36.08 -30.99
CA THR K 46 1.04 35.55 -30.51
C THR K 46 1.32 34.40 -29.54
N ALA K 47 0.72 34.48 -28.36
CA ALA K 47 0.81 33.41 -27.38
C ALA K 47 -0.58 33.06 -26.88
N THR K 48 -0.84 31.78 -26.64
CA THR K 48 -2.13 31.32 -26.17
C THR K 48 -1.97 30.57 -24.86
N TYR K 49 -2.76 30.96 -23.87
CA TYR K 49 -2.76 30.34 -22.53
C TYR K 49 -4.20 30.04 -22.16
N PRO K 50 -4.74 28.91 -22.58
CA PRO K 50 -6.16 28.63 -22.34
C PRO K 50 -6.51 28.65 -20.86
N GLY K 51 -7.64 29.26 -20.54
CA GLY K 51 -8.13 29.32 -19.19
C GLY K 51 -7.44 30.32 -18.29
N ALA K 52 -6.44 31.05 -18.79
CA ALA K 52 -5.72 32.02 -17.98
C ALA K 52 -6.38 33.38 -18.08
N SER K 53 -6.47 34.06 -16.94
CA SER K 53 -7.04 35.40 -16.92
C SER K 53 -6.07 36.39 -17.58
N ALA K 54 -6.57 37.61 -17.80
CA ALA K 54 -5.74 38.64 -18.43
C ALA K 54 -4.53 38.98 -17.59
N GLN K 55 -4.71 39.09 -16.27
CA GLN K 55 -3.58 39.45 -15.41
C GLN K 55 -2.61 38.28 -15.27
N VAL K 56 -3.14 37.06 -15.20
CA VAL K 56 -2.26 35.89 -15.12
C VAL K 56 -1.42 35.75 -16.37
N LEU K 57 -2.05 35.91 -17.53
CA LEU K 57 -1.29 35.93 -18.78
C LEU K 57 -0.29 37.08 -18.79
N THR K 58 -0.70 38.23 -18.26
CA THR K 58 0.17 39.41 -18.26
C THR K 58 1.45 39.16 -17.49
N ASP K 59 1.33 38.62 -16.27
CA ASP K 59 2.51 38.52 -15.41
C ASP K 59 3.27 37.22 -15.62
N SER K 60 2.60 36.16 -16.08
CA SER K 60 3.23 34.85 -16.18
C SER K 60 3.84 34.56 -17.54
N VAL K 61 3.28 35.08 -18.62
CA VAL K 61 3.79 34.81 -19.96
C VAL K 61 4.11 36.11 -20.68
N THR K 62 3.15 37.03 -20.71
CA THR K 62 3.31 38.25 -21.50
C THR K 62 4.52 39.06 -21.04
N SER K 63 4.60 39.34 -19.74
CA SER K 63 5.70 40.17 -19.24
C SER K 63 7.04 39.47 -19.43
N VAL K 64 7.04 38.14 -19.39
CA VAL K 64 8.28 37.40 -19.57
C VAL K 64 8.86 37.65 -20.96
N ILE K 65 8.01 37.62 -21.99
CA ILE K 65 8.47 37.91 -23.34
C ILE K 65 8.76 39.40 -23.50
N GLU K 66 7.96 40.25 -22.85
CA GLU K 66 8.18 41.69 -22.92
C GLU K 66 9.58 42.06 -22.44
N GLU K 67 10.02 41.43 -21.35
CA GLU K 67 11.34 41.72 -20.82
C GLU K 67 12.42 41.35 -21.83
N GLU K 68 12.26 40.21 -22.51
CA GLU K 68 13.29 39.74 -23.42
C GLU K 68 13.32 40.48 -24.74
N LEU K 69 12.17 40.93 -25.25
CA LEU K 69 12.18 41.63 -26.54
C LEU K 69 12.87 42.98 -26.46
N ASN K 70 13.10 43.50 -25.26
CA ASN K 70 13.79 44.78 -25.12
C ASN K 70 15.21 44.68 -25.66
N GLY K 71 15.67 45.74 -26.30
CA GLY K 71 17.00 45.76 -26.87
C GLY K 71 17.11 45.23 -28.28
N ALA K 72 16.00 44.94 -28.94
CA ALA K 72 16.05 44.47 -30.31
C ALA K 72 16.55 45.59 -31.24
N LYS K 73 17.20 45.19 -32.32
CA LYS K 73 17.63 46.16 -33.31
C LYS K 73 16.41 46.83 -33.93
N ASN K 74 16.49 48.15 -34.07
CA ASN K 74 15.52 48.94 -34.83
C ASN K 74 14.16 49.03 -34.15
N LEU K 75 14.09 49.05 -32.82
CA LEU K 75 12.80 49.23 -32.17
C LEU K 75 12.33 50.67 -32.28
N LEU K 76 11.16 50.87 -32.86
CA LEU K 76 10.44 52.12 -32.66
C LEU K 76 9.58 52.03 -31.42
N TYR K 77 8.81 50.95 -31.28
CA TYR K 77 8.04 50.73 -30.06
C TYR K 77 7.52 49.30 -30.04
N PHE K 78 6.87 48.95 -28.93
CA PHE K 78 6.14 47.68 -28.83
C PHE K 78 4.91 47.85 -27.95
N GLU K 79 3.80 47.29 -28.43
CA GLU K 79 2.52 47.27 -27.75
C GLU K 79 2.22 45.85 -27.29
N SER K 80 1.78 45.68 -26.05
CA SER K 80 1.40 44.37 -25.57
C SER K 80 0.00 44.41 -24.99
N THR K 81 -0.83 43.48 -25.44
CA THR K 81 -2.21 43.34 -24.99
C THR K 81 -2.45 41.92 -24.54
N SER K 82 -2.90 41.75 -23.30
CA SER K 82 -3.24 40.44 -22.75
C SER K 82 -4.75 40.40 -22.54
N ASN K 83 -5.41 39.40 -23.11
CA ASN K 83 -6.85 39.29 -23.03
C ASN K 83 -7.26 38.16 -22.08
N ALA K 84 -8.53 38.20 -21.65
CA ALA K 84 -9.04 37.19 -20.72
C ALA K 84 -9.25 35.84 -21.38
N ASN K 85 -9.34 35.78 -22.71
CA ASN K 85 -9.53 34.51 -23.40
C ASN K 85 -8.26 33.67 -23.41
N GLY K 86 -7.14 34.19 -22.90
CA GLY K 86 -5.90 33.47 -22.93
C GLY K 86 -4.99 33.80 -24.09
N ILE K 87 -5.19 34.94 -24.75
CA ILE K 87 -4.38 35.33 -25.89
C ILE K 87 -3.58 36.57 -25.54
N ALA K 88 -2.28 36.51 -25.79
CA ALA K 88 -1.37 37.64 -25.60
C ALA K 88 -0.80 38.03 -26.96
N GLU K 89 -0.86 39.33 -27.26
CA GLU K 89 -0.39 39.88 -28.52
C GLU K 89 0.67 40.91 -28.25
N ILE K 90 1.80 40.83 -28.97
CA ILE K 90 2.84 41.83 -28.87
C ILE K 90 3.18 42.30 -30.27
N THR K 91 3.03 43.59 -30.53
CA THR K 91 3.36 44.18 -31.83
C THR K 91 4.60 45.05 -31.65
N VAL K 92 5.67 44.68 -32.35
CA VAL K 92 6.92 45.43 -32.34
C VAL K 92 7.03 46.15 -33.67
N THR K 93 7.10 47.48 -33.60
CA THR K 93 7.18 48.32 -34.79
C THR K 93 8.57 48.92 -34.89
N PHE K 94 9.14 48.83 -36.09
CA PHE K 94 10.50 49.25 -36.43
C PHE K 94 10.48 50.49 -37.31
N GLN K 95 11.66 51.06 -37.51
CA GLN K 95 11.79 52.18 -38.45
C GLN K 95 11.61 51.68 -39.88
N PRO K 96 11.04 52.49 -40.77
CA PRO K 96 10.89 52.06 -42.16
C PRO K 96 12.25 51.89 -42.83
N GLY K 97 12.30 51.02 -43.84
CA GLY K 97 13.52 50.74 -44.57
C GLY K 97 14.31 49.55 -44.07
N THR K 98 13.98 49.03 -42.90
CA THR K 98 14.63 47.82 -42.41
C THR K 98 14.04 46.60 -43.11
N ASP K 99 14.93 45.69 -43.52
CA ASP K 99 14.50 44.41 -44.15
C ASP K 99 13.81 43.57 -43.05
N PRO K 100 12.67 42.88 -43.31
CA PRO K 100 11.93 42.23 -42.21
C PRO K 100 12.55 40.93 -41.73
N GLU K 101 13.35 40.28 -42.57
CA GLU K 101 13.84 38.95 -42.23
C GLU K 101 14.81 38.99 -41.05
N LEU K 102 15.71 39.98 -41.04
CA LEU K 102 16.70 40.12 -39.94
C LEU K 102 15.94 40.44 -38.64
N ALA K 103 14.84 41.20 -38.73
CA ALA K 103 14.01 41.48 -37.56
C ALA K 103 13.36 40.21 -37.05
N GLN K 104 12.84 39.38 -37.95
CA GLN K 104 12.17 38.15 -37.53
C GLN K 104 13.16 37.20 -36.85
N VAL K 105 14.35 37.03 -37.44
CA VAL K 105 15.30 36.09 -36.84
C VAL K 105 15.79 36.61 -35.50
N ASP K 106 15.99 37.92 -35.38
CA ASP K 106 16.37 38.49 -34.09
C ASP K 106 15.29 38.29 -33.04
N VAL K 107 14.03 38.49 -33.42
CA VAL K 107 12.92 38.33 -32.48
C VAL K 107 12.85 36.89 -31.99
N GLN K 108 12.98 35.93 -32.91
CA GLN K 108 12.95 34.53 -32.49
C GLN K 108 14.19 34.18 -31.70
N ASN K 109 15.32 34.82 -32.01
CA ASN K 109 16.54 34.59 -31.27
C ASN K 109 16.40 34.99 -29.81
N ARG K 110 15.66 36.07 -29.55
CA ARG K 110 15.35 36.44 -28.17
C ARG K 110 14.27 35.56 -27.58
N LEU K 111 13.31 35.12 -28.40
CA LEU K 111 12.23 34.29 -27.89
C LEU K 111 12.75 32.95 -27.39
N LYS K 112 13.77 32.40 -28.05
CA LYS K 112 14.32 31.13 -27.59
C LYS K 112 15.07 31.30 -26.27
N LYS K 113 15.68 32.46 -26.04
CA LYS K 113 16.17 32.76 -24.71
C LYS K 113 15.03 32.77 -23.69
N ALA K 114 13.91 33.37 -24.08
CA ALA K 114 12.76 33.42 -23.19
C ALA K 114 12.20 32.02 -22.89
N GLU K 115 12.29 31.10 -23.86
CA GLU K 115 11.51 29.87 -23.87
C GLU K 115 11.52 29.14 -22.52
N ALA K 116 12.65 29.21 -21.81
CA ALA K 116 12.83 28.39 -20.62
C ALA K 116 11.86 28.72 -19.48
N ARG K 117 11.05 29.77 -19.59
CA ARG K 117 10.32 30.28 -18.44
C ARG K 117 8.80 30.09 -18.50
N MET K 118 8.20 29.95 -19.69
CA MET K 118 6.74 29.84 -19.72
C MET K 118 6.24 28.50 -19.19
N PRO K 119 4.96 28.43 -18.81
CA PRO K 119 4.40 27.17 -18.34
C PRO K 119 4.35 26.12 -19.44
N GLN K 120 4.30 24.86 -19.03
CA GLN K 120 4.34 23.75 -19.99
C GLN K 120 3.13 23.76 -20.92
N ALA K 121 2.00 24.33 -20.48
CA ALA K 121 0.80 24.31 -21.31
C ALA K 121 0.98 25.17 -22.56
N VAL K 122 1.45 26.42 -22.40
CA VAL K 122 1.66 27.28 -23.55
C VAL K 122 2.72 26.69 -24.47
N LEU K 123 3.78 26.14 -23.89
CA LEU K 123 4.87 25.57 -24.67
C LEU K 123 4.39 24.39 -25.49
N THR K 124 3.54 23.54 -24.91
CA THR K 124 2.90 22.47 -25.65
C THR K 124 2.02 23.03 -26.76
N LEU K 125 1.33 24.15 -26.48
CA LEU K 125 0.55 24.79 -27.53
C LEU K 125 1.42 25.59 -28.49
N GLY K 126 2.54 26.14 -28.03
CA GLY K 126 3.48 26.81 -28.90
C GLY K 126 3.22 28.30 -29.08
N ILE K 127 4.27 29.05 -29.38
CA ILE K 127 4.17 30.48 -29.64
C ILE K 127 4.27 30.71 -31.14
N GLN K 128 3.75 31.84 -31.61
CA GLN K 128 3.83 32.17 -33.02
C GLN K 128 4.46 33.54 -33.22
N THR K 129 5.32 33.66 -34.22
CA THR K 129 5.92 34.93 -34.61
C THR K 129 5.66 35.13 -36.09
N GLU K 130 5.03 36.24 -36.44
CA GLU K 130 4.62 36.48 -37.82
C GLU K 130 5.00 37.88 -38.27
N GLN K 131 5.23 38.00 -39.57
CA GLN K 131 5.48 39.28 -40.21
C GLN K 131 4.15 40.00 -40.41
N ALA K 132 3.90 41.04 -39.62
CA ALA K 132 2.60 41.69 -39.62
C ALA K 132 2.54 42.77 -40.69
N THR K 133 1.81 42.47 -41.76
CA THR K 133 1.41 43.47 -42.75
C THR K 133 -0.02 43.87 -42.42
N ALA K 134 -0.16 44.81 -41.48
CA ALA K 134 -1.46 45.18 -40.94
C ALA K 134 -2.39 45.61 -42.06
N GLY K 135 -3.52 44.91 -42.18
CA GLY K 135 -4.44 45.12 -43.29
C GLY K 135 -4.60 43.86 -44.11
N PHE K 136 -5.84 43.48 -44.40
CA PHE K 136 -6.13 42.25 -45.12
C PHE K 136 -6.32 42.56 -46.60
N LEU K 137 -5.67 41.76 -47.46
CA LEU K 137 -5.90 41.90 -48.90
C LEU K 137 -7.35 41.59 -49.24
N LEU K 138 -7.85 40.45 -48.78
CA LEU K 138 -9.22 40.05 -49.06
C LEU K 138 -9.67 39.06 -48.00
N ILE K 139 -10.98 38.85 -47.93
CA ILE K 139 -11.58 37.83 -47.08
C ILE K 139 -12.38 36.90 -47.98
N TYR K 140 -12.12 35.60 -47.88
CA TYR K 140 -12.95 34.65 -48.59
C TYR K 140 -13.83 33.90 -47.60
N SER K 141 -15.10 33.74 -47.97
CA SER K 141 -16.12 33.17 -47.10
C SER K 141 -16.76 31.97 -47.76
N LEU K 142 -17.01 30.94 -46.97
CA LEU K 142 -17.76 29.77 -47.41
C LEU K 142 -19.04 29.68 -46.59
N ARG K 143 -20.13 29.30 -47.27
CA ARG K 143 -21.43 29.19 -46.64
C ARG K 143 -22.22 28.07 -47.32
N TYR K 144 -23.40 27.80 -46.79
CA TYR K 144 -24.30 26.84 -47.42
C TYR K 144 -25.31 27.57 -48.29
N LYS K 145 -25.58 27.01 -49.47
CA LYS K 145 -26.44 27.68 -50.44
C LYS K 145 -27.85 27.88 -49.89
N ASP K 146 -28.38 26.86 -49.21
CA ASP K 146 -29.77 26.89 -48.76
C ASP K 146 -29.97 27.76 -47.52
N GLY K 147 -28.90 28.24 -46.90
CA GLY K 147 -29.04 29.07 -45.71
C GLY K 147 -29.68 28.37 -44.55
N ASP K 148 -29.34 27.10 -44.33
CA ASP K 148 -29.93 26.34 -43.24
C ASP K 148 -29.54 26.92 -41.89
N LYS K 149 -30.51 27.00 -40.98
CA LYS K 149 -30.20 27.41 -39.61
C LYS K 149 -29.36 26.37 -38.89
N ASN K 150 -29.54 25.09 -39.21
CA ASN K 150 -28.74 24.01 -38.65
C ASN K 150 -27.42 23.82 -39.39
N ALA K 151 -26.96 24.85 -40.11
CA ALA K 151 -25.69 24.78 -40.82
C ALA K 151 -24.55 24.58 -39.84
N ASN K 152 -23.88 23.43 -39.92
CA ASN K 152 -22.77 23.11 -39.03
C ASN K 152 -21.54 23.89 -39.49
N THR K 153 -21.31 25.01 -38.81
CA THR K 153 -20.11 25.80 -39.08
C THR K 153 -18.86 25.01 -38.76
N THR K 154 -18.96 24.03 -37.86
CA THR K 154 -17.79 23.21 -37.52
C THR K 154 -17.37 22.35 -38.70
N ALA K 155 -18.32 21.64 -39.32
CA ALA K 155 -17.99 20.79 -40.46
C ALA K 155 -17.51 21.62 -41.64
N LEU K 156 -18.17 22.75 -41.89
CA LEU K 156 -17.74 23.62 -42.99
C LEU K 156 -16.34 24.17 -42.73
N ALA K 157 -16.04 24.55 -41.50
CA ALA K 157 -14.71 25.04 -41.17
C ALA K 157 -13.67 23.94 -41.33
N ASP K 158 -14.00 22.71 -40.94
CA ASP K 158 -13.07 21.61 -41.13
C ASP K 158 -12.80 21.37 -42.61
N TYR K 159 -13.85 21.42 -43.43
CA TYR K 159 -13.66 21.27 -44.87
C TYR K 159 -12.76 22.38 -45.42
N ALA K 160 -13.00 23.61 -44.96
CA ALA K 160 -12.19 24.74 -45.44
C ALA K 160 -10.74 24.57 -45.05
N VAL K 161 -10.49 24.11 -43.82
CA VAL K 161 -9.11 23.91 -43.37
C VAL K 161 -8.45 22.81 -44.19
N ARG K 162 -9.18 21.72 -44.46
CA ARG K 162 -8.57 20.59 -45.13
C ARG K 162 -8.31 20.87 -46.61
N ASN K 163 -9.24 21.56 -47.27
CA ASN K 163 -9.23 21.64 -48.73
C ASN K 163 -8.91 23.01 -49.29
N VAL K 164 -9.09 24.08 -48.53
CA VAL K 164 -9.02 25.42 -49.10
C VAL K 164 -7.87 26.22 -48.50
N ASN K 165 -7.76 26.23 -47.18
CA ASN K 165 -6.81 27.11 -46.52
C ASN K 165 -5.37 26.76 -46.89
N ASN K 166 -5.05 25.47 -46.97
CA ASN K 166 -3.69 25.06 -47.32
C ASN K 166 -3.32 25.47 -48.74
N GLU K 167 -4.24 25.26 -49.69
CA GLU K 167 -3.96 25.68 -51.06
C GLU K 167 -3.68 27.18 -51.12
N ILE K 168 -4.52 27.98 -50.47
CA ILE K 168 -4.36 29.43 -50.51
C ILE K 168 -3.06 29.85 -49.84
N ARG K 169 -2.73 29.24 -48.69
CA ARG K 169 -1.48 29.60 -48.02
C ARG K 169 -0.27 29.21 -48.84
N ARG K 170 -0.39 28.22 -49.72
CA ARG K 170 0.71 27.88 -50.61
C ARG K 170 0.92 28.93 -51.71
N LEU K 171 -0.12 29.69 -52.06
CA LEU K 171 -0.03 30.59 -53.20
C LEU K 171 1.08 31.63 -53.01
N PRO K 172 1.76 32.02 -54.08
CA PRO K 172 2.70 33.14 -53.99
C PRO K 172 1.96 34.42 -53.59
N GLY K 173 2.61 35.22 -52.76
CA GLY K 173 2.09 36.51 -52.37
C GLY K 173 1.38 36.56 -51.04
N VAL K 174 0.79 35.46 -50.58
CA VAL K 174 0.05 35.50 -49.33
C VAL K 174 1.03 35.46 -48.16
N GLY K 175 0.92 36.44 -47.27
CA GLY K 175 1.79 36.50 -46.12
C GLY K 175 1.23 35.77 -44.92
N LYS K 176 -0.04 36.02 -44.62
CA LYS K 176 -0.66 35.42 -43.44
C LYS K 176 -2.13 35.14 -43.69
N LEU K 177 -2.61 34.01 -43.19
CA LEU K 177 -4.01 33.63 -43.30
C LEU K 177 -4.60 33.60 -41.90
N GLN K 178 -5.41 34.60 -41.58
CA GLN K 178 -6.03 34.67 -40.26
C GLN K 178 -7.41 34.04 -40.37
N PHE K 179 -7.63 32.96 -39.62
CA PHE K 179 -8.86 32.19 -39.71
C PHE K 179 -9.85 32.72 -38.68
N PHE K 180 -10.99 33.21 -39.15
CA PHE K 180 -12.04 33.73 -38.29
C PHE K 180 -12.88 32.64 -37.64
N ASP K 181 -12.41 31.40 -37.68
CA ASP K 181 -13.10 30.28 -37.04
C ASP K 181 -12.05 29.36 -36.44
N SER K 182 -12.47 28.16 -36.06
CA SER K 182 -11.57 27.17 -35.46
C SER K 182 -11.74 25.83 -36.16
N GLU K 183 -10.64 25.12 -36.31
CA GLU K 183 -10.66 23.82 -36.95
C GLU K 183 -11.21 22.77 -36.00
N ALA K 184 -11.43 21.57 -36.54
CA ALA K 184 -12.05 20.50 -35.76
C ALA K 184 -11.14 20.01 -34.66
N ALA K 185 -11.75 19.45 -33.62
CA ALA K 185 -11.04 18.83 -32.51
C ALA K 185 -12.00 17.88 -31.81
N MET K 186 -11.44 17.03 -30.95
CA MET K 186 -12.25 16.03 -30.26
C MET K 186 -12.68 16.58 -28.91
N ARG K 187 -13.96 16.95 -28.79
CA ARG K 187 -14.47 17.57 -27.58
C ARG K 187 -14.99 16.48 -26.63
N VAL K 188 -14.56 16.57 -25.37
CA VAL K 188 -14.96 15.67 -24.30
C VAL K 188 -15.66 16.52 -23.24
N TRP K 189 -16.98 16.52 -23.26
CA TRP K 189 -17.76 17.29 -22.29
C TRP K 189 -18.05 16.38 -21.12
N ILE K 190 -17.27 16.53 -20.06
CA ILE K 190 -17.40 15.68 -18.88
C ILE K 190 -18.47 16.23 -17.96
N ASP K 191 -19.13 15.33 -17.25
CA ASP K 191 -20.15 15.71 -16.25
C ASP K 191 -19.51 15.49 -14.91
N PRO K 192 -19.08 16.51 -14.18
CA PRO K 192 -18.37 16.29 -12.91
C PRO K 192 -19.17 15.51 -11.89
N GLN K 193 -20.50 15.65 -11.89
CA GLN K 193 -21.32 14.96 -10.89
C GLN K 193 -21.30 13.45 -11.12
N LYS K 194 -21.35 13.02 -12.38
CA LYS K 194 -21.19 11.59 -12.70
C LYS K 194 -19.81 11.10 -12.20
N LEU K 195 -18.73 11.87 -12.36
CA LEU K 195 -17.42 11.50 -11.86
C LEU K 195 -17.43 11.38 -10.34
N VAL K 196 -18.15 12.28 -9.68
CA VAL K 196 -18.30 12.20 -8.23
C VAL K 196 -19.02 10.91 -7.85
N GLY K 197 -20.07 10.58 -8.58
CA GLY K 197 -20.83 9.38 -8.27
C GLY K 197 -20.05 8.10 -8.45
N TYR K 198 -19.18 8.05 -9.44
CA TYR K 198 -18.35 6.88 -9.67
C TYR K 198 -17.04 6.91 -8.92
N GLY K 199 -16.86 7.86 -8.01
CA GLY K 199 -15.63 7.95 -7.24
C GLY K 199 -14.41 8.25 -8.08
N LEU K 200 -14.58 9.06 -9.13
CA LEU K 200 -13.50 9.36 -10.05
C LEU K 200 -13.23 10.87 -10.06
N SER K 201 -11.95 11.20 -10.24
CA SER K 201 -11.52 12.58 -10.35
C SER K 201 -11.30 12.94 -11.82
N ILE K 202 -11.23 14.25 -12.08
CA ILE K 202 -10.99 14.72 -13.44
C ILE K 202 -9.57 14.38 -13.87
N ASP K 203 -8.64 14.37 -12.92
CA ASP K 203 -7.25 13.99 -13.23
C ASP K 203 -7.22 12.53 -13.69
N ASP K 204 -8.13 11.70 -13.18
CA ASP K 204 -8.19 10.31 -13.60
C ASP K 204 -8.59 10.19 -15.07
N VAL K 205 -9.61 10.93 -15.50
CA VAL K 205 -10.02 10.85 -16.89
C VAL K 205 -8.94 11.44 -17.79
N ASN K 206 -8.27 12.50 -17.32
CA ASN K 206 -7.18 13.07 -18.11
C ASN K 206 -6.07 12.05 -18.33
N ASN K 207 -5.66 11.35 -17.27
CA ASN K 207 -4.58 10.37 -17.38
C ASN K 207 -5.02 9.18 -18.22
N ALA K 208 -6.27 8.75 -18.10
CA ALA K 208 -6.76 7.65 -18.93
C ALA K 208 -6.73 8.02 -20.40
N ILE K 209 -7.18 9.24 -20.73
CA ILE K 209 -7.14 9.68 -22.12
C ILE K 209 -5.69 9.76 -22.60
N ARG K 210 -4.80 10.28 -21.75
CA ARG K 210 -3.41 10.43 -22.14
C ARG K 210 -2.74 9.09 -22.41
N THR K 211 -2.98 8.09 -21.56
CA THR K 211 -2.31 6.80 -21.70
C THR K 211 -2.96 5.91 -22.73
N GLN K 212 -4.25 6.05 -22.99
CA GLN K 212 -4.93 5.13 -23.90
C GLN K 212 -5.01 5.65 -25.33
N ASN K 213 -5.06 6.96 -25.53
CA ASN K 213 -5.04 7.54 -26.87
C ASN K 213 -3.63 8.02 -27.17
N VAL K 214 -2.75 7.07 -27.46
CA VAL K 214 -1.35 7.37 -27.78
C VAL K 214 -0.92 6.46 -28.93
N GLN K 215 -0.16 7.04 -29.86
CA GLN K 215 0.39 6.25 -30.99
C GLN K 215 1.47 5.31 -30.42
N VAL K 216 1.61 4.13 -31.01
CA VAL K 216 2.56 3.13 -30.54
C VAL K 216 3.65 2.95 -31.59
N PRO K 217 4.90 3.34 -31.32
CA PRO K 217 5.98 3.05 -32.25
C PRO K 217 6.53 1.65 -32.03
N ALA K 218 5.83 0.63 -32.51
CA ALA K 218 6.18 -0.75 -32.17
C ALA K 218 7.49 -1.18 -32.82
N GLY K 219 7.53 -1.20 -34.14
CA GLY K 219 8.73 -1.61 -34.84
C GLY K 219 8.49 -2.74 -35.82
N ALA K 220 9.53 -3.54 -36.06
CA ALA K 220 9.46 -4.63 -37.03
C ALA K 220 10.32 -5.78 -36.55
N PHE K 221 9.81 -7.00 -36.71
CA PHE K 221 10.57 -8.19 -36.35
C PHE K 221 11.53 -8.54 -37.48
N GLY K 222 12.57 -9.29 -37.14
CA GLY K 222 13.58 -9.66 -38.11
C GLY K 222 14.45 -8.49 -38.51
N SER K 223 14.47 -7.46 -37.69
CA SER K 223 15.21 -6.24 -38.00
C SER K 223 16.70 -6.43 -37.71
N THR K 224 17.50 -5.51 -38.24
CA THR K 224 18.93 -5.54 -38.03
C THR K 224 19.26 -5.26 -36.57
N PRO K 225 20.19 -6.01 -35.97
CA PRO K 225 20.92 -7.16 -36.53
C PRO K 225 20.03 -8.39 -36.67
N GLY K 226 19.97 -8.95 -37.88
CA GLY K 226 19.13 -10.10 -38.14
C GLY K 226 19.95 -11.36 -38.27
N SER K 227 19.38 -12.47 -37.83
CA SER K 227 20.09 -13.74 -37.86
C SER K 227 20.33 -14.19 -39.30
N SER K 228 21.39 -15.00 -39.47
CA SER K 228 21.74 -15.46 -40.80
C SER K 228 20.64 -16.34 -41.39
N GLU K 229 19.78 -16.89 -40.54
CA GLU K 229 18.76 -17.80 -41.02
C GLU K 229 17.50 -17.05 -41.49
N GLN K 230 16.91 -16.24 -40.62
CA GLN K 230 15.63 -15.62 -40.91
C GLN K 230 15.76 -14.61 -42.04
N GLU K 231 14.68 -14.50 -42.86
CA GLU K 231 14.71 -13.72 -44.10
C GLU K 231 13.38 -12.99 -44.35
N LEU K 232 12.68 -12.63 -43.28
CA LEU K 232 11.34 -12.06 -43.47
C LEU K 232 11.04 -10.87 -42.56
N THR K 233 11.91 -9.87 -42.53
CA THR K 233 11.63 -8.65 -41.77
C THR K 233 10.31 -8.03 -42.22
N ALA K 234 9.46 -7.69 -41.25
CA ALA K 234 8.13 -7.15 -41.54
C ALA K 234 7.66 -6.29 -40.38
N THR K 235 6.79 -5.34 -40.68
CA THR K 235 6.37 -4.33 -39.70
C THR K 235 5.36 -4.91 -38.72
N LEU K 236 5.22 -4.25 -37.56
CA LEU K 236 4.30 -4.71 -36.53
C LEU K 236 3.04 -3.83 -36.45
N THR K 237 3.15 -2.55 -36.80
CA THR K 237 2.02 -1.65 -37.03
C THR K 237 0.86 -1.77 -36.03
N VAL K 238 1.12 -1.47 -34.77
CA VAL K 238 0.11 -1.48 -33.71
C VAL K 238 -0.79 -0.27 -33.87
N LYS K 239 -2.09 -0.48 -33.71
CA LYS K 239 -3.07 0.61 -33.70
C LYS K 239 -3.05 1.27 -32.33
N GLY K 240 -2.69 2.54 -32.28
CA GLY K 240 -2.62 3.26 -31.03
C GLY K 240 -3.66 4.34 -30.82
N THR K 241 -3.95 5.11 -31.86
CA THR K 241 -4.82 6.26 -31.73
C THR K 241 -6.26 5.91 -32.12
N LEU K 242 -7.20 6.66 -31.57
CA LEU K 242 -8.61 6.46 -31.85
C LEU K 242 -9.08 7.45 -32.91
N ASP K 243 -10.06 7.01 -33.70
CA ASP K 243 -10.46 7.73 -34.90
C ASP K 243 -11.79 8.47 -34.77
N ASN K 244 -12.79 7.87 -34.15
CA ASN K 244 -14.15 8.38 -34.17
C ASN K 244 -14.70 8.40 -32.76
N PRO K 245 -15.77 9.17 -32.51
CA PRO K 245 -16.27 9.31 -31.13
C PRO K 245 -16.66 8.00 -30.47
N GLU K 246 -17.11 7.00 -31.23
CA GLU K 246 -17.47 5.74 -30.62
C GLU K 246 -16.26 5.07 -29.96
N GLU K 247 -15.11 5.12 -30.60
CA GLU K 247 -13.90 4.54 -30.00
C GLU K 247 -13.49 5.30 -28.76
N PHE K 248 -13.57 6.63 -28.79
CA PHE K 248 -13.22 7.43 -27.62
C PHE K 248 -14.15 7.14 -26.44
N ALA K 249 -15.44 6.92 -26.72
CA ALA K 249 -16.36 6.57 -25.66
C ALA K 249 -16.06 5.20 -25.07
N ALA K 250 -15.25 4.40 -25.77
CA ALA K 250 -14.87 3.08 -25.29
C ALA K 250 -13.60 3.09 -24.44
N ILE K 251 -13.03 4.27 -24.16
CA ILE K 251 -11.87 4.34 -23.29
C ILE K 251 -12.26 3.90 -21.89
N VAL K 252 -11.49 2.99 -21.32
CA VAL K 252 -11.82 2.41 -20.03
C VAL K 252 -11.18 3.23 -18.92
N LEU K 253 -12.01 3.69 -17.98
CA LEU K 253 -11.53 4.40 -16.80
C LEU K 253 -11.24 3.46 -15.65
N ARG K 254 -12.11 2.48 -15.41
CA ARG K 254 -11.94 1.53 -14.33
C ARG K 254 -12.64 0.24 -14.70
N ALA K 255 -11.93 -0.87 -14.57
CA ALA K 255 -12.48 -2.18 -14.88
C ALA K 255 -12.03 -3.18 -13.82
N ASN K 256 -12.93 -4.10 -13.47
CA ASN K 256 -12.66 -5.10 -12.44
C ASN K 256 -12.33 -6.44 -13.07
N GLN K 257 -11.92 -7.38 -12.20
CA GLN K 257 -11.50 -8.69 -12.66
C GLN K 257 -12.68 -9.49 -13.23
N ASP K 258 -13.88 -9.28 -12.69
CA ASP K 258 -15.04 -10.03 -13.14
C ASP K 258 -15.35 -9.75 -14.61
N GLY K 259 -15.19 -8.50 -15.04
CA GLY K 259 -15.45 -8.14 -16.42
C GLY K 259 -16.15 -6.81 -16.57
N SER K 260 -16.73 -6.30 -15.50
CA SER K 260 -17.41 -5.02 -15.56
C SER K 260 -16.42 -3.89 -15.77
N ARG K 261 -16.79 -2.94 -16.64
CA ARG K 261 -15.88 -1.86 -16.99
C ARG K 261 -16.64 -0.53 -16.91
N LEU K 262 -16.00 0.48 -16.33
CA LEU K 262 -16.46 1.85 -16.47
C LEU K 262 -15.77 2.47 -17.67
N THR K 263 -16.54 3.10 -18.55
CA THR K 263 -16.00 3.68 -19.76
C THR K 263 -16.19 5.19 -19.76
N LEU K 264 -15.45 5.86 -20.65
CA LEU K 264 -15.53 7.32 -20.73
C LEU K 264 -16.93 7.78 -21.11
N GLY K 265 -17.59 7.07 -22.03
CA GLY K 265 -18.93 7.44 -22.44
C GLY K 265 -19.93 7.44 -21.31
N ASP K 266 -19.67 6.68 -20.24
CA ASP K 266 -20.55 6.65 -19.09
C ASP K 266 -20.56 7.96 -18.31
N VAL K 267 -19.48 8.74 -18.38
CA VAL K 267 -19.35 9.96 -17.59
C VAL K 267 -19.26 11.21 -18.44
N ALA K 268 -18.99 11.08 -19.74
CA ALA K 268 -18.79 12.26 -20.58
C ALA K 268 -19.44 12.06 -21.93
N ARG K 269 -19.83 13.17 -22.54
CA ARG K 269 -20.34 13.19 -23.90
C ARG K 269 -19.18 13.48 -24.85
N ILE K 270 -19.03 12.63 -25.85
CA ILE K 270 -17.90 12.68 -26.77
C ILE K 270 -18.42 13.14 -28.13
N GLU K 271 -17.79 14.17 -28.70
CA GLU K 271 -18.20 14.59 -30.03
C GLU K 271 -17.02 15.26 -30.74
N VAL K 272 -17.25 15.60 -32.00
CA VAL K 272 -16.26 16.34 -32.78
C VAL K 272 -16.75 17.78 -32.88
N GLY K 273 -16.02 18.70 -32.28
CA GLY K 273 -16.43 20.09 -32.26
C GLY K 273 -15.33 21.02 -32.66
N SER K 274 -15.44 22.29 -32.31
CA SER K 274 -14.37 23.24 -32.58
C SER K 274 -13.32 23.17 -31.47
N GLN K 275 -12.05 23.31 -31.85
CA GLN K 275 -10.99 23.37 -30.85
C GLN K 275 -11.16 24.59 -29.97
N ASP K 276 -11.55 25.71 -30.56
CA ASP K 276 -11.70 26.97 -29.85
C ASP K 276 -13.05 27.59 -30.19
N TYR K 277 -13.60 28.34 -29.24
CA TYR K 277 -14.90 28.96 -29.41
C TYR K 277 -14.89 30.46 -29.17
N ASN K 278 -13.70 31.09 -29.16
CA ASN K 278 -13.64 32.53 -28.93
C ASN K 278 -14.23 33.34 -30.07
N PHE K 279 -14.03 32.88 -31.31
CA PHE K 279 -14.41 33.65 -32.49
C PHE K 279 -15.53 32.98 -33.26
N GLY K 280 -16.33 33.81 -33.92
CA GLY K 280 -17.40 33.32 -34.77
C GLY K 280 -17.60 34.25 -35.94
N SER K 281 -18.17 33.73 -37.02
CA SER K 281 -18.31 34.49 -38.25
C SER K 281 -19.73 34.40 -38.79
N ARG K 282 -20.31 35.57 -39.07
CA ARG K 282 -21.62 35.66 -39.69
C ARG K 282 -21.50 36.52 -40.93
N GLN K 283 -22.26 36.15 -41.95
CA GLN K 283 -22.34 36.96 -43.17
C GLN K 283 -23.81 37.12 -43.52
N ASP K 284 -24.25 38.38 -43.61
CA ASP K 284 -25.63 38.69 -43.95
C ASP K 284 -26.60 37.85 -43.13
N GLY K 285 -26.43 37.88 -41.82
CA GLY K 285 -27.35 37.24 -40.91
C GLY K 285 -27.25 35.74 -40.86
N LYS K 286 -26.35 35.13 -41.63
CA LYS K 286 -26.28 33.69 -41.61
C LYS K 286 -24.91 33.23 -41.13
N PRO K 287 -24.84 32.21 -40.27
CA PRO K 287 -23.54 31.69 -39.85
C PRO K 287 -22.74 31.23 -41.06
N ALA K 288 -21.46 31.58 -41.08
CA ALA K 288 -20.60 31.26 -42.20
C ALA K 288 -19.17 31.13 -41.71
N VAL K 289 -18.31 30.53 -42.52
CA VAL K 289 -16.90 30.42 -42.22
C VAL K 289 -16.15 31.34 -43.17
N ALA K 290 -15.00 31.85 -42.74
CA ALA K 290 -14.23 32.75 -43.57
C ALA K 290 -12.79 32.82 -43.10
N ALA K 291 -11.94 33.35 -43.97
CA ALA K 291 -10.55 33.56 -43.64
C ALA K 291 -10.01 34.77 -44.37
N ALA K 292 -9.05 35.44 -43.74
CA ALA K 292 -8.47 36.67 -44.25
C ALA K 292 -7.08 36.39 -44.82
N VAL K 293 -6.88 36.78 -46.07
CA VAL K 293 -5.58 36.66 -46.72
C VAL K 293 -4.87 38.00 -46.62
N GLN K 294 -3.64 37.97 -46.09
CA GLN K 294 -2.81 39.15 -45.94
C GLN K 294 -1.58 39.00 -46.82
N LEU K 295 -1.42 39.96 -47.74
CA LEU K 295 -0.40 39.90 -48.78
C LEU K 295 1.00 39.91 -48.17
N SER K 296 1.90 39.13 -48.76
CA SER K 296 3.30 39.22 -48.39
C SER K 296 3.93 40.45 -49.05
N PRO K 297 4.98 41.01 -48.44
CA PRO K 297 5.59 42.22 -49.00
C PRO K 297 6.17 41.98 -50.39
N GLY K 298 6.15 43.03 -51.20
CA GLY K 298 6.74 43.01 -52.51
C GLY K 298 6.11 42.03 -53.48
N ALA K 299 4.79 42.12 -53.66
CA ALA K 299 4.06 41.24 -54.55
C ALA K 299 3.11 42.04 -55.43
N ASN K 300 2.88 41.54 -56.64
CA ASN K 300 1.84 42.11 -57.50
C ASN K 300 0.48 41.93 -56.84
N ALA K 301 -0.46 42.82 -57.16
CA ALA K 301 -1.81 42.74 -56.63
C ALA K 301 -2.80 42.19 -57.65
N ILE K 302 -2.89 42.84 -58.81
CA ILE K 302 -3.85 42.41 -59.83
C ILE K 302 -3.56 40.98 -60.26
N GLN K 303 -2.29 40.66 -60.49
CA GLN K 303 -1.93 39.29 -60.81
C GLN K 303 -2.22 38.35 -59.64
N THR K 304 -1.85 38.76 -58.43
CA THR K 304 -2.10 37.91 -57.27
C THR K 304 -3.59 37.80 -56.97
N ALA K 305 -4.34 38.90 -57.10
CA ALA K 305 -5.78 38.84 -56.85
C ALA K 305 -6.47 37.95 -57.87
N GLU K 306 -6.10 38.08 -59.15
CA GLU K 306 -6.71 37.22 -60.16
C GLU K 306 -6.29 35.77 -59.98
N ALA K 307 -5.06 35.55 -59.49
CA ALA K 307 -4.62 34.19 -59.20
C ALA K 307 -5.44 33.58 -58.06
N VAL K 308 -5.67 34.36 -57.01
CA VAL K 308 -6.46 33.85 -55.89
C VAL K 308 -7.91 33.58 -56.31
N LYS K 309 -8.49 34.51 -57.08
CA LYS K 309 -9.86 34.32 -57.56
C LYS K 309 -9.94 33.10 -58.47
N GLN K 310 -8.97 32.93 -59.37
CA GLN K 310 -8.97 31.79 -60.27
C GLN K 310 -8.78 30.48 -59.51
N ARG K 311 -7.91 30.50 -58.49
CA ARG K 311 -7.72 29.31 -57.67
C ARG K 311 -8.99 28.94 -56.92
N LEU K 312 -9.69 29.95 -56.37
CA LEU K 312 -10.95 29.68 -55.71
C LEU K 312 -11.98 29.15 -56.69
N THR K 313 -12.00 29.70 -57.90
CA THR K 313 -12.93 29.21 -58.93
C THR K 313 -12.63 27.76 -59.28
N GLU K 314 -11.34 27.43 -59.43
CA GLU K 314 -10.96 26.06 -59.77
C GLU K 314 -11.30 25.09 -58.65
N LEU K 315 -11.07 25.50 -57.41
CA LEU K 315 -11.42 24.65 -56.28
C LEU K 315 -12.93 24.54 -56.13
N SER K 316 -13.68 25.56 -56.57
CA SER K 316 -15.14 25.50 -56.49
C SER K 316 -15.70 24.38 -57.34
N ALA K 317 -14.95 23.92 -58.34
CA ALA K 317 -15.34 22.72 -59.08
C ALA K 317 -15.29 21.47 -58.22
N ASN K 318 -14.63 21.53 -57.06
CA ASN K 318 -14.59 20.42 -56.11
C ASN K 318 -15.37 20.71 -54.84
N PHE K 319 -16.01 21.87 -54.75
CA PHE K 319 -16.77 22.22 -53.56
C PHE K 319 -18.01 21.34 -53.43
N PRO K 320 -18.47 21.10 -52.21
CA PRO K 320 -19.75 20.40 -52.04
C PRO K 320 -20.89 21.19 -52.66
N ASP K 321 -21.89 20.46 -53.14
CA ASP K 321 -22.97 21.10 -53.89
C ASP K 321 -23.72 22.11 -53.03
N ASN K 322 -23.97 21.78 -51.77
CA ASN K 322 -24.62 22.71 -50.86
C ASN K 322 -23.72 23.87 -50.46
N VAL K 323 -22.41 23.75 -50.67
CA VAL K 323 -21.43 24.73 -50.21
C VAL K 323 -21.10 25.68 -51.36
N GLU K 324 -21.14 26.98 -51.07
CA GLU K 324 -20.77 28.00 -52.04
C GLU K 324 -19.79 28.97 -51.41
N PHE K 325 -18.89 29.48 -52.25
CA PHE K 325 -17.85 30.42 -51.84
C PHE K 325 -18.16 31.81 -52.37
N SER K 326 -17.61 32.81 -51.69
CA SER K 326 -17.78 34.19 -52.09
C SER K 326 -16.62 35.01 -51.55
N VAL K 327 -16.48 36.22 -52.08
CA VAL K 327 -15.44 37.14 -51.64
C VAL K 327 -16.14 38.43 -51.20
N PRO K 328 -16.68 38.47 -49.99
CA PRO K 328 -17.39 39.67 -49.52
C PRO K 328 -16.49 40.87 -49.34
N TYR K 329 -15.17 40.68 -49.23
CA TYR K 329 -14.24 41.78 -49.01
C TYR K 329 -13.05 41.60 -49.93
N ASP K 330 -12.75 42.64 -50.72
CA ASP K 330 -11.65 42.57 -51.67
C ASP K 330 -11.18 44.00 -51.92
N THR K 331 -9.96 44.31 -51.47
CA THR K 331 -9.40 45.63 -51.72
C THR K 331 -8.96 45.81 -53.16
N SER K 332 -8.51 44.74 -53.82
CA SER K 332 -7.92 44.85 -55.15
C SER K 332 -8.83 45.55 -56.13
N ARG K 333 -10.15 45.31 -56.03
CA ARG K 333 -11.08 45.96 -56.96
C ARG K 333 -10.88 47.46 -56.99
N PHE K 334 -10.71 48.08 -55.81
CA PHE K 334 -10.46 49.51 -55.76
C PHE K 334 -9.29 49.88 -56.64
N VAL K 335 -8.16 49.20 -56.45
CA VAL K 335 -6.98 49.43 -57.29
C VAL K 335 -7.38 49.46 -58.75
N ASP K 336 -8.06 48.40 -59.20
CA ASP K 336 -8.45 48.32 -60.61
C ASP K 336 -9.17 49.58 -61.03
N VAL K 337 -10.26 49.92 -60.33
CA VAL K 337 -11.03 51.10 -60.71
C VAL K 337 -10.10 52.30 -60.76
N ALA K 338 -9.32 52.48 -59.70
CA ALA K 338 -8.44 53.64 -59.62
C ALA K 338 -7.56 53.73 -60.86
N ILE K 339 -6.84 52.64 -61.18
CA ILE K 339 -5.87 52.76 -62.27
C ILE K 339 -6.61 53.05 -63.55
N ASP K 340 -7.75 52.38 -63.77
CA ASP K 340 -8.51 52.64 -64.98
C ASP K 340 -8.85 54.11 -65.10
N LYS K 341 -9.37 54.71 -64.02
CA LYS K 341 -9.69 56.12 -64.07
C LYS K 341 -8.47 56.93 -64.47
N VAL K 342 -7.32 56.64 -63.85
CA VAL K 342 -6.14 57.43 -64.19
C VAL K 342 -5.82 57.28 -65.67
N ILE K 343 -5.83 56.05 -66.18
CA ILE K 343 -5.46 55.88 -67.59
C ILE K 343 -6.45 56.63 -68.47
N MET K 344 -7.73 56.64 -68.07
CA MET K 344 -8.72 57.40 -68.83
C MET K 344 -8.33 58.87 -68.84
N THR K 345 -8.00 59.41 -67.65
CA THR K 345 -7.52 60.78 -67.60
C THR K 345 -6.26 60.93 -68.45
N LEU K 346 -5.36 59.95 -68.36
CA LEU K 346 -4.12 60.02 -69.12
C LEU K 346 -4.41 60.14 -70.60
N ILE K 347 -5.50 59.52 -71.08
CA ILE K 347 -5.86 59.65 -72.47
C ILE K 347 -6.42 61.04 -72.75
N GLU K 348 -7.40 61.46 -71.94
CA GLU K 348 -8.11 62.75 -72.22
C GLU K 348 -7.12 63.92 -72.35
N ALA K 349 -6.27 64.15 -71.35
CA ALA K 349 -5.33 65.26 -71.43
C ALA K 349 -4.51 65.13 -72.70
N MET K 350 -4.21 63.88 -73.07
CA MET K 350 -3.42 63.65 -74.27
C MET K 350 -4.07 64.26 -75.48
N VAL K 351 -5.36 64.04 -75.66
CA VAL K 351 -6.04 64.66 -76.78
C VAL K 351 -6.16 66.16 -76.56
N LEU K 352 -6.43 66.56 -75.31
CA LEU K 352 -6.71 67.96 -75.03
C LEU K 352 -5.52 68.83 -75.40
N VAL K 353 -4.35 68.48 -74.87
CA VAL K 353 -3.13 69.21 -75.20
C VAL K 353 -2.96 69.24 -76.71
N PHE K 354 -3.18 68.10 -77.38
CA PHE K 354 -3.04 68.04 -78.84
C PHE K 354 -3.85 69.15 -79.48
N LEU K 355 -5.14 69.26 -79.11
CA LEU K 355 -5.98 70.30 -79.70
C LEU K 355 -5.34 71.65 -79.54
N VAL K 356 -4.81 71.94 -78.35
CA VAL K 356 -4.19 73.22 -78.08
C VAL K 356 -3.07 73.49 -79.07
N MET K 357 -2.20 72.50 -79.31
CA MET K 357 -1.14 72.73 -80.29
C MET K 357 -1.71 72.98 -81.66
N PHE K 358 -2.74 72.22 -82.06
CA PHE K 358 -3.31 72.44 -83.38
C PHE K 358 -3.97 73.82 -83.46
N LEU K 359 -4.32 74.40 -82.31
CA LEU K 359 -4.86 75.75 -82.31
C LEU K 359 -3.76 76.77 -82.60
N PHE K 360 -2.55 76.52 -82.12
CA PHE K 360 -1.49 77.52 -82.24
C PHE K 360 -0.63 77.32 -83.48
N LEU K 361 -0.11 76.10 -83.69
CA LEU K 361 0.70 75.86 -84.88
C LEU K 361 -0.14 75.79 -86.15
N GLN K 362 -1.42 75.45 -86.05
CA GLN K 362 -2.36 75.48 -87.16
C GLN K 362 -1.91 74.57 -88.32
N ASN K 363 -1.16 73.51 -87.99
CA ASN K 363 -0.74 72.54 -88.99
C ASN K 363 -0.57 71.20 -88.29
N VAL K 364 -1.09 70.14 -88.89
CA VAL K 364 -1.09 68.82 -88.25
C VAL K 364 0.34 68.31 -88.11
N ARG K 365 1.17 68.50 -89.13
CA ARG K 365 2.54 67.98 -89.09
C ARG K 365 3.35 68.63 -87.98
N TYR K 366 3.19 69.93 -87.79
CA TYR K 366 3.89 70.62 -86.71
C TYR K 366 3.40 70.14 -85.35
N THR K 367 2.09 69.87 -85.24
CA THR K 367 1.52 69.39 -83.99
C THR K 367 1.95 67.96 -83.68
N LEU K 368 2.34 67.20 -84.71
CA LEU K 368 2.56 65.77 -84.54
C LEU K 368 3.79 65.45 -83.69
N ILE K 369 4.80 66.32 -83.71
CA ILE K 369 6.10 66.03 -83.10
C ILE K 369 6.03 65.80 -81.60
N PRO K 370 5.54 66.76 -80.79
CA PRO K 370 5.53 66.52 -79.34
C PRO K 370 4.61 65.38 -78.92
N SER K 371 3.48 65.20 -79.63
CA SER K 371 2.61 64.07 -79.34
C SER K 371 3.32 62.75 -79.57
N ILE K 372 4.34 62.74 -80.41
CA ILE K 372 5.17 61.55 -80.58
C ILE K 372 6.22 61.46 -79.48
N VAL K 373 6.83 62.59 -79.09
CA VAL K 373 7.96 62.52 -78.17
C VAL K 373 7.51 62.13 -76.77
N VAL K 374 6.31 62.55 -76.35
CA VAL K 374 5.91 62.36 -74.95
C VAL K 374 5.82 60.89 -74.53
N PRO K 375 5.13 60.01 -75.26
CA PRO K 375 5.02 58.62 -74.78
C PRO K 375 6.37 57.94 -74.64
N VAL K 376 7.34 58.33 -75.46
CA VAL K 376 8.71 57.83 -75.29
C VAL K 376 9.21 58.14 -73.89
N CYS K 377 9.03 59.38 -73.45
CA CYS K 377 9.44 59.77 -72.12
C CYS K 377 8.69 58.98 -71.05
N LEU K 378 7.38 58.78 -71.24
CA LEU K 378 6.63 58.00 -70.25
C LEU K 378 7.15 56.57 -70.15
N LEU K 379 7.45 55.94 -71.28
CA LEU K 379 7.94 54.57 -71.27
C LEU K 379 9.31 54.48 -70.60
N GLY K 380 10.20 55.43 -70.89
CA GLY K 380 11.47 55.46 -70.19
C GLY K 380 11.30 55.64 -68.70
N THR K 381 10.33 56.48 -68.31
CA THR K 381 10.04 56.68 -66.89
C THR K 381 9.60 55.37 -66.25
N LEU K 382 8.75 54.60 -66.93
CA LEU K 382 8.33 53.31 -66.40
C LEU K 382 9.51 52.36 -66.26
N THR K 383 10.41 52.34 -67.25
CA THR K 383 11.58 51.48 -67.16
C THR K 383 12.42 51.81 -65.94
N PHE K 384 12.76 53.09 -65.76
CA PHE K 384 13.56 53.47 -64.61
C PHE K 384 12.81 53.26 -63.30
N MET K 385 11.48 53.36 -63.34
CA MET K 385 10.67 53.08 -62.16
C MET K 385 10.81 51.63 -61.75
N TYR K 386 10.78 50.71 -62.72
CA TYR K 386 11.02 49.31 -62.39
C TYR K 386 12.44 49.10 -61.87
N LEU K 387 13.42 49.75 -62.50
CA LEU K 387 14.80 49.55 -62.10
C LEU K 387 15.04 49.93 -60.64
N LEU K 388 14.23 50.84 -60.11
CA LEU K 388 14.33 51.25 -58.71
C LEU K 388 13.44 50.41 -57.79
N GLY K 389 12.69 49.45 -58.33
CA GLY K 389 11.84 48.62 -57.51
C GLY K 389 10.58 49.29 -57.02
N PHE K 390 10.04 50.23 -57.79
CA PHE K 390 8.83 50.93 -57.39
C PHE K 390 7.60 50.19 -57.89
N SER K 391 6.42 50.70 -57.51
CA SER K 391 5.16 50.06 -57.84
C SER K 391 4.25 50.99 -58.60
N VAL K 392 3.32 50.39 -59.34
CA VAL K 392 2.30 51.13 -60.07
C VAL K 392 1.12 51.37 -59.13
N ASN K 393 1.10 52.57 -58.51
CA ASN K 393 0.20 52.91 -57.41
C ASN K 393 -0.14 54.39 -57.46
N MET K 394 -1.22 54.77 -56.79
CA MET K 394 -1.81 56.08 -57.02
C MET K 394 -0.80 57.23 -57.03
N MET K 395 0.18 57.26 -56.12
CA MET K 395 1.13 58.37 -56.18
C MET K 395 1.87 58.37 -57.49
N THR K 396 2.29 57.19 -57.94
CA THR K 396 2.93 57.11 -59.24
C THR K 396 1.99 57.53 -60.36
N MET K 397 0.70 57.14 -60.30
CA MET K 397 -0.32 57.52 -61.30
C MET K 397 -0.55 59.01 -61.37
N PHE K 398 -0.65 59.65 -60.23
CA PHE K 398 -0.71 61.09 -60.22
C PHE K 398 0.60 61.68 -60.73
N GLY K 399 1.71 61.00 -60.45
CA GLY K 399 2.99 61.47 -60.95
C GLY K 399 3.00 61.60 -62.44
N MET K 400 2.58 60.52 -63.12
CA MET K 400 2.61 60.51 -64.61
C MET K 400 1.55 61.47 -65.17
N VAL K 401 0.39 61.60 -64.54
CA VAL K 401 -0.65 62.45 -65.15
C VAL K 401 -0.26 63.92 -65.05
N LEU K 402 0.28 64.36 -63.91
CA LEU K 402 0.73 65.78 -63.91
C LEU K 402 2.08 65.87 -64.63
N ALA K 403 2.79 64.74 -64.79
CA ALA K 403 4.03 64.79 -65.53
C ALA K 403 3.78 65.23 -66.97
N ILE K 404 2.74 64.67 -67.60
CA ILE K 404 2.40 65.03 -68.98
C ILE K 404 2.54 66.54 -69.19
N GLY K 405 2.00 67.33 -68.27
CA GLY K 405 1.99 68.77 -68.44
C GLY K 405 3.34 69.43 -68.37
N ILE K 406 4.21 68.98 -67.47
CA ILE K 406 5.54 69.57 -67.39
C ILE K 406 6.43 69.03 -68.51
N LEU K 407 6.19 67.78 -68.92
CA LEU K 407 6.98 67.17 -69.97
C LEU K 407 6.72 67.85 -71.32
N VAL K 408 5.47 68.18 -71.60
CA VAL K 408 5.16 68.68 -72.94
C VAL K 408 5.83 70.02 -73.22
N ASP K 409 6.04 70.83 -72.19
CA ASP K 409 6.55 72.22 -72.40
C ASP K 409 7.84 72.26 -73.21
N ASP K 410 8.79 71.35 -72.94
CA ASP K 410 10.08 71.41 -73.62
C ASP K 410 9.91 71.22 -75.13
N ALA K 411 9.16 70.19 -75.53
CA ALA K 411 8.87 70.00 -76.94
C ALA K 411 8.06 71.17 -77.47
N ILE K 412 7.18 71.74 -76.64
CA ILE K 412 6.37 72.88 -77.07
C ILE K 412 7.28 74.05 -77.44
N VAL K 413 8.22 74.40 -76.56
CA VAL K 413 9.07 75.55 -76.83
C VAL K 413 10.00 75.27 -78.00
N VAL K 414 10.47 74.02 -78.14
CA VAL K 414 11.35 73.70 -79.26
C VAL K 414 10.61 73.87 -80.58
N VAL K 415 9.42 73.26 -80.70
CA VAL K 415 8.68 73.30 -81.96
C VAL K 415 8.21 74.73 -82.23
N GLU K 416 7.84 75.46 -81.19
CA GLU K 416 7.36 76.82 -81.41
C GLU K 416 8.50 77.75 -81.78
N ASN K 417 9.69 77.51 -81.26
CA ASN K 417 10.86 78.31 -81.64
C ASN K 417 11.24 78.06 -83.09
N VAL K 418 11.25 76.79 -83.51
CA VAL K 418 11.58 76.51 -84.91
C VAL K 418 10.49 77.08 -85.83
N GLU K 419 9.23 77.03 -85.38
CA GLU K 419 8.15 77.66 -86.13
C GLU K 419 8.37 79.17 -86.27
N ARG K 420 8.78 79.81 -85.17
CA ARG K 420 8.99 81.26 -85.21
C ARG K 420 10.12 81.63 -86.15
N ILE K 421 11.24 80.91 -86.06
CA ILE K 421 12.36 81.21 -86.96
C ILE K 421 11.97 80.92 -88.40
N MET K 422 11.19 79.86 -88.62
CA MET K 422 10.67 79.54 -89.95
C MET K 422 9.84 80.70 -90.50
N ALA K 423 8.94 81.24 -89.69
CA ALA K 423 8.06 82.33 -90.13
C ALA K 423 8.84 83.63 -90.34
N GLU K 424 9.87 83.88 -89.53
CA GLU K 424 10.55 85.17 -89.57
C GLU K 424 11.63 85.22 -90.65
N GLU K 425 12.49 84.20 -90.70
CA GLU K 425 13.66 84.24 -91.60
C GLU K 425 13.48 83.40 -92.85
N GLY K 426 12.51 82.50 -92.90
CA GLY K 426 12.28 81.71 -94.09
C GLY K 426 13.33 80.67 -94.40
N LEU K 427 14.11 80.26 -93.40
CA LEU K 427 15.18 79.31 -93.61
C LEU K 427 14.62 77.91 -93.83
N ALA K 428 15.43 77.06 -94.46
CA ALA K 428 15.06 75.67 -94.66
C ALA K 428 14.96 74.97 -93.31
N PRO K 429 14.20 73.86 -93.23
CA PRO K 429 14.00 73.21 -91.92
C PRO K 429 15.28 72.86 -91.19
N VAL K 430 16.30 72.39 -91.89
CA VAL K 430 17.53 71.94 -91.24
C VAL K 430 18.33 73.13 -90.71
N PRO K 431 18.69 74.13 -91.52
CA PRO K 431 19.42 75.28 -90.94
C PRO K 431 18.62 76.05 -89.92
N ALA K 432 17.30 76.15 -90.11
CA ALA K 432 16.46 76.83 -89.12
C ALA K 432 16.45 76.06 -87.81
N THR K 433 16.39 74.73 -87.89
CA THR K 433 16.48 73.92 -86.67
C THR K 433 17.81 74.10 -85.99
N ILE K 434 18.90 74.14 -86.77
CA ILE K 434 20.22 74.37 -86.20
C ILE K 434 20.26 75.69 -85.44
N LYS K 435 19.77 76.75 -86.09
CA LYS K 435 19.78 78.08 -85.46
C LYS K 435 18.92 78.11 -84.20
N ALA K 436 17.72 77.56 -84.27
CA ALA K 436 16.81 77.58 -83.12
C ALA K 436 17.39 76.81 -81.97
N MET K 437 18.00 75.66 -82.26
CA MET K 437 18.50 74.84 -81.17
C MET K 437 19.76 75.47 -80.58
N GLY K 438 20.59 76.10 -81.41
CA GLY K 438 21.69 76.88 -80.87
C GLY K 438 21.22 78.01 -79.99
N GLN K 439 20.06 78.59 -80.32
CA GLN K 439 19.47 79.63 -79.48
C GLN K 439 18.99 79.09 -78.14
N VAL K 440 18.37 77.91 -78.10
CA VAL K 440 17.65 77.47 -76.91
C VAL K 440 18.33 76.34 -76.13
N SER K 441 19.50 75.86 -76.56
CA SER K 441 20.10 74.68 -75.95
C SER K 441 20.49 74.93 -74.49
N GLY K 442 21.19 76.03 -74.23
CA GLY K 442 21.60 76.32 -72.86
C GLY K 442 20.43 76.51 -71.94
N ALA K 443 19.39 77.21 -72.42
CA ALA K 443 18.17 77.35 -71.64
C ALA K 443 17.57 75.99 -71.33
N ILE K 444 17.54 75.10 -72.33
CA ILE K 444 16.93 73.79 -72.14
C ILE K 444 17.67 72.99 -71.08
N ILE K 445 19.01 72.97 -71.15
CA ILE K 445 19.76 72.16 -70.21
C ILE K 445 19.66 72.74 -68.80
N GLY K 446 19.82 74.07 -68.67
CA GLY K 446 19.68 74.69 -67.37
C GLY K 446 18.32 74.45 -66.77
N ILE K 447 17.27 74.56 -67.59
CA ILE K 447 15.92 74.18 -67.18
C ILE K 447 15.92 72.77 -66.63
N THR K 448 16.24 71.78 -67.48
CA THR K 448 16.11 70.40 -67.07
C THR K 448 16.82 70.16 -65.73
N LEU K 449 17.98 70.80 -65.55
CA LEU K 449 18.72 70.60 -64.32
C LEU K 449 18.02 71.23 -63.11
N VAL K 450 17.48 72.45 -63.25
CA VAL K 450 16.86 73.09 -62.08
C VAL K 450 15.56 72.39 -61.70
N LEU K 451 14.75 72.04 -62.70
CA LEU K 451 13.56 71.24 -62.41
C LEU K 451 13.92 69.87 -61.85
N SER K 452 15.09 69.33 -62.21
CA SER K 452 15.52 68.09 -61.60
C SER K 452 15.79 68.28 -60.12
N ALA K 453 16.56 69.31 -59.78
CA ALA K 453 17.00 69.44 -58.39
C ALA K 453 16.06 70.25 -57.52
N VAL K 454 14.92 70.70 -58.06
CA VAL K 454 13.87 71.23 -57.18
C VAL K 454 13.05 70.09 -56.62
N PHE K 455 12.92 69.00 -57.37
CA PHE K 455 12.24 67.80 -56.89
C PHE K 455 13.19 66.81 -56.24
N LEU K 456 14.49 66.93 -56.52
CA LEU K 456 15.46 66.07 -55.84
C LEU K 456 15.39 66.11 -54.31
N PRO K 457 15.29 67.27 -53.65
CA PRO K 457 15.21 67.24 -52.18
C PRO K 457 14.01 66.47 -51.65
N LEU K 458 12.91 66.45 -52.40
CA LEU K 458 11.73 65.70 -51.97
C LEU K 458 12.03 64.21 -51.86
N ALA K 459 13.00 63.71 -52.64
CA ALA K 459 13.37 62.31 -52.57
C ALA K 459 14.15 61.97 -51.31
N PHE K 460 14.62 62.97 -50.57
CA PHE K 460 15.38 62.73 -49.35
C PHE K 460 14.51 62.71 -48.10
N MET K 461 13.19 62.91 -48.24
CA MET K 461 12.31 62.94 -47.09
C MET K 461 12.21 61.54 -46.47
N ALA K 462 12.15 61.50 -45.14
CA ALA K 462 12.05 60.26 -44.40
C ALA K 462 10.64 60.10 -43.83
N GLY K 463 10.37 58.89 -43.32
CA GLY K 463 9.08 58.60 -42.74
C GLY K 463 8.05 58.12 -43.76
N SER K 464 6.80 58.06 -43.31
CA SER K 464 5.71 57.65 -44.19
C SER K 464 5.47 58.68 -45.28
N VAL K 465 5.39 59.96 -44.91
CA VAL K 465 5.38 61.01 -45.91
C VAL K 465 6.65 60.95 -46.73
N GLY K 466 7.74 60.47 -46.12
CA GLY K 466 8.94 60.22 -46.88
C GLY K 466 8.72 59.25 -48.01
N VAL K 467 7.99 58.16 -47.75
CA VAL K 467 7.69 57.19 -48.80
C VAL K 467 6.79 57.81 -49.86
N ILE K 468 5.76 58.54 -49.43
CA ILE K 468 4.86 59.18 -50.39
C ILE K 468 5.64 60.09 -51.33
N TYR K 469 6.39 61.03 -50.74
CA TYR K 469 7.17 61.97 -51.52
C TYR K 469 8.22 61.24 -52.35
N GLN K 470 8.82 60.19 -51.81
CA GLN K 470 9.80 59.42 -52.56
C GLN K 470 9.20 58.92 -53.86
N GLN K 471 8.10 58.16 -53.76
CA GLN K 471 7.47 57.63 -54.97
C GLN K 471 7.14 58.73 -55.96
N PHE K 472 6.41 59.74 -55.49
CA PHE K 472 5.80 60.69 -56.42
C PHE K 472 6.85 61.66 -56.97
N SER K 473 7.72 62.17 -56.11
CA SER K 473 8.80 63.05 -56.55
C SER K 473 9.76 62.32 -57.48
N LEU K 474 10.12 61.07 -57.16
CA LEU K 474 11.07 60.36 -58.02
C LEU K 474 10.46 60.05 -59.38
N SER K 475 9.18 59.69 -59.43
CA SER K 475 8.54 59.48 -60.73
C SER K 475 8.60 60.76 -61.56
N LEU K 476 8.19 61.89 -60.96
CA LEU K 476 8.22 63.15 -61.71
C LEU K 476 9.65 63.52 -62.10
N ALA K 477 10.62 63.18 -61.24
CA ALA K 477 12.00 63.56 -61.49
C ALA K 477 12.59 62.78 -62.65
N VAL K 478 12.39 61.46 -62.69
CA VAL K 478 12.89 60.71 -63.84
C VAL K 478 12.17 61.15 -65.10
N SER K 479 10.88 61.48 -64.98
CA SER K 479 10.15 62.02 -66.12
C SER K 479 10.84 63.26 -66.68
N ILE K 480 11.20 64.20 -65.80
CA ILE K 480 11.79 65.45 -66.29
C ILE K 480 13.22 65.24 -66.78
N LEU K 481 13.96 64.32 -66.16
CA LEU K 481 15.30 64.02 -66.65
C LEU K 481 15.24 63.48 -68.08
N PHE K 482 14.35 62.52 -68.33
CA PHE K 482 14.21 61.99 -69.67
C PHE K 482 13.65 63.04 -70.62
N SER K 483 12.80 63.94 -70.10
CA SER K 483 12.30 65.03 -70.92
C SER K 483 13.44 65.91 -71.41
N GLY K 484 14.37 66.25 -70.52
CA GLY K 484 15.50 67.05 -70.93
C GLY K 484 16.41 66.34 -71.90
N PHE K 485 16.72 65.07 -71.62
CA PHE K 485 17.58 64.31 -72.53
C PHE K 485 16.94 64.20 -73.92
N LEU K 486 15.64 63.93 -73.96
CA LEU K 486 14.94 63.82 -75.23
C LEU K 486 14.87 65.16 -75.94
N ALA K 487 14.64 66.25 -75.21
CA ALA K 487 14.64 67.57 -75.85
C ALA K 487 16.00 67.89 -76.43
N LEU K 488 17.08 67.42 -75.80
CA LEU K 488 18.42 67.63 -76.34
C LEU K 488 18.73 66.74 -77.54
N THR K 489 18.19 65.52 -77.60
CA THR K 489 18.61 64.55 -78.61
C THR K 489 17.54 64.29 -79.67
N PHE K 490 16.34 63.87 -79.27
CA PHE K 490 15.37 63.36 -80.24
C PHE K 490 14.58 64.46 -80.91
N THR K 491 14.09 65.43 -80.15
CA THR K 491 13.23 66.47 -80.71
C THR K 491 13.88 67.27 -81.84
N PRO K 492 15.15 67.70 -81.75
CA PRO K 492 15.72 68.42 -82.90
C PRO K 492 15.73 67.59 -84.18
N ALA K 493 15.98 66.28 -84.09
CA ALA K 493 15.89 65.43 -85.27
C ALA K 493 14.46 65.37 -85.79
N LEU K 494 13.49 65.34 -84.89
CA LEU K 494 12.09 65.32 -85.31
C LEU K 494 11.73 66.59 -86.07
N CYS K 495 12.18 67.74 -85.59
CA CYS K 495 11.94 68.98 -86.32
C CYS K 495 12.67 68.98 -87.66
N ALA K 496 13.91 68.47 -87.68
CA ALA K 496 14.66 68.43 -88.93
C ALA K 496 14.04 67.50 -89.95
N THR K 497 13.33 66.47 -89.52
CA THR K 497 12.79 65.47 -90.44
C THR K 497 11.33 65.70 -90.84
N LEU K 498 10.46 66.02 -89.89
CA LEU K 498 9.02 66.02 -90.15
C LEU K 498 8.49 67.35 -90.69
N LEU K 499 9.18 68.46 -90.46
CA LEU K 499 8.64 69.75 -90.82
C LEU K 499 8.73 69.99 -92.33
N LYS K 500 7.81 70.80 -92.83
CA LYS K 500 7.72 71.19 -94.23
C LYS K 500 8.02 72.69 -94.38
N PRO K 501 8.56 73.10 -95.52
CA PRO K 501 8.80 74.53 -95.75
C PRO K 501 7.49 75.30 -95.82
N ILE K 502 7.51 76.55 -95.37
CA ILE K 502 6.37 77.45 -95.51
C ILE K 502 6.77 78.55 -96.49
N PRO K 503 5.89 78.90 -97.44
CA PRO K 503 6.22 80.03 -98.34
C PRO K 503 6.38 81.32 -97.56
N VAL K 504 7.31 82.16 -98.01
CA VAL K 504 7.60 83.41 -97.33
C VAL K 504 6.41 84.34 -97.44
N GLY K 505 6.04 84.97 -96.33
CA GLY K 505 4.92 85.90 -96.30
C GLY K 505 3.56 85.26 -96.20
N HIS K 506 3.49 83.95 -95.96
CA HIS K 506 2.21 83.23 -95.92
C HIS K 506 1.59 83.34 -94.53
N HIS K 507 1.09 84.55 -94.23
CA HIS K 507 0.25 84.75 -93.05
C HIS K 507 -1.20 85.01 -93.40
N GLU K 508 -1.50 85.38 -94.64
CA GLU K 508 -2.88 85.46 -95.08
C GLU K 508 -3.48 84.06 -95.03
N LYS K 509 -4.69 83.97 -94.48
CA LYS K 509 -5.23 82.68 -94.07
C LYS K 509 -6.72 82.62 -94.37
N THR K 510 -7.13 81.52 -95.01
CA THR K 510 -8.55 81.23 -95.14
C THR K 510 -9.02 80.40 -93.94
N GLY K 511 -10.26 80.66 -93.52
CA GLY K 511 -10.82 79.97 -92.39
C GLY K 511 -10.60 80.69 -91.08
N PHE K 512 -11.14 80.12 -90.00
CA PHE K 512 -11.07 80.76 -88.70
C PHE K 512 -9.67 80.74 -88.13
N PHE K 513 -8.77 79.95 -88.73
CA PHE K 513 -7.37 79.99 -88.33
C PHE K 513 -6.79 81.35 -88.63
N GLY K 514 -7.27 81.99 -89.70
CA GLY K 514 -6.91 83.38 -89.94
C GLY K 514 -7.38 84.30 -88.85
N TRP K 515 -8.60 84.09 -88.35
CA TRP K 515 -9.11 84.88 -87.25
C TRP K 515 -8.24 84.68 -86.01
N PHE K 516 -7.86 83.43 -85.72
CA PHE K 516 -7.02 83.17 -84.56
C PHE K 516 -5.66 83.82 -84.72
N ASN K 517 -5.08 83.74 -85.92
CA ASN K 517 -3.76 84.35 -86.14
C ASN K 517 -3.83 85.86 -85.97
N ARG K 518 -4.83 86.50 -86.56
CA ARG K 518 -4.95 87.95 -86.45
C ARG K 518 -5.24 88.38 -85.01
N LYS K 519 -6.14 87.66 -84.33
CA LYS K 519 -6.48 88.02 -82.96
C LYS K 519 -5.29 87.79 -82.02
N PHE K 520 -4.50 86.74 -82.27
CA PHE K 520 -3.34 86.50 -81.42
C PHE K 520 -2.24 87.50 -81.71
N THR K 521 -2.10 87.93 -82.97
CA THR K 521 -1.16 89.00 -83.27
C THR K 521 -1.57 90.29 -82.57
N SER K 522 -2.88 90.60 -82.57
CA SER K 522 -3.37 91.76 -81.86
C SER K 522 -3.15 91.63 -80.36
N LEU K 523 -3.36 90.43 -79.81
CA LEU K 523 -3.13 90.20 -78.39
C LEU K 523 -1.66 90.36 -78.03
N THR K 524 -0.77 89.85 -78.88
CA THR K 524 0.65 90.00 -78.66
C THR K 524 1.06 91.47 -78.72
N SER K 525 0.48 92.21 -79.67
CA SER K 525 0.76 93.64 -79.75
C SER K 525 0.26 94.38 -78.52
N ARG K 526 -0.94 94.04 -78.04
CA ARG K 526 -1.46 94.67 -76.82
C ARG K 526 -0.59 94.36 -75.62
N TYR K 527 -0.14 93.10 -75.51
CA TYR K 527 0.74 92.71 -74.40
C TYR K 527 2.09 93.43 -74.51
N THR K 528 2.59 93.59 -75.73
CA THR K 528 3.81 94.34 -75.94
C THR K 528 3.66 95.79 -75.52
N LYS K 529 2.52 96.40 -75.85
CA LYS K 529 2.26 97.78 -75.44
C LYS K 529 2.12 97.89 -73.93
N LEU K 530 1.50 96.88 -73.30
CA LEU K 530 1.40 96.86 -71.84
C LEU K 530 2.79 96.78 -71.20
N ASN K 531 3.67 95.94 -71.76
CA ASN K 531 5.04 95.88 -71.29
C ASN K 531 5.75 97.20 -71.50
N ASP K 532 5.49 97.86 -72.63
CA ASP K 532 6.04 99.18 -72.89
C ASP K 532 5.65 100.17 -71.81
N LYS K 533 4.39 100.09 -71.34
CA LYS K 533 3.89 101.03 -70.35
C LYS K 533 4.29 100.67 -68.92
N LEU K 534 4.63 99.41 -68.66
CA LEU K 534 4.89 99.01 -67.29
C LEU K 534 6.38 99.10 -66.93
N VAL K 535 7.29 99.08 -67.90
CA VAL K 535 8.70 99.19 -67.57
C VAL K 535 9.08 100.50 -66.87
N PRO K 536 8.55 101.68 -67.26
CA PRO K 536 9.07 102.91 -66.64
C PRO K 536 8.90 102.96 -65.12
N ARG K 537 7.81 102.41 -64.59
CA ARG K 537 7.57 102.35 -63.16
C ARG K 537 7.90 100.94 -62.66
N ALA K 538 9.00 100.82 -61.92
CA ALA K 538 9.45 99.53 -61.44
C ALA K 538 9.41 99.46 -59.92
N GLY K 539 9.99 100.44 -59.26
CA GLY K 539 10.05 100.45 -57.81
C GLY K 539 8.69 100.49 -57.15
N ARG K 540 7.74 101.19 -57.77
CA ARG K 540 6.40 101.26 -57.20
C ARG K 540 5.65 99.94 -57.33
N VAL K 541 5.85 99.23 -58.43
CA VAL K 541 5.20 97.92 -58.60
C VAL K 541 5.73 96.93 -57.58
N MET K 542 6.96 97.14 -57.11
CA MET K 542 7.50 96.31 -56.03
C MET K 542 6.60 96.31 -54.81
N PHE K 543 5.90 97.42 -54.54
CA PHE K 543 5.00 97.45 -53.40
C PHE K 543 3.79 96.54 -53.63
N ILE K 544 3.27 96.49 -54.85
CA ILE K 544 2.21 95.54 -55.16
C ILE K 544 2.71 94.11 -54.98
N TYR K 545 3.94 93.84 -55.43
CA TYR K 545 4.51 92.51 -55.25
C TYR K 545 4.72 92.17 -53.78
N LEU K 546 5.10 93.16 -52.98
CA LEU K 546 5.25 92.96 -51.54
C LEU K 546 3.91 92.64 -50.90
N GLY K 547 2.86 93.34 -51.31
CA GLY K 547 1.53 92.97 -50.88
C GLY K 547 1.18 91.54 -51.26
N VAL K 548 1.58 91.13 -52.46
CA VAL K 548 1.29 89.76 -52.92
C VAL K 548 1.98 88.73 -52.04
N VAL K 549 3.27 88.96 -51.73
CA VAL K 549 4.00 87.95 -50.94
C VAL K 549 3.50 87.93 -49.50
N VAL K 550 3.20 89.10 -48.94
CA VAL K 550 2.67 89.13 -47.57
C VAL K 550 1.31 88.47 -47.52
N LEU K 551 0.54 88.61 -48.60
CA LEU K 551 -0.77 87.92 -48.66
C LEU K 551 -0.47 86.42 -48.66
N MET K 552 0.43 85.99 -49.54
CA MET K 552 0.77 84.56 -49.61
C MET K 552 1.08 84.02 -48.23
N GLY K 553 1.93 84.74 -47.48
CA GLY K 553 2.27 84.28 -46.13
C GLY K 553 1.06 84.25 -45.20
N PHE K 554 0.22 85.28 -45.25
CA PHE K 554 -0.91 85.36 -44.35
C PHE K 554 -1.88 84.20 -44.57
N LEU K 555 -2.24 83.93 -45.83
CA LEU K 555 -3.18 82.83 -46.06
C LEU K 555 -2.49 81.47 -46.03
N TYR K 556 -1.16 81.43 -46.14
CA TYR K 556 -0.47 80.17 -45.92
C TYR K 556 -0.52 79.78 -44.46
N MET K 557 -0.37 80.75 -43.56
CA MET K 557 -0.42 80.45 -42.14
C MET K 557 -1.80 80.05 -41.65
N ARG K 558 -2.84 80.23 -42.46
CA ARG K 558 -4.20 79.89 -42.07
C ARG K 558 -4.72 78.60 -42.68
N LEU K 559 -3.89 77.89 -43.43
CA LEU K 559 -4.35 76.67 -44.10
C LEU K 559 -4.32 75.49 -43.14
N PRO K 560 -5.42 74.79 -42.94
CA PRO K 560 -5.39 73.61 -42.05
C PRO K 560 -4.51 72.51 -42.62
N GLU K 561 -3.88 71.76 -41.71
CA GLU K 561 -2.97 70.70 -42.11
C GLU K 561 -3.67 69.34 -42.09
N SER K 562 -3.17 68.42 -42.90
CA SER K 562 -3.71 67.07 -42.92
C SER K 562 -2.64 66.11 -43.41
N PHE K 563 -2.81 64.83 -43.07
CA PHE K 563 -1.89 63.79 -43.53
C PHE K 563 -2.24 63.34 -44.94
N VAL K 564 -3.41 62.72 -45.09
CA VAL K 564 -3.88 62.20 -46.37
C VAL K 564 -5.40 62.38 -46.37
N PRO K 565 -5.98 62.90 -47.44
CA PRO K 565 -7.44 63.03 -47.48
C PRO K 565 -8.13 61.67 -47.35
N VAL K 566 -9.24 61.66 -46.62
CA VAL K 566 -9.98 60.42 -46.41
C VAL K 566 -10.65 60.01 -47.70
N GLU K 567 -10.51 58.73 -48.07
CA GLU K 567 -10.98 58.23 -49.35
C GLU K 567 -12.15 57.26 -49.15
N ASP K 568 -13.06 57.28 -50.11
CA ASP K 568 -14.18 56.35 -50.12
C ASP K 568 -13.68 54.96 -50.52
N GLN K 569 -13.36 54.14 -49.53
CA GLN K 569 -12.82 52.80 -49.79
C GLN K 569 -13.89 51.76 -50.00
N GLY K 570 -15.16 52.12 -49.92
CA GLY K 570 -16.24 51.20 -50.25
C GLY K 570 -16.69 50.29 -49.13
N TYR K 571 -16.25 50.52 -47.90
CA TYR K 571 -16.64 49.69 -46.77
C TYR K 571 -16.51 50.50 -45.50
N MET K 572 -17.12 50.00 -44.43
CA MET K 572 -17.15 50.68 -43.14
C MET K 572 -16.82 49.70 -42.04
N ILE K 573 -16.54 50.23 -40.84
CA ILE K 573 -16.27 49.41 -39.65
C ILE K 573 -17.35 49.70 -38.63
N VAL K 574 -17.91 48.65 -38.03
CA VAL K 574 -18.90 48.80 -36.97
C VAL K 574 -18.41 48.03 -35.76
N ASP K 575 -18.18 48.74 -34.66
CA ASP K 575 -17.77 48.14 -33.40
C ASP K 575 -19.00 47.85 -32.55
N ILE K 576 -19.06 46.64 -32.00
CA ILE K 576 -20.12 46.19 -31.12
C ILE K 576 -19.48 45.88 -29.78
N GLN K 577 -19.74 46.71 -28.78
CA GLN K 577 -19.11 46.56 -27.47
C GLN K 577 -20.19 46.60 -26.39
N LEU K 578 -20.49 45.43 -25.83
CA LEU K 578 -21.46 45.31 -24.75
C LEU K 578 -20.80 45.58 -23.40
N PRO K 579 -21.60 45.82 -22.36
CA PRO K 579 -21.00 46.06 -21.04
C PRO K 579 -20.21 44.87 -20.59
N PRO K 580 -19.27 45.06 -19.65
CA PRO K 580 -18.42 43.95 -19.21
C PRO K 580 -19.23 42.81 -18.63
N GLY K 581 -18.78 41.58 -18.88
CA GLY K 581 -19.46 40.40 -18.45
C GLY K 581 -20.56 39.91 -19.37
N ALA K 582 -20.70 40.49 -20.55
CA ALA K 582 -21.74 40.08 -21.46
C ALA K 582 -21.39 38.76 -22.14
N THR K 583 -22.31 37.80 -22.07
CA THR K 583 -22.13 36.50 -22.69
C THR K 583 -22.26 36.62 -24.20
N ARG K 584 -21.68 35.64 -24.90
CA ARG K 584 -21.66 35.65 -26.36
C ARG K 584 -23.06 35.75 -26.95
N GLU K 585 -24.06 35.21 -26.26
CA GLU K 585 -25.42 35.24 -26.79
C GLU K 585 -25.98 36.66 -26.86
N ARG K 586 -25.69 37.49 -25.86
CA ARG K 586 -26.11 38.88 -25.93
C ARG K 586 -25.45 39.59 -27.10
N THR K 587 -24.17 39.32 -27.33
CA THR K 587 -23.48 39.89 -28.48
C THR K 587 -24.11 39.43 -29.77
N SER K 588 -24.52 38.16 -29.83
CA SER K 588 -25.19 37.65 -31.02
C SER K 588 -26.53 38.34 -31.25
N ALA K 589 -27.29 38.60 -30.18
CA ALA K 589 -28.56 39.31 -30.34
C ALA K 589 -28.33 40.73 -30.83
N ALA K 590 -27.34 41.43 -30.26
CA ALA K 590 -27.04 42.78 -30.73
C ALA K 590 -26.59 42.77 -32.19
N GLY K 591 -25.75 41.80 -32.56
CA GLY K 591 -25.35 41.67 -33.94
C GLY K 591 -26.51 41.35 -34.86
N GLY K 592 -27.48 40.59 -34.35
CA GLY K 592 -28.67 40.32 -35.14
C GLY K 592 -29.48 41.57 -35.42
N GLU K 593 -29.69 42.40 -34.40
CA GLU K 593 -30.37 43.68 -34.64
C GLU K 593 -29.59 44.54 -35.62
N LEU K 594 -28.27 44.61 -35.45
CA LEU K 594 -27.44 45.42 -36.33
C LEU K 594 -27.52 44.92 -37.77
N GLU K 595 -27.45 43.60 -37.97
CA GLU K 595 -27.48 43.06 -39.31
C GLU K 595 -28.85 43.24 -39.94
N SER K 596 -29.92 43.15 -39.15
CA SER K 596 -31.24 43.44 -39.68
C SER K 596 -31.33 44.87 -40.20
N PHE K 597 -30.86 45.83 -39.39
CA PHE K 597 -30.91 47.23 -39.83
C PHE K 597 -30.04 47.43 -41.07
N LEU K 598 -28.86 46.81 -41.10
CA LEU K 598 -27.96 47.00 -42.23
C LEU K 598 -28.55 46.43 -43.51
N MET K 599 -29.21 45.27 -43.42
CA MET K 599 -29.91 44.72 -44.58
C MET K 599 -31.07 45.60 -45.01
N ALA K 600 -31.70 46.30 -44.06
CA ALA K 600 -32.76 47.23 -44.42
C ALA K 600 -32.25 48.42 -45.22
N ARG K 601 -30.93 48.61 -45.29
CA ARG K 601 -30.34 49.75 -45.99
C ARG K 601 -30.00 49.37 -47.42
N GLU K 602 -30.26 50.30 -48.34
CA GLU K 602 -30.00 50.05 -49.76
C GLU K 602 -28.52 50.18 -50.09
N ALA K 603 -27.79 50.98 -49.32
CA ALA K 603 -26.39 51.25 -49.65
C ALA K 603 -25.48 50.05 -49.34
N VAL K 604 -25.95 49.11 -48.54
CA VAL K 604 -25.14 47.96 -48.15
C VAL K 604 -25.43 46.81 -49.09
N GLN K 605 -24.38 46.28 -49.71
CA GLN K 605 -24.51 45.11 -50.57
C GLN K 605 -24.40 43.82 -49.77
N THR K 606 -23.44 43.75 -48.86
CA THR K 606 -23.28 42.60 -47.98
C THR K 606 -22.64 43.06 -46.68
N THR K 607 -22.99 42.38 -45.60
CA THR K 607 -22.47 42.68 -44.27
C THR K 607 -21.77 41.46 -43.71
N PHE K 608 -20.53 41.64 -43.29
CA PHE K 608 -19.77 40.59 -42.61
C PHE K 608 -19.52 41.01 -41.17
N LEU K 609 -19.87 40.11 -40.24
CA LEU K 609 -19.78 40.36 -38.81
C LEU K 609 -18.90 39.30 -38.17
N VAL K 610 -18.04 39.72 -37.25
CA VAL K 610 -17.16 38.82 -36.52
C VAL K 610 -17.46 38.97 -35.04
N LEU K 611 -17.68 37.85 -34.36
CA LEU K 611 -17.92 37.83 -32.93
C LEU K 611 -16.67 37.38 -32.19
N GLY K 612 -16.29 38.16 -31.17
CA GLY K 612 -15.06 37.93 -30.45
C GLY K 612 -13.86 38.72 -30.93
N PHE K 613 -13.98 39.41 -32.06
CA PHE K 613 -12.91 40.23 -32.60
C PHE K 613 -13.42 41.66 -32.75
N SER K 614 -12.58 42.63 -32.39
CA SER K 614 -12.93 44.03 -32.51
C SER K 614 -11.67 44.87 -32.41
N PHE K 615 -11.82 46.17 -32.66
CA PHE K 615 -10.70 47.09 -32.50
C PHE K 615 -10.27 47.17 -31.04
N SER K 616 -11.24 47.21 -30.12
CA SER K 616 -10.91 47.36 -28.70
C SER K 616 -10.14 46.16 -28.16
N GLY K 617 -10.54 44.95 -28.52
CA GLY K 617 -9.86 43.77 -28.02
C GLY K 617 -10.73 42.54 -28.18
N MET K 618 -10.20 41.42 -27.68
CA MET K 618 -10.84 40.11 -27.80
C MET K 618 -11.71 39.85 -26.58
N GLY K 619 -12.91 39.35 -26.81
CA GLY K 619 -13.80 39.01 -25.71
C GLY K 619 -15.17 38.58 -26.19
N GLU K 620 -15.94 37.94 -25.31
CA GLU K 620 -17.28 37.51 -25.70
C GLU K 620 -18.21 38.70 -25.91
N ASN K 621 -17.95 39.82 -25.24
CA ASN K 621 -18.76 41.01 -25.35
C ASN K 621 -18.35 41.91 -26.51
N ALA K 622 -17.33 41.52 -27.27
CA ALA K 622 -16.79 42.35 -28.34
C ALA K 622 -17.08 41.72 -29.70
N ALA K 623 -17.36 42.56 -30.68
CA ALA K 623 -17.61 42.10 -32.04
C ALA K 623 -17.31 43.22 -33.02
N ILE K 624 -17.05 42.84 -34.26
CA ILE K 624 -16.77 43.80 -35.32
C ILE K 624 -17.53 43.39 -36.57
N ALA K 625 -18.01 44.38 -37.32
CA ALA K 625 -18.75 44.17 -38.55
C ALA K 625 -18.10 44.99 -39.66
N PHE K 626 -18.11 44.44 -40.87
CA PHE K 626 -17.48 45.06 -42.03
C PHE K 626 -18.53 45.21 -43.13
N PRO K 627 -19.40 46.21 -43.02
CA PRO K 627 -20.40 46.44 -44.07
C PRO K 627 -19.71 46.87 -45.37
N LEU K 628 -20.01 46.15 -46.44
CA LEU K 628 -19.54 46.49 -47.77
C LEU K 628 -20.64 47.24 -48.51
N LEU K 629 -20.26 48.33 -49.17
CA LEU K 629 -21.23 49.13 -49.90
C LEU K 629 -21.25 48.73 -51.38
N LYS K 630 -22.30 49.14 -52.07
CA LYS K 630 -22.43 48.85 -53.48
C LYS K 630 -21.41 49.66 -54.28
N ASP K 631 -21.37 49.38 -55.59
CA ASP K 631 -20.43 50.06 -56.46
C ASP K 631 -20.72 51.56 -56.51
N TRP K 632 -19.66 52.34 -56.71
CA TRP K 632 -19.80 53.79 -56.74
C TRP K 632 -20.71 54.27 -57.86
N SER K 633 -20.86 53.49 -58.93
CA SER K 633 -21.75 53.87 -60.02
C SER K 633 -23.22 53.76 -59.64
N GLU K 634 -23.56 52.94 -58.66
CA GLU K 634 -24.95 52.74 -58.26
C GLU K 634 -25.35 53.56 -57.04
N ARG K 635 -24.45 54.41 -56.53
CA ARG K 635 -24.71 55.19 -55.33
C ARG K 635 -24.40 56.65 -55.57
N ASP K 636 -25.12 57.52 -54.87
CA ASP K 636 -24.90 58.96 -54.94
C ASP K 636 -24.09 59.44 -53.74
N SER K 637 -23.87 60.74 -53.68
CA SER K 637 -23.12 61.32 -52.57
C SER K 637 -23.87 61.21 -51.24
N SER K 638 -25.20 61.20 -51.27
CA SER K 638 -25.99 61.01 -50.06
C SER K 638 -25.91 59.59 -49.54
N GLN K 639 -25.45 58.64 -50.34
CA GLN K 639 -25.25 57.25 -49.93
C GLN K 639 -23.77 56.94 -49.71
N SER K 640 -22.98 57.98 -49.44
CA SER K 640 -21.56 57.81 -49.21
C SER K 640 -21.33 57.11 -47.87
N PRO K 641 -20.14 56.54 -47.68
CA PRO K 641 -19.85 55.87 -46.39
C PRO K 641 -20.00 56.78 -45.18
N GLU K 642 -19.68 58.07 -45.32
CA GLU K 642 -19.80 58.98 -44.18
C GLU K 642 -21.26 59.21 -43.83
N ALA K 643 -22.11 59.46 -44.83
CA ALA K 643 -23.53 59.64 -44.57
C ALA K 643 -24.15 58.37 -44.00
N GLU K 644 -23.74 57.20 -44.51
CA GLU K 644 -24.25 55.95 -43.97
C GLU K 644 -23.78 55.73 -42.54
N SER K 645 -22.53 56.13 -42.25
CA SER K 645 -22.04 56.07 -40.87
C SER K 645 -22.89 56.93 -39.95
N ALA K 646 -23.19 58.15 -40.39
CA ALA K 646 -24.03 59.03 -39.58
C ALA K 646 -25.42 58.44 -39.39
N ALA K 647 -25.98 57.84 -40.44
CA ALA K 647 -27.30 57.23 -40.33
C ALA K 647 -27.29 56.07 -39.34
N VAL K 648 -26.27 55.22 -39.39
CA VAL K 648 -26.18 54.09 -38.49
C VAL K 648 -26.02 54.55 -37.05
N ASN K 649 -25.13 55.53 -36.83
CA ASN K 649 -24.94 56.06 -35.49
C ASN K 649 -26.21 56.74 -34.98
N GLN K 650 -27.00 57.30 -35.88
CA GLN K 650 -28.26 57.93 -35.48
C GLN K 650 -29.30 56.88 -35.11
N HIS K 651 -29.38 55.79 -35.88
CA HIS K 651 -30.39 54.78 -35.62
C HIS K 651 -30.14 54.06 -34.30
N PHE K 652 -28.91 53.61 -34.08
CA PHE K 652 -28.56 52.87 -32.87
C PHE K 652 -27.98 53.77 -31.78
N ALA K 653 -28.27 55.07 -31.82
CA ALA K 653 -27.79 55.96 -30.77
C ALA K 653 -28.44 55.63 -29.43
N ASN K 654 -29.58 54.95 -29.45
CA ASN K 654 -30.31 54.61 -28.24
C ASN K 654 -30.40 53.10 -28.08
N LEU K 655 -29.29 52.40 -28.33
CA LEU K 655 -29.25 50.97 -28.06
C LEU K 655 -29.17 50.72 -26.56
N ASP K 656 -30.03 49.83 -26.07
CA ASP K 656 -30.18 49.67 -24.63
C ASP K 656 -29.21 48.65 -24.05
N ASP K 657 -28.74 47.72 -24.86
CA ASP K 657 -27.85 46.64 -24.41
C ASP K 657 -26.54 46.74 -25.19
N GLY K 658 -25.59 47.49 -24.65
CA GLY K 658 -24.29 47.63 -25.29
C GLY K 658 -24.15 48.92 -26.06
N ALA K 659 -23.18 48.92 -26.96
CA ALA K 659 -22.84 50.09 -27.75
C ALA K 659 -22.49 49.69 -29.18
N ILE K 660 -22.98 50.48 -30.13
CA ILE K 660 -22.68 50.33 -31.56
C ILE K 660 -22.00 51.61 -32.00
N MET K 661 -20.91 51.49 -32.76
CA MET K 661 -20.22 52.66 -33.27
C MET K 661 -19.73 52.40 -34.69
N ALA K 662 -20.12 53.26 -35.63
CA ALA K 662 -19.70 53.13 -37.02
C ALA K 662 -18.63 54.15 -37.35
N VAL K 663 -17.55 53.69 -37.95
CA VAL K 663 -16.41 54.53 -38.32
C VAL K 663 -15.95 54.22 -39.74
N PRO K 664 -15.33 55.19 -40.42
CA PRO K 664 -14.76 54.90 -41.73
C PRO K 664 -13.38 54.27 -41.58
N PRO K 665 -12.93 53.51 -42.56
CA PRO K 665 -11.60 52.91 -42.49
C PRO K 665 -10.52 53.97 -42.53
N PRO K 666 -9.35 53.70 -41.95
CA PRO K 666 -8.27 54.67 -41.99
C PRO K 666 -7.80 54.88 -43.40
N PRO K 667 -7.34 56.09 -43.74
CA PRO K 667 -6.86 56.34 -45.11
C PRO K 667 -5.69 55.46 -45.50
N VAL K 668 -4.83 55.09 -44.56
CA VAL K 668 -3.63 54.32 -44.84
C VAL K 668 -3.70 53.02 -44.04
N GLU K 669 -3.53 51.89 -44.74
CA GLU K 669 -3.48 50.60 -44.06
C GLU K 669 -2.15 50.43 -43.35
N GLY K 670 -2.19 49.78 -42.19
CA GLY K 670 -0.98 49.48 -41.45
C GLY K 670 -0.52 50.56 -40.50
N LEU K 671 -1.14 51.74 -40.53
CA LEU K 671 -0.77 52.82 -39.62
C LEU K 671 -1.78 52.99 -38.50
N GLY K 672 -2.78 52.12 -38.41
CA GLY K 672 -3.75 52.21 -37.34
C GLY K 672 -5.03 51.50 -37.73
N ASN K 673 -5.94 51.43 -36.75
CA ASN K 673 -7.25 50.83 -36.99
C ASN K 673 -8.25 51.79 -37.59
N SER K 674 -8.09 53.08 -37.35
CA SER K 674 -8.94 54.11 -37.92
C SER K 674 -8.14 55.40 -38.07
N GLY K 675 -8.79 56.42 -38.60
CA GLY K 675 -8.15 57.71 -38.75
C GLY K 675 -8.11 58.48 -37.44
N GLY K 676 -7.55 59.68 -37.47
CA GLY K 676 -7.51 60.51 -36.28
C GLY K 676 -6.21 60.44 -35.51
N PHE K 677 -6.30 60.53 -34.18
CA PHE K 677 -5.14 60.57 -33.31
C PHE K 677 -5.15 59.39 -32.35
N ALA K 678 -3.95 58.95 -31.99
CA ALA K 678 -3.76 57.82 -31.08
C ALA K 678 -2.67 58.17 -30.08
N LEU K 679 -3.01 58.18 -28.80
CA LEU K 679 -2.09 58.47 -27.72
C LEU K 679 -1.92 57.24 -26.84
N ARG K 680 -0.72 57.07 -26.30
CA ARG K 680 -0.49 56.10 -25.24
C ARG K 680 -0.19 56.86 -23.96
N LEU K 681 -1.09 56.74 -22.98
CA LEU K 681 -0.91 57.36 -21.68
C LEU K 681 -0.14 56.38 -20.81
N GLN K 682 1.07 56.74 -20.42
CA GLN K 682 2.00 55.85 -19.75
C GLN K 682 2.02 56.16 -18.27
N ASP K 683 2.08 55.12 -17.43
CA ASP K 683 2.39 55.35 -16.02
C ASP K 683 3.92 55.38 -15.90
N ARG K 684 4.49 56.58 -16.02
CA ARG K 684 5.93 56.71 -16.08
C ARG K 684 6.58 56.76 -14.69
N ALA K 685 5.79 56.89 -13.63
CA ALA K 685 6.31 56.83 -12.27
C ALA K 685 5.76 55.67 -11.47
N GLY K 686 4.74 54.98 -11.97
CA GLY K 686 4.14 53.88 -11.22
C GLY K 686 3.08 54.32 -10.23
N LEU K 687 2.23 55.26 -10.60
CA LEU K 687 1.20 55.75 -9.70
C LEU K 687 0.15 54.69 -9.38
N GLY K 688 0.01 53.66 -10.21
CA GLY K 688 -0.89 52.56 -9.93
C GLY K 688 -2.09 52.54 -10.85
N ARG K 689 -2.72 51.37 -10.93
CA ARG K 689 -3.85 51.19 -11.83
C ARG K 689 -5.02 52.09 -11.45
N ASP K 690 -5.33 52.19 -10.16
CA ASP K 690 -6.39 53.10 -9.73
C ASP K 690 -6.03 54.54 -10.06
N ALA K 691 -4.77 54.91 -9.85
CA ALA K 691 -4.33 56.27 -10.15
C ALA K 691 -4.40 56.56 -11.64
N LEU K 692 -3.96 55.61 -12.48
CA LEU K 692 -4.00 55.89 -13.91
C LEU K 692 -5.43 55.83 -14.44
N LEU K 693 -6.31 55.08 -13.77
CA LEU K 693 -7.72 55.10 -14.14
C LEU K 693 -8.36 56.44 -13.77
N ALA K 694 -7.98 56.99 -12.61
CA ALA K 694 -8.47 58.32 -12.24
C ALA K 694 -7.95 59.38 -13.21
N ALA K 695 -6.67 59.30 -13.57
CA ALA K 695 -6.12 60.23 -14.56
C ALA K 695 -6.80 60.05 -15.91
N ARG K 696 -7.13 58.81 -16.26
CA ARG K 696 -7.88 58.54 -17.47
C ARG K 696 -9.26 59.18 -17.44
N ASP K 697 -9.95 59.07 -16.30
CA ASP K 697 -11.25 59.71 -16.16
C ASP K 697 -11.12 61.22 -16.29
N GLU K 698 -10.09 61.80 -15.69
CA GLU K 698 -9.84 63.23 -15.81
C GLU K 698 -9.61 63.62 -17.27
N VAL K 699 -8.75 62.88 -17.96
CA VAL K 699 -8.43 63.20 -19.34
C VAL K 699 -9.65 63.04 -20.24
N LEU K 700 -10.39 61.95 -20.05
CA LEU K 700 -11.53 61.68 -20.91
C LEU K 700 -12.71 62.59 -20.58
N GLY K 701 -12.70 63.19 -19.39
CA GLY K 701 -13.69 64.22 -19.10
C GLY K 701 -13.32 65.56 -19.72
N LYS K 702 -12.03 65.90 -19.68
CA LYS K 702 -11.57 67.12 -20.35
C LYS K 702 -11.66 66.98 -21.86
N VAL K 703 -11.69 65.74 -22.35
CA VAL K 703 -11.55 65.51 -23.80
C VAL K 703 -12.89 65.16 -24.41
N ASN K 704 -13.58 64.17 -23.85
CA ASN K 704 -14.93 63.85 -24.31
C ASN K 704 -15.89 65.01 -24.11
N GLY K 705 -15.62 65.88 -23.14
CA GLY K 705 -16.31 67.14 -23.01
C GLY K 705 -15.74 68.26 -23.85
N ASN K 706 -14.67 68.00 -24.59
CA ASN K 706 -14.05 68.96 -25.49
C ASN K 706 -14.57 68.75 -26.90
N PRO K 707 -15.18 69.76 -27.51
CA PRO K 707 -15.76 69.57 -28.85
C PRO K 707 -14.73 69.38 -29.96
N LYS K 708 -13.43 69.46 -29.66
CA LYS K 708 -12.41 69.27 -30.68
C LYS K 708 -12.38 67.85 -31.24
N PHE K 709 -13.02 66.90 -30.57
CA PHE K 709 -12.94 65.49 -30.91
C PHE K 709 -14.33 64.91 -31.12
N LEU K 710 -14.50 64.19 -32.22
CA LEU K 710 -15.77 63.51 -32.48
C LEU K 710 -16.07 62.46 -31.41
N TYR K 711 -15.06 61.70 -31.02
CA TYR K 711 -15.21 60.75 -29.92
C TYR K 711 -13.82 60.36 -29.43
N ALA K 712 -13.76 60.00 -28.15
CA ALA K 712 -12.53 59.51 -27.54
C ALA K 712 -12.88 58.41 -26.55
N MET K 713 -12.29 57.24 -26.75
CA MET K 713 -12.69 56.04 -26.01
C MET K 713 -11.48 55.17 -25.71
N MET K 714 -11.61 54.38 -24.65
CA MET K 714 -10.60 53.39 -24.28
C MET K 714 -10.48 52.33 -25.35
N GLU K 715 -9.41 52.42 -26.18
CA GLU K 715 -9.13 51.30 -27.13
C GLU K 715 -8.69 50.18 -26.22
N GLY K 716 -9.65 49.37 -25.78
CA GLY K 716 -9.38 48.36 -24.78
C GLY K 716 -10.63 48.10 -23.98
N LEU K 717 -10.60 46.99 -23.25
CA LEU K 717 -11.78 46.54 -22.53
C LEU K 717 -11.83 47.15 -21.13
N ALA K 718 -13.01 47.61 -20.73
CA ALA K 718 -13.19 48.19 -19.41
C ALA K 718 -13.11 47.10 -18.34
N GLU K 719 -12.87 47.54 -17.10
CA GLU K 719 -12.73 46.61 -16.00
C GLU K 719 -14.01 45.81 -15.80
N ALA K 720 -13.85 44.54 -15.42
CA ALA K 720 -14.97 43.63 -15.30
C ALA K 720 -14.97 42.95 -13.93
N PRO K 721 -16.14 42.55 -13.44
CA PRO K 721 -16.18 41.77 -12.18
C PRO K 721 -15.46 40.45 -12.30
N GLN K 722 -14.78 40.06 -11.23
CA GLN K 722 -14.11 38.77 -11.12
C GLN K 722 -14.58 38.07 -9.86
N LEU K 723 -14.52 36.74 -9.88
CA LEU K 723 -15.00 35.93 -8.76
C LEU K 723 -13.80 35.26 -8.10
N ARG K 724 -13.17 35.96 -7.16
CA ARG K 724 -12.02 35.43 -6.46
C ARG K 724 -12.41 34.21 -5.64
N LEU K 725 -11.58 33.17 -5.71
CA LEU K 725 -11.79 31.95 -4.94
C LEU K 725 -10.81 31.97 -3.76
N VAL K 726 -11.35 32.19 -2.57
CA VAL K 726 -10.56 32.11 -1.33
C VAL K 726 -10.50 30.63 -0.96
N ILE K 727 -9.30 30.07 -1.01
CA ILE K 727 -9.07 28.67 -0.68
C ILE K 727 -8.34 28.59 0.64
N ASP K 728 -8.96 28.00 1.65
CA ASP K 728 -8.30 27.74 2.91
C ASP K 728 -7.30 26.62 2.68
N ARG K 729 -6.03 26.98 2.50
CA ARG K 729 -5.00 25.97 2.27
C ARG K 729 -4.87 25.02 3.43
N GLU K 730 -4.99 25.53 4.67
CA GLU K 730 -4.89 24.67 5.83
C GLU K 730 -6.05 23.68 5.90
N GLN K 731 -7.28 24.16 5.67
CA GLN K 731 -8.43 23.26 5.68
C GLN K 731 -8.34 22.22 4.57
N ALA K 732 -7.95 22.65 3.37
CA ALA K 732 -7.82 21.72 2.26
C ALA K 732 -6.75 20.67 2.54
N ARG K 733 -5.62 21.09 3.11
CA ARG K 733 -4.56 20.15 3.43
C ARG K 733 -5.00 19.18 4.52
N THR K 734 -5.73 19.66 5.51
CA THR K 734 -6.20 18.79 6.59
C THR K 734 -7.11 17.69 6.06
N LEU K 735 -7.99 18.04 5.12
CA LEU K 735 -8.84 17.05 4.47
C LEU K 735 -8.08 16.17 3.49
N GLY K 736 -6.76 16.31 3.41
CA GLY K 736 -5.98 15.49 2.50
C GLY K 736 -6.04 15.91 1.06
N VAL K 737 -6.35 17.16 0.79
CA VAL K 737 -6.48 17.66 -0.59
C VAL K 737 -5.23 18.44 -0.96
N SER K 738 -4.54 17.98 -2.01
CA SER K 738 -3.37 18.69 -2.51
C SER K 738 -3.80 19.89 -3.33
N PHE K 739 -2.95 20.92 -3.33
CA PHE K 739 -3.21 22.07 -4.19
C PHE K 739 -3.15 21.69 -5.66
N GLU K 740 -2.36 20.68 -6.01
CA GLU K 740 -2.31 20.23 -7.39
C GLU K 740 -3.67 19.73 -7.84
N ALA K 741 -4.36 18.98 -6.98
CA ALA K 741 -5.66 18.44 -7.34
C ALA K 741 -6.67 19.55 -7.60
N ILE K 742 -6.68 20.56 -6.74
CA ILE K 742 -7.59 21.68 -6.92
C ILE K 742 -7.27 22.41 -8.22
N SER K 743 -5.99 22.67 -8.46
CA SER K 743 -5.59 23.40 -9.67
C SER K 743 -5.99 22.64 -10.92
N SER K 744 -5.68 21.34 -10.96
CA SER K 744 -5.99 20.53 -12.13
C SER K 744 -7.49 20.44 -12.35
N ALA K 745 -8.25 20.24 -11.28
CA ALA K 745 -9.70 20.13 -11.41
C ALA K 745 -10.29 21.43 -11.95
N LEU K 746 -9.91 22.56 -11.37
CA LEU K 746 -10.45 23.83 -11.84
C LEU K 746 -10.06 24.10 -13.28
N SER K 747 -8.78 23.88 -13.62
CA SER K 747 -8.33 24.15 -14.97
C SER K 747 -9.06 23.29 -15.99
N THR K 748 -9.18 21.99 -15.72
CA THR K 748 -9.82 21.12 -16.69
C THR K 748 -11.32 21.37 -16.75
N ALA K 749 -11.94 21.72 -15.63
CA ALA K 749 -13.38 21.89 -15.61
C ALA K 749 -13.80 23.16 -16.31
N PHE K 750 -13.07 24.26 -16.09
CA PHE K 750 -13.53 25.54 -16.62
C PHE K 750 -12.64 26.09 -17.72
N GLY K 751 -11.32 26.00 -17.58
CA GLY K 751 -10.46 26.53 -18.62
C GLY K 751 -10.25 25.62 -19.81
N SER K 752 -10.79 24.39 -19.76
CA SER K 752 -10.65 23.39 -20.81
C SER K 752 -9.20 22.93 -20.93
N SER K 753 -8.98 21.61 -20.89
CA SER K 753 -7.64 21.04 -20.91
C SER K 753 -7.43 20.28 -22.20
N VAL K 754 -6.36 20.61 -22.91
CA VAL K 754 -5.95 19.87 -24.10
C VAL K 754 -5.07 18.71 -23.63
N ILE K 755 -5.53 17.50 -23.88
CA ILE K 755 -4.84 16.32 -23.35
C ILE K 755 -3.75 15.85 -24.30
N ASN K 756 -4.12 15.45 -25.52
CA ASN K 756 -3.16 14.94 -26.49
C ASN K 756 -3.77 15.12 -27.88
N ASP K 757 -3.20 14.43 -28.85
CA ASP K 757 -3.59 14.54 -30.25
C ASP K 757 -4.25 13.25 -30.71
N PHE K 758 -5.14 13.39 -31.69
CA PHE K 758 -5.82 12.25 -32.30
C PHE K 758 -5.87 12.45 -33.81
N ALA K 759 -5.87 11.34 -34.54
CA ALA K 759 -5.80 11.36 -36.00
C ALA K 759 -7.20 11.44 -36.56
N ASN K 760 -7.58 12.62 -37.05
CA ASN K 760 -8.84 12.83 -37.74
C ASN K 760 -8.55 12.90 -39.23
N ALA K 761 -8.89 11.83 -39.94
CA ALA K 761 -8.72 11.74 -41.40
C ALA K 761 -7.32 12.13 -41.82
N GLY K 762 -6.33 11.68 -41.06
CA GLY K 762 -4.94 11.92 -41.38
C GLY K 762 -4.33 13.19 -40.83
N ARG K 763 -5.08 14.00 -40.08
CA ARG K 763 -4.54 15.19 -39.46
C ARG K 763 -4.53 15.04 -37.95
N GLN K 764 -3.45 15.50 -37.32
CA GLN K 764 -3.36 15.47 -35.86
C GLN K 764 -4.10 16.67 -35.28
N GLN K 765 -5.16 16.40 -34.52
CA GLN K 765 -5.97 17.46 -33.94
C GLN K 765 -6.14 17.21 -32.44
N ARG K 766 -6.27 18.30 -31.70
CA ARG K 766 -6.28 18.24 -30.25
C ARG K 766 -7.55 17.55 -29.74
N VAL K 767 -7.42 16.90 -28.58
CA VAL K 767 -8.55 16.42 -27.81
C VAL K 767 -8.67 17.31 -26.57
N VAL K 768 -9.81 18.00 -26.45
CA VAL K 768 -10.01 19.01 -25.41
C VAL K 768 -11.10 18.51 -24.48
N VAL K 769 -10.80 18.51 -23.18
CA VAL K 769 -11.72 18.05 -22.15
C VAL K 769 -12.20 19.27 -21.36
N GLN K 770 -13.52 19.41 -21.24
CA GLN K 770 -14.09 20.53 -20.51
C GLN K 770 -15.40 20.08 -19.87
N ALA K 771 -15.83 20.79 -18.84
CA ALA K 771 -17.07 20.44 -18.17
C ALA K 771 -18.27 20.77 -19.03
N GLU K 772 -19.37 20.05 -18.81
CA GLU K 772 -20.56 20.21 -19.63
C GLU K 772 -21.16 21.59 -19.43
N GLN K 773 -21.89 22.06 -20.46
CA GLN K 773 -22.42 23.42 -20.46
C GLN K 773 -23.30 23.68 -19.24
N ALA K 774 -24.20 22.76 -18.93
CA ALA K 774 -25.13 23.00 -17.83
C ALA K 774 -24.44 22.95 -16.48
N GLU K 775 -23.24 22.35 -16.41
CA GLU K 775 -22.54 22.17 -15.15
C GLU K 775 -21.48 23.22 -14.89
N ARG K 776 -21.42 24.27 -15.71
CA ARG K 776 -20.43 25.33 -15.50
C ARG K 776 -20.97 26.73 -15.77
N MET K 777 -22.29 26.94 -15.71
CA MET K 777 -22.84 28.24 -16.08
C MET K 777 -23.02 29.18 -14.91
N THR K 778 -22.96 28.68 -13.68
CA THR K 778 -23.23 29.50 -12.50
C THR K 778 -22.10 29.35 -11.49
N PRO K 779 -21.90 30.34 -10.63
CA PRO K 779 -20.86 30.23 -9.60
C PRO K 779 -21.06 29.05 -8.65
N GLU K 780 -22.31 28.65 -8.42
CA GLU K 780 -22.55 27.48 -7.56
C GLU K 780 -21.96 26.21 -8.17
N SER K 781 -21.85 26.17 -9.50
CA SER K 781 -21.22 25.02 -10.14
C SER K 781 -19.76 24.89 -9.74
N VAL K 782 -19.09 26.01 -9.47
CA VAL K 782 -17.72 25.96 -8.96
C VAL K 782 -17.69 25.25 -7.62
N LEU K 783 -18.61 25.60 -6.73
CA LEU K 783 -18.64 25.00 -5.41
C LEU K 783 -19.14 23.56 -5.44
N ARG K 784 -19.83 23.15 -6.49
CA ARG K 784 -20.34 21.78 -6.56
C ARG K 784 -19.29 20.79 -7.07
N LEU K 785 -18.09 21.25 -7.40
CA LEU K 785 -17.04 20.35 -7.84
C LEU K 785 -16.45 19.58 -6.65
N HIS K 786 -15.92 18.39 -6.95
CA HIS K 786 -15.28 17.55 -5.95
C HIS K 786 -13.87 17.19 -6.41
N VAL K 787 -12.97 17.00 -5.44
CA VAL K 787 -11.59 16.63 -5.70
C VAL K 787 -11.22 15.46 -4.80
N PRO K 788 -10.29 14.58 -5.21
CA PRO K 788 -9.95 13.44 -4.35
C PRO K 788 -8.98 13.83 -3.25
N ASN K 789 -9.04 13.09 -2.15
CA ASN K 789 -8.13 13.27 -1.04
C ASN K 789 -7.08 12.14 -1.04
N ASP K 790 -6.23 12.13 -0.02
CA ASP K 790 -5.19 11.10 0.05
C ASP K 790 -5.76 9.71 0.28
N SER K 791 -6.93 9.60 0.88
CA SER K 791 -7.56 8.32 1.17
C SER K 791 -8.46 7.83 0.04
N GLY K 792 -8.55 8.57 -1.07
CA GLY K 792 -9.38 8.15 -2.17
C GLY K 792 -10.82 8.60 -2.12
N SER K 793 -11.23 9.31 -1.07
CA SER K 793 -12.58 9.82 -1.00
C SER K 793 -12.67 11.19 -1.67
N LEU K 794 -13.86 11.55 -2.10
CA LEU K 794 -14.08 12.80 -2.82
C LEU K 794 -14.61 13.86 -1.88
N VAL K 795 -13.99 15.04 -1.91
CA VAL K 795 -14.34 16.17 -1.05
C VAL K 795 -14.88 17.27 -1.93
N PRO K 796 -16.04 17.84 -1.64
CA PRO K 796 -16.55 18.93 -2.47
C PRO K 796 -15.71 20.18 -2.31
N LEU K 797 -15.65 20.98 -3.36
CA LEU K 797 -14.91 22.25 -3.28
C LEU K 797 -15.55 23.19 -2.28
N SER K 798 -16.87 23.12 -2.10
CA SER K 798 -17.53 24.00 -1.15
C SER K 798 -17.09 23.77 0.29
N ALA K 799 -16.44 22.63 0.57
CA ALA K 799 -15.96 22.38 1.92
C ALA K 799 -14.77 23.25 2.28
N PHE K 800 -14.01 23.73 1.30
CA PHE K 800 -12.85 24.56 1.62
C PHE K 800 -12.65 25.75 0.68
N VAL K 801 -13.59 26.02 -0.23
CA VAL K 801 -13.47 27.12 -1.17
C VAL K 801 -14.64 28.07 -0.96
N THR K 802 -14.36 29.36 -0.89
CA THR K 802 -15.39 30.39 -0.83
C THR K 802 -15.23 31.33 -2.01
N THR K 803 -16.34 31.91 -2.45
CA THR K 803 -16.35 32.80 -3.61
C THR K 803 -16.68 34.21 -3.16
N SER K 804 -15.87 35.17 -3.61
CA SER K 804 -16.09 36.58 -3.29
C SER K 804 -15.91 37.42 -4.55
N TRP K 805 -16.83 38.35 -4.76
CA TRP K 805 -16.77 39.17 -5.97
C TRP K 805 -15.88 40.37 -5.75
N GLU K 806 -15.02 40.66 -6.73
CA GLU K 806 -14.25 41.90 -6.79
C GLU K 806 -14.22 42.37 -8.23
N GLU K 807 -13.34 43.31 -8.54
CA GLU K 807 -13.22 43.81 -9.90
C GLU K 807 -11.78 43.75 -10.36
N GLY K 808 -11.58 43.45 -11.64
CA GLY K 808 -10.27 43.34 -12.21
C GLY K 808 -10.24 43.61 -13.70
N PRO K 809 -9.04 43.71 -14.26
CA PRO K 809 -8.92 44.01 -15.70
C PRO K 809 -9.14 42.78 -16.55
N VAL K 810 -10.00 42.92 -17.56
CA VAL K 810 -10.23 41.84 -18.52
C VAL K 810 -9.25 41.94 -19.67
N GLN K 811 -8.65 43.09 -19.89
CA GLN K 811 -7.54 43.24 -20.83
C GLN K 811 -6.50 44.15 -20.22
N VAL K 812 -5.23 43.79 -20.37
CA VAL K 812 -4.12 44.56 -19.81
C VAL K 812 -3.26 45.06 -20.95
N ALA K 813 -2.94 46.36 -20.92
CA ALA K 813 -2.19 47.02 -21.99
C ALA K 813 -0.89 47.61 -21.46
N ARG K 814 0.21 47.25 -22.11
CA ARG K 814 1.52 47.76 -21.73
C ARG K 814 2.23 48.33 -22.95
N TYR K 815 2.92 49.45 -22.74
CA TYR K 815 3.61 50.18 -23.79
C TYR K 815 5.02 50.52 -23.31
N ASN K 816 6.02 50.15 -24.11
CA ASN K 816 7.43 50.28 -23.75
C ASN K 816 7.72 49.78 -22.34
N GLY K 817 7.03 48.72 -21.94
CA GLY K 817 7.27 48.11 -20.64
C GLY K 817 6.57 48.79 -19.48
N TYR K 818 5.95 49.94 -19.69
CA TYR K 818 5.16 50.42 -18.56
C TYR K 818 3.68 50.15 -18.81
N PRO K 819 2.89 49.91 -17.77
CA PRO K 819 1.44 49.88 -17.96
C PRO K 819 0.93 51.18 -18.56
N SER K 820 0.01 51.05 -19.52
CA SER K 820 -0.48 52.20 -20.26
C SER K 820 -1.97 52.06 -20.49
N ILE K 821 -2.60 53.21 -20.70
CA ILE K 821 -3.97 53.28 -21.18
C ILE K 821 -3.92 53.87 -22.59
N ARG K 822 -4.57 53.21 -23.50
CA ARG K 822 -4.42 53.62 -24.88
C ARG K 822 -5.67 54.41 -25.29
N ILE K 823 -5.47 55.65 -25.71
CA ILE K 823 -6.55 56.58 -26.01
C ILE K 823 -6.59 56.80 -27.51
N ALA K 824 -7.75 56.61 -28.11
CA ALA K 824 -7.90 56.81 -29.55
C ALA K 824 -9.04 57.81 -29.79
N GLY K 825 -8.92 58.58 -30.85
CA GLY K 825 -9.94 59.55 -31.16
C GLY K 825 -9.82 60.05 -32.58
N ASP K 826 -10.77 60.89 -32.95
CA ASP K 826 -10.80 61.53 -34.26
C ASP K 826 -11.15 62.99 -34.10
N ALA K 827 -10.59 63.83 -34.97
CA ALA K 827 -10.87 65.25 -34.92
C ALA K 827 -12.29 65.53 -35.40
N ALA K 828 -12.86 66.62 -34.88
CA ALA K 828 -14.18 67.06 -35.33
C ALA K 828 -14.08 67.53 -36.78
N PRO K 829 -15.17 67.44 -37.54
CA PRO K 829 -15.13 67.89 -38.95
C PRO K 829 -14.68 69.34 -39.08
N GLY K 830 -13.78 69.61 -40.01
CA GLY K 830 -13.24 70.93 -40.22
C GLY K 830 -12.07 71.29 -39.33
N VAL K 831 -11.63 70.39 -38.46
CA VAL K 831 -10.51 70.64 -37.55
C VAL K 831 -9.35 69.75 -37.92
N SER K 832 -8.15 70.31 -37.89
CA SER K 832 -6.94 69.58 -38.26
C SER K 832 -6.41 68.77 -37.08
N THR K 833 -5.56 67.78 -37.40
CA THR K 833 -5.05 66.88 -36.36
C THR K 833 -3.96 67.54 -35.53
N GLY K 834 -3.16 68.42 -36.14
CA GLY K 834 -2.06 69.04 -35.41
C GLY K 834 -2.54 69.96 -34.29
N GLU K 835 -3.67 70.64 -34.50
CA GLU K 835 -4.23 71.46 -33.45
C GLU K 835 -4.60 70.61 -32.24
N ALA K 836 -5.23 69.46 -32.47
CA ALA K 836 -5.53 68.54 -31.36
C ALA K 836 -4.25 67.99 -30.76
N MET K 837 -3.20 67.80 -31.59
CA MET K 837 -1.91 67.36 -31.08
C MET K 837 -1.38 68.32 -30.03
N LEU K 838 -1.33 69.60 -30.39
CA LEU K 838 -0.82 70.62 -29.47
C LEU K 838 -1.72 70.76 -28.25
N GLU K 839 -3.05 70.72 -28.45
CA GLU K 839 -3.97 70.85 -27.34
C GLU K 839 -3.80 69.70 -26.35
N LEU K 840 -3.62 68.48 -26.85
CA LEU K 840 -3.46 67.34 -25.95
C LEU K 840 -2.10 67.38 -25.27
N GLU K 841 -1.07 67.92 -25.96
CA GLU K 841 0.19 68.16 -25.26
C GLU K 841 0.00 69.11 -24.09
N ARG K 842 -0.72 70.21 -24.31
CA ARG K 842 -1.00 71.15 -23.24
C ARG K 842 -1.78 70.49 -22.12
N ILE K 843 -2.76 69.66 -22.46
CA ILE K 843 -3.59 69.00 -21.45
C ILE K 843 -2.73 68.03 -20.62
N ALA K 844 -1.92 67.22 -21.30
CA ALA K 844 -1.08 66.26 -20.59
C ALA K 844 -0.01 66.94 -19.75
N ALA K 845 0.33 68.18 -20.07
CA ALA K 845 1.21 68.95 -19.19
C ALA K 845 0.62 69.15 -17.80
N GLU K 846 -0.69 69.04 -17.64
CA GLU K 846 -1.37 69.28 -16.37
C GLU K 846 -1.46 68.04 -15.48
N LEU K 847 -1.11 66.87 -15.99
CA LEU K 847 -1.31 65.64 -15.24
C LEU K 847 -0.35 65.56 -14.06
N PRO K 848 -0.68 64.75 -13.05
CA PRO K 848 0.21 64.64 -11.88
C PRO K 848 1.60 64.16 -12.29
N GLU K 849 2.60 64.65 -11.57
CA GLU K 849 3.99 64.36 -11.90
C GLU K 849 4.26 62.87 -11.91
N GLY K 850 4.71 62.37 -13.06
CA GLY K 850 5.00 60.97 -13.24
C GLY K 850 4.07 60.26 -14.22
N ILE K 851 2.94 60.87 -14.56
CA ILE K 851 2.04 60.35 -15.59
C ILE K 851 2.46 60.95 -16.92
N GLY K 852 2.95 60.11 -17.83
CA GLY K 852 3.49 60.57 -19.09
C GLY K 852 2.61 60.18 -20.28
N TYR K 853 3.09 60.56 -21.46
CA TYR K 853 2.36 60.33 -22.69
C TYR K 853 3.35 60.05 -23.81
N GLU K 854 2.88 59.40 -24.87
CA GLU K 854 3.69 59.25 -26.07
C GLU K 854 2.80 59.01 -27.29
N TRP K 855 3.38 59.25 -28.46
CA TRP K 855 2.65 59.12 -29.71
C TRP K 855 3.06 57.86 -30.44
N THR K 856 2.11 57.27 -31.18
CA THR K 856 2.29 55.99 -31.81
C THR K 856 1.69 55.99 -33.20
N GLY K 857 2.46 55.47 -34.15
CA GLY K 857 1.95 55.29 -35.50
C GLY K 857 1.73 56.60 -36.23
N LEU K 858 0.46 56.87 -36.56
CA LEU K 858 0.12 58.01 -37.41
C LEU K 858 0.55 59.32 -36.76
N SER K 859 0.34 59.44 -35.44
CA SER K 859 0.76 60.66 -34.74
C SER K 859 2.27 60.85 -34.84
N TYR K 860 3.03 59.76 -34.65
CA TYR K 860 4.49 59.84 -34.75
C TYR K 860 4.92 60.31 -36.13
N GLN K 861 4.37 59.70 -37.18
CA GLN K 861 4.76 60.05 -38.54
C GLN K 861 4.37 61.49 -38.87
N GLU K 862 3.19 61.93 -38.41
CA GLU K 862 2.75 63.29 -38.66
C GLU K 862 3.65 64.29 -37.97
N ARG K 863 4.08 63.96 -36.75
CA ARG K 863 5.00 64.83 -36.04
C ARG K 863 6.32 64.97 -36.80
N VAL K 864 6.84 63.84 -37.30
CA VAL K 864 8.11 63.90 -38.04
C VAL K 864 7.97 64.72 -39.31
N ALA K 865 6.86 64.54 -40.05
CA ALA K 865 6.68 65.29 -41.30
C ALA K 865 6.53 66.78 -41.05
N SER K 866 5.71 67.15 -40.06
CA SER K 866 5.54 68.55 -39.71
C SER K 866 6.86 69.14 -39.25
N GLY K 867 7.72 68.32 -38.64
CA GLY K 867 9.06 68.77 -38.36
C GLY K 867 9.89 69.02 -39.60
N GLN K 868 9.78 68.12 -40.60
CA GLN K 868 10.71 68.09 -41.72
C GLN K 868 10.39 69.04 -42.87
N ALA K 869 9.16 69.54 -42.93
CA ALA K 869 8.77 70.33 -44.08
C ALA K 869 9.64 71.58 -44.26
N THR K 870 10.02 72.24 -43.17
CA THR K 870 10.68 73.54 -43.28
C THR K 870 12.08 73.41 -43.85
N MET K 871 12.88 72.46 -43.35
CA MET K 871 14.18 72.25 -43.96
C MET K 871 14.06 71.73 -45.38
N LEU K 872 12.99 70.98 -45.68
CA LEU K 872 12.76 70.63 -47.08
C LEU K 872 12.69 71.89 -47.95
N PHE K 873 11.87 72.86 -47.53
CA PHE K 873 11.73 74.09 -48.29
C PHE K 873 13.05 74.84 -48.40
N ALA K 874 13.78 74.94 -47.29
CA ALA K 874 15.03 75.71 -47.29
C ALA K 874 16.06 75.09 -48.23
N LEU K 875 16.21 73.76 -48.17
CA LEU K 875 17.16 73.09 -49.04
C LEU K 875 16.77 73.26 -50.50
N ALA K 876 15.47 73.15 -50.81
CA ALA K 876 15.04 73.37 -52.19
C ALA K 876 15.41 74.76 -52.67
N ILE K 877 15.16 75.78 -51.84
CA ILE K 877 15.44 77.15 -52.27
C ILE K 877 16.94 77.35 -52.50
N THR K 878 17.77 76.85 -51.58
CA THR K 878 19.20 77.09 -51.75
C THR K 878 19.74 76.35 -52.97
N VAL K 879 19.24 75.15 -53.25
CA VAL K 879 19.77 74.41 -54.40
C VAL K 879 19.36 75.05 -55.71
N VAL K 880 18.11 75.54 -55.81
CA VAL K 880 17.71 76.20 -57.05
C VAL K 880 18.51 77.47 -57.25
N PHE K 881 18.76 78.22 -56.17
CA PHE K 881 19.58 79.42 -56.29
C PHE K 881 20.97 79.09 -56.80
N LEU K 882 21.59 78.05 -56.24
CA LEU K 882 22.94 77.69 -56.65
C LEU K 882 22.99 77.25 -58.11
N LEU K 883 22.01 76.46 -58.54
CA LEU K 883 22.02 76.02 -59.93
C LEU K 883 21.81 77.20 -60.88
N LEU K 884 20.98 78.15 -60.46
CA LEU K 884 20.68 79.33 -61.32
C LEU K 884 21.94 80.18 -61.48
N VAL K 885 22.64 80.45 -60.37
CA VAL K 885 23.87 81.24 -60.46
C VAL K 885 24.93 80.47 -61.25
N ALA K 886 24.89 79.13 -61.18
CA ALA K 886 25.76 78.34 -62.05
C ALA K 886 25.46 78.59 -63.52
N LEU K 887 24.18 78.57 -63.89
CA LEU K 887 23.84 78.64 -65.31
C LEU K 887 24.07 80.03 -65.87
N TYR K 888 23.68 81.08 -65.14
CA TYR K 888 23.71 82.44 -65.69
C TYR K 888 25.03 83.16 -65.52
N GLU K 889 26.00 82.56 -64.84
CA GLU K 889 27.30 83.20 -64.59
C GLU K 889 27.10 84.57 -63.95
N SER K 890 26.13 84.65 -63.04
CA SER K 890 25.79 85.90 -62.38
C SER K 890 24.98 85.58 -61.13
N TRP K 891 24.90 86.57 -60.23
CA TRP K 891 24.04 86.44 -59.05
C TRP K 891 22.77 87.26 -59.19
N ALA K 892 22.85 88.43 -59.82
CA ALA K 892 21.71 89.32 -59.95
C ALA K 892 20.58 88.69 -60.74
N ILE K 893 20.89 88.03 -61.86
CA ILE K 893 19.88 87.36 -62.67
C ILE K 893 19.22 86.26 -61.84
N PRO K 894 19.97 85.45 -61.09
CA PRO K 894 19.30 84.50 -60.19
C PRO K 894 18.39 85.12 -59.16
N LEU K 895 18.77 86.23 -58.51
CA LEU K 895 17.79 86.83 -57.59
C LEU K 895 16.57 87.33 -58.34
N THR K 896 16.80 87.94 -59.52
CA THR K 896 15.71 88.43 -60.35
C THR K 896 14.68 87.34 -60.59
N VAL K 897 15.16 86.18 -61.08
CA VAL K 897 14.20 85.08 -61.41
C VAL K 897 13.60 84.55 -60.10
N MET K 898 14.41 84.34 -59.06
CA MET K 898 13.86 83.74 -57.86
C MET K 898 12.76 84.58 -57.24
N LEU K 899 12.69 85.87 -57.57
CA LEU K 899 11.57 86.66 -57.08
C LEU K 899 10.22 86.16 -57.59
N ILE K 900 10.19 85.12 -58.42
CA ILE K 900 8.93 84.71 -59.03
C ILE K 900 8.17 83.71 -58.17
N VAL K 901 8.87 82.99 -57.28
CA VAL K 901 8.24 81.89 -56.55
C VAL K 901 7.06 82.35 -55.68
N PRO K 902 7.11 83.52 -55.01
CA PRO K 902 5.96 83.87 -54.16
C PRO K 902 4.65 84.01 -54.91
N VAL K 903 4.65 84.41 -56.19
CA VAL K 903 3.37 84.57 -56.88
C VAL K 903 2.73 83.22 -57.14
N GLY K 904 3.53 82.21 -57.52
CA GLY K 904 2.98 80.89 -57.71
C GLY K 904 2.51 80.28 -56.40
N ALA K 905 3.30 80.45 -55.34
CA ALA K 905 2.87 79.99 -54.03
C ALA K 905 1.58 80.67 -53.61
N LEU K 906 1.47 81.97 -53.88
CA LEU K 906 0.27 82.73 -53.54
C LEU K 906 -0.94 82.22 -54.29
N GLY K 907 -0.77 81.92 -55.57
CA GLY K 907 -1.89 81.37 -56.33
C GLY K 907 -2.33 80.02 -55.80
N ALA K 908 -1.38 79.13 -55.51
CA ALA K 908 -1.74 77.83 -54.95
C ALA K 908 -2.47 77.98 -53.63
N VAL K 909 -1.96 78.86 -52.77
CA VAL K 909 -2.56 79.05 -51.45
C VAL K 909 -3.97 79.62 -51.58
N LEU K 910 -4.15 80.62 -52.46
CA LEU K 910 -5.48 81.20 -52.61
C LEU K 910 -6.46 80.18 -53.17
N ALA K 911 -6.02 79.35 -54.11
CA ALA K 911 -6.91 78.33 -54.67
C ALA K 911 -7.32 77.33 -53.60
N VAL K 912 -6.36 76.81 -52.84
CA VAL K 912 -6.67 75.78 -51.85
C VAL K 912 -7.54 76.37 -50.73
N THR K 913 -7.29 77.63 -50.37
CA THR K 913 -8.12 78.27 -49.35
C THR K 913 -9.53 78.52 -49.85
N ALA K 914 -9.66 78.93 -51.11
CA ALA K 914 -11.00 79.15 -51.68
C ALA K 914 -11.80 77.87 -51.75
N ILE K 915 -11.17 76.76 -52.14
CA ILE K 915 -11.89 75.49 -52.16
C ILE K 915 -11.97 74.85 -50.77
N GLY K 916 -11.11 75.25 -49.85
CA GLY K 916 -11.22 74.78 -48.48
C GLY K 916 -10.54 73.46 -48.19
N LEU K 917 -9.64 73.03 -49.04
CA LEU K 917 -8.92 71.79 -48.84
C LEU K 917 -7.80 71.96 -47.83
N PRO K 918 -7.41 70.91 -47.11
CA PRO K 918 -6.34 71.03 -46.12
C PRO K 918 -4.96 70.97 -46.77
N ASN K 919 -3.94 71.17 -45.93
CA ASN K 919 -2.55 71.15 -46.37
C ASN K 919 -2.00 69.73 -46.24
N ASP K 920 -2.42 68.88 -47.19
CA ASP K 920 -2.01 67.49 -47.20
C ASP K 920 -0.77 67.29 -48.07
N VAL K 921 -0.35 66.04 -48.22
CA VAL K 921 0.84 65.75 -49.03
C VAL K 921 0.58 66.02 -50.50
N TYR K 922 -0.63 65.71 -50.99
CA TYR K 922 -0.94 65.97 -52.39
C TYR K 922 -0.87 67.46 -52.70
N PHE K 923 -1.46 68.29 -51.84
CA PHE K 923 -1.37 69.73 -52.05
C PHE K 923 0.08 70.22 -51.97
N LYS K 924 0.86 69.67 -51.04
CA LYS K 924 2.25 70.12 -50.90
C LYS K 924 3.05 69.82 -52.16
N VAL K 925 2.90 68.61 -52.70
CA VAL K 925 3.67 68.28 -53.88
C VAL K 925 3.15 69.05 -55.10
N GLY K 926 1.84 69.27 -55.17
CA GLY K 926 1.31 70.13 -56.22
C GLY K 926 1.90 71.53 -56.14
N LEU K 927 2.09 72.03 -54.92
CA LEU K 927 2.76 73.31 -54.74
C LEU K 927 4.19 73.25 -55.25
N ILE K 928 4.89 72.14 -54.99
CA ILE K 928 6.26 72.01 -55.48
C ILE K 928 6.29 71.99 -57.00
N THR K 929 5.35 71.28 -57.61
CA THR K 929 5.28 71.23 -59.07
C THR K 929 4.96 72.59 -59.66
N VAL K 930 4.05 73.34 -59.02
CA VAL K 930 3.77 74.71 -59.43
C VAL K 930 5.02 75.57 -59.29
N ILE K 931 5.81 75.34 -58.24
CA ILE K 931 7.07 76.05 -58.05
C ILE K 931 7.98 75.81 -59.24
N GLY K 932 8.12 74.54 -59.63
CA GLY K 932 8.97 74.21 -60.76
C GLY K 932 8.49 74.83 -62.06
N LEU K 933 7.18 74.78 -62.29
CA LEU K 933 6.65 75.33 -63.53
C LEU K 933 6.80 76.84 -63.58
N ALA K 934 6.60 77.51 -62.46
CA ALA K 934 6.85 78.95 -62.40
C ALA K 934 8.30 79.26 -62.67
N ALA K 935 9.21 78.45 -62.14
CA ALA K 935 10.64 78.63 -62.43
C ALA K 935 10.91 78.47 -63.92
N LYS K 936 10.30 77.47 -64.55
CA LYS K 936 10.48 77.27 -65.99
C LYS K 936 9.97 78.47 -66.78
N ASN K 937 8.79 78.96 -66.41
CA ASN K 937 8.21 80.11 -67.08
C ASN K 937 9.11 81.33 -66.96
N ALA K 938 9.64 81.57 -65.75
CA ALA K 938 10.52 82.71 -65.53
C ALA K 938 11.83 82.56 -66.30
N ILE K 939 12.36 81.34 -66.38
CA ILE K 939 13.59 81.11 -67.16
C ILE K 939 13.34 81.45 -68.63
N LEU K 940 12.20 81.01 -69.16
CA LEU K 940 11.94 81.19 -70.58
C LEU K 940 11.91 82.67 -70.97
N ILE K 941 11.63 83.55 -70.00
CA ILE K 941 11.72 84.98 -70.25
C ILE K 941 13.14 85.47 -70.02
N VAL K 942 13.72 85.12 -68.88
CA VAL K 942 14.95 85.78 -68.43
C VAL K 942 16.12 85.38 -69.30
N GLU K 943 16.11 84.17 -69.89
CA GLU K 943 17.22 83.77 -70.74
C GLU K 943 17.28 84.62 -72.01
N PHE K 944 16.13 84.78 -72.67
CA PHE K 944 16.10 85.66 -73.84
C PHE K 944 16.37 87.11 -73.45
N ALA K 945 15.90 87.54 -72.27
CA ALA K 945 16.18 88.89 -71.82
C ALA K 945 17.68 89.12 -71.65
N LYS K 946 18.37 88.15 -71.04
CA LYS K 946 19.83 88.25 -70.88
C LYS K 946 20.53 88.23 -72.24
N ASP K 947 20.04 87.38 -73.15
CA ASP K 947 20.63 87.31 -74.49
C ASP K 947 20.54 88.67 -75.19
N LEU K 948 19.35 89.28 -75.17
CA LEU K 948 19.17 90.57 -75.82
C LEU K 948 19.95 91.66 -75.11
N TRP K 949 20.00 91.62 -73.77
CA TRP K 949 20.72 92.62 -73.00
C TRP K 949 22.21 92.54 -73.25
N GLU K 950 22.72 91.35 -73.57
CA GLU K 950 24.12 91.24 -73.96
C GLU K 950 24.34 91.66 -75.40
N ASP K 951 23.26 91.80 -76.19
CA ASP K 951 23.38 92.16 -77.59
C ASP K 951 23.42 93.67 -77.82
N GLY K 952 23.41 94.47 -76.76
CA GLY K 952 23.49 95.91 -76.89
C GLY K 952 22.18 96.65 -76.71
N TYR K 953 21.06 95.96 -76.58
CA TYR K 953 19.80 96.63 -76.32
C TYR K 953 19.79 97.27 -74.95
N SER K 954 18.96 98.30 -74.80
CA SER K 954 18.73 98.86 -73.48
C SER K 954 17.95 97.86 -72.64
N LEU K 955 18.08 98.01 -71.32
CA LEU K 955 17.45 97.07 -70.39
C LEU K 955 15.95 96.94 -70.65
N ARG K 956 15.24 98.06 -70.66
CA ARG K 956 13.79 98.03 -70.83
C ARG K 956 13.40 97.56 -72.23
N ASP K 957 14.09 98.06 -73.26
CA ASP K 957 13.78 97.62 -74.62
C ASP K 957 14.06 96.14 -74.81
N ALA K 958 15.17 95.65 -74.28
CA ALA K 958 15.48 94.22 -74.37
C ALA K 958 14.42 93.39 -73.68
N ALA K 959 14.02 93.80 -72.47
CA ALA K 959 12.99 93.07 -71.75
C ALA K 959 11.67 93.05 -72.52
N VAL K 960 11.27 94.21 -73.06
CA VAL K 960 10.01 94.29 -73.78
C VAL K 960 10.03 93.42 -75.02
N GLU K 961 11.12 93.49 -75.80
CA GLU K 961 11.19 92.69 -77.02
C GLU K 961 11.22 91.21 -76.71
N ALA K 962 11.97 90.81 -75.68
CA ALA K 962 12.02 89.40 -75.30
C ALA K 962 10.65 88.90 -74.88
N ALA K 963 9.94 89.70 -74.07
CA ALA K 963 8.61 89.29 -73.63
C ALA K 963 7.64 89.24 -74.80
N ARG K 964 7.74 90.19 -75.74
CA ARG K 964 6.90 90.15 -76.92
C ARG K 964 7.14 88.88 -77.73
N LEU K 965 8.41 88.49 -77.88
CA LEU K 965 8.73 87.29 -78.64
C LEU K 965 8.24 86.03 -77.91
N ARG K 966 8.35 86.02 -76.58
CA ARG K 966 8.08 84.79 -75.85
C ARG K 966 6.68 84.70 -75.24
N PHE K 967 5.82 85.68 -75.49
CA PHE K 967 4.45 85.59 -74.97
C PHE K 967 3.75 84.35 -75.48
N ARG K 968 3.79 84.13 -76.80
CA ARG K 968 3.08 82.99 -77.37
C ARG K 968 3.54 81.66 -76.77
N PRO K 969 4.84 81.37 -76.63
CA PRO K 969 5.23 80.11 -75.97
C PRO K 969 4.69 79.97 -74.56
N ILE K 970 4.70 81.05 -73.78
CA ILE K 970 4.34 80.95 -72.38
C ILE K 970 2.86 80.65 -72.21
N ILE K 971 2.01 81.45 -72.86
CA ILE K 971 0.57 81.21 -72.78
C ILE K 971 0.24 79.85 -73.37
N MET K 972 0.96 79.47 -74.44
CA MET K 972 0.80 78.16 -75.05
C MET K 972 0.99 77.05 -74.02
N THR K 973 2.20 76.95 -73.45
CA THR K 973 2.49 75.86 -72.53
C THR K 973 1.64 75.93 -71.28
N SER K 974 1.40 77.14 -70.77
CA SER K 974 0.64 77.28 -69.54
C SER K 974 -0.79 76.82 -69.72
N MET K 975 -1.46 77.27 -70.79
CA MET K 975 -2.82 76.83 -71.04
C MET K 975 -2.87 75.33 -71.30
N ALA K 976 -1.84 74.79 -71.95
CA ALA K 976 -1.77 73.34 -72.14
C ALA K 976 -1.76 72.63 -70.79
N PHE K 977 -0.95 73.12 -69.85
CA PHE K 977 -0.86 72.48 -68.54
C PHE K 977 -2.17 72.62 -67.76
N MET K 978 -2.78 73.81 -67.79
CA MET K 978 -4.06 74.01 -67.13
C MET K 978 -5.11 73.03 -67.64
N LEU K 979 -5.22 72.94 -68.97
CA LEU K 979 -6.31 72.15 -69.55
C LEU K 979 -5.96 70.68 -69.55
N GLY K 980 -4.70 70.34 -69.28
CA GLY K 980 -4.35 68.95 -69.06
C GLY K 980 -4.64 68.48 -67.65
N VAL K 981 -4.54 69.38 -66.66
CA VAL K 981 -4.78 68.95 -65.28
C VAL K 981 -6.18 69.29 -64.78
N VAL K 982 -6.97 70.05 -65.55
CA VAL K 982 -8.35 70.33 -65.13
C VAL K 982 -9.16 69.08 -64.85
N PRO K 983 -9.01 67.99 -65.56
CA PRO K 983 -9.79 66.83 -65.18
C PRO K 983 -9.54 66.30 -63.79
N LEU K 984 -8.31 66.46 -63.29
CA LEU K 984 -8.04 66.09 -61.91
C LEU K 984 -8.89 66.89 -60.94
N ALA K 985 -9.06 68.19 -61.21
CA ALA K 985 -9.79 69.05 -60.28
C ALA K 985 -11.28 68.71 -60.21
N ILE K 986 -11.85 68.21 -61.29
CA ILE K 986 -13.27 67.88 -61.34
C ILE K 986 -13.51 66.38 -61.29
N ALA K 987 -12.53 65.60 -60.87
CA ALA K 987 -12.67 64.15 -60.84
C ALA K 987 -13.72 63.72 -59.83
N THR K 988 -14.44 62.65 -60.16
CA THR K 988 -15.46 62.08 -59.29
C THR K 988 -15.29 60.57 -59.23
N GLY K 989 -15.74 59.99 -58.13
CA GLY K 989 -15.69 58.54 -57.98
C GLY K 989 -14.56 58.09 -57.06
N ALA K 990 -14.02 56.92 -57.40
CA ALA K 990 -12.94 56.34 -56.62
C ALA K 990 -11.68 57.21 -56.71
N GLY K 991 -11.05 57.44 -55.55
CA GLY K 991 -9.85 58.24 -55.52
C GLY K 991 -10.04 59.70 -55.86
N ALA K 992 -11.29 60.16 -55.91
CA ALA K 992 -11.56 61.54 -56.31
C ALA K 992 -11.00 62.53 -55.29
N ALA K 993 -10.89 62.14 -54.02
CA ALA K 993 -10.37 63.05 -53.01
C ALA K 993 -8.92 63.43 -53.29
N SER K 994 -8.06 62.43 -53.49
CA SER K 994 -6.65 62.70 -53.77
C SER K 994 -6.48 63.41 -55.11
N GLN K 995 -7.21 62.95 -56.13
CA GLN K 995 -7.10 63.57 -57.45
C GLN K 995 -7.50 65.03 -57.40
N ARG K 996 -8.57 65.36 -56.68
CA ARG K 996 -9.00 66.74 -56.52
C ARG K 996 -7.98 67.54 -55.71
N ALA K 997 -7.49 66.97 -54.60
CA ALA K 997 -6.53 67.69 -53.76
C ALA K 997 -5.28 68.04 -54.55
N LEU K 998 -4.92 67.20 -55.51
CA LEU K 998 -3.81 67.54 -56.40
C LEU K 998 -4.24 68.59 -57.41
N GLY K 999 -5.31 68.31 -58.15
CA GLY K 999 -5.64 69.08 -59.34
C GLY K 999 -6.02 70.52 -59.05
N THR K 1000 -6.86 70.74 -58.03
CA THR K 1000 -7.27 72.11 -57.71
C THR K 1000 -6.07 72.97 -57.34
N GLY K 1001 -5.18 72.42 -56.50
CA GLY K 1001 -4.02 73.18 -56.09
C GLY K 1001 -3.09 73.51 -57.24
N VAL K 1002 -2.81 72.53 -58.10
CA VAL K 1002 -1.92 72.82 -59.23
C VAL K 1002 -2.57 73.81 -60.18
N LEU K 1003 -3.87 73.65 -60.44
CA LEU K 1003 -4.56 74.61 -61.30
C LEU K 1003 -4.41 76.02 -60.78
N GLY K 1004 -4.73 76.24 -59.50
CA GLY K 1004 -4.65 77.60 -58.96
C GLY K 1004 -3.24 78.16 -58.99
N GLY K 1005 -2.27 77.37 -58.52
CA GLY K 1005 -0.90 77.86 -58.49
C GLY K 1005 -0.38 78.22 -59.85
N MET K 1006 -0.59 77.35 -60.84
CA MET K 1006 -0.06 77.60 -62.18
C MET K 1006 -0.83 78.72 -62.86
N LEU K 1007 -2.12 78.86 -62.57
CA LEU K 1007 -2.90 79.97 -63.12
C LEU K 1007 -2.36 81.31 -62.64
N SER K 1008 -2.06 81.41 -61.35
CA SER K 1008 -1.48 82.66 -60.86
C SER K 1008 -0.07 82.86 -61.40
N ALA K 1009 0.72 81.80 -61.46
CA ALA K 1009 2.09 81.92 -61.95
C ALA K 1009 2.12 82.33 -63.42
N THR K 1010 1.06 82.02 -64.18
CA THR K 1010 0.99 82.40 -65.58
C THR K 1010 0.43 83.80 -65.76
N MET K 1011 -0.80 84.02 -65.27
CA MET K 1011 -1.50 85.27 -65.51
C MET K 1011 -0.73 86.45 -64.96
N LEU K 1012 -0.15 86.27 -63.76
CA LEU K 1012 0.58 87.40 -63.11
C LEU K 1012 2.07 87.32 -63.41
N GLY K 1013 2.61 86.12 -63.63
CA GLY K 1013 4.04 85.99 -63.84
C GLY K 1013 4.54 86.67 -65.11
N VAL K 1014 3.78 86.55 -66.20
CA VAL K 1014 4.19 87.15 -67.46
C VAL K 1014 4.31 88.66 -67.33
N ILE K 1015 3.52 89.25 -66.43
CA ILE K 1015 3.54 90.69 -66.21
C ILE K 1015 4.69 91.10 -65.31
N PHE K 1016 4.98 90.31 -64.28
CA PHE K 1016 5.91 90.74 -63.25
C PHE K 1016 7.36 90.36 -63.55
N VAL K 1017 7.59 89.29 -64.32
CA VAL K 1017 8.97 88.85 -64.56
C VAL K 1017 9.82 89.92 -65.24
N PRO K 1018 9.40 90.56 -66.33
CA PRO K 1018 10.19 91.67 -66.86
C PRO K 1018 10.35 92.82 -65.89
N ILE K 1019 9.34 93.07 -65.05
CA ILE K 1019 9.46 94.10 -64.04
C ILE K 1019 10.57 93.76 -63.06
N PHE K 1020 10.61 92.50 -62.61
CA PHE K 1020 11.68 92.07 -61.72
C PHE K 1020 13.03 92.22 -62.37
N PHE K 1021 13.13 91.80 -63.64
CA PHE K 1021 14.40 91.89 -64.36
C PHE K 1021 14.90 93.32 -64.41
N VAL K 1022 14.04 94.23 -64.87
CA VAL K 1022 14.43 95.63 -65.01
C VAL K 1022 14.78 96.22 -63.65
N TRP K 1023 13.93 96.01 -62.65
CA TRP K 1023 14.13 96.64 -61.35
C TRP K 1023 15.42 96.15 -60.69
N VAL K 1024 15.66 94.84 -60.71
CA VAL K 1024 16.82 94.30 -60.02
C VAL K 1024 18.10 94.70 -60.75
N LEU K 1025 18.10 94.58 -62.09
CA LEU K 1025 19.32 94.93 -62.81
C LEU K 1025 19.61 96.42 -62.74
N SER K 1026 18.58 97.26 -62.54
CA SER K 1026 18.83 98.68 -62.31
C SER K 1026 19.34 98.93 -60.90
N LEU K 1027 18.74 98.27 -59.90
CA LEU K 1027 19.11 98.51 -58.51
C LEU K 1027 20.54 98.06 -58.24
N LEU K 1028 20.93 96.90 -58.79
CA LEU K 1028 22.28 96.40 -58.59
C LEU K 1028 23.27 96.98 -59.58
N ARG K 1029 22.82 97.78 -60.55
CA ARG K 1029 23.68 98.43 -61.52
C ARG K 1029 24.52 97.40 -62.29
N THR K 1030 23.87 96.31 -62.69
CA THR K 1030 24.55 95.26 -63.44
C THR K 1030 24.87 95.72 -64.85
N LYS K 1031 26.04 95.31 -65.35
CA LYS K 1031 26.55 95.63 -66.67
C LYS K 1031 26.54 94.41 -67.59
N PRO K 1032 26.41 94.60 -68.90
CA PRO K 1032 26.36 93.45 -69.81
C PRO K 1032 27.73 92.84 -70.07
N MET L 1 40.45 59.05 -80.87
CA MET L 1 41.18 58.29 -79.85
C MET L 1 42.43 57.57 -80.42
N PRO L 2 42.28 56.78 -81.50
CA PRO L 2 43.44 56.01 -81.97
C PRO L 2 44.60 56.87 -82.44
N LEU L 3 44.34 58.05 -82.99
CA LEU L 3 45.41 58.96 -83.34
C LEU L 3 46.20 59.38 -82.11
N PHE L 4 45.50 59.60 -81.00
CA PHE L 4 46.15 59.97 -79.75
C PHE L 4 47.11 58.88 -79.29
N PHE L 5 46.72 57.61 -79.42
CA PHE L 5 47.59 56.52 -79.02
C PHE L 5 48.70 56.28 -80.03
N ILE L 6 48.45 56.54 -81.31
CA ILE L 6 49.52 56.44 -82.30
C ILE L 6 50.60 57.47 -82.01
N ARG L 7 50.20 58.70 -81.68
CA ARG L 7 51.16 59.72 -81.30
C ARG L 7 51.75 59.49 -79.91
N ARG L 8 51.10 58.67 -79.07
CA ARG L 8 51.57 58.37 -77.73
C ARG L 8 51.56 56.85 -77.52
N PRO L 9 52.49 56.14 -78.15
CA PRO L 9 52.49 54.67 -78.05
C PRO L 9 52.71 54.14 -76.64
N ASN L 10 53.58 54.79 -75.86
CA ASN L 10 53.86 54.28 -74.51
C ASN L 10 52.61 54.36 -73.63
N PHE L 11 51.71 55.29 -73.93
CA PHE L 11 50.44 55.33 -73.20
C PHE L 11 49.63 54.07 -73.44
N ALA L 12 49.50 53.64 -74.70
CA ALA L 12 48.79 52.39 -74.99
C ALA L 12 49.51 51.20 -74.38
N TRP L 13 50.85 51.21 -74.42
CA TRP L 13 51.60 50.14 -73.77
C TRP L 13 51.29 50.08 -72.29
N VAL L 14 51.20 51.23 -71.62
CA VAL L 14 50.92 51.26 -70.20
C VAL L 14 49.50 50.77 -69.92
N VAL L 15 48.55 51.15 -70.78
CA VAL L 15 47.17 50.69 -70.58
C VAL L 15 47.08 49.18 -70.71
N ALA L 16 47.72 48.63 -71.73
CA ALA L 16 47.74 47.18 -71.92
C ALA L 16 48.46 46.50 -70.76
N LEU L 17 49.54 47.12 -70.27
CA LEU L 17 50.27 46.55 -69.14
C LEU L 17 49.42 46.56 -67.87
N PHE L 18 48.61 47.61 -67.69
CA PHE L 18 47.68 47.64 -66.56
C PHE L 18 46.66 46.52 -66.68
N ILE L 19 46.08 46.33 -67.87
CA ILE L 19 45.10 45.26 -68.04
C ILE L 19 45.73 43.90 -67.75
N SER L 20 46.92 43.67 -68.30
CA SER L 20 47.62 42.41 -68.07
C SER L 20 47.95 42.23 -66.60
N LEU L 21 48.42 43.28 -65.94
CA LEU L 21 48.78 43.16 -64.53
C LEU L 21 47.56 42.84 -63.69
N GLY L 22 46.42 43.45 -64.00
CA GLY L 22 45.20 43.05 -63.33
C GLY L 22 44.94 41.57 -63.53
N GLY L 23 45.09 41.11 -64.78
CA GLY L 23 44.85 39.71 -65.07
C GLY L 23 45.73 38.78 -64.23
N LEU L 24 47.02 39.09 -64.15
CA LEU L 24 47.93 38.24 -63.39
C LEU L 24 47.68 38.34 -61.89
N LEU L 25 47.39 39.54 -61.39
CA LEU L 25 47.15 39.69 -59.95
C LEU L 25 45.92 38.92 -59.49
N VAL L 26 44.87 38.86 -60.31
CA VAL L 26 43.66 38.19 -59.85
C VAL L 26 43.74 36.66 -59.95
N ILE L 27 44.66 36.12 -60.72
CA ILE L 27 44.71 34.69 -61.06
C ILE L 27 44.63 33.75 -59.86
N PRO L 28 45.33 33.99 -58.74
CA PRO L 28 45.28 33.00 -57.66
C PRO L 28 43.91 32.70 -57.08
N PHE L 29 43.00 33.67 -57.05
CA PHE L 29 41.78 33.52 -56.25
C PHE L 29 40.63 32.83 -56.99
N LEU L 30 40.70 32.65 -58.31
CA LEU L 30 39.55 32.11 -59.04
C LEU L 30 39.20 30.70 -58.58
N PRO L 31 37.94 30.45 -58.21
CA PRO L 31 37.52 29.08 -57.91
C PRO L 31 37.43 28.23 -59.17
N VAL L 32 37.63 26.93 -59.00
CA VAL L 32 37.53 25.94 -60.06
C VAL L 32 36.37 25.01 -59.73
N ALA L 33 35.72 24.48 -60.76
CA ALA L 33 34.60 23.57 -60.54
C ALA L 33 34.29 22.84 -61.84
N GLN L 34 33.37 21.88 -61.72
CA GLN L 34 32.86 21.22 -62.92
C GLN L 34 31.81 22.09 -63.61
N TYR L 35 30.70 22.33 -62.93
CA TYR L 35 29.67 23.23 -63.39
C TYR L 35 29.38 24.24 -62.28
N PRO L 36 28.88 25.42 -62.63
CA PRO L 36 28.47 26.38 -61.61
C PRO L 36 27.27 25.86 -60.84
N ASN L 37 26.78 26.70 -59.93
CA ASN L 37 25.64 26.31 -59.11
C ASN L 37 24.38 26.33 -59.98
N VAL L 38 24.36 25.44 -60.97
CA VAL L 38 23.22 25.33 -61.86
C VAL L 38 22.01 24.78 -61.13
N ALA L 39 22.23 23.81 -60.23
CA ALA L 39 21.13 23.23 -59.48
C ALA L 39 20.52 24.28 -58.56
N PRO L 40 19.20 24.30 -58.40
CA PRO L 40 18.57 25.28 -57.51
C PRO L 40 18.95 25.01 -56.07
N PRO L 41 19.02 26.04 -55.24
CA PRO L 41 19.27 25.82 -53.81
C PRO L 41 18.18 24.98 -53.19
N GLN L 42 18.56 24.07 -52.31
CA GLN L 42 17.62 23.16 -51.67
C GLN L 42 17.88 23.13 -50.17
N ILE L 43 16.82 23.01 -49.40
CA ILE L 43 16.91 22.79 -47.97
C ILE L 43 16.38 21.40 -47.68
N THR L 44 16.96 20.73 -46.70
CA THR L 44 16.57 19.37 -46.36
C THR L 44 16.35 19.24 -44.87
N VAL L 45 15.20 18.69 -44.51
CA VAL L 45 14.83 18.44 -43.11
C VAL L 45 14.80 16.93 -42.91
N THR L 46 15.55 16.47 -41.91
CA THR L 46 15.58 15.06 -41.55
C THR L 46 15.07 14.90 -40.13
N ALA L 47 14.25 13.87 -39.93
CA ALA L 47 13.75 13.53 -38.61
C ALA L 47 13.85 12.02 -38.40
N THR L 48 14.16 11.62 -37.17
CA THR L 48 14.34 10.21 -36.82
C THR L 48 13.36 9.83 -35.72
N TYR L 49 12.63 8.73 -35.93
CA TYR L 49 11.68 8.18 -34.98
C TYR L 49 11.90 6.68 -34.91
N PRO L 50 12.76 6.20 -34.02
CA PRO L 50 13.07 4.76 -33.98
C PRO L 50 11.82 3.93 -33.73
N GLY L 51 11.74 2.80 -34.41
CA GLY L 51 10.65 1.87 -34.23
C GLY L 51 9.33 2.29 -34.82
N ALA L 52 9.26 3.44 -35.49
CA ALA L 52 8.00 3.90 -36.06
C ALA L 52 7.83 3.35 -37.47
N SER L 53 6.63 2.83 -37.74
CA SER L 53 6.32 2.37 -39.08
C SER L 53 6.25 3.55 -40.04
N ALA L 54 6.38 3.25 -41.33
CA ALA L 54 6.41 4.30 -42.33
C ALA L 54 5.11 5.11 -42.32
N GLN L 55 3.97 4.43 -42.22
CA GLN L 55 2.69 5.15 -42.22
C GLN L 55 2.52 5.97 -40.96
N VAL L 56 2.85 5.39 -39.80
CA VAL L 56 2.68 6.12 -38.54
C VAL L 56 3.66 7.28 -38.48
N LEU L 57 4.85 7.10 -39.06
CA LEU L 57 5.81 8.20 -39.15
C LEU L 57 5.29 9.29 -40.08
N THR L 58 4.58 8.88 -41.13
CA THR L 58 3.96 9.85 -42.04
C THR L 58 2.91 10.68 -41.31
N ASP L 59 2.00 10.01 -40.58
CA ASP L 59 0.89 10.74 -39.98
C ASP L 59 1.31 11.53 -38.76
N SER L 60 2.22 10.99 -37.93
CA SER L 60 2.50 11.58 -36.63
C SER L 60 3.60 12.62 -36.62
N VAL L 61 4.57 12.54 -37.54
CA VAL L 61 5.69 13.46 -37.53
C VAL L 61 5.81 14.18 -38.87
N THR L 62 5.83 13.42 -39.96
CA THR L 62 6.10 14.01 -41.27
C THR L 62 5.02 15.01 -41.65
N SER L 63 3.76 14.61 -41.56
CA SER L 63 2.67 15.48 -42.00
C SER L 63 2.61 16.75 -41.16
N VAL L 64 3.00 16.66 -39.89
CA VAL L 64 2.98 17.83 -39.03
C VAL L 64 3.94 18.91 -39.54
N ILE L 65 5.15 18.51 -39.92
CA ILE L 65 6.11 19.47 -40.46
C ILE L 65 5.69 19.90 -41.87
N GLU L 66 5.13 18.96 -42.64
CA GLU L 66 4.64 19.31 -43.97
C GLU L 66 3.61 20.42 -43.90
N GLU L 67 2.76 20.40 -42.89
CA GLU L 67 1.78 21.47 -42.71
C GLU L 67 2.45 22.80 -42.51
N GLU L 68 3.49 22.85 -41.68
CA GLU L 68 4.10 24.13 -41.31
C GLU L 68 5.04 24.68 -42.38
N LEU L 69 5.67 23.83 -43.19
CA LEU L 69 6.62 24.34 -44.17
C LEU L 69 5.95 25.13 -45.29
N ASN L 70 4.63 25.00 -45.43
CA ASN L 70 3.93 25.65 -46.54
C ASN L 70 4.01 27.16 -46.41
N GLY L 71 4.16 27.84 -47.55
CA GLY L 71 4.09 29.28 -47.59
C GLY L 71 5.42 30.01 -47.48
N ALA L 72 6.54 29.31 -47.54
CA ALA L 72 7.83 29.97 -47.45
C ALA L 72 8.11 30.77 -48.71
N LYS L 73 9.05 31.71 -48.61
CA LYS L 73 9.40 32.54 -49.75
C LYS L 73 10.03 31.72 -50.86
N ASN L 74 9.67 32.04 -52.11
CA ASN L 74 10.30 31.51 -53.31
C ASN L 74 10.31 29.99 -53.36
N LEU L 75 9.24 29.33 -52.91
CA LEU L 75 9.16 27.89 -53.07
C LEU L 75 8.97 27.52 -54.54
N LEU L 76 9.78 26.60 -55.03
CA LEU L 76 9.50 25.95 -56.30
C LEU L 76 8.68 24.69 -56.06
N TYR L 77 9.08 23.88 -55.08
CA TYR L 77 8.29 22.73 -54.67
C TYR L 77 8.87 22.14 -53.39
N PHE L 78 8.20 21.11 -52.89
CA PHE L 78 8.75 20.32 -51.79
C PHE L 78 8.28 18.87 -51.92
N GLU L 79 9.19 17.95 -51.63
CA GLU L 79 8.98 16.52 -51.77
C GLU L 79 9.31 15.83 -50.46
N SER L 80 8.38 15.03 -49.95
CA SER L 80 8.54 14.41 -48.64
C SER L 80 8.42 12.90 -48.76
N THR L 81 9.37 12.20 -48.13
CA THR L 81 9.42 10.76 -48.11
C THR L 81 9.54 10.27 -46.68
N SER L 82 8.66 9.36 -46.28
CA SER L 82 8.72 8.74 -44.97
C SER L 82 9.06 7.26 -45.15
N ASN L 83 10.13 6.81 -44.51
CA ASN L 83 10.58 5.44 -44.65
C ASN L 83 10.21 4.62 -43.41
N ALA L 84 10.23 3.29 -43.57
CA ALA L 84 9.87 2.40 -42.48
C ALA L 84 10.90 2.38 -41.36
N ASN L 85 12.14 2.78 -41.63
CA ASN L 85 13.16 2.81 -40.60
C ASN L 85 12.99 3.98 -39.64
N GLY L 86 11.89 4.73 -39.75
CA GLY L 86 11.66 5.86 -38.88
C GLY L 86 12.27 7.17 -39.33
N ILE L 87 12.69 7.27 -40.59
CA ILE L 87 13.36 8.46 -41.09
C ILE L 87 12.42 9.21 -42.02
N ALA L 88 12.25 10.50 -41.75
CA ALA L 88 11.48 11.40 -42.60
C ALA L 88 12.44 12.37 -43.28
N GLU L 89 12.32 12.48 -44.60
CA GLU L 89 13.15 13.36 -45.42
C GLU L 89 12.25 14.32 -46.18
N ILE L 90 12.46 15.61 -45.98
CA ILE L 90 11.71 16.63 -46.71
C ILE L 90 12.70 17.51 -47.45
N THR L 91 12.57 17.58 -48.77
CA THR L 91 13.44 18.39 -49.61
C THR L 91 12.61 19.53 -50.17
N VAL L 92 12.97 20.76 -49.83
CA VAL L 92 12.29 21.95 -50.31
C VAL L 92 13.20 22.64 -51.30
N THR L 93 12.75 22.78 -52.54
CA THR L 93 13.53 23.35 -53.62
C THR L 93 12.98 24.74 -53.98
N PHE L 94 13.89 25.70 -54.06
CA PHE L 94 13.60 27.11 -54.32
C PHE L 94 14.05 27.51 -55.72
N GLN L 95 13.86 28.78 -56.03
CA GLN L 95 14.28 29.32 -57.32
C GLN L 95 15.77 29.65 -57.23
N PRO L 96 16.58 29.29 -58.22
CA PRO L 96 18.00 29.61 -58.17
C PRO L 96 18.24 31.10 -57.95
N GLY L 97 19.34 31.41 -57.27
CA GLY L 97 19.67 32.79 -56.96
C GLY L 97 19.18 33.28 -55.62
N THR L 98 18.33 32.52 -54.94
CA THR L 98 18.01 32.83 -53.55
C THR L 98 19.18 32.42 -52.67
N ASP L 99 19.50 33.27 -51.70
CA ASP L 99 20.60 32.96 -50.80
C ASP L 99 20.26 31.77 -49.91
N PRO L 100 21.21 30.92 -49.56
CA PRO L 100 20.88 29.73 -48.76
C PRO L 100 20.55 30.04 -47.31
N GLU L 101 21.28 30.97 -46.68
CA GLU L 101 21.15 31.20 -45.25
C GLU L 101 19.74 31.68 -44.89
N LEU L 102 19.21 32.61 -45.68
CA LEU L 102 17.87 33.19 -45.39
C LEU L 102 16.80 32.12 -45.56
N ALA L 103 16.90 31.30 -46.60
CA ALA L 103 15.95 30.19 -46.74
C ALA L 103 16.05 29.25 -45.54
N GLN L 104 17.27 28.96 -45.09
CA GLN L 104 17.45 28.06 -43.97
C GLN L 104 16.81 28.62 -42.71
N VAL L 105 16.95 29.93 -42.48
CA VAL L 105 16.38 30.51 -41.26
C VAL L 105 14.86 30.52 -41.34
N ASP L 106 14.31 30.75 -42.54
CA ASP L 106 12.86 30.63 -42.68
C ASP L 106 12.38 29.23 -42.34
N VAL L 107 13.11 28.22 -42.83
CA VAL L 107 12.72 26.83 -42.57
C VAL L 107 12.77 26.51 -41.08
N GLN L 108 13.86 26.92 -40.41
CA GLN L 108 13.95 26.69 -38.98
C GLN L 108 12.89 27.47 -38.23
N ASN L 109 12.54 28.66 -38.74
CA ASN L 109 11.50 29.47 -38.14
C ASN L 109 10.16 28.75 -38.14
N ARG L 110 9.83 28.09 -39.26
CA ARG L 110 8.61 27.29 -39.28
C ARG L 110 8.73 26.03 -38.43
N LEU L 111 9.92 25.43 -38.42
CA LEU L 111 10.11 24.21 -37.63
C LEU L 111 9.90 24.47 -36.15
N LYS L 112 10.30 25.65 -35.69
CA LYS L 112 10.08 25.98 -34.27
C LYS L 112 8.60 26.08 -33.95
N LYS L 113 7.80 26.63 -34.86
CA LYS L 113 6.35 26.61 -34.67
C LYS L 113 5.83 25.18 -34.63
N ALA L 114 6.35 24.34 -35.52
CA ALA L 114 5.94 22.93 -35.51
C ALA L 114 6.25 22.26 -34.18
N GLU L 115 7.43 22.57 -33.60
CA GLU L 115 8.07 21.78 -32.54
C GLU L 115 7.06 21.25 -31.51
N ALA L 116 6.00 21.99 -31.28
CA ALA L 116 5.08 21.70 -30.18
C ALA L 116 4.28 20.40 -30.35
N ARG L 117 4.28 19.78 -31.54
CA ARG L 117 3.36 18.68 -31.82
C ARG L 117 4.04 17.32 -31.98
N MET L 118 5.36 17.24 -32.07
CA MET L 118 6.04 15.96 -32.22
C MET L 118 6.01 15.13 -30.95
N PRO L 119 6.20 13.81 -31.09
CA PRO L 119 6.40 12.96 -29.92
C PRO L 119 7.71 13.28 -29.22
N GLN L 120 7.79 12.93 -27.93
CA GLN L 120 8.95 13.27 -27.13
C GLN L 120 10.20 12.53 -27.59
N ALA L 121 10.04 11.34 -28.18
CA ALA L 121 11.20 10.55 -28.59
C ALA L 121 11.99 11.25 -29.70
N VAL L 122 11.30 11.73 -30.72
CA VAL L 122 11.97 12.44 -31.81
C VAL L 122 12.67 13.69 -31.28
N LEU L 123 12.00 14.41 -30.38
CA LEU L 123 12.56 15.65 -29.87
C LEU L 123 13.79 15.39 -29.02
N THR L 124 13.78 14.29 -28.26
CA THR L 124 14.99 13.85 -27.57
C THR L 124 16.10 13.52 -28.56
N LEU L 125 15.76 12.85 -29.65
CA LEU L 125 16.75 12.62 -30.71
C LEU L 125 17.04 13.88 -31.50
N GLY L 126 16.04 14.75 -31.69
CA GLY L 126 16.26 16.01 -32.37
C GLY L 126 16.07 15.95 -33.87
N ILE L 127 15.70 17.08 -34.46
CA ILE L 127 15.54 17.21 -35.91
C ILE L 127 16.80 17.83 -36.47
N GLN L 128 17.03 17.66 -37.77
CA GLN L 128 18.16 18.31 -38.42
C GLN L 128 17.71 19.03 -39.68
N THR L 129 18.22 20.25 -39.86
CA THR L 129 17.95 21.04 -41.06
C THR L 129 19.29 21.44 -41.67
N GLU L 130 19.48 21.12 -42.95
CA GLU L 130 20.75 21.40 -43.61
C GLU L 130 20.51 21.96 -45.00
N GLN L 131 21.40 22.84 -45.43
CA GLN L 131 21.42 23.28 -46.82
C GLN L 131 22.00 22.16 -47.67
N ALA L 132 21.17 21.60 -48.56
CA ALA L 132 21.55 20.43 -49.32
C ALA L 132 22.12 20.85 -50.67
N THR L 133 23.42 20.65 -50.84
CA THR L 133 24.05 20.72 -52.14
C THR L 133 24.09 19.30 -52.70
N ALA L 134 23.00 18.92 -53.38
CA ALA L 134 22.81 17.54 -53.80
C ALA L 134 23.99 17.09 -54.67
N GLY L 135 24.66 16.03 -54.23
CA GLY L 135 25.89 15.60 -54.86
C GLY L 135 27.06 15.70 -53.90
N PHE L 136 27.88 14.65 -53.84
CA PHE L 136 29.00 14.60 -52.91
C PHE L 136 30.28 15.00 -53.63
N LEU L 137 31.09 15.85 -52.97
CA LEU L 137 32.35 16.25 -53.58
C LEU L 137 33.30 15.06 -53.66
N LEU L 138 33.48 14.36 -52.55
CA LEU L 138 34.30 13.16 -52.53
C LEU L 138 33.76 12.23 -51.45
N ILE L 139 34.23 10.97 -51.49
CA ILE L 139 33.97 9.99 -50.46
C ILE L 139 35.33 9.54 -49.94
N TYR L 140 35.52 9.58 -48.63
CA TYR L 140 36.74 9.04 -48.04
C TYR L 140 36.40 7.81 -47.21
N SER L 141 37.22 6.77 -47.38
CA SER L 141 36.95 5.47 -46.78
C SER L 141 38.14 5.04 -45.93
N LEU L 142 37.84 4.39 -44.80
CA LEU L 142 38.84 3.76 -43.96
C LEU L 142 38.55 2.28 -43.87
N ARG L 143 39.59 1.46 -43.92
CA ARG L 143 39.44 0.01 -43.90
C ARG L 143 40.64 -0.60 -43.19
N TYR L 144 40.58 -1.90 -42.97
CA TYR L 144 41.73 -2.61 -42.42
C TYR L 144 42.59 -3.15 -43.55
N LYS L 145 43.91 -3.03 -43.37
CA LYS L 145 44.83 -3.42 -44.44
C LYS L 145 44.73 -4.90 -44.76
N ASP L 146 44.59 -5.74 -43.74
CA ASP L 146 44.62 -7.18 -43.91
C ASP L 146 43.32 -7.74 -44.46
N GLY L 147 42.26 -6.93 -44.54
CA GLY L 147 40.98 -7.43 -45.03
C GLY L 147 40.40 -8.54 -44.19
N ASP L 148 40.49 -8.42 -42.86
CA ASP L 148 40.00 -9.47 -41.98
C ASP L 148 38.49 -9.65 -42.12
N LYS L 149 38.06 -10.90 -42.19
CA LYS L 149 36.63 -11.20 -42.22
C LYS L 149 35.96 -10.84 -40.91
N ASN L 150 36.72 -10.80 -39.80
CA ASN L 150 36.22 -10.40 -38.50
C ASN L 150 36.46 -8.92 -38.22
N ALA L 151 36.62 -8.11 -39.26
CA ALA L 151 36.89 -6.68 -39.11
C ALA L 151 35.76 -6.01 -38.31
N ASN L 152 36.09 -5.50 -37.13
CA ASN L 152 35.11 -4.84 -36.28
C ASN L 152 34.87 -3.44 -36.82
N THR L 153 33.86 -3.33 -37.68
CA THR L 153 33.53 -2.05 -38.29
C THR L 153 33.07 -1.04 -37.24
N THR L 154 32.58 -1.51 -36.10
CA THR L 154 32.13 -0.59 -35.05
C THR L 154 33.29 0.19 -34.47
N ALA L 155 34.38 -0.52 -34.12
CA ALA L 155 35.54 0.16 -33.56
C ALA L 155 36.19 1.11 -34.57
N LEU L 156 36.28 0.68 -35.83
CA LEU L 156 36.82 1.53 -36.87
C LEU L 156 35.97 2.78 -37.07
N ALA L 157 34.65 2.62 -37.06
CA ALA L 157 33.76 3.77 -37.20
C ALA L 157 33.89 4.71 -36.02
N ASP L 158 34.04 4.16 -34.81
CA ASP L 158 34.24 5.01 -33.64
C ASP L 158 35.55 5.79 -33.75
N TYR L 159 36.61 5.14 -34.21
CA TYR L 159 37.87 5.84 -34.41
C TYR L 159 37.72 6.95 -35.44
N ALA L 160 37.01 6.67 -36.53
CA ALA L 160 36.81 7.67 -37.58
C ALA L 160 36.02 8.86 -37.03
N VAL L 161 34.99 8.60 -36.24
CA VAL L 161 34.19 9.68 -35.67
C VAL L 161 35.04 10.51 -34.72
N ARG L 162 35.87 9.86 -33.90
CA ARG L 162 36.62 10.59 -32.88
C ARG L 162 37.76 11.40 -33.49
N ASN L 163 38.44 10.86 -34.50
CA ASN L 163 39.69 11.42 -34.95
C ASN L 163 39.67 12.02 -36.35
N VAL L 164 38.69 11.69 -37.17
CA VAL L 164 38.75 12.06 -38.59
C VAL L 164 37.59 12.97 -38.98
N ASN L 165 36.37 12.57 -38.63
CA ASN L 165 35.19 13.28 -39.13
C ASN L 165 35.15 14.72 -38.64
N ASN L 166 35.50 14.95 -37.36
CA ASN L 166 35.48 16.31 -36.83
C ASN L 166 36.48 17.21 -37.54
N GLU L 167 37.69 16.71 -37.79
CA GLU L 167 38.67 17.51 -38.52
C GLU L 167 38.16 17.87 -39.90
N ILE L 168 37.58 16.90 -40.61
CA ILE L 168 37.09 17.17 -41.96
C ILE L 168 35.95 18.16 -41.95
N ARG L 169 34.99 18.00 -41.04
CA ARG L 169 33.86 18.93 -41.00
C ARG L 169 34.31 20.34 -40.59
N ARG L 170 35.41 20.45 -39.86
CA ARG L 170 35.95 21.77 -39.54
C ARG L 170 36.66 22.43 -40.72
N LEU L 171 37.17 21.65 -41.67
CA LEU L 171 37.92 22.21 -42.78
C LEU L 171 37.06 23.20 -43.57
N PRO L 172 37.64 24.29 -44.07
CA PRO L 172 36.87 25.21 -44.91
C PRO L 172 36.35 24.52 -46.17
N GLY L 173 35.14 24.88 -46.57
CA GLY L 173 34.58 24.40 -47.81
C GLY L 173 33.57 23.28 -47.68
N VAL L 174 33.61 22.48 -46.61
CA VAL L 174 32.70 21.35 -46.50
C VAL L 174 31.35 21.85 -45.99
N GLY L 175 30.29 21.52 -46.72
CA GLY L 175 28.96 21.87 -46.28
C GLY L 175 28.39 20.82 -45.35
N LYS L 176 28.63 19.55 -45.65
CA LYS L 176 28.04 18.47 -44.86
C LYS L 176 28.88 17.20 -44.95
N LEU L 177 28.87 16.43 -43.87
CA LEU L 177 29.41 15.07 -43.87
C LEU L 177 28.25 14.10 -43.75
N GLN L 178 28.00 13.32 -44.80
CA GLN L 178 27.06 12.21 -44.72
C GLN L 178 27.85 10.98 -44.29
N PHE L 179 27.66 10.55 -43.06
CA PHE L 179 28.36 9.40 -42.51
C PHE L 179 27.54 8.15 -42.80
N PHE L 180 28.12 7.24 -43.59
CA PHE L 180 27.43 6.01 -44.00
C PHE L 180 27.58 4.90 -42.98
N ASP L 181 27.86 5.24 -41.73
CA ASP L 181 27.89 4.28 -40.64
C ASP L 181 27.31 4.96 -39.40
N SER L 182 27.49 4.34 -38.24
CA SER L 182 26.97 4.87 -36.99
C SER L 182 28.07 4.88 -35.94
N GLU L 183 28.03 5.89 -35.09
CA GLU L 183 29.01 6.01 -34.02
C GLU L 183 28.67 5.04 -32.88
N ALA L 184 29.59 4.95 -31.93
CA ALA L 184 29.46 3.98 -30.85
C ALA L 184 28.33 4.34 -29.91
N ALA L 185 27.82 3.32 -29.21
CA ALA L 185 26.79 3.47 -28.20
C ALA L 185 26.82 2.24 -27.30
N MET L 186 26.19 2.35 -26.14
CA MET L 186 26.12 1.22 -25.23
C MET L 186 24.86 0.40 -25.53
N ARG L 187 25.04 -0.82 -26.01
CA ARG L 187 23.93 -1.68 -26.39
C ARG L 187 23.59 -2.60 -25.23
N VAL L 188 22.29 -2.66 -24.92
CA VAL L 188 21.74 -3.51 -23.86
C VAL L 188 20.78 -4.47 -24.54
N TRP L 189 21.26 -5.69 -24.83
CA TRP L 189 20.42 -6.70 -25.45
C TRP L 189 19.76 -7.49 -24.33
N ILE L 190 18.53 -7.12 -24.02
CA ILE L 190 17.78 -7.74 -22.94
C ILE L 190 17.17 -9.05 -23.42
N ASP L 191 17.07 -10.02 -22.51
CA ASP L 191 16.38 -11.27 -22.78
C ASP L 191 15.02 -11.20 -22.10
N PRO L 192 13.93 -11.03 -22.84
CA PRO L 192 12.62 -10.89 -22.19
C PRO L 192 12.22 -12.09 -21.35
N GLN L 193 12.65 -13.30 -21.75
CA GLN L 193 12.27 -14.49 -21.00
C GLN L 193 12.93 -14.51 -19.62
N LYS L 194 14.20 -14.10 -19.53
CA LYS L 194 14.84 -13.93 -18.21
C LYS L 194 14.07 -12.88 -17.39
N LEU L 195 13.62 -11.78 -17.98
CA LEU L 195 12.82 -10.79 -17.28
C LEU L 195 11.54 -11.42 -16.75
N VAL L 196 10.91 -12.29 -17.54
CA VAL L 196 9.72 -12.98 -17.09
C VAL L 196 10.04 -13.89 -15.91
N GLY L 197 11.16 -14.62 -16.01
CA GLY L 197 11.54 -15.52 -14.95
C GLY L 197 11.82 -14.83 -13.63
N TYR L 198 12.39 -13.64 -13.68
CA TYR L 198 12.67 -12.87 -12.48
C TYR L 198 11.54 -11.94 -12.07
N GLY L 199 10.38 -12.03 -12.73
CA GLY L 199 9.26 -11.18 -12.38
C GLY L 199 9.50 -9.72 -12.62
N LEU L 200 10.22 -9.39 -13.68
CA LEU L 200 10.58 -8.01 -14.00
C LEU L 200 10.00 -7.63 -15.36
N SER L 201 9.64 -6.35 -15.48
CA SER L 201 9.17 -5.80 -16.74
C SER L 201 10.28 -5.00 -17.41
N ILE L 202 10.06 -4.71 -18.70
CA ILE L 202 11.07 -3.99 -19.46
C ILE L 202 11.16 -2.54 -19.00
N ASP L 203 10.03 -1.91 -18.67
CA ASP L 203 10.08 -0.55 -18.17
C ASP L 203 10.84 -0.47 -16.85
N ASP L 204 10.88 -1.56 -16.08
CA ASP L 204 11.69 -1.59 -14.88
C ASP L 204 13.16 -1.43 -15.20
N VAL L 205 13.65 -2.16 -16.20
CA VAL L 205 15.06 -2.03 -16.57
C VAL L 205 15.31 -0.65 -17.16
N ASN L 206 14.33 -0.11 -17.89
CA ASN L 206 14.47 1.24 -18.43
C ASN L 206 14.63 2.26 -17.32
N ASN L 207 13.78 2.18 -16.30
CA ASN L 207 13.84 3.15 -15.19
C ASN L 207 15.11 2.96 -14.38
N ALA L 208 15.54 1.72 -14.18
CA ALA L 208 16.78 1.48 -13.45
C ALA L 208 17.97 2.07 -14.19
N ILE L 209 18.04 1.89 -15.51
CA ILE L 209 19.12 2.49 -16.28
C ILE L 209 19.03 4.01 -16.21
N ARG L 210 17.82 4.55 -16.30
CA ARG L 210 17.65 5.99 -16.29
C ARG L 210 18.09 6.61 -14.96
N THR L 211 17.75 5.98 -13.84
CA THR L 211 18.04 6.55 -12.54
C THR L 211 19.45 6.27 -12.05
N GLN L 212 20.05 5.16 -12.48
CA GLN L 212 21.39 4.80 -12.00
C GLN L 212 22.51 5.31 -12.89
N ASN L 213 22.28 5.46 -14.19
CA ASN L 213 23.27 6.03 -15.10
C ASN L 213 22.89 7.48 -15.36
N VAL L 214 23.16 8.33 -14.38
CA VAL L 214 22.88 9.76 -14.47
C VAL L 214 24.02 10.52 -13.81
N GLN L 215 24.45 11.61 -14.45
CA GLN L 215 25.46 12.48 -13.86
C GLN L 215 24.88 13.19 -12.65
N VAL L 216 25.72 13.48 -11.66
CA VAL L 216 25.29 14.09 -10.41
C VAL L 216 25.93 15.47 -10.33
N PRO L 217 25.18 16.56 -10.39
CA PRO L 217 25.76 17.88 -10.16
C PRO L 217 25.76 18.25 -8.69
N ALA L 218 26.71 17.68 -7.94
CA ALA L 218 26.70 17.85 -6.48
C ALA L 218 27.02 19.28 -6.06
N GLY L 219 28.22 19.74 -6.41
CA GLY L 219 28.63 21.08 -6.04
C GLY L 219 29.89 21.12 -5.23
N ALA L 220 30.03 22.12 -4.36
CA ALA L 220 31.22 22.31 -3.56
C ALA L 220 30.85 22.84 -2.19
N PHE L 221 31.51 22.33 -1.16
CA PHE L 221 31.31 22.84 0.18
C PHE L 221 32.10 24.14 0.35
N GLY L 222 31.76 24.92 1.36
CA GLY L 222 32.43 26.19 1.57
C GLY L 222 32.08 27.24 0.54
N SER L 223 30.97 27.03 -0.15
CA SER L 223 30.58 27.91 -1.24
C SER L 223 29.88 29.16 -0.72
N THR L 224 29.81 30.17 -1.57
CA THR L 224 29.13 31.41 -1.23
C THR L 224 27.63 31.17 -1.08
N PRO L 225 27.00 31.72 -0.04
CA PRO L 225 27.58 32.51 1.06
C PRO L 225 28.41 31.67 2.01
N GLY L 226 29.68 31.97 2.15
CA GLY L 226 30.58 31.22 3.01
C GLY L 226 30.79 31.93 4.33
N SER L 227 30.93 31.14 5.39
CA SER L 227 31.12 31.71 6.72
C SER L 227 32.44 32.44 6.81
N SER L 228 32.52 33.39 7.74
CA SER L 228 33.73 34.18 7.91
C SER L 228 34.90 33.31 8.36
N GLU L 229 34.61 32.11 8.83
CA GLU L 229 35.66 31.25 9.39
C GLU L 229 36.24 30.32 8.33
N GLN L 230 35.41 29.52 7.68
CA GLN L 230 35.90 28.45 6.81
C GLN L 230 36.58 29.01 5.57
N GLU L 231 37.64 28.33 5.11
CA GLU L 231 38.49 28.86 4.02
C GLU L 231 38.98 27.76 3.04
N LEU L 232 38.18 26.72 2.79
CA LEU L 232 38.55 25.78 1.74
C LEU L 232 37.43 25.31 0.81
N THR L 233 36.69 26.21 0.17
CA THR L 233 35.75 25.79 -0.87
C THR L 233 36.42 24.77 -1.80
N ALA L 234 35.80 23.59 -1.92
CA ALA L 234 36.36 22.51 -2.71
C ALA L 234 35.24 21.64 -3.26
N THR L 235 35.49 21.03 -4.41
CA THR L 235 34.43 20.36 -5.17
C THR L 235 34.09 19.00 -4.56
N LEU L 236 32.91 18.48 -4.92
CA LEU L 236 32.44 17.21 -4.37
C LEU L 236 32.54 16.08 -5.39
N THR L 237 32.44 16.38 -6.68
CA THR L 237 32.79 15.48 -7.78
C THR L 237 32.34 14.03 -7.63
N VAL L 238 31.02 13.81 -7.60
CA VAL L 238 30.43 12.49 -7.49
C VAL L 238 30.51 11.79 -8.85
N LYS L 239 30.79 10.49 -8.83
CA LYS L 239 30.78 9.66 -10.04
C LYS L 239 29.35 9.22 -10.30
N GLY L 240 28.78 9.67 -11.42
CA GLY L 240 27.41 9.33 -11.75
C GLY L 240 27.24 8.39 -12.93
N THR L 241 28.02 8.59 -13.99
CA THR L 241 27.86 7.82 -15.21
C THR L 241 28.77 6.61 -15.22
N LEU L 242 28.39 5.61 -16.00
CA LEU L 242 29.18 4.40 -16.14
C LEU L 242 29.97 4.43 -17.45
N ASP L 243 31.16 3.83 -17.41
CA ASP L 243 32.13 3.99 -18.48
C ASP L 243 32.25 2.77 -19.39
N ASN L 244 32.20 1.57 -18.84
CA ASN L 244 32.54 0.35 -19.56
C ASN L 244 31.47 -0.70 -19.31
N PRO L 245 31.37 -1.71 -20.18
CA PRO L 245 30.26 -2.67 -20.07
C PRO L 245 30.17 -3.39 -18.73
N GLU L 246 31.30 -3.64 -18.08
CA GLU L 246 31.27 -4.30 -16.77
C GLU L 246 30.49 -3.47 -15.75
N GLU L 247 30.71 -2.16 -15.74
CA GLU L 247 29.98 -1.30 -14.80
C GLU L 247 28.49 -1.30 -15.10
N PHE L 248 28.13 -1.28 -16.38
CA PHE L 248 26.71 -1.34 -16.75
C PHE L 248 26.08 -2.65 -16.32
N ALA L 249 26.82 -3.76 -16.43
CA ALA L 249 26.30 -5.04 -15.99
C ALA L 249 26.11 -5.07 -14.47
N ALA L 250 26.74 -4.15 -13.75
CA ALA L 250 26.57 -4.06 -12.31
C ALA L 250 25.38 -3.20 -11.89
N ILE L 251 24.61 -2.69 -12.85
CA ILE L 251 23.40 -1.94 -12.52
C ILE L 251 22.43 -2.84 -11.78
N VAL L 252 21.92 -2.36 -10.65
CA VAL L 252 21.07 -3.18 -9.79
C VAL L 252 19.60 -2.95 -10.16
N LEU L 253 18.89 -4.05 -10.42
CA LEU L 253 17.46 -4.01 -10.70
C LEU L 253 16.63 -4.26 -9.45
N ARG L 254 17.01 -5.23 -8.64
CA ARG L 254 16.28 -5.56 -7.43
C ARG L 254 17.25 -6.16 -6.41
N ALA L 255 17.24 -5.61 -5.20
CA ALA L 255 18.11 -6.07 -4.13
C ALA L 255 17.33 -6.16 -2.85
N ASN L 256 17.61 -7.19 -2.05
CA ASN L 256 16.93 -7.44 -0.80
C ASN L 256 17.78 -6.98 0.38
N GLN L 257 17.17 -7.03 1.57
CA GLN L 257 17.86 -6.57 2.77
C GLN L 257 19.01 -7.50 3.14
N ASP L 258 18.87 -8.79 2.89
CA ASP L 258 19.91 -9.75 3.27
C ASP L 258 21.21 -9.46 2.54
N GLY L 259 21.13 -9.08 1.27
CA GLY L 259 22.32 -8.77 0.51
C GLY L 259 22.28 -9.26 -0.92
N SER L 260 21.32 -10.13 -1.22
CA SER L 260 21.21 -10.65 -2.58
C SER L 260 20.74 -9.55 -3.52
N ARG L 261 21.34 -9.50 -4.71
CA ARG L 261 21.05 -8.45 -5.67
C ARG L 261 20.80 -9.07 -7.04
N LEU L 262 19.76 -8.61 -7.71
CA LEU L 262 19.58 -8.88 -9.13
C LEU L 262 20.23 -7.74 -9.91
N THR L 263 21.07 -8.08 -10.88
CA THR L 263 21.79 -7.09 -11.66
C THR L 263 21.41 -7.15 -13.13
N LEU L 264 21.76 -6.09 -13.86
CA LEU L 264 21.45 -6.03 -15.28
C LEU L 264 22.11 -7.16 -16.05
N GLY L 265 23.36 -7.47 -15.72
CA GLY L 265 24.08 -8.53 -16.40
C GLY L 265 23.40 -9.88 -16.29
N ASP L 266 22.61 -10.10 -15.25
CA ASP L 266 21.89 -11.35 -15.08
C ASP L 266 20.80 -11.55 -16.12
N VAL L 267 20.26 -10.47 -16.68
CA VAL L 267 19.13 -10.54 -17.59
C VAL L 267 19.44 -10.03 -18.98
N ALA L 268 20.53 -9.30 -19.16
CA ALA L 268 20.83 -8.68 -20.45
C ALA L 268 22.32 -8.81 -20.75
N ARG L 269 22.63 -8.89 -22.05
CA ARG L 269 23.99 -8.83 -22.53
C ARG L 269 24.36 -7.38 -22.79
N ILE L 270 25.44 -6.92 -22.19
CA ILE L 270 25.86 -5.52 -22.24
C ILE L 270 27.11 -5.44 -23.09
N GLU L 271 27.11 -4.55 -24.09
CA GLU L 271 28.30 -4.38 -24.89
C GLU L 271 28.35 -2.97 -25.46
N VAL L 272 29.43 -2.69 -26.18
CA VAL L 272 29.58 -1.43 -26.90
C VAL L 272 29.39 -1.73 -28.39
N GLY L 273 28.32 -1.22 -28.97
CA GLY L 273 28.03 -1.48 -30.36
C GLY L 273 27.72 -0.22 -31.13
N SER L 274 27.06 -0.35 -32.27
CA SER L 274 26.64 0.82 -33.03
C SER L 274 25.34 1.37 -32.47
N GLN L 275 25.21 2.70 -32.49
CA GLN L 275 23.95 3.31 -32.11
C GLN L 275 22.83 2.90 -33.05
N ASP L 276 23.14 2.81 -34.33
CA ASP L 276 22.15 2.48 -35.35
C ASP L 276 22.72 1.41 -36.27
N TYR L 277 21.82 0.60 -36.85
CA TYR L 277 22.22 -0.47 -37.75
C TYR L 277 21.53 -0.39 -39.11
N ASN L 278 20.95 0.77 -39.47
CA ASN L 278 20.27 0.88 -40.75
C ASN L 278 21.24 0.85 -41.92
N PHE L 279 22.44 1.39 -41.76
CA PHE L 279 23.37 1.55 -42.86
C PHE L 279 24.64 0.74 -42.64
N GLY L 280 25.23 0.31 -43.75
CA GLY L 280 26.52 -0.36 -43.71
C GLY L 280 27.28 -0.06 -44.98
N SER L 281 28.62 -0.13 -44.87
CA SER L 281 29.48 0.22 -46.03
C SER L 281 30.49 -0.88 -46.32
N ARG L 282 30.61 -1.28 -47.58
CA ARG L 282 31.59 -2.26 -48.04
C ARG L 282 32.39 -1.64 -49.17
N GLN L 283 33.64 -2.07 -49.29
CA GLN L 283 34.51 -1.64 -50.38
C GLN L 283 35.26 -2.86 -50.89
N ASP L 284 35.06 -3.18 -52.16
CA ASP L 284 35.74 -4.29 -52.83
C ASP L 284 35.60 -5.58 -52.03
N GLY L 285 34.39 -5.84 -51.54
CA GLY L 285 34.09 -7.05 -50.83
C GLY L 285 34.48 -7.07 -49.37
N LYS L 286 35.06 -5.98 -48.86
CA LYS L 286 35.46 -6.00 -47.47
C LYS L 286 34.69 -4.94 -46.68
N PRO L 287 34.22 -5.25 -45.47
CA PRO L 287 33.55 -4.23 -44.67
C PRO L 287 34.49 -3.06 -44.39
N ALA L 288 33.94 -1.85 -44.48
CA ALA L 288 34.73 -0.65 -44.31
C ALA L 288 33.83 0.46 -43.78
N VAL L 289 34.45 1.57 -43.39
CA VAL L 289 33.71 2.76 -42.98
C VAL L 289 33.99 3.85 -44.01
N ALA L 290 33.03 4.75 -44.21
CA ALA L 290 33.18 5.78 -45.22
C ALA L 290 32.32 6.97 -44.88
N ALA L 291 32.68 8.12 -45.46
CA ALA L 291 31.93 9.34 -45.26
C ALA L 291 32.02 10.20 -46.51
N ALA L 292 30.90 10.84 -46.85
CA ALA L 292 30.79 11.67 -48.04
C ALA L 292 30.87 13.14 -47.65
N VAL L 293 31.79 13.86 -48.28
CA VAL L 293 31.95 15.29 -48.05
C VAL L 293 31.18 16.05 -49.12
N GLN L 294 30.28 16.92 -48.70
CA GLN L 294 29.48 17.75 -49.58
C GLN L 294 29.93 19.20 -49.45
N LEU L 295 30.34 19.77 -50.59
CA LEU L 295 30.96 21.09 -50.64
C LEU L 295 30.01 22.17 -50.16
N SER L 296 30.56 23.17 -49.46
CA SER L 296 29.79 24.37 -49.17
C SER L 296 29.73 25.26 -50.41
N PRO L 297 28.66 26.02 -50.58
CA PRO L 297 28.53 26.86 -51.78
C PRO L 297 29.63 27.90 -51.86
N GLY L 298 30.01 28.22 -53.10
CA GLY L 298 30.97 29.28 -53.35
C GLY L 298 32.36 29.01 -52.81
N ALA L 299 32.93 27.85 -53.10
CA ALA L 299 34.24 27.46 -52.60
C ALA L 299 35.09 26.93 -53.74
N ASN L 300 36.41 27.10 -53.62
CA ASN L 300 37.33 26.50 -54.57
C ASN L 300 37.27 24.98 -54.47
N ALA L 301 37.63 24.30 -55.57
CA ALA L 301 37.63 22.85 -55.60
C ALA L 301 39.03 22.27 -55.57
N ILE L 302 39.90 22.69 -56.50
CA ILE L 302 41.25 22.11 -56.55
C ILE L 302 42.01 22.44 -55.27
N GLN L 303 41.85 23.66 -54.77
CA GLN L 303 42.46 24.01 -53.49
C GLN L 303 41.82 23.24 -52.35
N THR L 304 40.49 23.13 -52.36
CA THR L 304 39.81 22.40 -51.29
C THR L 304 40.10 20.90 -51.37
N ALA L 305 40.10 20.33 -52.58
CA ALA L 305 40.41 18.92 -52.72
C ALA L 305 41.86 18.63 -52.31
N GLU L 306 42.79 19.50 -52.71
CA GLU L 306 44.18 19.32 -52.31
C GLU L 306 44.32 19.46 -50.80
N ALA L 307 43.58 20.40 -50.20
CA ALA L 307 43.63 20.56 -48.76
C ALA L 307 43.08 19.34 -48.04
N VAL L 308 41.98 18.78 -48.54
CA VAL L 308 41.41 17.58 -47.93
C VAL L 308 42.38 16.41 -48.05
N LYS L 309 42.97 16.23 -49.24
CA LYS L 309 43.93 15.15 -49.42
C LYS L 309 45.14 15.33 -48.52
N GLN L 310 45.64 16.57 -48.41
CA GLN L 310 46.82 16.83 -47.59
C GLN L 310 46.51 16.65 -46.11
N ARG L 311 45.34 17.08 -45.66
CA ARG L 311 44.94 16.88 -44.28
C ARG L 311 44.78 15.40 -43.96
N LEU L 312 44.19 14.65 -44.88
CA LEU L 312 44.04 13.21 -44.70
C LEU L 312 45.41 12.52 -44.69
N THR L 313 46.34 13.00 -45.51
CA THR L 313 47.68 12.45 -45.51
C THR L 313 48.40 12.78 -44.20
N GLU L 314 48.21 13.98 -43.68
CA GLU L 314 48.82 14.37 -42.42
C GLU L 314 48.26 13.53 -41.27
N LEU L 315 46.96 13.24 -41.31
CA LEU L 315 46.38 12.34 -40.33
C LEU L 315 46.81 10.90 -40.57
N SER L 316 47.25 10.58 -41.79
CA SER L 316 47.75 9.23 -42.08
C SER L 316 48.97 8.90 -41.25
N ALA L 317 49.65 9.90 -40.71
CA ALA L 317 50.71 9.66 -39.75
C ALA L 317 50.20 9.17 -38.41
N ASN L 318 48.89 9.19 -38.19
CA ASN L 318 48.31 8.88 -36.88
C ASN L 318 47.29 7.76 -36.91
N PHE L 319 46.95 7.24 -38.09
CA PHE L 319 46.06 6.10 -38.13
C PHE L 319 46.77 4.87 -37.56
N PRO L 320 46.04 3.98 -36.90
CA PRO L 320 46.61 2.68 -36.55
C PRO L 320 47.18 1.97 -37.77
N ASP L 321 48.11 1.04 -37.50
CA ASP L 321 48.85 0.40 -38.58
C ASP L 321 47.98 -0.55 -39.38
N ASN L 322 47.04 -1.23 -38.72
CA ASN L 322 46.17 -2.15 -39.43
C ASN L 322 45.14 -1.44 -40.30
N VAL L 323 44.87 -0.15 -40.06
CA VAL L 323 43.90 0.58 -40.87
C VAL L 323 44.64 1.43 -41.90
N GLU L 324 44.08 1.45 -43.11
CA GLU L 324 44.54 2.30 -44.19
C GLU L 324 43.35 3.10 -44.72
N PHE L 325 43.65 4.30 -45.18
CA PHE L 325 42.67 5.19 -45.78
C PHE L 325 42.72 5.07 -47.30
N SER L 326 41.65 5.54 -47.93
CA SER L 326 41.60 5.61 -49.38
C SER L 326 40.52 6.61 -49.77
N VAL L 327 40.58 7.04 -51.03
CA VAL L 327 39.58 7.95 -51.58
C VAL L 327 39.01 7.27 -52.82
N PRO L 328 38.10 6.29 -52.64
CA PRO L 328 37.54 5.59 -53.80
C PRO L 328 36.67 6.47 -54.68
N TYR L 329 36.19 7.61 -54.17
CA TYR L 329 35.34 8.50 -54.94
C TYR L 329 35.87 9.92 -54.81
N ASP L 330 36.17 10.55 -55.94
CA ASP L 330 36.69 11.91 -55.93
C ASP L 330 36.34 12.55 -57.27
N THR L 331 35.40 13.51 -57.24
CA THR L 331 35.02 14.21 -58.46
C THR L 331 36.10 15.17 -58.94
N SER L 332 36.86 15.77 -58.01
CA SER L 332 37.79 16.84 -58.36
C SER L 332 38.77 16.41 -59.45
N ARG L 333 39.23 15.16 -59.41
CA ARG L 333 40.17 14.68 -60.42
C ARG L 333 39.64 14.97 -61.82
N PHE L 334 38.37 14.65 -62.07
CA PHE L 334 37.77 14.92 -63.37
C PHE L 334 37.98 16.38 -63.75
N VAL L 335 37.60 17.29 -62.84
CA VAL L 335 37.76 18.71 -63.12
C VAL L 335 39.19 19.00 -63.51
N ASP L 336 40.14 18.51 -62.71
CA ASP L 336 41.55 18.70 -63.02
C ASP L 336 41.82 18.27 -64.46
N VAL L 337 41.53 17.01 -64.77
CA VAL L 337 41.80 16.52 -66.12
C VAL L 337 41.12 17.44 -67.12
N ALA L 338 39.85 17.78 -66.86
CA ALA L 338 39.11 18.60 -67.81
C ALA L 338 39.87 19.89 -68.11
N ILE L 339 40.24 20.64 -67.07
CA ILE L 339 40.83 21.94 -67.35
C ILE L 339 42.16 21.74 -68.07
N ASP L 340 42.92 20.71 -67.68
CA ASP L 340 44.17 20.43 -68.37
C ASP L 340 43.91 20.24 -69.85
N LYS L 341 42.95 19.37 -70.19
CA LYS L 341 42.63 19.17 -71.61
C LYS L 341 42.32 20.50 -72.26
N VAL L 342 41.49 21.32 -71.62
CA VAL L 342 41.12 22.60 -72.20
C VAL L 342 42.36 23.43 -72.45
N ILE L 343 43.24 23.53 -71.45
CA ILE L 343 44.41 24.40 -71.63
C ILE L 343 45.25 23.89 -72.79
N MET L 344 45.28 22.57 -72.97
CA MET L 344 46.06 22.02 -74.08
C MET L 344 45.46 22.49 -75.40
N THR L 345 44.12 22.46 -75.51
CA THR L 345 43.50 23.04 -76.70
C THR L 345 43.88 24.50 -76.83
N LEU L 346 43.84 25.23 -75.71
CA LEU L 346 44.12 26.66 -75.76
C LEU L 346 45.51 26.91 -76.34
N ILE L 347 46.42 25.95 -76.17
CA ILE L 347 47.76 26.13 -76.70
C ILE L 347 47.77 25.87 -78.20
N GLU L 348 47.21 24.73 -78.63
CA GLU L 348 47.42 24.30 -80.01
C GLU L 348 46.79 25.28 -80.99
N ALA L 349 45.53 25.65 -80.75
CA ALA L 349 44.91 26.68 -81.58
C ALA L 349 45.80 27.92 -81.63
N MET L 350 46.35 28.32 -80.49
CA MET L 350 47.20 29.49 -80.43
C MET L 350 48.37 29.37 -81.40
N VAL L 351 48.99 28.19 -81.48
CA VAL L 351 50.06 28.00 -82.45
C VAL L 351 49.48 27.95 -83.87
N LEU L 352 48.35 27.24 -84.03
CA LEU L 352 47.78 27.08 -85.36
C LEU L 352 47.43 28.43 -85.96
N VAL L 353 46.72 29.26 -85.20
CA VAL L 353 46.40 30.60 -85.65
C VAL L 353 47.67 31.33 -86.04
N PHE L 354 48.71 31.23 -85.20
CA PHE L 354 49.99 31.88 -85.51
C PHE L 354 50.48 31.45 -86.88
N LEU L 355 50.51 30.14 -87.14
CA LEU L 355 50.96 29.65 -88.44
C LEU L 355 50.17 30.30 -89.56
N VAL L 356 48.86 30.41 -89.38
CA VAL L 356 48.00 31.00 -90.40
C VAL L 356 48.48 32.41 -90.74
N MET L 357 48.75 33.22 -89.71
CA MET L 357 49.24 34.56 -90.00
C MET L 357 50.56 34.51 -90.74
N PHE L 358 51.48 33.62 -90.33
CA PHE L 358 52.73 33.51 -91.04
C PHE L 358 52.50 33.11 -92.49
N LEU L 359 51.42 32.37 -92.76
CA LEU L 359 51.13 31.98 -94.12
C LEU L 359 50.68 33.18 -94.96
N PHE L 360 50.03 34.15 -94.33
CA PHE L 360 49.48 35.26 -95.10
C PHE L 360 50.37 36.50 -95.07
N LEU L 361 50.77 36.94 -93.88
CA LEU L 361 51.63 38.12 -93.78
C LEU L 361 53.03 37.86 -94.28
N GLN L 362 53.49 36.60 -94.25
CA GLN L 362 54.78 36.20 -94.81
C GLN L 362 55.95 36.96 -94.19
N ASN L 363 55.80 37.34 -92.91
CA ASN L 363 56.87 38.05 -92.20
C ASN L 363 56.66 37.83 -90.71
N VAL L 364 57.76 37.74 -89.97
CA VAL L 364 57.66 37.47 -88.53
C VAL L 364 57.05 38.66 -87.79
N ARG L 365 57.52 39.87 -88.09
CA ARG L 365 57.14 41.03 -87.31
C ARG L 365 55.67 41.38 -87.50
N TYR L 366 55.15 41.19 -88.71
CA TYR L 366 53.73 41.44 -88.95
C TYR L 366 52.86 40.40 -88.26
N THR L 367 53.34 39.16 -88.20
CA THR L 367 52.62 38.10 -87.50
C THR L 367 52.65 38.30 -85.99
N LEU L 368 53.68 38.98 -85.47
CA LEU L 368 53.89 39.03 -84.03
C LEU L 368 52.81 39.82 -83.29
N ILE L 369 52.22 40.83 -83.92
CA ILE L 369 51.35 41.79 -83.24
C ILE L 369 50.09 41.14 -82.64
N PRO L 370 49.24 40.47 -83.41
CA PRO L 370 48.01 39.93 -82.81
C PRO L 370 48.28 38.86 -81.78
N SER L 371 49.34 38.07 -81.96
CA SER L 371 49.71 37.09 -80.95
C SER L 371 50.06 37.76 -79.63
N ILE L 372 50.47 39.02 -79.68
CA ILE L 372 50.72 39.77 -78.45
C ILE L 372 49.43 40.39 -77.92
N VAL L 373 48.53 40.82 -78.81
CA VAL L 373 47.33 41.52 -78.33
C VAL L 373 46.35 40.55 -77.67
N VAL L 374 46.29 39.30 -78.14
CA VAL L 374 45.25 38.38 -77.66
C VAL L 374 45.36 38.07 -76.16
N PRO L 375 46.52 37.63 -75.63
CA PRO L 375 46.53 37.23 -74.22
C PRO L 375 46.23 38.35 -73.26
N VAL L 376 46.47 39.60 -73.66
CA VAL L 376 46.05 40.74 -72.85
C VAL L 376 44.53 40.71 -72.69
N CYS L 377 43.83 40.46 -73.78
CA CYS L 377 42.38 40.34 -73.72
C CYS L 377 41.96 39.18 -72.83
N LEU L 378 42.68 38.05 -72.93
CA LEU L 378 42.35 36.92 -72.06
C LEU L 378 42.49 37.28 -70.59
N LEU L 379 43.57 37.96 -70.23
CA LEU L 379 43.82 38.31 -68.83
C LEU L 379 42.78 39.30 -68.32
N GLY L 380 42.44 40.30 -69.13
CA GLY L 380 41.38 41.21 -68.75
C GLY L 380 40.04 40.50 -68.58
N THR L 381 39.77 39.53 -69.46
CA THR L 381 38.55 38.75 -69.34
C THR L 381 38.51 37.99 -68.02
N LEU L 382 39.64 37.41 -67.62
CA LEU L 382 39.71 36.72 -66.34
C LEU L 382 39.47 37.68 -65.18
N THR L 383 40.05 38.88 -65.25
CA THR L 383 39.84 39.86 -64.19
C THR L 383 38.37 40.20 -64.04
N PHE L 384 37.71 40.53 -65.15
CA PHE L 384 36.29 40.89 -65.07
C PHE L 384 35.45 39.68 -64.68
N MET L 385 35.91 38.48 -65.03
CA MET L 385 35.22 37.27 -64.60
C MET L 385 35.25 37.13 -63.09
N TYR L 386 36.40 37.42 -62.47
CA TYR L 386 36.47 37.40 -61.02
C TYR L 386 35.59 38.49 -60.41
N LEU L 387 35.61 39.69 -61.01
CA LEU L 387 34.84 40.78 -60.43
C LEU L 387 33.34 40.48 -60.39
N LEU L 388 32.88 39.59 -61.25
CA LEU L 388 31.48 39.17 -61.25
C LEU L 388 31.23 37.91 -60.42
N GLY L 389 32.28 37.34 -59.83
CA GLY L 389 32.10 36.16 -59.00
C GLY L 389 31.88 34.87 -59.76
N PHE L 390 32.44 34.75 -60.96
CA PHE L 390 32.31 33.53 -61.73
C PHE L 390 33.43 32.56 -61.40
N SER L 391 33.40 31.39 -62.02
CA SER L 391 34.33 30.32 -61.67
C SER L 391 35.07 29.78 -62.87
N VAL L 392 36.18 29.12 -62.59
CA VAL L 392 36.95 28.39 -63.60
C VAL L 392 36.29 27.01 -63.74
N ASN L 393 35.26 26.94 -64.59
CA ASN L 393 34.47 25.73 -64.76
C ASN L 393 34.32 25.47 -66.25
N MET L 394 34.27 24.18 -66.61
CA MET L 394 34.49 23.79 -68.01
C MET L 394 33.69 24.61 -69.00
N MET L 395 32.51 25.10 -68.60
CA MET L 395 31.73 25.91 -69.54
C MET L 395 32.45 27.19 -69.87
N THR L 396 33.07 27.82 -68.86
CA THR L 396 33.88 28.99 -69.15
C THR L 396 35.13 28.59 -69.93
N MET L 397 35.67 27.39 -69.68
CA MET L 397 36.82 26.93 -70.47
C MET L 397 36.48 26.85 -71.95
N PHE L 398 35.35 26.23 -72.28
CA PHE L 398 34.85 26.30 -73.64
C PHE L 398 34.67 27.76 -74.06
N GLY L 399 34.23 28.59 -73.11
CA GLY L 399 34.12 30.01 -73.37
C GLY L 399 35.34 30.58 -74.04
N MET L 400 36.47 30.57 -73.31
CA MET L 400 37.72 31.19 -73.82
C MET L 400 38.31 30.42 -74.99
N VAL L 401 38.12 29.09 -75.05
CA VAL L 401 38.76 28.37 -76.14
C VAL L 401 38.10 28.71 -77.47
N LEU L 402 36.78 28.92 -77.48
CA LEU L 402 36.18 29.39 -78.75
C LEU L 402 36.27 30.92 -78.81
N ALA L 403 36.54 31.57 -77.68
CA ALA L 403 36.75 33.02 -77.74
C ALA L 403 37.99 33.35 -78.54
N ILE L 404 39.07 32.57 -78.36
CA ILE L 404 40.31 32.80 -79.08
C ILE L 404 40.03 33.18 -80.54
N GLY L 405 39.12 32.45 -81.17
CA GLY L 405 38.88 32.63 -82.59
C GLY L 405 38.08 33.86 -82.95
N ILE L 406 37.22 34.33 -82.04
CA ILE L 406 36.52 35.59 -82.33
C ILE L 406 37.38 36.77 -81.91
N LEU L 407 38.20 36.59 -80.89
CA LEU L 407 39.10 37.64 -80.47
C LEU L 407 40.10 37.94 -81.59
N VAL L 408 40.64 36.89 -82.22
CA VAL L 408 41.74 37.13 -83.16
C VAL L 408 41.30 37.96 -84.36
N ASP L 409 40.01 37.93 -84.71
CA ASP L 409 39.59 38.51 -85.99
C ASP L 409 39.75 40.03 -86.00
N ASP L 410 39.53 40.68 -84.86
CA ASP L 410 39.68 42.13 -84.82
C ASP L 410 41.12 42.55 -85.09
N ALA L 411 42.07 41.92 -84.39
CA ALA L 411 43.48 42.18 -84.68
C ALA L 411 43.81 41.77 -86.11
N ILE L 412 43.18 40.71 -86.61
CA ILE L 412 43.45 40.25 -87.97
C ILE L 412 43.08 41.33 -88.97
N VAL L 413 41.87 41.90 -88.82
CA VAL L 413 41.43 42.89 -89.79
C VAL L 413 42.27 44.15 -89.67
N VAL L 414 42.62 44.55 -88.44
CA VAL L 414 43.44 45.76 -88.28
C VAL L 414 44.80 45.58 -88.94
N VAL L 415 45.50 44.49 -88.61
CA VAL L 415 46.84 44.28 -89.12
C VAL L 415 46.82 44.05 -90.63
N GLU L 416 45.78 43.37 -91.13
CA GLU L 416 45.70 43.11 -92.55
C GLU L 416 45.37 44.37 -93.32
N ASN L 417 44.57 45.26 -92.74
CA ASN L 417 44.29 46.53 -93.37
C ASN L 417 45.55 47.39 -93.45
N VAL L 418 46.31 47.47 -92.35
CA VAL L 418 47.52 48.28 -92.40
C VAL L 418 48.54 47.65 -93.35
N GLU L 419 48.57 46.31 -93.42
CA GLU L 419 49.42 45.65 -94.41
C GLU L 419 49.02 46.01 -95.82
N ARG L 420 47.72 46.00 -96.10
CA ARG L 420 47.25 46.34 -97.45
C ARG L 420 47.63 47.76 -97.82
N ILE L 421 47.42 48.71 -96.91
CA ILE L 421 47.75 50.09 -97.21
C ILE L 421 49.27 50.26 -97.35
N MET L 422 50.03 49.52 -96.54
CA MET L 422 51.47 49.51 -96.69
C MET L 422 51.85 49.03 -98.09
N ALA L 423 51.23 47.96 -98.55
CA ALA L 423 51.63 47.43 -99.84
C ALA L 423 51.18 48.33 -101.00
N GLU L 424 50.03 48.99 -100.84
CA GLU L 424 49.45 49.74 -101.95
C GLU L 424 50.01 51.14 -102.06
N GLU L 425 49.97 51.91 -100.97
CA GLU L 425 50.35 53.31 -101.01
C GLU L 425 51.79 53.56 -100.59
N GLY L 426 52.44 52.63 -99.89
CA GLY L 426 53.82 52.84 -99.52
C GLY L 426 54.03 53.86 -98.43
N LEU L 427 52.99 54.23 -97.70
CA LEU L 427 53.13 55.22 -96.65
C LEU L 427 53.92 54.66 -95.47
N ALA L 428 54.53 55.57 -94.70
CA ALA L 428 55.27 55.18 -93.53
C ALA L 428 54.33 54.58 -92.48
N PRO L 429 54.84 53.77 -91.56
CA PRO L 429 53.96 53.05 -90.63
C PRO L 429 53.01 53.97 -89.87
N VAL L 430 53.45 55.15 -89.46
CA VAL L 430 52.63 56.04 -88.65
C VAL L 430 51.52 56.65 -89.50
N PRO L 431 51.81 57.35 -90.61
CA PRO L 431 50.70 57.87 -91.43
C PRO L 431 49.83 56.79 -92.03
N ALA L 432 50.43 55.66 -92.41
CA ALA L 432 49.64 54.56 -92.95
C ALA L 432 48.69 54.00 -91.89
N THR L 433 49.17 53.87 -90.66
CA THR L 433 48.31 53.44 -89.57
C THR L 433 47.20 54.46 -89.32
N ILE L 434 47.52 55.75 -89.40
CA ILE L 434 46.51 56.79 -89.22
C ILE L 434 45.42 56.63 -90.28
N LYS L 435 45.82 56.48 -91.54
CA LYS L 435 44.84 56.37 -92.62
C LYS L 435 44.01 55.09 -92.51
N ALA L 436 44.67 53.96 -92.24
CA ALA L 436 43.96 52.69 -92.12
C ALA L 436 42.97 52.73 -90.97
N MET L 437 43.37 53.31 -89.83
CA MET L 437 42.48 53.34 -88.69
C MET L 437 41.34 54.32 -88.93
N GLY L 438 41.60 55.42 -89.65
CA GLY L 438 40.51 56.28 -90.05
C GLY L 438 39.53 55.58 -90.97
N GLN L 439 40.03 54.66 -91.80
CA GLN L 439 39.16 53.86 -92.65
C GLN L 439 38.31 52.86 -91.86
N VAL L 440 38.90 52.19 -90.87
CA VAL L 440 38.22 51.07 -90.23
C VAL L 440 37.78 51.35 -88.79
N SER L 441 37.81 52.60 -88.34
CA SER L 441 37.42 52.90 -86.95
C SER L 441 35.93 52.66 -86.75
N GLY L 442 35.10 53.23 -87.62
CA GLY L 442 33.66 53.01 -87.50
C GLY L 442 33.32 51.54 -87.63
N ALA L 443 33.98 50.85 -88.56
CA ALA L 443 33.87 49.40 -88.61
C ALA L 443 34.09 48.80 -87.23
N ILE L 444 35.29 48.98 -86.67
CA ILE L 444 35.67 48.29 -85.44
C ILE L 444 34.67 48.58 -84.33
N ILE L 445 34.28 49.85 -84.17
CA ILE L 445 33.37 50.18 -83.07
C ILE L 445 32.00 49.53 -83.27
N GLY L 446 31.45 49.63 -84.49
CA GLY L 446 30.16 49.03 -84.74
C GLY L 446 30.19 47.52 -84.58
N ILE L 447 31.26 46.89 -85.06
CA ILE L 447 31.41 45.44 -84.95
C ILE L 447 31.49 45.02 -83.49
N THR L 448 32.33 45.71 -82.72
CA THR L 448 32.41 45.39 -81.30
C THR L 448 31.04 45.49 -80.65
N LEU L 449 30.27 46.53 -81.02
CA LEU L 449 28.99 46.75 -80.36
C LEU L 449 28.00 45.64 -80.74
N VAL L 450 27.94 45.27 -82.03
CA VAL L 450 26.94 44.30 -82.46
C VAL L 450 27.27 42.90 -81.91
N LEU L 451 28.55 42.52 -81.95
CA LEU L 451 28.94 41.26 -81.33
C LEU L 451 28.74 41.29 -79.81
N SER L 452 28.81 42.46 -79.21
CA SER L 452 28.49 42.56 -77.79
C SER L 452 27.01 42.27 -77.55
N ALA L 453 26.14 42.92 -78.32
CA ALA L 453 24.72 42.85 -78.03
C ALA L 453 24.01 41.69 -78.73
N VAL L 454 24.73 40.87 -79.48
CA VAL L 454 24.14 39.61 -79.95
C VAL L 454 24.25 38.55 -78.86
N PHE L 455 25.30 38.63 -78.06
CA PHE L 455 25.48 37.73 -76.92
C PHE L 455 24.91 38.30 -75.62
N LEU L 456 24.69 39.61 -75.57
CA LEU L 456 24.01 40.21 -74.41
C LEU L 456 22.67 39.57 -74.09
N PRO L 457 21.76 39.30 -75.03
CA PRO L 457 20.47 38.70 -74.66
C PRO L 457 20.61 37.36 -73.98
N LEU L 458 21.67 36.61 -74.32
CA LEU L 458 21.86 35.28 -73.74
C LEU L 458 22.02 35.34 -72.23
N ALA L 459 22.51 36.47 -71.70
CA ALA L 459 22.70 36.60 -70.27
C ALA L 459 21.38 36.82 -69.52
N PHE L 460 20.30 37.11 -70.22
CA PHE L 460 19.03 37.39 -69.58
C PHE L 460 18.16 36.15 -69.39
N MET L 461 18.59 35.01 -69.92
CA MET L 461 17.86 33.76 -69.74
C MET L 461 17.87 33.32 -68.28
N ALA L 462 16.74 32.78 -67.83
CA ALA L 462 16.59 32.32 -66.46
C ALA L 462 16.63 30.79 -66.40
N GLY L 463 16.69 30.26 -65.18
CA GLY L 463 16.71 28.83 -64.97
C GLY L 463 18.11 28.24 -65.00
N SER L 464 18.15 26.91 -65.05
CA SER L 464 19.42 26.21 -65.13
C SER L 464 20.15 26.53 -66.43
N VAL L 465 19.45 26.42 -67.56
CA VAL L 465 20.02 26.88 -68.82
C VAL L 465 20.32 28.37 -68.73
N GLY L 466 19.56 29.09 -67.92
CA GLY L 466 19.88 30.48 -67.67
C GLY L 466 21.28 30.65 -67.10
N VAL L 467 21.64 29.85 -66.10
CA VAL L 467 22.98 29.91 -65.53
C VAL L 467 24.02 29.50 -66.55
N ILE L 468 23.75 28.42 -67.29
CA ILE L 468 24.70 27.94 -68.29
C ILE L 468 25.02 29.04 -69.29
N TYR L 469 23.99 29.51 -69.99
CA TYR L 469 24.16 30.58 -70.96
C TYR L 469 24.72 31.83 -70.32
N GLN L 470 24.37 32.09 -69.05
CA GLN L 470 24.88 33.27 -68.37
C GLN L 470 26.39 33.25 -68.31
N GLN L 471 26.95 32.20 -67.70
CA GLN L 471 28.41 32.12 -67.60
C GLN L 471 29.06 32.18 -68.97
N PHE L 472 28.57 31.37 -69.91
CA PHE L 472 29.29 31.23 -71.18
C PHE L 472 29.15 32.50 -72.03
N SER L 473 27.93 33.02 -72.17
CA SER L 473 27.73 34.24 -72.93
C SER L 473 28.45 35.41 -72.29
N LEU L 474 28.46 35.50 -70.96
CA LEU L 474 29.15 36.61 -70.33
C LEU L 474 30.65 36.54 -70.54
N SER L 475 31.23 35.34 -70.47
CA SER L 475 32.65 35.21 -70.77
C SER L 475 32.96 35.68 -72.18
N LEU L 476 32.19 35.18 -73.15
CA LEU L 476 32.41 35.59 -74.54
C LEU L 476 32.19 37.10 -74.71
N ALA L 477 31.23 37.65 -73.98
CA ALA L 477 30.88 39.06 -74.14
C ALA L 477 31.97 39.97 -73.58
N VAL L 478 32.48 39.66 -72.39
CA VAL L 478 33.57 40.49 -71.87
C VAL L 478 34.80 40.34 -72.75
N SER L 479 35.01 39.14 -73.30
CA SER L 479 36.10 38.97 -74.26
C SER L 479 35.93 39.89 -75.45
N ILE L 480 34.72 39.97 -76.02
CA ILE L 480 34.52 40.77 -77.21
C ILE L 480 34.62 42.27 -76.89
N LEU L 481 34.11 42.68 -75.71
CA LEU L 481 34.24 44.07 -75.31
C LEU L 481 35.71 44.47 -75.20
N PHE L 482 36.51 43.62 -74.57
CA PHE L 482 37.92 43.95 -74.40
C PHE L 482 38.66 43.88 -75.74
N SER L 483 38.25 42.98 -76.64
CA SER L 483 38.87 42.95 -77.95
C SER L 483 38.59 44.26 -78.69
N GLY L 484 37.37 44.77 -78.58
CA GLY L 484 37.08 46.06 -79.19
C GLY L 484 37.89 47.19 -78.59
N PHE L 485 37.96 47.26 -77.25
CA PHE L 485 38.69 48.34 -76.61
C PHE L 485 40.17 48.29 -76.97
N LEU L 486 40.78 47.10 -76.92
CA LEU L 486 42.18 46.96 -77.28
C LEU L 486 42.41 47.23 -78.77
N ALA L 487 41.51 46.79 -79.65
CA ALA L 487 41.67 47.11 -81.06
C ALA L 487 41.59 48.61 -81.30
N LEU L 488 40.84 49.33 -80.47
CA LEU L 488 40.78 50.78 -80.57
C LEU L 488 42.01 51.48 -80.00
N THR L 489 42.62 50.94 -78.94
CA THR L 489 43.68 51.66 -78.23
C THR L 489 45.05 51.02 -78.44
N PHE L 490 45.23 49.75 -78.09
CA PHE L 490 46.55 49.14 -78.08
C PHE L 490 47.02 48.74 -79.48
N THR L 491 46.14 48.13 -80.27
CA THR L 491 46.54 47.62 -81.58
C THR L 491 47.11 48.69 -82.49
N PRO L 492 46.48 49.87 -82.67
CA PRO L 492 47.10 50.89 -83.53
C PRO L 492 48.49 51.30 -83.08
N ALA L 493 48.72 51.38 -81.77
CA ALA L 493 50.07 51.67 -81.28
C ALA L 493 51.04 50.55 -81.65
N LEU L 494 50.58 49.30 -81.56
CA LEU L 494 51.44 48.19 -81.93
C LEU L 494 51.81 48.24 -83.41
N CYS L 495 50.85 48.55 -84.28
CA CYS L 495 51.17 48.70 -85.70
C CYS L 495 52.12 49.86 -85.93
N ALA L 496 51.90 50.97 -85.23
CA ALA L 496 52.77 52.13 -85.41
C ALA L 496 54.19 51.87 -84.94
N THR L 497 54.36 51.03 -83.92
CA THR L 497 55.68 50.81 -83.33
C THR L 497 56.45 49.64 -83.93
N LEU L 498 55.81 48.48 -84.10
CA LEU L 498 56.53 47.25 -84.44
C LEU L 498 56.78 47.07 -85.93
N LEU L 499 55.98 47.70 -86.79
CA LEU L 499 56.09 47.45 -88.22
C LEU L 499 57.31 48.16 -88.81
N LYS L 500 57.84 47.57 -89.89
CA LYS L 500 58.97 48.08 -90.63
C LYS L 500 58.53 48.55 -92.01
N PRO L 501 59.21 49.55 -92.59
CA PRO L 501 58.86 50.00 -93.93
C PRO L 501 59.07 48.91 -94.98
N ILE L 502 58.21 48.89 -95.98
CA ILE L 502 58.35 47.99 -97.13
C ILE L 502 58.79 48.82 -98.32
N PRO L 503 59.85 48.44 -99.03
CA PRO L 503 60.22 49.16 -100.26
C PRO L 503 59.08 49.11 -101.27
N VAL L 504 58.90 50.21 -101.99
CA VAL L 504 57.79 50.32 -102.93
C VAL L 504 58.01 49.33 -104.07
N GLY L 505 56.96 48.58 -104.40
CA GLY L 505 57.02 47.58 -105.45
C GLY L 505 57.61 46.26 -105.04
N HIS L 506 57.85 46.03 -103.75
CA HIS L 506 58.45 44.79 -103.28
C HIS L 506 57.37 43.72 -103.08
N HIS L 507 56.76 43.33 -104.20
CA HIS L 507 55.86 42.19 -104.22
C HIS L 507 56.48 40.96 -104.86
N GLU L 508 57.55 41.12 -105.64
CA GLU L 508 58.29 39.97 -106.12
C GLU L 508 58.91 39.24 -104.94
N LYS L 509 58.75 37.93 -104.91
CA LYS L 509 59.04 37.15 -103.71
C LYS L 509 59.81 35.89 -104.06
N THR L 510 60.88 35.64 -103.33
CA THR L 510 61.58 34.37 -103.43
C THR L 510 61.00 33.36 -102.46
N GLY L 511 60.86 32.12 -102.92
CA GLY L 511 60.32 31.05 -102.11
C GLY L 511 58.84 30.81 -102.37
N PHE L 512 58.30 29.84 -101.64
CA PHE L 512 56.91 29.45 -101.84
C PHE L 512 55.95 30.55 -101.41
N PHE L 513 56.44 31.54 -100.66
CA PHE L 513 55.61 32.68 -100.33
C PHE L 513 55.28 33.45 -101.61
N GLY L 514 56.21 33.48 -102.56
CA GLY L 514 55.90 34.04 -103.86
C GLY L 514 54.81 33.26 -104.58
N TRP L 515 54.86 31.94 -104.49
CA TRP L 515 53.77 31.11 -105.02
C TRP L 515 52.46 31.47 -104.35
N PHE L 516 52.48 31.67 -103.03
CA PHE L 516 51.24 32.02 -102.33
C PHE L 516 50.72 33.37 -102.78
N ASN L 517 51.60 34.37 -102.90
CA ASN L 517 51.14 35.69 -103.34
C ASN L 517 50.55 35.61 -104.75
N ARG L 518 51.21 34.92 -105.66
CA ARG L 518 50.72 34.86 -107.04
C ARG L 518 49.43 34.06 -107.12
N LYS L 519 49.36 32.91 -106.45
CA LYS L 519 48.16 32.09 -106.50
C LYS L 519 46.99 32.75 -105.78
N PHE L 520 47.27 33.50 -104.72
CA PHE L 520 46.19 34.19 -104.02
C PHE L 520 45.73 35.40 -104.81
N THR L 521 46.64 36.07 -105.51
CA THR L 521 46.22 37.14 -106.41
C THR L 521 45.36 36.57 -107.54
N SER L 522 45.74 35.40 -108.04
CA SER L 522 44.90 34.72 -109.04
C SER L 522 43.56 34.33 -108.45
N LEU L 523 43.54 33.90 -107.19
CA LEU L 523 42.29 33.54 -106.54
C LEU L 523 41.39 34.75 -106.38
N THR L 524 41.96 35.89 -105.97
CA THR L 524 41.18 37.11 -105.86
C THR L 524 40.72 37.59 -107.23
N SER L 525 41.54 37.39 -108.26
CA SER L 525 41.12 37.74 -109.61
C SER L 525 39.97 36.86 -110.09
N ARG L 526 40.04 35.56 -109.84
CA ARG L 526 38.95 34.66 -110.20
C ARG L 526 37.69 35.01 -109.40
N TYR L 527 37.85 35.33 -108.13
CA TYR L 527 36.71 35.71 -107.30
C TYR L 527 36.11 37.03 -107.76
N THR L 528 36.96 37.96 -108.20
CA THR L 528 36.49 39.23 -108.73
C THR L 528 35.74 39.04 -110.04
N LYS L 529 36.28 38.21 -110.92
CA LYS L 529 35.59 37.90 -112.17
C LYS L 529 34.28 37.17 -111.91
N LEU L 530 34.26 36.31 -110.88
CA LEU L 530 33.02 35.66 -110.49
C LEU L 530 31.99 36.70 -110.06
N ASN L 531 32.38 37.58 -109.13
CA ASN L 531 31.50 38.66 -108.69
C ASN L 531 31.02 39.48 -109.88
N ASP L 532 31.90 39.71 -110.86
CA ASP L 532 31.50 40.38 -112.09
C ASP L 532 30.39 39.63 -112.81
N LYS L 533 30.38 38.31 -112.70
CA LYS L 533 29.40 37.49 -113.42
C LYS L 533 28.12 37.28 -112.63
N LEU L 534 28.15 37.37 -111.30
CA LEU L 534 26.94 37.23 -110.50
C LEU L 534 26.19 38.53 -110.27
N VAL L 535 26.86 39.69 -110.35
CA VAL L 535 26.14 40.96 -110.16
C VAL L 535 25.04 41.19 -111.20
N PRO L 536 25.20 40.86 -112.50
CA PRO L 536 24.10 41.14 -113.43
C PRO L 536 22.82 40.40 -113.09
N ARG L 537 22.92 39.16 -112.61
CA ARG L 537 21.76 38.36 -112.22
C ARG L 537 21.65 38.34 -110.71
N ALA L 538 20.71 39.13 -110.18
CA ALA L 538 20.55 39.24 -108.73
C ALA L 538 19.24 38.62 -108.26
N GLY L 539 18.15 38.99 -108.91
CA GLY L 539 16.84 38.50 -108.53
C GLY L 539 16.69 37.00 -108.65
N ARG L 540 17.34 36.40 -109.65
CA ARG L 540 17.27 34.96 -109.84
C ARG L 540 18.05 34.21 -108.77
N VAL L 541 19.18 34.76 -108.33
CA VAL L 541 19.94 34.12 -107.25
C VAL L 541 19.15 34.15 -105.95
N MET L 542 18.25 35.13 -105.80
CA MET L 542 17.36 35.12 -104.64
C MET L 542 16.59 33.83 -104.53
N PHE L 543 16.28 33.16 -105.64
CA PHE L 543 15.56 31.90 -105.55
C PHE L 543 16.42 30.80 -104.95
N ILE L 544 17.70 30.74 -105.29
CA ILE L 544 18.57 29.76 -104.64
C ILE L 544 18.75 30.10 -103.17
N TYR L 545 18.76 31.40 -102.83
CA TYR L 545 18.83 31.79 -101.43
C TYR L 545 17.56 31.38 -100.68
N LEU L 546 16.40 31.50 -101.34
CA LEU L 546 15.15 31.07 -100.74
C LEU L 546 15.15 29.56 -100.52
N GLY L 547 15.68 28.81 -101.49
CA GLY L 547 15.87 27.38 -101.28
C GLY L 547 16.75 27.12 -100.07
N VAL L 548 17.81 27.92 -99.91
CA VAL L 548 18.71 27.74 -98.78
C VAL L 548 17.97 27.97 -97.45
N VAL L 549 17.17 29.04 -97.37
CA VAL L 549 16.53 29.35 -96.09
C VAL L 549 15.42 28.33 -95.79
N VAL L 550 14.69 27.90 -96.81
CA VAL L 550 13.65 26.90 -96.58
C VAL L 550 14.27 25.57 -96.17
N LEU L 551 15.45 25.28 -96.72
CA LEU L 551 16.17 24.05 -96.29
C LEU L 551 16.50 24.26 -94.81
N MET L 552 17.07 25.42 -94.47
CA MET L 552 17.45 25.66 -93.09
C MET L 552 16.29 25.38 -92.16
N GLY L 553 15.11 25.91 -92.48
CA GLY L 553 13.94 25.69 -91.65
C GLY L 553 13.56 24.22 -91.56
N PHE L 554 13.59 23.52 -92.70
CA PHE L 554 13.16 22.12 -92.72
C PHE L 554 14.06 21.26 -91.86
N LEU L 555 15.38 21.42 -91.99
CA LEU L 555 16.28 20.58 -91.19
C LEU L 555 16.42 21.08 -89.77
N TYR L 556 16.12 22.35 -89.51
CA TYR L 556 16.11 22.83 -88.13
C TYR L 556 14.94 22.21 -87.37
N MET L 557 13.79 22.09 -88.02
CA MET L 557 12.63 21.51 -87.35
C MET L 557 12.78 20.03 -87.07
N ARG L 558 13.76 19.36 -87.67
CA ARG L 558 13.96 17.93 -87.50
C ARG L 558 15.08 17.59 -86.52
N LEU L 559 15.70 18.58 -85.90
CA LEU L 559 16.82 18.30 -85.00
C LEU L 559 16.31 17.90 -83.62
N PRO L 560 16.73 16.76 -83.08
CA PRO L 560 16.30 16.38 -81.73
C PRO L 560 16.85 17.33 -80.69
N GLU L 561 16.09 17.51 -79.61
CA GLU L 561 16.49 18.43 -78.54
C GLU L 561 17.14 17.66 -77.39
N SER L 562 17.94 18.37 -76.59
CA SER L 562 18.57 17.77 -75.43
C SER L 562 18.95 18.85 -74.43
N PHE L 563 19.15 18.43 -73.19
CA PHE L 563 19.58 19.35 -72.14
C PHE L 563 21.10 19.54 -72.17
N VAL L 564 21.83 18.47 -71.87
CA VAL L 564 23.29 18.47 -71.80
C VAL L 564 23.75 17.07 -72.20
N PRO L 565 24.74 16.95 -73.08
CA PRO L 565 25.23 15.61 -73.43
C PRO L 565 25.79 14.88 -72.23
N VAL L 566 25.52 13.57 -72.17
CA VAL L 566 26.01 12.76 -71.07
C VAL L 566 27.52 12.58 -71.19
N GLU L 567 28.21 12.68 -70.06
CA GLU L 567 29.66 12.67 -70.03
C GLU L 567 30.19 11.45 -69.28
N ASP L 568 31.33 10.95 -69.73
CA ASP L 568 32.03 9.87 -69.06
C ASP L 568 32.65 10.38 -67.78
N GLN L 569 31.95 10.21 -66.67
CA GLN L 569 32.42 10.72 -65.38
C GLN L 569 33.30 9.72 -64.63
N GLY L 570 33.56 8.55 -65.21
CA GLY L 570 34.46 7.60 -64.60
C GLY L 570 33.87 6.70 -63.55
N TYR L 571 32.54 6.68 -63.41
CA TYR L 571 31.89 5.86 -62.40
C TYR L 571 30.46 5.61 -62.84
N MET L 572 29.81 4.65 -62.18
CA MET L 572 28.43 4.28 -62.47
C MET L 572 27.66 4.11 -61.18
N ILE L 573 26.34 3.92 -61.31
CA ILE L 573 25.47 3.63 -60.18
C ILE L 573 24.86 2.26 -60.41
N VAL L 574 24.82 1.44 -59.36
CA VAL L 574 24.16 0.14 -59.42
C VAL L 574 23.19 0.03 -58.26
N ASP L 575 21.92 -0.18 -58.58
CA ASP L 575 20.87 -0.31 -57.57
C ASP L 575 20.57 -1.79 -57.35
N ILE L 576 20.54 -2.18 -56.08
CA ILE L 576 20.18 -3.53 -55.65
C ILE L 576 18.89 -3.40 -54.84
N GLN L 577 17.79 -3.95 -55.37
CA GLN L 577 16.48 -3.85 -54.74
C GLN L 577 15.93 -5.27 -54.64
N LEU L 578 16.04 -5.86 -53.46
CA LEU L 578 15.47 -7.17 -53.20
C LEU L 578 13.98 -7.04 -52.90
N PRO L 579 13.21 -8.13 -53.05
CA PRO L 579 11.77 -8.03 -52.86
C PRO L 579 11.45 -7.57 -51.47
N PRO L 580 10.23 -7.05 -51.25
CA PRO L 580 9.88 -6.50 -49.94
C PRO L 580 10.01 -7.55 -48.84
N GLY L 581 10.47 -7.10 -47.67
CA GLY L 581 10.69 -7.98 -46.55
C GLY L 581 12.02 -8.67 -46.51
N ALA L 582 12.96 -8.29 -47.38
CA ALA L 582 14.26 -8.94 -47.41
C ALA L 582 15.12 -8.50 -46.23
N THR L 583 15.69 -9.47 -45.53
CA THR L 583 16.59 -9.21 -44.43
C THR L 583 17.93 -8.70 -44.96
N ARG L 584 18.65 -7.98 -44.10
CA ARG L 584 19.93 -7.40 -44.48
C ARG L 584 20.89 -8.45 -45.02
N GLU L 585 20.80 -9.68 -44.51
CA GLU L 585 21.73 -10.73 -44.95
C GLU L 585 21.52 -11.11 -46.41
N ARG L 586 20.26 -11.17 -46.86
CA ARG L 586 20.01 -11.42 -48.28
C ARG L 586 20.58 -10.32 -49.14
N THR L 587 20.42 -9.07 -48.72
CA THR L 587 21.01 -7.95 -49.44
C THR L 587 22.53 -8.06 -49.47
N SER L 588 23.13 -8.50 -48.36
CA SER L 588 24.58 -8.68 -48.33
C SER L 588 25.03 -9.78 -49.28
N ALA L 589 24.27 -10.87 -49.37
CA ALA L 589 24.62 -11.93 -50.30
C ALA L 589 24.53 -11.45 -51.75
N ALA L 590 23.47 -10.72 -52.07
CA ALA L 590 23.34 -10.17 -53.42
C ALA L 590 24.47 -9.20 -53.73
N GLY L 591 24.80 -8.35 -52.76
CA GLY L 591 25.90 -7.42 -52.96
C GLY L 591 27.23 -8.12 -53.11
N GLY L 592 27.41 -9.24 -52.41
CA GLY L 592 28.63 -10.02 -52.57
C GLY L 592 28.75 -10.63 -53.95
N GLU L 593 27.64 -11.16 -54.48
CA GLU L 593 27.67 -11.66 -55.86
C GLU L 593 27.98 -10.54 -56.84
N LEU L 594 27.33 -9.38 -56.65
CA LEU L 594 27.58 -8.26 -57.54
C LEU L 594 29.04 -7.80 -57.46
N GLU L 595 29.59 -7.76 -56.25
CA GLU L 595 30.98 -7.37 -56.08
C GLU L 595 31.91 -8.37 -56.74
N SER L 596 31.61 -9.66 -56.63
CA SER L 596 32.45 -10.67 -57.28
C SER L 596 32.45 -10.46 -58.79
N PHE L 597 31.27 -10.23 -59.37
CA PHE L 597 31.22 -10.01 -60.82
C PHE L 597 31.96 -8.74 -61.20
N LEU L 598 31.80 -7.68 -60.41
CA LEU L 598 32.46 -6.41 -60.73
C LEU L 598 33.98 -6.54 -60.65
N MET L 599 34.49 -7.22 -59.60
CA MET L 599 35.91 -7.45 -59.49
C MET L 599 36.43 -8.38 -60.58
N ALA L 600 35.57 -9.23 -61.14
CA ALA L 600 35.95 -10.03 -62.30
C ALA L 600 36.12 -9.19 -63.56
N ARG L 601 35.72 -7.92 -63.53
CA ARG L 601 35.78 -7.06 -64.71
C ARG L 601 37.02 -6.19 -64.69
N GLU L 602 37.63 -6.01 -65.86
CA GLU L 602 38.87 -5.23 -65.95
C GLU L 602 38.59 -3.74 -65.87
N ALA L 603 37.42 -3.29 -66.30
CA ALA L 603 37.13 -1.85 -66.36
C ALA L 603 36.97 -1.24 -64.98
N VAL L 604 36.71 -2.05 -63.96
CA VAL L 604 36.44 -1.54 -62.61
C VAL L 604 37.74 -1.54 -61.82
N GLN L 605 38.11 -0.37 -61.27
CA GLN L 605 39.27 -0.27 -60.40
C GLN L 605 38.90 -0.57 -58.95
N THR L 606 37.79 -0.04 -58.47
CA THR L 606 37.32 -0.30 -57.12
C THR L 606 35.81 -0.16 -57.09
N THR L 607 35.18 -0.91 -56.18
CA THR L 607 33.73 -0.91 -56.03
C THR L 607 33.38 -0.55 -54.60
N PHE L 608 32.56 0.48 -54.42
CA PHE L 608 32.06 0.88 -53.12
C PHE L 608 30.55 0.63 -53.08
N LEU L 609 30.12 -0.13 -52.08
CA LEU L 609 28.73 -0.56 -51.96
C LEU L 609 28.18 -0.10 -50.63
N VAL L 610 26.93 0.35 -50.61
CA VAL L 610 26.26 0.80 -49.40
C VAL L 610 25.01 -0.05 -49.21
N LEU L 611 24.86 -0.62 -48.02
CA LEU L 611 23.68 -1.38 -47.66
C LEU L 611 22.75 -0.54 -46.79
N GLY L 612 21.48 -0.51 -47.18
CA GLY L 612 20.51 0.33 -46.53
C GLY L 612 20.36 1.72 -47.14
N PHE L 613 21.22 2.09 -48.08
CA PHE L 613 21.14 3.37 -48.77
C PHE L 613 21.08 3.10 -50.27
N SER L 614 20.12 3.74 -50.93
CA SER L 614 19.97 3.57 -52.37
C SER L 614 19.14 4.74 -52.91
N PHE L 615 19.03 4.79 -54.24
CA PHE L 615 18.23 5.83 -54.87
C PHE L 615 16.76 5.69 -54.52
N SER L 616 16.26 4.45 -54.49
CA SER L 616 14.83 4.23 -54.25
C SER L 616 14.44 4.63 -52.83
N GLY L 617 15.26 4.31 -51.84
CA GLY L 617 14.94 4.66 -50.46
C GLY L 617 15.74 3.80 -49.50
N MET L 618 15.52 4.07 -48.22
CA MET L 618 16.23 3.40 -47.13
C MET L 618 15.48 2.14 -46.75
N GLY L 619 16.21 1.06 -46.52
CA GLY L 619 15.62 -0.20 -46.08
C GLY L 619 16.62 -1.34 -46.06
N GLU L 620 16.28 -2.45 -45.40
CA GLU L 620 17.18 -3.59 -45.38
C GLU L 620 17.31 -4.24 -46.75
N ASN L 621 16.29 -4.08 -47.59
CA ASN L 621 16.26 -4.70 -48.91
C ASN L 621 16.84 -3.80 -50.00
N ALA L 622 17.44 -2.67 -49.63
CA ALA L 622 17.94 -1.70 -50.60
C ALA L 622 19.44 -1.54 -50.43
N ALA L 623 20.14 -1.39 -51.56
CA ALA L 623 21.57 -1.17 -51.54
C ALA L 623 21.97 -0.43 -52.82
N ILE L 624 23.10 0.28 -52.74
CA ILE L 624 23.62 1.02 -53.87
C ILE L 624 25.13 0.80 -53.95
N ALA L 625 25.64 0.72 -55.17
CA ALA L 625 27.06 0.52 -55.44
C ALA L 625 27.53 1.59 -56.42
N PHE L 626 28.77 2.03 -56.23
CA PHE L 626 29.38 3.08 -57.05
C PHE L 626 30.67 2.52 -57.65
N PRO L 627 30.56 1.74 -58.73
CA PRO L 627 31.78 1.24 -59.39
C PRO L 627 32.56 2.40 -60.01
N LEU L 628 33.82 2.50 -59.62
CA LEU L 628 34.75 3.45 -60.20
C LEU L 628 35.54 2.77 -61.31
N LEU L 629 35.65 3.43 -62.45
CA LEU L 629 36.36 2.87 -63.58
C LEU L 629 37.80 3.39 -63.61
N LYS L 630 38.64 2.68 -64.34
CA LYS L 630 40.03 3.06 -64.46
C LYS L 630 40.16 4.37 -65.23
N ASP L 631 41.39 4.88 -65.30
CA ASP L 631 41.63 6.14 -65.99
C ASP L 631 41.32 6.01 -67.47
N TRP L 632 40.89 7.12 -68.07
CA TRP L 632 40.49 7.13 -69.47
C TRP L 632 41.64 6.75 -70.39
N SER L 633 42.89 6.94 -69.96
CA SER L 633 44.03 6.53 -70.77
C SER L 633 44.21 5.02 -70.82
N GLU L 634 43.67 4.29 -69.84
CA GLU L 634 43.82 2.85 -69.77
C GLU L 634 42.60 2.09 -70.30
N ARG L 635 41.60 2.80 -70.83
CA ARG L 635 40.37 2.17 -71.30
C ARG L 635 40.03 2.66 -72.70
N ASP L 636 39.39 1.79 -73.47
CA ASP L 636 38.95 2.11 -74.81
C ASP L 636 37.46 2.44 -74.80
N SER L 637 36.92 2.72 -76.00
CA SER L 637 35.50 3.03 -76.12
C SER L 637 34.62 1.83 -75.78
N SER L 638 35.08 0.61 -76.02
CA SER L 638 34.34 -0.57 -75.65
C SER L 638 34.28 -0.78 -74.14
N GLN L 639 35.17 -0.15 -73.39
CA GLN L 639 35.18 -0.22 -71.94
C GLN L 639 34.59 1.04 -71.31
N SER L 640 33.77 1.76 -72.07
CA SER L 640 33.13 2.96 -71.59
C SER L 640 32.08 2.63 -70.54
N PRO L 641 31.69 3.60 -69.71
CA PRO L 641 30.66 3.33 -68.70
C PRO L 641 29.36 2.81 -69.27
N GLU L 642 28.97 3.27 -70.45
CA GLU L 642 27.70 2.83 -71.04
C GLU L 642 27.77 1.37 -71.46
N ALA L 643 28.84 0.97 -72.15
CA ALA L 643 28.99 -0.42 -72.55
C ALA L 643 29.13 -1.33 -71.33
N GLU L 644 29.86 -0.88 -70.31
CA GLU L 644 29.99 -1.67 -69.10
C GLU L 644 28.64 -1.79 -68.38
N SER L 645 27.85 -0.72 -68.38
CA SER L 645 26.51 -0.78 -67.80
C SER L 645 25.65 -1.79 -68.52
N ALA L 646 25.70 -1.78 -69.86
CA ALA L 646 24.93 -2.75 -70.63
C ALA L 646 25.39 -4.17 -70.34
N ALA L 647 26.71 -4.36 -70.20
CA ALA L 647 27.23 -5.69 -69.88
C ALA L 647 26.75 -6.16 -68.52
N VAL L 648 26.75 -5.26 -67.53
CA VAL L 648 26.29 -5.63 -66.19
C VAL L 648 24.81 -5.98 -66.20
N ASN L 649 24.01 -5.16 -66.89
CA ASN L 649 22.58 -5.46 -66.99
C ASN L 649 22.34 -6.77 -67.73
N GLN L 650 23.20 -7.10 -68.69
CA GLN L 650 23.06 -8.34 -69.43
C GLN L 650 23.41 -9.55 -68.58
N HIS L 651 24.49 -9.45 -67.80
CA HIS L 651 24.94 -10.60 -67.01
C HIS L 651 23.92 -10.98 -65.95
N PHE L 652 23.38 -10.00 -65.24
CA PHE L 652 22.45 -10.25 -64.16
C PHE L 652 21.00 -10.09 -64.59
N ALA L 653 20.70 -10.28 -65.87
CA ALA L 653 19.34 -10.07 -66.36
C ALA L 653 18.36 -11.06 -65.74
N ASN L 654 18.83 -12.25 -65.38
CA ASN L 654 17.97 -13.31 -64.86
C ASN L 654 18.31 -13.64 -63.41
N LEU L 655 18.77 -12.65 -62.65
CA LEU L 655 19.01 -12.85 -61.23
C LEU L 655 17.73 -13.28 -60.55
N ASP L 656 17.83 -14.31 -59.71
CA ASP L 656 16.65 -15.01 -59.22
C ASP L 656 16.14 -14.42 -57.91
N ASP L 657 16.98 -13.69 -57.18
CA ASP L 657 16.61 -13.16 -55.87
C ASP L 657 16.73 -11.64 -55.93
N GLY L 658 15.65 -10.99 -56.33
CA GLY L 658 15.60 -9.54 -56.34
C GLY L 658 15.87 -8.94 -57.70
N ALA L 659 16.25 -7.67 -57.67
CA ALA L 659 16.49 -6.87 -58.85
C ALA L 659 17.83 -6.16 -58.72
N ILE L 660 18.52 -6.03 -59.84
CA ILE L 660 19.85 -5.43 -59.90
C ILE L 660 19.94 -4.67 -61.22
N MET L 661 20.37 -3.41 -61.16
CA MET L 661 20.28 -2.55 -62.33
C MET L 661 21.39 -1.51 -62.33
N ALA L 662 22.03 -1.31 -63.48
CA ALA L 662 23.10 -0.33 -63.60
C ALA L 662 22.65 0.86 -64.43
N VAL L 663 22.98 2.05 -63.96
CA VAL L 663 22.63 3.30 -64.63
C VAL L 663 23.83 4.25 -64.66
N PRO L 664 23.89 5.15 -65.63
CA PRO L 664 24.95 6.16 -65.63
C PRO L 664 24.55 7.34 -64.77
N PRO L 665 25.52 8.12 -64.29
CA PRO L 665 25.20 9.28 -63.44
C PRO L 665 24.50 10.35 -64.24
N PRO L 666 23.73 11.22 -63.58
CA PRO L 666 23.07 12.30 -64.29
C PRO L 666 24.07 13.28 -64.86
N PRO L 667 23.75 13.92 -65.98
CA PRO L 667 24.69 14.90 -66.56
C PRO L 667 25.00 16.06 -65.63
N VAL L 668 24.05 16.51 -64.83
CA VAL L 668 24.22 17.66 -63.95
C VAL L 668 23.94 17.23 -62.53
N GLU L 669 24.89 17.48 -61.63
CA GLU L 669 24.69 17.17 -60.22
C GLU L 669 23.67 18.12 -59.60
N GLY L 670 22.92 17.61 -58.63
CA GLY L 670 21.94 18.43 -57.95
C GLY L 670 20.59 18.53 -58.63
N LEU L 671 20.44 17.94 -59.81
CA LEU L 671 19.17 17.97 -60.53
C LEU L 671 18.48 16.61 -60.55
N GLY L 672 19.09 15.59 -59.95
CA GLY L 672 18.49 14.28 -59.92
C GLY L 672 19.51 13.23 -59.58
N ASN L 673 19.01 12.00 -59.42
CA ASN L 673 19.87 10.87 -59.12
C ASN L 673 20.44 10.22 -60.37
N SER L 674 19.75 10.35 -61.50
CA SER L 674 20.23 9.83 -62.77
C SER L 674 19.70 10.73 -63.89
N GLY L 675 20.13 10.44 -65.11
CA GLY L 675 19.64 11.18 -66.26
C GLY L 675 18.22 10.81 -66.62
N GLY L 676 17.64 11.52 -67.58
CA GLY L 676 16.31 11.19 -68.04
C GLY L 676 15.24 12.13 -67.53
N PHE L 677 14.08 11.57 -67.20
CA PHE L 677 12.91 12.35 -66.80
C PHE L 677 12.36 11.86 -65.48
N ALA L 678 11.74 12.78 -64.75
CA ALA L 678 11.14 12.51 -63.45
C ALA L 678 9.79 13.22 -63.38
N LEU L 679 8.72 12.45 -63.23
CA LEU L 679 7.37 12.96 -63.03
C LEU L 679 6.93 12.67 -61.60
N ARG L 680 6.13 13.57 -61.04
CA ARG L 680 5.40 13.27 -59.81
C ARG L 680 3.95 13.14 -60.24
N LEU L 681 3.33 11.99 -59.92
CA LEU L 681 1.92 11.77 -60.19
C LEU L 681 1.16 11.98 -58.89
N GLN L 682 0.39 13.06 -58.81
CA GLN L 682 -0.30 13.40 -57.59
C GLN L 682 -1.74 12.91 -57.66
N ASP L 683 -2.28 12.51 -56.51
CA ASP L 683 -3.71 12.22 -56.40
C ASP L 683 -4.44 13.53 -56.14
N ARG L 684 -4.48 14.40 -57.15
CA ARG L 684 -5.10 15.71 -57.03
C ARG L 684 -6.58 15.64 -56.68
N ALA L 685 -7.22 14.49 -56.88
CA ALA L 685 -8.61 14.30 -56.48
C ALA L 685 -8.75 13.45 -55.22
N GLY L 686 -7.73 12.69 -54.85
CA GLY L 686 -7.84 11.81 -53.70
C GLY L 686 -8.58 10.51 -54.00
N LEU L 687 -8.29 9.90 -55.16
CA LEU L 687 -8.96 8.66 -55.53
C LEU L 687 -8.61 7.50 -54.60
N GLY L 688 -7.55 7.61 -53.82
CA GLY L 688 -7.16 6.59 -52.87
C GLY L 688 -5.94 5.81 -53.32
N ARG L 689 -5.30 5.16 -52.34
CA ARG L 689 -4.06 4.44 -52.61
C ARG L 689 -4.28 3.31 -53.61
N ASP L 690 -5.37 2.55 -53.46
CA ASP L 690 -5.66 1.50 -54.42
C ASP L 690 -5.86 2.08 -55.81
N ALA L 691 -6.60 3.18 -55.91
CA ALA L 691 -6.87 3.78 -57.21
C ALA L 691 -5.61 4.36 -57.83
N LEU L 692 -4.77 5.03 -57.03
CA LEU L 692 -3.56 5.59 -57.61
C LEU L 692 -2.57 4.50 -57.97
N LEU L 693 -2.61 3.37 -57.26
CA LEU L 693 -1.78 2.24 -57.65
C LEU L 693 -2.28 1.62 -58.94
N ALA L 694 -3.60 1.56 -59.14
CA ALA L 694 -4.13 1.09 -60.41
C ALA L 694 -3.72 2.02 -61.55
N ALA L 695 -3.80 3.32 -61.32
CA ALA L 695 -3.36 4.27 -62.34
C ALA L 695 -1.86 4.15 -62.61
N ARG L 696 -1.07 3.94 -61.56
CA ARG L 696 0.36 3.75 -61.72
C ARG L 696 0.65 2.50 -62.54
N ASP L 697 -0.07 1.41 -62.28
CA ASP L 697 0.09 0.20 -63.08
C ASP L 697 -0.28 0.46 -64.52
N GLU L 698 -1.36 1.20 -64.75
CA GLU L 698 -1.77 1.55 -66.11
C GLU L 698 -0.67 2.30 -66.84
N VAL L 699 -0.16 3.36 -66.23
CA VAL L 699 0.84 4.19 -66.91
C VAL L 699 2.15 3.43 -67.08
N LEU L 700 2.52 2.60 -66.10
CA LEU L 700 3.76 1.84 -66.20
C LEU L 700 3.67 0.78 -67.28
N GLY L 701 2.50 0.14 -67.43
CA GLY L 701 2.32 -0.78 -68.52
C GLY L 701 2.34 -0.08 -69.87
N LYS L 702 1.74 1.11 -69.94
CA LYS L 702 1.75 1.86 -71.19
C LYS L 702 3.17 2.29 -71.57
N VAL L 703 3.99 2.66 -70.59
CA VAL L 703 5.29 3.26 -70.88
C VAL L 703 6.35 2.19 -71.06
N ASN L 704 6.43 1.24 -70.12
CA ASN L 704 7.47 0.21 -70.17
C ASN L 704 7.38 -0.63 -71.43
N GLY L 705 6.21 -0.77 -72.01
CA GLY L 705 6.06 -1.43 -73.28
C GLY L 705 6.41 -0.61 -74.51
N ASN L 706 6.66 0.68 -74.30
CA ASN L 706 7.01 1.60 -75.43
C ASN L 706 8.53 1.59 -75.61
N PRO L 707 9.04 1.41 -76.84
CA PRO L 707 10.48 1.45 -77.09
C PRO L 707 11.05 2.82 -76.73
N LYS L 708 10.30 3.90 -76.98
CA LYS L 708 10.77 5.29 -76.72
C LYS L 708 11.35 5.47 -75.32
N PHE L 709 11.18 4.49 -74.42
CA PHE L 709 11.80 4.64 -73.11
C PHE L 709 12.71 3.44 -72.82
N LEU L 710 13.93 3.73 -72.35
CA LEU L 710 14.82 2.65 -71.95
C LEU L 710 14.26 1.90 -70.75
N TYR L 711 13.71 2.63 -69.78
CA TYR L 711 13.08 2.04 -68.62
C TYR L 711 12.19 3.06 -67.94
N ALA L 712 11.27 2.57 -67.12
CA ALA L 712 10.39 3.42 -66.32
C ALA L 712 9.92 2.65 -65.10
N MET L 713 10.20 3.17 -63.91
CA MET L 713 9.82 2.52 -62.67
C MET L 713 9.34 3.56 -61.67
N MET L 714 8.60 3.08 -60.68
CA MET L 714 8.24 3.89 -59.53
C MET L 714 9.45 3.97 -58.61
N GLU L 715 10.01 5.18 -58.49
CA GLU L 715 11.19 5.39 -57.61
C GLU L 715 10.68 5.39 -56.16
N GLY L 716 11.04 4.35 -55.41
CA GLY L 716 10.55 4.19 -54.06
C GLY L 716 10.38 2.73 -53.73
N LEU L 717 9.78 2.48 -52.57
CA LEU L 717 9.63 1.12 -52.08
C LEU L 717 8.20 0.65 -52.28
N ALA L 718 8.05 -0.56 -52.82
CA ALA L 718 6.73 -1.13 -53.06
C ALA L 718 6.14 -1.67 -51.75
N GLU L 719 4.82 -1.84 -51.75
CA GLU L 719 4.11 -2.23 -50.54
C GLU L 719 4.59 -3.57 -50.03
N ALA L 720 4.61 -3.71 -48.70
CA ALA L 720 5.15 -4.89 -48.05
C ALA L 720 4.14 -5.43 -47.04
N PRO L 721 4.20 -6.72 -46.73
CA PRO L 721 3.34 -7.27 -45.66
C PRO L 721 3.62 -6.65 -44.31
N GLN L 722 2.57 -6.48 -43.52
CA GLN L 722 2.64 -5.98 -42.16
C GLN L 722 1.91 -6.96 -41.24
N LEU L 723 2.31 -6.98 -39.97
CA LEU L 723 1.72 -7.90 -39.00
C LEU L 723 0.92 -7.09 -37.98
N ARG L 724 -0.33 -6.80 -38.31
CA ARG L 724 -1.18 -6.04 -37.41
C ARG L 724 -1.42 -6.81 -36.13
N LEU L 725 -1.35 -6.10 -35.00
CA LEU L 725 -1.60 -6.68 -33.68
C LEU L 725 -2.97 -6.22 -33.21
N VAL L 726 -3.93 -7.13 -33.22
CA VAL L 726 -5.26 -6.88 -32.68
C VAL L 726 -5.15 -7.08 -31.17
N ILE L 727 -5.35 -5.99 -30.42
CA ILE L 727 -5.29 -6.03 -28.97
C ILE L 727 -6.69 -5.84 -28.42
N ASP L 728 -7.19 -6.87 -27.71
CA ASP L 728 -8.46 -6.74 -27.00
C ASP L 728 -8.24 -5.81 -25.82
N ARG L 729 -8.62 -4.54 -25.98
CA ARG L 729 -8.43 -3.57 -24.91
C ARG L 729 -9.25 -3.96 -23.68
N GLU L 730 -10.45 -4.50 -23.88
CA GLU L 730 -11.26 -4.93 -22.75
C GLU L 730 -10.62 -6.08 -21.99
N GLN L 731 -10.16 -7.11 -22.71
CA GLN L 731 -9.48 -8.23 -22.07
C GLN L 731 -8.20 -7.78 -21.39
N ALA L 732 -7.43 -6.92 -22.06
CA ALA L 732 -6.19 -6.44 -21.47
C ALA L 732 -6.45 -5.66 -20.18
N ARG L 733 -7.48 -4.80 -20.20
CA ARG L 733 -7.80 -4.03 -19.01
C ARG L 733 -8.33 -4.91 -17.89
N THR L 734 -9.10 -5.94 -18.24
CA THR L 734 -9.63 -6.84 -17.23
C THR L 734 -8.51 -7.58 -16.49
N LEU L 735 -7.49 -8.00 -17.23
CA LEU L 735 -6.32 -8.63 -16.62
C LEU L 735 -5.47 -7.64 -15.85
N GLY L 736 -5.79 -6.35 -15.90
CA GLY L 736 -5.07 -5.37 -15.13
C GLY L 736 -3.84 -4.80 -15.77
N VAL L 737 -3.70 -4.93 -17.08
CA VAL L 737 -2.56 -4.37 -17.80
C VAL L 737 -2.98 -3.05 -18.42
N SER L 738 -2.05 -2.11 -18.48
CA SER L 738 -2.33 -0.81 -19.07
C SER L 738 -1.83 -0.76 -20.50
N PHE L 739 -2.47 0.09 -21.31
CA PHE L 739 -1.97 0.30 -22.66
C PHE L 739 -0.57 0.89 -22.65
N GLU L 740 -0.24 1.66 -21.60
CA GLU L 740 1.12 2.19 -21.50
C GLU L 740 2.13 1.05 -21.38
N ALA L 741 1.81 0.04 -20.59
CA ALA L 741 2.73 -1.08 -20.40
C ALA L 741 2.95 -1.82 -21.71
N ILE L 742 1.88 -2.08 -22.46
CA ILE L 742 2.02 -2.78 -23.74
C ILE L 742 2.83 -1.94 -24.71
N SER L 743 2.54 -0.64 -24.80
CA SER L 743 3.26 0.21 -25.73
C SER L 743 4.74 0.28 -25.39
N SER L 744 5.05 0.47 -24.10
CA SER L 744 6.45 0.55 -23.69
C SER L 744 7.17 -0.77 -23.95
N ALA L 745 6.53 -1.89 -23.63
CA ALA L 745 7.16 -3.19 -23.83
C ALA L 745 7.45 -3.42 -25.31
N LEU L 746 6.45 -3.19 -26.17
CA LEU L 746 6.65 -3.42 -27.60
C LEU L 746 7.73 -2.49 -28.15
N SER L 747 7.66 -1.20 -27.80
CA SER L 747 8.62 -0.25 -28.33
C SER L 747 10.04 -0.60 -27.91
N THR L 748 10.25 -0.90 -26.63
CA THR L 748 11.61 -1.20 -26.18
C THR L 748 12.09 -2.54 -26.71
N ALA L 749 11.19 -3.51 -26.86
CA ALA L 749 11.61 -4.83 -27.27
C ALA L 749 11.97 -4.87 -28.75
N PHE L 750 11.19 -4.20 -29.60
CA PHE L 750 11.41 -4.33 -31.03
C PHE L 750 11.91 -3.05 -31.69
N GLY L 751 11.38 -1.90 -31.31
CA GLY L 751 11.85 -0.66 -31.91
C GLY L 751 13.11 -0.10 -31.33
N SER L 752 13.64 -0.71 -30.25
CA SER L 752 14.84 -0.25 -29.55
C SER L 752 14.61 1.09 -28.89
N SER L 753 14.90 1.18 -27.59
CA SER L 753 14.65 2.38 -26.81
C SER L 753 15.97 3.00 -26.39
N VAL L 754 16.13 4.29 -26.68
CA VAL L 754 17.29 5.06 -26.22
C VAL L 754 16.93 5.60 -24.83
N ILE L 755 17.64 5.13 -23.82
CA ILE L 755 17.30 5.48 -22.44
C ILE L 755 17.90 6.81 -22.04
N ASN L 756 19.23 6.93 -22.06
CA ASN L 756 19.90 8.15 -21.65
C ASN L 756 21.29 8.16 -22.28
N ASP L 757 22.15 9.04 -21.78
CA ASP L 757 23.49 9.22 -22.30
C ASP L 757 24.53 8.73 -21.29
N PHE L 758 25.66 8.29 -21.82
CA PHE L 758 26.79 7.88 -21.01
C PHE L 758 28.07 8.45 -21.62
N ALA L 759 29.07 8.65 -20.76
CA ALA L 759 30.34 9.26 -21.16
C ALA L 759 31.29 8.19 -21.64
N ASN L 760 31.45 8.07 -22.95
CA ASN L 760 32.43 7.18 -23.57
C ASN L 760 33.65 8.02 -23.95
N ALA L 761 34.71 7.90 -23.16
CA ALA L 761 35.97 8.57 -23.43
C ALA L 761 35.78 10.06 -23.70
N GLY L 762 34.89 10.68 -22.93
CA GLY L 762 34.66 12.09 -23.03
C GLY L 762 33.55 12.53 -23.96
N ARG L 763 32.88 11.61 -24.65
CA ARG L 763 31.77 11.96 -25.52
C ARG L 763 30.47 11.37 -24.98
N GLN L 764 29.40 12.16 -25.01
CA GLN L 764 28.10 11.68 -24.59
C GLN L 764 27.47 10.87 -25.70
N GLN L 765 27.24 9.58 -25.46
CA GLN L 765 26.68 8.68 -26.45
C GLN L 765 25.50 7.94 -25.85
N ARG L 766 24.61 7.50 -26.73
CA ARG L 766 23.35 6.92 -26.29
C ARG L 766 23.54 5.53 -25.70
N VAL L 767 22.63 5.16 -24.80
CA VAL L 767 22.48 3.79 -24.34
C VAL L 767 21.16 3.27 -24.91
N VAL L 768 21.24 2.24 -25.74
CA VAL L 768 20.07 1.74 -26.47
C VAL L 768 19.76 0.34 -25.95
N VAL L 769 18.50 0.12 -25.59
CA VAL L 769 18.03 -1.16 -25.06
C VAL L 769 17.13 -1.81 -26.10
N GLN L 770 17.41 -3.07 -26.42
CA GLN L 770 16.62 -3.80 -27.41
C GLN L 770 16.64 -5.27 -27.05
N ALA L 771 15.64 -6.01 -27.56
CA ALA L 771 15.57 -7.43 -27.27
C ALA L 771 16.65 -8.19 -28.02
N GLU L 772 17.06 -9.33 -27.46
CA GLU L 772 18.14 -10.11 -28.05
C GLU L 772 17.73 -10.65 -29.41
N GLN L 773 18.72 -10.90 -30.26
CA GLN L 773 18.48 -11.30 -31.64
C GLN L 773 17.59 -12.54 -31.72
N ALA L 774 17.94 -13.58 -30.96
CA ALA L 774 17.21 -14.83 -31.06
C ALA L 774 15.78 -14.71 -30.55
N GLU L 775 15.48 -13.68 -29.77
CA GLU L 775 14.18 -13.53 -29.14
C GLU L 775 13.28 -12.55 -29.88
N ARG L 776 13.65 -12.13 -31.10
CA ARG L 776 12.81 -11.22 -31.86
C ARG L 776 12.78 -11.52 -33.36
N MET L 777 13.20 -12.70 -33.79
CA MET L 777 13.26 -12.98 -35.22
C MET L 777 11.98 -13.51 -35.82
N THR L 778 11.03 -13.96 -34.99
CA THR L 778 9.81 -14.59 -35.48
C THR L 778 8.59 -13.94 -34.84
N PRO L 779 7.44 -14.01 -35.51
CA PRO L 779 6.21 -13.47 -34.91
C PRO L 779 5.83 -14.10 -33.59
N GLU L 780 6.17 -15.38 -33.38
CA GLU L 780 5.87 -16.01 -32.10
C GLU L 780 6.62 -15.33 -30.96
N SER L 781 7.77 -14.73 -31.26
CA SER L 781 8.50 -13.99 -30.22
C SER L 781 7.69 -12.79 -29.74
N VAL L 782 6.86 -12.20 -30.60
CA VAL L 782 5.97 -11.13 -30.16
C VAL L 782 5.00 -11.66 -29.12
N LEU L 783 4.41 -12.83 -29.38
CA LEU L 783 3.44 -13.39 -28.45
C LEU L 783 4.10 -13.94 -27.19
N ARG L 784 5.40 -14.21 -27.23
CA ARG L 784 6.08 -14.73 -26.04
C ARG L 784 6.45 -13.65 -25.04
N LEU L 785 6.19 -12.39 -25.36
CA LEU L 785 6.48 -11.30 -24.42
C LEU L 785 5.45 -11.27 -23.30
N HIS L 786 5.86 -10.71 -22.16
CA HIS L 786 4.99 -10.55 -21.00
C HIS L 786 5.03 -9.10 -20.53
N VAL L 787 3.92 -8.65 -19.95
CA VAL L 787 3.81 -7.31 -19.41
C VAL L 787 3.26 -7.38 -17.99
N PRO L 788 3.57 -6.44 -17.10
CA PRO L 788 3.06 -6.52 -15.73
C PRO L 788 1.63 -6.00 -15.64
N ASN L 789 0.90 -6.54 -14.66
CA ASN L 789 -0.45 -6.08 -14.37
C ASN L 789 -0.43 -5.21 -13.11
N ASP L 790 -1.63 -4.80 -12.68
CA ASP L 790 -1.73 -3.94 -11.51
C ASP L 790 -1.31 -4.65 -10.22
N SER L 791 -1.41 -5.98 -10.18
CA SER L 791 -1.05 -6.74 -8.99
C SER L 791 0.40 -7.20 -9.00
N GLY L 792 1.17 -6.83 -10.01
CA GLY L 792 2.57 -7.21 -10.06
C GLY L 792 2.87 -8.53 -10.73
N SER L 793 1.84 -9.25 -11.18
CA SER L 793 2.07 -10.50 -11.89
C SER L 793 2.27 -10.24 -13.37
N LEU L 794 2.99 -11.14 -14.03
CA LEU L 794 3.31 -10.97 -15.45
C LEU L 794 2.32 -11.75 -16.31
N VAL L 795 1.77 -11.08 -17.31
CA VAL L 795 0.76 -11.64 -18.20
C VAL L 795 1.38 -11.73 -19.58
N PRO L 796 1.35 -12.88 -20.26
CA PRO L 796 1.91 -12.96 -21.61
C PRO L 796 1.08 -12.15 -22.59
N LEU L 797 1.75 -11.65 -23.63
CA LEU L 797 1.05 -10.90 -24.66
C LEU L 797 0.06 -11.78 -25.42
N SER L 798 0.36 -13.07 -25.55
CA SER L 798 -0.53 -13.98 -26.26
C SER L 798 -1.88 -14.11 -25.59
N ALA L 799 -2.01 -13.71 -24.32
CA ALA L 799 -3.28 -13.77 -23.63
C ALA L 799 -4.28 -12.75 -24.17
N PHE L 800 -3.82 -11.65 -24.73
CA PHE L 800 -4.75 -10.64 -25.23
C PHE L 800 -4.34 -10.02 -26.55
N VAL L 801 -3.32 -10.55 -27.23
CA VAL L 801 -2.86 -10.00 -28.52
C VAL L 801 -2.95 -11.10 -29.56
N THR L 802 -3.52 -10.77 -30.72
CA THR L 802 -3.55 -11.66 -31.86
C THR L 802 -2.85 -11.00 -33.05
N THR L 803 -2.27 -11.81 -33.92
CA THR L 803 -1.52 -11.30 -35.06
C THR L 803 -2.24 -11.65 -36.36
N SER L 804 -2.35 -10.66 -37.24
CA SER L 804 -2.98 -10.87 -38.54
C SER L 804 -2.16 -10.18 -39.61
N TRP L 805 -1.91 -10.88 -40.72
CA TRP L 805 -1.09 -10.32 -41.79
C TRP L 805 -1.96 -9.48 -42.73
N GLU L 806 -1.51 -8.25 -43.00
CA GLU L 806 -2.09 -7.38 -44.00
C GLU L 806 -0.97 -6.85 -44.88
N GLU L 807 -1.29 -5.87 -45.72
CA GLU L 807 -0.29 -5.22 -46.54
C GLU L 807 -0.34 -3.71 -46.35
N GLY L 808 0.84 -3.07 -46.38
CA GLY L 808 0.92 -1.66 -46.17
C GLY L 808 2.16 -1.05 -46.80
N PRO L 809 2.22 0.29 -46.84
CA PRO L 809 3.35 0.97 -47.49
C PRO L 809 4.57 0.99 -46.57
N VAL L 810 5.72 0.65 -47.14
CA VAL L 810 6.99 0.76 -46.42
C VAL L 810 7.63 2.12 -46.66
N GLN L 811 7.20 2.85 -47.69
CA GLN L 811 7.60 4.23 -47.89
C GLN L 811 6.40 5.02 -48.39
N VAL L 812 6.21 6.22 -47.85
CA VAL L 812 5.09 7.09 -48.21
C VAL L 812 5.64 8.36 -48.82
N ALA L 813 5.08 8.77 -49.96
CA ALA L 813 5.57 9.92 -50.70
C ALA L 813 4.48 10.98 -50.87
N ARG L 814 4.80 12.21 -50.49
CA ARG L 814 3.88 13.32 -50.62
C ARG L 814 4.58 14.46 -51.36
N TYR L 815 3.80 15.17 -52.17
CA TYR L 815 4.29 16.23 -53.04
C TYR L 815 3.27 17.37 -53.07
N ASN L 816 3.73 18.57 -52.75
CA ASN L 816 2.88 19.75 -52.60
C ASN L 816 1.70 19.48 -51.67
N GLY L 817 1.94 18.67 -50.64
CA GLY L 817 0.90 18.35 -49.68
C GLY L 817 -0.11 17.33 -50.15
N TYR L 818 -0.02 16.87 -51.40
CA TYR L 818 -0.88 15.81 -51.91
C TYR L 818 -0.14 14.48 -51.88
N PRO L 819 -0.78 13.38 -51.53
CA PRO L 819 -0.14 12.08 -51.73
C PRO L 819 0.21 11.88 -53.20
N SER L 820 1.37 11.27 -53.45
CA SER L 820 1.86 11.16 -54.81
C SER L 820 2.67 9.89 -54.98
N ILE L 821 2.76 9.45 -56.23
CA ILE L 821 3.65 8.37 -56.65
C ILE L 821 4.71 8.98 -57.54
N ARG L 822 5.97 8.70 -57.23
CA ARG L 822 7.07 9.31 -57.94
C ARG L 822 7.55 8.38 -59.04
N ILE L 823 7.39 8.80 -60.29
CA ILE L 823 7.75 8.00 -61.46
C ILE L 823 9.04 8.57 -62.03
N ALA L 824 10.02 7.70 -62.25
CA ALA L 824 11.29 8.10 -62.84
C ALA L 824 11.59 7.19 -64.02
N GLY L 825 12.27 7.74 -65.02
CA GLY L 825 12.59 6.95 -66.19
C GLY L 825 13.64 7.64 -67.03
N ASP L 826 14.01 6.96 -68.11
CA ASP L 826 14.98 7.47 -69.06
C ASP L 826 14.48 7.23 -70.48
N ALA L 827 14.69 8.22 -71.33
CA ALA L 827 14.35 8.06 -72.74
C ALA L 827 15.28 7.04 -73.40
N ALA L 828 14.77 6.37 -74.43
CA ALA L 828 15.55 5.39 -75.14
C ALA L 828 16.68 6.08 -75.91
N PRO L 829 17.78 5.37 -76.18
CA PRO L 829 18.86 5.97 -76.98
C PRO L 829 18.38 6.47 -78.33
N GLY L 830 18.83 7.67 -78.72
CA GLY L 830 18.40 8.27 -79.96
C GLY L 830 17.09 9.02 -79.89
N VAL L 831 16.43 9.03 -78.74
CA VAL L 831 15.14 9.71 -78.56
C VAL L 831 15.34 10.87 -77.60
N SER L 832 14.81 12.04 -77.97
CA SER L 832 14.92 13.23 -77.16
C SER L 832 13.98 13.18 -75.95
N THR L 833 14.35 13.94 -74.92
CA THR L 833 13.52 13.98 -73.72
C THR L 833 12.24 14.77 -73.97
N GLY L 834 12.27 15.74 -74.88
CA GLY L 834 11.08 16.55 -75.13
C GLY L 834 9.97 15.78 -75.82
N GLU L 835 10.33 14.90 -76.77
CA GLU L 835 9.33 14.08 -77.43
C GLU L 835 8.66 13.14 -76.44
N ALA L 836 9.45 12.52 -75.56
CA ALA L 836 8.88 11.70 -74.50
C ALA L 836 8.03 12.55 -73.56
N MET L 837 8.43 13.80 -73.33
CA MET L 837 7.65 14.70 -72.49
C MET L 837 6.26 14.90 -73.07
N LEU L 838 6.21 15.21 -74.37
CA LEU L 838 4.94 15.42 -75.05
C LEU L 838 4.08 14.16 -75.03
N GLU L 839 4.71 13.00 -75.28
CA GLU L 839 3.96 11.75 -75.25
C GLU L 839 3.40 11.48 -73.85
N LEU L 840 4.18 11.82 -72.81
CA LEU L 840 3.72 11.60 -71.45
C LEU L 840 2.55 12.52 -71.09
N GLU L 841 2.59 13.77 -71.54
CA GLU L 841 1.44 14.64 -71.29
C GLU L 841 0.21 14.13 -72.04
N ARG L 842 0.40 13.62 -73.26
CA ARG L 842 -0.71 13.00 -73.99
C ARG L 842 -1.28 11.85 -73.18
N ILE L 843 -0.41 11.00 -72.62
CA ILE L 843 -0.87 9.86 -71.84
C ILE L 843 -1.62 10.32 -70.60
N ALA L 844 -1.07 11.30 -69.88
CA ALA L 844 -1.69 11.79 -68.66
C ALA L 844 -3.03 12.44 -68.93
N ALA L 845 -3.24 12.95 -70.14
CA ALA L 845 -4.56 13.47 -70.51
C ALA L 845 -5.64 12.41 -70.46
N GLU L 846 -5.28 11.12 -70.53
CA GLU L 846 -6.25 10.02 -70.54
C GLU L 846 -6.60 9.52 -69.15
N LEU L 847 -5.94 10.01 -68.11
CA LEU L 847 -6.16 9.51 -66.77
C LEU L 847 -7.53 9.91 -66.25
N PRO L 848 -8.06 9.18 -65.26
CA PRO L 848 -9.36 9.55 -64.69
C PRO L 848 -9.32 10.97 -64.12
N GLU L 849 -10.46 11.65 -64.22
CA GLU L 849 -10.55 13.05 -63.82
C GLU L 849 -10.10 13.25 -62.38
N GLY L 850 -9.16 14.16 -62.17
CA GLY L 850 -8.66 14.51 -60.87
C GLY L 850 -7.32 13.93 -60.51
N ILE L 851 -6.79 13.00 -61.31
CA ILE L 851 -5.44 12.48 -61.10
C ILE L 851 -4.47 13.37 -61.88
N GLY L 852 -3.61 14.08 -61.16
CA GLY L 852 -2.76 15.09 -61.76
C GLY L 852 -1.31 14.67 -61.85
N TYR L 853 -0.53 15.51 -62.52
CA TYR L 853 0.89 15.26 -62.73
C TYR L 853 1.64 16.57 -62.63
N GLU L 854 2.93 16.49 -62.31
CA GLU L 854 3.79 17.67 -62.32
C GLU L 854 5.21 17.28 -62.69
N TRP L 855 5.88 18.16 -63.42
CA TRP L 855 7.27 17.99 -63.78
C TRP L 855 8.16 18.64 -62.72
N THR L 856 9.15 17.90 -62.25
CA THR L 856 9.93 18.29 -61.09
C THR L 856 11.41 18.26 -61.42
N GLY L 857 12.10 19.34 -61.04
CA GLY L 857 13.54 19.38 -61.21
C GLY L 857 13.94 19.53 -62.66
N LEU L 858 14.56 18.49 -63.21
CA LEU L 858 15.08 18.54 -64.57
C LEU L 858 13.98 18.80 -65.58
N SER L 859 12.85 18.12 -65.43
CA SER L 859 11.73 18.33 -66.34
C SER L 859 11.20 19.76 -66.26
N TYR L 860 11.10 20.29 -65.03
CA TYR L 860 10.66 21.67 -64.85
C TYR L 860 11.57 22.64 -65.58
N GLN L 861 12.88 22.51 -65.36
CA GLN L 861 13.83 23.42 -65.98
C GLN L 861 13.83 23.28 -67.49
N GLU L 862 13.71 22.05 -67.99
CA GLU L 862 13.65 21.82 -69.43
C GLU L 862 12.42 22.49 -70.03
N ARG L 863 11.29 22.38 -69.35
CA ARG L 863 10.08 23.06 -69.82
C ARG L 863 10.29 24.56 -69.89
N VAL L 864 10.91 25.15 -68.86
CA VAL L 864 11.11 26.60 -68.86
C VAL L 864 12.03 27.01 -69.99
N ALA L 865 13.12 26.28 -70.20
CA ALA L 865 14.07 26.65 -71.25
C ALA L 865 13.48 26.51 -72.64
N SER L 866 12.73 25.42 -72.87
CA SER L 866 12.06 25.26 -74.15
C SER L 866 11.04 26.36 -74.37
N GLY L 867 10.47 26.89 -73.28
CA GLY L 867 9.65 28.07 -73.40
C GLY L 867 10.41 29.32 -73.78
N GLN L 868 11.62 29.49 -73.25
CA GLN L 868 12.31 30.78 -73.35
C GLN L 868 13.16 30.96 -74.60
N ALA L 869 13.54 29.86 -75.27
CA ALA L 869 14.46 29.98 -76.41
C ALA L 869 13.94 30.93 -77.49
N THR L 870 12.64 30.86 -77.82
CA THR L 870 12.15 31.57 -78.99
C THR L 870 12.17 33.08 -78.80
N MET L 871 11.70 33.58 -77.66
CA MET L 871 11.78 35.03 -77.47
C MET L 871 13.20 35.49 -77.18
N LEU L 872 14.08 34.58 -76.75
CA LEU L 872 15.49 34.93 -76.78
C LEU L 872 15.91 35.27 -78.21
N PHE L 873 15.55 34.39 -79.16
CA PHE L 873 15.91 34.62 -80.56
C PHE L 873 15.33 35.94 -81.07
N ALA L 874 14.06 36.19 -80.77
CA ALA L 874 13.41 37.40 -81.27
C ALA L 874 14.07 38.65 -80.71
N LEU L 875 14.37 38.67 -79.41
CA LEU L 875 14.98 39.86 -78.83
C LEU L 875 16.38 40.07 -79.38
N ALA L 876 17.14 38.99 -79.59
CA ALA L 876 18.46 39.13 -80.19
C ALA L 876 18.37 39.76 -81.58
N ILE L 877 17.43 39.28 -82.39
CA ILE L 877 17.30 39.80 -83.75
C ILE L 877 16.95 41.29 -83.73
N THR L 878 16.00 41.68 -82.88
CA THR L 878 15.60 43.09 -82.90
C THR L 878 16.73 43.98 -82.40
N VAL L 879 17.50 43.55 -81.39
CA VAL L 879 18.56 44.43 -80.89
C VAL L 879 19.65 44.59 -81.93
N VAL L 880 20.03 43.50 -82.61
CA VAL L 880 21.08 43.65 -83.63
C VAL L 880 20.60 44.54 -84.76
N PHE L 881 19.32 44.40 -85.16
CA PHE L 881 18.79 45.26 -86.22
C PHE L 881 18.86 46.72 -85.82
N LEU L 882 18.43 47.04 -84.59
CA LEU L 882 18.41 48.43 -84.16
C LEU L 882 19.82 48.99 -84.09
N LEU L 883 20.76 48.20 -83.58
CA LEU L 883 22.11 48.70 -83.52
C LEU L 883 22.67 48.92 -84.92
N LEU L 884 22.37 48.04 -85.86
CA LEU L 884 22.94 48.18 -87.18
C LEU L 884 22.38 49.41 -87.90
N VAL L 885 21.07 49.66 -87.75
CA VAL L 885 20.50 50.87 -88.36
C VAL L 885 21.07 52.12 -87.70
N ALA L 886 21.34 52.04 -86.38
CA ALA L 886 22.01 53.16 -85.72
C ALA L 886 23.40 53.38 -86.31
N LEU L 887 24.13 52.29 -86.57
CA LEU L 887 25.49 52.42 -87.08
C LEU L 887 25.53 53.02 -88.48
N TYR L 888 24.68 52.54 -89.39
CA TYR L 888 24.84 52.87 -90.80
C TYR L 888 23.96 54.04 -91.27
N GLU L 889 23.16 54.65 -90.40
CA GLU L 889 22.33 55.79 -90.78
C GLU L 889 21.45 55.42 -91.97
N SER L 890 20.90 54.22 -91.94
CA SER L 890 20.05 53.73 -93.02
C SER L 890 19.29 52.51 -92.53
N TRP L 891 18.22 52.14 -93.26
CA TRP L 891 17.51 50.92 -92.99
C TRP L 891 17.79 49.84 -94.02
N ALA L 892 17.93 50.24 -95.29
CA ALA L 892 18.12 49.28 -96.38
C ALA L 892 19.40 48.48 -96.22
N ILE L 893 20.51 49.14 -95.89
CA ILE L 893 21.78 48.47 -95.66
C ILE L 893 21.65 47.51 -94.47
N PRO L 894 20.96 47.90 -93.39
CA PRO L 894 20.65 46.89 -92.36
C PRO L 894 19.92 45.67 -92.86
N LEU L 895 18.79 45.82 -93.55
CA LEU L 895 18.10 44.63 -94.13
C LEU L 895 19.12 43.81 -94.93
N THR L 896 19.90 44.48 -95.79
CA THR L 896 20.92 43.84 -96.60
C THR L 896 21.80 42.93 -95.76
N VAL L 897 22.30 43.47 -94.64
CA VAL L 897 23.16 42.67 -93.77
C VAL L 897 22.38 41.52 -93.17
N MET L 898 21.17 41.78 -92.66
CA MET L 898 20.46 40.71 -91.95
C MET L 898 19.98 39.59 -92.88
N LEU L 899 20.06 39.78 -94.20
CA LEU L 899 19.79 38.63 -95.05
C LEU L 899 20.83 37.52 -94.90
N ILE L 900 21.94 37.77 -94.18
CA ILE L 900 23.03 36.80 -94.16
C ILE L 900 22.84 35.74 -93.08
N VAL L 901 22.03 35.99 -92.05
CA VAL L 901 21.94 35.05 -90.93
C VAL L 901 21.46 33.65 -91.35
N PRO L 902 20.51 33.49 -92.29
CA PRO L 902 20.08 32.13 -92.62
C PRO L 902 21.18 31.24 -93.16
N VAL L 903 22.21 31.79 -93.82
CA VAL L 903 23.24 30.92 -94.36
C VAL L 903 24.10 30.32 -93.25
N GLY L 904 24.42 31.12 -92.22
CA GLY L 904 25.14 30.58 -91.08
C GLY L 904 24.29 29.59 -90.30
N ALA L 905 22.99 29.89 -90.15
CA ALA L 905 22.10 28.93 -89.51
C ALA L 905 22.03 27.64 -90.32
N LEU L 906 21.98 27.75 -91.65
CA LEU L 906 22.01 26.59 -92.53
C LEU L 906 23.24 25.75 -92.30
N GLY L 907 24.41 26.38 -92.21
CA GLY L 907 25.63 25.63 -91.99
C GLY L 907 25.64 24.90 -90.66
N ALA L 908 25.25 25.59 -89.59
CA ALA L 908 25.22 24.96 -88.29
C ALA L 908 24.26 23.78 -88.27
N VAL L 909 23.07 23.97 -88.86
CA VAL L 909 22.06 22.92 -88.85
C VAL L 909 22.53 21.73 -89.68
N LEU L 910 23.13 21.98 -90.85
CA LEU L 910 23.57 20.87 -91.68
C LEU L 910 24.67 20.09 -90.98
N ALA L 911 25.61 20.78 -90.31
CA ALA L 911 26.68 20.08 -89.61
C ALA L 911 26.11 19.21 -88.48
N VAL L 912 25.25 19.80 -87.65
CA VAL L 912 24.75 19.07 -86.49
C VAL L 912 23.87 17.90 -86.94
N THR L 913 23.12 18.07 -88.02
CA THR L 913 22.28 16.98 -88.52
C THR L 913 23.11 15.88 -89.16
N ALA L 914 24.17 16.26 -89.88
CA ALA L 914 25.04 15.26 -90.49
C ALA L 914 25.75 14.43 -89.44
N ILE L 915 26.23 15.06 -88.37
CA ILE L 915 26.89 14.29 -87.31
C ILE L 915 25.87 13.69 -86.33
N GLY L 916 24.64 14.18 -86.32
CA GLY L 916 23.60 13.54 -85.53
C GLY L 916 23.53 13.98 -84.09
N LEU L 917 24.12 15.10 -83.77
CA LEU L 917 24.08 15.61 -82.39
C LEU L 917 22.74 16.28 -82.12
N PRO L 918 22.29 16.28 -80.87
CA PRO L 918 21.00 16.90 -80.54
C PRO L 918 21.12 18.41 -80.39
N ASN L 919 19.95 19.05 -80.25
CA ASN L 919 19.87 20.50 -80.07
C ASN L 919 20.00 20.82 -78.57
N ASP L 920 21.22 20.64 -78.08
CA ASP L 920 21.52 20.92 -76.68
C ASP L 920 21.95 22.38 -76.51
N VAL L 921 22.31 22.74 -75.27
CA VAL L 921 22.77 24.10 -75.00
C VAL L 921 24.09 24.39 -75.69
N TYR L 922 24.97 23.40 -75.75
CA TYR L 922 26.27 23.57 -76.39
C TYR L 922 26.10 23.90 -77.87
N PHE L 923 25.27 23.14 -78.58
CA PHE L 923 25.01 23.44 -79.99
C PHE L 923 24.34 24.79 -80.15
N LYS L 924 23.45 25.14 -79.21
CA LYS L 924 22.74 26.41 -79.32
C LYS L 924 23.70 27.59 -79.26
N VAL L 925 24.61 27.58 -78.28
CA VAL L 925 25.52 28.70 -78.18
C VAL L 925 26.56 28.66 -79.29
N GLY L 926 26.91 27.46 -79.78
CA GLY L 926 27.74 27.40 -80.98
C GLY L 926 27.06 28.07 -82.16
N LEU L 927 25.75 27.85 -82.30
CA LEU L 927 24.99 28.53 -83.35
C LEU L 927 24.99 30.03 -83.15
N ILE L 928 24.87 30.49 -81.91
CA ILE L 928 24.86 31.93 -81.65
C ILE L 928 26.22 32.54 -82.00
N THR L 929 27.31 31.85 -81.66
CA THR L 929 28.63 32.34 -82.01
C THR L 929 28.84 32.35 -83.52
N VAL L 930 28.32 31.33 -84.22
CA VAL L 930 28.35 31.34 -85.68
C VAL L 930 27.58 32.53 -86.22
N ILE L 931 26.44 32.84 -85.61
CA ILE L 931 25.63 33.99 -86.02
C ILE L 931 26.45 35.27 -85.89
N GLY L 932 27.12 35.43 -84.75
CA GLY L 932 27.94 36.62 -84.55
C GLY L 932 29.08 36.72 -85.54
N LEU L 933 29.76 35.61 -85.79
CA LEU L 933 30.88 35.63 -86.73
C LEU L 933 30.40 35.93 -88.15
N ALA L 934 29.25 35.40 -88.53
CA ALA L 934 28.68 35.71 -89.84
C ALA L 934 28.34 37.20 -89.94
N ALA L 935 27.81 37.78 -88.87
CA ALA L 935 27.56 39.21 -88.86
C ALA L 935 28.85 40.00 -89.02
N LYS L 936 29.90 39.58 -88.32
CA LYS L 936 31.20 40.25 -88.45
C LYS L 936 31.70 40.19 -89.88
N ASN L 937 31.64 39.00 -90.49
CA ASN L 937 32.12 38.83 -91.85
C ASN L 937 31.31 39.69 -92.83
N ALA L 938 29.98 39.71 -92.66
CA ALA L 938 29.15 40.49 -93.57
C ALA L 938 29.44 41.98 -93.42
N ILE L 939 29.66 42.45 -92.19
CA ILE L 939 29.97 43.86 -91.98
C ILE L 939 31.30 44.21 -92.64
N LEU L 940 32.28 43.29 -92.53
CA LEU L 940 33.60 43.55 -93.08
C LEU L 940 33.54 43.76 -94.59
N ILE L 941 32.48 43.29 -95.25
CA ILE L 941 32.26 43.60 -96.65
C ILE L 941 31.46 44.89 -96.78
N VAL L 942 30.36 44.99 -96.03
CA VAL L 942 29.34 45.99 -96.30
C VAL L 942 29.82 47.39 -95.96
N GLU L 943 30.72 47.52 -94.97
CA GLU L 943 31.15 48.87 -94.59
C GLU L 943 32.06 49.46 -95.68
N PHE L 944 32.96 48.66 -96.23
CA PHE L 944 33.76 49.12 -97.36
C PHE L 944 32.89 49.31 -98.59
N ALA L 945 31.86 48.47 -98.78
CA ALA L 945 30.95 48.68 -99.89
C ALA L 945 30.25 50.02 -99.79
N LYS L 946 29.78 50.37 -98.60
CA LYS L 946 29.13 51.66 -98.38
C LYS L 946 30.12 52.80 -98.58
N ASP L 947 31.36 52.63 -98.10
CA ASP L 947 32.38 53.65 -98.29
C ASP L 947 32.62 53.94 -99.76
N LEU L 948 32.83 52.88 -100.55
CA LEU L 948 33.09 53.07 -101.97
C LEU L 948 31.86 53.57 -102.72
N TRP L 949 30.68 53.15 -102.27
CA TRP L 949 29.43 53.57 -102.91
C TRP L 949 29.16 55.04 -102.64
N GLU L 950 29.63 55.56 -101.50
CA GLU L 950 29.52 56.99 -101.24
C GLU L 950 30.60 57.77 -101.99
N ASP L 951 31.62 57.08 -102.51
CA ASP L 951 32.70 57.75 -103.22
C ASP L 951 32.40 57.97 -104.70
N GLY L 952 31.22 57.57 -105.17
CA GLY L 952 30.83 57.83 -106.54
C GLY L 952 30.83 56.65 -107.47
N TYR L 953 31.25 55.47 -107.01
CA TYR L 953 31.20 54.29 -107.84
C TYR L 953 29.76 53.86 -108.08
N SER L 954 29.53 53.20 -109.22
CA SER L 954 28.23 52.61 -109.47
C SER L 954 27.99 51.45 -108.52
N LEU L 955 26.71 51.14 -108.29
CA LEU L 955 26.36 50.14 -107.29
C LEU L 955 27.05 48.81 -107.53
N ARG L 956 26.92 48.26 -108.74
CA ARG L 956 27.57 47.00 -109.06
C ARG L 956 29.10 47.13 -109.02
N ASP L 957 29.63 48.21 -109.59
CA ASP L 957 31.07 48.43 -109.58
C ASP L 957 31.58 48.62 -108.16
N ALA L 958 30.85 49.38 -107.34
CA ALA L 958 31.27 49.58 -105.95
C ALA L 958 31.29 48.26 -105.19
N ALA L 959 30.25 47.45 -105.35
CA ALA L 959 30.19 46.16 -104.68
C ALA L 959 31.33 45.25 -105.14
N VAL L 960 31.57 45.21 -106.45
CA VAL L 960 32.63 44.35 -106.97
C VAL L 960 33.99 44.78 -106.45
N GLU L 961 34.27 46.09 -106.48
CA GLU L 961 35.56 46.58 -106.01
C GLU L 961 35.73 46.30 -104.52
N ALA L 962 34.68 46.54 -103.72
CA ALA L 962 34.78 46.30 -102.29
C ALA L 962 35.03 44.83 -101.99
N ALA L 963 34.32 43.93 -102.69
CA ALA L 963 34.50 42.51 -102.46
C ALA L 963 35.89 42.05 -102.89
N ARG L 964 36.36 42.54 -104.05
CA ARG L 964 37.71 42.21 -104.51
C ARG L 964 38.75 42.65 -103.50
N LEU L 965 38.55 43.85 -102.98
CA LEU L 965 39.47 44.36 -102.00
C LEU L 965 39.45 43.55 -100.69
N ARG L 966 38.27 43.20 -100.20
CA ARG L 966 38.13 42.61 -98.87
C ARG L 966 38.10 41.09 -98.86
N PHE L 967 38.31 40.43 -100.02
CA PHE L 967 38.34 38.96 -100.02
C PHE L 967 39.40 38.40 -99.08
N ARG L 968 40.61 38.97 -99.13
CA ARG L 968 41.71 38.41 -98.34
C ARG L 968 41.43 38.43 -96.84
N PRO L 969 40.99 39.53 -96.23
CA PRO L 969 40.71 39.49 -94.78
C PRO L 969 39.69 38.43 -94.39
N ILE L 970 38.66 38.24 -95.21
CA ILE L 970 37.59 37.31 -94.83
C ILE L 970 38.11 35.88 -94.77
N ILE L 971 38.76 35.42 -95.83
CA ILE L 971 39.29 34.07 -95.84
C ILE L 971 40.35 33.91 -94.76
N MET L 972 41.14 34.96 -94.54
CA MET L 972 42.14 34.95 -93.47
C MET L 972 41.50 34.63 -92.12
N THR L 973 40.61 35.52 -91.67
CA THR L 973 40.04 35.35 -90.34
C THR L 973 39.20 34.08 -90.24
N SER L 974 38.47 33.75 -91.31
CA SER L 974 37.61 32.58 -91.27
C SER L 974 38.42 31.31 -91.11
N MET L 975 39.47 31.13 -91.92
CA MET L 975 40.29 29.93 -91.79
C MET L 975 41.02 29.92 -90.45
N ALA L 976 41.40 31.09 -89.92
CA ALA L 976 41.98 31.14 -88.59
C ALA L 976 41.01 30.55 -87.57
N PHE L 977 39.75 30.97 -87.62
CA PHE L 977 38.77 30.50 -86.65
C PHE L 977 38.44 29.02 -86.85
N MET L 978 38.39 28.57 -88.11
CA MET L 978 38.15 27.15 -88.39
C MET L 978 39.25 26.27 -87.81
N LEU L 979 40.50 26.63 -88.10
CA LEU L 979 41.61 25.84 -87.58
C LEU L 979 41.74 26.01 -86.08
N GLY L 980 41.20 27.09 -85.52
CA GLY L 980 41.12 27.21 -84.07
C GLY L 980 40.14 26.24 -83.46
N VAL L 981 39.00 26.01 -84.11
CA VAL L 981 37.97 25.22 -83.47
C VAL L 981 38.06 23.72 -83.81
N VAL L 982 38.83 23.34 -84.85
CA VAL L 982 38.96 21.92 -85.19
C VAL L 982 39.41 21.06 -84.00
N PRO L 983 40.31 21.50 -83.11
CA PRO L 983 40.64 20.66 -81.95
C PRO L 983 39.43 20.28 -81.11
N LEU L 984 38.46 21.17 -80.97
CA LEU L 984 37.26 20.87 -80.18
C LEU L 984 36.45 19.75 -80.81
N ALA L 985 36.30 19.77 -82.14
CA ALA L 985 35.44 18.80 -82.80
C ALA L 985 35.99 17.39 -82.77
N ILE L 986 37.30 17.21 -82.65
CA ILE L 986 37.93 15.91 -82.68
C ILE L 986 38.51 15.52 -81.33
N ALA L 987 38.10 16.18 -80.25
CA ALA L 987 38.65 15.91 -78.94
C ALA L 987 38.25 14.52 -78.46
N THR L 988 39.13 13.90 -77.67
CA THR L 988 38.90 12.58 -77.11
C THR L 988 39.26 12.59 -75.64
N GLY L 989 38.69 11.67 -74.88
CA GLY L 989 38.98 11.55 -73.47
C GLY L 989 37.92 12.15 -72.59
N ALA L 990 38.37 12.66 -71.44
CA ALA L 990 37.45 13.24 -70.47
C ALA L 990 36.82 14.52 -71.01
N GLY L 991 35.50 14.61 -70.88
CA GLY L 991 34.79 15.80 -71.33
C GLY L 991 34.66 15.96 -72.82
N ALA L 992 35.00 14.92 -73.58
CA ALA L 992 35.05 15.06 -75.04
C ALA L 992 33.67 15.28 -75.64
N ALA L 993 32.61 14.86 -74.95
CA ALA L 993 31.27 15.01 -75.51
C ALA L 993 30.91 16.48 -75.72
N SER L 994 31.09 17.30 -74.69
CA SER L 994 30.82 18.72 -74.83
C SER L 994 31.77 19.37 -75.83
N GLN L 995 33.03 18.91 -75.84
CA GLN L 995 34.01 19.46 -76.76
C GLN L 995 33.54 19.28 -78.21
N ARG L 996 33.14 18.06 -78.57
CA ARG L 996 32.66 17.83 -79.93
C ARG L 996 31.35 18.56 -80.18
N ALA L 997 30.47 18.62 -79.16
CA ALA L 997 29.19 19.29 -79.33
C ALA L 997 29.37 20.75 -79.71
N LEU L 998 30.40 21.39 -79.15
CA LEU L 998 30.74 22.73 -79.62
C LEU L 998 31.43 22.69 -80.97
N GLY L 999 32.47 21.89 -81.09
CA GLY L 999 33.38 22.02 -82.21
C GLY L 999 32.71 21.75 -83.55
N THR L 1000 31.96 20.66 -83.65
CA THR L 1000 31.37 20.32 -84.94
C THR L 1000 30.35 21.37 -85.39
N GLY L 1001 29.50 21.81 -84.46
CA GLY L 1001 28.49 22.80 -84.81
C GLY L 1001 29.12 24.13 -85.23
N VAL L 1002 30.09 24.60 -84.46
CA VAL L 1002 30.73 25.87 -84.80
C VAL L 1002 31.44 25.75 -86.14
N LEU L 1003 32.14 24.64 -86.35
CA LEU L 1003 32.89 24.44 -87.59
C LEU L 1003 31.95 24.47 -88.79
N GLY L 1004 30.86 23.72 -88.72
CA GLY L 1004 29.95 23.68 -89.85
C GLY L 1004 29.30 25.03 -90.12
N GLY L 1005 28.81 25.68 -89.06
CA GLY L 1005 28.15 26.96 -89.25
C GLY L 1005 29.07 28.00 -89.86
N MET L 1006 30.28 28.13 -89.31
CA MET L 1006 31.24 29.08 -89.85
C MET L 1006 31.72 28.70 -91.24
N LEU L 1007 31.89 27.41 -91.53
CA LEU L 1007 32.30 26.99 -92.84
C LEU L 1007 31.30 27.44 -93.89
N SER L 1008 30.01 27.25 -93.60
CA SER L 1008 28.99 27.70 -94.55
C SER L 1008 28.93 29.22 -94.61
N ALA L 1009 28.97 29.88 -93.45
CA ALA L 1009 28.87 31.34 -93.42
C ALA L 1009 30.03 31.99 -94.16
N THR L 1010 31.16 31.30 -94.28
CA THR L 1010 32.28 31.81 -95.06
C THR L 1010 32.15 31.46 -96.53
N MET L 1011 32.05 30.17 -96.84
CA MET L 1011 32.13 29.71 -98.22
C MET L 1011 30.95 30.24 -99.03
N LEU L 1012 29.75 30.22 -98.45
CA LEU L 1012 28.60 30.81 -99.12
C LEU L 1012 28.51 32.32 -98.92
N GLY L 1013 28.98 32.81 -97.78
CA GLY L 1013 28.75 34.22 -97.45
C GLY L 1013 29.48 35.18 -98.38
N VAL L 1014 30.74 34.87 -98.71
CA VAL L 1014 31.52 35.77 -99.55
C VAL L 1014 30.87 35.98 -100.90
N ILE L 1015 30.14 34.98 -101.39
CA ILE L 1015 29.47 35.06 -102.68
C ILE L 1015 28.14 35.79 -102.56
N PHE L 1016 27.39 35.51 -101.49
CA PHE L 1016 26.02 36.00 -101.38
C PHE L 1016 25.95 37.45 -100.89
N VAL L 1017 26.88 37.87 -100.03
CA VAL L 1017 26.76 39.21 -99.42
C VAL L 1017 26.75 40.33 -100.46
N PRO L 1018 27.68 40.39 -101.42
CA PRO L 1018 27.55 41.43 -102.45
C PRO L 1018 26.28 41.32 -103.27
N ILE L 1019 25.82 40.09 -103.52
CA ILE L 1019 24.56 39.91 -104.24
C ILE L 1019 23.41 40.49 -103.44
N PHE L 1020 23.37 40.22 -102.13
CA PHE L 1020 22.34 40.81 -101.28
C PHE L 1020 22.41 42.33 -101.33
N PHE L 1021 23.62 42.88 -101.24
CA PHE L 1021 23.78 44.33 -101.25
C PHE L 1021 23.21 44.93 -102.54
N VAL L 1022 23.64 44.40 -103.68
CA VAL L 1022 23.19 44.93 -104.96
C VAL L 1022 21.67 44.78 -105.10
N TRP L 1023 21.16 43.59 -104.80
CA TRP L 1023 19.74 43.33 -105.02
C TRP L 1023 18.87 44.23 -104.13
N VAL L 1024 19.23 44.36 -102.85
CA VAL L 1024 18.39 45.15 -101.95
C VAL L 1024 18.48 46.62 -102.30
N LEU L 1025 19.69 47.12 -102.55
CA LEU L 1025 19.80 48.55 -102.87
C LEU L 1025 19.15 48.88 -104.20
N SER L 1026 19.08 47.92 -105.12
CA SER L 1026 18.34 48.15 -106.37
C SER L 1026 16.83 48.11 -106.14
N LEU L 1027 16.36 47.12 -105.37
CA LEU L 1027 14.92 46.93 -105.18
C LEU L 1027 14.30 48.12 -104.44
N LEU L 1028 14.97 48.58 -103.38
CA LEU L 1028 14.48 49.71 -102.61
C LEU L 1028 14.82 51.05 -103.28
N ARG L 1029 15.64 51.02 -104.34
CA ARG L 1029 16.04 52.23 -105.05
C ARG L 1029 16.76 53.21 -104.12
N THR L 1030 17.64 52.68 -103.28
CA THR L 1030 18.39 53.50 -102.35
C THR L 1030 19.40 54.37 -103.10
N LYS L 1031 19.57 55.61 -102.63
CA LYS L 1031 20.45 56.60 -103.21
C LYS L 1031 21.65 56.85 -102.29
N PRO L 1032 22.80 57.26 -102.84
CA PRO L 1032 23.98 57.47 -102.01
C PRO L 1032 23.92 58.76 -101.20
#